data_1OHH
#
_entry.id   1OHH
#
_cell.length_a   272.300
_cell.length_b   107.200
_cell.length_c   152.400
_cell.angle_alpha   90.00
_cell.angle_beta   90.00
_cell.angle_gamma   90.00
#
_symmetry.space_group_name_H-M   'P 21 21 21'
#
loop_
_entity.id
_entity.type
_entity.pdbx_description
1 polymer 'ATP synthase subunit alpha, mitochondrial'
2 polymer 'ATP synthase subunit beta, mitochondrial'
3 polymer 'ATP synthase subunit gamma, mitochondrial'
4 polymer 'ATPase inhibitor, mitochondrial'
5 non-polymer 'PHOSPHOAMINOPHOSPHONIC ACID-ADENYLATE ESTER'
6 non-polymer 'MAGNESIUM ION'
#
loop_
_entity_poly.entity_id
_entity_poly.type
_entity_poly.pdbx_seq_one_letter_code
_entity_poly.pdbx_strand_id
1 'polypeptide(L)'
;QKTGTAEVSSILEERILGADTSVDLEETGRVLSIGDGIARVHGLRNVQAEEMVEFSSGLKGMSLNLEPDNVGVVVFGNDK
LIKEGDIVKRTGAIVDVPVGEELLGRVVDALGNAIDGKGPIGSKARRRVGLKAPGIIPRISVREPMQTGIKAVDSLVPIG
RGQRELIIGDRQTGKTSIAIDTIINQKRFNDGTDEKKKLYCIYVAIGQKRSTVAQLVKRLTDADAMKYTIVVSATASDAA
PLQYLAPYSGCSMGEYFRDNGKHALIIYDDLSKQAVAYRQMSLLLRRPPGREAYPGDVFYLHSRLLERAAKMNDAFGGGS
LTALPVIETQAGDVSAYIPTNVISITDGQIFLETELFYKGIRPAINVGLSVSRVGSAAQTRAMKQVAGTMKLELAQYREV
AAFAQFGSDLDAATQQLLSRGVRLTELLKQGQYSPMAIEEQVAVIYAGVRGYLDKLEPSKITKFENAFLSHVISQHQALL
GKIRTDGKISEESDAKLKEIVTNFLAGFEA
;
A,B,C
2 'polypeptide(L)'
;AAQASPSPKAGATTGRIVAVIGAVVDVQFDEGLPPILNALEVQGRETRLVLEVAQHLGESTVRTIAMDGTEGLVRGQKVL
DSGAPIRIPVGPETLGRIMNVIGEPIDERGPIKTKQFAAIHAEAPEFVEMSVEQEILVTGIKVVDLLAPYAKGGKIGLFG
GAGVGKTVLIMELINNVAKAHGGYSVFAGVGERTREGNDLYHEMIESGVINLKDATSKVALVYGQMNEPPGARARVALTG
LTVAEYFRDQEGQDVLLFIDNIFRFTQAGSEVSALLGRIPSAVGYQPTLATDMGTMQERITTTKKGSITSVQAIYVPADD
LTDPAPATTFAHLDATTVLSRAIAELGIYPAVDPLDSTSRIMDPNIVGSEHYDVARGVQKILQDYKSLQDIIAILGMDEL
SEEDKLTVSRARKIQRFLSQPFQVAEVFTGHLGKLVPLKETIKGFQQILAGEYDHLPEQAFYMVGPIEEAVAKADKLAEE
HS
;
D,E,F
3 'polypeptide(L)'
;ATLKDITRRLKSIKNIQKITKSMKMVAAAKYARAERELKPARVYGVGSLALYEKADIKTPEDKKKHLIIGVSSDRGLCGA
IHSSVAKQMKSEAANLAAAGKEVKIIGVGDKIRSILHRTHSDQFLVTFKEVGRRPPTFGDASVIALELLNSGYEFDEGSI
IFNRFRSVISYKTEEKPIFSLDTISSAESMSIYDDIDADVLRNYQEYSLANIIYYSLKESTTSEQSARMTAMDNASKNAS
EMIDKLTLTFNRTRQAVITKELIEIISGAAAL
;
G
4 'polypeptide(L)'
;GSESGDNVRSSAGAVRDAGGAFGKREQAEEERYFRARAKEQLAALKKHHENEISHHAKEIERLQKEIERHKQSIKKLKQS
EDDD
;
H
#
loop_
_chem_comp.id
_chem_comp.type
_chem_comp.name
_chem_comp.formula
ANP non-polymer 'PHOSPHOAMINOPHOSPHONIC ACID-ADENYLATE ESTER' 'C10 H17 N6 O12 P3'
MG non-polymer 'MAGNESIUM ION' 'Mg 2'
#
# COMPACT_ATOMS: atom_id res chain seq x y z
N ASP A 24 -29.86 -12.03 -42.72
CA ASP A 24 -29.72 -13.30 -41.94
C ASP A 24 -28.90 -13.14 -40.66
N LEU A 25 -29.56 -12.67 -39.61
CA LEU A 25 -28.91 -12.47 -38.32
C LEU A 25 -28.52 -13.80 -37.68
N GLU A 26 -28.42 -14.84 -38.51
CA GLU A 26 -28.10 -16.18 -38.02
C GLU A 26 -26.66 -16.59 -38.29
N GLU A 27 -26.22 -16.40 -39.53
CA GLU A 27 -24.87 -16.76 -39.92
C GLU A 27 -23.96 -15.54 -40.05
N THR A 28 -24.57 -14.37 -40.15
CA THR A 28 -23.83 -13.13 -40.30
C THR A 28 -24.27 -12.03 -39.35
N GLY A 29 -23.45 -10.98 -39.26
CA GLY A 29 -23.80 -9.89 -38.39
C GLY A 29 -23.33 -8.56 -38.90
N ARG A 30 -23.73 -7.51 -38.20
CA ARG A 30 -23.33 -6.16 -38.53
C ARG A 30 -22.63 -5.55 -37.31
N VAL A 31 -21.64 -4.72 -37.57
CA VAL A 31 -20.92 -4.09 -36.48
C VAL A 31 -21.77 -2.95 -35.94
N LEU A 32 -21.95 -2.94 -34.62
CA LEU A 32 -22.72 -1.90 -33.93
C LEU A 32 -21.77 -0.78 -33.56
N SER A 33 -20.59 -1.19 -33.08
CA SER A 33 -19.53 -0.28 -32.68
C SER A 33 -18.18 -1.01 -32.83
N ILE A 34 -17.09 -0.26 -32.81
CA ILE A 34 -15.77 -0.83 -32.95
C ILE A 34 -14.76 0.09 -32.28
N GLY A 35 -14.18 -0.37 -31.17
CA GLY A 35 -13.22 0.45 -30.48
C GLY A 35 -12.17 -0.32 -29.70
N ASP A 36 -10.92 -0.01 -29.95
CA ASP A 36 -9.80 -0.64 -29.27
C ASP A 36 -9.73 -2.16 -29.43
N GLY A 37 -9.92 -2.60 -30.67
CA GLY A 37 -9.85 -4.02 -30.97
C GLY A 37 -11.03 -4.79 -30.46
N ILE A 38 -12.08 -4.07 -30.08
CA ILE A 38 -13.28 -4.69 -29.58
C ILE A 38 -14.44 -4.26 -30.44
N ALA A 39 -14.86 -5.13 -31.35
CA ALA A 39 -15.99 -4.84 -32.22
C ALA A 39 -17.24 -5.48 -31.65
N ARG A 40 -18.28 -4.67 -31.45
CA ARG A 40 -19.54 -5.16 -30.92
C ARG A 40 -20.38 -5.54 -32.15
N VAL A 41 -20.73 -6.82 -32.27
CA VAL A 41 -21.47 -7.29 -33.43
C VAL A 41 -22.90 -7.72 -33.17
N HIS A 42 -23.82 -7.28 -34.03
CA HIS A 42 -25.20 -7.70 -33.91
C HIS A 42 -25.39 -8.91 -34.84
N GLY A 43 -26.32 -9.78 -34.51
CA GLY A 43 -26.54 -10.94 -35.34
C GLY A 43 -25.67 -12.09 -34.87
N LEU A 44 -25.19 -12.91 -35.81
CA LEU A 44 -24.36 -14.06 -35.48
C LEU A 44 -24.98 -14.86 -34.33
N ARG A 45 -26.30 -15.00 -34.35
CA ARG A 45 -26.95 -15.72 -33.27
C ARG A 45 -26.46 -17.16 -33.21
N ASN A 46 -25.76 -17.60 -34.24
CA ASN A 46 -25.28 -18.97 -34.29
C ASN A 46 -23.79 -19.22 -34.03
N VAL A 47 -23.00 -18.16 -33.89
CA VAL A 47 -21.57 -18.37 -33.63
C VAL A 47 -21.40 -19.07 -32.30
N GLN A 48 -20.26 -19.74 -32.15
CA GLN A 48 -19.95 -20.46 -30.92
C GLN A 48 -19.01 -19.61 -30.08
N ALA A 49 -19.02 -19.86 -28.78
CA ALA A 49 -18.14 -19.15 -27.86
C ALA A 49 -16.70 -19.53 -28.20
N GLU A 50 -15.91 -18.54 -28.63
CA GLU A 50 -14.51 -18.76 -28.99
C GLU A 50 -14.38 -19.12 -30.45
N GLU A 51 -15.26 -18.58 -31.27
CA GLU A 51 -15.26 -18.87 -32.70
C GLU A 51 -14.70 -17.71 -33.50
N MET A 52 -14.11 -18.02 -34.65
CA MET A 52 -13.55 -16.99 -35.52
C MET A 52 -14.67 -16.37 -36.35
N VAL A 53 -14.40 -15.21 -36.92
CA VAL A 53 -15.36 -14.52 -37.78
C VAL A 53 -14.60 -13.54 -38.66
N GLU A 54 -15.20 -13.15 -39.78
CA GLU A 54 -14.54 -12.23 -40.68
C GLU A 54 -15.28 -10.91 -40.80
N PHE A 55 -14.51 -9.84 -40.95
CA PHE A 55 -15.09 -8.51 -41.11
C PHE A 55 -15.01 -8.14 -42.58
N SER A 56 -15.88 -7.24 -43.01
CA SER A 56 -15.91 -6.79 -44.40
C SER A 56 -14.51 -6.77 -45.02
N SER A 57 -13.59 -6.09 -44.34
CA SER A 57 -12.20 -5.95 -44.79
C SER A 57 -11.36 -7.23 -44.80
N GLY A 58 -11.96 -8.35 -44.42
CA GLY A 58 -11.23 -9.61 -44.44
C GLY A 58 -10.38 -9.96 -43.23
N LEU A 59 -10.49 -9.19 -42.15
CA LEU A 59 -9.70 -9.48 -40.94
C LEU A 59 -10.41 -10.57 -40.19
N LYS A 60 -9.69 -11.21 -39.28
CA LYS A 60 -10.27 -12.27 -38.48
C LYS A 60 -10.66 -11.66 -37.14
N GLY A 61 -11.50 -12.38 -36.39
CA GLY A 61 -11.91 -11.89 -35.09
C GLY A 61 -12.41 -13.03 -34.23
N MET A 62 -11.95 -13.11 -32.99
CA MET A 62 -12.39 -14.16 -32.11
C MET A 62 -13.66 -13.69 -31.39
N SER A 63 -14.43 -14.61 -30.83
CA SER A 63 -15.66 -14.26 -30.16
C SER A 63 -15.66 -14.67 -28.69
N LEU A 64 -15.01 -13.86 -27.86
CA LEU A 64 -14.90 -14.16 -26.42
C LEU A 64 -16.18 -14.00 -25.62
N ASN A 65 -16.91 -12.90 -25.88
CA ASN A 65 -18.16 -12.58 -25.19
C ASN A 65 -19.40 -12.78 -26.04
N LEU A 66 -20.29 -13.65 -25.58
CA LEU A 66 -21.56 -13.93 -26.25
C LEU A 66 -22.64 -13.28 -25.40
N GLU A 67 -23.28 -12.24 -25.91
CA GLU A 67 -24.32 -11.56 -25.16
C GLU A 67 -25.68 -11.62 -25.83
N PRO A 68 -26.76 -11.42 -25.06
CA PRO A 68 -28.14 -11.44 -25.51
C PRO A 68 -28.31 -10.58 -26.75
N ASP A 69 -28.10 -9.29 -26.53
CA ASP A 69 -28.22 -8.24 -27.53
C ASP A 69 -27.01 -8.09 -28.45
N ASN A 70 -25.88 -8.71 -28.10
CA ASN A 70 -24.70 -8.52 -28.92
C ASN A 70 -23.61 -9.55 -28.74
N VAL A 71 -22.62 -9.46 -29.61
CA VAL A 71 -21.48 -10.34 -29.57
C VAL A 71 -20.25 -9.47 -29.49
N GLY A 72 -19.52 -9.58 -28.38
CA GLY A 72 -18.30 -8.82 -28.23
C GLY A 72 -17.22 -9.58 -28.95
N VAL A 73 -16.82 -9.08 -30.13
CA VAL A 73 -15.80 -9.72 -30.91
C VAL A 73 -14.44 -9.06 -30.78
N VAL A 74 -13.44 -9.87 -30.50
CA VAL A 74 -12.07 -9.42 -30.36
C VAL A 74 -11.39 -9.37 -31.73
N VAL A 75 -10.84 -8.21 -32.09
CA VAL A 75 -10.21 -8.01 -33.40
C VAL A 75 -8.73 -8.37 -33.54
N PHE A 76 -8.42 -9.09 -34.61
CA PHE A 76 -7.05 -9.52 -34.93
C PHE A 76 -6.45 -8.57 -35.98
N GLY A 77 -5.80 -7.51 -35.50
CA GLY A 77 -5.23 -6.55 -36.43
C GLY A 77 -5.84 -5.19 -36.19
N ASN A 78 -5.21 -4.16 -36.75
CA ASN A 78 -5.70 -2.80 -36.57
C ASN A 78 -7.19 -2.75 -36.87
N ASP A 79 -7.89 -1.87 -36.18
CA ASP A 79 -9.33 -1.71 -36.34
C ASP A 79 -9.69 -0.64 -37.36
N LYS A 80 -8.71 0.11 -37.85
CA LYS A 80 -8.98 1.15 -38.82
C LYS A 80 -9.77 0.59 -40.00
N LEU A 81 -9.72 -0.72 -40.19
CA LEU A 81 -10.42 -1.32 -41.31
C LEU A 81 -11.89 -1.57 -41.03
N ILE A 82 -12.23 -1.70 -39.77
CA ILE A 82 -13.62 -1.96 -39.39
C ILE A 82 -14.40 -0.67 -39.13
N LYS A 83 -15.61 -0.60 -39.69
CA LYS A 83 -16.47 0.57 -39.50
C LYS A 83 -17.82 0.09 -38.99
N GLU A 84 -18.70 1.01 -38.58
CA GLU A 84 -20.01 0.58 -38.11
C GLU A 84 -20.71 -0.02 -39.32
N GLY A 85 -21.58 -1.00 -39.08
CA GLY A 85 -22.28 -1.61 -40.18
C GLY A 85 -21.58 -2.81 -40.78
N ASP A 86 -20.26 -2.70 -40.96
CA ASP A 86 -19.48 -3.79 -41.52
C ASP A 86 -20.05 -5.17 -41.21
N ILE A 87 -20.09 -6.01 -42.22
CA ILE A 87 -20.60 -7.36 -42.12
C ILE A 87 -19.62 -8.33 -41.47
N VAL A 88 -20.16 -9.24 -40.67
CA VAL A 88 -19.36 -10.25 -39.96
C VAL A 88 -20.03 -11.61 -40.16
N LYS A 89 -19.47 -12.39 -41.08
CA LYS A 89 -19.98 -13.70 -41.40
C LYS A 89 -19.20 -14.72 -40.60
N ARG A 90 -19.82 -15.83 -40.23
CA ARG A 90 -19.10 -16.85 -39.50
C ARG A 90 -18.10 -17.50 -40.45
N THR A 91 -17.09 -18.14 -39.88
CA THR A 91 -16.09 -18.84 -40.67
C THR A 91 -16.32 -20.33 -40.46
N GLY A 92 -16.97 -20.66 -39.34
CA GLY A 92 -17.22 -22.04 -39.02
C GLY A 92 -15.90 -22.61 -38.59
N ALA A 93 -14.90 -22.43 -39.45
CA ALA A 93 -13.54 -22.90 -39.22
C ALA A 93 -12.96 -22.26 -37.96
N ILE A 94 -13.02 -22.98 -36.84
CA ILE A 94 -12.49 -22.51 -35.57
C ILE A 94 -11.03 -22.07 -35.77
N VAL A 95 -10.48 -21.36 -34.78
CA VAL A 95 -9.09 -20.90 -34.88
C VAL A 95 -8.13 -22.07 -35.01
N ASP A 96 -7.52 -22.20 -36.19
CA ASP A 96 -6.57 -23.27 -36.44
C ASP A 96 -5.23 -22.72 -36.93
N VAL A 97 -4.16 -23.50 -36.71
CA VAL A 97 -2.82 -23.11 -37.13
C VAL A 97 -2.12 -24.28 -37.80
N PRO A 98 -1.31 -23.98 -38.82
CA PRO A 98 -0.57 -25.04 -39.53
C PRO A 98 0.37 -25.73 -38.57
N VAL A 99 0.58 -27.03 -38.77
CA VAL A 99 1.47 -27.76 -37.89
C VAL A 99 2.21 -28.83 -38.67
N GLY A 100 3.33 -29.28 -38.13
CA GLY A 100 4.12 -30.29 -38.81
C GLY A 100 5.52 -29.76 -39.00
N GLU A 101 6.41 -30.56 -39.56
CA GLU A 101 7.79 -30.15 -39.76
C GLU A 101 8.05 -29.00 -40.74
N GLU A 102 7.14 -28.77 -41.68
CA GLU A 102 7.35 -27.70 -42.66
C GLU A 102 7.48 -26.30 -42.06
N LEU A 103 7.20 -26.20 -40.77
CA LEU A 103 7.30 -24.92 -40.05
C LEU A 103 8.70 -24.79 -39.50
N LEU A 104 9.39 -25.93 -39.41
CA LEU A 104 10.74 -25.95 -38.90
C LEU A 104 11.64 -25.10 -39.80
N GLY A 105 12.23 -24.07 -39.21
CA GLY A 105 13.11 -23.19 -39.95
C GLY A 105 12.41 -21.94 -40.41
N ARG A 106 11.08 -21.94 -40.30
CA ARG A 106 10.26 -20.80 -40.71
C ARG A 106 9.79 -19.96 -39.54
N VAL A 107 9.73 -18.64 -39.75
CA VAL A 107 9.26 -17.71 -38.74
C VAL A 107 7.86 -17.31 -39.17
N VAL A 108 6.92 -17.39 -38.22
CA VAL A 108 5.54 -17.09 -38.53
C VAL A 108 4.88 -16.22 -37.47
N ASP A 109 3.70 -15.70 -37.79
CA ASP A 109 2.96 -14.87 -36.86
C ASP A 109 1.99 -15.73 -36.06
N ALA A 110 1.37 -15.15 -35.04
CA ALA A 110 0.44 -15.88 -34.18
C ALA A 110 -0.51 -16.83 -34.91
N LEU A 111 -0.77 -16.58 -36.19
CA LEU A 111 -1.69 -17.43 -36.95
C LEU A 111 -1.08 -18.30 -38.06
N GLY A 112 0.12 -18.80 -37.85
CA GLY A 112 0.73 -19.65 -38.85
C GLY A 112 1.12 -18.98 -40.15
N ASN A 113 0.74 -17.72 -40.34
CA ASN A 113 1.12 -17.01 -41.57
C ASN A 113 2.64 -16.85 -41.57
N ALA A 114 3.26 -17.09 -42.70
CA ALA A 114 4.71 -16.94 -42.79
C ALA A 114 5.01 -15.45 -42.79
N ILE A 115 6.10 -15.05 -42.15
CA ILE A 115 6.46 -13.64 -42.08
C ILE A 115 7.93 -13.40 -42.37
N ASP A 116 8.59 -14.42 -42.91
CA ASP A 116 10.00 -14.37 -43.26
C ASP A 116 10.22 -14.21 -44.76
N GLY A 117 9.12 -14.16 -45.50
CA GLY A 117 9.19 -13.98 -46.94
C GLY A 117 9.93 -15.06 -47.68
N LYS A 118 10.32 -16.12 -46.98
CA LYS A 118 11.03 -17.21 -47.61
C LYS A 118 10.08 -17.90 -48.55
N GLY A 119 8.82 -17.44 -48.52
CA GLY A 119 7.78 -18.00 -49.35
C GLY A 119 6.73 -18.65 -48.49
N PRO A 120 5.84 -19.47 -49.08
CA PRO A 120 4.79 -20.12 -48.28
C PRO A 120 5.30 -21.40 -47.61
N ILE A 121 4.53 -21.91 -46.65
CA ILE A 121 4.89 -23.12 -45.93
C ILE A 121 4.04 -24.27 -46.48
N GLY A 122 4.52 -25.49 -46.31
CA GLY A 122 3.78 -26.64 -46.80
C GLY A 122 2.74 -27.13 -45.82
N SER A 123 1.74 -26.30 -45.54
CA SER A 123 0.67 -26.65 -44.61
C SER A 123 0.02 -27.99 -44.99
N LYS A 124 0.62 -29.09 -44.56
CA LYS A 124 0.09 -30.42 -44.88
C LYS A 124 -0.91 -30.93 -43.86
N ALA A 125 -1.04 -30.20 -42.75
CA ALA A 125 -1.96 -30.55 -41.68
C ALA A 125 -2.09 -29.35 -40.75
N ARG A 126 -3.30 -29.15 -40.24
CA ARG A 126 -3.55 -28.04 -39.32
C ARG A 126 -4.05 -28.59 -37.99
N ARG A 127 -4.07 -27.74 -36.96
CA ARG A 127 -4.52 -28.17 -35.64
C ARG A 127 -5.10 -27.01 -34.85
N ARG A 128 -6.22 -27.28 -34.17
CA ARG A 128 -6.91 -26.26 -33.37
C ARG A 128 -6.01 -25.72 -32.25
N VAL A 129 -5.95 -24.39 -32.13
CA VAL A 129 -5.13 -23.76 -31.10
C VAL A 129 -5.77 -23.91 -29.72
N GLY A 130 -7.09 -23.95 -29.70
CA GLY A 130 -7.82 -24.10 -28.46
C GLY A 130 -8.22 -25.55 -28.29
N LEU A 131 -7.30 -26.34 -27.74
CA LEU A 131 -7.56 -27.75 -27.53
C LEU A 131 -7.38 -28.20 -26.10
N LYS A 132 -8.13 -29.23 -25.72
CA LYS A 132 -8.07 -29.79 -24.38
C LYS A 132 -6.73 -30.50 -24.20
N ALA A 133 -6.09 -30.26 -23.06
CA ALA A 133 -4.79 -30.87 -22.78
C ALA A 133 -4.97 -32.35 -22.44
N PRO A 134 -3.90 -33.15 -22.58
CA PRO A 134 -4.02 -34.56 -22.25
C PRO A 134 -4.39 -34.76 -20.79
N GLY A 135 -5.12 -35.84 -20.51
CA GLY A 135 -5.56 -36.12 -19.15
C GLY A 135 -4.43 -36.53 -18.22
N ILE A 136 -4.81 -37.16 -17.11
CA ILE A 136 -3.85 -37.62 -16.10
C ILE A 136 -3.37 -39.05 -16.40
N ILE A 137 -4.08 -39.76 -17.27
CA ILE A 137 -3.69 -41.13 -17.58
C ILE A 137 -2.86 -41.26 -18.87
N PRO A 138 -2.99 -40.32 -19.81
CA PRO A 138 -2.18 -40.46 -21.02
C PRO A 138 -0.72 -40.12 -20.72
N ARG A 139 -0.47 -39.80 -19.46
CA ARG A 139 0.87 -39.40 -19.06
C ARG A 139 1.63 -40.42 -18.27
N ILE A 140 2.89 -40.10 -18.03
CA ILE A 140 3.81 -40.94 -17.29
C ILE A 140 4.85 -39.97 -16.72
N SER A 141 5.38 -40.24 -15.54
CA SER A 141 6.37 -39.37 -14.91
C SER A 141 7.39 -38.74 -15.85
N VAL A 142 8.15 -37.79 -15.32
CA VAL A 142 9.16 -37.09 -16.08
C VAL A 142 10.52 -37.71 -15.79
N ARG A 143 11.05 -38.45 -16.78
CA ARG A 143 12.31 -39.16 -16.61
C ARG A 143 13.43 -38.75 -17.56
N GLU A 144 13.10 -38.70 -18.85
CA GLU A 144 14.07 -38.35 -19.87
C GLU A 144 14.56 -36.92 -19.65
N PRO A 145 15.88 -36.73 -19.54
CA PRO A 145 16.42 -35.39 -19.32
C PRO A 145 16.08 -34.44 -20.47
N MET A 146 16.15 -33.14 -20.18
CA MET A 146 15.89 -32.10 -21.17
C MET A 146 17.14 -31.24 -21.06
N GLN A 147 18.26 -31.78 -21.54
CA GLN A 147 19.55 -31.08 -21.47
C GLN A 147 19.53 -29.62 -21.93
N THR A 148 19.82 -28.70 -21.03
CA THR A 148 19.85 -27.29 -21.40
C THR A 148 21.22 -26.94 -21.95
N GLY A 149 22.26 -27.62 -21.43
CA GLY A 149 23.63 -27.39 -21.84
C GLY A 149 24.28 -26.39 -20.89
N ILE A 150 23.48 -25.88 -19.96
CA ILE A 150 23.92 -24.88 -18.97
C ILE A 150 24.37 -25.58 -17.70
N LYS A 151 25.64 -25.42 -17.34
CA LYS A 151 26.17 -26.05 -16.14
C LYS A 151 25.36 -25.78 -14.89
N ALA A 152 24.77 -24.59 -14.76
CA ALA A 152 23.97 -24.29 -13.58
C ALA A 152 22.67 -25.10 -13.59
N VAL A 153 21.91 -24.99 -14.67
CA VAL A 153 20.64 -25.70 -14.82
C VAL A 153 20.76 -27.22 -14.73
N ASP A 154 21.43 -27.83 -15.71
CA ASP A 154 21.58 -29.28 -15.74
C ASP A 154 22.22 -29.95 -14.52
N SER A 155 22.93 -29.19 -13.70
CA SER A 155 23.56 -29.77 -12.52
C SER A 155 22.82 -29.46 -11.24
N LEU A 156 22.09 -28.35 -11.21
CA LEU A 156 21.37 -27.97 -10.00
C LEU A 156 19.88 -27.76 -10.19
N VAL A 157 19.47 -27.53 -11.43
CA VAL A 157 18.06 -27.30 -11.74
C VAL A 157 17.68 -28.13 -12.97
N PRO A 158 17.91 -29.45 -12.92
CA PRO A 158 17.60 -30.39 -14.00
C PRO A 158 16.17 -30.35 -14.53
N ILE A 159 16.04 -30.45 -15.85
CA ILE A 159 14.72 -30.41 -16.48
C ILE A 159 14.41 -31.71 -17.22
N GLY A 160 13.23 -32.25 -17.00
CA GLY A 160 12.85 -33.47 -17.67
C GLY A 160 11.89 -33.16 -18.80
N ARG A 161 11.87 -34.02 -19.81
CA ARG A 161 10.95 -33.80 -20.93
C ARG A 161 9.56 -33.94 -20.36
N GLY A 162 8.68 -33.04 -20.78
CA GLY A 162 7.31 -33.04 -20.31
C GLY A 162 7.15 -32.06 -19.17
N GLN A 163 8.28 -31.47 -18.76
CA GLN A 163 8.29 -30.50 -17.66
C GLN A 163 7.97 -29.06 -18.06
N ARG A 164 7.37 -28.31 -17.12
CA ARG A 164 7.04 -26.90 -17.32
C ARG A 164 7.91 -26.10 -16.38
N GLU A 165 9.09 -25.70 -16.85
CA GLU A 165 9.99 -24.92 -16.00
C GLU A 165 9.89 -23.44 -16.36
N LEU A 166 9.90 -22.61 -15.34
CA LEU A 166 9.79 -21.17 -15.53
C LEU A 166 11.14 -20.42 -15.42
N ILE A 167 11.35 -19.48 -16.33
CA ILE A 167 12.54 -18.65 -16.30
C ILE A 167 12.00 -17.32 -15.77
N ILE A 168 12.50 -16.88 -14.63
CA ILE A 168 11.97 -15.68 -14.03
C ILE A 168 13.02 -14.83 -13.37
N GLY A 169 12.90 -13.52 -13.58
CA GLY A 169 13.84 -12.59 -13.00
C GLY A 169 13.54 -11.23 -13.57
N ASP A 170 14.29 -10.21 -13.18
CA ASP A 170 14.04 -8.88 -13.69
C ASP A 170 14.38 -8.75 -15.16
N ARG A 171 14.30 -7.52 -15.65
CA ARG A 171 14.58 -7.20 -17.05
C ARG A 171 16.07 -7.30 -17.34
N GLN A 172 16.42 -7.65 -18.57
CA GLN A 172 17.81 -7.76 -18.98
C GLN A 172 18.64 -8.55 -17.96
N THR A 173 18.07 -9.63 -17.45
CA THR A 173 18.76 -10.47 -16.48
C THR A 173 19.23 -11.79 -17.10
N GLY A 174 18.87 -12.01 -18.37
CA GLY A 174 19.28 -13.21 -19.08
C GLY A 174 18.22 -14.27 -19.26
N LYS A 175 16.98 -13.95 -18.90
CA LYS A 175 15.89 -14.91 -19.02
C LYS A 175 15.94 -15.60 -20.37
N THR A 176 15.93 -14.79 -21.42
CA THR A 176 15.95 -15.32 -22.78
C THR A 176 17.19 -16.16 -23.04
N SER A 177 18.37 -15.65 -22.65
CA SER A 177 19.63 -16.36 -22.86
C SER A 177 19.68 -17.76 -22.30
N ILE A 178 18.66 -18.15 -21.54
CA ILE A 178 18.61 -19.49 -20.96
C ILE A 178 17.87 -20.37 -21.97
N ALA A 179 16.98 -19.75 -22.72
CA ALA A 179 16.20 -20.46 -23.71
C ALA A 179 16.97 -20.61 -25.03
N ILE A 180 17.70 -19.57 -25.43
CA ILE A 180 18.46 -19.62 -26.68
C ILE A 180 19.52 -20.70 -26.68
N ASP A 181 20.33 -20.73 -25.62
CA ASP A 181 21.38 -21.74 -25.51
C ASP A 181 20.72 -23.08 -25.49
N THR A 182 19.81 -23.28 -24.52
CA THR A 182 19.11 -24.54 -24.40
C THR A 182 18.62 -25.06 -25.75
N ILE A 183 18.33 -24.13 -26.67
CA ILE A 183 17.92 -24.51 -28.01
C ILE A 183 19.18 -24.87 -28.77
N ILE A 184 20.16 -23.97 -28.72
CA ILE A 184 21.43 -24.21 -29.37
C ILE A 184 21.85 -25.63 -29.01
N ASN A 185 21.91 -25.88 -27.70
CA ASN A 185 22.31 -27.17 -27.16
C ASN A 185 21.69 -28.35 -27.90
N GLN A 186 20.45 -28.18 -28.34
CA GLN A 186 19.77 -29.25 -29.04
C GLN A 186 20.45 -29.72 -30.33
N LYS A 187 21.27 -28.89 -30.97
CA LYS A 187 21.92 -29.34 -32.20
C LYS A 187 22.61 -30.67 -31.92
N ARG A 188 23.47 -30.68 -30.91
CA ARG A 188 24.18 -31.90 -30.52
C ARG A 188 23.38 -33.11 -30.98
N PHE A 189 22.27 -33.33 -30.27
CA PHE A 189 21.37 -34.45 -30.48
C PHE A 189 20.60 -34.41 -31.78
N ASN A 190 20.34 -33.22 -32.31
CA ASN A 190 19.58 -33.11 -33.53
C ASN A 190 20.28 -33.63 -34.77
N ASP A 191 21.56 -33.32 -34.92
CA ASP A 191 22.29 -33.81 -36.08
C ASP A 191 22.72 -35.24 -35.84
N GLY A 192 22.31 -35.79 -34.71
CA GLY A 192 22.66 -37.15 -34.35
C GLY A 192 21.82 -38.25 -34.97
N THR A 193 22.12 -39.48 -34.60
CA THR A 193 21.42 -40.67 -35.10
C THR A 193 20.44 -41.17 -34.05
N ASP A 194 20.68 -40.79 -32.80
CA ASP A 194 19.84 -41.16 -31.66
C ASP A 194 18.57 -40.32 -31.79
N GLU A 195 17.57 -40.85 -32.49
CA GLU A 195 16.32 -40.11 -32.71
C GLU A 195 15.42 -39.98 -31.49
N LYS A 196 15.68 -40.77 -30.46
CA LYS A 196 14.87 -40.73 -29.26
C LYS A 196 15.30 -39.57 -28.35
N LYS A 197 16.44 -38.96 -28.66
CA LYS A 197 16.93 -37.82 -27.89
C LYS A 197 16.66 -36.51 -28.62
N LYS A 198 16.27 -36.61 -29.89
CA LYS A 198 15.99 -35.43 -30.69
C LYS A 198 14.90 -34.58 -30.08
N LEU A 199 15.10 -33.27 -30.13
CA LEU A 199 14.13 -32.32 -29.56
C LEU A 199 13.91 -31.15 -30.50
N TYR A 200 12.67 -30.96 -30.94
CA TYR A 200 12.36 -29.84 -31.84
C TYR A 200 11.97 -28.64 -31.00
N CYS A 201 12.50 -27.48 -31.33
CA CYS A 201 12.22 -26.27 -30.54
C CYS A 201 11.22 -25.29 -31.10
N ILE A 202 10.52 -24.61 -30.18
CA ILE A 202 9.54 -23.61 -30.57
C ILE A 202 9.69 -22.33 -29.73
N TYR A 203 10.21 -21.29 -30.34
CA TYR A 203 10.37 -20.03 -29.63
C TYR A 203 9.22 -19.10 -29.93
N VAL A 204 8.32 -18.95 -28.97
CA VAL A 204 7.17 -18.07 -29.09
C VAL A 204 7.49 -16.68 -28.54
N ALA A 205 7.56 -15.69 -29.41
CA ALA A 205 7.84 -14.34 -28.95
C ALA A 205 6.53 -13.58 -28.74
N ILE A 206 6.32 -13.07 -27.53
CA ILE A 206 5.12 -12.32 -27.23
C ILE A 206 5.44 -10.88 -26.87
N GLY A 207 4.91 -9.95 -27.66
CA GLY A 207 5.11 -8.55 -27.38
C GLY A 207 6.50 -7.98 -27.49
N GLN A 208 7.38 -8.68 -28.17
CA GLN A 208 8.74 -8.21 -28.36
C GLN A 208 8.71 -7.36 -29.61
N LYS A 209 9.83 -6.75 -29.96
CA LYS A 209 9.84 -5.93 -31.15
C LYS A 209 10.46 -6.74 -32.28
N ARG A 210 9.89 -6.59 -33.46
CA ARG A 210 10.38 -7.29 -34.63
C ARG A 210 11.92 -7.30 -34.63
N SER A 211 12.51 -6.15 -34.35
CA SER A 211 13.95 -5.98 -34.29
C SER A 211 14.60 -7.19 -33.61
N THR A 212 14.38 -7.30 -32.31
CA THR A 212 14.94 -8.39 -31.49
C THR A 212 14.72 -9.79 -32.01
N VAL A 213 13.53 -10.05 -32.52
CA VAL A 213 13.25 -11.37 -33.03
C VAL A 213 14.25 -11.61 -34.15
N ALA A 214 14.32 -10.70 -35.10
CA ALA A 214 15.23 -10.82 -36.22
C ALA A 214 16.68 -11.13 -35.81
N GLN A 215 17.12 -10.57 -34.68
CA GLN A 215 18.47 -10.81 -34.18
C GLN A 215 18.44 -12.21 -33.58
N LEU A 216 17.36 -12.46 -32.86
CA LEU A 216 17.12 -13.72 -32.18
C LEU A 216 17.20 -14.84 -33.20
N VAL A 217 16.60 -14.64 -34.36
CA VAL A 217 16.62 -15.67 -35.40
C VAL A 217 17.99 -15.84 -36.04
N LYS A 218 18.63 -14.75 -36.42
CA LYS A 218 19.95 -14.85 -37.05
C LYS A 218 20.85 -15.70 -36.18
N ARG A 219 20.82 -15.45 -34.87
CA ARG A 219 21.65 -16.19 -33.92
C ARG A 219 21.38 -17.68 -34.09
N LEU A 220 20.13 -18.08 -33.88
CA LEU A 220 19.74 -19.48 -34.01
C LEU A 220 20.14 -20.01 -35.37
N THR A 221 20.18 -19.14 -36.37
CA THR A 221 20.55 -19.56 -37.72
C THR A 221 22.06 -19.61 -37.94
N ASP A 222 22.78 -18.57 -37.48
CA ASP A 222 24.23 -18.56 -37.63
C ASP A 222 24.78 -19.72 -36.82
N ALA A 223 23.92 -20.34 -36.02
CA ALA A 223 24.29 -21.48 -35.20
C ALA A 223 23.62 -22.71 -35.79
N ASP A 224 23.02 -22.55 -36.96
CA ASP A 224 22.35 -23.64 -37.65
C ASP A 224 21.43 -24.43 -36.70
N ALA A 225 20.56 -23.71 -36.00
CA ALA A 225 19.62 -24.32 -35.07
C ALA A 225 18.21 -24.08 -35.59
N MET A 226 18.03 -23.01 -36.34
CA MET A 226 16.75 -22.66 -36.92
C MET A 226 16.19 -23.80 -37.76
N LYS A 227 17.09 -24.55 -38.39
CA LYS A 227 16.70 -25.67 -39.24
C LYS A 227 15.74 -26.62 -38.53
N TYR A 228 15.73 -26.57 -37.20
CA TYR A 228 14.85 -27.42 -36.43
C TYR A 228 14.09 -26.62 -35.40
N THR A 229 14.10 -25.30 -35.56
CA THR A 229 13.40 -24.45 -34.62
C THR A 229 12.24 -23.70 -35.29
N ILE A 230 11.19 -23.49 -34.53
CA ILE A 230 10.01 -22.78 -35.02
C ILE A 230 9.89 -21.46 -34.27
N VAL A 231 9.58 -20.41 -34.99
CA VAL A 231 9.43 -19.10 -34.39
C VAL A 231 8.07 -18.47 -34.64
N VAL A 232 7.38 -18.18 -33.54
CA VAL A 232 6.07 -17.52 -33.61
C VAL A 232 6.28 -16.11 -33.07
N SER A 233 5.85 -15.11 -33.84
CA SER A 233 6.06 -13.74 -33.43
C SER A 233 4.89 -12.79 -33.47
N ALA A 234 4.35 -12.50 -32.29
CA ALA A 234 3.26 -11.56 -32.13
C ALA A 234 3.91 -10.34 -31.51
N THR A 235 4.63 -9.60 -32.33
CA THR A 235 5.36 -8.40 -31.89
C THR A 235 4.50 -7.28 -31.29
N ALA A 236 5.18 -6.27 -30.72
CA ALA A 236 4.50 -5.14 -30.09
C ALA A 236 3.49 -4.40 -30.98
N SER A 237 3.55 -4.59 -32.29
CA SER A 237 2.62 -3.91 -33.19
C SER A 237 1.42 -4.78 -33.55
N ASP A 238 1.57 -6.10 -33.47
CA ASP A 238 0.46 -7.00 -33.78
C ASP A 238 -0.67 -6.71 -32.80
N ALA A 239 -1.91 -6.85 -33.24
CA ALA A 239 -3.04 -6.57 -32.35
C ALA A 239 -3.04 -7.42 -31.08
N ALA A 240 -3.72 -6.92 -30.04
CA ALA A 240 -3.79 -7.61 -28.76
C ALA A 240 -4.08 -9.11 -28.84
N PRO A 241 -5.23 -9.50 -29.41
CA PRO A 241 -5.55 -10.93 -29.50
C PRO A 241 -4.54 -11.79 -30.26
N LEU A 242 -3.77 -11.19 -31.16
CA LEU A 242 -2.76 -11.95 -31.88
C LEU A 242 -1.71 -12.38 -30.85
N GLN A 243 -1.29 -11.45 -29.99
CA GLN A 243 -0.31 -11.73 -28.94
C GLN A 243 -0.86 -12.73 -27.92
N TYR A 244 -2.18 -12.66 -27.73
CA TYR A 244 -2.88 -13.54 -26.82
C TYR A 244 -2.93 -14.98 -27.33
N LEU A 245 -3.02 -15.13 -28.65
CA LEU A 245 -3.11 -16.47 -29.24
C LEU A 245 -1.78 -17.19 -29.42
N ALA A 246 -0.82 -16.50 -30.02
CA ALA A 246 0.51 -17.01 -30.28
C ALA A 246 0.96 -18.06 -29.27
N PRO A 247 0.76 -17.80 -27.97
CA PRO A 247 1.19 -18.79 -26.99
C PRO A 247 0.54 -20.15 -27.27
N TYR A 248 -0.79 -20.14 -27.48
CA TYR A 248 -1.48 -21.39 -27.76
C TYR A 248 -1.14 -21.90 -29.14
N SER A 249 -1.36 -21.08 -30.17
CA SER A 249 -1.08 -21.48 -31.54
C SER A 249 0.30 -22.10 -31.56
N GLY A 250 1.16 -21.61 -30.68
CA GLY A 250 2.51 -22.14 -30.59
C GLY A 250 2.50 -23.47 -29.88
N CYS A 251 1.80 -23.53 -28.75
CA CYS A 251 1.74 -24.76 -27.98
C CYS A 251 1.24 -25.89 -28.87
N SER A 252 0.38 -25.55 -29.82
CA SER A 252 -0.18 -26.53 -30.75
C SER A 252 0.95 -27.09 -31.60
N MET A 253 1.64 -26.20 -32.32
CA MET A 253 2.74 -26.63 -33.17
C MET A 253 3.63 -27.65 -32.48
N GLY A 254 3.76 -27.49 -31.17
CA GLY A 254 4.57 -28.39 -30.37
C GLY A 254 3.84 -29.68 -30.07
N GLU A 255 2.51 -29.61 -29.99
CA GLU A 255 1.69 -30.79 -29.71
C GLU A 255 1.67 -31.80 -30.86
N TYR A 256 1.86 -31.32 -32.09
CA TYR A 256 1.87 -32.20 -33.25
C TYR A 256 2.96 -33.24 -32.99
N PHE A 257 4.10 -32.74 -32.53
CA PHE A 257 5.24 -33.58 -32.23
C PHE A 257 4.95 -34.38 -30.97
N ARG A 258 4.25 -33.76 -30.03
CA ARG A 258 3.91 -34.41 -28.77
C ARG A 258 3.01 -35.63 -28.99
N ASP A 259 2.15 -35.54 -30.00
CA ASP A 259 1.23 -36.61 -30.33
C ASP A 259 1.82 -37.63 -31.31
N ASN A 260 2.99 -37.34 -31.87
CA ASN A 260 3.63 -38.25 -32.83
C ASN A 260 4.95 -38.85 -32.38
N GLY A 261 5.06 -39.16 -31.10
CA GLY A 261 6.27 -39.78 -30.58
C GLY A 261 7.49 -38.87 -30.50
N LYS A 262 7.40 -37.70 -31.10
CA LYS A 262 8.52 -36.77 -31.07
C LYS A 262 8.41 -35.88 -29.83
N HIS A 263 9.50 -35.22 -29.46
CA HIS A 263 9.51 -34.36 -28.28
C HIS A 263 9.81 -32.91 -28.65
N ALA A 264 9.00 -31.99 -28.15
CA ALA A 264 9.20 -30.59 -28.45
C ALA A 264 9.36 -29.71 -27.22
N LEU A 265 10.29 -28.77 -27.32
CA LEU A 265 10.53 -27.81 -26.26
C LEU A 265 9.98 -26.49 -26.75
N ILE A 266 9.01 -25.94 -26.03
CA ILE A 266 8.43 -24.66 -26.41
C ILE A 266 8.75 -23.54 -25.41
N ILE A 267 9.15 -22.40 -25.94
CA ILE A 267 9.47 -21.27 -25.09
C ILE A 267 8.49 -20.12 -25.34
N TYR A 268 7.77 -19.75 -24.29
CA TYR A 268 6.80 -18.64 -24.37
C TYR A 268 7.50 -17.43 -23.77
N ASP A 269 8.07 -16.57 -24.60
CA ASP A 269 8.77 -15.42 -24.04
C ASP A 269 7.84 -14.42 -23.41
N ASP A 270 7.90 -14.42 -22.09
CA ASP A 270 7.08 -13.63 -21.20
C ASP A 270 5.59 -13.73 -21.49
N LEU A 271 4.97 -14.46 -20.57
CA LEU A 271 3.55 -14.69 -20.56
C LEU A 271 3.02 -13.43 -19.92
N SER A 272 3.94 -12.70 -19.31
CA SER A 272 3.66 -11.43 -18.67
C SER A 272 3.05 -10.54 -19.74
N LYS A 273 3.71 -10.48 -20.89
CA LYS A 273 3.19 -9.64 -21.94
C LYS A 273 1.87 -10.17 -22.47
N GLN A 274 1.75 -11.49 -22.63
CA GLN A 274 0.48 -12.04 -23.09
C GLN A 274 -0.63 -11.59 -22.14
N ALA A 275 -0.43 -11.80 -20.85
CA ALA A 275 -1.43 -11.40 -19.88
C ALA A 275 -1.79 -9.93 -20.15
N VAL A 276 -0.79 -9.09 -20.33
CA VAL A 276 -1.06 -7.69 -20.57
C VAL A 276 -2.03 -7.52 -21.75
N ALA A 277 -1.87 -8.32 -22.80
CA ALA A 277 -2.76 -8.21 -23.95
C ALA A 277 -4.17 -8.68 -23.58
N TYR A 278 -4.27 -9.82 -22.91
CA TYR A 278 -5.56 -10.35 -22.53
C TYR A 278 -6.35 -9.31 -21.74
N ARG A 279 -5.69 -8.71 -20.75
CA ARG A 279 -6.33 -7.70 -19.94
C ARG A 279 -6.91 -6.59 -20.83
N GLN A 280 -6.10 -6.10 -21.76
CA GLN A 280 -6.56 -5.02 -22.63
C GLN A 280 -7.87 -5.33 -23.30
N MET A 281 -7.97 -6.55 -23.81
CA MET A 281 -9.18 -6.96 -24.48
C MET A 281 -10.29 -7.03 -23.45
N SER A 282 -9.97 -7.64 -22.31
CA SER A 282 -10.92 -7.82 -21.21
C SER A 282 -11.58 -6.52 -20.78
N LEU A 283 -10.72 -5.55 -20.45
CA LEU A 283 -11.16 -4.23 -20.02
C LEU A 283 -11.79 -3.44 -21.15
N LEU A 284 -11.43 -3.72 -22.40
CA LEU A 284 -12.05 -2.97 -23.49
C LEU A 284 -13.45 -3.48 -23.80
N LEU A 285 -13.69 -4.74 -23.46
CA LEU A 285 -15.01 -5.36 -23.65
C LEU A 285 -15.84 -5.03 -22.41
N ARG A 286 -15.15 -4.60 -21.35
CA ARG A 286 -15.77 -4.24 -20.08
C ARG A 286 -16.11 -5.39 -19.16
N ARG A 287 -15.32 -6.44 -19.19
CA ARG A 287 -15.58 -7.57 -18.30
C ARG A 287 -15.34 -7.04 -16.89
N PRO A 288 -15.27 -7.92 -15.87
CA PRO A 288 -15.04 -7.41 -14.50
C PRO A 288 -13.56 -7.51 -14.11
N PRO A 289 -12.90 -6.34 -13.88
CA PRO A 289 -11.50 -6.20 -13.50
C PRO A 289 -11.19 -6.52 -12.06
N GLY A 290 -10.04 -7.15 -11.84
CA GLY A 290 -9.65 -7.50 -10.49
C GLY A 290 -8.24 -7.03 -10.16
N ARG A 291 -7.58 -7.71 -9.22
CA ARG A 291 -6.23 -7.30 -8.85
C ARG A 291 -5.46 -6.89 -10.12
N GLU A 292 -4.76 -5.76 -10.02
CA GLU A 292 -3.98 -5.23 -11.13
C GLU A 292 -4.84 -5.04 -12.40
N ALA A 293 -6.15 -4.96 -12.22
CA ALA A 293 -7.08 -4.79 -13.33
C ALA A 293 -7.17 -5.99 -14.29
N TYR A 294 -6.54 -7.11 -13.94
CA TYR A 294 -6.60 -8.28 -14.79
C TYR A 294 -7.95 -8.99 -14.63
N PRO A 295 -8.46 -9.61 -15.70
CA PRO A 295 -9.74 -10.31 -15.57
C PRO A 295 -9.62 -11.50 -14.60
N GLY A 296 -10.75 -11.94 -14.06
CA GLY A 296 -10.76 -13.03 -13.12
C GLY A 296 -10.27 -14.39 -13.60
N ASP A 297 -10.30 -14.61 -14.91
CA ASP A 297 -9.86 -15.90 -15.42
C ASP A 297 -8.46 -15.87 -16.02
N VAL A 298 -7.67 -14.85 -15.69
CA VAL A 298 -6.32 -14.72 -16.21
C VAL A 298 -5.51 -15.95 -15.82
N PHE A 299 -5.83 -16.49 -14.65
CA PHE A 299 -5.15 -17.68 -14.17
C PHE A 299 -5.53 -18.85 -15.06
N TYR A 300 -6.82 -18.90 -15.41
CA TYR A 300 -7.39 -19.94 -16.28
C TYR A 300 -6.79 -19.82 -17.68
N LEU A 301 -6.17 -18.68 -17.94
CA LEU A 301 -5.55 -18.42 -19.23
C LEU A 301 -4.23 -19.16 -19.29
N HIS A 302 -3.42 -19.04 -18.25
CA HIS A 302 -2.11 -19.68 -18.25
C HIS A 302 -2.15 -21.13 -17.81
N SER A 303 -3.11 -21.48 -16.97
CA SER A 303 -3.19 -22.85 -16.50
C SER A 303 -3.46 -23.81 -17.63
N ARG A 304 -4.40 -23.46 -18.50
CA ARG A 304 -4.74 -24.34 -19.62
C ARG A 304 -3.63 -24.44 -20.66
N LEU A 305 -2.78 -23.40 -20.73
CA LEU A 305 -1.66 -23.37 -21.67
C LEU A 305 -0.48 -24.15 -21.11
N LEU A 306 -0.20 -23.97 -19.83
CA LEU A 306 0.90 -24.64 -19.20
C LEU A 306 0.67 -26.14 -18.99
N GLU A 307 -0.58 -26.55 -18.78
CA GLU A 307 -0.83 -27.98 -18.60
C GLU A 307 -0.61 -28.71 -19.92
N ARG A 308 -0.93 -28.03 -21.02
CA ARG A 308 -0.80 -28.61 -22.35
C ARG A 308 0.55 -29.28 -22.59
N ALA A 309 1.52 -28.98 -21.74
CA ALA A 309 2.85 -29.60 -21.85
C ALA A 309 2.74 -30.95 -21.15
N ALA A 310 3.47 -31.94 -21.63
CA ALA A 310 3.39 -33.25 -21.00
C ALA A 310 4.36 -34.31 -21.53
N LYS A 311 4.69 -35.26 -20.66
CA LYS A 311 5.54 -36.38 -21.02
C LYS A 311 4.56 -37.53 -21.23
N MET A 312 4.10 -37.69 -22.47
CA MET A 312 3.15 -38.74 -22.84
C MET A 312 3.63 -40.16 -22.56
N ASN A 313 2.68 -41.08 -22.42
CA ASN A 313 3.02 -42.48 -22.15
C ASN A 313 3.32 -43.24 -23.44
N ASP A 314 4.20 -44.23 -23.32
CA ASP A 314 4.63 -45.07 -24.45
C ASP A 314 3.46 -45.53 -25.31
N ALA A 315 2.28 -45.57 -24.70
CA ALA A 315 1.08 -45.98 -25.39
C ALA A 315 0.66 -44.90 -26.37
N PHE A 316 0.81 -43.65 -25.96
CA PHE A 316 0.44 -42.52 -26.83
C PHE A 316 1.58 -42.12 -27.77
N GLY A 317 2.66 -42.90 -27.74
CA GLY A 317 3.79 -42.61 -28.61
C GLY A 317 5.08 -42.32 -27.87
N GLY A 318 4.96 -41.79 -26.66
CA GLY A 318 6.13 -41.46 -25.86
C GLY A 318 6.59 -40.03 -26.10
N GLY A 319 5.82 -39.30 -26.91
CA GLY A 319 6.17 -37.93 -27.21
C GLY A 319 5.96 -36.96 -26.07
N SER A 320 6.65 -35.82 -26.13
CA SER A 320 6.51 -34.83 -25.08
C SER A 320 6.55 -33.40 -25.56
N LEU A 321 5.91 -32.55 -24.79
CA LEU A 321 5.87 -31.11 -25.05
C LEU A 321 6.38 -30.45 -23.77
N THR A 322 7.63 -30.04 -23.78
CA THR A 322 8.21 -29.39 -22.60
C THR A 322 8.05 -27.88 -22.74
N ALA A 323 7.64 -27.22 -21.67
CA ALA A 323 7.43 -25.79 -21.71
C ALA A 323 8.38 -24.97 -20.86
N LEU A 324 8.70 -23.78 -21.39
CA LEU A 324 9.57 -22.82 -20.75
C LEU A 324 8.99 -21.41 -20.90
N PRO A 325 8.03 -21.05 -20.04
CA PRO A 325 7.46 -19.72 -20.14
C PRO A 325 8.42 -18.76 -19.42
N VAL A 326 8.35 -17.48 -19.73
CA VAL A 326 9.22 -16.51 -19.09
C VAL A 326 8.36 -15.51 -18.34
N ILE A 327 8.79 -15.12 -17.14
CA ILE A 327 8.04 -14.15 -16.36
C ILE A 327 8.94 -13.01 -15.96
N GLU A 328 8.55 -11.79 -16.33
CA GLU A 328 9.32 -10.60 -16.02
C GLU A 328 8.78 -10.06 -14.72
N THR A 329 9.59 -10.09 -13.68
CA THR A 329 9.14 -9.56 -12.41
C THR A 329 9.52 -8.09 -12.32
N GLN A 330 8.91 -7.41 -11.37
CA GLN A 330 9.23 -6.02 -11.19
C GLN A 330 9.95 -5.92 -9.85
N ALA A 331 11.14 -5.33 -9.87
CA ALA A 331 11.92 -5.21 -8.64
C ALA A 331 11.97 -6.56 -7.90
N GLY A 332 11.80 -7.64 -8.65
CA GLY A 332 11.85 -8.97 -8.05
C GLY A 332 10.63 -9.42 -7.30
N ASP A 333 9.58 -8.61 -7.33
CA ASP A 333 8.37 -8.97 -6.62
C ASP A 333 7.76 -10.18 -7.29
N VAL A 334 7.89 -11.33 -6.65
CA VAL A 334 7.32 -12.56 -7.17
C VAL A 334 5.95 -12.76 -6.55
N SER A 335 5.69 -12.06 -5.45
CA SER A 335 4.40 -12.13 -4.77
C SER A 335 3.37 -11.28 -5.50
N ALA A 336 3.68 -10.92 -6.74
CA ALA A 336 2.78 -10.12 -7.58
C ALA A 336 1.87 -11.06 -8.35
N TYR A 337 0.67 -10.60 -8.67
CA TYR A 337 -0.35 -11.41 -9.33
C TYR A 337 0.04 -12.44 -10.37
N ILE A 338 0.53 -12.02 -11.53
CA ILE A 338 0.88 -12.99 -12.53
C ILE A 338 2.06 -13.85 -12.16
N PRO A 339 3.12 -13.25 -11.59
CA PRO A 339 4.23 -14.13 -11.23
C PRO A 339 3.71 -15.24 -10.33
N THR A 340 2.95 -14.86 -9.30
CA THR A 340 2.36 -15.83 -8.39
C THR A 340 1.73 -16.93 -9.22
N ASN A 341 0.73 -16.54 -10.00
CA ASN A 341 0.01 -17.43 -10.88
C ASN A 341 0.94 -18.46 -11.47
N VAL A 342 1.67 -18.04 -12.49
CA VAL A 342 2.56 -18.94 -13.17
C VAL A 342 3.41 -19.77 -12.20
N ILE A 343 4.08 -19.13 -11.25
CA ILE A 343 4.92 -19.90 -10.33
C ILE A 343 4.21 -21.18 -9.88
N SER A 344 2.96 -21.05 -9.48
CA SER A 344 2.19 -22.19 -9.03
C SER A 344 1.93 -23.16 -10.18
N ILE A 345 1.29 -22.65 -11.24
CA ILE A 345 0.97 -23.44 -12.42
C ILE A 345 2.08 -24.36 -12.94
N THR A 346 3.33 -23.87 -12.91
CA THR A 346 4.47 -24.64 -13.42
C THR A 346 5.11 -25.58 -12.41
N ASP A 347 6.08 -26.37 -12.87
CA ASP A 347 6.78 -27.37 -12.04
C ASP A 347 8.06 -26.92 -11.34
N GLY A 348 8.56 -25.73 -11.66
CA GLY A 348 9.79 -25.27 -11.02
C GLY A 348 10.21 -23.88 -11.45
N GLN A 349 11.33 -23.41 -10.91
CA GLN A 349 11.82 -22.07 -11.22
C GLN A 349 13.34 -21.90 -11.25
N ILE A 350 13.82 -21.16 -12.24
CA ILE A 350 15.25 -20.85 -12.35
C ILE A 350 15.29 -19.32 -12.19
N PHE A 351 15.58 -18.86 -10.98
CA PHE A 351 15.62 -17.42 -10.64
C PHE A 351 16.88 -16.70 -11.09
N LEU A 352 16.72 -15.65 -11.90
CA LEU A 352 17.87 -14.84 -12.38
C LEU A 352 17.94 -13.51 -11.62
N GLU A 353 19.13 -12.95 -11.46
CA GLU A 353 19.27 -11.69 -10.73
C GLU A 353 20.45 -10.79 -11.11
N THR A 354 20.16 -9.49 -11.18
CA THR A 354 21.15 -8.48 -11.54
C THR A 354 22.39 -8.46 -10.64
N GLU A 355 22.19 -8.51 -9.33
CA GLU A 355 23.31 -8.50 -8.41
C GLU A 355 24.30 -9.59 -8.75
N LEU A 356 23.80 -10.82 -8.90
CA LEU A 356 24.68 -11.93 -9.23
C LEU A 356 25.38 -11.65 -10.56
N PHE A 357 24.70 -10.88 -11.41
CA PHE A 357 25.23 -10.55 -12.74
C PHE A 357 26.47 -9.68 -12.65
N TYR A 358 26.29 -8.37 -12.59
CA TYR A 358 27.42 -7.45 -12.51
C TYR A 358 28.48 -7.88 -11.52
N LYS A 359 28.15 -8.89 -10.72
CA LYS A 359 29.10 -9.43 -9.75
C LYS A 359 30.09 -10.27 -10.53
N GLY A 360 29.59 -10.97 -11.55
CA GLY A 360 30.42 -11.83 -12.36
C GLY A 360 29.76 -13.19 -12.56
N ILE A 361 28.86 -13.54 -11.63
CA ILE A 361 28.14 -14.79 -11.68
C ILE A 361 27.23 -14.80 -12.90
N ARG A 362 27.73 -15.36 -13.99
CA ARG A 362 27.01 -15.46 -15.24
C ARG A 362 27.09 -16.90 -15.72
N PRO A 363 25.97 -17.52 -16.07
CA PRO A 363 24.58 -17.01 -16.06
C PRO A 363 24.23 -16.59 -14.65
N ALA A 364 23.25 -15.72 -14.48
CA ALA A 364 22.90 -15.27 -13.14
C ALA A 364 21.79 -16.03 -12.48
N ILE A 365 22.04 -17.30 -12.15
CA ILE A 365 21.07 -18.15 -11.49
C ILE A 365 21.28 -18.31 -9.99
N ASN A 366 20.20 -18.16 -9.22
CA ASN A 366 20.29 -18.27 -7.77
C ASN A 366 20.00 -19.70 -7.30
N VAL A 367 21.06 -20.50 -7.22
CA VAL A 367 21.00 -21.90 -6.81
C VAL A 367 20.15 -22.14 -5.56
N GLY A 368 20.08 -21.16 -4.69
CA GLY A 368 19.30 -21.30 -3.47
C GLY A 368 17.82 -21.03 -3.69
N LEU A 369 17.51 -20.13 -4.60
CA LEU A 369 16.12 -19.80 -4.87
C LEU A 369 15.53 -20.61 -6.03
N SER A 370 16.34 -20.96 -7.01
CA SER A 370 15.86 -21.73 -8.14
C SER A 370 15.58 -23.16 -7.68
N VAL A 371 14.58 -23.80 -8.27
CA VAL A 371 14.23 -25.18 -7.92
C VAL A 371 13.35 -25.91 -8.92
N SER A 372 13.73 -27.14 -9.20
CA SER A 372 12.93 -28.00 -10.08
C SER A 372 12.40 -29.04 -9.13
N ARG A 373 11.11 -29.34 -9.20
CA ARG A 373 10.54 -30.33 -8.30
C ARG A 373 10.86 -31.71 -8.85
N VAL A 374 11.14 -31.78 -10.14
CA VAL A 374 11.49 -33.03 -10.81
C VAL A 374 12.88 -33.50 -10.43
N GLY A 375 13.72 -32.58 -9.97
CA GLY A 375 15.07 -32.94 -9.58
C GLY A 375 15.74 -34.08 -10.35
N SER A 376 16.50 -34.89 -9.62
CA SER A 376 17.26 -36.01 -10.16
C SER A 376 16.53 -36.95 -11.12
N ALA A 377 15.20 -36.89 -11.15
CA ALA A 377 14.43 -37.74 -12.04
C ALA A 377 14.96 -37.65 -13.48
N ALA A 378 15.27 -36.44 -13.91
CA ALA A 378 15.79 -36.19 -15.26
C ALA A 378 17.25 -35.79 -15.18
N GLN A 379 18.02 -36.57 -14.43
CA GLN A 379 19.44 -36.32 -14.26
C GLN A 379 20.20 -37.65 -14.23
N THR A 380 20.79 -38.03 -15.35
CA THR A 380 21.53 -39.29 -15.41
C THR A 380 22.47 -39.44 -14.24
N ARG A 381 22.68 -40.68 -13.81
CA ARG A 381 23.55 -40.97 -12.68
C ARG A 381 24.91 -40.26 -12.81
N ALA A 382 25.38 -40.13 -14.04
CA ALA A 382 26.66 -39.48 -14.31
C ALA A 382 26.63 -38.08 -13.68
N MET A 383 25.47 -37.46 -13.73
CA MET A 383 25.28 -36.12 -13.18
C MET A 383 24.86 -36.20 -11.73
N LYS A 384 24.01 -37.15 -11.39
CA LYS A 384 23.52 -37.28 -10.02
C LYS A 384 24.63 -37.28 -8.97
N GLN A 385 25.68 -38.05 -9.20
CA GLN A 385 26.75 -38.13 -8.21
C GLN A 385 27.34 -36.74 -7.91
N VAL A 386 28.19 -36.26 -8.82
CA VAL A 386 28.85 -34.96 -8.67
C VAL A 386 27.92 -33.87 -8.15
N ALA A 387 26.71 -33.79 -8.70
CA ALA A 387 25.73 -32.79 -8.29
C ALA A 387 25.62 -32.75 -6.76
N GLY A 388 24.76 -33.61 -6.22
CA GLY A 388 24.57 -33.67 -4.79
C GLY A 388 25.70 -33.12 -3.93
N THR A 389 26.87 -33.76 -3.98
CA THR A 389 27.98 -33.29 -3.18
C THR A 389 28.11 -31.79 -3.34
N MET A 390 28.17 -31.31 -4.59
CA MET A 390 28.25 -29.88 -4.88
C MET A 390 27.12 -29.17 -4.15
N LYS A 391 25.89 -29.64 -4.39
CA LYS A 391 24.72 -29.07 -3.73
C LYS A 391 25.06 -28.86 -2.24
N LEU A 392 25.06 -29.94 -1.47
CA LEU A 392 25.38 -29.87 -0.06
C LEU A 392 26.55 -28.94 0.24
N GLU A 393 27.41 -28.70 -0.75
CA GLU A 393 28.55 -27.83 -0.51
C GLU A 393 28.23 -26.39 -0.80
N LEU A 394 27.62 -26.15 -1.94
CA LEU A 394 27.24 -24.78 -2.26
C LEU A 394 26.36 -24.33 -1.10
N ALA A 395 25.63 -25.29 -0.52
CA ALA A 395 24.74 -24.99 0.59
C ALA A 395 25.52 -24.57 1.83
N GLN A 396 26.42 -25.42 2.30
CA GLN A 396 27.23 -25.11 3.46
C GLN A 396 27.96 -23.78 3.26
N TYR A 397 28.31 -23.47 2.01
CA TYR A 397 29.00 -22.22 1.67
C TYR A 397 28.02 -21.07 1.83
N ARG A 398 26.76 -21.38 1.56
CA ARG A 398 25.67 -20.41 1.63
C ARG A 398 25.32 -19.99 3.05
N GLU A 399 25.97 -20.61 4.03
CA GLU A 399 25.74 -20.26 5.42
C GLU A 399 26.86 -19.35 5.93
N VAL A 400 28.10 -19.78 5.74
CA VAL A 400 29.24 -19.01 6.18
C VAL A 400 29.45 -17.75 5.34
N ALA A 401 28.83 -17.73 4.16
CA ALA A 401 28.96 -16.61 3.21
C ALA A 401 29.32 -15.29 3.87
N ALA A 402 28.41 -14.81 4.71
CA ALA A 402 28.58 -13.54 5.43
C ALA A 402 29.96 -13.38 6.06
N PHE A 403 30.38 -14.38 6.82
CA PHE A 403 31.67 -14.37 7.52
C PHE A 403 32.81 -14.07 6.58
N ALA A 404 32.60 -14.34 5.30
CA ALA A 404 33.60 -14.13 4.27
C ALA A 404 34.58 -13.02 4.59
N GLN A 405 34.29 -11.83 4.06
CA GLN A 405 35.14 -10.67 4.24
C GLN A 405 35.48 -10.25 5.66
N PHE A 406 34.63 -10.55 6.63
CA PHE A 406 34.94 -10.14 8.00
C PHE A 406 35.66 -11.23 8.82
N GLY A 407 35.88 -12.40 8.21
CA GLY A 407 36.56 -13.47 8.92
C GLY A 407 38.08 -13.27 9.03
N SER A 408 38.48 -12.34 9.89
CA SER A 408 39.89 -12.04 10.10
C SER A 408 40.49 -12.96 11.16
N ASP A 409 40.02 -14.20 11.20
CA ASP A 409 40.52 -15.20 12.16
C ASP A 409 39.69 -16.47 12.09
N LEU A 410 38.93 -16.61 11.01
CA LEU A 410 38.09 -17.78 10.81
C LEU A 410 38.85 -19.09 11.00
N ASP A 411 38.20 -20.06 11.64
CA ASP A 411 38.81 -21.36 11.86
C ASP A 411 39.04 -22.03 10.51
N ALA A 412 39.86 -23.08 10.50
CA ALA A 412 40.16 -23.79 9.27
C ALA A 412 38.88 -24.28 8.57
N ALA A 413 37.94 -24.79 9.37
CA ALA A 413 36.68 -25.30 8.84
C ALA A 413 35.94 -24.35 7.90
N THR A 414 35.51 -23.19 8.41
CA THR A 414 34.78 -22.24 7.57
C THR A 414 35.66 -21.75 6.42
N GLN A 415 36.87 -21.31 6.74
CA GLN A 415 37.81 -20.84 5.74
C GLN A 415 37.80 -21.85 4.59
N GLN A 416 37.59 -23.12 4.93
CA GLN A 416 37.55 -24.19 3.95
C GLN A 416 36.19 -24.27 3.27
N LEU A 417 35.15 -23.82 3.97
CA LEU A 417 33.79 -23.85 3.41
C LEU A 417 33.67 -22.76 2.37
N LEU A 418 34.35 -21.64 2.64
CA LEU A 418 34.35 -20.50 1.74
C LEU A 418 35.12 -20.87 0.48
N SER A 419 36.32 -21.41 0.66
CA SER A 419 37.14 -21.80 -0.47
C SER A 419 36.37 -22.56 -1.54
N ARG A 420 35.87 -23.75 -1.21
CA ARG A 420 35.11 -24.52 -2.18
C ARG A 420 34.05 -23.62 -2.77
N GLY A 421 33.47 -22.80 -1.89
CA GLY A 421 32.42 -21.89 -2.29
C GLY A 421 32.68 -21.12 -3.56
N VAL A 422 33.75 -20.32 -3.54
CA VAL A 422 34.12 -19.51 -4.69
C VAL A 422 34.54 -20.36 -5.88
N ARG A 423 35.18 -21.49 -5.60
CA ARG A 423 35.64 -22.37 -6.67
C ARG A 423 34.51 -22.90 -7.52
N LEU A 424 33.50 -23.45 -6.88
CA LEU A 424 32.36 -24.02 -7.58
C LEU A 424 31.53 -23.03 -8.38
N THR A 425 31.40 -21.81 -7.88
CA THR A 425 30.60 -20.83 -8.60
C THR A 425 31.26 -20.47 -9.91
N GLU A 426 32.57 -20.25 -9.89
CA GLU A 426 33.30 -19.91 -11.10
C GLU A 426 33.02 -21.00 -12.14
N LEU A 427 32.93 -22.24 -11.66
CA LEU A 427 32.65 -23.35 -12.54
C LEU A 427 31.36 -23.07 -13.26
N LEU A 428 30.32 -22.76 -12.51
CA LEU A 428 28.99 -22.47 -13.04
C LEU A 428 28.98 -21.37 -14.09
N LYS A 429 30.01 -20.54 -14.12
CA LYS A 429 30.06 -19.49 -15.14
C LYS A 429 30.12 -20.19 -16.49
N GLN A 430 29.11 -19.97 -17.32
CA GLN A 430 29.12 -20.59 -18.64
C GLN A 430 28.91 -19.51 -19.67
N GLY A 431 29.32 -19.79 -20.90
CA GLY A 431 29.19 -18.85 -21.97
C GLY A 431 27.81 -18.96 -22.60
N GLN A 432 27.28 -17.82 -23.06
CA GLN A 432 25.97 -17.82 -23.69
C GLN A 432 26.21 -18.40 -25.06
N TYR A 433 25.17 -18.95 -25.68
CA TYR A 433 25.31 -19.53 -27.01
C TYR A 433 26.31 -20.69 -26.98
N SER A 434 26.76 -21.05 -25.78
CA SER A 434 27.74 -22.11 -25.60
C SER A 434 27.35 -23.15 -24.54
N PRO A 435 26.43 -24.06 -24.90
CA PRO A 435 25.96 -25.13 -23.99
C PRO A 435 26.85 -26.35 -24.19
N MET A 436 26.90 -27.24 -23.20
CA MET A 436 27.73 -28.42 -23.30
C MET A 436 26.97 -29.72 -23.01
N ALA A 437 27.50 -30.83 -23.52
CA ALA A 437 26.87 -32.14 -23.33
C ALA A 437 26.96 -32.52 -21.88
N ILE A 438 25.97 -33.26 -21.40
CA ILE A 438 25.94 -33.66 -20.00
C ILE A 438 27.29 -34.18 -19.53
N GLU A 439 27.97 -34.93 -20.39
CA GLU A 439 29.27 -35.51 -20.04
C GLU A 439 30.35 -34.45 -19.92
N GLU A 440 30.40 -33.56 -20.91
CA GLU A 440 31.37 -32.46 -20.92
C GLU A 440 31.19 -31.75 -19.60
N GLN A 441 29.94 -31.66 -19.15
CA GLN A 441 29.62 -31.01 -17.90
C GLN A 441 30.21 -31.74 -16.71
N VAL A 442 29.73 -32.94 -16.42
CA VAL A 442 30.22 -33.71 -15.27
C VAL A 442 31.74 -33.72 -15.19
N ALA A 443 32.40 -33.70 -16.34
CA ALA A 443 33.85 -33.71 -16.41
C ALA A 443 34.43 -32.45 -15.78
N VAL A 444 33.70 -31.35 -15.89
CA VAL A 444 34.17 -30.10 -15.31
C VAL A 444 33.73 -29.98 -13.85
N ILE A 445 32.56 -30.52 -13.53
CA ILE A 445 32.11 -30.45 -12.14
C ILE A 445 33.08 -31.28 -11.35
N TYR A 446 33.44 -32.42 -11.92
CA TYR A 446 34.36 -33.37 -11.30
C TYR A 446 35.57 -32.66 -10.71
N ALA A 447 36.37 -32.06 -11.58
CA ALA A 447 37.58 -31.34 -11.17
C ALA A 447 37.31 -30.35 -10.04
N GLY A 448 36.05 -29.92 -9.90
CA GLY A 448 35.71 -28.97 -8.86
C GLY A 448 35.35 -29.61 -7.55
N VAL A 449 34.37 -30.51 -7.58
CA VAL A 449 33.92 -31.20 -6.37
C VAL A 449 35.02 -31.98 -5.65
N ARG A 450 35.93 -32.60 -6.41
CA ARG A 450 37.02 -33.39 -5.83
C ARG A 450 38.11 -32.53 -5.17
N GLY A 451 37.96 -31.21 -5.30
CA GLY A 451 38.91 -30.29 -4.67
C GLY A 451 40.15 -29.87 -5.42
N TYR A 452 40.24 -30.23 -6.70
CA TYR A 452 41.41 -29.85 -7.45
C TYR A 452 41.55 -28.33 -7.62
N LEU A 453 40.44 -27.63 -7.74
CA LEU A 453 40.49 -26.19 -7.92
C LEU A 453 40.67 -25.44 -6.61
N ASP A 454 40.70 -26.17 -5.50
CA ASP A 454 40.85 -25.54 -4.20
C ASP A 454 42.17 -24.81 -3.93
N LYS A 455 43.18 -25.04 -4.77
CA LYS A 455 44.47 -24.35 -4.58
C LYS A 455 44.60 -23.18 -5.53
N LEU A 456 44.12 -23.41 -6.75
CA LEU A 456 44.15 -22.44 -7.83
C LEU A 456 43.52 -21.10 -7.41
N GLU A 457 44.07 -20.00 -7.89
CA GLU A 457 43.56 -18.67 -7.55
C GLU A 457 42.17 -18.44 -8.16
N PRO A 458 41.22 -17.94 -7.36
CA PRO A 458 39.83 -17.68 -7.79
C PRO A 458 39.64 -17.16 -9.22
N SER A 459 40.26 -16.04 -9.55
CA SER A 459 40.14 -15.43 -10.87
C SER A 459 40.66 -16.27 -12.04
N LYS A 460 41.30 -17.40 -11.74
CA LYS A 460 41.85 -18.25 -12.78
C LYS A 460 40.97 -19.44 -13.11
N ILE A 461 40.22 -19.91 -12.12
CA ILE A 461 39.33 -21.05 -12.29
C ILE A 461 38.76 -21.08 -13.71
N THR A 462 38.12 -19.98 -14.07
CA THR A 462 37.49 -19.82 -15.37
C THR A 462 38.42 -20.20 -16.52
N LYS A 463 39.56 -19.52 -16.60
CA LYS A 463 40.54 -19.78 -17.64
C LYS A 463 40.91 -21.26 -17.64
N PHE A 464 40.71 -21.90 -16.50
CA PHE A 464 41.02 -23.32 -16.35
C PHE A 464 39.96 -24.14 -17.07
N GLU A 465 38.73 -24.11 -16.54
CA GLU A 465 37.64 -24.85 -17.16
C GLU A 465 37.81 -24.73 -18.67
N ASN A 466 38.16 -23.53 -19.12
CA ASN A 466 38.34 -23.22 -20.53
C ASN A 466 39.39 -24.09 -21.20
N ALA A 467 40.61 -24.09 -20.66
CA ALA A 467 41.69 -24.88 -21.20
C ALA A 467 41.52 -26.35 -20.88
N PHE A 468 40.82 -26.62 -19.78
CA PHE A 468 40.56 -27.98 -19.31
C PHE A 468 39.53 -28.75 -20.12
N LEU A 469 38.39 -28.11 -20.39
CA LEU A 469 37.33 -28.75 -21.15
C LEU A 469 37.72 -29.02 -22.60
N SER A 470 38.24 -28.01 -23.28
CA SER A 470 38.64 -28.14 -24.69
C SER A 470 39.53 -29.38 -24.82
N HIS A 471 40.45 -29.48 -23.85
CA HIS A 471 41.40 -30.57 -23.77
C HIS A 471 40.74 -31.95 -23.69
N VAL A 472 39.99 -32.20 -22.63
CA VAL A 472 39.34 -33.49 -22.48
C VAL A 472 38.61 -33.81 -23.78
N ILE A 473 37.75 -32.90 -24.22
CA ILE A 473 37.00 -33.06 -25.46
C ILE A 473 37.93 -33.37 -26.62
N SER A 474 39.13 -32.79 -26.59
CA SER A 474 40.10 -32.99 -27.66
C SER A 474 40.85 -34.33 -27.65
N GLN A 475 41.34 -34.73 -26.48
CA GLN A 475 42.11 -35.96 -26.35
C GLN A 475 41.46 -37.07 -25.52
N HIS A 476 40.25 -36.85 -25.04
CA HIS A 476 39.60 -37.87 -24.24
C HIS A 476 38.12 -38.11 -24.51
N GLN A 477 37.76 -38.18 -25.79
CA GLN A 477 36.36 -38.45 -26.17
C GLN A 477 35.82 -39.71 -25.50
N ALA A 478 36.44 -40.85 -25.78
CA ALA A 478 36.01 -42.12 -25.23
C ALA A 478 35.84 -42.09 -23.71
N LEU A 479 36.62 -41.25 -23.03
CA LEU A 479 36.53 -41.16 -21.58
C LEU A 479 35.20 -40.52 -21.23
N LEU A 480 34.80 -39.53 -22.01
CA LEU A 480 33.53 -38.88 -21.80
C LEU A 480 32.44 -39.91 -22.03
N GLY A 481 32.55 -40.62 -23.16
CA GLY A 481 31.57 -41.63 -23.50
C GLY A 481 31.37 -42.64 -22.38
N LYS A 482 32.45 -43.00 -21.71
CA LYS A 482 32.41 -43.98 -20.62
C LYS A 482 31.63 -43.46 -19.43
N ILE A 483 31.65 -42.15 -19.23
CA ILE A 483 30.93 -41.58 -18.11
C ILE A 483 29.45 -41.80 -18.42
N ARG A 484 29.03 -41.35 -19.60
CA ARG A 484 27.65 -41.50 -20.05
C ARG A 484 27.23 -42.96 -19.96
N THR A 485 27.92 -43.81 -20.72
CA THR A 485 27.66 -45.24 -20.75
C THR A 485 27.50 -45.88 -19.37
N ASP A 486 28.56 -45.86 -18.58
CA ASP A 486 28.53 -46.45 -17.23
C ASP A 486 27.44 -45.86 -16.35
N GLY A 487 26.68 -44.92 -16.89
CA GLY A 487 25.61 -44.30 -16.13
C GLY A 487 26.10 -43.48 -14.96
N LYS A 488 27.35 -43.70 -14.55
CA LYS A 488 27.91 -42.95 -13.42
C LYS A 488 29.42 -42.76 -13.55
N ILE A 489 30.05 -42.44 -12.42
CA ILE A 489 31.49 -42.27 -12.37
C ILE A 489 32.06 -43.61 -11.92
N SER A 490 32.41 -44.43 -12.91
CA SER A 490 32.97 -45.76 -12.65
C SER A 490 34.23 -45.66 -11.81
N GLU A 491 34.66 -46.79 -11.29
CA GLU A 491 35.85 -46.88 -10.45
C GLU A 491 37.07 -46.61 -11.34
N GLU A 492 36.94 -47.02 -12.61
CA GLU A 492 38.00 -46.85 -13.59
C GLU A 492 38.08 -45.40 -14.06
N SER A 493 36.95 -44.88 -14.54
CA SER A 493 36.89 -43.50 -15.02
C SER A 493 37.23 -42.51 -13.92
N ASP A 494 36.83 -42.81 -12.69
CA ASP A 494 37.13 -41.95 -11.57
C ASP A 494 38.63 -41.94 -11.44
N ALA A 495 39.25 -43.02 -11.90
CA ALA A 495 40.70 -43.14 -11.85
C ALA A 495 41.30 -42.43 -13.04
N LYS A 496 40.66 -42.58 -14.20
CA LYS A 496 41.13 -41.93 -15.42
C LYS A 496 41.12 -40.40 -15.28
N LEU A 497 40.09 -39.86 -14.64
CA LEU A 497 39.98 -38.42 -14.45
C LEU A 497 40.96 -37.88 -13.43
N LYS A 498 41.08 -38.56 -12.29
CA LYS A 498 41.98 -38.13 -11.22
C LYS A 498 43.39 -37.89 -11.73
N GLU A 499 43.81 -38.69 -12.70
CA GLU A 499 45.14 -38.52 -13.21
C GLU A 499 45.14 -37.46 -14.31
N ILE A 500 44.08 -37.42 -15.12
CA ILE A 500 44.01 -36.41 -16.17
C ILE A 500 44.07 -35.03 -15.52
N VAL A 501 43.27 -34.83 -14.47
CA VAL A 501 43.25 -33.53 -13.80
C VAL A 501 44.58 -33.21 -13.11
N THR A 502 45.04 -34.09 -12.24
CA THR A 502 46.29 -33.85 -11.54
C THR A 502 47.36 -33.38 -12.48
N ASN A 503 47.55 -34.13 -13.56
CA ASN A 503 48.58 -33.78 -14.53
C ASN A 503 48.32 -32.46 -15.28
N PHE A 504 47.11 -32.31 -15.81
CA PHE A 504 46.72 -31.09 -16.54
C PHE A 504 46.79 -29.90 -15.61
N LEU A 505 46.34 -30.13 -14.37
CA LEU A 505 46.37 -29.09 -13.37
C LEU A 505 47.80 -28.61 -13.24
N ALA A 506 48.63 -29.47 -12.65
CA ALA A 506 50.04 -29.19 -12.44
C ALA A 506 50.70 -28.42 -13.58
N GLY A 507 50.41 -28.81 -14.81
CA GLY A 507 51.00 -28.12 -15.96
C GLY A 507 50.42 -26.72 -16.15
N PHE A 508 49.22 -26.52 -15.65
CA PHE A 508 48.51 -25.24 -15.75
C PHE A 508 49.21 -24.15 -14.94
N GLU A 509 49.68 -24.50 -13.75
CA GLU A 509 50.35 -23.54 -12.90
C GLU A 509 51.87 -23.63 -12.98
N ALA A 510 52.40 -23.76 -14.19
CA ALA A 510 53.84 -23.85 -14.35
C ALA A 510 54.41 -22.53 -14.88
N ASP B 24 -52.18 -9.00 -4.78
CA ASP B 24 -52.20 -7.80 -3.88
C ASP B 24 -50.78 -7.28 -3.67
N LEU B 25 -50.53 -6.04 -4.09
CA LEU B 25 -49.20 -5.46 -3.97
C LEU B 25 -49.03 -4.38 -2.91
N GLU B 26 -49.89 -4.36 -1.90
CA GLU B 26 -49.77 -3.36 -0.85
C GLU B 26 -49.11 -4.00 0.37
N GLU B 27 -49.35 -5.29 0.54
CA GLU B 27 -48.80 -6.02 1.67
C GLU B 27 -48.01 -7.21 1.16
N THR B 28 -47.84 -7.27 -0.16
CA THR B 28 -47.14 -8.40 -0.77
C THR B 28 -46.22 -7.99 -1.91
N GLY B 29 -45.54 -8.98 -2.46
CA GLY B 29 -44.64 -8.71 -3.55
C GLY B 29 -43.96 -9.96 -4.08
N ARG B 30 -43.63 -9.93 -5.36
CA ARG B 30 -42.97 -11.07 -5.96
C ARG B 30 -41.50 -10.72 -6.03
N VAL B 31 -40.65 -11.74 -5.96
CA VAL B 31 -39.22 -11.53 -6.04
C VAL B 31 -38.81 -11.34 -7.49
N LEU B 32 -38.29 -10.16 -7.81
CA LEU B 32 -37.85 -9.85 -9.16
C LEU B 32 -36.51 -10.52 -9.47
N SER B 33 -35.61 -10.52 -8.49
CA SER B 33 -34.31 -11.14 -8.68
C SER B 33 -33.69 -11.50 -7.34
N ILE B 34 -32.81 -12.48 -7.36
CA ILE B 34 -32.11 -12.93 -6.16
C ILE B 34 -30.69 -13.35 -6.56
N GLY B 35 -29.73 -12.56 -6.11
CA GLY B 35 -28.35 -12.81 -6.40
C GLY B 35 -27.59 -11.65 -5.77
N ASP B 36 -26.33 -11.88 -5.41
CA ASP B 36 -25.50 -10.86 -4.79
C ASP B 36 -25.77 -10.74 -3.29
N GLY B 37 -26.79 -11.45 -2.81
CA GLY B 37 -27.11 -11.42 -1.39
C GLY B 37 -28.29 -10.54 -0.99
N ILE B 38 -28.79 -9.79 -1.98
CA ILE B 38 -29.92 -8.90 -1.78
C ILE B 38 -31.04 -9.33 -2.72
N ALA B 39 -32.24 -9.47 -2.18
CA ALA B 39 -33.39 -9.88 -2.97
C ALA B 39 -34.24 -8.69 -3.37
N ARG B 40 -34.42 -8.50 -4.68
CA ARG B 40 -35.22 -7.40 -5.21
C ARG B 40 -36.69 -7.82 -5.26
N VAL B 41 -37.52 -7.17 -4.44
CA VAL B 41 -38.94 -7.49 -4.39
C VAL B 41 -39.81 -6.47 -5.13
N HIS B 42 -40.81 -6.96 -5.86
CA HIS B 42 -41.74 -6.10 -6.57
C HIS B 42 -43.00 -5.97 -5.70
N GLY B 43 -43.51 -4.76 -5.56
CA GLY B 43 -44.70 -4.56 -4.74
C GLY B 43 -44.37 -4.06 -3.34
N LEU B 44 -45.06 -4.61 -2.34
CA LEU B 44 -44.85 -4.22 -0.94
C LEU B 44 -44.98 -2.69 -0.79
N ARG B 45 -45.88 -2.12 -1.57
CA ARG B 45 -46.09 -0.69 -1.56
C ARG B 45 -46.23 -0.09 -0.18
N ASN B 46 -46.58 -0.91 0.80
CA ASN B 46 -46.77 -0.40 2.15
C ASN B 46 -45.70 -0.72 3.16
N VAL B 47 -44.65 -1.46 2.76
CA VAL B 47 -43.57 -1.80 3.71
C VAL B 47 -42.86 -0.60 4.34
N GLN B 48 -42.32 -0.82 5.53
CA GLN B 48 -41.58 0.20 6.25
C GLN B 48 -40.09 -0.11 6.08
N ALA B 49 -39.26 0.91 6.00
CA ALA B 49 -37.85 0.67 5.88
C ALA B 49 -37.48 -0.07 7.16
N GLU B 50 -36.62 -1.06 7.03
CA GLU B 50 -36.16 -1.84 8.16
C GLU B 50 -37.29 -2.72 8.70
N GLU B 51 -38.21 -3.11 7.82
CA GLU B 51 -39.32 -3.95 8.23
C GLU B 51 -39.03 -5.41 7.92
N MET B 52 -39.42 -6.30 8.83
CA MET B 52 -39.23 -7.73 8.65
C MET B 52 -40.24 -8.18 7.60
N VAL B 53 -39.86 -9.07 6.70
CA VAL B 53 -40.77 -9.57 5.67
C VAL B 53 -40.60 -11.07 5.66
N GLU B 54 -41.57 -11.80 5.12
CA GLU B 54 -41.48 -13.26 5.07
C GLU B 54 -41.60 -13.79 3.65
N PHE B 55 -40.72 -14.73 3.31
CA PHE B 55 -40.75 -15.33 1.99
C PHE B 55 -41.63 -16.57 1.97
N SER B 56 -41.58 -17.32 0.88
CA SER B 56 -42.38 -18.53 0.77
C SER B 56 -41.76 -19.58 1.69
N SER B 57 -40.50 -19.89 1.42
CA SER B 57 -39.71 -20.87 2.16
C SER B 57 -39.65 -20.69 3.68
N GLY B 58 -40.38 -19.70 4.20
CA GLY B 58 -40.39 -19.46 5.63
C GLY B 58 -39.28 -18.55 6.11
N LEU B 59 -38.28 -18.38 5.27
CA LEU B 59 -37.13 -17.55 5.57
C LEU B 59 -37.56 -16.10 5.76
N LYS B 60 -36.84 -15.35 6.59
CA LYS B 60 -37.18 -13.95 6.84
C LYS B 60 -36.14 -12.94 6.37
N GLY B 61 -36.62 -11.74 6.05
CA GLY B 61 -35.74 -10.67 5.61
C GLY B 61 -36.06 -9.31 6.21
N MET B 62 -35.36 -8.30 5.72
CA MET B 62 -35.55 -6.93 6.20
C MET B 62 -35.59 -5.99 5.01
N SER B 63 -36.47 -5.00 5.07
CA SER B 63 -36.56 -4.01 4.00
C SER B 63 -35.42 -3.05 4.22
N LEU B 64 -34.47 -3.02 3.30
CA LEU B 64 -33.33 -2.14 3.44
C LEU B 64 -33.43 -0.92 2.55
N ASN B 65 -33.66 -1.17 1.26
CA ASN B 65 -33.75 -0.11 0.26
C ASN B 65 -35.16 0.01 -0.34
N LEU B 66 -35.82 1.14 -0.10
CA LEU B 66 -37.13 1.32 -0.69
C LEU B 66 -36.88 2.16 -1.91
N GLU B 67 -37.22 1.64 -3.07
CA GLU B 67 -37.01 2.38 -4.31
C GLU B 67 -38.33 2.52 -5.06
N PRO B 68 -38.35 3.41 -6.05
CA PRO B 68 -39.56 3.63 -6.83
C PRO B 68 -40.21 2.36 -7.40
N ASP B 69 -39.40 1.47 -7.96
CA ASP B 69 -39.96 0.27 -8.57
C ASP B 69 -39.63 -1.05 -7.88
N ASN B 70 -39.06 -1.03 -6.68
CA ASN B 70 -38.76 -2.29 -6.01
C ASN B 70 -38.33 -2.06 -4.59
N VAL B 71 -38.03 -3.15 -3.91
CA VAL B 71 -37.57 -3.08 -2.54
C VAL B 71 -36.42 -4.04 -2.36
N GLY B 72 -35.32 -3.53 -1.82
CA GLY B 72 -34.16 -4.36 -1.57
C GLY B 72 -34.34 -4.98 -0.19
N VAL B 73 -34.25 -6.30 -0.13
CA VAL B 73 -34.40 -7.00 1.13
C VAL B 73 -33.16 -7.77 1.56
N VAL B 74 -32.64 -7.42 2.72
CA VAL B 74 -31.49 -8.14 3.24
C VAL B 74 -32.12 -9.44 3.66
N VAL B 75 -31.50 -10.55 3.33
CA VAL B 75 -32.08 -11.84 3.69
C VAL B 75 -31.36 -12.47 4.86
N PHE B 76 -32.10 -12.66 5.95
CA PHE B 76 -31.56 -13.25 7.18
C PHE B 76 -31.49 -14.76 7.09
N GLY B 77 -30.56 -15.24 6.27
CA GLY B 77 -30.39 -16.66 6.09
C GLY B 77 -29.94 -16.99 4.67
N ASN B 78 -29.94 -18.28 4.35
CA ASN B 78 -29.52 -18.72 3.04
C ASN B 78 -30.44 -18.18 1.94
N ASP B 79 -29.93 -17.21 1.18
CA ASP B 79 -30.71 -16.58 0.12
C ASP B 79 -30.74 -17.40 -1.17
N LYS B 80 -30.13 -18.59 -1.15
CA LYS B 80 -30.13 -19.43 -2.33
C LYS B 80 -31.47 -20.11 -2.39
N LEU B 81 -32.21 -20.03 -1.29
CA LEU B 81 -33.53 -20.66 -1.19
C LEU B 81 -34.62 -19.78 -1.74
N ILE B 82 -34.27 -18.59 -2.21
CA ILE B 82 -35.24 -17.65 -2.77
C ILE B 82 -35.16 -17.62 -4.29
N LYS B 83 -36.30 -17.73 -4.96
CA LYS B 83 -36.31 -17.74 -6.42
C LYS B 83 -37.25 -16.70 -7.01
N GLU B 84 -36.93 -16.21 -8.20
CA GLU B 84 -37.75 -15.20 -8.86
C GLU B 84 -39.20 -15.63 -8.90
N GLY B 85 -40.10 -14.74 -8.48
CA GLY B 85 -41.51 -15.04 -8.48
C GLY B 85 -42.08 -15.28 -7.09
N ASP B 86 -41.23 -15.73 -6.18
CA ASP B 86 -41.63 -16.00 -4.80
C ASP B 86 -42.43 -14.88 -4.20
N ILE B 87 -43.46 -15.25 -3.44
CA ILE B 87 -44.32 -14.30 -2.78
C ILE B 87 -43.59 -13.78 -1.56
N VAL B 88 -43.77 -12.49 -1.28
CA VAL B 88 -43.16 -11.83 -0.14
C VAL B 88 -44.29 -11.15 0.64
N LYS B 89 -44.27 -11.28 1.96
CA LYS B 89 -45.32 -10.69 2.79
C LYS B 89 -44.78 -9.82 3.91
N ARG B 90 -45.52 -8.75 4.21
CA ARG B 90 -45.15 -7.83 5.28
C ARG B 90 -45.53 -8.42 6.61
N THR B 91 -44.71 -8.20 7.63
CA THR B 91 -45.04 -8.67 8.97
C THR B 91 -45.55 -7.40 9.60
N GLY B 92 -45.42 -6.30 8.86
CA GLY B 92 -45.85 -4.99 9.33
C GLY B 92 -45.01 -4.48 10.47
N ALA B 93 -43.91 -5.17 10.76
CA ALA B 93 -43.06 -4.75 11.85
C ALA B 93 -41.56 -4.53 11.53
N ILE B 94 -41.01 -3.52 12.19
CA ILE B 94 -39.61 -3.17 12.09
C ILE B 94 -38.91 -4.30 12.81
N VAL B 95 -37.88 -4.85 12.20
CA VAL B 95 -37.15 -5.97 12.79
C VAL B 95 -36.99 -5.90 14.31
N ASP B 96 -37.45 -6.95 14.98
CA ASP B 96 -37.34 -7.03 16.44
C ASP B 96 -37.08 -8.49 16.80
N VAL B 97 -36.86 -8.75 18.08
CA VAL B 97 -36.60 -10.12 18.54
C VAL B 97 -37.23 -10.37 19.90
N PRO B 98 -37.46 -11.65 20.23
CA PRO B 98 -38.04 -12.07 21.50
C PRO B 98 -37.11 -11.54 22.58
N VAL B 99 -37.65 -11.28 23.76
CA VAL B 99 -36.87 -10.75 24.86
C VAL B 99 -37.41 -11.27 26.19
N GLY B 100 -36.57 -11.35 27.22
CA GLY B 100 -37.09 -11.81 28.50
C GLY B 100 -36.28 -12.80 29.32
N GLU B 101 -36.70 -13.01 30.57
CA GLU B 101 -36.01 -13.95 31.45
C GLU B 101 -36.12 -15.38 30.93
N GLU B 102 -37.20 -15.67 30.22
CA GLU B 102 -37.36 -17.01 29.68
C GLU B 102 -36.27 -17.40 28.69
N LEU B 103 -35.45 -16.45 28.28
CA LEU B 103 -34.35 -16.75 27.34
C LEU B 103 -33.12 -17.27 28.06
N LEU B 104 -33.07 -17.08 29.38
CA LEU B 104 -31.94 -17.55 30.17
C LEU B 104 -31.76 -19.05 29.98
N GLY B 105 -30.51 -19.51 30.07
CA GLY B 105 -30.21 -20.92 29.89
C GLY B 105 -30.54 -21.44 28.50
N ARG B 106 -30.78 -20.54 27.56
CA ARG B 106 -31.11 -20.97 26.21
C ARG B 106 -30.08 -20.59 25.17
N VAL B 107 -30.16 -21.24 24.01
CA VAL B 107 -29.26 -20.97 22.90
C VAL B 107 -30.14 -20.71 21.69
N VAL B 108 -29.99 -19.52 21.12
CA VAL B 108 -30.80 -19.14 19.97
C VAL B 108 -29.95 -18.53 18.86
N ASP B 109 -30.54 -18.38 17.69
CA ASP B 109 -29.82 -17.77 16.59
C ASP B 109 -30.11 -16.27 16.58
N ALA B 110 -29.44 -15.54 15.69
CA ALA B 110 -29.59 -14.10 15.60
C ALA B 110 -31.04 -13.62 15.66
N LEU B 111 -31.93 -14.37 15.05
CA LEU B 111 -33.35 -14.01 15.03
C LEU B 111 -34.09 -14.35 16.33
N GLY B 112 -33.42 -14.99 17.27
CA GLY B 112 -34.10 -15.35 18.51
C GLY B 112 -34.68 -16.76 18.50
N ASN B 113 -34.55 -17.49 17.40
CA ASN B 113 -35.07 -18.87 17.33
C ASN B 113 -34.17 -19.79 18.15
N ALA B 114 -34.76 -20.48 19.12
CA ALA B 114 -33.99 -21.39 19.96
C ALA B 114 -33.32 -22.43 19.06
N ILE B 115 -32.10 -22.81 19.40
CA ILE B 115 -31.39 -23.79 18.60
C ILE B 115 -30.77 -24.90 19.44
N ASP B 116 -31.20 -24.99 20.70
CA ASP B 116 -30.66 -26.02 21.58
C ASP B 116 -31.61 -27.24 21.73
N GLY B 117 -32.47 -27.43 20.75
CA GLY B 117 -33.41 -28.55 20.77
C GLY B 117 -34.43 -28.54 21.90
N LYS B 118 -34.11 -27.85 22.99
CA LYS B 118 -35.00 -27.75 24.15
C LYS B 118 -36.40 -27.16 23.95
N GLY B 119 -36.84 -26.96 22.70
CA GLY B 119 -38.18 -26.43 22.46
C GLY B 119 -38.42 -24.94 22.42
N PRO B 120 -39.67 -24.50 22.19
CA PRO B 120 -40.05 -23.08 22.13
C PRO B 120 -39.57 -22.25 23.30
N ILE B 121 -39.58 -20.92 23.10
CA ILE B 121 -39.15 -19.96 24.10
C ILE B 121 -40.40 -19.39 24.73
N GLY B 122 -40.41 -19.29 26.06
CA GLY B 122 -41.59 -18.74 26.72
C GLY B 122 -41.65 -17.23 26.70
N SER B 123 -41.04 -16.64 25.68
CA SER B 123 -41.00 -15.19 25.53
C SER B 123 -42.38 -14.59 25.32
N LYS B 124 -42.67 -13.53 26.06
CA LYS B 124 -43.97 -12.84 25.97
C LYS B 124 -43.79 -11.35 25.61
N ALA B 125 -42.54 -10.95 25.35
CA ALA B 125 -42.23 -9.57 24.98
C ALA B 125 -41.25 -9.53 23.82
N ARG B 126 -41.27 -8.43 23.08
CA ARG B 126 -40.34 -8.28 21.96
C ARG B 126 -39.69 -6.90 22.00
N ARG B 127 -38.63 -6.72 21.25
CA ARG B 127 -37.94 -5.45 21.27
C ARG B 127 -37.09 -5.31 19.99
N ARG B 128 -37.28 -4.20 19.28
CA ARG B 128 -36.56 -3.92 18.06
C ARG B 128 -35.06 -4.02 18.32
N VAL B 129 -34.32 -4.58 17.38
CA VAL B 129 -32.88 -4.69 17.60
C VAL B 129 -32.16 -3.37 17.36
N GLY B 130 -32.78 -2.45 16.64
CA GLY B 130 -32.16 -1.18 16.38
C GLY B 130 -32.53 -0.03 17.30
N LEU B 131 -33.12 -0.32 18.45
CA LEU B 131 -33.47 0.76 19.39
C LEU B 131 -32.25 1.64 19.60
N LYS B 132 -32.44 2.96 19.64
CA LYS B 132 -31.28 3.83 19.86
C LYS B 132 -30.99 3.83 21.33
N ALA B 133 -29.72 4.01 21.68
CA ALA B 133 -29.25 4.00 23.07
C ALA B 133 -29.70 5.15 23.95
N PRO B 134 -29.61 4.99 25.28
CA PRO B 134 -30.00 6.04 26.22
C PRO B 134 -29.19 7.31 25.97
N GLY B 135 -29.81 8.46 26.17
CA GLY B 135 -29.14 9.71 25.98
C GLY B 135 -28.27 10.10 27.16
N ILE B 136 -27.99 11.38 27.29
CA ILE B 136 -27.15 11.86 28.37
C ILE B 136 -27.81 11.76 29.75
N ILE B 137 -29.01 12.29 29.87
CA ILE B 137 -29.76 12.34 31.12
C ILE B 137 -29.88 11.10 32.02
N PRO B 138 -30.39 9.98 31.49
CA PRO B 138 -30.59 8.71 32.19
C PRO B 138 -29.35 7.94 32.67
N ARG B 139 -28.17 8.52 32.55
CA ARG B 139 -26.95 7.83 32.95
C ARG B 139 -26.29 8.33 34.20
N ILE B 140 -25.31 7.57 34.66
CA ILE B 140 -24.55 7.93 35.84
C ILE B 140 -23.23 7.16 35.72
N SER B 141 -22.13 7.76 36.18
CA SER B 141 -20.83 7.11 36.08
C SER B 141 -20.88 5.70 36.68
N VAL B 142 -20.38 4.71 35.95
CA VAL B 142 -20.37 3.35 36.47
C VAL B 142 -19.86 3.45 37.90
N ARG B 143 -20.30 2.54 38.76
CA ARG B 143 -19.89 2.60 40.16
C ARG B 143 -19.99 1.27 40.89
N GLU B 144 -20.65 0.32 40.26
CA GLU B 144 -20.80 -1.00 40.84
C GLU B 144 -19.77 -1.89 40.17
N PRO B 145 -19.11 -2.75 40.95
CA PRO B 145 -18.07 -3.65 40.42
C PRO B 145 -18.58 -4.65 39.41
N MET B 146 -17.76 -4.92 38.42
CA MET B 146 -18.09 -5.91 37.41
C MET B 146 -16.95 -6.92 37.57
N GLN B 147 -16.95 -7.58 38.74
CA GLN B 147 -15.95 -8.58 39.14
C GLN B 147 -15.79 -9.66 38.09
N THR B 148 -14.62 -9.75 37.49
CA THR B 148 -14.42 -10.77 36.46
C THR B 148 -13.88 -12.02 37.15
N GLY B 149 -13.41 -11.82 38.38
CA GLY B 149 -12.86 -12.94 39.13
C GLY B 149 -11.42 -13.10 38.70
N ILE B 150 -10.99 -12.27 37.77
CA ILE B 150 -9.63 -12.33 37.28
C ILE B 150 -8.74 -11.31 37.97
N LYS B 151 -7.77 -11.81 38.73
CA LYS B 151 -6.83 -10.97 39.46
C LYS B 151 -6.36 -9.80 38.63
N ALA B 152 -5.61 -10.06 37.56
CA ALA B 152 -5.09 -9.00 36.72
C ALA B 152 -6.14 -7.94 36.39
N VAL B 153 -7.28 -8.40 35.88
CA VAL B 153 -8.35 -7.51 35.50
C VAL B 153 -8.94 -6.75 36.68
N ASP B 154 -9.56 -7.46 37.61
CA ASP B 154 -10.20 -6.83 38.76
C ASP B 154 -9.30 -6.01 39.68
N SER B 155 -8.03 -5.87 39.34
CA SER B 155 -7.12 -5.10 40.18
C SER B 155 -6.41 -4.00 39.40
N LEU B 156 -5.94 -4.32 38.20
CA LEU B 156 -5.23 -3.35 37.38
C LEU B 156 -6.08 -2.69 36.31
N VAL B 157 -7.17 -3.35 35.89
CA VAL B 157 -8.07 -2.82 34.88
C VAL B 157 -9.52 -3.03 35.31
N PRO B 158 -9.89 -2.55 36.51
CA PRO B 158 -11.23 -2.67 37.10
C PRO B 158 -12.44 -2.18 36.28
N ILE B 159 -13.29 -3.11 35.88
CA ILE B 159 -14.49 -2.80 35.12
C ILE B 159 -15.65 -2.40 36.04
N GLY B 160 -16.50 -1.52 35.54
CA GLY B 160 -17.65 -1.08 36.29
C GLY B 160 -18.91 -1.52 35.56
N ARG B 161 -19.98 -1.77 36.30
CA ARG B 161 -21.22 -2.18 35.66
C ARG B 161 -21.69 -1.01 34.82
N GLY B 162 -21.96 -1.27 33.55
CA GLY B 162 -22.42 -0.23 32.66
C GLY B 162 -21.35 0.28 31.70
N GLN B 163 -20.11 -0.14 31.95
CA GLN B 163 -18.99 0.29 31.11
C GLN B 163 -18.73 -0.68 29.96
N ARG B 164 -17.94 -0.22 28.99
CA ARG B 164 -17.57 -1.06 27.87
C ARG B 164 -16.07 -1.19 27.93
N GLU B 165 -15.60 -2.43 27.96
CA GLU B 165 -14.17 -2.69 27.99
C GLU B 165 -13.79 -3.60 26.85
N LEU B 166 -13.16 -3.04 25.83
CA LEU B 166 -12.74 -3.84 24.71
C LEU B 166 -11.72 -4.88 25.17
N ILE B 167 -11.83 -6.07 24.59
CA ILE B 167 -10.90 -7.17 24.86
C ILE B 167 -10.27 -7.36 23.50
N ILE B 168 -9.03 -6.95 23.37
CA ILE B 168 -8.35 -7.01 22.09
C ILE B 168 -7.03 -7.73 22.20
N GLY B 169 -6.69 -8.44 21.13
CA GLY B 169 -5.45 -9.20 21.11
C GLY B 169 -5.47 -10.09 19.90
N ASP B 170 -4.37 -10.82 19.66
CA ASP B 170 -4.27 -11.69 18.50
C ASP B 170 -5.01 -13.01 18.69
N ARG B 171 -5.13 -13.79 17.61
CA ARG B 171 -5.80 -15.08 17.69
C ARG B 171 -5.08 -15.94 18.72
N GLN B 172 -5.84 -16.73 19.47
CA GLN B 172 -5.24 -17.61 20.46
C GLN B 172 -4.41 -16.90 21.51
N THR B 173 -4.93 -15.80 22.05
CA THR B 173 -4.23 -15.04 23.07
C THR B 173 -4.92 -15.20 24.44
N GLY B 174 -6.17 -15.65 24.41
CA GLY B 174 -6.89 -15.84 25.65
C GLY B 174 -8.09 -14.93 25.80
N LYS B 175 -8.40 -14.20 24.74
CA LYS B 175 -9.53 -13.28 24.72
C LYS B 175 -10.76 -13.93 25.31
N THR B 176 -11.28 -14.94 24.60
CA THR B 176 -12.48 -15.67 25.02
C THR B 176 -12.48 -16.09 26.48
N SER B 177 -11.32 -16.34 27.07
CA SER B 177 -11.28 -16.70 28.48
C SER B 177 -11.71 -15.50 29.32
N ILE B 178 -10.99 -14.39 29.19
CA ILE B 178 -11.27 -13.18 29.94
C ILE B 178 -12.78 -13.08 30.14
N ALA B 179 -13.51 -13.43 29.09
CA ALA B 179 -14.97 -13.40 29.09
C ALA B 179 -15.60 -14.59 29.82
N ILE B 180 -15.25 -15.81 29.40
CA ILE B 180 -15.82 -16.98 30.07
C ILE B 180 -15.59 -16.99 31.56
N ASP B 181 -14.36 -16.73 31.99
CA ASP B 181 -14.09 -16.72 33.42
C ASP B 181 -15.01 -15.67 34.06
N THR B 182 -15.26 -14.59 33.33
CA THR B 182 -16.11 -13.53 33.84
C THR B 182 -17.54 -14.03 34.09
N ILE B 183 -18.16 -14.64 33.08
CA ILE B 183 -19.52 -15.18 33.22
C ILE B 183 -19.56 -16.18 34.37
N ILE B 184 -18.65 -17.15 34.31
CA ILE B 184 -18.56 -18.17 35.34
C ILE B 184 -18.37 -17.55 36.73
N ASN B 185 -17.77 -16.37 36.80
CA ASN B 185 -17.57 -15.72 38.08
C ASN B 185 -18.88 -15.29 38.73
N GLN B 186 -19.75 -14.70 37.93
CA GLN B 186 -21.04 -14.20 38.43
C GLN B 186 -21.85 -15.16 39.30
N LYS B 187 -21.79 -16.46 38.98
CA LYS B 187 -22.52 -17.48 39.71
C LYS B 187 -22.55 -17.25 41.22
N ARG B 188 -21.41 -16.93 41.81
CA ARG B 188 -21.33 -16.68 43.23
C ARG B 188 -22.24 -15.54 43.67
N PHE B 189 -22.73 -14.79 42.70
CA PHE B 189 -23.60 -13.66 43.01
C PHE B 189 -25.06 -13.97 42.75
N ASN B 190 -25.32 -14.57 41.59
CA ASN B 190 -26.68 -14.91 41.20
C ASN B 190 -27.33 -15.93 42.12
N ASP B 191 -26.52 -16.76 42.78
CA ASP B 191 -27.07 -17.74 43.70
C ASP B 191 -27.22 -17.09 45.05
N GLY B 192 -27.51 -15.79 45.01
CA GLY B 192 -27.70 -15.01 46.20
C GLY B 192 -29.17 -14.67 46.33
N THR B 193 -29.47 -13.64 47.10
CA THR B 193 -30.86 -13.24 47.32
C THR B 193 -31.11 -11.85 46.74
N ASP B 194 -30.09 -11.00 46.85
CA ASP B 194 -30.12 -9.60 46.40
C ASP B 194 -29.97 -9.40 44.89
N GLU B 195 -31.10 -9.19 44.21
CA GLU B 195 -31.12 -8.99 42.76
C GLU B 195 -30.22 -7.86 42.25
N LYS B 196 -29.85 -6.94 43.14
CA LYS B 196 -29.02 -5.79 42.77
C LYS B 196 -27.53 -6.11 42.63
N LYS B 197 -27.14 -7.35 42.90
CA LYS B 197 -25.73 -7.77 42.79
C LYS B 197 -25.56 -8.90 41.80
N LYS B 198 -26.67 -9.45 41.32
CA LYS B 198 -26.63 -10.52 40.35
C LYS B 198 -26.24 -9.96 38.99
N LEU B 199 -25.83 -10.83 38.08
CA LEU B 199 -25.46 -10.35 36.77
C LEU B 199 -25.84 -11.31 35.66
N TYR B 200 -27.00 -11.10 35.06
CA TYR B 200 -27.41 -11.97 33.97
C TYR B 200 -26.37 -11.77 32.88
N CYS B 201 -26.06 -12.83 32.15
CA CYS B 201 -25.05 -12.72 31.12
C CYS B 201 -25.55 -13.05 29.74
N ILE B 202 -24.90 -12.46 28.73
CA ILE B 202 -25.26 -12.70 27.35
C ILE B 202 -24.03 -12.87 26.51
N TYR B 203 -23.87 -14.04 25.92
CA TYR B 203 -22.70 -14.30 25.10
C TYR B 203 -23.11 -14.45 23.65
N VAL B 204 -22.69 -13.49 22.83
CA VAL B 204 -23.00 -13.54 21.42
C VAL B 204 -21.84 -14.19 20.72
N ALA B 205 -22.13 -15.09 19.79
CA ALA B 205 -21.07 -15.77 19.05
C ALA B 205 -21.12 -15.35 17.59
N ILE B 206 -20.16 -14.53 17.18
CA ILE B 206 -20.17 -14.06 15.81
C ILE B 206 -19.02 -14.62 14.99
N GLY B 207 -19.36 -15.31 13.92
CA GLY B 207 -18.34 -15.86 13.03
C GLY B 207 -17.53 -17.03 13.53
N GLN B 208 -17.71 -17.44 14.78
CA GLN B 208 -16.95 -18.58 15.31
C GLN B 208 -17.50 -19.89 14.74
N LYS B 209 -16.87 -20.99 15.12
CA LYS B 209 -17.28 -22.32 14.68
C LYS B 209 -18.32 -22.89 15.65
N ARG B 210 -19.37 -23.54 15.12
CA ARG B 210 -20.40 -24.11 15.97
C ARG B 210 -19.82 -24.93 17.10
N SER B 211 -18.87 -25.81 16.77
CA SER B 211 -18.23 -26.65 17.75
C SER B 211 -17.76 -25.84 18.96
N THR B 212 -17.10 -24.71 18.74
CA THR B 212 -16.60 -23.90 19.84
C THR B 212 -17.75 -23.44 20.72
N VAL B 213 -18.85 -23.06 20.08
CA VAL B 213 -20.02 -22.61 20.82
C VAL B 213 -20.49 -23.82 21.59
N ALA B 214 -20.70 -24.90 20.85
CA ALA B 214 -21.13 -26.14 21.45
C ALA B 214 -20.26 -26.40 22.68
N GLN B 215 -18.94 -26.36 22.49
CA GLN B 215 -17.99 -26.58 23.57
C GLN B 215 -18.10 -25.52 24.65
N LEU B 216 -18.60 -24.34 24.27
CA LEU B 216 -18.72 -23.21 25.18
C LEU B 216 -19.88 -23.30 26.14
N VAL B 217 -21.08 -23.58 25.63
CA VAL B 217 -22.21 -23.68 26.52
C VAL B 217 -22.02 -24.92 27.38
N LYS B 218 -21.54 -26.01 26.77
CA LYS B 218 -21.34 -27.25 27.51
C LYS B 218 -20.47 -26.92 28.71
N ARG B 219 -19.45 -26.09 28.49
CA ARG B 219 -18.57 -25.68 29.58
C ARG B 219 -19.42 -24.88 30.56
N LEU B 220 -20.10 -23.85 30.04
CA LEU B 220 -20.94 -23.00 30.87
C LEU B 220 -21.93 -23.81 31.70
N THR B 221 -22.46 -24.87 31.11
CA THR B 221 -23.40 -25.72 31.82
C THR B 221 -22.75 -26.34 33.06
N ASP B 222 -21.57 -26.91 32.85
CA ASP B 222 -20.86 -27.56 33.94
C ASP B 222 -20.57 -26.61 35.10
N ALA B 223 -20.24 -25.37 34.77
CA ALA B 223 -19.95 -24.36 35.78
C ALA B 223 -21.25 -23.87 36.38
N ASP B 224 -22.36 -24.36 35.84
CA ASP B 224 -23.68 -23.97 36.30
C ASP B 224 -23.91 -22.48 36.05
N ALA B 225 -23.44 -22.02 34.87
CA ALA B 225 -23.54 -20.62 34.44
C ALA B 225 -24.67 -20.34 33.45
N MET B 226 -24.94 -21.26 32.53
CA MET B 226 -26.00 -21.08 31.54
C MET B 226 -27.37 -20.64 32.08
N LYS B 227 -27.73 -21.01 33.31
CA LYS B 227 -29.04 -20.63 33.81
C LYS B 227 -29.25 -19.10 33.84
N TYR B 228 -28.18 -18.34 34.00
CA TYR B 228 -28.28 -16.89 34.00
C TYR B 228 -27.54 -16.37 32.79
N THR B 229 -27.58 -17.16 31.72
CA THR B 229 -26.88 -16.80 30.51
C THR B 229 -27.67 -17.03 29.24
N ILE B 230 -27.57 -16.09 28.31
CA ILE B 230 -28.22 -16.23 27.03
C ILE B 230 -27.05 -16.35 26.07
N VAL B 231 -27.24 -17.15 25.03
CA VAL B 231 -26.19 -17.34 24.04
C VAL B 231 -26.76 -17.18 22.65
N VAL B 232 -26.47 -16.03 22.04
CA VAL B 232 -26.96 -15.76 20.69
C VAL B 232 -25.84 -16.18 19.78
N SER B 233 -26.16 -17.04 18.83
CA SER B 233 -25.16 -17.57 17.93
C SER B 233 -25.42 -17.32 16.45
N ALA B 234 -24.37 -16.87 15.76
CA ALA B 234 -24.39 -16.60 14.34
C ALA B 234 -23.00 -17.00 13.87
N THR B 235 -22.83 -18.29 13.67
CA THR B 235 -21.55 -18.87 13.26
C THR B 235 -21.11 -18.76 11.79
N ALA B 236 -19.85 -19.13 11.55
CA ALA B 236 -19.23 -19.10 10.24
C ALA B 236 -20.07 -19.70 9.10
N SER B 237 -21.08 -20.47 9.45
CA SER B 237 -21.92 -21.08 8.42
C SER B 237 -23.09 -20.17 8.06
N ASP B 238 -23.46 -19.31 9.01
CA ASP B 238 -24.58 -18.39 8.82
C ASP B 238 -24.29 -17.26 7.85
N ALA B 239 -25.29 -16.95 7.04
CA ALA B 239 -25.18 -15.88 6.07
C ALA B 239 -24.71 -14.63 6.80
N ALA B 240 -23.98 -13.80 6.06
CA ALA B 240 -23.42 -12.56 6.58
C ALA B 240 -24.40 -11.76 7.43
N PRO B 241 -25.57 -11.38 6.85
CA PRO B 241 -26.58 -10.60 7.59
C PRO B 241 -26.86 -11.15 8.97
N LEU B 242 -26.95 -12.47 9.06
CA LEU B 242 -27.23 -13.06 10.36
C LEU B 242 -26.15 -12.63 11.33
N GLN B 243 -24.90 -12.77 10.93
CA GLN B 243 -23.79 -12.40 11.77
C GLN B 243 -23.80 -10.89 11.99
N TYR B 244 -24.13 -10.18 10.92
CA TYR B 244 -24.25 -8.73 10.95
C TYR B 244 -25.20 -8.32 12.06
N LEU B 245 -26.31 -9.04 12.14
CA LEU B 245 -27.39 -8.81 13.09
C LEU B 245 -27.16 -9.25 14.53
N ALA B 246 -26.80 -10.51 14.72
CA ALA B 246 -26.59 -11.10 16.04
C ALA B 246 -26.29 -10.16 17.21
N PRO B 247 -25.17 -9.43 17.14
CA PRO B 247 -24.82 -8.51 18.23
C PRO B 247 -25.98 -7.62 18.66
N TYR B 248 -26.71 -7.10 17.67
CA TYR B 248 -27.81 -6.22 17.99
C TYR B 248 -28.90 -6.93 18.78
N SER B 249 -29.29 -8.12 18.33
CA SER B 249 -30.32 -8.88 19.02
C SER B 249 -29.92 -9.18 20.46
N GLY B 250 -28.70 -9.68 20.64
CA GLY B 250 -28.23 -9.94 21.98
C GLY B 250 -28.27 -8.67 22.83
N CYS B 251 -28.12 -7.51 22.20
CA CYS B 251 -28.14 -6.26 22.95
C CYS B 251 -29.55 -5.97 23.47
N SER B 252 -30.55 -6.06 22.60
CA SER B 252 -31.91 -5.83 23.01
C SER B 252 -32.24 -6.70 24.23
N MET B 253 -31.85 -7.97 24.17
CA MET B 253 -32.07 -8.89 25.28
C MET B 253 -31.37 -8.34 26.52
N GLY B 254 -30.16 -7.85 26.32
CA GLY B 254 -29.45 -7.29 27.45
C GLY B 254 -30.16 -6.06 27.95
N GLU B 255 -30.66 -5.24 27.02
CA GLU B 255 -31.36 -4.00 27.40
C GLU B 255 -32.58 -4.29 28.26
N TYR B 256 -33.18 -5.46 28.08
CA TYR B 256 -34.35 -5.84 28.88
C TYR B 256 -33.99 -5.70 30.34
N PHE B 257 -32.95 -6.40 30.75
CA PHE B 257 -32.54 -6.34 32.15
C PHE B 257 -32.10 -4.94 32.53
N ARG B 258 -31.35 -4.28 31.64
CA ARG B 258 -30.88 -2.94 31.93
C ARG B 258 -32.04 -2.06 32.36
N ASP B 259 -32.94 -1.82 31.42
CA ASP B 259 -34.07 -0.95 31.67
C ASP B 259 -35.12 -1.36 32.69
N ASN B 260 -35.05 -2.59 33.18
CA ASN B 260 -36.01 -3.05 34.19
C ASN B 260 -35.33 -3.22 35.53
N GLY B 261 -34.30 -2.43 35.78
CA GLY B 261 -33.61 -2.49 37.05
C GLY B 261 -32.58 -3.58 37.26
N LYS B 262 -32.49 -4.52 36.33
CA LYS B 262 -31.52 -5.62 36.43
C LYS B 262 -30.19 -5.25 35.74
N HIS B 263 -29.15 -6.03 36.02
CA HIS B 263 -27.83 -5.82 35.44
C HIS B 263 -27.43 -6.95 34.49
N ALA B 264 -26.95 -6.59 33.31
CA ALA B 264 -26.54 -7.61 32.37
C ALA B 264 -25.12 -7.33 31.90
N LEU B 265 -24.53 -8.34 31.29
CA LEU B 265 -23.17 -8.29 30.75
C LEU B 265 -23.19 -9.01 29.43
N ILE B 266 -23.07 -8.27 28.34
CA ILE B 266 -23.08 -8.88 27.04
C ILE B 266 -21.68 -8.97 26.45
N ILE B 267 -21.37 -10.11 25.87
CA ILE B 267 -20.07 -10.32 25.28
C ILE B 267 -20.21 -10.57 23.80
N TYR B 268 -19.74 -9.63 23.00
CA TYR B 268 -19.79 -9.78 21.55
C TYR B 268 -18.44 -10.41 21.25
N ASP B 269 -18.39 -11.73 21.21
CA ASP B 269 -17.11 -12.37 20.97
C ASP B 269 -16.64 -11.99 19.61
N ASP B 270 -15.81 -10.97 19.63
CA ASP B 270 -15.24 -10.37 18.45
C ASP B 270 -16.22 -9.83 17.39
N LEU B 271 -16.18 -8.51 17.30
CA LEU B 271 -16.94 -7.69 16.38
C LEU B 271 -16.11 -7.64 15.10
N SER B 272 -14.87 -8.05 15.24
CA SER B 272 -13.94 -8.10 14.13
C SER B 272 -14.59 -8.92 13.03
N LYS B 273 -15.29 -9.98 13.42
CA LYS B 273 -15.98 -10.86 12.47
C LYS B 273 -17.34 -10.36 12.02
N GLN B 274 -17.96 -9.52 12.84
CA GLN B 274 -19.24 -8.93 12.49
C GLN B 274 -18.90 -7.83 11.48
N ALA B 275 -17.69 -7.30 11.60
CA ALA B 275 -17.25 -6.26 10.70
C ALA B 275 -16.99 -6.83 9.29
N VAL B 276 -16.24 -7.93 9.19
CA VAL B 276 -15.98 -8.49 7.85
C VAL B 276 -17.28 -9.04 7.27
N ALA B 277 -18.22 -9.37 8.14
CA ALA B 277 -19.51 -9.89 7.69
C ALA B 277 -20.29 -8.74 7.10
N TYR B 278 -20.16 -7.57 7.73
CA TYR B 278 -20.85 -6.39 7.23
C TYR B 278 -20.18 -6.01 5.93
N ARG B 279 -18.85 -6.08 5.92
CA ARG B 279 -18.13 -5.71 4.74
C ARG B 279 -18.62 -6.47 3.50
N GLN B 280 -18.94 -7.74 3.69
CA GLN B 280 -19.44 -8.55 2.59
C GLN B 280 -20.71 -7.93 2.01
N MET B 281 -21.66 -7.55 2.88
CA MET B 281 -22.91 -6.93 2.42
C MET B 281 -22.63 -5.58 1.76
N SER B 282 -21.73 -4.80 2.34
CA SER B 282 -21.39 -3.47 1.82
C SER B 282 -20.80 -3.61 0.43
N LEU B 283 -19.74 -4.42 0.31
CA LEU B 283 -19.11 -4.62 -0.99
C LEU B 283 -20.09 -5.26 -1.96
N LEU B 284 -20.97 -6.10 -1.44
CA LEU B 284 -21.97 -6.74 -2.28
C LEU B 284 -23.05 -5.76 -2.71
N LEU B 285 -23.37 -4.79 -1.86
CA LEU B 285 -24.39 -3.80 -2.20
C LEU B 285 -23.74 -2.68 -3.01
N ARG B 286 -22.47 -2.91 -3.34
CA ARG B 286 -21.65 -1.99 -4.12
C ARG B 286 -21.31 -0.64 -3.47
N ARG B 287 -21.32 -0.59 -2.14
CA ARG B 287 -20.98 0.63 -1.42
C ARG B 287 -19.47 0.80 -1.56
N PRO B 288 -19.03 2.02 -1.95
CA PRO B 288 -17.60 2.34 -2.15
C PRO B 288 -16.64 1.91 -1.04
N PRO B 289 -15.66 1.06 -1.39
CA PRO B 289 -14.65 0.56 -0.45
C PRO B 289 -13.75 1.66 0.09
N GLY B 290 -13.43 1.58 1.37
CA GLY B 290 -12.54 2.56 1.96
C GLY B 290 -11.27 1.94 2.50
N ARG B 291 -10.94 2.31 3.74
CA ARG B 291 -9.75 1.78 4.40
C ARG B 291 -9.90 0.26 4.59
N GLU B 292 -8.95 -0.52 4.06
CA GLU B 292 -9.01 -1.97 4.17
C GLU B 292 -10.30 -2.53 3.57
N ALA B 293 -10.78 -1.84 2.53
CA ALA B 293 -12.00 -2.19 1.81
C ALA B 293 -13.32 -2.07 2.58
N TYR B 294 -13.26 -1.77 3.87
CA TYR B 294 -14.49 -1.63 4.65
C TYR B 294 -15.30 -0.42 4.21
N PRO B 295 -16.60 -0.42 4.51
CA PRO B 295 -17.48 0.70 4.14
C PRO B 295 -17.21 1.88 5.07
N GLY B 296 -17.80 3.04 4.80
CA GLY B 296 -17.58 4.19 5.66
C GLY B 296 -18.26 4.05 7.01
N ASP B 297 -19.28 3.20 7.05
CA ASP B 297 -20.05 3.02 8.27
C ASP B 297 -19.67 1.90 9.23
N VAL B 298 -18.52 1.25 9.02
CA VAL B 298 -18.08 0.19 9.93
C VAL B 298 -17.87 0.70 11.37
N PHE B 299 -17.79 2.02 11.49
CA PHE B 299 -17.62 2.65 12.77
C PHE B 299 -18.99 2.82 13.42
N TYR B 300 -19.96 3.35 12.65
CA TYR B 300 -21.31 3.56 13.16
C TYR B 300 -21.83 2.21 13.61
N LEU B 301 -21.56 1.19 12.79
CA LEU B 301 -21.94 -0.19 13.07
C LEU B 301 -21.60 -0.54 14.51
N HIS B 302 -20.36 -0.26 14.92
CA HIS B 302 -19.93 -0.56 16.28
C HIS B 302 -20.25 0.48 17.35
N SER B 303 -20.36 1.74 16.95
CA SER B 303 -20.64 2.80 17.92
C SER B 303 -22.10 2.81 18.37
N ARG B 304 -23.01 2.49 17.46
CA ARG B 304 -24.41 2.51 17.85
C ARG B 304 -24.68 1.32 18.75
N LEU B 305 -24.15 0.17 18.39
CA LEU B 305 -24.33 -1.05 19.17
C LEU B 305 -23.82 -0.88 20.57
N LEU B 306 -22.57 -0.44 20.67
CA LEU B 306 -21.94 -0.28 21.97
C LEU B 306 -22.42 0.88 22.81
N GLU B 307 -23.08 1.85 22.20
CA GLU B 307 -23.56 2.98 22.97
C GLU B 307 -24.74 2.52 23.83
N ARG B 308 -25.32 1.39 23.42
CA ARG B 308 -26.47 0.83 24.11
C ARG B 308 -26.10 0.18 25.43
N ALA B 309 -24.82 -0.02 25.65
CA ALA B 309 -24.37 -0.60 26.91
C ALA B 309 -24.26 0.63 27.81
N ALA B 310 -24.83 0.57 29.01
CA ALA B 310 -24.77 1.73 29.88
C ALA B 310 -25.16 1.50 31.33
N LYS B 311 -24.88 2.49 32.16
CA LYS B 311 -25.24 2.46 33.58
C LYS B 311 -26.34 3.50 33.84
N MET B 312 -27.57 3.02 34.07
CA MET B 312 -28.72 3.91 34.32
C MET B 312 -28.66 4.40 35.74
N ASN B 313 -29.10 5.65 35.94
CA ASN B 313 -29.12 6.22 37.28
C ASN B 313 -30.45 5.82 37.95
N ASP B 314 -30.59 6.07 39.24
CA ASP B 314 -31.80 5.68 39.95
C ASP B 314 -33.15 6.12 39.33
N ALA B 315 -33.25 7.33 38.80
CA ALA B 315 -34.51 7.76 38.19
C ALA B 315 -34.89 7.01 36.91
N PHE B 316 -34.09 6.03 36.51
CA PHE B 316 -34.42 5.26 35.32
C PHE B 316 -34.33 3.77 35.56
N GLY B 317 -34.29 3.37 36.84
CA GLY B 317 -34.23 1.97 37.19
C GLY B 317 -32.96 1.55 37.90
N GLY B 318 -31.88 2.28 37.62
CA GLY B 318 -30.59 1.99 38.22
C GLY B 318 -29.90 0.75 37.67
N GLY B 319 -30.51 0.07 36.71
CA GLY B 319 -29.89 -1.13 36.16
C GLY B 319 -28.70 -0.80 35.28
N SER B 320 -28.32 -1.71 34.40
CA SER B 320 -27.18 -1.45 33.53
C SER B 320 -26.88 -2.55 32.53
N LEU B 321 -26.01 -2.22 31.59
CA LEU B 321 -25.58 -3.18 30.58
C LEU B 321 -24.09 -2.98 30.32
N THR B 322 -23.28 -3.95 30.75
CA THR B 322 -21.84 -3.91 30.55
C THR B 322 -21.48 -4.74 29.32
N ALA B 323 -20.68 -4.17 28.43
CA ALA B 323 -20.29 -4.89 27.23
C ALA B 323 -18.80 -5.07 27.10
N LEU B 324 -18.39 -6.32 27.03
CA LEU B 324 -16.99 -6.65 26.84
C LEU B 324 -16.87 -7.12 25.41
N PRO B 325 -16.67 -6.20 24.45
CA PRO B 325 -16.53 -6.63 23.06
C PRO B 325 -15.13 -7.22 22.85
N VAL B 326 -14.96 -8.04 21.81
CA VAL B 326 -13.66 -8.65 21.54
C VAL B 326 -13.17 -8.23 20.15
N ILE B 327 -11.91 -7.84 20.03
CA ILE B 327 -11.38 -7.44 18.72
C ILE B 327 -10.09 -8.20 18.47
N GLU B 328 -10.03 -8.90 17.34
CA GLU B 328 -8.84 -9.65 16.98
C GLU B 328 -7.87 -8.82 16.14
N THR B 329 -6.70 -8.56 16.69
CA THR B 329 -5.70 -7.81 15.98
C THR B 329 -4.85 -8.74 15.11
N GLN B 330 -4.19 -8.16 14.12
CA GLN B 330 -3.33 -8.88 13.21
C GLN B 330 -1.91 -8.56 13.62
N ALA B 331 -1.20 -9.57 14.13
CA ALA B 331 0.17 -9.41 14.58
C ALA B 331 0.33 -8.30 15.64
N GLY B 332 -0.68 -8.14 16.50
CA GLY B 332 -0.63 -7.15 17.56
C GLY B 332 -0.63 -5.70 17.10
N ASP B 333 -1.24 -5.46 15.95
CA ASP B 333 -1.34 -4.14 15.33
C ASP B 333 -2.60 -3.38 15.72
N VAL B 334 -2.63 -2.87 16.95
CA VAL B 334 -3.79 -2.15 17.45
C VAL B 334 -4.07 -0.86 16.69
N SER B 335 -3.20 -0.47 15.78
CA SER B 335 -3.41 0.75 15.01
C SER B 335 -4.25 0.48 13.77
N ALA B 336 -4.53 -0.78 13.52
CA ALA B 336 -5.34 -1.16 12.38
C ALA B 336 -6.70 -0.42 12.46
N TYR B 337 -7.34 -0.29 11.30
CA TYR B 337 -8.62 0.38 11.16
C TYR B 337 -9.63 0.02 12.27
N ILE B 338 -10.27 -1.13 12.13
CA ILE B 338 -11.27 -1.57 13.10
C ILE B 338 -10.79 -1.50 14.54
N PRO B 339 -9.63 -2.10 14.84
CA PRO B 339 -9.13 -2.05 16.21
C PRO B 339 -9.23 -0.65 16.81
N THR B 340 -8.78 0.37 16.07
CA THR B 340 -8.85 1.74 16.61
C THR B 340 -10.25 2.34 16.67
N ASN B 341 -11.19 1.84 15.86
CA ASN B 341 -12.57 2.34 15.90
C ASN B 341 -13.14 1.98 17.25
N VAL B 342 -13.26 0.68 17.47
CA VAL B 342 -13.79 0.15 18.71
C VAL B 342 -13.10 0.77 19.91
N ILE B 343 -11.78 0.91 19.83
CA ILE B 343 -11.02 1.51 20.91
C ILE B 343 -11.56 2.91 21.13
N SER B 344 -11.99 3.55 20.05
CA SER B 344 -12.50 4.91 20.13
C SER B 344 -14.01 4.90 20.40
N ILE B 345 -14.46 3.87 21.08
CA ILE B 345 -15.86 3.69 21.42
C ILE B 345 -15.92 3.16 22.83
N THR B 346 -15.14 2.12 23.08
CA THR B 346 -15.11 1.49 24.40
C THR B 346 -14.46 2.37 25.48
N ASP B 347 -14.59 1.96 26.73
CA ASP B 347 -14.02 2.75 27.82
C ASP B 347 -12.68 2.20 28.30
N GLY B 348 -12.01 1.45 27.44
CA GLY B 348 -10.74 0.89 27.81
C GLY B 348 -10.49 -0.35 26.99
N GLN B 349 -9.24 -0.79 26.99
CA GLN B 349 -8.89 -1.98 26.27
C GLN B 349 -8.10 -2.87 27.22
N ILE B 350 -8.21 -4.17 27.02
CA ILE B 350 -7.46 -5.13 27.79
C ILE B 350 -6.60 -5.72 26.68
N PHE B 351 -5.34 -5.31 26.64
CA PHE B 351 -4.43 -5.82 25.61
C PHE B 351 -3.88 -7.18 25.99
N LEU B 352 -4.02 -8.14 25.10
CA LEU B 352 -3.49 -9.47 25.34
C LEU B 352 -2.33 -9.63 24.37
N GLU B 353 -1.12 -9.69 24.90
CA GLU B 353 0.10 -9.85 24.09
C GLU B 353 0.43 -11.31 23.75
N THR B 354 0.68 -11.57 22.46
CA THR B 354 1.03 -12.91 22.00
C THR B 354 2.31 -13.40 22.64
N GLU B 355 3.30 -12.52 22.74
CA GLU B 355 4.58 -12.87 23.33
C GLU B 355 4.45 -13.24 24.78
N LEU B 356 3.53 -12.61 25.48
CA LEU B 356 3.31 -12.91 26.89
C LEU B 356 2.69 -14.30 27.01
N PHE B 357 1.80 -14.60 26.07
CA PHE B 357 1.10 -15.86 26.04
C PHE B 357 2.02 -17.05 25.84
N TYR B 358 2.70 -17.09 24.71
CA TYR B 358 3.61 -18.19 24.41
C TYR B 358 4.77 -18.22 25.38
N LYS B 359 4.86 -17.21 26.25
CA LYS B 359 5.92 -17.13 27.24
C LYS B 359 5.41 -17.67 28.57
N GLY B 360 4.12 -18.04 28.61
CA GLY B 360 3.55 -18.59 29.83
C GLY B 360 2.74 -17.64 30.70
N ILE B 361 2.81 -16.35 30.41
CA ILE B 361 2.06 -15.38 31.20
C ILE B 361 0.60 -15.45 30.83
N ARG B 362 -0.19 -16.11 31.66
CA ARG B 362 -1.61 -16.23 31.40
C ARG B 362 -2.36 -15.93 32.70
N PRO B 363 -3.33 -14.99 32.66
CA PRO B 363 -3.74 -14.22 31.49
C PRO B 363 -2.67 -13.27 30.99
N ALA B 364 -2.47 -13.28 29.67
CA ALA B 364 -1.46 -12.47 28.99
C ALA B 364 -1.86 -11.00 28.85
N ILE B 365 -2.20 -10.37 29.96
CA ILE B 365 -2.62 -8.97 29.91
C ILE B 365 -1.49 -7.97 29.93
N ASN B 366 -1.25 -7.34 28.80
CA ASN B 366 -0.22 -6.32 28.71
C ASN B 366 -0.76 -5.16 29.53
N VAL B 367 -0.48 -5.15 30.82
CA VAL B 367 -0.95 -4.11 31.72
C VAL B 367 -0.61 -2.68 31.30
N GLY B 368 0.65 -2.43 31.02
CA GLY B 368 1.08 -1.10 30.63
C GLY B 368 0.27 -0.48 29.51
N LEU B 369 -0.32 -1.32 28.64
CA LEU B 369 -1.11 -0.81 27.53
C LEU B 369 -2.61 -0.77 27.81
N SER B 370 -3.11 -1.76 28.54
CA SER B 370 -4.52 -1.84 28.87
C SER B 370 -4.98 -0.66 29.72
N VAL B 371 -6.30 -0.46 29.77
CA VAL B 371 -6.89 0.61 30.58
C VAL B 371 -8.34 0.36 30.98
N SER B 372 -8.81 1.20 31.88
CA SER B 372 -10.18 1.17 32.35
C SER B 372 -10.52 2.63 32.65
N ARG B 373 -10.84 3.35 31.57
CA ARG B 373 -11.18 4.75 31.63
C ARG B 373 -12.29 5.07 32.63
N VAL B 374 -13.01 4.04 33.09
CA VAL B 374 -14.09 4.32 34.02
C VAL B 374 -14.32 3.34 35.17
N GLY B 375 -13.53 2.27 35.21
CA GLY B 375 -13.70 1.27 36.25
C GLY B 375 -13.19 1.59 37.64
N SER B 376 -12.36 2.62 37.82
CA SER B 376 -11.85 2.96 39.16
C SER B 376 -12.94 3.21 40.18
N ALA B 377 -13.73 4.25 39.98
CA ALA B 377 -14.80 4.58 40.91
C ALA B 377 -15.61 3.34 41.24
N ALA B 378 -15.71 2.43 40.25
CA ALA B 378 -16.47 1.20 40.37
C ALA B 378 -15.73 0.10 41.11
N GLN B 379 -14.42 0.25 41.27
CA GLN B 379 -13.63 -0.76 41.96
C GLN B 379 -13.91 -0.71 43.47
N THR B 380 -13.94 -1.89 44.08
CA THR B 380 -14.20 -2.03 45.49
C THR B 380 -13.09 -1.34 46.25
N ARG B 381 -13.41 -0.79 47.41
CA ARG B 381 -12.41 -0.09 48.21
C ARG B 381 -11.34 -1.06 48.68
N ALA B 382 -11.68 -2.36 48.70
CA ALA B 382 -10.75 -3.40 49.12
C ALA B 382 -9.52 -3.40 48.23
N MET B 383 -9.73 -3.64 46.94
CA MET B 383 -8.64 -3.64 45.95
C MET B 383 -7.91 -2.32 46.01
N LYS B 384 -8.63 -1.24 45.71
CA LYS B 384 -8.09 0.12 45.71
C LYS B 384 -6.88 0.21 46.64
N GLN B 385 -7.08 -0.29 47.85
CA GLN B 385 -6.03 -0.29 48.87
C GLN B 385 -4.77 -0.98 48.39
N VAL B 386 -4.84 -2.30 48.24
CA VAL B 386 -3.69 -3.08 47.79
C VAL B 386 -3.33 -2.81 46.33
N ALA B 387 -4.29 -2.99 45.41
CA ALA B 387 -4.05 -2.78 44.00
C ALA B 387 -3.61 -1.37 43.65
N GLY B 388 -3.98 -0.40 44.49
CA GLY B 388 -3.60 0.98 44.24
C GLY B 388 -2.10 1.13 44.28
N THR B 389 -1.48 0.39 45.18
CA THR B 389 -0.03 0.41 45.35
C THR B 389 0.63 -0.53 44.35
N MET B 390 -0.12 -1.55 43.93
CA MET B 390 0.41 -2.53 42.98
C MET B 390 0.59 -1.98 41.56
N LYS B 391 -0.28 -1.07 41.14
CA LYS B 391 -0.15 -0.52 39.79
C LYS B 391 1.12 0.32 39.74
N LEU B 392 1.43 0.93 40.88
CA LEU B 392 2.59 1.78 41.02
C LEU B 392 3.88 0.97 41.07
N GLU B 393 3.88 -0.09 41.88
CA GLU B 393 5.05 -0.95 42.00
C GLU B 393 5.36 -1.62 40.67
N LEU B 394 4.33 -1.84 39.85
CA LEU B 394 4.53 -2.44 38.54
C LEU B 394 4.93 -1.36 37.57
N ALA B 395 4.75 -0.11 37.99
CA ALA B 395 5.13 1.03 37.17
C ALA B 395 6.64 1.14 37.30
N GLN B 396 7.09 1.24 38.55
CA GLN B 396 8.51 1.34 38.86
C GLN B 396 9.26 0.17 38.23
N TYR B 397 8.66 -1.02 38.31
CA TYR B 397 9.24 -2.24 37.77
C TYR B 397 9.32 -2.25 36.25
N ARG B 398 8.27 -1.76 35.62
CA ARG B 398 8.21 -1.72 34.17
C ARG B 398 9.30 -0.80 33.62
N GLU B 399 9.71 0.17 34.43
CA GLU B 399 10.74 1.13 34.05
C GLU B 399 12.14 0.52 34.09
N VAL B 400 12.50 0.02 35.26
CA VAL B 400 13.81 -0.58 35.48
C VAL B 400 14.01 -1.93 34.79
N ALA B 401 12.94 -2.48 34.22
CA ALA B 401 13.03 -3.77 33.54
C ALA B 401 13.32 -3.64 32.04
N LEU B 410 22.71 -4.02 39.62
CA LEU B 410 23.10 -3.78 41.02
C LEU B 410 22.32 -2.60 41.61
N ASP B 411 22.74 -2.15 42.79
CA ASP B 411 22.10 -1.03 43.50
C ASP B 411 20.86 -1.49 44.27
N ALA B 412 21.00 -1.58 45.59
CA ALA B 412 19.91 -2.01 46.47
C ALA B 412 18.56 -1.39 46.14
N ALA B 413 18.58 -0.17 45.62
CA ALA B 413 17.34 0.54 45.28
C ALA B 413 16.50 -0.20 44.23
N THR B 414 17.01 -0.25 43.01
CA THR B 414 16.31 -0.90 41.89
C THR B 414 16.24 -2.43 42.04
N GLN B 415 17.18 -3.00 42.79
CA GLN B 415 17.21 -4.44 43.02
C GLN B 415 15.94 -4.84 43.76
N GLN B 416 15.50 -3.96 44.67
CA GLN B 416 14.30 -4.20 45.45
C GLN B 416 13.05 -4.03 44.61
N LEU B 417 13.16 -3.29 43.51
CA LEU B 417 12.03 -3.06 42.62
C LEU B 417 11.84 -4.25 41.70
N LEU B 418 12.94 -4.80 41.18
CA LEU B 418 12.88 -5.95 40.29
C LEU B 418 12.39 -7.18 41.01
N SER B 419 12.64 -7.25 42.32
CA SER B 419 12.21 -8.39 43.11
C SER B 419 10.68 -8.37 43.24
N ARG B 420 10.14 -7.22 43.63
CA ARG B 420 8.69 -7.06 43.76
C ARG B 420 8.04 -7.39 42.42
N GLY B 421 8.57 -6.79 41.36
CA GLY B 421 8.06 -6.97 40.01
C GLY B 421 7.82 -8.39 39.53
N VAL B 422 8.84 -9.24 39.57
CA VAL B 422 8.67 -10.61 39.12
C VAL B 422 7.75 -11.44 40.01
N ARG B 423 7.52 -10.97 41.24
CA ARG B 423 6.64 -11.69 42.15
C ARG B 423 5.20 -11.29 41.83
N LEU B 424 4.95 -9.99 41.86
CA LEU B 424 3.62 -9.48 41.56
C LEU B 424 3.17 -10.03 40.22
N THR B 425 4.09 -10.09 39.27
CA THR B 425 3.78 -10.59 37.94
C THR B 425 3.30 -12.04 37.98
N GLU B 426 3.94 -12.88 38.79
CA GLU B 426 3.55 -14.27 38.89
C GLU B 426 2.21 -14.37 39.62
N LEU B 427 1.90 -13.38 40.46
CA LEU B 427 0.64 -13.37 41.20
C LEU B 427 -0.52 -13.23 40.21
N LEU B 428 -0.41 -12.27 39.29
CA LEU B 428 -1.44 -12.02 38.30
C LEU B 428 -1.59 -13.22 37.36
N LYS B 429 -0.75 -14.22 37.54
CA LYS B 429 -0.85 -15.41 36.72
C LYS B 429 -2.06 -16.17 37.22
N GLN B 430 -2.87 -16.68 36.30
CA GLN B 430 -4.07 -17.37 36.72
C GLN B 430 -4.48 -18.47 35.79
N GLY B 431 -5.18 -19.44 36.34
CA GLY B 431 -5.63 -20.56 35.53
C GLY B 431 -6.91 -20.23 34.81
N GLN B 432 -7.47 -21.21 34.13
CA GLN B 432 -8.69 -21.03 33.37
C GLN B 432 -9.90 -21.72 34.03
N TYR B 433 -11.08 -21.17 33.81
CA TYR B 433 -12.30 -21.76 34.35
C TYR B 433 -12.40 -21.76 35.87
N SER B 434 -11.69 -20.84 36.52
CA SER B 434 -11.73 -20.81 37.98
C SER B 434 -11.61 -19.41 38.55
N PRO B 435 -12.56 -18.53 38.24
CA PRO B 435 -12.59 -17.15 38.71
C PRO B 435 -12.53 -17.07 40.23
N MET B 436 -11.73 -16.14 40.74
CA MET B 436 -11.60 -15.96 42.18
C MET B 436 -12.65 -14.98 42.72
N ALA B 437 -12.77 -14.95 44.03
CA ALA B 437 -13.71 -14.05 44.67
C ALA B 437 -12.92 -12.78 45.00
N ILE B 438 -13.55 -11.62 44.84
CA ILE B 438 -12.89 -10.36 45.10
C ILE B 438 -12.15 -10.26 46.45
N GLU B 439 -12.64 -10.95 47.47
CA GLU B 439 -12.00 -10.90 48.78
C GLU B 439 -10.76 -11.78 48.83
N GLU B 440 -10.77 -12.89 48.09
CA GLU B 440 -9.62 -13.78 48.06
C GLU B 440 -8.49 -13.05 47.34
N GLN B 441 -8.84 -12.31 46.30
CA GLN B 441 -7.86 -11.57 45.53
C GLN B 441 -7.11 -10.64 46.46
N VAL B 442 -7.83 -9.71 47.07
CA VAL B 442 -7.19 -8.77 47.97
C VAL B 442 -6.32 -9.53 48.96
N ALA B 443 -6.67 -10.77 49.24
CA ALA B 443 -5.89 -11.57 50.17
C ALA B 443 -4.59 -11.97 49.49
N VAL B 444 -4.69 -12.59 48.31
CA VAL B 444 -3.49 -13.02 47.58
C VAL B 444 -2.65 -11.82 47.18
N ILE B 445 -3.30 -10.75 46.71
CA ILE B 445 -2.58 -9.54 46.32
C ILE B 445 -1.95 -8.98 47.58
N TYR B 446 -2.75 -8.85 48.64
CA TYR B 446 -2.30 -8.33 49.92
C TYR B 446 -0.92 -8.84 50.26
N ALA B 447 -0.68 -10.10 49.90
CA ALA B 447 0.60 -10.72 50.16
C ALA B 447 1.67 -9.92 49.41
N GLY B 448 1.68 -10.08 48.09
CA GLY B 448 2.64 -9.40 47.23
C GLY B 448 2.93 -7.92 47.48
N VAL B 449 1.91 -7.15 47.84
CA VAL B 449 2.10 -5.71 48.06
C VAL B 449 2.86 -5.38 49.34
N ARG B 450 2.48 -6.04 50.44
CA ARG B 450 3.12 -5.80 51.72
C ARG B 450 4.54 -6.36 51.74
N GLY B 451 4.82 -7.33 50.87
CA GLY B 451 6.15 -7.89 50.79
C GLY B 451 6.42 -9.30 51.29
N TYR B 452 5.38 -10.06 51.63
CA TYR B 452 5.58 -11.41 52.13
C TYR B 452 5.93 -12.40 51.01
N LEU B 453 6.70 -11.92 50.03
CA LEU B 453 7.13 -12.73 48.91
C LEU B 453 8.54 -12.34 48.52
N ASP B 454 9.04 -11.26 49.11
CA ASP B 454 10.37 -10.77 48.81
C ASP B 454 11.38 -11.90 48.93
N LYS B 455 11.41 -12.54 50.09
CA LYS B 455 12.36 -13.61 50.35
C LYS B 455 12.07 -14.93 49.61
N LEU B 456 10.87 -15.06 49.06
CA LEU B 456 10.52 -16.28 48.35
C LEU B 456 11.13 -16.23 46.94
N GLU B 457 11.26 -17.39 46.29
CA GLU B 457 11.82 -17.44 44.94
C GLU B 457 10.69 -17.57 43.91
N PRO B 458 10.85 -16.90 42.75
CA PRO B 458 9.88 -16.89 41.65
C PRO B 458 9.20 -18.22 41.35
N SER B 459 9.98 -19.17 40.84
CA SER B 459 9.49 -20.50 40.49
C SER B 459 8.47 -21.08 41.48
N LYS B 460 8.47 -20.57 42.71
CA LYS B 460 7.56 -21.07 43.74
C LYS B 460 6.33 -20.20 44.03
N ILE B 461 6.43 -18.89 43.79
CA ILE B 461 5.32 -17.96 44.06
C ILE B 461 3.96 -18.49 43.64
N THR B 462 3.90 -19.20 42.52
CA THR B 462 2.65 -19.78 42.03
C THR B 462 2.26 -20.98 42.89
N LYS B 463 3.24 -21.81 43.23
CA LYS B 463 2.99 -22.98 44.07
C LYS B 463 2.57 -22.49 45.44
N PHE B 464 3.12 -21.34 45.83
CA PHE B 464 2.83 -20.72 47.10
C PHE B 464 1.38 -20.20 47.09
N GLU B 465 1.00 -19.60 45.97
CA GLU B 465 -0.34 -19.07 45.82
C GLU B 465 -1.40 -20.13 46.04
N ASN B 466 -1.42 -21.13 45.15
CA ASN B 466 -2.40 -22.20 45.24
C ASN B 466 -2.52 -22.74 46.66
N ALA B 467 -1.38 -22.81 47.34
CA ALA B 467 -1.36 -23.31 48.71
C ALA B 467 -1.92 -22.28 49.68
N PHE B 468 -1.45 -21.04 49.54
CA PHE B 468 -1.88 -19.94 50.40
C PHE B 468 -3.37 -19.64 50.30
N LEU B 469 -3.88 -19.63 49.07
CA LEU B 469 -5.28 -19.35 48.82
C LEU B 469 -6.20 -20.47 49.32
N SER B 470 -5.84 -21.72 49.05
CA SER B 470 -6.66 -22.85 49.50
C SER B 470 -6.63 -22.89 51.02
N HIS B 471 -5.58 -22.31 51.59
CA HIS B 471 -5.43 -22.26 53.04
C HIS B 471 -6.37 -21.23 53.65
N VAL B 472 -6.33 -20.01 53.12
CA VAL B 472 -7.18 -18.94 53.63
C VAL B 472 -8.65 -19.29 53.47
N ILE B 473 -9.02 -19.80 52.30
CA ILE B 473 -10.40 -20.19 52.03
C ILE B 473 -10.91 -21.09 53.14
N SER B 474 -10.20 -22.19 53.35
CA SER B 474 -10.58 -23.18 54.36
C SER B 474 -10.55 -22.67 55.81
N GLN B 475 -9.37 -22.30 56.30
CA GLN B 475 -9.24 -21.86 57.68
C GLN B 475 -9.60 -20.41 58.04
N HIS B 476 -10.12 -19.63 57.10
CA HIS B 476 -10.48 -18.25 57.42
C HIS B 476 -11.67 -17.65 56.66
N GLN B 477 -12.81 -18.34 56.71
CA GLN B 477 -14.01 -17.87 56.04
C GLN B 477 -14.46 -16.52 56.61
N ALA B 478 -14.20 -16.31 57.89
CA ALA B 478 -14.57 -15.09 58.57
C ALA B 478 -13.91 -13.88 57.92
N LEU B 479 -12.58 -13.86 57.96
CA LEU B 479 -11.82 -12.77 57.38
C LEU B 479 -12.27 -12.48 55.94
N LEU B 480 -12.39 -13.53 55.13
CA LEU B 480 -12.82 -13.36 53.75
C LEU B 480 -14.24 -12.81 53.73
N GLY B 481 -15.08 -13.32 54.64
CA GLY B 481 -16.45 -12.87 54.73
C GLY B 481 -16.57 -11.41 55.16
N LYS B 482 -15.71 -10.96 56.06
CA LYS B 482 -15.76 -9.57 56.52
C LYS B 482 -15.31 -8.65 55.39
N ILE B 483 -14.40 -9.14 54.56
CA ILE B 483 -13.91 -8.37 53.44
C ILE B 483 -14.91 -8.38 52.29
N ARG B 484 -15.57 -9.52 52.10
CA ARG B 484 -16.58 -9.66 51.05
C ARG B 484 -17.73 -8.73 51.41
N THR B 485 -18.01 -8.67 52.70
CA THR B 485 -19.10 -7.87 53.24
C THR B 485 -18.77 -6.40 53.44
N ASP B 486 -17.52 -6.09 53.74
CA ASP B 486 -17.14 -4.70 53.92
C ASP B 486 -16.54 -4.19 52.63
N GLY B 487 -16.34 -5.09 51.68
CA GLY B 487 -15.74 -4.72 50.40
C GLY B 487 -14.50 -3.92 50.69
N LYS B 488 -14.11 -3.91 51.95
CA LYS B 488 -12.95 -3.16 52.40
C LYS B 488 -12.11 -4.03 53.33
N ILE B 489 -10.80 -3.76 53.38
CA ILE B 489 -9.91 -4.48 54.27
C ILE B 489 -9.67 -3.50 55.41
N SER B 490 -10.63 -3.44 56.32
CA SER B 490 -10.55 -2.54 57.46
C SER B 490 -9.29 -2.80 58.25
N GLU B 491 -8.97 -1.90 59.16
CA GLU B 491 -7.77 -2.04 60.00
C GLU B 491 -7.87 -3.33 60.81
N GLU B 492 -9.10 -3.75 61.09
CA GLU B 492 -9.36 -4.97 61.84
C GLU B 492 -9.09 -6.18 60.94
N SER B 493 -9.55 -6.12 59.69
CA SER B 493 -9.36 -7.18 58.71
C SER B 493 -7.92 -7.28 58.26
N ASP B 494 -7.24 -6.14 58.25
CA ASP B 494 -5.86 -6.04 57.83
C ASP B 494 -4.93 -6.76 58.80
N ALA B 495 -4.96 -6.35 60.06
CA ALA B 495 -4.11 -6.95 61.08
C ALA B 495 -4.22 -8.47 61.02
N LYS B 496 -5.46 -8.97 60.98
CA LYS B 496 -5.68 -10.41 60.93
C LYS B 496 -5.14 -11.01 59.63
N LEU B 497 -5.30 -10.31 58.53
CA LEU B 497 -4.81 -10.83 57.24
C LEU B 497 -3.29 -10.88 57.20
N LYS B 498 -2.66 -10.06 58.02
CA LYS B 498 -1.20 -10.02 58.11
C LYS B 498 -0.77 -11.29 58.81
N GLU B 499 -1.48 -11.62 59.88
CA GLU B 499 -1.22 -12.82 60.66
C GLU B 499 -1.32 -14.03 59.75
N ILE B 500 -2.51 -14.22 59.19
CA ILE B 500 -2.79 -15.34 58.30
C ILE B 500 -1.73 -15.58 57.23
N VAL B 501 -1.02 -14.54 56.83
CA VAL B 501 0.01 -14.71 55.80
C VAL B 501 1.40 -14.99 56.39
N THR B 502 1.74 -14.32 57.48
CA THR B 502 3.03 -14.51 58.12
C THR B 502 3.19 -15.94 58.66
N ASN B 503 2.19 -16.39 59.39
CA ASN B 503 2.20 -17.72 59.98
C ASN B 503 1.94 -18.82 58.96
N PHE B 504 2.07 -18.50 57.69
CA PHE B 504 1.87 -19.45 56.60
C PHE B 504 3.22 -19.67 55.94
N LEU B 505 3.93 -18.57 55.73
CA LEU B 505 5.25 -18.61 55.12
C LEU B 505 6.11 -19.61 55.89
N ALA B 506 5.99 -19.58 57.21
CA ALA B 506 6.74 -20.48 58.06
C ALA B 506 6.53 -21.93 57.63
N GLY B 507 5.28 -22.37 57.62
CA GLY B 507 4.97 -23.74 57.24
C GLY B 507 4.87 -24.02 55.75
N PHE B 508 5.56 -23.22 54.93
CA PHE B 508 5.53 -23.40 53.49
C PHE B 508 6.72 -24.24 53.02
N GLU B 509 6.41 -25.33 52.31
CA GLU B 509 7.42 -26.26 51.81
C GLU B 509 7.98 -25.88 50.44
N ALA B 510 9.10 -25.14 50.45
CA ALA B 510 9.75 -24.69 49.21
C ALA B 510 9.66 -25.73 48.10
N ALA C 19 -47.06 35.16 -27.02
CA ALA C 19 -46.02 34.11 -27.36
C ALA C 19 -44.72 34.51 -26.68
N ASP C 20 -44.42 33.93 -25.52
CA ASP C 20 -43.19 34.30 -24.82
C ASP C 20 -42.04 33.51 -25.40
N THR C 21 -41.10 34.21 -26.02
CA THR C 21 -39.97 33.50 -26.62
C THR C 21 -38.65 33.84 -26.00
N SER C 22 -38.68 34.36 -24.76
CA SER C 22 -37.43 34.70 -24.08
C SER C 22 -36.64 33.48 -23.64
N VAL C 23 -37.25 32.30 -23.72
CA VAL C 23 -36.58 31.08 -23.33
C VAL C 23 -36.63 30.03 -24.43
N ASP C 24 -36.08 30.37 -25.60
CA ASP C 24 -35.97 29.44 -26.73
C ASP C 24 -34.64 28.78 -26.40
N LEU C 25 -34.69 27.51 -26.07
CA LEU C 25 -33.49 26.79 -25.66
C LEU C 25 -32.26 26.85 -26.57
N GLU C 26 -31.88 28.04 -27.00
CA GLU C 26 -30.69 28.20 -27.83
C GLU C 26 -29.68 29.09 -27.10
N GLU C 27 -30.17 30.21 -26.59
CA GLU C 27 -29.34 31.15 -25.85
C GLU C 27 -29.59 31.00 -24.36
N THR C 28 -30.59 30.20 -24.01
CA THR C 28 -30.92 29.97 -22.61
C THR C 28 -31.08 28.49 -22.32
N GLY C 29 -31.33 28.18 -21.06
CA GLY C 29 -31.51 26.80 -20.66
C GLY C 29 -32.35 26.75 -19.40
N ARG C 30 -32.77 25.54 -19.07
CA ARG C 30 -33.55 25.32 -17.86
C ARG C 30 -32.82 24.20 -17.13
N VAL C 31 -32.55 24.42 -15.85
CA VAL C 31 -31.86 23.44 -15.01
C VAL C 31 -32.64 22.13 -14.88
N LEU C 32 -31.95 21.00 -15.08
CA LEU C 32 -32.57 19.69 -14.98
C LEU C 32 -32.38 19.10 -13.59
N SER C 33 -31.13 19.13 -13.12
CA SER C 33 -30.78 18.61 -11.80
C SER C 33 -29.69 19.49 -11.21
N ILE C 34 -29.68 19.65 -9.89
CA ILE C 34 -28.65 20.48 -9.30
C ILE C 34 -28.24 19.92 -7.96
N GLY C 35 -26.94 19.74 -7.79
CA GLY C 35 -26.43 19.21 -6.55
C GLY C 35 -24.93 19.27 -6.48
N ASP C 36 -24.40 19.38 -5.26
CA ASP C 36 -22.98 19.43 -5.08
C ASP C 36 -22.36 20.35 -6.12
N GLY C 37 -22.85 21.58 -6.15
CA GLY C 37 -22.32 22.55 -7.08
C GLY C 37 -22.35 22.16 -8.54
N ILE C 38 -23.17 21.16 -8.88
CA ILE C 38 -23.25 20.75 -10.27
C ILE C 38 -24.67 20.89 -10.84
N ALA C 39 -24.77 21.57 -11.97
CA ALA C 39 -26.06 21.78 -12.58
C ALA C 39 -26.07 21.23 -13.98
N ARG C 40 -27.05 20.37 -14.27
CA ARG C 40 -27.20 19.81 -15.59
C ARG C 40 -28.26 20.68 -16.23
N VAL C 41 -27.89 21.33 -17.33
CA VAL C 41 -28.82 22.23 -17.99
C VAL C 41 -29.38 21.76 -19.33
N HIS C 42 -30.70 21.77 -19.43
CA HIS C 42 -31.39 21.41 -20.66
C HIS C 42 -31.33 22.72 -21.46
N GLY C 43 -31.10 22.62 -22.77
CA GLY C 43 -31.00 23.83 -23.56
C GLY C 43 -29.59 24.33 -23.81
N LEU C 44 -29.38 25.63 -23.65
CA LEU C 44 -28.07 26.25 -23.87
C LEU C 44 -27.48 25.79 -25.22
N ARG C 45 -28.35 25.40 -26.12
CA ARG C 45 -27.99 24.91 -27.43
C ARG C 45 -26.88 25.61 -28.19
N ASN C 46 -26.54 26.82 -27.82
CA ASN C 46 -25.48 27.55 -28.49
C ASN C 46 -24.25 27.79 -27.63
N VAL C 47 -24.27 27.44 -26.34
CA VAL C 47 -23.06 27.69 -25.56
C VAL C 47 -21.87 26.98 -26.13
N GLN C 48 -20.72 27.52 -25.79
CA GLN C 48 -19.46 26.99 -26.23
C GLN C 48 -18.88 26.19 -25.08
N ALA C 49 -18.04 25.22 -25.40
CA ALA C 49 -17.39 24.47 -24.34
C ALA C 49 -16.57 25.54 -23.58
N GLU C 50 -16.78 25.62 -22.27
CA GLU C 50 -16.06 26.55 -21.42
C GLU C 50 -16.56 28.00 -21.50
N GLU C 51 -17.84 28.18 -21.81
CA GLU C 51 -18.41 29.51 -21.88
C GLU C 51 -19.05 29.86 -20.54
N MET C 52 -18.93 31.11 -20.12
CA MET C 52 -19.55 31.54 -18.89
C MET C 52 -21.07 31.54 -19.06
N VAL C 53 -21.79 31.25 -17.99
CA VAL C 53 -23.25 31.26 -18.02
C VAL C 53 -23.79 31.94 -16.77
N GLU C 54 -24.94 32.58 -16.91
CA GLU C 54 -25.57 33.28 -15.79
C GLU C 54 -26.75 32.47 -15.26
N PHE C 55 -26.86 32.37 -13.95
CA PHE C 55 -27.98 31.67 -13.34
C PHE C 55 -29.01 32.69 -12.89
N SER C 56 -30.27 32.25 -12.78
CA SER C 56 -31.38 33.10 -12.34
C SER C 56 -30.90 34.09 -11.28
N SER C 57 -30.44 33.51 -10.18
CA SER C 57 -29.94 34.22 -9.01
C SER C 57 -28.90 35.33 -9.27
N GLY C 58 -28.32 35.34 -10.47
CA GLY C 58 -27.33 36.36 -10.78
C GLY C 58 -25.95 35.76 -10.53
N LEU C 59 -25.99 34.48 -10.17
CA LEU C 59 -24.82 33.66 -9.86
C LEU C 59 -24.24 33.17 -11.20
N LYS C 60 -22.93 32.95 -11.26
CA LYS C 60 -22.35 32.51 -12.50
C LYS C 60 -21.81 31.09 -12.47
N GLY C 61 -21.46 30.57 -13.65
CA GLY C 61 -20.93 29.23 -13.73
C GLY C 61 -20.26 28.93 -15.06
N MET C 62 -19.45 27.89 -15.09
CA MET C 62 -18.76 27.54 -16.32
C MET C 62 -19.31 26.23 -16.87
N SER C 63 -19.48 26.18 -18.18
CA SER C 63 -20.02 25.02 -18.85
C SER C 63 -18.93 24.13 -19.46
N LEU C 64 -18.65 23.01 -18.79
CA LEU C 64 -17.62 22.07 -19.23
C LEU C 64 -18.17 20.90 -20.01
N ASN C 65 -19.25 20.31 -19.49
CA ASN C 65 -19.88 19.15 -20.13
C ASN C 65 -20.89 19.48 -21.21
N LEU C 66 -20.50 19.31 -22.46
CA LEU C 66 -21.44 19.55 -23.54
C LEU C 66 -21.93 18.18 -23.98
N GLU C 67 -22.63 17.50 -23.08
CA GLU C 67 -23.18 16.19 -23.38
C GLU C 67 -24.38 16.40 -24.29
N PRO C 68 -24.79 15.36 -25.03
CA PRO C 68 -25.93 15.48 -25.93
C PRO C 68 -27.17 16.07 -25.29
N ASP C 69 -27.73 15.34 -24.33
CA ASP C 69 -28.94 15.75 -23.64
C ASP C 69 -28.78 16.83 -22.57
N ASN C 70 -27.67 17.56 -22.57
CA ASN C 70 -27.50 18.63 -21.58
C ASN C 70 -26.11 19.25 -21.52
N VAL C 71 -26.00 20.27 -20.69
CA VAL C 71 -24.75 20.96 -20.48
C VAL C 71 -24.49 20.81 -19.00
N GLY C 72 -23.29 20.36 -18.65
CA GLY C 72 -22.95 20.21 -17.25
C GLY C 72 -22.35 21.53 -16.82
N VAL C 73 -23.07 22.24 -15.97
CA VAL C 73 -22.59 23.53 -15.49
C VAL C 73 -22.13 23.48 -14.05
N VAL C 74 -20.92 23.98 -13.85
CA VAL C 74 -20.32 24.02 -12.54
C VAL C 74 -20.49 25.41 -11.92
N VAL C 75 -21.27 25.48 -10.85
CA VAL C 75 -21.56 26.71 -10.17
C VAL C 75 -20.41 27.39 -9.46
N PHE C 76 -20.09 28.60 -9.89
CA PHE C 76 -19.01 29.39 -9.29
C PHE C 76 -19.52 30.08 -8.02
N GLY C 77 -20.14 29.32 -7.13
CA GLY C 77 -20.65 29.93 -5.90
C GLY C 77 -21.70 29.13 -5.16
N ASN C 78 -22.19 29.71 -4.08
CA ASN C 78 -23.21 29.08 -3.25
C ASN C 78 -24.29 28.49 -4.15
N ASP C 79 -24.49 27.19 -4.07
CA ASP C 79 -25.50 26.56 -4.92
C ASP C 79 -26.78 26.16 -4.20
N LYS C 80 -27.24 27.01 -3.29
CA LYS C 80 -28.46 26.72 -2.57
C LYS C 80 -29.55 27.66 -3.11
N LEU C 81 -29.22 28.38 -4.17
CA LEU C 81 -30.16 29.30 -4.78
C LEU C 81 -30.69 28.71 -6.11
N ILE C 82 -29.90 27.81 -6.69
CA ILE C 82 -30.27 27.17 -7.94
C ILE C 82 -31.30 26.06 -7.72
N LYS C 83 -32.24 25.96 -8.64
CA LYS C 83 -33.31 24.98 -8.56
C LYS C 83 -33.66 24.37 -9.92
N GLU C 84 -34.44 23.29 -9.88
CA GLU C 84 -34.88 22.61 -11.08
C GLU C 84 -35.83 23.58 -11.77
N GLY C 85 -35.54 23.92 -13.03
CA GLY C 85 -36.40 24.82 -13.75
C GLY C 85 -35.81 26.22 -13.85
N ASP C 86 -34.77 26.48 -13.07
CA ASP C 86 -34.13 27.79 -13.07
C ASP C 86 -33.46 28.10 -14.40
N ILE C 87 -33.73 29.29 -14.90
CA ILE C 87 -33.19 29.74 -16.16
C ILE C 87 -31.72 30.07 -16.12
N VAL C 88 -31.00 29.55 -17.11
CA VAL C 88 -29.57 29.76 -17.24
C VAL C 88 -29.38 30.54 -18.54
N LYS C 89 -28.53 31.56 -18.52
CA LYS C 89 -28.32 32.39 -19.71
C LYS C 89 -26.89 32.40 -20.19
N ARG C 90 -26.71 32.33 -21.50
CA ARG C 90 -25.37 32.37 -22.06
C ARG C 90 -24.78 33.75 -21.87
N THR C 91 -23.47 33.81 -21.73
CA THR C 91 -22.78 35.07 -21.56
C THR C 91 -22.06 35.39 -22.89
N GLY C 92 -21.88 34.37 -23.73
CA GLY C 92 -21.23 34.55 -25.02
C GLY C 92 -19.73 34.76 -24.88
N ALA C 93 -19.20 34.53 -23.69
CA ALA C 93 -17.77 34.71 -23.45
C ALA C 93 -17.10 33.53 -22.75
N ILE C 94 -15.96 33.10 -23.28
CA ILE C 94 -15.21 32.03 -22.63
C ILE C 94 -14.89 32.74 -21.33
N VAL C 95 -14.61 32.00 -20.27
CA VAL C 95 -14.36 32.66 -19.00
C VAL C 95 -13.18 33.61 -19.05
N ASP C 96 -13.37 34.80 -18.49
CA ASP C 96 -12.33 35.80 -18.46
C ASP C 96 -12.30 36.48 -17.10
N VAL C 97 -11.41 37.46 -16.96
CA VAL C 97 -11.25 38.22 -15.73
C VAL C 97 -10.76 39.63 -16.06
N PRO C 98 -10.97 40.56 -15.13
CA PRO C 98 -10.52 41.92 -15.37
C PRO C 98 -9.01 41.93 -15.20
N VAL C 99 -8.29 42.54 -16.12
CA VAL C 99 -6.84 42.59 -15.94
C VAL C 99 -6.38 44.01 -16.08
N GLY C 100 -5.09 44.23 -15.93
CA GLY C 100 -4.55 45.56 -16.03
C GLY C 100 -3.90 45.99 -14.74
N GLU C 101 -3.26 47.15 -14.76
CA GLU C 101 -2.59 47.64 -13.58
C GLU C 101 -3.53 48.20 -12.52
N GLU C 102 -4.82 48.31 -12.82
CA GLU C 102 -5.78 48.83 -11.83
C GLU C 102 -5.87 47.90 -10.61
N LEU C 103 -5.73 46.60 -10.86
CA LEU C 103 -5.82 45.61 -9.79
C LEU C 103 -4.67 45.77 -8.80
N LEU C 104 -3.65 46.52 -9.18
CA LEU C 104 -2.54 46.69 -8.26
C LEU C 104 -2.98 47.19 -6.89
N GLY C 105 -2.63 46.45 -5.87
CA GLY C 105 -2.96 46.83 -4.51
C GLY C 105 -4.36 46.47 -4.05
N ARG C 106 -5.08 45.71 -4.86
CA ARG C 106 -6.45 45.29 -4.51
C ARG C 106 -6.55 43.79 -4.30
N VAL C 107 -7.53 43.38 -3.51
CA VAL C 107 -7.74 41.97 -3.25
C VAL C 107 -8.98 41.58 -4.02
N VAL C 108 -8.89 40.54 -4.85
CA VAL C 108 -10.03 40.12 -5.65
C VAL C 108 -10.35 38.64 -5.50
N ASP C 109 -11.54 38.26 -5.97
CA ASP C 109 -11.96 36.87 -5.90
C ASP C 109 -11.45 36.22 -7.19
N ALA C 110 -11.70 34.94 -7.38
CA ALA C 110 -11.20 34.26 -8.57
C ALA C 110 -11.68 34.78 -9.91
N LEU C 111 -12.82 35.46 -9.93
CA LEU C 111 -13.34 35.99 -11.17
C LEU C 111 -12.98 37.44 -11.41
N GLY C 112 -12.29 38.03 -10.43
CA GLY C 112 -11.87 39.42 -10.56
C GLY C 112 -12.76 40.47 -9.93
N ASN C 113 -13.50 40.11 -8.91
CA ASN C 113 -14.36 41.07 -8.22
C ASN C 113 -13.71 41.48 -6.93
N ALA C 114 -13.78 42.77 -6.61
CA ALA C 114 -13.16 43.26 -5.39
C ALA C 114 -13.85 42.72 -4.14
N ILE C 115 -13.06 42.21 -3.20
CA ILE C 115 -13.64 41.66 -1.96
C ILE C 115 -13.01 42.33 -0.74
N ASP C 116 -12.15 43.32 -1.02
CA ASP C 116 -11.43 44.07 0.01
C ASP C 116 -12.16 45.34 0.39
N GLY C 117 -13.44 45.42 0.03
CA GLY C 117 -14.24 46.59 0.35
C GLY C 117 -13.64 47.95 0.07
N LYS C 118 -13.20 48.19 -1.17
CA LYS C 118 -12.63 49.50 -1.50
C LYS C 118 -13.22 50.03 -2.80
N GLY C 119 -14.25 49.35 -3.29
CA GLY C 119 -14.94 49.81 -4.46
C GLY C 119 -14.59 49.20 -5.80
N PRO C 120 -15.30 49.61 -6.86
CA PRO C 120 -15.09 49.12 -8.22
C PRO C 120 -13.61 49.07 -8.59
N ILE C 121 -13.26 48.05 -9.36
CA ILE C 121 -11.90 47.87 -9.85
C ILE C 121 -11.87 48.71 -11.11
N GLY C 122 -10.86 49.55 -11.30
CA GLY C 122 -10.82 50.34 -12.52
C GLY C 122 -10.99 49.53 -13.81
N SER C 123 -10.15 48.51 -13.96
CA SER C 123 -10.12 47.59 -15.11
C SER C 123 -10.82 48.03 -16.38
N LYS C 124 -10.02 48.18 -17.44
CA LYS C 124 -10.53 48.58 -18.75
C LYS C 124 -10.22 47.50 -19.78
N ALA C 125 -9.73 46.36 -19.30
CA ALA C 125 -9.41 45.25 -20.18
C ALA C 125 -9.64 43.89 -19.51
N ARG C 126 -10.10 42.92 -20.28
CA ARG C 126 -10.34 41.57 -19.77
C ARG C 126 -9.44 40.59 -20.50
N ARG C 127 -9.15 39.46 -19.88
CA ARG C 127 -8.26 38.50 -20.50
C ARG C 127 -8.76 37.12 -20.21
N ARG C 128 -8.87 36.27 -21.22
CA ARG C 128 -9.35 34.92 -21.00
C ARG C 128 -8.48 34.21 -19.97
N VAL C 129 -9.11 33.47 -19.07
CA VAL C 129 -8.36 32.76 -18.06
C VAL C 129 -7.69 31.54 -18.67
N GLY C 130 -8.20 31.11 -19.82
CA GLY C 130 -7.61 29.96 -20.49
C GLY C 130 -6.71 30.26 -21.68
N LEU C 131 -6.21 31.48 -21.80
CA LEU C 131 -5.34 31.82 -22.91
C LEU C 131 -4.24 30.80 -23.11
N LYS C 132 -3.97 30.46 -24.37
CA LYS C 132 -2.93 29.49 -24.70
C LYS C 132 -1.59 30.08 -24.32
N ALA C 133 -0.58 29.24 -24.09
CA ALA C 133 0.72 29.75 -23.71
C ALA C 133 1.59 30.05 -24.91
N PRO C 134 2.48 31.06 -24.79
CA PRO C 134 3.39 31.47 -25.86
C PRO C 134 4.06 30.24 -26.46
N GLY C 135 4.12 30.20 -27.80
CA GLY C 135 4.75 29.08 -28.46
C GLY C 135 6.25 29.12 -28.24
N ILE C 136 7.01 28.63 -29.22
CA ILE C 136 8.46 28.63 -29.10
C ILE C 136 9.07 29.98 -29.48
N ILE C 137 8.89 30.37 -30.74
CA ILE C 137 9.48 31.59 -31.24
C ILE C 137 9.42 32.87 -30.40
N PRO C 138 8.31 33.12 -29.70
CA PRO C 138 8.19 34.35 -28.91
C PRO C 138 9.05 34.50 -27.66
N ARG C 139 9.58 33.40 -27.16
CA ARG C 139 10.38 33.45 -25.94
C ARG C 139 11.82 33.76 -26.19
N ILE C 140 12.55 34.06 -25.12
CA ILE C 140 13.97 34.34 -25.19
C ILE C 140 14.56 33.84 -23.88
N SER C 141 15.83 33.43 -23.90
CA SER C 141 16.51 32.90 -22.72
C SER C 141 16.33 33.74 -21.45
N VAL C 142 16.07 33.07 -20.33
CA VAL C 142 15.90 33.79 -19.06
C VAL C 142 17.24 34.32 -18.63
N ARG C 143 17.36 35.64 -18.61
CA ARG C 143 18.60 36.27 -18.24
C ARG C 143 18.49 37.23 -17.07
N GLU C 144 17.33 37.88 -16.91
CA GLU C 144 17.15 38.84 -15.83
C GLU C 144 16.86 38.19 -14.49
N PRO C 145 17.58 38.61 -13.43
CA PRO C 145 17.38 38.05 -12.09
C PRO C 145 16.06 38.36 -11.41
N MET C 146 15.66 37.45 -10.53
CA MET C 146 14.45 37.57 -9.74
C MET C 146 15.04 37.38 -8.35
N GLN C 147 15.31 38.48 -7.66
CA GLN C 147 15.91 38.42 -6.33
C GLN C 147 14.87 38.16 -5.22
N THR C 148 15.02 37.07 -4.49
CA THR C 148 14.06 36.80 -3.43
C THR C 148 14.44 37.64 -2.25
N GLY C 149 15.74 37.81 -2.07
CA GLY C 149 16.22 38.57 -0.93
C GLY C 149 16.60 37.54 0.13
N ILE C 150 16.34 36.28 -0.21
CA ILE C 150 16.66 35.17 0.69
C ILE C 150 17.97 34.54 0.23
N LYS C 151 19.02 34.74 1.01
CA LYS C 151 20.32 34.21 0.67
C LYS C 151 20.30 32.79 0.11
N ALA C 152 19.82 31.84 0.89
CA ALA C 152 19.76 30.44 0.48
C ALA C 152 19.32 30.33 -0.98
N VAL C 153 18.25 31.04 -1.33
CA VAL C 153 17.74 30.99 -2.69
C VAL C 153 18.65 31.69 -3.68
N ASP C 154 18.83 32.98 -3.49
CA ASP C 154 19.65 33.77 -4.39
C ASP C 154 21.09 33.32 -4.54
N SER C 155 21.61 32.55 -3.59
CA SER C 155 22.99 32.12 -3.67
C SER C 155 23.12 30.71 -4.22
N LEU C 156 22.12 29.88 -3.96
CA LEU C 156 22.14 28.50 -4.42
C LEU C 156 21.06 28.22 -5.47
N VAL C 157 19.82 28.65 -5.21
CA VAL C 157 18.76 28.43 -6.17
C VAL C 157 18.31 29.77 -6.75
N PRO C 158 19.21 30.45 -7.47
CA PRO C 158 18.87 31.75 -8.06
C PRO C 158 17.75 31.60 -9.06
N ILE C 159 16.82 32.55 -9.04
CA ILE C 159 15.66 32.52 -9.93
C ILE C 159 15.72 33.63 -10.97
N GLY C 160 15.32 33.30 -12.18
CA GLY C 160 15.32 34.29 -13.25
C GLY C 160 13.89 34.63 -13.64
N ARG C 161 13.71 35.86 -14.14
CA ARG C 161 12.41 36.35 -14.54
C ARG C 161 11.90 35.64 -15.79
N GLY C 162 10.96 34.72 -15.59
CA GLY C 162 10.41 33.96 -16.69
C GLY C 162 10.56 32.48 -16.39
N GLN C 163 11.13 32.22 -15.23
CA GLN C 163 11.34 30.87 -14.77
C GLN C 163 10.11 30.44 -13.98
N ARG C 164 10.03 29.14 -13.67
CA ARG C 164 8.94 28.58 -12.88
C ARG C 164 9.60 27.78 -11.76
N GLU C 165 9.92 28.43 -10.64
CA GLU C 165 10.55 27.70 -9.53
C GLU C 165 9.44 27.20 -8.60
N LEU C 166 9.49 25.91 -8.29
CA LEU C 166 8.46 25.28 -7.44
C LEU C 166 8.87 25.09 -6.01
N ILE C 167 8.18 25.77 -5.09
CA ILE C 167 8.47 25.58 -3.68
C ILE C 167 7.62 24.36 -3.24
N ILE C 168 8.26 23.39 -2.60
CA ILE C 168 7.57 22.17 -2.21
C ILE C 168 8.03 21.70 -0.85
N GLY C 169 7.12 21.11 -0.10
CA GLY C 169 7.44 20.61 1.24
C GLY C 169 6.25 20.16 2.06
N ASP C 170 6.54 19.65 3.26
CA ASP C 170 5.50 19.19 4.18
C ASP C 170 4.75 20.40 4.72
N ARG C 171 3.70 20.15 5.49
CA ARG C 171 2.93 21.24 6.05
C ARG C 171 3.77 22.01 7.08
N GLN C 172 3.54 23.31 7.19
CA GLN C 172 4.27 24.13 8.17
C GLN C 172 5.79 24.08 8.09
N THR C 173 6.34 24.40 6.92
CA THR C 173 7.79 24.34 6.75
C THR C 173 8.41 25.62 6.18
N GLY C 174 7.62 26.67 5.96
CA GLY C 174 8.17 27.88 5.41
C GLY C 174 7.67 28.21 4.02
N LYS C 175 7.28 27.18 3.28
CA LYS C 175 6.77 27.36 1.93
C LYS C 175 6.28 28.77 1.70
N THR C 176 5.13 29.13 2.26
CA THR C 176 4.58 30.47 2.00
C THR C 176 5.52 31.64 2.32
N SER C 177 6.19 31.59 3.47
CA SER C 177 7.09 32.67 3.85
C SER C 177 8.11 33.04 2.77
N ILE C 178 8.57 32.07 2.01
CA ILE C 178 9.54 32.35 0.95
C ILE C 178 8.89 33.31 -0.05
N ALA C 179 7.64 33.02 -0.41
CA ALA C 179 6.92 33.86 -1.35
C ALA C 179 6.71 35.24 -0.78
N ILE C 180 6.44 35.31 0.52
CA ILE C 180 6.18 36.59 1.19
C ILE C 180 7.45 37.43 1.31
N ASP C 181 8.55 36.79 1.67
CA ASP C 181 9.82 37.50 1.80
C ASP C 181 10.25 37.94 0.39
N THR C 182 9.85 37.16 -0.61
CA THR C 182 10.16 37.49 -1.99
C THR C 182 9.42 38.75 -2.39
N ILE C 183 8.09 38.74 -2.26
CA ILE C 183 7.28 39.90 -2.64
C ILE C 183 7.73 41.17 -1.94
N ILE C 184 7.83 41.12 -0.62
CA ILE C 184 8.25 42.27 0.14
C ILE C 184 9.57 42.79 -0.42
N ASN C 185 10.50 41.89 -0.66
CA ASN C 185 11.81 42.22 -1.21
C ASN C 185 11.77 43.11 -2.44
N GLN C 186 10.63 43.13 -3.13
CA GLN C 186 10.49 43.92 -4.35
C GLN C 186 10.31 45.42 -4.17
N LYS C 187 10.16 45.88 -2.94
CA LYS C 187 9.97 47.31 -2.68
C LYS C 187 11.13 48.10 -3.32
N ARG C 188 12.36 47.67 -3.02
CA ARG C 188 13.59 48.29 -3.53
C ARG C 188 13.44 48.87 -4.92
N PHE C 189 13.39 47.99 -5.90
CA PHE C 189 13.28 48.36 -7.31
C PHE C 189 12.03 49.19 -7.59
N ASN C 190 10.89 48.71 -7.10
CA ASN C 190 9.62 49.38 -7.31
C ASN C 190 9.58 50.82 -6.82
N ASP C 191 10.47 51.16 -5.91
CA ASP C 191 10.53 52.53 -5.41
C ASP C 191 11.66 53.27 -6.12
N GLY C 192 12.57 52.52 -6.72
CA GLY C 192 13.70 53.10 -7.41
C GLY C 192 13.42 53.89 -8.67
N THR C 193 14.48 54.08 -9.46
CA THR C 193 14.41 54.83 -10.70
C THR C 193 14.44 53.97 -11.95
N ASP C 194 14.97 52.75 -11.84
CA ASP C 194 15.08 51.87 -13.00
C ASP C 194 13.81 51.08 -13.27
N GLU C 195 13.04 51.52 -14.25
CA GLU C 195 11.78 50.89 -14.62
C GLU C 195 11.95 49.42 -14.97
N LYS C 196 13.10 49.09 -15.54
CA LYS C 196 13.38 47.73 -15.96
C LYS C 196 13.46 46.70 -14.83
N LYS C 197 13.94 47.11 -13.66
CA LYS C 197 14.05 46.20 -12.53
C LYS C 197 12.82 46.15 -11.62
N LYS C 198 11.73 46.77 -12.05
CA LYS C 198 10.50 46.79 -11.28
C LYS C 198 9.72 45.50 -11.48
N LEU C 199 9.15 44.99 -10.40
CA LEU C 199 8.39 43.75 -10.48
C LEU C 199 7.05 43.86 -9.77
N TYR C 200 5.98 43.49 -10.48
CA TYR C 200 4.65 43.52 -9.91
C TYR C 200 4.32 42.09 -9.52
N CYS C 201 3.83 41.92 -8.30
CA CYS C 201 3.55 40.60 -7.78
C CYS C 201 2.09 40.26 -7.59
N ILE C 202 1.74 39.05 -8.03
CA ILE C 202 0.38 38.54 -7.95
C ILE C 202 0.34 37.34 -7.02
N TYR C 203 -0.35 37.47 -5.89
CA TYR C 203 -0.45 36.37 -4.92
C TYR C 203 -1.79 35.68 -5.10
N VAL C 204 -1.76 34.38 -5.25
CA VAL C 204 -3.00 33.67 -5.44
C VAL C 204 -3.16 32.64 -4.35
N ALA C 205 -4.21 32.79 -3.54
CA ALA C 205 -4.50 31.87 -2.45
C ALA C 205 -5.54 30.83 -2.86
N ILE C 206 -5.21 29.55 -2.75
CA ILE C 206 -6.15 28.48 -3.11
C ILE C 206 -6.52 27.57 -1.92
N GLY C 207 -7.82 27.32 -1.72
CA GLY C 207 -8.26 26.45 -0.63
C GLY C 207 -7.82 26.84 0.76
N GLN C 208 -7.23 28.03 0.84
CA GLN C 208 -6.72 28.64 2.06
C GLN C 208 -7.87 29.07 2.96
N LYS C 209 -7.57 29.76 4.05
CA LYS C 209 -8.58 30.22 5.00
C LYS C 209 -8.57 31.75 4.93
N ARG C 210 -9.74 32.38 4.99
CA ARG C 210 -9.80 33.84 4.92
C ARG C 210 -8.92 34.52 5.96
N SER C 211 -9.05 34.07 7.20
CA SER C 211 -8.25 34.62 8.27
C SER C 211 -6.80 34.67 7.81
N THR C 212 -6.27 33.53 7.36
CA THR C 212 -4.89 33.43 6.90
C THR C 212 -4.53 34.48 5.85
N VAL C 213 -5.41 34.65 4.87
CA VAL C 213 -5.18 35.65 3.81
C VAL C 213 -5.20 37.05 4.40
N ALA C 214 -5.96 37.24 5.47
CA ALA C 214 -6.05 38.55 6.12
C ALA C 214 -4.67 38.96 6.60
N GLN C 215 -4.01 38.09 7.36
CA GLN C 215 -2.66 38.38 7.85
C GLN C 215 -1.86 38.73 6.61
N LEU C 216 -1.85 37.76 5.68
CA LEU C 216 -1.17 37.90 4.42
C LEU C 216 -1.17 39.35 3.92
N VAL C 217 -2.35 39.90 3.71
CA VAL C 217 -2.47 41.27 3.23
C VAL C 217 -2.26 42.36 4.30
N LYS C 218 -2.33 42.01 5.58
CA LYS C 218 -2.07 43.03 6.59
C LYS C 218 -0.55 43.17 6.58
N ARG C 219 0.10 42.03 6.36
CA ARG C 219 1.55 41.91 6.30
C ARG C 219 2.15 42.67 5.13
N LEU C 220 1.69 42.38 3.92
CA LEU C 220 2.21 43.05 2.74
C LEU C 220 1.95 44.55 2.83
N THR C 221 0.98 44.93 3.66
CA THR C 221 0.65 46.34 3.84
C THR C 221 1.65 46.96 4.82
N ASP C 222 2.08 46.18 5.82
CA ASP C 222 3.05 46.66 6.80
C ASP C 222 4.45 46.71 6.20
N ALA C 223 4.61 46.10 5.03
CA ALA C 223 5.89 46.10 4.35
C ALA C 223 5.75 47.06 3.18
N ASP C 224 4.55 47.64 3.07
CA ASP C 224 4.27 48.60 2.02
C ASP C 224 4.44 47.93 0.65
N ALA C 225 4.07 46.67 0.57
CA ALA C 225 4.19 45.92 -0.68
C ALA C 225 2.86 45.67 -1.36
N MET C 226 1.75 45.97 -0.67
CA MET C 226 0.41 45.76 -1.24
C MET C 226 0.21 46.60 -2.48
N LYS C 227 0.74 47.81 -2.45
CA LYS C 227 0.61 48.77 -3.56
C LYS C 227 1.08 48.29 -4.93
N TYR C 228 1.84 47.20 -4.98
CA TYR C 228 2.31 46.66 -6.27
C TYR C 228 1.98 45.17 -6.33
N THR C 229 1.07 44.76 -5.46
CA THR C 229 0.66 43.37 -5.37
C THR C 229 -0.83 43.19 -5.65
N ILE C 230 -1.14 42.20 -6.48
CA ILE C 230 -2.54 41.89 -6.76
C ILE C 230 -2.77 40.59 -6.04
N VAL C 231 -3.52 40.64 -4.95
CA VAL C 231 -3.81 39.41 -4.23
C VAL C 231 -5.11 38.87 -4.79
N VAL C 232 -5.06 37.62 -5.23
CA VAL C 232 -6.23 36.93 -5.78
C VAL C 232 -6.54 35.82 -4.77
N SER C 233 -7.75 35.84 -4.21
CA SER C 233 -8.11 34.86 -3.20
C SER C 233 -9.35 34.01 -3.39
N ALA C 234 -9.19 32.70 -3.19
CA ALA C 234 -10.32 31.77 -3.27
C ALA C 234 -10.09 30.85 -2.08
N THR C 235 -10.68 31.20 -0.95
CA THR C 235 -10.51 30.44 0.27
C THR C 235 -11.36 29.15 0.40
N ALA C 236 -11.02 28.37 1.43
CA ALA C 236 -11.66 27.10 1.76
C ALA C 236 -13.16 27.03 1.55
N SER C 237 -13.85 28.09 1.99
CA SER C 237 -15.29 28.17 1.88
C SER C 237 -15.80 28.54 0.48
N ASP C 238 -14.90 28.72 -0.49
CA ASP C 238 -15.31 29.06 -1.85
C ASP C 238 -15.58 27.79 -2.63
N ALA C 239 -16.53 27.83 -3.54
CA ALA C 239 -16.85 26.65 -4.32
C ALA C 239 -15.65 26.17 -5.10
N ALA C 240 -15.49 24.86 -5.23
CA ALA C 240 -14.33 24.28 -5.91
C ALA C 240 -13.81 24.98 -7.18
N PRO C 241 -14.70 25.25 -8.15
CA PRO C 241 -14.32 25.91 -9.42
C PRO C 241 -13.58 27.24 -9.20
N LEU C 242 -13.99 28.00 -8.20
CA LEU C 242 -13.34 29.27 -7.91
C LEU C 242 -11.91 29.03 -7.53
N GLN C 243 -11.65 27.94 -6.83
CA GLN C 243 -10.30 27.61 -6.43
C GLN C 243 -9.53 27.03 -7.59
N TYR C 244 -10.23 26.26 -8.41
CA TYR C 244 -9.66 25.66 -9.60
C TYR C 244 -9.30 26.77 -10.56
N LEU C 245 -10.21 27.72 -10.71
CA LEU C 245 -10.02 28.84 -11.63
C LEU C 245 -9.02 29.87 -11.12
N ALA C 246 -8.94 29.98 -9.79
CA ALA C 246 -8.07 30.97 -9.16
C ALA C 246 -6.72 31.15 -9.85
N PRO C 247 -5.94 30.08 -9.98
CA PRO C 247 -4.62 30.17 -10.62
C PRO C 247 -4.63 30.80 -12.01
N TYR C 248 -5.46 30.29 -12.91
CA TYR C 248 -5.49 30.82 -14.26
C TYR C 248 -5.96 32.28 -14.26
N SER C 249 -6.72 32.66 -13.24
CA SER C 249 -7.19 34.04 -13.14
C SER C 249 -5.98 34.94 -12.86
N GLY C 250 -5.24 34.57 -11.82
CA GLY C 250 -4.06 35.34 -11.46
C GLY C 250 -3.01 35.28 -12.54
N CYS C 251 -2.96 34.17 -13.27
CA CYS C 251 -2.00 34.02 -14.35
C CYS C 251 -2.35 35.10 -15.36
N SER C 252 -3.60 35.08 -15.79
CA SER C 252 -4.08 36.05 -16.76
C SER C 252 -3.72 37.48 -16.36
N MET C 253 -3.83 37.78 -15.08
CA MET C 253 -3.48 39.11 -14.63
C MET C 253 -1.97 39.32 -14.78
N GLY C 254 -1.21 38.25 -14.53
CA GLY C 254 0.22 38.33 -14.66
C GLY C 254 0.65 38.51 -16.09
N GLU C 255 -0.10 37.89 -17.00
CA GLU C 255 0.20 37.99 -18.43
C GLU C 255 0.05 39.43 -18.95
N TYR C 256 -1.00 40.12 -18.54
CA TYR C 256 -1.18 41.47 -19.03
C TYR C 256 0.13 42.22 -18.87
N PHE C 257 0.79 42.03 -17.73
CA PHE C 257 2.06 42.69 -17.51
C PHE C 257 3.10 42.08 -18.45
N ARG C 258 3.16 40.75 -18.51
CA ARG C 258 4.13 40.06 -19.35
C ARG C 258 3.98 40.40 -20.84
N ASP C 259 2.93 41.13 -21.18
CA ASP C 259 2.74 41.48 -22.58
C ASP C 259 2.81 42.97 -22.83
N ASN C 260 3.45 43.68 -21.90
CA ASN C 260 3.61 45.13 -22.02
C ASN C 260 4.93 45.62 -21.47
N GLY C 261 6.00 44.90 -21.77
CA GLY C 261 7.31 45.31 -21.32
C GLY C 261 7.39 45.60 -19.84
N LYS C 262 6.77 44.74 -19.05
CA LYS C 262 6.80 44.83 -17.60
C LYS C 262 7.02 43.40 -17.08
N HIS C 263 7.43 43.27 -15.83
CA HIS C 263 7.67 41.94 -15.27
C HIS C 263 6.78 41.63 -14.07
N ALA C 264 6.08 40.51 -14.13
CA ALA C 264 5.20 40.13 -13.04
C ALA C 264 5.61 38.82 -12.41
N LEU C 265 5.55 38.79 -11.08
CA LEU C 265 5.90 37.61 -10.31
C LEU C 265 4.64 37.02 -9.72
N ILE C 266 4.30 35.80 -10.12
CA ILE C 266 3.09 35.17 -9.63
C ILE C 266 3.35 34.06 -8.63
N ILE C 267 2.46 33.94 -7.64
CA ILE C 267 2.57 32.89 -6.62
C ILE C 267 1.29 32.09 -6.54
N TYR C 268 1.35 30.82 -6.91
CA TYR C 268 0.18 29.99 -6.85
C TYR C 268 0.16 29.31 -5.48
N ASP C 269 -0.22 30.04 -4.43
CA ASP C 269 -0.16 29.39 -3.14
C ASP C 269 -1.05 28.18 -2.94
N ASP C 270 -0.46 27.06 -3.34
CA ASP C 270 -0.98 25.73 -3.22
C ASP C 270 -1.78 25.13 -4.37
N LEU C 271 -1.03 24.47 -5.24
CA LEU C 271 -1.59 23.81 -6.39
C LEU C 271 -2.21 22.49 -5.95
N SER C 272 -1.79 22.04 -4.77
CA SER C 272 -2.33 20.80 -4.21
C SER C 272 -3.82 21.05 -3.98
N LYS C 273 -4.13 22.10 -3.23
CA LYS C 273 -5.52 22.40 -2.97
C LYS C 273 -6.24 22.60 -4.29
N GLN C 274 -5.56 23.26 -5.23
CA GLN C 274 -6.14 23.49 -6.55
C GLN C 274 -6.45 22.14 -7.18
N ALA C 275 -5.52 21.20 -7.07
CA ALA C 275 -5.73 19.86 -7.62
C ALA C 275 -6.94 19.23 -6.93
N VAL C 276 -7.06 19.46 -5.64
CA VAL C 276 -8.15 18.92 -4.82
C VAL C 276 -9.49 19.40 -5.37
N ALA C 277 -9.63 20.70 -5.47
CA ALA C 277 -10.85 21.29 -5.98
C ALA C 277 -11.13 20.75 -7.37
N TYR C 278 -10.10 20.69 -8.19
CA TYR C 278 -10.30 20.22 -9.56
C TYR C 278 -10.88 18.84 -9.54
N ARG C 279 -10.35 17.99 -8.65
CA ARG C 279 -10.86 16.62 -8.56
C ARG C 279 -12.33 16.61 -8.14
N GLN C 280 -12.66 17.42 -7.13
CA GLN C 280 -14.03 17.47 -6.64
C GLN C 280 -15.02 17.83 -7.75
N MET C 281 -14.63 18.78 -8.58
CA MET C 281 -15.47 19.23 -9.67
C MET C 281 -15.68 18.14 -10.69
N SER C 282 -14.58 17.52 -11.08
CA SER C 282 -14.57 16.46 -12.07
C SER C 282 -15.44 15.30 -11.59
N LEU C 283 -15.34 15.00 -10.30
CA LEU C 283 -16.12 13.91 -9.73
C LEU C 283 -17.61 14.15 -9.81
N LEU C 284 -18.03 15.40 -9.61
CA LEU C 284 -19.44 15.70 -9.66
C LEU C 284 -19.93 16.03 -11.07
N LEU C 285 -19.04 15.89 -12.04
CA LEU C 285 -19.38 16.08 -13.45
C LEU C 285 -19.45 14.67 -14.02
N ARG C 286 -19.32 13.69 -13.14
CA ARG C 286 -19.38 12.28 -13.50
C ARG C 286 -18.30 11.72 -14.45
N ARG C 287 -17.09 12.28 -14.42
CA ARG C 287 -16.03 11.75 -15.29
C ARG C 287 -15.30 10.74 -14.43
N PRO C 288 -14.96 9.57 -14.99
CA PRO C 288 -14.28 8.57 -14.18
C PRO C 288 -13.12 9.14 -13.41
N PRO C 289 -12.84 8.59 -12.21
CA PRO C 289 -11.73 9.06 -11.38
C PRO C 289 -10.45 8.32 -11.73
N GLY C 290 -9.35 8.63 -11.04
CA GLY C 290 -8.10 7.96 -11.35
C GLY C 290 -7.17 7.85 -10.16
N ARG C 291 -5.86 7.89 -10.42
CA ARG C 291 -4.85 7.81 -9.39
C ARG C 291 -5.26 8.71 -8.21
N GLU C 292 -5.41 8.12 -7.02
CA GLU C 292 -5.81 8.88 -5.83
C GLU C 292 -7.12 9.63 -6.06
N ALA C 293 -7.79 9.27 -7.17
CA ALA C 293 -9.09 9.82 -7.61
C ALA C 293 -9.08 11.11 -8.45
N TYR C 294 -7.91 11.66 -8.76
CA TYR C 294 -7.89 12.89 -9.55
C TYR C 294 -8.33 12.62 -10.98
N PRO C 295 -8.54 13.68 -11.76
CA PRO C 295 -8.97 13.45 -13.15
C PRO C 295 -7.83 12.85 -13.98
N GLY C 296 -8.17 12.48 -15.21
CA GLY C 296 -7.15 11.93 -16.07
C GLY C 296 -6.15 13.01 -16.40
N ASP C 297 -6.61 14.23 -16.62
CA ASP C 297 -5.71 15.32 -16.98
C ASP C 297 -5.24 16.27 -15.89
N VAL C 298 -4.92 15.73 -14.71
CA VAL C 298 -4.45 16.56 -13.59
C VAL C 298 -3.09 17.13 -13.94
N PHE C 299 -2.34 16.37 -14.72
CA PHE C 299 -1.04 16.82 -15.15
C PHE C 299 -1.26 18.07 -16.01
N TYR C 300 -2.14 17.95 -17.00
CA TYR C 300 -2.44 19.05 -17.88
C TYR C 300 -3.01 20.22 -17.10
N LEU C 301 -3.57 19.94 -15.93
CA LEU C 301 -4.12 21.00 -15.08
C LEU C 301 -3.03 21.99 -14.72
N HIS C 302 -1.87 21.48 -14.33
CA HIS C 302 -0.77 22.35 -13.94
C HIS C 302 0.20 22.71 -15.07
N SER C 303 0.49 21.77 -15.95
CA SER C 303 1.42 22.04 -17.06
C SER C 303 0.86 23.16 -17.92
N ARG C 304 -0.46 23.21 -17.98
CA ARG C 304 -1.14 24.21 -18.79
C ARG C 304 -0.98 25.59 -18.20
N LEU C 305 -0.97 25.66 -16.88
CA LEU C 305 -0.84 26.92 -16.17
C LEU C 305 0.58 27.47 -16.05
N LEU C 306 1.54 26.58 -15.80
CA LEU C 306 2.92 27.00 -15.59
C LEU C 306 3.70 27.39 -16.83
N GLU C 307 3.28 26.89 -17.98
CA GLU C 307 3.95 27.23 -19.21
C GLU C 307 3.72 28.70 -19.53
N ARG C 308 2.58 29.20 -19.08
CA ARG C 308 2.26 30.58 -19.34
C ARG C 308 3.29 31.51 -18.72
N ALA C 309 4.04 31.00 -17.76
CA ALA C 309 5.10 31.79 -17.14
C ALA C 309 6.17 31.81 -18.24
N ALA C 310 6.82 32.95 -18.47
CA ALA C 310 7.82 33.02 -19.53
C ALA C 310 8.49 34.35 -19.70
N LYS C 311 9.62 34.32 -20.41
CA LYS C 311 10.41 35.51 -20.72
C LYS C 311 10.22 35.83 -22.20
N MET C 312 9.44 36.87 -22.47
CA MET C 312 9.18 37.28 -23.84
C MET C 312 10.38 37.99 -24.43
N ASN C 313 10.56 37.87 -25.75
CA ASN C 313 11.66 38.58 -26.41
C ASN C 313 11.26 40.04 -26.67
N ASP C 314 12.25 40.83 -27.08
CA ASP C 314 12.03 42.24 -27.36
C ASP C 314 10.97 42.54 -28.41
N ALA C 315 10.77 41.61 -29.34
CA ALA C 315 9.76 41.76 -30.38
C ALA C 315 8.35 41.67 -29.78
N PHE C 316 8.24 41.02 -28.61
CA PHE C 316 6.97 40.86 -27.91
C PHE C 316 6.89 41.71 -26.65
N GLY C 317 7.76 42.72 -26.57
CA GLY C 317 7.78 43.61 -25.42
C GLY C 317 8.94 43.32 -24.49
N GLY C 318 9.45 42.10 -24.55
CA GLY C 318 10.55 41.71 -23.71
C GLY C 318 10.23 41.58 -22.22
N GLY C 319 8.96 41.41 -21.89
CA GLY C 319 8.56 41.28 -20.50
C GLY C 319 8.59 39.85 -20.00
N SER C 320 8.00 39.61 -18.83
CA SER C 320 7.98 38.27 -18.25
C SER C 320 6.95 37.99 -17.17
N LEU C 321 6.88 36.72 -16.80
CA LEU C 321 6.01 36.24 -15.75
C LEU C 321 6.70 35.02 -15.14
N THR C 322 7.16 35.16 -13.90
CA THR C 322 7.84 34.07 -13.21
C THR C 322 6.86 33.49 -12.19
N ALA C 323 6.85 32.17 -12.07
CA ALA C 323 5.94 31.54 -11.12
C ALA C 323 6.65 30.80 -10.01
N LEU C 324 6.04 30.82 -8.84
CA LEU C 324 6.56 30.11 -7.66
C LEU C 324 5.45 29.23 -7.10
N PRO C 325 4.91 28.33 -7.91
CA PRO C 325 3.84 27.47 -7.40
C PRO C 325 4.31 26.72 -6.17
N VAL C 326 3.46 26.65 -5.14
CA VAL C 326 3.80 25.97 -3.89
C VAL C 326 3.13 24.61 -3.77
N ILE C 327 3.91 23.55 -3.63
CA ILE C 327 3.34 22.22 -3.49
C ILE C 327 3.54 21.62 -2.09
N GLU C 328 2.48 21.04 -1.54
CA GLU C 328 2.50 20.38 -0.23
C GLU C 328 2.56 18.84 -0.38
N THR C 329 3.44 18.24 0.42
CA THR C 329 3.64 16.80 0.46
C THR C 329 3.22 16.33 1.84
N GLN C 330 2.94 15.03 1.96
CA GLN C 330 2.54 14.41 3.22
C GLN C 330 3.65 13.45 3.59
N ALA C 331 4.04 13.43 4.87
CA ALA C 331 5.10 12.52 5.28
C ALA C 331 6.31 12.68 4.38
N GLY C 332 6.49 13.92 3.89
CA GLY C 332 7.61 14.26 3.01
C GLY C 332 7.82 13.28 1.87
N ASP C 333 6.86 13.22 0.97
CA ASP C 333 6.93 12.29 -0.17
C ASP C 333 6.95 13.02 -1.51
N VAL C 334 8.08 13.66 -1.82
CA VAL C 334 8.22 14.34 -3.09
C VAL C 334 7.92 13.30 -4.16
N SER C 335 7.91 12.04 -3.75
CA SER C 335 7.65 10.92 -4.65
C SER C 335 6.18 10.48 -4.68
N ALA C 336 5.27 11.44 -4.67
CA ALA C 336 3.83 11.14 -4.71
C ALA C 336 3.23 11.78 -5.97
N TYR C 337 2.04 11.32 -6.35
CA TYR C 337 1.36 11.80 -7.56
C TYR C 337 1.59 13.27 -7.92
N ILE C 338 0.63 14.12 -7.58
CA ILE C 338 0.74 15.54 -7.85
C ILE C 338 2.18 16.01 -7.64
N PRO C 339 2.72 15.91 -6.41
CA PRO C 339 4.10 16.35 -6.22
C PRO C 339 5.05 16.06 -7.38
N THR C 340 5.03 14.84 -7.92
CA THR C 340 5.93 14.55 -9.05
C THR C 340 5.36 15.17 -10.31
N ASN C 341 4.05 15.33 -10.34
CA ASN C 341 3.43 15.93 -11.51
C ASN C 341 4.01 17.32 -11.73
N VAL C 342 4.01 18.16 -10.70
CA VAL C 342 4.53 19.51 -10.83
C VAL C 342 6.03 19.52 -11.00
N ILE C 343 6.74 18.84 -10.11
CA ILE C 343 8.19 18.79 -10.21
C ILE C 343 8.68 18.55 -11.64
N SER C 344 8.11 17.55 -12.30
CA SER C 344 8.52 17.22 -13.66
C SER C 344 8.03 18.25 -14.66
N ILE C 345 7.70 19.44 -14.16
CA ILE C 345 7.19 20.53 -14.99
C ILE C 345 8.03 21.77 -14.84
N THR C 346 8.17 22.23 -13.61
CA THR C 346 8.94 23.43 -13.28
C THR C 346 10.42 23.23 -13.55
N ASP C 347 11.12 24.35 -13.70
CA ASP C 347 12.55 24.33 -13.97
C ASP C 347 13.37 24.23 -12.70
N GLY C 348 13.09 23.21 -11.90
CA GLY C 348 13.81 23.03 -10.66
C GLY C 348 12.84 23.04 -9.51
N GLN C 349 13.34 23.30 -8.30
CA GLN C 349 12.49 23.32 -7.11
C GLN C 349 13.26 23.58 -5.83
N ILE C 350 12.63 24.31 -4.92
CA ILE C 350 13.20 24.57 -3.61
C ILE C 350 12.46 23.64 -2.65
N PHE C 351 13.21 22.77 -1.98
CA PHE C 351 12.63 21.82 -1.05
C PHE C 351 12.90 22.20 0.37
N LEU C 352 11.83 22.30 1.14
CA LEU C 352 11.95 22.63 2.55
C LEU C 352 11.66 21.35 3.31
N GLU C 353 12.30 21.19 4.46
CA GLU C 353 12.10 20.00 5.26
C GLU C 353 11.93 20.35 6.71
N THR C 354 11.10 19.59 7.40
CA THR C 354 10.84 19.81 8.81
C THR C 354 12.09 19.51 9.63
N GLU C 355 12.88 18.56 9.16
CA GLU C 355 14.09 18.19 9.88
C GLU C 355 15.07 19.38 10.01
N LEU C 356 15.31 20.08 8.91
CA LEU C 356 16.22 21.22 8.95
C LEU C 356 15.59 22.37 9.73
N PHE C 357 14.25 22.38 9.81
CA PHE C 357 13.55 23.44 10.53
C PHE C 357 13.79 23.47 12.03
N TYR C 358 13.78 22.31 12.64
CA TYR C 358 13.99 22.22 14.07
C TYR C 358 15.46 22.26 14.43
N LYS C 359 16.33 21.80 13.53
CA LYS C 359 17.75 21.85 13.81
C LYS C 359 18.15 23.30 13.93
N GLY C 360 17.35 24.18 13.34
CA GLY C 360 17.61 25.60 13.40
C GLY C 360 17.83 26.20 12.03
N ILE C 361 17.77 25.35 11.01
CA ILE C 361 18.00 25.79 9.65
C ILE C 361 16.77 26.44 9.04
N ARG C 362 16.56 27.72 9.35
CA ARG C 362 15.42 28.46 8.82
C ARG C 362 15.93 29.64 8.03
N PRO C 363 15.50 29.78 6.76
CA PRO C 363 14.56 28.90 6.06
C PRO C 363 15.04 27.46 5.82
N ALA C 364 14.20 26.50 6.22
CA ALA C 364 14.50 25.08 6.07
C ALA C 364 14.64 24.65 4.62
N ILE C 365 15.69 25.13 3.96
CA ILE C 365 15.98 24.79 2.58
C ILE C 365 17.08 23.74 2.55
N ASN C 366 16.76 22.58 1.99
CA ASN C 366 17.72 21.49 1.91
C ASN C 366 18.47 21.57 0.60
N VAL C 367 19.58 22.29 0.58
CA VAL C 367 20.37 22.39 -0.64
C VAL C 367 20.46 21.04 -1.37
N GLY C 368 20.70 19.97 -0.61
CA GLY C 368 20.83 18.65 -1.20
C GLY C 368 19.86 18.30 -2.31
N LEU C 369 18.61 18.75 -2.19
CA LEU C 369 17.61 18.45 -3.19
C LEU C 369 17.14 19.68 -3.98
N SER C 370 17.54 20.87 -3.54
CA SER C 370 17.15 22.12 -4.21
C SER C 370 18.00 22.60 -5.37
N VAL C 371 17.42 22.63 -6.57
CA VAL C 371 18.16 23.08 -7.74
C VAL C 371 17.40 24.13 -8.55
N SER C 372 18.15 24.82 -9.41
CA SER C 372 17.61 25.83 -10.32
C SER C 372 18.20 25.55 -11.69
N ARG C 373 17.34 25.15 -12.63
CA ARG C 373 17.77 24.83 -13.99
C ARG C 373 18.15 26.06 -14.79
N VAL C 374 18.37 27.15 -14.08
CA VAL C 374 18.76 28.43 -14.64
C VAL C 374 20.17 28.65 -14.12
N GLY C 375 20.36 28.32 -12.85
CA GLY C 375 21.64 28.47 -12.21
C GLY C 375 22.24 29.84 -12.46
N SER C 376 23.55 29.82 -12.76
CA SER C 376 24.32 31.03 -13.02
C SER C 376 23.56 32.02 -13.89
N ALA C 377 22.92 31.51 -14.93
CA ALA C 377 22.19 32.36 -15.85
C ALA C 377 21.37 33.45 -15.16
N ALA C 378 20.99 33.23 -13.91
CA ALA C 378 20.19 34.21 -13.18
C ALA C 378 20.86 34.96 -12.00
N GLN C 379 22.18 35.19 -12.02
CA GLN C 379 22.90 35.88 -10.90
C GLN C 379 23.76 37.11 -11.33
N THR C 380 23.76 38.22 -10.55
CA THR C 380 24.53 39.48 -10.81
C THR C 380 25.98 39.22 -10.50
N ARG C 381 26.88 39.92 -11.20
CA ARG C 381 28.33 39.79 -11.07
C ARG C 381 28.84 39.60 -9.64
N ALA C 382 28.68 40.63 -8.82
CA ALA C 382 29.15 40.63 -7.44
C ALA C 382 28.77 39.42 -6.62
N MET C 383 27.48 39.11 -6.57
CA MET C 383 26.99 37.97 -5.82
C MET C 383 27.67 36.72 -6.37
N LYS C 384 27.69 36.58 -7.69
CA LYS C 384 28.31 35.41 -8.30
C LYS C 384 29.73 35.25 -7.79
N GLN C 385 30.42 36.37 -7.62
CA GLN C 385 31.80 36.39 -7.11
C GLN C 385 31.96 35.69 -5.78
N VAL C 386 31.39 36.27 -4.72
CA VAL C 386 31.48 35.67 -3.38
C VAL C 386 30.64 34.40 -3.26
N ALA C 387 29.51 34.36 -3.96
CA ALA C 387 28.67 33.18 -3.93
C ALA C 387 29.39 32.09 -4.73
N GLY C 388 30.51 32.49 -5.32
CA GLY C 388 31.33 31.60 -6.15
C GLY C 388 30.93 30.14 -6.17
N THR C 389 31.50 29.37 -5.26
CA THR C 389 31.21 27.95 -5.19
C THR C 389 30.85 27.57 -3.76
N MET C 390 30.17 28.49 -3.07
CA MET C 390 29.71 28.26 -1.70
C MET C 390 28.67 27.16 -1.64
N LYS C 391 27.85 27.07 -2.69
CA LYS C 391 26.77 26.08 -2.73
C LYS C 391 27.21 24.61 -2.61
N LEU C 392 28.05 24.16 -3.55
CA LEU C 392 28.51 22.77 -3.51
C LEU C 392 29.31 22.60 -2.25
N GLU C 393 30.05 23.65 -1.90
CA GLU C 393 30.87 23.67 -0.70
C GLU C 393 30.01 23.40 0.52
N LEU C 394 28.85 24.04 0.60
CA LEU C 394 27.94 23.82 1.70
C LEU C 394 27.46 22.37 1.65
N ALA C 395 26.98 21.94 0.48
CA ALA C 395 26.50 20.58 0.30
C ALA C 395 27.67 19.64 0.55
N GLN C 396 28.87 20.15 0.43
CA GLN C 396 30.04 19.34 0.64
C GLN C 396 30.36 19.39 2.13
N TYR C 397 29.80 20.40 2.82
CA TYR C 397 30.01 20.49 4.27
C TYR C 397 29.14 19.39 4.85
N ARG C 398 27.98 19.16 4.24
CA ARG C 398 27.06 18.11 4.69
C ARG C 398 27.76 16.74 4.71
N GLU C 399 28.66 16.52 3.76
CA GLU C 399 29.45 15.28 3.66
C GLU C 399 30.21 15.15 4.99
N VAL C 400 30.68 16.28 5.51
CA VAL C 400 31.43 16.31 6.78
C VAL C 400 30.48 16.30 7.98
N ALA C 401 29.22 16.67 7.70
CA ALA C 401 28.18 16.75 8.73
C ALA C 401 27.89 15.44 9.45
N ALA C 402 28.20 14.31 8.81
CA ALA C 402 27.96 13.03 9.46
C ALA C 402 28.85 12.78 10.67
N PHE C 403 30.01 13.43 10.72
CA PHE C 403 30.88 13.20 11.87
C PHE C 403 30.43 14.09 13.05
N ALA C 404 30.36 15.39 12.79
CA ALA C 404 29.97 16.38 13.81
C ALA C 404 28.76 16.00 14.62
N ASP C 409 38.45 13.73 17.12
CA ASP C 409 39.85 14.10 17.02
C ASP C 409 40.10 14.48 15.59
N LEU C 410 39.11 15.20 15.11
CA LEU C 410 39.10 15.64 13.76
C LEU C 410 40.38 16.28 13.42
N ASP C 411 40.79 16.01 12.21
CA ASP C 411 41.98 16.64 11.77
C ASP C 411 41.61 18.05 11.37
N ALA C 412 42.48 18.95 11.81
CA ALA C 412 42.37 20.38 11.57
C ALA C 412 41.84 20.71 10.20
N ALA C 413 42.30 19.93 9.23
CA ALA C 413 41.88 20.11 7.86
C ALA C 413 40.36 19.98 7.74
N THR C 414 39.83 18.78 7.84
CA THR C 414 38.40 18.59 7.69
C THR C 414 37.63 19.40 8.73
N GLN C 415 38.29 19.67 9.85
CA GLN C 415 37.68 20.42 10.93
C GLN C 415 37.37 21.76 10.29
N GLN C 416 38.16 22.13 9.29
CA GLN C 416 37.95 23.39 8.62
C GLN C 416 36.74 23.33 7.70
N LEU C 417 36.59 22.30 6.86
CA LEU C 417 35.43 22.19 5.95
C LEU C 417 34.16 22.36 6.78
N LEU C 418 34.24 21.88 8.01
CA LEU C 418 33.16 21.92 8.98
C LEU C 418 33.18 23.23 9.74
N SER C 419 34.14 24.08 9.38
CA SER C 419 34.28 25.38 10.01
C SER C 419 33.66 26.50 9.20
N ARG C 420 33.62 26.35 7.88
CA ARG C 420 33.03 27.37 7.00
C ARG C 420 31.53 27.17 7.05
N GLY C 421 31.13 25.95 6.75
CA GLY C 421 29.72 25.57 6.73
C GLY C 421 28.91 25.97 7.94
N VAL C 422 29.55 25.95 9.11
CA VAL C 422 28.86 26.31 10.34
C VAL C 422 28.79 27.82 10.43
N ARG C 423 29.74 28.49 9.79
CA ARG C 423 29.78 29.94 9.79
C ARG C 423 28.81 30.52 8.75
N LEU C 424 28.96 30.10 7.48
CA LEU C 424 28.11 30.61 6.42
C LEU C 424 26.64 30.44 6.76
N THR C 425 26.34 29.30 7.36
CA THR C 425 24.98 28.97 7.76
C THR C 425 24.35 30.09 8.58
N GLU C 426 25.04 30.53 9.62
CA GLU C 426 24.52 31.60 10.44
C GLU C 426 24.37 32.89 9.63
N LEU C 427 25.29 33.12 8.70
CA LEU C 427 25.26 34.31 7.88
C LEU C 427 24.12 34.29 6.90
N LEU C 428 23.52 33.12 6.69
CA LEU C 428 22.41 33.02 5.77
C LEU C 428 21.06 33.22 6.47
N LYS C 429 21.02 33.00 7.78
CA LYS C 429 19.78 33.18 8.54
C LYS C 429 19.34 34.64 8.36
N GLN C 430 18.05 34.93 8.50
CA GLN C 430 17.59 36.30 8.33
C GLN C 430 16.26 36.66 9.00
N GLY C 431 15.97 37.95 9.02
CA GLY C 431 14.73 38.45 9.59
C GLY C 431 13.70 38.70 8.49
N GLN C 432 12.42 38.71 8.87
CA GLN C 432 11.35 38.94 7.90
C GLN C 432 11.01 40.42 7.72
N TYR C 433 10.42 40.73 6.57
CA TYR C 433 9.98 42.09 6.25
C TYR C 433 11.11 43.11 6.24
N SER C 434 12.34 42.60 6.21
CA SER C 434 13.55 43.42 6.18
C SER C 434 14.46 42.85 5.10
N PRO C 435 14.08 43.00 3.83
CA PRO C 435 14.92 42.48 2.75
C PRO C 435 16.20 43.31 2.67
N MET C 436 17.21 42.78 1.97
CA MET C 436 18.49 43.46 1.81
C MET C 436 18.78 43.78 0.35
N ALA C 437 19.39 44.92 0.11
CA ALA C 437 19.76 45.31 -1.24
C ALA C 437 20.81 44.27 -1.64
N ILE C 438 20.86 43.92 -2.92
CA ILE C 438 21.84 42.95 -3.36
C ILE C 438 23.24 43.33 -2.94
N GLU C 439 23.48 44.62 -2.75
CA GLU C 439 24.80 45.12 -2.33
C GLU C 439 25.04 44.85 -0.86
N GLU C 440 23.99 44.93 -0.06
CA GLU C 440 24.13 44.69 1.37
C GLU C 440 24.40 43.21 1.61
N GLN C 441 23.76 42.36 0.82
CA GLN C 441 23.92 40.92 0.94
C GLN C 441 25.34 40.50 0.58
N VAL C 442 25.88 41.10 -0.48
CA VAL C 442 27.23 40.78 -0.92
C VAL C 442 28.20 41.18 0.18
N ALA C 443 28.00 42.36 0.74
CA ALA C 443 28.86 42.84 1.81
C ALA C 443 28.96 41.83 2.94
N VAL C 444 27.83 41.32 3.43
CA VAL C 444 27.92 40.35 4.54
C VAL C 444 28.37 38.97 4.06
N ILE C 445 27.79 38.47 2.97
CA ILE C 445 28.20 37.17 2.47
C ILE C 445 29.73 37.18 2.29
N TYR C 446 30.26 38.30 1.81
CA TYR C 446 31.70 38.47 1.61
C TYR C 446 32.46 38.19 2.90
N ALA C 447 32.00 38.80 3.99
CA ALA C 447 32.62 38.63 5.29
C ALA C 447 32.74 37.17 5.73
N GLY C 448 31.86 36.33 5.22
CA GLY C 448 31.92 34.93 5.60
C GLY C 448 32.71 34.10 4.61
N VAL C 449 32.35 34.22 3.34
CA VAL C 449 33.01 33.46 2.28
C VAL C 449 34.52 33.68 2.17
N ARG C 450 35.00 34.87 2.50
CA ARG C 450 36.44 35.13 2.41
C ARG C 450 37.15 34.67 3.68
N GLY C 451 36.56 33.68 4.36
CA GLY C 451 37.12 33.13 5.59
C GLY C 451 37.41 34.05 6.76
N TYR C 452 37.12 35.34 6.61
CA TYR C 452 37.41 36.30 7.67
C TYR C 452 36.64 36.14 8.98
N LEU C 453 35.71 35.19 9.05
CA LEU C 453 34.93 34.97 10.26
C LEU C 453 35.10 33.55 10.78
N ASP C 454 36.06 32.84 10.21
CA ASP C 454 36.31 31.46 10.59
C ASP C 454 36.78 31.26 12.03
N LYS C 455 37.27 32.32 12.66
CA LYS C 455 37.72 32.22 14.04
C LYS C 455 36.79 33.04 14.93
N LEU C 456 35.50 32.81 14.73
CA LEU C 456 34.44 33.47 15.49
C LEU C 456 33.45 32.40 15.94
N GLU C 457 32.71 32.70 17.00
CA GLU C 457 31.75 31.76 17.56
C GLU C 457 30.45 31.79 16.76
N PRO C 458 30.11 30.69 16.10
CA PRO C 458 28.89 30.62 15.29
C PRO C 458 27.76 31.46 15.85
N SER C 459 27.26 31.08 17.02
CA SER C 459 26.17 31.81 17.66
C SER C 459 26.36 33.33 17.67
N LYS C 460 27.58 33.78 17.40
CA LYS C 460 27.87 35.22 17.39
C LYS C 460 27.67 35.82 15.99
N ILE C 461 27.77 34.97 14.98
CA ILE C 461 27.62 35.44 13.62
C ILE C 461 26.44 36.38 13.39
N THR C 462 25.24 35.91 13.69
CA THR C 462 24.03 36.73 13.52
C THR C 462 24.09 38.09 14.21
N LYS C 463 24.50 38.12 15.48
CA LYS C 463 24.57 39.39 16.19
C LYS C 463 25.53 40.32 15.46
N PHE C 464 26.51 39.72 14.80
CA PHE C 464 27.53 40.43 14.04
C PHE C 464 26.99 41.01 12.73
N GLU C 465 26.30 40.18 11.95
CA GLU C 465 25.77 40.68 10.69
C GLU C 465 25.05 41.97 10.97
N ASN C 466 24.21 41.97 12.01
CA ASN C 466 23.47 43.17 12.38
C ASN C 466 24.38 44.37 12.55
N ALA C 467 25.23 44.35 13.56
CA ALA C 467 26.15 45.46 13.84
C ALA C 467 26.89 45.89 12.57
N PHE C 468 27.50 44.93 11.90
CA PHE C 468 28.25 45.19 10.68
C PHE C 468 27.38 45.97 9.72
N LEU C 469 26.41 45.30 9.13
CA LEU C 469 25.51 45.93 8.19
C LEU C 469 25.15 47.37 8.58
N SER C 470 24.59 47.56 9.76
CA SER C 470 24.19 48.89 10.25
C SER C 470 25.37 49.86 10.14
N HIS C 471 26.57 49.32 10.08
CA HIS C 471 27.76 50.13 9.97
C HIS C 471 27.97 50.51 8.51
N VAL C 472 28.07 49.51 7.64
CA VAL C 472 28.27 49.77 6.22
C VAL C 472 27.17 50.71 5.73
N ILE C 473 25.92 50.37 6.04
CA ILE C 473 24.78 51.18 5.63
C ILE C 473 24.82 52.58 6.22
N SER C 474 25.55 52.77 7.31
CA SER C 474 25.66 54.08 7.95
C SER C 474 26.85 54.89 7.41
N GLN C 475 28.04 54.51 7.86
CA GLN C 475 29.27 55.19 7.47
C GLN C 475 29.71 55.05 6.02
N HIS C 476 29.51 53.85 5.45
CA HIS C 476 29.94 53.59 4.07
C HIS C 476 28.88 53.50 2.98
N GLN C 477 28.09 54.57 2.86
CA GLN C 477 27.04 54.62 1.85
C GLN C 477 27.64 54.49 0.44
N ALA C 478 28.75 55.17 0.22
CA ALA C 478 29.44 55.16 -1.06
C ALA C 478 29.97 53.79 -1.48
N LEU C 479 30.57 53.04 -0.54
CA LEU C 479 31.10 51.73 -0.89
C LEU C 479 29.97 50.93 -1.53
N LEU C 480 28.89 50.70 -0.78
CA LEU C 480 27.76 49.97 -1.33
C LEU C 480 27.35 50.66 -2.62
N GLY C 481 27.29 52.00 -2.56
CA GLY C 481 26.92 52.80 -3.72
C GLY C 481 27.63 52.35 -4.98
N LYS C 482 28.79 51.74 -4.83
CA LYS C 482 29.51 51.26 -5.99
C LYS C 482 28.99 49.86 -6.32
N ILE C 483 29.55 48.83 -5.68
CA ILE C 483 29.14 47.44 -5.92
C ILE C 483 27.84 47.28 -6.74
N ARG C 484 26.81 48.06 -6.43
CA ARG C 484 25.55 48.02 -7.19
C ARG C 484 25.83 48.55 -8.59
N THR C 485 26.14 49.85 -8.66
CA THR C 485 26.45 50.55 -9.91
C THR C 485 27.27 49.70 -10.86
N ASP C 486 28.18 48.89 -10.32
CA ASP C 486 29.02 48.05 -11.16
C ASP C 486 28.69 46.58 -10.91
N GLY C 487 27.69 46.34 -10.06
CA GLY C 487 27.25 44.99 -9.72
C GLY C 487 28.41 44.01 -9.61
N LYS C 488 29.60 44.55 -9.33
CA LYS C 488 30.82 43.77 -9.29
C LYS C 488 31.75 44.24 -8.14
N ILE C 489 32.49 43.30 -7.58
CA ILE C 489 33.43 43.60 -6.52
C ILE C 489 34.79 43.87 -7.17
N SER C 490 35.13 45.14 -7.34
CA SER C 490 36.40 45.50 -7.95
C SER C 490 37.48 45.34 -6.92
N GLU C 491 38.72 45.44 -7.37
CA GLU C 491 39.92 45.33 -6.54
C GLU C 491 39.88 46.23 -5.30
N GLU C 492 39.63 47.51 -5.53
CA GLU C 492 39.56 48.50 -4.47
C GLU C 492 38.39 48.17 -3.53
N SER C 493 37.39 47.47 -4.03
CA SER C 493 36.23 47.11 -3.21
C SER C 493 36.44 45.81 -2.44
N ASP C 494 37.29 44.94 -2.97
CA ASP C 494 37.60 43.68 -2.30
C ASP C 494 38.52 44.02 -1.13
N ALA C 495 39.20 45.15 -1.27
CA ALA C 495 40.13 45.63 -0.27
C ALA C 495 39.44 46.36 0.85
N LYS C 496 38.59 47.33 0.50
CA LYS C 496 37.87 48.14 1.48
C LYS C 496 36.90 47.29 2.30
N LEU C 497 36.60 46.08 1.82
CA LEU C 497 35.71 45.19 2.53
C LEU C 497 36.51 44.29 3.48
N LYS C 498 37.72 43.90 3.08
CA LYS C 498 38.57 43.08 3.93
C LYS C 498 39.04 43.98 5.06
N GLU C 499 39.15 45.25 4.75
CA GLU C 499 39.58 46.20 5.74
C GLU C 499 38.52 46.23 6.85
N ILE C 500 37.25 46.36 6.46
CA ILE C 500 36.18 46.44 7.42
C ILE C 500 35.84 45.16 8.19
N VAL C 501 35.58 44.04 7.50
CA VAL C 501 35.21 42.85 8.27
C VAL C 501 36.22 42.44 9.33
N THR C 502 37.48 42.26 8.93
CA THR C 502 38.55 41.85 9.85
C THR C 502 38.78 42.74 11.07
N ASN C 503 38.69 44.05 10.89
CA ASN C 503 38.91 44.96 12.02
C ASN C 503 37.61 45.08 12.80
N PHE C 504 36.51 45.25 12.09
CA PHE C 504 35.21 45.35 12.74
C PHE C 504 35.00 44.07 13.54
N LEU C 505 35.23 42.94 12.91
CA LEU C 505 35.07 41.65 13.55
C LEU C 505 35.84 41.58 14.84
N ALA C 506 37.11 41.95 14.79
CA ALA C 506 37.97 41.91 15.97
C ALA C 506 37.45 42.85 17.07
N GLY C 507 37.07 44.06 16.70
CA GLY C 507 36.54 44.98 17.68
C GLY C 507 35.30 44.35 18.28
N PHE C 508 34.67 43.48 17.51
CA PHE C 508 33.46 42.79 17.94
C PHE C 508 33.79 41.68 18.95
N GLU C 509 34.92 41.02 18.77
CA GLU C 509 35.29 39.95 19.70
C GLU C 509 36.14 40.49 20.83
N ALA C 510 36.17 41.81 20.96
CA ALA C 510 36.95 42.48 22.00
C ALA C 510 37.12 41.63 23.26
N THR D 13 -17.35 14.52 -46.48
CA THR D 13 -18.67 14.41 -45.79
C THR D 13 -18.70 15.25 -44.52
N THR D 14 -19.85 15.86 -44.24
CA THR D 14 -20.01 16.72 -43.07
C THR D 14 -20.72 16.11 -41.87
N GLY D 15 -20.14 16.33 -40.69
CA GLY D 15 -20.71 15.82 -39.47
C GLY D 15 -21.00 16.93 -38.49
N ARG D 16 -21.72 16.60 -37.42
CA ARG D 16 -22.06 17.57 -36.40
C ARG D 16 -21.59 17.08 -35.04
N ILE D 17 -21.10 18.02 -34.24
CA ILE D 17 -20.64 17.71 -32.90
C ILE D 17 -21.87 17.40 -32.05
N VAL D 18 -21.81 16.37 -31.23
CA VAL D 18 -22.96 16.04 -30.40
C VAL D 18 -22.62 15.95 -28.91
N ALA D 19 -21.34 16.01 -28.60
CA ALA D 19 -20.91 15.94 -27.20
C ALA D 19 -19.45 16.37 -27.08
N VAL D 20 -19.19 17.23 -26.10
CA VAL D 20 -17.85 17.75 -25.87
C VAL D 20 -17.49 17.67 -24.39
N ILE D 21 -16.65 16.71 -24.04
CA ILE D 21 -16.16 16.56 -22.68
C ILE D 21 -14.65 16.54 -22.84
N GLY D 22 -14.00 17.62 -22.44
CA GLY D 22 -12.56 17.72 -22.54
C GLY D 22 -11.99 17.53 -23.94
N ALA D 23 -10.95 16.70 -24.02
CA ALA D 23 -10.31 16.41 -25.29
C ALA D 23 -11.12 15.38 -26.06
N VAL D 24 -12.20 14.90 -25.44
CA VAL D 24 -13.03 13.90 -26.08
C VAL D 24 -14.30 14.52 -26.63
N VAL D 25 -14.46 14.49 -27.94
CA VAL D 25 -15.63 15.06 -28.60
C VAL D 25 -16.36 14.04 -29.46
N ASP D 26 -17.69 14.01 -29.37
CA ASP D 26 -18.50 13.09 -30.16
C ASP D 26 -19.11 13.79 -31.37
N VAL D 27 -18.88 13.23 -32.56
CA VAL D 27 -19.42 13.80 -33.79
C VAL D 27 -20.30 12.81 -34.52
N GLN D 28 -21.51 13.25 -34.84
CA GLN D 28 -22.48 12.38 -35.51
C GLN D 28 -22.60 12.65 -37.01
N PHE D 29 -22.40 11.61 -37.80
CA PHE D 29 -22.50 11.72 -39.24
C PHE D 29 -23.77 11.06 -39.75
N ASP D 30 -24.48 11.75 -40.64
CA ASP D 30 -25.70 11.23 -41.23
C ASP D 30 -25.35 10.62 -42.58
N GLU D 31 -24.49 11.31 -43.31
CA GLU D 31 -24.04 10.86 -44.62
C GLU D 31 -23.20 9.59 -44.39
N GLY D 32 -21.89 9.69 -44.61
CA GLY D 32 -21.03 8.54 -44.41
C GLY D 32 -20.23 8.68 -43.13
N LEU D 33 -19.93 7.56 -42.50
CA LEU D 33 -19.18 7.56 -41.24
C LEU D 33 -17.69 7.39 -41.48
N PRO D 34 -16.87 8.39 -41.11
CA PRO D 34 -15.43 8.30 -41.30
C PRO D 34 -14.77 7.16 -40.56
N PRO D 35 -13.81 6.48 -41.21
CA PRO D 35 -13.09 5.35 -40.60
C PRO D 35 -12.23 5.85 -39.46
N ILE D 36 -11.93 4.95 -38.52
CA ILE D 36 -11.11 5.30 -37.38
C ILE D 36 -9.73 5.76 -37.82
N LEU D 37 -9.19 6.74 -37.10
CA LEU D 37 -7.87 7.31 -37.40
C LEU D 37 -7.98 8.40 -38.45
N ASN D 38 -9.21 8.74 -38.82
CA ASN D 38 -9.43 9.77 -39.81
C ASN D 38 -9.46 11.13 -39.15
N ALA D 39 -8.80 12.11 -39.79
CA ALA D 39 -8.76 13.47 -39.28
C ALA D 39 -10.02 14.24 -39.68
N LEU D 40 -10.58 14.98 -38.72
CA LEU D 40 -11.79 15.74 -38.96
C LEU D 40 -11.58 17.22 -38.71
N GLU D 41 -11.95 18.03 -39.69
CA GLU D 41 -11.81 19.47 -39.58
C GLU D 41 -13.06 20.10 -38.99
N VAL D 42 -12.89 20.80 -37.87
CA VAL D 42 -14.02 21.45 -37.23
C VAL D 42 -14.18 22.80 -37.90
N GLN D 43 -15.33 22.99 -38.54
CA GLN D 43 -15.58 24.25 -39.22
C GLN D 43 -15.90 25.32 -38.18
N GLY D 44 -15.81 26.57 -38.61
CA GLY D 44 -16.11 27.68 -37.73
C GLY D 44 -15.07 28.04 -36.70
N ARG D 45 -13.79 27.90 -37.03
CA ARG D 45 -12.74 28.25 -36.08
C ARG D 45 -11.59 29.04 -36.72
N GLU D 46 -11.10 30.03 -35.98
CA GLU D 46 -10.03 30.91 -36.42
C GLU D 46 -8.67 30.23 -36.34
N THR D 47 -8.69 28.92 -36.12
CA THR D 47 -7.48 28.12 -36.02
C THR D 47 -7.87 26.70 -36.32
N ARG D 48 -7.22 26.09 -37.31
CA ARG D 48 -7.53 24.73 -37.70
C ARG D 48 -7.62 23.82 -36.49
N LEU D 49 -8.75 23.14 -36.35
CA LEU D 49 -8.96 22.21 -35.22
C LEU D 49 -9.25 20.80 -35.74
N VAL D 50 -8.28 19.90 -35.54
CA VAL D 50 -8.38 18.52 -35.98
C VAL D 50 -8.89 17.52 -34.96
N LEU D 51 -9.87 16.73 -35.36
CA LEU D 51 -10.44 15.71 -34.48
C LEU D 51 -10.13 14.33 -35.05
N GLU D 52 -9.40 13.50 -34.31
CA GLU D 52 -9.05 12.16 -34.78
C GLU D 52 -10.08 11.11 -34.40
N VAL D 53 -10.64 10.42 -35.38
CA VAL D 53 -11.65 9.41 -35.08
C VAL D 53 -11.07 8.24 -34.27
N ALA D 54 -11.51 8.12 -33.03
CA ALA D 54 -11.00 7.07 -32.16
C ALA D 54 -11.89 5.84 -32.07
N GLN D 55 -13.20 6.06 -32.11
CA GLN D 55 -14.11 4.94 -31.97
C GLN D 55 -15.43 5.12 -32.72
N HIS D 56 -16.14 4.01 -32.88
CA HIS D 56 -17.43 4.02 -33.52
C HIS D 56 -18.40 3.64 -32.41
N LEU D 57 -18.98 4.66 -31.75
CA LEU D 57 -19.89 4.45 -30.64
C LEU D 57 -21.17 3.75 -31.02
N GLY D 58 -21.50 3.79 -32.31
CA GLY D 58 -22.72 3.18 -32.80
C GLY D 58 -23.66 4.30 -33.21
N GLU D 59 -24.83 3.95 -33.71
CA GLU D 59 -25.83 4.93 -34.14
C GLU D 59 -25.25 6.17 -34.85
N SER D 60 -24.47 5.89 -35.89
CA SER D 60 -23.86 6.91 -36.72
C SER D 60 -23.15 8.02 -35.97
N THR D 61 -22.49 7.67 -34.88
CA THR D 61 -21.77 8.65 -34.10
C THR D 61 -20.36 8.13 -33.81
N VAL D 62 -19.35 8.97 -34.06
CA VAL D 62 -17.98 8.58 -33.80
C VAL D 62 -17.43 9.41 -32.64
N ARG D 63 -16.52 8.84 -31.87
CA ARG D 63 -15.91 9.56 -30.76
C ARG D 63 -14.49 9.92 -31.20
N THR D 64 -14.07 11.15 -30.92
CA THR D 64 -12.76 11.61 -31.35
C THR D 64 -11.98 12.42 -30.32
N ILE D 65 -10.64 12.31 -30.36
CA ILE D 65 -9.78 13.07 -29.45
C ILE D 65 -9.32 14.30 -30.22
N ALA D 66 -9.45 15.48 -29.60
CA ALA D 66 -9.08 16.74 -30.23
C ALA D 66 -7.60 17.00 -30.22
N MET D 67 -7.07 17.43 -31.37
CA MET D 67 -5.66 17.72 -31.49
C MET D 67 -5.35 19.13 -31.02
N ASP D 68 -6.31 19.71 -30.31
CA ASP D 68 -6.17 21.05 -29.75
C ASP D 68 -7.24 21.27 -28.68
N GLY D 69 -7.39 22.52 -28.25
CA GLY D 69 -8.38 22.84 -27.24
C GLY D 69 -9.80 22.74 -27.75
N THR D 70 -10.74 22.51 -26.85
CA THR D 70 -12.14 22.41 -27.24
C THR D 70 -12.89 23.63 -26.73
N GLU D 71 -12.15 24.58 -26.17
CA GLU D 71 -12.71 25.81 -25.64
C GLU D 71 -13.47 26.52 -26.77
N GLY D 72 -14.79 26.54 -26.68
CA GLY D 72 -15.58 27.21 -27.71
C GLY D 72 -16.41 26.35 -28.65
N LEU D 73 -16.23 25.03 -28.63
CA LEU D 73 -17.02 24.20 -29.52
C LEU D 73 -18.48 24.25 -29.15
N VAL D 74 -19.35 24.08 -30.15
CA VAL D 74 -20.78 24.09 -29.91
C VAL D 74 -21.45 22.80 -30.40
N ARG D 75 -22.40 22.29 -29.60
CA ARG D 75 -23.11 21.09 -29.98
C ARG D 75 -23.78 21.36 -31.32
N GLY D 76 -23.58 20.49 -32.30
CA GLY D 76 -24.16 20.68 -33.60
C GLY D 76 -23.20 21.29 -34.63
N GLN D 77 -22.07 21.81 -34.15
CA GLN D 77 -21.08 22.42 -35.04
C GLN D 77 -20.65 21.44 -36.11
N LYS D 78 -20.42 21.95 -37.31
CA LYS D 78 -20.04 21.14 -38.45
C LYS D 78 -18.62 20.58 -38.38
N VAL D 79 -18.44 19.41 -38.97
CA VAL D 79 -17.14 18.76 -38.97
C VAL D 79 -16.91 18.07 -40.32
N LEU D 80 -15.92 18.58 -41.06
CA LEU D 80 -15.59 18.03 -42.38
C LEU D 80 -14.54 16.93 -42.34
N ASP D 81 -14.95 15.73 -42.76
CA ASP D 81 -14.07 14.57 -42.82
C ASP D 81 -13.07 14.80 -43.95
N SER D 82 -11.78 14.89 -43.60
CA SER D 82 -10.74 15.14 -44.60
C SER D 82 -10.47 13.92 -45.47
N GLY D 83 -11.17 12.82 -45.17
CA GLY D 83 -11.00 11.61 -45.96
C GLY D 83 -9.93 10.67 -45.48
N ALA D 84 -8.90 11.20 -44.81
CA ALA D 84 -7.81 10.37 -44.31
C ALA D 84 -7.24 10.78 -42.96
N PRO D 85 -6.27 10.02 -42.44
CA PRO D 85 -5.60 10.26 -41.16
C PRO D 85 -4.84 11.59 -41.20
N ILE D 86 -4.27 11.99 -40.08
CA ILE D 86 -3.53 13.24 -40.05
C ILE D 86 -2.35 13.11 -41.01
N ARG D 87 -2.32 13.96 -42.03
CA ARG D 87 -1.22 13.94 -42.98
C ARG D 87 -0.46 15.24 -42.77
N ILE D 88 0.86 15.13 -42.65
CA ILE D 88 1.71 16.28 -42.43
C ILE D 88 2.74 16.40 -43.54
N PRO D 89 3.35 17.59 -43.66
CA PRO D 89 4.37 17.84 -44.67
C PRO D 89 5.65 17.11 -44.32
N VAL D 90 6.22 16.41 -45.29
CA VAL D 90 7.48 15.69 -45.08
C VAL D 90 8.41 16.07 -46.21
N GLY D 91 9.65 15.64 -46.09
CA GLY D 91 10.63 15.96 -47.10
C GLY D 91 11.61 17.00 -46.63
N PRO D 92 12.71 17.18 -47.38
CA PRO D 92 13.79 18.13 -47.10
C PRO D 92 13.35 19.52 -46.69
N GLU D 93 12.23 20.00 -47.22
CA GLU D 93 11.78 21.35 -46.90
C GLU D 93 11.31 21.54 -45.45
N THR D 94 11.25 20.44 -44.70
CA THR D 94 10.86 20.55 -43.30
C THR D 94 12.10 20.96 -42.52
N LEU D 95 13.25 20.46 -42.95
CA LEU D 95 14.53 20.77 -42.30
C LEU D 95 14.65 22.24 -41.93
N GLY D 96 14.89 22.51 -40.65
CA GLY D 96 15.04 23.88 -40.19
C GLY D 96 13.72 24.49 -39.75
N ARG D 97 12.63 23.82 -40.11
CA ARG D 97 11.31 24.29 -39.76
C ARG D 97 10.74 23.59 -38.53
N ILE D 98 10.05 24.36 -37.69
CA ILE D 98 9.44 23.81 -36.49
C ILE D 98 8.00 23.48 -36.84
N MET D 99 7.69 22.18 -36.82
CA MET D 99 6.36 21.70 -37.17
C MET D 99 5.42 21.44 -35.99
N ASN D 100 4.12 21.40 -36.30
CA ASN D 100 3.06 21.19 -35.32
C ASN D 100 2.79 19.72 -35.14
N VAL D 101 1.60 19.38 -34.68
CA VAL D 101 1.23 17.98 -34.52
C VAL D 101 0.46 17.57 -35.77
N ILE D 102 -0.21 18.54 -36.37
CA ILE D 102 -0.98 18.30 -37.57
C ILE D 102 -0.31 18.88 -38.82
N GLY D 103 1.00 19.09 -38.73
CA GLY D 103 1.77 19.59 -39.86
C GLY D 103 1.87 21.09 -40.02
N GLU D 104 1.17 21.83 -39.15
CA GLU D 104 1.19 23.28 -39.22
C GLU D 104 2.56 23.82 -38.83
N PRO D 105 3.04 24.85 -39.54
CA PRO D 105 4.35 25.40 -39.17
C PRO D 105 4.17 26.37 -38.00
N ILE D 106 5.03 26.27 -36.99
CA ILE D 106 4.94 27.13 -35.82
C ILE D 106 6.18 27.96 -35.56
N ASP D 107 6.89 28.31 -36.61
CA ASP D 107 8.09 29.12 -36.49
C ASP D 107 7.80 30.52 -37.01
N GLU D 108 6.56 30.73 -37.46
CA GLU D 108 6.15 32.01 -38.01
C GLU D 108 6.92 32.30 -39.30
N ARG D 109 7.53 31.25 -39.84
CA ARG D 109 8.29 31.38 -41.08
C ARG D 109 7.44 31.01 -42.28
N GLY D 110 6.14 31.26 -42.17
CA GLY D 110 5.24 30.97 -43.26
C GLY D 110 4.90 29.51 -43.44
N PRO D 111 4.33 29.13 -44.60
CA PRO D 111 3.96 27.76 -44.90
C PRO D 111 5.14 26.85 -45.26
N ILE D 112 4.91 25.54 -45.18
CA ILE D 112 5.94 24.57 -45.52
C ILE D 112 5.55 23.95 -46.86
N LYS D 113 5.78 24.69 -47.93
CA LYS D 113 5.45 24.25 -49.29
C LYS D 113 6.07 22.90 -49.66
N THR D 114 5.45 21.83 -49.22
CA THR D 114 5.93 20.48 -49.49
C THR D 114 5.15 19.88 -50.64
N LYS D 115 5.77 18.95 -51.36
CA LYS D 115 5.15 18.29 -52.50
C LYS D 115 4.59 16.91 -52.14
N GLN D 116 4.76 16.51 -50.87
CA GLN D 116 4.27 15.22 -50.41
C GLN D 116 3.88 15.31 -48.94
N PHE D 117 2.76 14.66 -48.60
CA PHE D 117 2.27 14.63 -47.24
C PHE D 117 2.04 13.16 -46.87
N ALA D 118 2.52 12.77 -45.69
CA ALA D 118 2.33 11.39 -45.23
C ALA D 118 1.40 11.37 -44.03
N ALA D 119 0.74 10.25 -43.80
CA ALA D 119 -0.15 10.07 -42.67
C ALA D 119 0.70 9.70 -41.45
N ILE D 120 0.50 10.40 -40.33
CA ILE D 120 1.30 10.10 -39.15
C ILE D 120 0.98 8.72 -38.65
N HIS D 121 -0.07 8.12 -39.22
CA HIS D 121 -0.50 6.78 -38.86
C HIS D 121 -0.20 5.83 -40.00
N ALA D 122 0.51 4.75 -39.69
CA ALA D 122 0.85 3.78 -40.71
C ALA D 122 1.27 2.49 -40.04
N GLU D 123 1.31 1.42 -40.82
CA GLU D 123 1.71 0.13 -40.30
C GLU D 123 3.21 0.10 -40.07
N ALA D 124 3.63 -0.77 -39.15
CA ALA D 124 5.04 -0.92 -38.83
C ALA D 124 5.72 -1.84 -39.84
N PRO D 125 6.99 -1.58 -40.15
CA PRO D 125 7.73 -2.40 -41.12
C PRO D 125 7.69 -3.89 -40.76
N GLU D 126 7.38 -4.72 -41.75
CA GLU D 126 7.29 -6.16 -41.57
C GLU D 126 8.56 -6.74 -40.96
N PHE D 127 8.52 -8.02 -40.63
CA PHE D 127 9.65 -8.72 -40.04
C PHE D 127 10.72 -8.97 -41.12
N VAL D 128 10.29 -9.29 -42.32
CA VAL D 128 11.21 -9.52 -43.44
C VAL D 128 11.97 -8.25 -43.75
N GLU D 129 11.49 -7.14 -43.20
CA GLU D 129 12.09 -5.83 -43.42
C GLU D 129 13.17 -5.48 -42.39
N MET D 130 13.29 -6.31 -41.36
CA MET D 130 14.26 -6.03 -40.30
C MET D 130 15.72 -6.21 -40.70
N SER D 131 16.58 -5.39 -40.13
CA SER D 131 18.01 -5.43 -40.38
C SER D 131 18.70 -6.00 -39.15
N VAL D 132 19.72 -6.83 -39.37
CA VAL D 132 20.44 -7.45 -38.28
C VAL D 132 21.86 -6.90 -38.09
N GLU D 133 22.19 -5.83 -38.81
CA GLU D 133 23.52 -5.24 -38.70
C GLU D 133 23.67 -4.44 -37.40
N GLN D 134 24.85 -4.53 -36.80
CA GLN D 134 25.13 -3.83 -35.54
C GLN D 134 26.57 -3.29 -35.54
N GLU D 135 26.70 -1.98 -35.66
CA GLU D 135 28.01 -1.34 -35.66
C GLU D 135 28.06 -0.34 -34.52
N ILE D 136 28.93 -0.58 -33.53
CA ILE D 136 29.04 0.32 -32.40
C ILE D 136 29.12 1.75 -32.88
N LEU D 137 28.38 2.62 -32.20
CA LEU D 137 28.37 4.04 -32.51
C LEU D 137 29.07 4.74 -31.35
N VAL D 138 30.24 5.30 -31.65
CA VAL D 138 31.05 6.01 -30.66
C VAL D 138 30.50 7.38 -30.32
N THR D 139 30.37 7.65 -29.02
CA THR D 139 29.81 8.90 -28.56
C THR D 139 30.74 9.85 -27.76
N GLY D 140 31.94 9.40 -27.44
CA GLY D 140 32.83 10.28 -26.69
C GLY D 140 32.53 10.32 -25.19
N ILE D 141 31.45 9.66 -24.80
CA ILE D 141 31.07 9.59 -23.41
C ILE D 141 31.71 8.30 -22.95
N LYS D 142 32.68 8.38 -22.04
CA LYS D 142 33.36 7.18 -21.57
C LYS D 142 32.41 6.10 -21.05
N VAL D 143 31.59 6.45 -20.05
CA VAL D 143 30.66 5.48 -19.49
C VAL D 143 29.82 4.78 -20.54
N VAL D 144 29.20 5.57 -21.42
CA VAL D 144 28.34 5.00 -22.44
C VAL D 144 29.06 4.00 -23.32
N ASP D 145 30.07 4.50 -24.01
CA ASP D 145 30.87 3.67 -24.92
C ASP D 145 31.60 2.56 -24.17
N LEU D 146 31.78 2.72 -22.87
CA LEU D 146 32.47 1.68 -22.11
C LEU D 146 31.54 0.54 -21.69
N LEU D 147 30.54 0.86 -20.90
CA LEU D 147 29.63 -0.13 -20.37
C LEU D 147 28.47 -0.57 -21.26
N ALA D 148 27.76 0.40 -21.85
CA ALA D 148 26.63 0.08 -22.70
C ALA D 148 26.67 0.86 -24.01
N PRO D 149 27.61 0.52 -24.91
CA PRO D 149 27.76 1.19 -26.19
C PRO D 149 26.50 1.30 -27.07
N TYR D 150 26.31 2.46 -27.67
CA TYR D 150 25.18 2.67 -28.55
C TYR D 150 25.58 1.98 -29.84
N ALA D 151 24.63 1.76 -30.75
CA ALA D 151 24.93 1.08 -32.01
C ALA D 151 24.34 1.86 -33.16
N LYS D 152 25.04 1.86 -34.29
CA LYS D 152 24.62 2.60 -35.48
C LYS D 152 23.24 2.18 -35.98
N GLY D 153 22.34 3.15 -36.04
CA GLY D 153 20.99 2.88 -36.51
C GLY D 153 20.17 2.07 -35.52
N GLY D 154 20.56 2.10 -34.25
CA GLY D 154 19.83 1.35 -33.26
C GLY D 154 18.87 2.24 -32.49
N LYS D 155 18.16 1.63 -31.56
CA LYS D 155 17.20 2.35 -30.72
C LYS D 155 17.83 2.59 -29.37
N ILE D 156 18.05 3.86 -29.05
CA ILE D 156 18.64 4.27 -27.79
C ILE D 156 17.60 4.78 -26.81
N GLY D 157 17.64 4.25 -25.59
CA GLY D 157 16.73 4.68 -24.54
C GLY D 157 17.53 5.36 -23.46
N LEU D 158 17.06 6.52 -23.01
CA LEU D 158 17.72 7.25 -21.93
C LEU D 158 16.72 7.38 -20.79
N PHE D 159 16.84 6.54 -19.76
CA PHE D 159 15.89 6.59 -18.65
C PHE D 159 16.35 7.53 -17.55
N GLY D 160 15.39 8.10 -16.81
CA GLY D 160 15.76 8.98 -15.73
C GLY D 160 14.64 9.65 -14.97
N GLY D 161 14.75 9.68 -13.64
CA GLY D 161 13.73 10.34 -12.84
C GLY D 161 13.84 11.82 -13.15
N ALA D 162 12.95 12.62 -12.58
CA ALA D 162 12.95 14.06 -12.82
C ALA D 162 14.26 14.79 -12.53
N GLY D 163 14.76 15.48 -13.56
CA GLY D 163 15.96 16.27 -13.45
C GLY D 163 17.20 15.57 -12.97
N VAL D 164 17.58 14.49 -13.64
CA VAL D 164 18.79 13.75 -13.28
C VAL D 164 19.76 13.87 -14.45
N GLY D 165 19.23 14.32 -15.60
CA GLY D 165 20.07 14.53 -16.77
C GLY D 165 19.65 13.94 -18.11
N LYS D 166 18.35 13.74 -18.32
CA LYS D 166 17.87 13.20 -19.59
C LYS D 166 18.06 14.21 -20.69
N THR D 167 17.55 15.41 -20.45
CA THR D 167 17.62 16.51 -21.41
C THR D 167 19.04 16.96 -21.70
N VAL D 168 19.89 17.10 -20.69
CA VAL D 168 21.26 17.53 -20.94
C VAL D 168 22.00 16.44 -21.70
N LEU D 169 21.78 15.20 -21.31
CA LEU D 169 22.47 14.09 -21.96
C LEU D 169 22.11 13.99 -23.44
N ILE D 170 20.81 14.05 -23.76
CA ILE D 170 20.38 13.94 -25.15
C ILE D 170 20.92 15.12 -25.96
N MET D 171 21.15 16.24 -25.26
CA MET D 171 21.68 17.44 -25.87
C MET D 171 23.13 17.21 -26.25
N GLU D 172 23.85 16.50 -25.39
CA GLU D 172 25.26 16.21 -25.65
C GLU D 172 25.32 15.29 -26.85
N LEU D 173 24.38 14.35 -26.91
CA LEU D 173 24.35 13.42 -28.02
C LEU D 173 24.07 14.09 -29.36
N ILE D 174 23.61 15.34 -29.33
CA ILE D 174 23.34 16.07 -30.56
C ILE D 174 24.51 16.97 -30.91
N ASN D 175 25.18 17.45 -29.86
CA ASN D 175 26.35 18.30 -29.98
C ASN D 175 27.53 17.43 -30.38
N ASN D 176 27.44 16.14 -30.06
CA ASN D 176 28.52 15.23 -30.40
C ASN D 176 28.30 14.47 -31.70
N VAL D 177 27.21 13.71 -31.75
CA VAL D 177 26.88 12.88 -32.91
C VAL D 177 26.12 13.53 -34.07
N ALA D 178 25.21 14.44 -33.75
CA ALA D 178 24.41 15.09 -34.78
C ALA D 178 25.20 16.11 -35.59
N LYS D 179 25.92 16.99 -34.89
CA LYS D 179 26.73 18.01 -35.55
C LYS D 179 27.71 17.40 -36.55
N ALA D 180 28.28 16.25 -36.20
CA ALA D 180 29.21 15.55 -37.07
C ALA D 180 28.54 14.42 -37.83
N HIS D 181 27.26 14.61 -38.15
CA HIS D 181 26.49 13.61 -38.89
C HIS D 181 26.37 14.01 -40.35
N GLY D 182 26.70 13.08 -41.24
CA GLY D 182 26.61 13.34 -42.66
C GLY D 182 25.22 13.00 -43.12
N GLY D 183 24.24 13.73 -42.62
CA GLY D 183 22.86 13.46 -43.00
C GLY D 183 21.85 14.23 -42.18
N TYR D 184 20.58 13.90 -42.39
CA TYR D 184 19.48 14.58 -41.71
C TYR D 184 19.20 14.05 -40.30
N SER D 185 18.60 14.90 -39.47
CA SER D 185 18.25 14.53 -38.09
C SER D 185 16.92 15.14 -37.67
N VAL D 186 16.04 14.31 -37.10
CA VAL D 186 14.74 14.77 -36.66
C VAL D 186 14.67 14.89 -35.15
N PHE D 187 14.04 15.96 -34.67
CA PHE D 187 13.86 16.14 -33.25
C PHE D 187 12.41 16.42 -32.95
N ALA D 188 11.82 15.62 -32.07
CA ALA D 188 10.42 15.81 -31.70
C ALA D 188 10.27 16.15 -30.22
N GLY D 189 9.53 17.24 -29.98
CA GLY D 189 9.24 17.68 -28.62
C GLY D 189 7.95 17.01 -28.19
N VAL D 190 8.03 16.13 -27.21
CA VAL D 190 6.85 15.40 -26.74
C VAL D 190 6.50 15.75 -25.30
N GLY D 191 5.55 16.67 -25.14
CA GLY D 191 5.08 17.08 -23.83
C GLY D 191 6.12 17.59 -22.86
N GLU D 192 7.16 18.25 -23.36
CA GLU D 192 8.16 18.79 -22.44
C GLU D 192 7.93 20.27 -22.23
N ARG D 193 8.99 21.00 -21.90
CA ARG D 193 8.88 22.43 -21.66
C ARG D 193 9.08 23.23 -22.96
N THR D 194 8.18 24.17 -23.23
CA THR D 194 8.34 24.97 -24.44
C THR D 194 9.65 25.77 -24.37
N ARG D 195 10.07 26.11 -23.17
CA ARG D 195 11.31 26.85 -22.98
C ARG D 195 12.47 26.04 -23.54
N GLU D 196 12.43 24.72 -23.38
CA GLU D 196 13.49 23.87 -23.90
C GLU D 196 13.46 23.88 -25.43
N GLY D 197 12.28 24.08 -25.99
CA GLY D 197 12.16 24.14 -27.43
C GLY D 197 12.88 25.40 -27.90
N ASN D 198 12.67 26.49 -27.19
CA ASN D 198 13.31 27.76 -27.50
C ASN D 198 14.82 27.50 -27.47
N ASP D 199 15.33 27.11 -26.31
CA ASP D 199 16.74 26.80 -26.14
C ASP D 199 17.30 26.00 -27.30
N LEU D 200 16.75 24.81 -27.54
CA LEU D 200 17.24 23.96 -28.62
C LEU D 200 17.22 24.61 -29.98
N TYR D 201 16.17 25.36 -30.28
CA TYR D 201 16.06 26.02 -31.56
C TYR D 201 17.18 27.04 -31.75
N HIS D 202 17.23 28.04 -30.87
CA HIS D 202 18.24 29.07 -30.97
C HIS D 202 19.66 28.53 -30.83
N GLU D 203 19.81 27.42 -30.14
CA GLU D 203 21.14 26.84 -29.99
C GLU D 203 21.55 26.08 -31.23
N MET D 204 20.58 25.60 -32.00
CA MET D 204 20.87 24.89 -33.23
C MET D 204 21.16 25.93 -34.31
N ILE D 205 20.51 27.08 -34.15
CA ILE D 205 20.66 28.20 -35.06
C ILE D 205 22.09 28.74 -34.95
N GLU D 206 22.62 28.70 -33.73
CA GLU D 206 23.98 29.15 -33.50
C GLU D 206 24.95 28.17 -34.16
N SER D 207 24.91 26.92 -33.71
CA SER D 207 25.81 25.91 -34.26
C SER D 207 25.71 25.75 -35.77
N GLY D 208 24.68 26.34 -36.37
CA GLY D 208 24.51 26.24 -37.80
C GLY D 208 23.90 24.93 -38.29
N VAL D 209 23.33 24.15 -37.38
CA VAL D 209 22.70 22.89 -37.77
C VAL D 209 21.38 23.28 -38.44
N ILE D 210 20.97 24.51 -38.18
CA ILE D 210 19.75 25.07 -38.74
C ILE D 210 20.11 26.38 -39.43
N ASN D 211 19.71 26.55 -40.69
CA ASN D 211 19.99 27.78 -41.43
C ASN D 211 18.68 28.43 -41.83
N LEU D 212 18.51 29.69 -41.45
CA LEU D 212 17.29 30.43 -41.74
C LEU D 212 17.35 31.21 -43.05
N LYS D 213 18.54 31.29 -43.64
CA LYS D 213 18.69 32.04 -44.88
C LYS D 213 18.82 31.19 -46.13
N ASP D 214 19.09 29.90 -45.96
CA ASP D 214 19.23 29.01 -47.10
C ASP D 214 18.73 27.60 -46.86
N ALA D 215 19.29 26.63 -47.59
CA ALA D 215 18.83 25.26 -47.46
C ALA D 215 19.82 24.22 -46.93
N THR D 216 20.74 24.63 -46.07
CA THR D 216 21.70 23.68 -45.52
C THR D 216 21.25 23.03 -44.21
N SER D 217 20.07 23.45 -43.72
CA SER D 217 19.52 22.93 -42.47
C SER D 217 19.43 21.40 -42.48
N LYS D 218 19.94 20.76 -41.42
CA LYS D 218 19.93 19.31 -41.36
C LYS D 218 19.10 18.63 -40.25
N VAL D 219 18.26 19.40 -39.58
CA VAL D 219 17.38 18.86 -38.54
C VAL D 219 15.97 19.45 -38.68
N ALA D 220 14.98 18.58 -38.54
CA ALA D 220 13.57 18.98 -38.64
C ALA D 220 12.97 19.04 -37.24
N LEU D 221 12.16 20.06 -36.97
CA LEU D 221 11.56 20.16 -35.65
C LEU D 221 10.06 19.93 -35.59
N VAL D 222 9.66 19.14 -34.61
CA VAL D 222 8.26 18.84 -34.38
C VAL D 222 8.00 19.08 -32.89
N TYR D 223 6.99 19.87 -32.56
CA TYR D 223 6.69 20.15 -31.16
C TYR D 223 5.21 20.12 -30.74
N GLY D 224 5.00 19.58 -29.55
CA GLY D 224 3.70 19.50 -28.95
C GLY D 224 4.03 19.37 -27.49
N GLN D 225 4.36 20.48 -26.84
CA GLN D 225 4.77 20.44 -25.44
C GLN D 225 3.67 20.42 -24.36
N MET D 226 4.09 20.68 -23.14
CA MET D 226 3.22 20.66 -21.97
C MET D 226 1.95 21.49 -22.08
N ASN D 227 2.08 22.75 -22.47
CA ASN D 227 0.91 23.60 -22.59
C ASN D 227 -0.16 22.98 -23.50
N GLU D 228 0.21 21.93 -24.23
CA GLU D 228 -0.73 21.27 -25.14
C GLU D 228 -1.61 20.21 -24.49
N PRO D 229 -2.89 20.17 -24.88
CA PRO D 229 -3.84 19.19 -24.36
C PRO D 229 -3.28 17.82 -24.75
N PRO D 230 -3.59 16.79 -23.94
CA PRO D 230 -3.13 15.42 -24.16
C PRO D 230 -3.24 14.91 -25.59
N GLY D 231 -4.40 15.09 -26.21
CA GLY D 231 -4.57 14.64 -27.58
C GLY D 231 -3.37 14.92 -28.47
N ALA D 232 -2.90 16.15 -28.47
CA ALA D 232 -1.75 16.50 -29.29
C ALA D 232 -0.52 15.72 -28.84
N ARG D 233 -0.13 15.88 -27.58
CA ARG D 233 1.05 15.16 -27.10
C ARG D 233 0.90 13.69 -27.40
N ALA D 234 -0.34 13.25 -27.57
CA ALA D 234 -0.63 11.85 -27.84
C ALA D 234 -0.36 11.46 -29.29
N ARG D 235 -0.05 12.44 -30.13
CA ARG D 235 0.22 12.14 -31.53
C ARG D 235 1.52 12.73 -32.08
N VAL D 236 2.00 13.84 -31.51
CA VAL D 236 3.23 14.45 -32.00
C VAL D 236 4.34 13.43 -32.16
N ALA D 237 4.45 12.51 -31.20
CA ALA D 237 5.47 11.48 -31.26
C ALA D 237 5.36 10.80 -32.63
N LEU D 238 4.14 10.52 -33.05
CA LEU D 238 3.91 9.88 -34.33
C LEU D 238 4.19 10.86 -35.47
N THR D 239 3.99 12.14 -35.20
CA THR D 239 4.24 13.15 -36.21
C THR D 239 5.73 13.14 -36.53
N GLY D 240 6.53 13.48 -35.53
CA GLY D 240 7.97 13.49 -35.70
C GLY D 240 8.49 12.21 -36.32
N LEU D 241 7.94 11.09 -35.89
CA LEU D 241 8.34 9.79 -36.40
C LEU D 241 8.09 9.69 -37.91
N THR D 242 6.99 10.28 -38.38
CA THR D 242 6.66 10.27 -39.79
C THR D 242 7.69 11.04 -40.60
N VAL D 243 8.06 12.21 -40.11
CA VAL D 243 9.04 13.04 -40.78
C VAL D 243 10.36 12.28 -40.96
N ALA D 244 10.76 11.53 -39.94
CA ALA D 244 12.01 10.76 -39.99
C ALA D 244 11.82 9.49 -40.80
N GLU D 245 10.58 9.11 -41.03
CA GLU D 245 10.27 7.93 -41.80
C GLU D 245 10.63 8.21 -43.25
N TYR D 246 10.19 9.36 -43.73
CA TYR D 246 10.42 9.80 -45.10
C TYR D 246 11.92 9.85 -45.38
N PHE D 247 12.69 10.29 -44.38
CA PHE D 247 14.14 10.39 -44.53
C PHE D 247 14.83 9.03 -44.51
N ARG D 248 14.14 8.03 -43.98
CA ARG D 248 14.69 6.68 -43.92
C ARG D 248 14.38 5.92 -45.20
N ASP D 249 13.17 6.06 -45.73
CA ASP D 249 12.76 5.33 -46.93
C ASP D 249 13.02 6.01 -48.28
N GLN D 250 12.35 7.14 -48.52
CA GLN D 250 12.48 7.88 -49.79
C GLN D 250 13.89 8.37 -50.06
N GLU D 251 14.86 7.82 -49.33
CA GLU D 251 16.25 8.19 -49.49
C GLU D 251 17.18 7.04 -49.13
N GLY D 252 16.86 6.39 -48.01
CA GLY D 252 17.68 5.29 -47.54
C GLY D 252 18.75 5.89 -46.65
N GLN D 253 19.00 7.18 -46.88
CA GLN D 253 19.99 7.95 -46.14
C GLN D 253 19.92 7.72 -44.63
N ASP D 254 21.03 7.97 -43.94
CA ASP D 254 21.08 7.79 -42.51
C ASP D 254 20.31 8.90 -41.83
N VAL D 255 19.47 8.51 -40.86
CA VAL D 255 18.65 9.45 -40.12
C VAL D 255 18.83 9.27 -38.62
N LEU D 256 18.89 10.39 -37.93
CA LEU D 256 19.00 10.41 -36.48
C LEU D 256 17.67 10.97 -35.97
N LEU D 257 17.03 10.24 -35.05
CA LEU D 257 15.74 10.66 -34.49
C LEU D 257 15.78 10.86 -32.99
N PHE D 258 15.67 12.11 -32.57
CA PHE D 258 15.69 12.42 -31.15
C PHE D 258 14.28 12.81 -30.69
N ILE D 259 13.77 12.10 -29.69
CA ILE D 259 12.44 12.36 -29.16
C ILE D 259 12.57 12.73 -27.70
N ASP D 260 12.38 13.98 -27.31
CA ASP D 260 12.48 14.25 -25.89
C ASP D 260 11.21 13.98 -25.10
N ASN D 261 11.29 12.79 -24.49
CA ASN D 261 10.35 12.10 -23.61
C ASN D 261 9.10 11.47 -24.17
N ILE D 262 9.34 10.29 -24.71
CA ILE D 262 8.32 9.47 -25.31
C ILE D 262 7.30 9.13 -24.22
N PHE D 263 7.70 9.30 -22.96
CA PHE D 263 6.80 9.03 -21.86
C PHE D 263 5.54 9.89 -21.93
N ARG D 264 5.64 11.03 -22.59
CA ARG D 264 4.50 11.93 -22.70
C ARG D 264 3.52 11.44 -23.75
N PHE D 265 3.85 10.32 -24.38
CA PHE D 265 3.01 9.72 -25.41
C PHE D 265 2.03 8.79 -24.69
N THR D 266 2.52 8.23 -23.61
CA THR D 266 1.73 7.30 -22.81
C THR D 266 0.93 7.99 -21.72
N GLN D 267 1.37 9.18 -21.30
CA GLN D 267 0.67 9.94 -20.29
C GLN D 267 -0.47 10.61 -21.03
N ALA D 268 -0.17 11.13 -22.20
CA ALA D 268 -1.18 11.78 -23.02
C ALA D 268 -2.37 10.85 -23.09
N GLY D 269 -2.11 9.63 -23.51
CA GLY D 269 -3.15 8.64 -23.61
C GLY D 269 -3.69 8.28 -22.24
N SER D 270 -2.90 8.48 -21.20
CA SER D 270 -3.41 8.14 -19.88
C SER D 270 -4.33 9.26 -19.40
N GLU D 271 -4.23 10.42 -20.04
CA GLU D 271 -5.05 11.55 -19.65
C GLU D 271 -6.37 11.63 -20.39
N VAL D 272 -6.61 10.68 -21.29
CA VAL D 272 -7.88 10.68 -22.03
C VAL D 272 -8.52 9.31 -22.07
N SER D 273 -7.88 8.33 -21.45
CA SER D 273 -8.40 6.97 -21.42
C SER D 273 -9.84 6.88 -20.93
N ALA D 274 -10.05 7.22 -19.66
CA ALA D 274 -11.37 7.21 -19.05
C ALA D 274 -12.44 7.78 -19.98
N LEU D 275 -12.22 9.03 -20.40
CA LEU D 275 -13.14 9.71 -21.27
C LEU D 275 -13.36 9.03 -22.60
N LEU D 276 -12.67 7.92 -22.80
CA LEU D 276 -12.83 7.14 -24.03
C LEU D 276 -13.58 5.89 -23.60
N GLY D 277 -14.01 5.92 -22.34
CA GLY D 277 -14.74 4.81 -21.78
C GLY D 277 -13.85 3.59 -21.72
N ARG D 278 -12.96 3.55 -20.73
CA ARG D 278 -12.05 2.42 -20.57
C ARG D 278 -11.82 2.17 -19.10
N ILE D 279 -12.05 0.94 -18.66
CA ILE D 279 -11.81 0.63 -17.26
C ILE D 279 -10.32 0.91 -17.11
N PRO D 280 -9.90 1.47 -15.98
CA PRO D 280 -8.47 1.74 -15.82
C PRO D 280 -7.71 0.47 -15.49
N SER D 281 -6.43 0.43 -15.82
CA SER D 281 -5.63 -0.74 -15.50
C SER D 281 -4.71 -0.45 -14.32
N ALA D 282 -3.74 -1.34 -14.09
CA ALA D 282 -2.80 -1.18 -12.99
C ALA D 282 -2.08 0.16 -13.05
N VAL D 283 -2.06 0.85 -11.92
CA VAL D 283 -1.41 2.13 -11.77
C VAL D 283 -2.08 3.24 -12.58
N GLY D 284 -3.35 3.07 -12.89
CA GLY D 284 -4.08 4.08 -13.64
C GLY D 284 -3.80 4.21 -15.13
N TYR D 285 -2.74 3.57 -15.63
CA TYR D 285 -2.46 3.69 -17.06
C TYR D 285 -3.56 3.04 -17.82
N GLN D 286 -3.55 3.28 -19.12
CA GLN D 286 -4.54 2.73 -20.01
C GLN D 286 -4.33 1.23 -20.12
N PRO D 287 -5.39 0.49 -20.53
CA PRO D 287 -5.21 -0.95 -20.65
C PRO D 287 -4.35 -1.15 -21.90
N THR D 288 -4.54 -0.26 -22.87
CA THR D 288 -3.81 -0.33 -24.13
C THR D 288 -2.37 0.19 -24.07
N LEU D 289 -1.90 0.54 -22.87
CA LEU D 289 -0.56 1.08 -22.69
C LEU D 289 0.54 0.38 -23.48
N ALA D 290 0.73 -0.92 -23.27
CA ALA D 290 1.78 -1.68 -23.96
C ALA D 290 1.63 -1.84 -25.47
N THR D 291 0.40 -1.93 -25.96
CA THR D 291 0.22 -2.10 -27.39
C THR D 291 0.22 -0.78 -28.13
N ASP D 292 -0.21 0.29 -27.47
CA ASP D 292 -0.17 1.59 -28.13
C ASP D 292 1.30 1.89 -28.31
N MET D 293 2.06 1.70 -27.25
CA MET D 293 3.50 1.90 -27.25
C MET D 293 4.15 0.99 -28.31
N GLY D 294 3.51 -0.14 -28.58
CA GLY D 294 4.03 -1.08 -29.55
C GLY D 294 3.83 -0.66 -30.99
N THR D 295 2.62 -0.20 -31.32
CA THR D 295 2.34 0.21 -32.69
C THR D 295 3.01 1.55 -32.93
N MET D 296 3.66 2.05 -31.89
CA MET D 296 4.34 3.34 -31.97
C MET D 296 5.83 3.15 -32.07
N GLN D 297 6.38 2.25 -31.26
CA GLN D 297 7.82 1.99 -31.26
C GLN D 297 8.29 1.23 -32.49
N GLU D 298 7.63 0.10 -32.76
CA GLU D 298 7.98 -0.74 -33.92
C GLU D 298 8.19 0.10 -35.17
N ARG D 299 7.52 1.26 -35.26
CA ARG D 299 7.67 2.14 -36.41
C ARG D 299 9.00 2.89 -36.41
N ILE D 300 9.54 3.14 -35.22
CA ILE D 300 10.81 3.84 -35.05
C ILE D 300 11.91 2.80 -35.05
N THR D 301 12.35 2.38 -36.24
CA THR D 301 13.38 1.36 -36.32
C THR D 301 14.08 1.39 -37.65
N THR D 302 15.17 0.62 -37.75
CA THR D 302 15.93 0.54 -38.98
C THR D 302 15.45 -0.65 -39.79
N THR D 303 15.17 -0.41 -41.07
CA THR D 303 14.72 -1.46 -41.98
C THR D 303 15.85 -1.66 -42.98
N LYS D 304 15.62 -2.55 -43.93
CA LYS D 304 16.62 -2.83 -44.95
C LYS D 304 16.63 -1.74 -46.02
N LYS D 305 15.76 -0.73 -45.86
CA LYS D 305 15.66 0.38 -46.80
C LYS D 305 16.53 1.56 -46.38
N GLY D 306 16.71 1.69 -45.07
CA GLY D 306 17.50 2.76 -44.49
C GLY D 306 17.67 2.54 -42.99
N SER D 307 18.38 3.43 -42.31
CA SER D 307 18.58 3.25 -40.88
C SER D 307 18.24 4.46 -40.03
N ILE D 308 17.64 4.21 -38.88
CA ILE D 308 17.30 5.26 -37.94
C ILE D 308 18.09 5.04 -36.67
N THR D 309 18.85 6.06 -36.28
CA THR D 309 19.63 6.01 -35.06
C THR D 309 18.83 6.87 -34.08
N SER D 310 17.90 6.23 -33.38
CA SER D 310 17.02 6.92 -32.42
C SER D 310 17.52 7.00 -30.99
N VAL D 311 17.27 8.15 -30.38
CA VAL D 311 17.66 8.40 -29.01
C VAL D 311 16.46 8.98 -28.32
N GLN D 312 15.74 8.16 -27.57
CA GLN D 312 14.55 8.61 -26.86
C GLN D 312 14.86 8.88 -25.40
N ALA D 313 14.24 9.93 -24.87
CA ALA D 313 14.41 10.29 -23.47
C ALA D 313 13.17 9.70 -22.82
N ILE D 314 13.37 8.91 -21.77
CA ILE D 314 12.26 8.27 -21.10
C ILE D 314 12.15 8.67 -19.65
N TYR D 315 11.01 9.24 -19.30
CA TYR D 315 10.77 9.66 -17.92
C TYR D 315 10.45 8.43 -17.08
N VAL D 316 10.71 8.53 -15.78
CA VAL D 316 10.47 7.43 -14.84
C VAL D 316 9.79 8.00 -13.59
N PRO D 317 8.44 7.96 -13.53
CA PRO D 317 7.64 8.47 -12.41
C PRO D 317 8.22 8.15 -11.04
N ALA D 318 8.35 9.18 -10.22
CA ALA D 318 8.87 9.04 -8.88
C ALA D 318 10.19 8.28 -8.81
N ASP D 319 10.85 8.11 -9.95
CA ASP D 319 12.13 7.41 -10.00
C ASP D 319 11.97 5.92 -10.04
N ASP D 320 10.73 5.44 -10.06
CA ASP D 320 10.48 4.01 -10.08
C ASP D 320 10.52 3.43 -11.49
N LEU D 321 11.58 2.69 -11.80
CA LEU D 321 11.73 2.07 -13.10
C LEU D 321 10.69 0.98 -13.32
N THR D 322 10.20 0.37 -12.25
CA THR D 322 9.21 -0.69 -12.42
C THR D 322 7.86 -0.14 -12.87
N ASP D 323 7.71 1.19 -12.89
CA ASP D 323 6.46 1.78 -13.32
C ASP D 323 6.15 1.26 -14.72
N PRO D 324 4.90 0.85 -14.95
CA PRO D 324 4.47 0.32 -16.23
C PRO D 324 4.99 1.05 -17.47
N ALA D 325 4.87 2.37 -17.47
CA ALA D 325 5.31 3.15 -18.62
C ALA D 325 6.76 2.81 -18.99
N PRO D 326 7.71 3.04 -18.07
CA PRO D 326 9.10 2.73 -18.40
C PRO D 326 9.41 1.23 -18.55
N ALA D 327 8.91 0.39 -17.64
CA ALA D 327 9.15 -1.06 -17.70
C ALA D 327 8.72 -1.68 -19.04
N THR D 328 7.76 -1.03 -19.70
CA THR D 328 7.25 -1.51 -20.98
C THR D 328 8.09 -0.97 -22.14
N THR D 329 8.83 0.08 -21.87
CA THR D 329 9.66 0.74 -22.87
C THR D 329 11.03 0.10 -23.07
N PHE D 330 11.54 -0.61 -22.08
CA PHE D 330 12.85 -1.23 -22.21
C PHE D 330 13.04 -2.11 -23.43
N ALA D 331 12.30 -3.21 -23.50
CA ALA D 331 12.43 -4.16 -24.61
C ALA D 331 12.43 -3.51 -25.99
N HIS D 332 12.01 -2.25 -26.05
CA HIS D 332 11.99 -1.55 -27.33
C HIS D 332 13.33 -0.93 -27.65
N LEU D 333 14.29 -1.06 -26.73
CA LEU D 333 15.61 -0.47 -26.92
C LEU D 333 16.68 -1.50 -27.16
N ASP D 334 17.73 -1.11 -27.87
CA ASP D 334 18.84 -2.00 -28.17
C ASP D 334 20.01 -1.60 -27.27
N ALA D 335 19.83 -0.48 -26.59
CA ALA D 335 20.84 0.08 -25.69
C ALA D 335 20.17 1.02 -24.68
N THR D 336 20.43 0.79 -23.41
CA THR D 336 19.82 1.63 -22.38
C THR D 336 20.84 2.28 -21.46
N THR D 337 20.64 3.56 -21.24
CA THR D 337 21.51 4.33 -20.37
C THR D 337 20.55 4.83 -19.29
N VAL D 338 20.70 4.28 -18.10
CA VAL D 338 19.84 4.64 -16.99
C VAL D 338 20.50 5.68 -16.12
N LEU D 339 19.75 6.73 -15.77
CA LEU D 339 20.29 7.77 -14.92
C LEU D 339 19.87 7.46 -13.48
N SER D 340 20.66 7.92 -12.52
CA SER D 340 20.39 7.64 -11.13
C SER D 340 20.52 8.83 -10.19
N ARG D 341 19.42 9.24 -9.58
CA ARG D 341 19.44 10.35 -8.65
C ARG D 341 20.60 10.13 -7.70
N ALA D 342 20.69 8.93 -7.15
CA ALA D 342 21.76 8.58 -6.23
C ALA D 342 23.11 9.04 -6.78
N ILE D 343 23.37 8.70 -8.04
CA ILE D 343 24.63 9.08 -8.67
C ILE D 343 24.78 10.56 -8.89
N ALA D 344 23.74 11.17 -9.45
CA ALA D 344 23.76 12.60 -9.71
C ALA D 344 24.06 13.31 -8.39
N GLU D 345 23.43 12.81 -7.33
CA GLU D 345 23.58 13.38 -5.99
C GLU D 345 25.04 13.36 -5.52
N LEU D 346 25.82 12.40 -5.99
CA LEU D 346 27.24 12.32 -5.65
C LEU D 346 28.00 13.19 -6.64
N GLY D 347 27.29 14.14 -7.22
CA GLY D 347 27.89 15.03 -8.20
C GLY D 347 28.66 14.34 -9.29
N ILE D 348 28.07 13.28 -9.86
CA ILE D 348 28.71 12.55 -10.95
C ILE D 348 27.80 12.67 -12.17
N TYR D 349 28.35 13.25 -13.24
CA TYR D 349 27.59 13.43 -14.48
C TYR D 349 28.40 13.01 -15.70
N PRO D 350 27.74 12.38 -16.68
CA PRO D 350 26.31 12.08 -16.64
C PRO D 350 26.03 11.11 -15.50
N ALA D 351 24.87 11.26 -14.87
CA ALA D 351 24.51 10.41 -13.73
C ALA D 351 24.18 8.97 -14.08
N VAL D 352 24.79 8.48 -15.15
CA VAL D 352 24.59 7.11 -15.61
C VAL D 352 24.93 6.04 -14.59
N ASP D 353 23.99 5.11 -14.41
CA ASP D 353 24.18 3.99 -13.50
C ASP D 353 25.06 2.98 -14.21
N PRO D 354 26.18 2.59 -13.60
CA PRO D 354 27.05 1.61 -14.25
C PRO D 354 26.49 0.20 -14.11
N LEU D 355 25.68 -0.01 -13.08
CA LEU D 355 25.12 -1.31 -12.83
C LEU D 355 23.72 -1.53 -13.38
N ASP D 356 23.15 -0.52 -14.04
CA ASP D 356 21.83 -0.68 -14.60
C ASP D 356 21.72 -0.25 -16.06
N SER D 357 22.83 0.15 -16.66
CA SER D 357 22.82 0.53 -18.07
C SER D 357 23.43 -0.61 -18.87
N THR D 358 22.66 -1.09 -19.82
CA THR D 358 23.07 -2.22 -20.65
C THR D 358 22.99 -1.93 -22.14
N SER D 359 23.61 -2.79 -22.94
CA SER D 359 23.57 -2.63 -24.38
C SER D 359 23.67 -3.97 -25.08
N ARG D 360 22.92 -4.11 -26.15
CA ARG D 360 22.85 -5.32 -26.93
C ARG D 360 24.21 -5.73 -27.52
N ILE D 361 25.02 -4.77 -27.95
CA ILE D 361 26.30 -5.08 -28.54
C ILE D 361 27.41 -5.30 -27.53
N MET D 362 27.06 -5.27 -26.25
CA MET D 362 28.07 -5.50 -25.21
C MET D 362 28.46 -6.97 -25.25
N ASP D 363 29.08 -7.38 -26.35
CA ASP D 363 29.51 -8.74 -26.53
C ASP D 363 30.96 -8.69 -26.93
N PRO D 364 31.77 -9.63 -26.44
CA PRO D 364 33.20 -9.63 -26.79
C PRO D 364 33.45 -9.83 -28.28
N ASN D 365 32.55 -10.54 -28.96
CA ASN D 365 32.67 -10.78 -30.40
C ASN D 365 32.12 -9.65 -31.27
N ILE D 366 31.95 -8.47 -30.70
CA ILE D 366 31.45 -7.34 -31.47
C ILE D 366 32.30 -6.11 -31.15
N VAL D 367 32.85 -6.10 -29.94
CA VAL D 367 33.71 -5.00 -29.49
C VAL D 367 35.11 -5.54 -29.18
N GLY D 368 35.27 -6.85 -29.35
CA GLY D 368 36.55 -7.48 -29.08
C GLY D 368 36.58 -7.92 -27.65
N SER D 369 37.62 -8.64 -27.26
CA SER D 369 37.74 -9.13 -25.89
C SER D 369 38.27 -8.06 -24.95
N GLU D 370 39.22 -7.26 -25.41
CA GLU D 370 39.80 -6.23 -24.56
C GLU D 370 38.76 -5.24 -24.04
N HIS D 371 37.93 -4.75 -24.96
CA HIS D 371 36.87 -3.79 -24.64
C HIS D 371 35.87 -4.37 -23.63
N TYR D 372 35.46 -5.60 -23.88
CA TYR D 372 34.48 -6.30 -23.04
C TYR D 372 34.97 -6.54 -21.61
N ASP D 373 36.09 -7.22 -21.48
CA ASP D 373 36.66 -7.55 -20.17
C ASP D 373 36.74 -6.33 -19.25
N VAL D 374 37.28 -5.24 -19.75
CA VAL D 374 37.41 -4.02 -18.98
C VAL D 374 36.06 -3.52 -18.50
N ALA D 375 35.08 -3.55 -19.40
CA ALA D 375 33.74 -3.11 -19.05
C ALA D 375 33.23 -3.91 -17.86
N ARG D 376 33.23 -5.25 -17.99
CA ARG D 376 32.75 -6.11 -16.91
C ARG D 376 33.66 -5.98 -15.71
N GLY D 377 34.93 -5.68 -15.97
CA GLY D 377 35.89 -5.52 -14.90
C GLY D 377 35.51 -4.30 -14.10
N VAL D 378 35.00 -3.27 -14.79
CA VAL D 378 34.55 -2.04 -14.13
C VAL D 378 33.35 -2.39 -13.28
N GLN D 379 32.31 -2.89 -13.96
CA GLN D 379 31.08 -3.27 -13.31
C GLN D 379 31.28 -4.16 -12.09
N LYS D 380 32.18 -5.12 -12.18
CA LYS D 380 32.40 -6.03 -11.06
C LYS D 380 32.99 -5.33 -9.83
N ILE D 381 34.11 -4.65 -10.01
CA ILE D 381 34.75 -3.94 -8.91
C ILE D 381 33.78 -2.94 -8.29
N LEU D 382 32.85 -2.45 -9.11
CA LEU D 382 31.85 -1.49 -8.63
C LEU D 382 30.75 -2.21 -7.84
N GLN D 383 30.55 -3.48 -8.13
CA GLN D 383 29.55 -4.26 -7.41
C GLN D 383 30.16 -4.73 -6.13
N ASP D 384 31.47 -4.95 -6.14
CA ASP D 384 32.15 -5.41 -4.95
C ASP D 384 32.19 -4.29 -3.97
N TYR D 385 32.38 -3.10 -4.52
CA TYR D 385 32.46 -1.91 -3.73
C TYR D 385 31.11 -1.65 -3.08
N LYS D 386 30.01 -2.01 -3.74
CA LYS D 386 28.71 -1.84 -3.11
C LYS D 386 28.62 -2.78 -1.90
N SER D 387 29.24 -3.95 -2.01
CA SER D 387 29.22 -4.94 -0.93
C SER D 387 30.02 -4.50 0.28
N LEU D 388 31.01 -3.66 0.04
CA LEU D 388 31.82 -3.18 1.12
C LEU D 388 31.19 -1.91 1.66
N GLN D 389 30.30 -1.30 0.90
CA GLN D 389 29.65 -0.08 1.38
C GLN D 389 29.02 -0.46 2.72
N ASP D 390 28.41 -1.64 2.75
CA ASP D 390 27.76 -2.10 3.96
C ASP D 390 28.74 -2.41 5.06
N ILE D 391 29.67 -3.29 4.78
CA ILE D 391 30.64 -3.71 5.76
C ILE D 391 31.36 -2.55 6.42
N ILE D 392 31.71 -1.56 5.63
CA ILE D 392 32.41 -0.45 6.19
C ILE D 392 31.44 0.54 6.80
N ALA D 393 30.14 0.37 6.54
CA ALA D 393 29.12 1.26 7.07
C ALA D 393 29.02 1.13 8.59
N ILE D 394 29.52 0.03 9.13
CA ILE D 394 29.48 -0.21 10.58
C ILE D 394 30.86 -0.33 11.18
N LEU D 395 31.82 -0.73 10.35
CA LEU D 395 33.16 -0.92 10.84
C LEU D 395 34.10 0.25 10.69
N GLY D 396 34.10 0.87 9.51
CA GLY D 396 35.01 1.98 9.29
C GLY D 396 36.05 1.55 8.27
N MET D 397 36.78 2.52 7.72
CA MET D 397 37.76 2.17 6.72
C MET D 397 39.00 1.38 7.20
N ASP D 398 39.05 0.97 8.47
CA ASP D 398 40.22 0.25 8.99
C ASP D 398 40.08 -1.22 9.35
N GLU D 399 39.26 -1.94 8.62
CA GLU D 399 39.11 -3.35 8.91
C GLU D 399 39.29 -4.18 7.66
N LEU D 400 39.07 -3.55 6.52
CA LEU D 400 39.21 -4.29 5.29
C LEU D 400 40.67 -4.69 5.06
N SER D 401 40.88 -5.96 4.74
CA SER D 401 42.21 -6.48 4.49
C SER D 401 42.83 -5.56 3.46
N GLU D 402 44.15 -5.52 3.39
CA GLU D 402 44.78 -4.59 2.48
C GLU D 402 44.34 -4.85 1.07
N GLU D 403 43.75 -6.03 0.86
CA GLU D 403 43.28 -6.43 -0.46
C GLU D 403 41.94 -5.79 -0.86
N ASP D 404 41.00 -5.80 0.07
CA ASP D 404 39.67 -5.20 -0.13
C ASP D 404 39.77 -3.67 -0.16
N LYS D 405 40.31 -3.07 0.91
CA LYS D 405 40.44 -1.61 1.01
C LYS D 405 41.16 -1.05 -0.21
N LEU D 406 41.80 -1.95 -0.95
CA LEU D 406 42.52 -1.58 -2.15
C LEU D 406 41.51 -1.42 -3.27
N THR D 407 40.55 -2.33 -3.34
CA THR D 407 39.53 -2.26 -4.38
C THR D 407 38.61 -1.06 -4.10
N VAL D 408 38.32 -0.81 -2.82
CA VAL D 408 37.46 0.32 -2.46
C VAL D 408 38.10 1.58 -3.04
N SER D 409 39.41 1.66 -2.88
CA SER D 409 40.16 2.80 -3.37
C SER D 409 40.20 2.89 -4.89
N ARG D 410 39.98 1.78 -5.59
CA ARG D 410 39.97 1.79 -7.05
C ARG D 410 38.56 2.05 -7.54
N ALA D 411 37.59 1.56 -6.77
CA ALA D 411 36.18 1.75 -7.09
C ALA D 411 35.96 3.25 -7.19
N ARG D 412 36.30 3.95 -6.12
CA ARG D 412 36.16 5.41 -6.07
C ARG D 412 36.75 6.03 -7.33
N LYS D 413 37.98 5.67 -7.68
CA LYS D 413 38.61 6.25 -8.85
C LYS D 413 37.91 5.92 -10.16
N ILE D 414 37.48 4.67 -10.29
CA ILE D 414 36.79 4.22 -11.51
C ILE D 414 35.42 4.85 -11.57
N GLN D 415 34.82 5.02 -10.40
CA GLN D 415 33.52 5.64 -10.25
C GLN D 415 33.66 7.07 -10.76
N ARG D 416 34.59 7.81 -10.19
CA ARG D 416 34.83 9.19 -10.58
C ARG D 416 35.29 9.39 -12.01
N PHE D 417 36.00 8.42 -12.58
CA PHE D 417 36.49 8.55 -13.94
C PHE D 417 35.37 8.36 -14.98
N LEU D 418 34.21 7.89 -14.52
CA LEU D 418 33.07 7.70 -15.41
C LEU D 418 32.37 9.04 -15.65
N SER D 419 32.60 10.00 -14.75
CA SER D 419 32.00 11.33 -14.89
C SER D 419 32.73 12.03 -16.02
N GLN D 420 32.09 13.00 -16.64
CA GLN D 420 32.72 13.68 -17.75
C GLN D 420 32.04 14.99 -18.10
N PRO D 421 32.82 16.06 -18.22
CA PRO D 421 32.25 17.38 -18.56
C PRO D 421 31.68 17.38 -19.97
N PHE D 422 30.52 17.99 -20.12
CA PHE D 422 29.87 18.06 -21.43
C PHE D 422 29.99 19.45 -22.03
N GLN D 423 30.23 19.51 -23.33
CA GLN D 423 30.34 20.79 -24.02
C GLN D 423 29.02 21.49 -23.79
N VAL D 424 27.94 20.72 -23.84
CA VAL D 424 26.59 21.26 -23.66
C VAL D 424 26.32 21.67 -22.21
N ALA D 425 27.11 21.15 -21.28
CA ALA D 425 26.92 21.47 -19.87
C ALA D 425 27.95 22.42 -19.31
N GLU D 426 28.55 23.24 -20.16
CA GLU D 426 29.54 24.18 -19.65
C GLU D 426 28.86 25.09 -18.65
N VAL D 427 27.83 25.80 -19.10
CA VAL D 427 27.08 26.71 -18.27
C VAL D 427 26.77 26.15 -16.88
N PHE D 428 26.78 24.82 -16.75
CA PHE D 428 26.50 24.19 -15.46
C PHE D 428 27.77 23.94 -14.64
N THR D 429 28.61 23.03 -15.10
CA THR D 429 29.86 22.69 -14.42
C THR D 429 30.83 23.87 -14.36
N GLY D 430 30.93 24.61 -15.46
CA GLY D 430 31.82 25.75 -15.52
C GLY D 430 33.15 25.37 -16.14
N HIS D 431 33.30 24.08 -16.46
CA HIS D 431 34.52 23.56 -17.06
C HIS D 431 34.36 23.40 -18.57
N LEU D 432 35.45 23.05 -19.23
CA LEU D 432 35.47 22.88 -20.67
C LEU D 432 35.11 21.46 -21.08
N GLY D 433 33.99 21.29 -21.74
CA GLY D 433 33.58 19.96 -22.15
C GLY D 433 34.65 19.23 -22.92
N LYS D 434 34.87 17.97 -22.55
CA LYS D 434 35.87 17.13 -23.21
C LYS D 434 35.15 16.05 -24.02
N LEU D 435 35.85 15.46 -24.97
CA LEU D 435 35.28 14.40 -25.80
C LEU D 435 36.31 13.27 -25.90
N VAL D 436 35.96 12.11 -25.36
CA VAL D 436 36.90 11.00 -25.34
C VAL D 436 36.75 9.94 -26.43
N PRO D 437 37.87 9.59 -27.09
CA PRO D 437 37.82 8.58 -28.13
C PRO D 437 37.67 7.25 -27.42
N LEU D 438 37.04 6.29 -28.08
CA LEU D 438 36.84 4.98 -27.50
C LEU D 438 38.13 4.42 -26.91
N LYS D 439 39.08 4.09 -27.78
CA LYS D 439 40.33 3.52 -27.35
C LYS D 439 40.96 4.18 -26.13
N GLU D 440 40.92 5.51 -26.06
CA GLU D 440 41.49 6.22 -24.91
C GLU D 440 40.68 5.94 -23.66
N THR D 441 39.44 5.49 -23.84
CA THR D 441 38.55 5.18 -22.73
C THR D 441 38.92 3.83 -22.13
N ILE D 442 39.09 2.83 -22.99
CA ILE D 442 39.45 1.51 -22.53
C ILE D 442 40.79 1.59 -21.83
N LYS D 443 41.78 2.10 -22.55
CA LYS D 443 43.11 2.27 -21.98
C LYS D 443 42.86 2.87 -20.60
N GLY D 444 42.21 4.03 -20.59
CA GLY D 444 41.91 4.73 -19.36
C GLY D 444 41.47 3.84 -18.22
N PHE D 445 40.50 2.96 -18.45
CA PHE D 445 40.03 2.08 -17.38
C PHE D 445 40.88 0.82 -17.24
N GLN D 446 41.54 0.43 -18.33
CA GLN D 446 42.40 -0.75 -18.32
C GLN D 446 43.52 -0.49 -17.33
N GLN D 447 44.12 0.69 -17.43
CA GLN D 447 45.20 1.06 -16.55
C GLN D 447 44.78 1.20 -15.09
N ILE D 448 43.66 1.87 -14.82
CA ILE D 448 43.19 2.03 -13.44
C ILE D 448 42.90 0.70 -12.77
N LEU D 449 42.33 -0.24 -13.51
CA LEU D 449 42.04 -1.56 -12.98
C LEU D 449 43.35 -2.31 -12.74
N ALA D 450 44.38 -1.94 -13.48
CA ALA D 450 45.68 -2.56 -13.38
C ALA D 450 46.36 -2.25 -12.05
N GLY D 451 46.03 -1.09 -11.48
CA GLY D 451 46.63 -0.68 -10.21
C GLY D 451 47.63 0.44 -10.43
N GLU D 452 47.92 0.69 -11.70
CA GLU D 452 48.87 1.74 -12.06
C GLU D 452 48.66 3.03 -11.29
N TYR D 453 47.49 3.63 -11.41
CA TYR D 453 47.26 4.89 -10.72
C TYR D 453 46.78 4.82 -9.29
N ASP D 454 47.34 3.91 -8.50
CA ASP D 454 46.93 3.80 -7.10
C ASP D 454 47.68 4.84 -6.27
N HIS D 455 48.63 5.53 -6.89
CA HIS D 455 49.40 6.56 -6.18
C HIS D 455 48.79 7.95 -6.39
N LEU D 456 47.83 8.03 -7.31
CA LEU D 456 47.14 9.29 -7.60
C LEU D 456 45.86 9.44 -6.78
N PRO D 457 45.51 10.67 -6.36
CA PRO D 457 44.30 10.89 -5.57
C PRO D 457 43.06 10.79 -6.46
N GLU D 458 41.97 10.26 -5.90
CA GLU D 458 40.71 10.11 -6.61
C GLU D 458 40.34 11.38 -7.38
N GLN D 459 40.29 12.50 -6.66
CA GLN D 459 39.92 13.77 -7.27
C GLN D 459 40.56 14.00 -8.63
N ALA D 460 41.74 13.43 -8.84
CA ALA D 460 42.46 13.59 -10.09
C ALA D 460 41.66 13.04 -11.28
N PHE D 461 40.79 12.06 -11.03
CA PHE D 461 40.00 11.45 -12.11
C PHE D 461 38.62 12.07 -12.30
N TYR D 462 38.20 12.88 -11.35
CA TYR D 462 36.88 13.52 -11.40
C TYR D 462 36.73 14.65 -12.44
N MET D 463 35.79 14.46 -13.37
CA MET D 463 35.52 15.43 -14.42
C MET D 463 36.75 15.73 -15.28
N VAL D 464 37.05 14.83 -16.21
CA VAL D 464 38.18 14.99 -17.10
C VAL D 464 37.91 14.30 -18.43
N GLY D 465 38.91 14.32 -19.30
CA GLY D 465 38.79 13.70 -20.60
C GLY D 465 39.54 12.39 -20.56
N PRO D 466 40.51 12.19 -21.46
CA PRO D 466 41.28 10.96 -21.48
C PRO D 466 42.03 10.78 -20.17
N ILE D 467 42.48 9.55 -19.90
CA ILE D 467 43.17 9.25 -18.65
C ILE D 467 44.35 10.17 -18.33
N GLU D 468 44.92 10.81 -19.35
CA GLU D 468 46.06 11.71 -19.15
C GLU D 468 45.75 12.90 -18.25
N GLU D 469 44.78 13.70 -18.66
CA GLU D 469 44.37 14.88 -17.91
C GLU D 469 44.31 14.52 -16.44
N ALA D 470 43.97 13.28 -16.17
CA ALA D 470 43.89 12.81 -14.79
C ALA D 470 45.24 13.04 -14.15
N VAL D 471 46.27 12.42 -14.70
CA VAL D 471 47.62 12.58 -14.17
C VAL D 471 48.00 14.05 -14.14
N ALA D 472 47.72 14.74 -15.23
CA ALA D 472 48.02 16.15 -15.33
C ALA D 472 47.34 16.90 -14.18
N LYS D 473 46.02 16.75 -14.09
CA LYS D 473 45.27 17.39 -13.02
C LYS D 473 45.88 16.97 -11.70
N ALA D 474 46.17 15.68 -11.56
CA ALA D 474 46.76 15.14 -10.34
C ALA D 474 48.04 15.91 -10.01
N ASP D 475 48.80 16.26 -11.05
CA ASP D 475 50.02 17.04 -10.88
C ASP D 475 49.65 18.45 -10.46
N LYS D 476 48.78 19.12 -11.22
CA LYS D 476 48.34 20.47 -10.85
C LYS D 476 47.86 20.43 -9.40
N LEU D 477 47.41 19.24 -8.96
CA LEU D 477 46.94 19.05 -7.60
C LEU D 477 48.10 18.92 -6.61
N ALA D 478 49.19 18.25 -7.01
CA ALA D 478 50.35 18.09 -6.13
C ALA D 478 51.02 19.45 -5.87
N GLU D 479 51.33 20.17 -6.95
CA GLU D 479 51.96 21.49 -6.85
C GLU D 479 51.18 22.49 -5.98
N GLU D 480 49.84 22.49 -6.09
CA GLU D 480 49.01 23.41 -5.30
C GLU D 480 49.06 23.16 -3.79
N HIS D 481 49.23 21.89 -3.42
CA HIS D 481 49.30 21.55 -2.03
C HIS D 481 50.55 22.16 -1.44
N THR E 13 -37.51 -29.23 -16.79
CA THR E 13 -37.64 -27.96 -17.57
C THR E 13 -36.36 -27.65 -18.38
N THR E 14 -36.56 -27.15 -19.59
CA THR E 14 -35.46 -26.81 -20.49
C THR E 14 -35.23 -25.32 -20.67
N GLY E 15 -33.96 -24.92 -20.63
CA GLY E 15 -33.61 -23.53 -20.80
C GLY E 15 -32.84 -23.32 -22.09
N ARG E 16 -32.58 -22.06 -22.42
CA ARG E 16 -31.82 -21.73 -23.63
C ARG E 16 -30.73 -20.73 -23.28
N ILE E 17 -29.49 -21.11 -23.53
CA ILE E 17 -28.35 -20.24 -23.27
C ILE E 17 -28.56 -18.91 -23.99
N VAL E 18 -28.53 -17.82 -23.24
CA VAL E 18 -28.72 -16.50 -23.82
C VAL E 18 -27.52 -15.61 -23.58
N ALA E 19 -26.55 -16.11 -22.80
CA ALA E 19 -25.37 -15.32 -22.51
C ALA E 19 -24.16 -16.12 -22.05
N VAL E 20 -23.06 -15.98 -22.79
CA VAL E 20 -21.80 -16.65 -22.47
C VAL E 20 -20.63 -15.65 -22.53
N ILE E 21 -20.01 -15.42 -21.37
CA ILE E 21 -18.88 -14.50 -21.27
C ILE E 21 -17.84 -15.25 -20.44
N GLY E 22 -17.05 -16.06 -21.13
CA GLY E 22 -16.04 -16.86 -20.47
C GLY E 22 -16.74 -17.92 -19.65
N ALA E 23 -16.16 -18.29 -18.52
CA ALA E 23 -16.76 -19.30 -17.66
C ALA E 23 -18.10 -18.88 -17.04
N VAL E 24 -18.69 -17.78 -17.53
CA VAL E 24 -19.99 -17.35 -17.00
C VAL E 24 -21.04 -17.53 -18.08
N VAL E 25 -22.17 -18.12 -17.69
CA VAL E 25 -23.25 -18.36 -18.63
C VAL E 25 -24.60 -18.05 -18.03
N ASP E 26 -25.41 -17.30 -18.79
CA ASP E 26 -26.74 -16.91 -18.36
C ASP E 26 -27.75 -17.69 -19.22
N VAL E 27 -28.64 -18.43 -18.57
CA VAL E 27 -29.63 -19.23 -19.27
C VAL E 27 -31.05 -18.76 -18.97
N GLN E 28 -31.89 -18.72 -20.00
CA GLN E 28 -33.27 -18.30 -19.81
C GLN E 28 -34.25 -19.48 -19.83
N PHE E 29 -34.96 -19.64 -18.73
CA PHE E 29 -35.96 -20.71 -18.60
C PHE E 29 -37.30 -20.04 -18.71
N ASP E 30 -38.09 -20.46 -19.69
CA ASP E 30 -39.40 -19.86 -19.89
C ASP E 30 -40.39 -20.12 -18.75
N GLU E 31 -40.46 -21.36 -18.28
CA GLU E 31 -41.38 -21.68 -17.21
C GLU E 31 -40.68 -21.92 -15.87
N GLY E 32 -40.41 -23.18 -15.55
CA GLY E 32 -39.76 -23.49 -14.29
C GLY E 32 -38.33 -22.97 -14.22
N LEU E 33 -38.04 -22.15 -13.21
CA LEU E 33 -36.72 -21.58 -13.04
C LEU E 33 -35.91 -22.35 -11.99
N PRO E 34 -34.70 -22.81 -12.34
CA PRO E 34 -33.81 -23.57 -11.45
C PRO E 34 -33.18 -22.77 -10.30
N PRO E 35 -33.43 -23.18 -9.05
CA PRO E 35 -32.89 -22.51 -7.86
C PRO E 35 -31.40 -22.26 -7.94
N ILE E 36 -30.88 -21.52 -6.96
CA ILE E 36 -29.45 -21.24 -6.94
C ILE E 36 -28.70 -22.48 -6.48
N LEU E 37 -27.56 -22.75 -7.12
CA LEU E 37 -26.72 -23.92 -6.82
C LEU E 37 -27.17 -25.17 -7.58
N ASN E 38 -28.25 -25.03 -8.36
CA ASN E 38 -28.77 -26.14 -9.13
C ASN E 38 -27.94 -26.35 -10.41
N ALA E 39 -27.50 -27.59 -10.62
CA ALA E 39 -26.71 -27.92 -11.79
C ALA E 39 -27.59 -28.03 -13.02
N LEU E 40 -27.13 -27.45 -14.12
CA LEU E 40 -27.84 -27.49 -15.38
C LEU E 40 -26.94 -28.29 -16.30
N GLU E 41 -27.54 -29.05 -17.22
CA GLU E 41 -26.76 -29.84 -18.15
C GLU E 41 -26.85 -29.20 -19.53
N VAL E 42 -25.69 -28.89 -20.10
CA VAL E 42 -25.67 -28.30 -21.43
C VAL E 42 -25.92 -29.43 -22.42
N GLN E 43 -26.78 -29.17 -23.40
CA GLN E 43 -27.11 -30.17 -24.39
C GLN E 43 -26.34 -29.93 -25.69
N GLY E 44 -25.88 -31.02 -26.30
CA GLY E 44 -25.15 -30.91 -27.56
C GLY E 44 -23.65 -30.85 -27.47
N ARG E 45 -23.05 -31.53 -26.51
CA ARG E 45 -21.60 -31.52 -26.37
C ARG E 45 -21.00 -32.91 -26.26
N GLU E 46 -19.75 -33.05 -26.66
CA GLU E 46 -19.09 -34.35 -26.59
C GLU E 46 -19.05 -34.75 -25.10
N THR E 47 -18.23 -34.07 -24.32
CA THR E 47 -18.17 -34.36 -22.88
C THR E 47 -19.36 -33.71 -22.22
N ARG E 48 -19.47 -33.90 -20.91
CA ARG E 48 -20.55 -33.31 -20.15
C ARG E 48 -20.14 -31.93 -19.61
N LEU E 49 -20.96 -30.92 -19.93
CA LEU E 49 -20.71 -29.55 -19.49
C LEU E 49 -21.74 -29.12 -18.45
N VAL E 50 -21.36 -29.08 -17.19
CA VAL E 50 -22.29 -28.67 -16.15
C VAL E 50 -22.21 -27.18 -15.79
N LEU E 51 -23.36 -26.55 -15.64
CA LEU E 51 -23.44 -25.14 -15.27
C LEU E 51 -24.10 -25.06 -13.90
N GLU E 52 -23.37 -24.58 -12.89
CA GLU E 52 -23.95 -24.45 -11.57
C GLU E 52 -24.63 -23.10 -11.40
N VAL E 53 -25.90 -23.12 -11.02
CA VAL E 53 -26.62 -21.86 -10.84
C VAL E 53 -25.90 -20.98 -9.81
N ALA E 54 -26.03 -19.67 -9.98
CA ALA E 54 -25.39 -18.73 -9.07
C ALA E 54 -26.22 -17.50 -8.75
N GLN E 55 -27.11 -17.12 -9.67
CA GLN E 55 -27.96 -15.94 -9.50
C GLN E 55 -29.23 -15.96 -10.34
N HIS E 56 -30.28 -15.30 -9.84
CA HIS E 56 -31.54 -15.17 -10.57
C HIS E 56 -31.61 -13.71 -11.04
N LEU E 57 -31.10 -13.48 -12.24
CA LEU E 57 -31.08 -12.14 -12.82
C LEU E 57 -32.43 -11.48 -13.02
N GLY E 58 -33.49 -12.28 -13.02
CA GLY E 58 -34.82 -11.73 -13.26
C GLY E 58 -35.17 -12.06 -14.69
N GLU E 59 -36.40 -11.79 -15.11
CA GLU E 59 -36.81 -12.09 -16.48
C GLU E 59 -36.55 -13.54 -16.88
N SER E 60 -36.94 -14.46 -15.99
CA SER E 60 -36.79 -15.89 -16.22
C SER E 60 -35.37 -16.26 -16.63
N THR E 61 -34.42 -15.37 -16.35
CA THR E 61 -33.04 -15.61 -16.72
C THR E 61 -32.17 -15.86 -15.48
N VAL E 62 -31.33 -16.87 -15.54
CA VAL E 62 -30.45 -17.22 -14.44
C VAL E 62 -29.01 -17.19 -14.93
N ARG E 63 -28.11 -16.84 -14.03
CA ARG E 63 -26.69 -16.76 -14.36
C ARG E 63 -26.00 -17.96 -13.76
N THR E 64 -24.90 -18.40 -14.38
CA THR E 64 -24.19 -19.57 -13.89
C THR E 64 -22.70 -19.56 -14.17
N ILE E 65 -22.01 -20.50 -13.51
CA ILE E 65 -20.57 -20.67 -13.67
C ILE E 65 -20.35 -22.09 -14.22
N ALA E 66 -19.72 -22.18 -15.39
CA ALA E 66 -19.47 -23.47 -16.03
C ALA E 66 -18.38 -24.25 -15.27
N MET E 67 -18.50 -25.58 -15.29
CA MET E 67 -17.54 -26.45 -14.63
C MET E 67 -16.48 -26.96 -15.63
N ASP E 68 -16.55 -26.50 -16.87
CA ASP E 68 -15.60 -26.89 -17.91
C ASP E 68 -15.73 -25.88 -19.07
N GLY E 69 -14.78 -25.89 -20.00
CA GLY E 69 -14.79 -24.96 -21.13
C GLY E 69 -16.16 -24.50 -21.57
N THR E 70 -16.23 -23.37 -22.28
CA THR E 70 -17.50 -22.87 -22.76
C THR E 70 -17.36 -22.55 -24.22
N GLU E 71 -16.30 -23.07 -24.83
CA GLU E 71 -16.11 -22.87 -26.25
C GLU E 71 -17.12 -23.77 -26.94
N GLY E 72 -17.74 -23.27 -27.99
CA GLY E 72 -18.71 -24.06 -28.69
C GLY E 72 -20.13 -23.66 -28.34
N LEU E 73 -20.33 -23.18 -27.11
CA LEU E 73 -21.67 -22.78 -26.73
C LEU E 73 -22.23 -21.74 -27.67
N VAL E 74 -23.54 -21.79 -27.88
CA VAL E 74 -24.22 -20.84 -28.77
C VAL E 74 -25.47 -20.31 -28.06
N ARG E 75 -25.83 -19.07 -28.35
CA ARG E 75 -27.01 -18.50 -27.74
C ARG E 75 -28.19 -19.24 -28.33
N GLY E 76 -28.96 -19.90 -27.47
CA GLY E 76 -30.12 -20.65 -27.91
C GLY E 76 -29.92 -22.13 -27.67
N GLN E 77 -28.66 -22.54 -27.54
CA GLN E 77 -28.36 -23.94 -27.30
C GLN E 77 -29.18 -24.36 -26.09
N LYS E 78 -29.78 -25.53 -26.16
CA LYS E 78 -30.62 -26.05 -25.09
C LYS E 78 -29.83 -26.35 -23.80
N VAL E 79 -30.51 -26.27 -22.66
CA VAL E 79 -29.89 -26.53 -21.37
C VAL E 79 -30.93 -27.20 -20.45
N LEU E 80 -30.52 -28.25 -19.74
CA LEU E 80 -31.46 -28.97 -18.86
C LEU E 80 -31.23 -28.80 -17.38
N ASP E 81 -32.33 -28.52 -16.67
CA ASP E 81 -32.32 -28.34 -15.23
C ASP E 81 -32.29 -29.72 -14.58
N SER E 82 -31.17 -30.08 -13.96
CA SER E 82 -31.04 -31.40 -13.33
C SER E 82 -31.87 -31.57 -12.06
N GLY E 83 -32.72 -30.59 -11.78
CA GLY E 83 -33.57 -30.68 -10.61
C GLY E 83 -32.94 -30.36 -9.25
N ALA E 84 -31.65 -30.64 -9.09
CA ALA E 84 -30.97 -30.37 -7.83
C ALA E 84 -29.54 -29.89 -8.09
N PRO E 85 -28.73 -29.72 -7.04
CA PRO E 85 -27.37 -29.28 -7.33
C PRO E 85 -26.53 -30.42 -7.90
N ILE E 86 -25.21 -30.19 -8.02
CA ILE E 86 -24.32 -31.20 -8.54
C ILE E 86 -24.24 -32.43 -7.63
N ARG E 87 -24.74 -33.54 -8.15
CA ARG E 87 -24.74 -34.81 -7.43
C ARG E 87 -23.63 -35.73 -7.94
N ILE E 88 -22.98 -36.42 -7.01
CA ILE E 88 -21.90 -37.31 -7.36
C ILE E 88 -22.06 -38.68 -6.71
N PRO E 89 -21.33 -39.67 -7.21
CA PRO E 89 -21.40 -41.03 -6.66
C PRO E 89 -20.78 -41.07 -5.26
N VAL E 90 -21.50 -41.63 -4.31
CA VAL E 90 -21.01 -41.74 -2.94
C VAL E 90 -21.10 -43.19 -2.52
N GLY E 91 -20.29 -43.59 -1.54
CA GLY E 91 -20.31 -44.96 -1.09
C GLY E 91 -18.97 -45.63 -1.33
N PRO E 92 -18.74 -46.81 -0.72
CA PRO E 92 -17.52 -47.62 -0.80
C PRO E 92 -16.84 -47.68 -2.17
N GLU E 93 -17.60 -47.95 -3.23
CA GLU E 93 -17.02 -48.06 -4.56
C GLU E 93 -16.33 -46.84 -5.14
N THR E 94 -16.19 -45.78 -4.34
CA THR E 94 -15.52 -44.57 -4.80
C THR E 94 -14.06 -44.65 -4.41
N LEU E 95 -13.80 -45.38 -3.33
CA LEU E 95 -12.45 -45.58 -2.81
C LEU E 95 -11.55 -46.17 -3.91
N GLY E 96 -10.32 -45.68 -3.99
CA GLY E 96 -9.40 -46.18 -5.00
C GLY E 96 -9.66 -45.55 -6.35
N ARG E 97 -10.84 -45.00 -6.51
CA ARG E 97 -11.19 -44.36 -7.78
C ARG E 97 -10.86 -42.87 -7.71
N ILE E 98 -10.58 -42.30 -8.87
CA ILE E 98 -10.26 -40.87 -8.97
C ILE E 98 -11.48 -40.18 -9.56
N MET E 99 -12.12 -39.33 -8.78
CA MET E 99 -13.31 -38.66 -9.25
C MET E 99 -13.09 -37.23 -9.71
N ASN E 100 -13.89 -36.87 -10.70
CA ASN E 100 -13.88 -35.55 -11.30
C ASN E 100 -14.65 -34.59 -10.42
N VAL E 101 -14.80 -33.35 -10.86
CA VAL E 101 -15.51 -32.32 -10.10
C VAL E 101 -16.98 -32.67 -9.94
N ILE E 102 -17.58 -33.05 -11.07
CA ILE E 102 -19.00 -33.40 -11.14
C ILE E 102 -19.34 -34.87 -10.86
N GLY E 103 -18.36 -35.66 -10.44
CA GLY E 103 -18.63 -37.05 -10.14
C GLY E 103 -18.16 -38.07 -11.14
N GLU E 104 -17.64 -37.62 -12.28
CA GLU E 104 -17.16 -38.53 -13.30
C GLU E 104 -15.84 -39.18 -12.97
N PRO E 105 -15.69 -40.49 -13.30
CA PRO E 105 -14.44 -41.16 -13.01
C PRO E 105 -13.46 -40.65 -14.03
N ILE E 106 -12.24 -40.38 -13.62
CA ILE E 106 -11.24 -39.87 -14.54
C ILE E 106 -10.02 -40.77 -14.50
N ASP E 107 -10.19 -41.93 -13.86
CA ASP E 107 -9.12 -42.92 -13.74
C ASP E 107 -9.31 -43.96 -14.83
N GLU E 108 -10.24 -43.68 -15.74
CA GLU E 108 -10.55 -44.52 -16.89
C GLU E 108 -10.89 -45.98 -16.57
N ARG E 109 -11.00 -46.31 -15.29
CA ARG E 109 -11.35 -47.64 -14.87
C ARG E 109 -12.86 -47.76 -14.96
N GLY E 110 -13.42 -47.23 -16.04
CA GLY E 110 -14.85 -47.27 -16.27
C GLY E 110 -15.76 -46.61 -15.23
N PRO E 111 -17.06 -46.89 -15.28
CA PRO E 111 -18.08 -46.35 -14.37
C PRO E 111 -17.80 -46.52 -12.88
N ILE E 112 -18.50 -45.73 -12.07
CA ILE E 112 -18.36 -45.78 -10.62
C ILE E 112 -19.69 -46.30 -10.08
N LYS E 113 -19.95 -47.56 -10.37
CA LYS E 113 -21.17 -48.25 -9.99
C LYS E 113 -21.60 -48.13 -8.53
N THR E 114 -22.33 -47.05 -8.21
CA THR E 114 -22.84 -46.84 -6.85
C THR E 114 -24.37 -46.79 -6.91
N LYS E 115 -25.01 -47.12 -5.80
CA LYS E 115 -26.46 -47.09 -5.75
C LYS E 115 -26.86 -45.75 -5.18
N GLN E 116 -25.92 -45.09 -4.51
CA GLN E 116 -26.17 -43.80 -3.87
C GLN E 116 -25.59 -42.62 -4.63
N PHE E 117 -26.18 -41.45 -4.39
CA PHE E 117 -25.76 -40.19 -5.01
C PHE E 117 -26.05 -39.08 -4.01
N ALA E 118 -25.28 -38.01 -4.06
CA ALA E 118 -25.47 -36.89 -3.14
C ALA E 118 -25.12 -35.54 -3.76
N ALA E 119 -25.67 -34.47 -3.18
CA ALA E 119 -25.40 -33.11 -3.67
C ALA E 119 -24.14 -32.55 -2.98
N ILE E 120 -23.30 -31.87 -3.77
CA ILE E 120 -22.08 -31.29 -3.23
C ILE E 120 -22.36 -30.10 -2.32
N HIS E 121 -23.61 -29.65 -2.29
CA HIS E 121 -23.99 -28.51 -1.47
C HIS E 121 -24.91 -28.89 -0.32
N ALA E 122 -24.33 -29.13 0.86
CA ALA E 122 -25.10 -29.51 2.04
C ALA E 122 -24.77 -28.67 3.27
N GLU E 123 -25.82 -28.12 3.87
CA GLU E 123 -25.68 -27.29 5.08
C GLU E 123 -24.89 -28.08 6.13
N ALA E 124 -24.13 -27.39 6.96
CA ALA E 124 -23.34 -28.04 8.00
C ALA E 124 -24.26 -28.55 9.10
N PRO E 125 -23.80 -29.55 9.87
CA PRO E 125 -24.60 -30.12 10.95
C PRO E 125 -25.11 -28.98 11.80
N GLU E 126 -26.28 -29.16 12.39
CA GLU E 126 -26.89 -28.15 13.24
C GLU E 126 -26.23 -28.16 14.62
N PHE E 127 -26.49 -27.12 15.41
CA PHE E 127 -25.91 -26.97 16.74
C PHE E 127 -26.12 -28.19 17.65
N VAL E 128 -27.30 -28.78 17.60
CA VAL E 128 -27.59 -29.96 18.43
C VAL E 128 -26.76 -31.17 17.98
N GLU E 129 -26.55 -31.31 16.67
CA GLU E 129 -25.79 -32.42 16.11
C GLU E 129 -24.31 -32.32 16.49
N MET E 130 -23.98 -31.29 17.27
CA MET E 130 -22.61 -31.07 17.66
C MET E 130 -22.07 -31.89 18.83
N SER E 131 -20.80 -32.24 18.71
CA SER E 131 -20.08 -32.98 19.73
C SER E 131 -19.57 -31.90 20.68
N VAL E 132 -19.61 -32.18 21.98
CA VAL E 132 -19.13 -31.21 22.95
C VAL E 132 -17.90 -31.77 23.64
N GLU E 133 -17.52 -32.98 23.24
CA GLU E 133 -16.36 -33.63 23.81
C GLU E 133 -15.13 -33.41 22.94
N GLN E 134 -14.00 -33.10 23.59
CA GLN E 134 -12.75 -32.85 22.88
C GLN E 134 -11.87 -34.09 22.89
N GLU E 135 -12.00 -34.92 21.86
CA GLU E 135 -11.19 -36.13 21.77
C GLU E 135 -10.02 -35.97 20.80
N ILE E 136 -8.94 -36.69 21.07
CA ILE E 136 -7.74 -36.63 20.26
C ILE E 136 -7.63 -37.80 19.28
N LEU E 137 -7.53 -37.48 17.99
CA LEU E 137 -7.41 -38.51 16.96
C LEU E 137 -5.98 -39.05 16.88
N VAL E 138 -5.78 -40.23 17.46
CA VAL E 138 -4.48 -40.91 17.48
C VAL E 138 -4.00 -41.27 16.09
N THR E 139 -2.82 -40.77 15.72
CA THR E 139 -2.25 -41.06 14.40
C THR E 139 -1.23 -42.18 14.47
N GLY E 140 -0.68 -42.41 15.66
CA GLY E 140 0.32 -43.44 15.82
C GLY E 140 1.68 -42.87 15.48
N ILE E 141 1.71 -41.60 15.07
CA ILE E 141 2.96 -40.93 14.73
C ILE E 141 3.35 -40.08 15.94
N LYS E 142 4.42 -40.51 16.59
CA LYS E 142 4.93 -39.88 17.79
C LYS E 142 4.87 -38.36 17.91
N VAL E 143 5.65 -37.63 17.12
CA VAL E 143 5.66 -36.15 17.16
C VAL E 143 4.25 -35.54 17.12
N VAL E 144 3.46 -35.99 16.16
CA VAL E 144 2.09 -35.56 15.99
C VAL E 144 1.32 -35.77 17.29
N ASP E 145 1.11 -37.03 17.65
CA ASP E 145 0.37 -37.40 18.86
C ASP E 145 0.94 -36.83 20.17
N LEU E 146 2.23 -36.50 20.19
CA LEU E 146 2.83 -35.98 21.41
C LEU E 146 2.98 -34.46 21.48
N LEU E 147 3.29 -33.80 20.36
CA LEU E 147 3.51 -32.36 20.40
C LEU E 147 2.45 -31.48 19.72
N ALA E 148 1.65 -32.09 18.86
CA ALA E 148 0.64 -31.35 18.14
C ALA E 148 -0.49 -32.28 17.73
N PRO E 149 -1.20 -32.85 18.71
CA PRO E 149 -2.33 -33.78 18.51
C PRO E 149 -3.39 -33.30 17.51
N TYR E 150 -3.86 -34.23 16.67
CA TYR E 150 -4.89 -33.93 15.68
C TYR E 150 -6.29 -34.02 16.27
N ALA E 151 -6.92 -32.86 16.47
CA ALA E 151 -8.27 -32.83 17.01
C ALA E 151 -9.24 -33.62 16.12
N LYS E 152 -9.83 -34.66 16.70
CA LYS E 152 -10.79 -35.49 15.98
C LYS E 152 -11.94 -34.59 15.50
N GLY E 153 -12.05 -34.40 14.19
CA GLY E 153 -13.08 -33.55 13.66
C GLY E 153 -12.55 -32.13 13.55
N GLY E 154 -11.22 -32.01 13.63
CA GLY E 154 -10.59 -30.72 13.55
C GLY E 154 -9.78 -30.55 12.29
N LYS E 155 -9.42 -29.30 11.96
CA LYS E 155 -8.63 -29.04 10.78
C LYS E 155 -7.20 -28.83 11.21
N ILE E 156 -6.27 -29.33 10.41
CA ILE E 156 -4.84 -29.23 10.73
C ILE E 156 -4.11 -28.64 9.54
N GLY E 157 -3.41 -27.54 9.77
CA GLY E 157 -2.68 -26.91 8.68
C GLY E 157 -1.35 -27.60 8.40
N LEU E 158 -1.26 -28.25 7.25
CA LEU E 158 -0.03 -28.94 6.87
C LEU E 158 0.96 -27.96 6.22
N PHE E 159 2.00 -27.60 6.97
CA PHE E 159 3.00 -26.67 6.46
C PHE E 159 4.27 -27.35 5.98
N GLY E 160 4.68 -27.03 4.76
CA GLY E 160 5.87 -27.61 4.18
C GLY E 160 5.68 -27.73 2.68
N GLY E 161 6.63 -27.22 1.92
CA GLY E 161 6.52 -27.27 0.48
C GLY E 161 6.53 -28.68 -0.07
N ALA E 162 7.58 -29.01 -0.82
CA ALA E 162 7.71 -30.35 -1.39
C ALA E 162 9.10 -30.90 -1.09
N GLY E 163 9.22 -32.23 -1.08
CA GLY E 163 10.49 -32.87 -0.82
C GLY E 163 10.86 -32.89 0.65
N VAL E 164 9.84 -32.98 1.50
CA VAL E 164 10.01 -32.99 2.94
C VAL E 164 9.28 -34.13 3.61
N GLY E 165 8.68 -34.99 2.80
CA GLY E 165 7.96 -36.14 3.33
C GLY E 165 6.44 -35.97 3.34
N LYS E 166 5.97 -34.99 2.58
CA LYS E 166 4.55 -34.70 2.50
C LYS E 166 3.72 -35.90 2.01
N THR E 167 4.00 -36.36 0.79
CA THR E 167 3.26 -37.49 0.22
C THR E 167 3.35 -38.76 1.06
N VAL E 168 4.40 -38.90 1.85
CA VAL E 168 4.55 -40.09 2.68
C VAL E 168 3.74 -39.95 3.96
N LEU E 169 3.78 -38.77 4.57
CA LEU E 169 3.02 -38.54 5.80
C LEU E 169 1.53 -38.58 5.52
N ILE E 170 1.15 -38.17 4.31
CA ILE E 170 -0.26 -38.17 3.95
C ILE E 170 -0.81 -39.58 3.88
N MET E 171 -0.12 -40.47 3.17
CA MET E 171 -0.57 -41.85 3.03
C MET E 171 -0.45 -42.60 4.36
N GLU E 172 0.69 -42.48 5.02
CA GLU E 172 0.87 -43.16 6.28
C GLU E 172 -0.37 -42.88 7.12
N LEU E 173 -0.68 -41.60 7.29
CA LEU E 173 -1.86 -41.18 8.06
C LEU E 173 -3.08 -41.94 7.56
N ILE E 174 -3.17 -42.09 6.24
CA ILE E 174 -4.28 -42.82 5.66
C ILE E 174 -4.24 -44.23 6.20
N ASN E 175 -3.05 -44.82 6.19
CA ASN E 175 -2.88 -46.19 6.68
C ASN E 175 -3.24 -46.31 8.15
N ASN E 176 -2.50 -45.61 9.01
CA ASN E 176 -2.74 -45.65 10.44
C ASN E 176 -4.22 -45.50 10.81
N VAL E 177 -4.82 -44.37 10.42
CA VAL E 177 -6.22 -44.11 10.73
C VAL E 177 -7.09 -45.26 10.30
N ALA E 178 -6.72 -45.93 9.21
CA ALA E 178 -7.48 -47.07 8.72
C ALA E 178 -7.29 -48.27 9.65
N LYS E 179 -6.03 -48.56 9.96
CA LYS E 179 -5.67 -49.68 10.84
C LYS E 179 -6.19 -49.50 12.26
N ALA E 180 -6.04 -48.30 12.81
CA ALA E 180 -6.47 -48.05 14.17
C ALA E 180 -7.81 -47.32 14.37
N HIS E 181 -8.55 -47.08 13.29
CA HIS E 181 -9.82 -46.37 13.43
C HIS E 181 -10.90 -46.80 12.43
N GLY E 182 -10.54 -47.70 11.53
CA GLY E 182 -11.51 -48.20 10.57
C GLY E 182 -12.03 -47.20 9.57
N GLY E 183 -11.75 -45.92 9.76
CA GLY E 183 -12.23 -44.93 8.82
C GLY E 183 -11.41 -44.81 7.54
N TYR E 184 -12.08 -44.51 6.43
CA TYR E 184 -11.40 -44.35 5.16
C TYR E 184 -10.82 -42.95 5.04
N SER E 185 -10.53 -42.55 3.81
CA SER E 185 -9.97 -41.24 3.57
C SER E 185 -10.30 -40.80 2.17
N VAL E 186 -10.32 -39.48 1.98
CA VAL E 186 -10.60 -38.90 0.68
C VAL E 186 -9.54 -37.84 0.43
N PHE E 187 -9.14 -37.71 -0.82
CA PHE E 187 -8.15 -36.72 -1.16
C PHE E 187 -8.71 -35.79 -2.21
N ALA E 188 -8.93 -34.55 -1.79
CA ALA E 188 -9.44 -33.51 -2.67
C ALA E 188 -8.26 -32.71 -3.20
N GLY E 189 -7.87 -32.99 -4.44
CA GLY E 189 -6.77 -32.25 -5.02
C GLY E 189 -7.29 -30.95 -5.58
N VAL E 190 -7.27 -29.90 -4.77
CA VAL E 190 -7.77 -28.60 -5.19
C VAL E 190 -6.68 -27.88 -5.99
N GLY E 191 -6.96 -27.61 -7.26
CA GLY E 191 -5.97 -26.94 -8.08
C GLY E 191 -4.69 -27.74 -8.23
N GLU E 192 -4.82 -29.07 -8.24
CA GLU E 192 -3.67 -29.96 -8.39
C GLU E 192 -3.06 -29.80 -9.79
N ARG E 193 -1.79 -30.18 -9.90
CA ARG E 193 -1.11 -30.13 -11.19
C ARG E 193 -1.27 -31.54 -11.71
N THR E 194 -1.81 -31.68 -12.93
CA THR E 194 -2.04 -32.99 -13.51
C THR E 194 -0.84 -33.92 -13.34
N ARG E 195 0.35 -33.34 -13.37
CA ARG E 195 1.58 -34.09 -13.21
C ARG E 195 1.74 -34.73 -11.82
N GLU E 196 1.64 -33.93 -10.77
CA GLU E 196 1.79 -34.44 -9.42
C GLU E 196 0.58 -35.28 -9.04
N GLY E 197 -0.54 -34.99 -9.70
CA GLY E 197 -1.78 -35.71 -9.44
C GLY E 197 -1.60 -37.15 -9.90
N ASN E 198 -0.87 -37.30 -11.01
CA ASN E 198 -0.58 -38.60 -11.58
C ASN E 198 0.44 -39.29 -10.69
N ASP E 199 1.50 -38.56 -10.37
CA ASP E 199 2.55 -39.10 -9.53
C ASP E 199 1.99 -39.63 -8.21
N LEU E 200 1.10 -38.87 -7.60
CA LEU E 200 0.47 -39.25 -6.34
C LEU E 200 -0.34 -40.54 -6.47
N TYR E 201 -1.08 -40.64 -7.56
CA TYR E 201 -1.91 -41.82 -7.81
C TYR E 201 -1.08 -43.11 -7.73
N HIS E 202 -0.03 -43.20 -8.55
CA HIS E 202 0.84 -44.36 -8.56
C HIS E 202 1.67 -44.52 -7.29
N GLU E 203 2.12 -43.40 -6.74
CA GLU E 203 2.91 -43.45 -5.52
C GLU E 203 2.06 -44.08 -4.41
N MET E 204 0.74 -43.88 -4.51
CA MET E 204 -0.21 -44.45 -3.55
C MET E 204 -0.43 -45.92 -3.87
N ILE E 205 -0.58 -46.24 -5.15
CA ILE E 205 -0.77 -47.64 -5.55
C ILE E 205 0.39 -48.48 -5.00
N GLU E 206 1.61 -48.08 -5.32
CA GLU E 206 2.77 -48.80 -4.84
C GLU E 206 2.98 -48.66 -3.34
N SER E 207 2.03 -48.04 -2.65
CA SER E 207 2.16 -47.89 -1.21
C SER E 207 1.14 -48.75 -0.48
N GLY E 208 0.14 -49.24 -1.21
CA GLY E 208 -0.88 -50.08 -0.63
C GLY E 208 -2.23 -49.44 -0.39
N VAL E 209 -2.22 -48.13 -0.09
CA VAL E 209 -3.43 -47.37 0.16
C VAL E 209 -4.44 -47.50 -0.97
N ILE E 210 -3.95 -47.72 -2.18
CA ILE E 210 -4.82 -47.92 -3.33
C ILE E 210 -4.48 -49.27 -3.97
N ASN E 211 -5.51 -50.03 -4.32
CA ASN E 211 -5.33 -51.34 -4.90
C ASN E 211 -6.22 -51.44 -6.15
N LEU E 212 -5.59 -51.63 -7.30
CA LEU E 212 -6.32 -51.72 -8.55
C LEU E 212 -6.88 -53.10 -8.79
N LYS E 213 -6.84 -53.96 -7.77
CA LYS E 213 -7.32 -55.32 -7.91
C LYS E 213 -8.38 -55.71 -6.88
N ASP E 214 -7.95 -55.90 -5.63
CA ASP E 214 -8.85 -56.27 -4.55
C ASP E 214 -9.28 -55.04 -3.75
N ALA E 215 -10.58 -54.94 -3.48
CA ALA E 215 -11.13 -53.82 -2.73
C ALA E 215 -10.54 -53.72 -1.32
N THR E 216 -9.32 -53.17 -1.25
CA THR E 216 -8.62 -52.97 0.00
C THR E 216 -8.19 -51.51 0.07
N SER E 217 -8.59 -50.75 -0.95
CA SER E 217 -8.27 -49.34 -1.04
C SER E 217 -8.85 -48.59 0.14
N LYS E 218 -8.03 -47.72 0.73
CA LYS E 218 -8.48 -46.97 1.90
C LYS E 218 -8.79 -45.50 1.59
N VAL E 219 -8.47 -45.05 0.36
CA VAL E 219 -8.71 -43.66 0.00
C VAL E 219 -9.44 -43.41 -1.32
N ALA E 220 -10.26 -42.37 -1.33
CA ALA E 220 -11.01 -41.98 -2.52
C ALA E 220 -10.35 -40.70 -3.03
N LEU E 221 -10.00 -40.67 -4.30
CA LEU E 221 -9.37 -39.49 -4.85
C LEU E 221 -10.34 -38.60 -5.60
N VAL E 222 -10.21 -37.29 -5.38
CA VAL E 222 -11.03 -36.29 -6.05
C VAL E 222 -10.06 -35.21 -6.53
N TYR E 223 -10.12 -34.88 -7.81
CA TYR E 223 -9.19 -33.90 -8.34
C TYR E 223 -9.80 -32.64 -8.97
N GLY E 224 -9.04 -31.55 -8.87
CA GLY E 224 -9.45 -30.27 -9.44
C GLY E 224 -8.25 -29.61 -10.11
N GLN E 225 -7.83 -30.22 -11.21
CA GLN E 225 -6.69 -29.76 -11.99
C GLN E 225 -6.65 -28.24 -12.27
N MET E 226 -5.44 -27.71 -12.40
CA MET E 226 -5.26 -26.28 -12.67
C MET E 226 -5.82 -25.85 -14.01
N ASN E 227 -5.74 -26.73 -15.00
CA ASN E 227 -6.27 -26.43 -16.32
C ASN E 227 -7.78 -26.31 -16.24
N GLU E 228 -8.35 -26.72 -15.11
CA GLU E 228 -9.79 -26.61 -14.92
C GLU E 228 -10.16 -25.20 -14.47
N PRO E 229 -11.26 -24.65 -15.03
CA PRO E 229 -11.74 -23.30 -14.70
C PRO E 229 -11.99 -23.05 -13.22
N PRO E 230 -11.91 -21.77 -12.80
CA PRO E 230 -12.12 -21.35 -11.41
C PRO E 230 -13.40 -21.91 -10.82
N GLY E 231 -14.44 -22.07 -11.66
CA GLY E 231 -15.69 -22.63 -11.17
C GLY E 231 -15.43 -24.05 -10.72
N ALA E 232 -14.82 -24.83 -11.61
CA ALA E 232 -14.48 -26.21 -11.33
C ALA E 232 -13.60 -26.28 -10.10
N ARG E 233 -12.45 -25.61 -10.15
CA ARG E 233 -11.51 -25.64 -9.04
C ARG E 233 -12.09 -25.18 -7.70
N ALA E 234 -13.20 -24.44 -7.74
CA ALA E 234 -13.80 -23.98 -6.49
C ALA E 234 -14.69 -25.04 -5.84
N ARG E 235 -15.39 -25.82 -6.65
CA ARG E 235 -16.29 -26.84 -6.11
C ARG E 235 -15.66 -28.16 -5.67
N VAL E 236 -14.54 -28.54 -6.25
CA VAL E 236 -13.87 -29.79 -5.90
C VAL E 236 -13.78 -30.07 -4.40
N ALA E 237 -13.32 -29.08 -3.64
CA ALA E 237 -13.21 -29.24 -2.19
C ALA E 237 -14.53 -29.72 -1.62
N LEU E 238 -15.63 -29.35 -2.27
CA LEU E 238 -16.94 -29.76 -1.80
C LEU E 238 -17.28 -31.16 -2.30
N THR E 239 -16.96 -31.44 -3.56
CA THR E 239 -17.23 -32.77 -4.12
C THR E 239 -16.56 -33.78 -3.19
N GLY E 240 -15.26 -33.61 -3.02
CA GLY E 240 -14.50 -34.50 -2.15
C GLY E 240 -15.05 -34.46 -0.74
N LEU E 241 -15.64 -33.33 -0.36
CA LEU E 241 -16.22 -33.19 0.96
C LEU E 241 -17.46 -34.07 1.08
N THR E 242 -18.32 -34.01 0.07
CA THR E 242 -19.55 -34.79 0.03
C THR E 242 -19.24 -36.28 0.13
N VAL E 243 -18.16 -36.70 -0.55
CA VAL E 243 -17.73 -38.09 -0.54
C VAL E 243 -17.42 -38.53 0.88
N ALA E 244 -16.59 -37.75 1.56
CA ALA E 244 -16.21 -38.06 2.93
C ALA E 244 -17.41 -38.07 3.88
N GLU E 245 -18.38 -37.19 3.64
CA GLU E 245 -19.58 -37.09 4.48
C GLU E 245 -20.39 -38.38 4.52
N TYR E 246 -20.41 -39.09 3.39
CA TYR E 246 -21.14 -40.36 3.29
C TYR E 246 -20.64 -41.33 4.34
N PHE E 247 -19.32 -41.46 4.42
CA PHE E 247 -18.67 -42.36 5.35
C PHE E 247 -18.81 -41.94 6.80
N ARG E 248 -19.26 -40.70 7.03
CA ARG E 248 -19.44 -40.24 8.39
C ARG E 248 -20.89 -40.33 8.84
N ASP E 249 -21.80 -39.95 7.94
CA ASP E 249 -23.22 -39.99 8.24
C ASP E 249 -23.86 -41.32 7.89
N GLN E 250 -23.20 -42.10 7.04
CA GLN E 250 -23.76 -43.39 6.65
C GLN E 250 -23.10 -44.60 7.29
N GLU E 251 -21.79 -44.54 7.52
CA GLU E 251 -21.10 -45.67 8.13
C GLU E 251 -20.47 -45.36 9.48
N GLY E 252 -20.89 -44.23 10.05
CA GLY E 252 -20.44 -43.78 11.35
C GLY E 252 -18.95 -43.69 11.59
N GLN E 253 -18.18 -43.68 10.51
CA GLN E 253 -16.72 -43.65 10.60
C GLN E 253 -16.12 -42.32 10.99
N ASP E 254 -14.83 -42.38 11.30
CA ASP E 254 -14.05 -41.21 11.64
C ASP E 254 -13.12 -41.03 10.45
N VAL E 255 -13.69 -40.48 9.37
CA VAL E 255 -13.00 -40.22 8.11
C VAL E 255 -11.82 -39.28 8.29
N LEU E 256 -11.06 -39.12 7.21
CA LEU E 256 -9.91 -38.25 7.16
C LEU E 256 -10.00 -37.58 5.81
N LEU E 257 -10.07 -36.25 5.81
CA LEU E 257 -10.17 -35.50 4.57
C LEU E 257 -8.90 -34.72 4.28
N PHE E 258 -8.33 -34.93 3.10
CA PHE E 258 -7.13 -34.22 2.69
C PHE E 258 -7.39 -33.21 1.59
N ILE E 259 -7.12 -31.96 1.92
CA ILE E 259 -7.31 -30.88 0.99
C ILE E 259 -5.93 -30.33 0.73
N ASP E 260 -5.32 -30.72 -0.38
CA ASP E 260 -3.98 -30.22 -0.63
C ASP E 260 -4.08 -28.85 -1.25
N ASN E 261 -3.68 -27.87 -0.45
CA ASN E 261 -3.72 -26.49 -0.84
C ASN E 261 -5.11 -25.97 -0.66
N ILE E 262 -5.39 -25.53 0.56
CA ILE E 262 -6.69 -24.97 0.85
C ILE E 262 -6.67 -23.58 0.23
N PHE E 263 -5.47 -23.04 0.07
CA PHE E 263 -5.28 -21.73 -0.52
C PHE E 263 -5.92 -21.64 -1.90
N ARG E 264 -5.57 -22.58 -2.78
CA ARG E 264 -6.08 -22.59 -4.14
C ARG E 264 -7.59 -22.75 -4.21
N PHE E 265 -8.19 -23.04 -3.07
CA PHE E 265 -9.63 -23.15 -2.96
C PHE E 265 -10.05 -21.69 -2.87
N THR E 266 -9.45 -21.01 -1.89
CA THR E 266 -9.69 -19.59 -1.64
C THR E 266 -9.56 -18.83 -2.96
N GLN E 267 -8.37 -18.89 -3.54
CA GLN E 267 -8.11 -18.23 -4.80
C GLN E 267 -9.17 -18.63 -5.81
N ALA E 268 -9.47 -19.92 -5.87
CA ALA E 268 -10.49 -20.39 -6.79
C ALA E 268 -11.74 -19.54 -6.55
N GLY E 269 -12.02 -19.28 -5.27
CA GLY E 269 -13.16 -18.49 -4.88
C GLY E 269 -13.18 -17.08 -5.44
N SER E 270 -12.05 -16.37 -5.28
CA SER E 270 -11.91 -14.98 -5.76
C SER E 270 -12.12 -14.85 -7.25
N GLU E 271 -11.63 -15.84 -7.98
CA GLU E 271 -11.72 -15.85 -9.43
C GLU E 271 -13.16 -16.04 -9.86
N VAL E 272 -13.90 -16.82 -9.10
CA VAL E 272 -15.31 -17.04 -9.43
C VAL E 272 -15.97 -15.69 -9.15
N SER E 273 -15.71 -15.19 -7.95
CA SER E 273 -16.25 -13.93 -7.48
C SER E 273 -16.04 -12.84 -8.54
N ALA E 274 -14.79 -12.65 -8.97
CA ALA E 274 -14.46 -11.63 -9.97
C ALA E 274 -15.19 -11.88 -11.27
N LEU E 275 -15.14 -13.12 -11.74
CA LEU E 275 -15.83 -13.44 -12.97
C LEU E 275 -17.28 -13.01 -12.90
N LEU E 276 -17.88 -13.17 -11.72
CA LEU E 276 -19.27 -12.79 -11.49
C LEU E 276 -19.42 -11.28 -11.31
N GLY E 277 -18.31 -10.56 -11.47
CA GLY E 277 -18.33 -9.12 -11.34
C GLY E 277 -18.52 -8.52 -9.96
N ARG E 278 -18.22 -9.28 -8.91
CA ARG E 278 -18.37 -8.76 -7.56
C ARG E 278 -17.16 -7.92 -7.20
N ILE E 279 -17.37 -6.92 -6.34
CA ILE E 279 -16.32 -6.00 -5.89
C ILE E 279 -15.42 -6.65 -4.86
N PRO E 280 -14.13 -6.84 -5.20
CA PRO E 280 -13.17 -7.47 -4.29
C PRO E 280 -13.06 -6.72 -2.97
N SER E 281 -12.69 -7.44 -1.92
CA SER E 281 -12.51 -6.85 -0.60
C SER E 281 -11.00 -6.59 -0.48
N ALA E 282 -10.52 -6.30 0.73
CA ALA E 282 -9.10 -6.02 0.90
C ALA E 282 -8.23 -7.08 0.26
N VAL E 283 -7.11 -6.61 -0.27
CA VAL E 283 -6.13 -7.48 -0.91
C VAL E 283 -6.68 -8.31 -2.06
N GLY E 284 -7.69 -7.78 -2.74
CA GLY E 284 -8.25 -8.48 -3.88
C GLY E 284 -9.03 -9.77 -3.70
N TYR E 285 -9.22 -10.23 -2.47
CA TYR E 285 -9.99 -11.45 -2.32
C TYR E 285 -11.49 -11.17 -2.46
N GLN E 286 -12.31 -12.22 -2.34
CA GLN E 286 -13.74 -12.07 -2.46
C GLN E 286 -14.35 -11.55 -1.16
N PRO E 287 -15.41 -10.75 -1.27
CA PRO E 287 -16.07 -10.21 -0.08
C PRO E 287 -16.44 -11.39 0.78
N THR E 288 -16.97 -12.39 0.09
CA THR E 288 -17.44 -13.64 0.67
C THR E 288 -16.37 -14.54 1.30
N LEU E 289 -15.11 -14.14 1.19
CA LEU E 289 -14.01 -14.92 1.74
C LEU E 289 -14.37 -15.77 2.96
N ALA E 290 -14.71 -15.12 4.06
CA ALA E 290 -15.04 -15.81 5.31
C ALA E 290 -16.23 -16.77 5.22
N THR E 291 -17.24 -16.40 4.43
CA THR E 291 -18.40 -17.28 4.28
C THR E 291 -18.10 -18.45 3.36
N ASP E 292 -17.34 -18.19 2.29
CA ASP E 292 -16.93 -19.24 1.37
C ASP E 292 -16.17 -20.27 2.20
N MET E 293 -15.36 -19.76 3.12
CA MET E 293 -14.55 -20.59 3.98
C MET E 293 -15.39 -21.18 5.10
N GLY E 294 -16.48 -20.48 5.42
CA GLY E 294 -17.35 -20.93 6.51
C GLY E 294 -18.19 -22.12 6.11
N THR E 295 -19.00 -21.92 5.08
CA THR E 295 -19.90 -22.95 4.57
C THR E 295 -19.21 -24.28 4.34
N MET E 296 -17.96 -24.26 3.89
CA MET E 296 -17.24 -25.48 3.63
C MET E 296 -16.56 -26.03 4.88
N GLN E 297 -15.71 -25.22 5.50
CA GLN E 297 -15.00 -25.66 6.69
C GLN E 297 -15.90 -26.26 7.76
N GLU E 298 -17.05 -25.64 8.00
CA GLU E 298 -17.99 -26.10 9.03
C GLU E 298 -18.62 -27.46 8.79
N ARG E 299 -18.46 -28.00 7.57
CA ARG E 299 -19.00 -29.33 7.26
C ARG E 299 -18.00 -30.38 7.74
N ILE E 300 -16.98 -29.92 8.46
CA ILE E 300 -15.93 -30.75 9.00
C ILE E 300 -15.88 -30.62 10.52
N THR E 301 -16.51 -31.57 11.22
CA THR E 301 -16.52 -31.61 12.68
C THR E 301 -17.01 -32.96 13.11
N THR E 302 -17.07 -33.15 14.41
CA THR E 302 -17.53 -34.40 15.01
C THR E 302 -19.04 -34.36 15.21
N THR E 303 -19.73 -35.34 14.63
CA THR E 303 -21.18 -35.43 14.77
C THR E 303 -21.49 -36.65 15.63
N LYS E 304 -22.72 -36.73 16.13
CA LYS E 304 -23.10 -37.84 16.98
C LYS E 304 -22.79 -39.17 16.29
N LYS E 305 -22.92 -39.21 14.97
CA LYS E 305 -22.68 -40.41 14.21
C LYS E 305 -21.22 -40.83 14.10
N GLY E 306 -20.35 -39.84 13.86
CA GLY E 306 -18.94 -40.14 13.72
C GLY E 306 -18.12 -38.86 13.71
N SER E 307 -17.28 -38.68 12.69
CA SER E 307 -16.47 -37.46 12.60
C SER E 307 -15.50 -37.47 11.42
N ILE E 308 -15.16 -36.28 10.96
CA ILE E 308 -14.24 -36.11 9.84
C ILE E 308 -13.14 -35.15 10.25
N THR E 309 -11.90 -35.62 10.23
CA THR E 309 -10.76 -34.77 10.54
C THR E 309 -10.13 -34.48 9.17
N SER E 310 -9.65 -33.26 8.96
CA SER E 310 -9.06 -32.93 7.67
C SER E 310 -7.71 -32.27 7.72
N VAL E 311 -6.79 -32.78 6.92
CA VAL E 311 -5.44 -32.24 6.83
C VAL E 311 -5.34 -31.42 5.56
N GLN E 312 -5.34 -30.10 5.74
CA GLN E 312 -5.31 -29.19 4.61
C GLN E 312 -3.96 -28.50 4.45
N ALA E 313 -3.31 -28.72 3.31
CA ALA E 313 -2.02 -28.11 3.03
C ALA E 313 -2.20 -26.61 2.82
N ILE E 314 -1.42 -25.80 3.52
CA ILE E 314 -1.55 -24.34 3.43
C ILE E 314 -0.42 -23.53 2.81
N TYR E 315 -0.78 -22.59 1.93
CA TYR E 315 0.21 -21.71 1.29
C TYR E 315 0.10 -20.28 1.80
N VAL E 316 1.11 -19.81 2.53
CA VAL E 316 1.11 -18.44 3.06
C VAL E 316 1.58 -17.44 2.00
N PRO E 317 0.67 -16.60 1.49
CA PRO E 317 1.00 -15.60 0.47
C PRO E 317 2.10 -14.63 0.89
N ALA E 318 3.10 -14.45 0.02
CA ALA E 318 4.19 -13.53 0.33
C ALA E 318 4.76 -13.77 1.73
N ASP E 319 4.66 -14.99 2.21
CA ASP E 319 5.17 -15.35 3.53
C ASP E 319 4.53 -14.48 4.59
N ASP E 320 3.37 -13.92 4.25
CA ASP E 320 2.64 -13.07 5.17
C ASP E 320 1.49 -13.81 5.86
N LEU E 321 1.67 -14.08 7.14
CA LEU E 321 0.64 -14.77 7.88
C LEU E 321 -0.64 -13.97 7.99
N THR E 322 -0.54 -12.65 7.96
CA THR E 322 -1.74 -11.81 8.07
C THR E 322 -2.53 -11.68 6.78
N ASP E 323 -1.97 -12.10 5.64
CA ASP E 323 -2.71 -12.00 4.39
C ASP E 323 -4.09 -12.65 4.62
N PRO E 324 -5.15 -12.06 4.06
CA PRO E 324 -6.51 -12.59 4.22
C PRO E 324 -6.65 -14.10 4.10
N ALA E 325 -6.24 -14.67 2.98
CA ALA E 325 -6.36 -16.12 2.77
C ALA E 325 -6.00 -16.93 4.00
N PRO E 326 -4.71 -17.03 4.34
CA PRO E 326 -4.39 -17.83 5.53
C PRO E 326 -5.15 -17.37 6.78
N ALA E 327 -5.03 -16.09 7.13
CA ALA E 327 -5.67 -15.54 8.32
C ALA E 327 -7.15 -15.91 8.42
N THR E 328 -7.80 -16.11 7.27
CA THR E 328 -9.19 -16.51 7.24
C THR E 328 -9.23 -18.02 7.48
N THR E 329 -8.13 -18.70 7.15
CA THR E 329 -8.00 -20.14 7.30
C THR E 329 -7.59 -20.56 8.71
N PHE E 330 -6.82 -19.71 9.39
CA PHE E 330 -6.37 -20.01 10.73
C PHE E 330 -7.47 -19.95 11.77
N ALA E 331 -8.62 -19.44 11.36
CA ALA E 331 -9.75 -19.34 12.25
C ALA E 331 -10.37 -20.71 12.41
N HIS E 332 -10.13 -21.56 11.42
CA HIS E 332 -10.69 -22.91 11.39
C HIS E 332 -9.73 -24.04 11.72
N LEU E 333 -8.51 -23.71 12.11
CA LEU E 333 -7.54 -24.76 12.43
C LEU E 333 -7.41 -25.07 13.93
N ASP E 334 -7.10 -26.33 14.23
CA ASP E 334 -6.94 -26.78 15.59
C ASP E 334 -5.51 -27.22 15.79
N ALA E 335 -4.81 -27.42 14.67
CA ALA E 335 -3.43 -27.85 14.71
C ALA E 335 -2.67 -27.56 13.42
N THR E 336 -1.36 -27.60 13.52
CA THR E 336 -0.51 -27.35 12.36
C THR E 336 0.67 -28.29 12.35
N THR E 337 0.82 -29.06 11.27
CA THR E 337 1.95 -29.96 11.13
C THR E 337 2.96 -29.26 10.19
N VAL E 338 4.07 -28.80 10.77
CA VAL E 338 5.08 -28.10 10.00
C VAL E 338 6.28 -28.98 9.59
N LEU E 339 6.42 -29.17 8.28
CA LEU E 339 7.52 -29.95 7.76
C LEU E 339 8.71 -29.00 7.58
N SER E 340 9.93 -29.53 7.73
CA SER E 340 11.12 -28.72 7.62
C SER E 340 12.32 -29.38 6.93
N ARG E 341 12.85 -28.73 5.90
CA ARG E 341 14.00 -29.27 5.19
C ARG E 341 15.15 -29.38 6.19
N ALA E 342 15.25 -28.41 7.10
CA ALA E 342 16.28 -28.41 8.12
C ALA E 342 16.24 -29.73 8.88
N ILE E 343 15.02 -30.22 9.09
CA ILE E 343 14.80 -31.48 9.80
C ILE E 343 15.06 -32.65 8.86
N ALA E 344 14.54 -32.55 7.64
CA ALA E 344 14.71 -33.60 6.63
C ALA E 344 16.17 -33.95 6.35
N GLU E 345 17.02 -32.92 6.38
CA GLU E 345 18.43 -33.10 6.12
C GLU E 345 19.08 -33.98 7.19
N LEU E 346 18.85 -33.62 8.46
CA LEU E 346 19.41 -34.37 9.58
C LEU E 346 19.01 -35.84 9.53
N GLY E 347 18.22 -36.20 8.54
CA GLY E 347 17.78 -37.58 8.39
C GLY E 347 16.61 -37.95 9.27
N ILE E 348 16.09 -36.97 9.99
CA ILE E 348 14.96 -37.17 10.89
C ILE E 348 13.65 -37.23 10.12
N TYR E 349 12.97 -38.38 10.18
CA TYR E 349 11.70 -38.55 9.50
C TYR E 349 10.65 -39.17 10.40
N PRO E 350 9.41 -38.63 10.39
CA PRO E 350 8.99 -37.50 9.55
C PRO E 350 9.65 -36.17 9.93
N ALA E 351 9.90 -35.34 8.91
CA ALA E 351 10.54 -34.04 9.12
C ALA E 351 9.59 -33.00 9.72
N VAL E 352 8.80 -33.43 10.69
CA VAL E 352 7.85 -32.57 11.39
C VAL E 352 8.65 -31.73 12.39
N ASP E 353 8.48 -30.42 12.36
CA ASP E 353 9.21 -29.60 13.31
C ASP E 353 8.55 -29.73 14.68
N PRO E 354 9.28 -30.25 15.67
CA PRO E 354 8.76 -30.44 17.03
C PRO E 354 8.45 -29.16 17.80
N LEU E 355 8.93 -28.02 17.30
CA LEU E 355 8.68 -26.75 17.97
C LEU E 355 7.79 -25.76 17.22
N ASP E 356 7.61 -25.95 15.92
CA ASP E 356 6.76 -25.04 15.16
C ASP E 356 5.36 -25.61 14.96
N SER E 357 5.25 -26.94 15.03
CA SER E 357 3.95 -27.59 14.89
C SER E 357 3.26 -27.45 16.25
N THR E 358 1.95 -27.18 16.23
CA THR E 358 1.23 -26.98 17.49
C THR E 358 -0.23 -27.45 17.51
N SER E 359 -0.85 -27.36 18.67
CA SER E 359 -2.25 -27.76 18.82
C SER E 359 -3.04 -26.92 19.83
N ARG E 360 -4.32 -26.67 19.53
CA ARG E 360 -5.16 -25.92 20.46
C ARG E 360 -5.49 -26.89 21.58
N ILE E 361 -5.84 -28.12 21.18
CA ILE E 361 -6.22 -29.18 22.11
C ILE E 361 -5.13 -29.61 23.07
N MET E 362 -3.90 -29.14 22.83
CA MET E 362 -2.81 -29.49 23.73
C MET E 362 -3.00 -28.75 25.05
N ASP E 363 -4.08 -29.10 25.75
CA ASP E 363 -4.43 -28.50 27.03
C ASP E 363 -4.73 -29.61 28.04
N PRO E 364 -4.36 -29.42 29.31
CA PRO E 364 -4.60 -30.43 30.34
C PRO E 364 -6.04 -30.92 30.35
N ASN E 365 -6.98 -29.98 30.41
CA ASN E 365 -8.40 -30.31 30.43
C ASN E 365 -8.80 -31.18 29.23
N ILE E 366 -7.94 -31.28 28.22
CA ILE E 366 -8.27 -32.06 27.02
C ILE E 366 -7.43 -33.32 26.78
N VAL E 367 -6.11 -33.20 26.84
CA VAL E 367 -5.23 -34.35 26.63
C VAL E 367 -4.73 -34.93 27.94
N GLY E 368 -5.34 -34.52 29.03
CA GLY E 368 -4.90 -35.02 30.32
C GLY E 368 -3.65 -34.32 30.78
N SER E 369 -3.58 -34.09 32.08
CA SER E 369 -2.44 -33.43 32.69
C SER E 369 -1.18 -34.21 32.36
N GLU E 370 -1.22 -35.54 32.52
CA GLU E 370 -0.04 -36.37 32.25
C GLU E 370 0.52 -36.10 30.87
N HIS E 371 -0.29 -36.39 29.85
CA HIS E 371 0.11 -36.18 28.46
C HIS E 371 0.65 -34.75 28.27
N TYR E 372 0.01 -33.78 28.90
CA TYR E 372 0.41 -32.39 28.78
C TYR E 372 1.85 -32.11 29.25
N ASP E 373 2.13 -32.46 30.50
CA ASP E 373 3.46 -32.24 31.08
C ASP E 373 4.59 -32.92 30.30
N VAL E 374 4.27 -33.98 29.58
CA VAL E 374 5.27 -34.69 28.81
C VAL E 374 5.58 -33.88 27.56
N ALA E 375 4.53 -33.54 26.81
CA ALA E 375 4.68 -32.76 25.60
C ALA E 375 5.41 -31.47 25.92
N ARG E 376 5.07 -30.88 27.06
CA ARG E 376 5.71 -29.64 27.49
C ARG E 376 7.19 -29.83 27.81
N GLY E 377 7.52 -30.91 28.51
CA GLY E 377 8.90 -31.18 28.86
C GLY E 377 9.77 -31.32 27.62
N VAL E 378 9.25 -32.03 26.62
CA VAL E 378 9.97 -32.25 25.36
C VAL E 378 10.16 -30.94 24.61
N GLN E 379 9.13 -30.09 24.65
CA GLN E 379 9.19 -28.80 23.97
C GLN E 379 10.24 -27.92 24.63
N LYS E 380 10.31 -27.96 25.96
CA LYS E 380 11.28 -27.14 26.68
C LYS E 380 12.71 -27.64 26.64
N ILE E 381 12.89 -28.96 26.52
CA ILE E 381 14.26 -29.46 26.48
C ILE E 381 14.85 -29.15 25.10
N LEU E 382 14.01 -29.17 24.08
CA LEU E 382 14.45 -28.88 22.72
C LEU E 382 14.77 -27.40 22.67
N GLN E 383 13.92 -26.61 23.32
CA GLN E 383 14.17 -25.19 23.34
C GLN E 383 15.47 -24.90 24.04
N ASP E 384 15.76 -25.66 25.08
CA ASP E 384 16.99 -25.41 25.83
C ASP E 384 18.21 -25.82 25.03
N TYR E 385 18.09 -26.94 24.34
CA TYR E 385 19.18 -27.45 23.53
C TYR E 385 19.42 -26.61 22.28
N LYS E 386 18.35 -26.03 21.75
CA LYS E 386 18.45 -25.21 20.55
C LYS E 386 19.21 -23.91 20.82
N SER E 387 19.17 -23.46 22.07
CA SER E 387 19.88 -22.25 22.46
C SER E 387 21.35 -22.57 22.59
N LEU E 388 21.65 -23.54 23.46
CA LEU E 388 23.00 -24.00 23.72
C LEU E 388 23.90 -24.04 22.48
N GLN E 389 23.32 -24.40 21.34
CA GLN E 389 24.04 -24.49 20.09
C GLN E 389 25.16 -23.47 19.93
N ASP E 390 24.88 -22.23 20.29
CA ASP E 390 25.88 -21.17 20.20
C ASP E 390 27.11 -21.53 21.01
N ILE E 391 26.94 -21.50 22.33
CA ILE E 391 27.98 -21.80 23.29
C ILE E 391 28.75 -23.06 22.90
N ILE E 392 28.02 -24.15 22.69
CA ILE E 392 28.61 -25.42 22.32
C ILE E 392 29.67 -25.27 21.22
N ALA E 393 29.32 -24.56 20.16
CA ALA E 393 30.22 -24.35 19.03
C ALA E 393 31.34 -23.35 19.34
N ILE E 394 30.96 -22.17 19.81
CA ILE E 394 31.95 -21.13 20.14
C ILE E 394 32.69 -21.42 21.43
N LEU E 395 32.06 -21.08 22.55
CA LEU E 395 32.64 -21.28 23.88
C LEU E 395 33.10 -22.71 24.14
N GLY E 396 32.87 -23.59 23.18
CA GLY E 396 33.28 -24.98 23.34
C GLY E 396 32.41 -25.81 24.26
N MET E 397 32.04 -27.00 23.78
CA MET E 397 31.22 -27.92 24.55
C MET E 397 32.10 -28.71 25.52
N ASP E 398 32.85 -27.97 26.35
CA ASP E 398 33.75 -28.58 27.33
C ASP E 398 33.45 -28.05 28.72
N GLU E 399 32.91 -26.82 28.78
CA GLU E 399 32.58 -26.19 30.05
C GLU E 399 31.07 -26.27 30.33
N LEU E 400 30.48 -27.43 30.08
CA LEU E 400 29.05 -27.63 30.30
C LEU E 400 28.80 -28.32 31.64
N SER E 401 28.14 -27.61 32.54
CA SER E 401 27.83 -28.18 33.86
C SER E 401 27.06 -29.48 33.70
N GLU E 402 26.93 -30.23 34.79
CA GLU E 402 26.20 -31.49 34.78
C GLU E 402 24.83 -31.31 34.16
N GLU E 403 24.14 -30.26 34.58
CA GLU E 403 22.81 -29.95 34.08
C GLU E 403 22.85 -29.53 32.61
N ASP E 404 24.03 -29.11 32.15
CA ASP E 404 24.18 -28.68 30.77
C ASP E 404 24.57 -29.84 29.85
N LYS E 405 25.25 -30.83 30.40
CA LYS E 405 25.68 -31.98 29.61
C LYS E 405 24.57 -33.00 29.39
N LEU E 406 23.65 -33.07 30.35
CA LEU E 406 22.53 -34.00 30.25
C LEU E 406 21.50 -33.48 29.24
N THR E 407 21.20 -32.19 29.32
CA THR E 407 20.22 -31.59 28.40
C THR E 407 20.56 -31.95 26.96
N VAL E 408 21.74 -31.53 26.53
CA VAL E 408 22.18 -31.79 25.16
C VAL E 408 22.03 -33.26 24.80
N SER E 409 22.48 -34.14 25.69
CA SER E 409 22.38 -35.57 25.43
C SER E 409 20.92 -36.01 25.33
N ARG E 410 20.18 -35.87 26.43
CA ARG E 410 18.78 -36.27 26.46
C ARG E 410 18.02 -35.67 25.27
N ALA E 411 18.18 -34.37 25.08
CA ALA E 411 17.50 -33.70 23.97
C ALA E 411 17.74 -34.44 22.66
N ARG E 412 18.98 -34.88 22.44
CA ARG E 412 19.33 -35.61 21.22
C ARG E 412 18.63 -36.95 21.15
N LYS E 413 18.50 -37.62 22.28
CA LYS E 413 17.82 -38.90 22.31
C LYS E 413 16.36 -38.62 21.97
N ILE E 414 15.80 -37.60 22.61
CA ILE E 414 14.42 -37.21 22.35
C ILE E 414 14.30 -36.90 20.85
N GLN E 415 14.99 -35.84 20.44
CA GLN E 415 14.99 -35.40 19.05
C GLN E 415 14.99 -36.54 18.03
N ARG E 416 15.77 -37.58 18.29
CA ARG E 416 15.84 -38.70 17.36
C ARG E 416 14.69 -39.68 17.57
N PHE E 417 14.27 -39.83 18.82
CA PHE E 417 13.16 -40.71 19.15
C PHE E 417 11.91 -40.14 18.46
N LEU E 418 12.00 -38.89 18.01
CA LEU E 418 10.90 -38.23 17.33
C LEU E 418 10.79 -38.71 15.90
N SER E 419 11.78 -39.50 15.47
CA SER E 419 11.81 -40.08 14.14
C SER E 419 11.02 -41.37 14.19
N GLN E 420 10.36 -41.71 13.09
CA GLN E 420 9.56 -42.91 13.06
C GLN E 420 9.50 -43.51 11.66
N PRO E 421 9.71 -44.83 11.56
CA PRO E 421 9.68 -45.55 10.28
C PRO E 421 8.24 -45.84 9.85
N PHE E 422 7.84 -45.29 8.71
CA PHE E 422 6.48 -45.49 8.20
C PHE E 422 6.27 -46.81 7.47
N GLN E 423 5.10 -47.40 7.69
CA GLN E 423 4.73 -48.67 7.07
C GLN E 423 4.66 -48.53 5.56
N VAL E 424 4.43 -47.31 5.10
CA VAL E 424 4.33 -47.04 3.67
C VAL E 424 5.71 -46.81 3.06
N ALA E 425 6.73 -46.83 3.90
CA ALA E 425 8.10 -46.65 3.44
C ALA E 425 8.73 -48.04 3.23
N GLU E 426 8.12 -49.05 3.85
CA GLU E 426 8.60 -50.44 3.75
C GLU E 426 9.03 -50.78 2.33
N VAL E 427 8.19 -50.39 1.38
CA VAL E 427 8.45 -50.65 -0.03
C VAL E 427 9.87 -50.31 -0.44
N PHE E 428 10.44 -49.26 0.15
CA PHE E 428 11.80 -48.84 -0.19
C PHE E 428 12.78 -48.92 0.97
N THR E 429 12.36 -48.46 2.14
CA THR E 429 13.21 -48.44 3.33
C THR E 429 13.64 -49.83 3.78
N GLY E 430 12.85 -50.84 3.42
CA GLY E 430 13.19 -52.20 3.83
C GLY E 430 13.13 -52.37 5.33
N HIS E 431 12.29 -51.57 5.98
CA HIS E 431 12.13 -51.64 7.42
C HIS E 431 10.65 -51.62 7.82
N LEU E 432 10.24 -52.59 8.63
CA LEU E 432 8.87 -52.70 9.09
C LEU E 432 8.40 -51.38 9.68
N GLY E 433 7.35 -50.80 9.11
CA GLY E 433 6.83 -49.55 9.62
C GLY E 433 6.26 -49.74 11.01
N LYS E 434 6.16 -48.66 11.77
CA LYS E 434 5.64 -48.74 13.14
C LYS E 434 4.46 -47.80 13.41
N LEU E 435 3.49 -48.28 14.18
CA LEU E 435 2.31 -47.50 14.54
C LEU E 435 2.23 -47.42 16.06
N VAL E 436 2.81 -46.36 16.62
CA VAL E 436 2.85 -46.19 18.07
C VAL E 436 1.58 -45.66 18.73
N PRO E 437 1.03 -46.42 19.70
CA PRO E 437 -0.18 -45.98 20.39
C PRO E 437 0.18 -44.81 21.33
N LEU E 438 -0.76 -43.90 21.54
CA LEU E 438 -0.53 -42.73 22.39
C LEU E 438 0.08 -43.10 23.73
N LYS E 439 -0.33 -44.23 24.29
CA LYS E 439 0.20 -44.67 25.57
C LYS E 439 1.71 -44.84 25.54
N GLU E 440 2.21 -45.60 24.55
CA GLU E 440 3.64 -45.85 24.40
C GLU E 440 4.51 -44.61 24.19
N THR E 441 4.02 -43.66 23.41
CA THR E 441 4.76 -42.43 23.14
C THR E 441 4.96 -41.56 24.39
N ILE E 442 3.87 -41.35 25.14
CA ILE E 442 3.90 -40.55 26.38
C ILE E 442 4.96 -41.09 27.34
N LYS E 443 4.86 -42.38 27.66
CA LYS E 443 5.78 -43.04 28.58
C LYS E 443 7.19 -43.05 28.01
N GLY E 444 7.29 -43.32 26.71
CA GLY E 444 8.58 -43.33 26.08
C GLY E 444 9.32 -42.04 26.39
N PHE E 445 8.77 -40.91 25.93
CA PHE E 445 9.41 -39.63 26.19
C PHE E 445 9.36 -39.24 27.66
N GLN E 446 8.33 -39.72 28.36
CA GLN E 446 8.21 -39.41 29.78
C GLN E 446 9.46 -39.89 30.49
N GLN E 447 9.89 -41.10 30.18
CA GLN E 447 11.07 -41.69 30.79
C GLN E 447 12.35 -40.99 30.36
N ILE E 448 12.57 -40.92 29.05
CA ILE E 448 13.76 -40.27 28.51
C ILE E 448 14.03 -38.99 29.30
N LEU E 449 12.96 -38.27 29.62
CA LEU E 449 13.05 -37.02 30.36
C LEU E 449 13.53 -37.26 31.80
N ALA E 450 13.16 -38.40 32.36
CA ALA E 450 13.55 -38.73 33.72
C ALA E 450 15.05 -39.02 33.77
N GLY E 451 15.53 -39.76 32.77
CA GLY E 451 16.95 -40.10 32.72
C GLY E 451 17.13 -41.60 32.79
N GLU E 452 16.01 -42.32 32.90
CA GLU E 452 16.01 -43.77 32.98
C GLU E 452 16.79 -44.43 31.85
N TYR E 453 16.82 -43.78 30.69
CA TYR E 453 17.54 -44.32 29.54
C TYR E 453 18.73 -43.46 29.14
N ASP E 454 19.49 -42.96 30.11
CA ASP E 454 20.65 -42.14 29.75
C ASP E 454 21.87 -43.00 29.45
N HIS E 455 21.84 -44.25 29.90
CA HIS E 455 22.94 -45.18 29.69
C HIS E 455 22.75 -45.91 28.37
N LEU E 456 22.38 -45.17 27.32
CA LEU E 456 22.17 -45.77 26.00
C LEU E 456 22.68 -44.83 24.90
N PRO E 457 23.11 -45.41 23.75
CA PRO E 457 23.61 -44.59 22.65
C PRO E 457 22.47 -43.97 21.83
N GLU E 458 22.74 -42.80 21.26
CA GLU E 458 21.77 -42.07 20.47
C GLU E 458 21.06 -42.90 19.40
N GLN E 459 21.82 -43.47 18.48
CA GLN E 459 21.27 -44.28 17.40
C GLN E 459 20.26 -45.33 17.86
N ALA E 460 20.21 -45.58 19.16
CA ALA E 460 19.30 -46.57 19.71
C ALA E 460 17.85 -46.10 19.59
N PHE E 461 17.64 -44.80 19.70
CA PHE E 461 16.30 -44.23 19.60
C PHE E 461 15.94 -43.83 18.18
N TYR E 462 16.95 -43.61 17.34
CA TYR E 462 16.71 -43.23 15.96
C TYR E 462 15.92 -44.33 15.24
N MET E 463 15.00 -43.91 14.39
CA MET E 463 14.17 -44.82 13.60
C MET E 463 13.67 -46.09 14.29
N VAL E 464 12.78 -45.94 15.26
CA VAL E 464 12.22 -47.10 15.98
C VAL E 464 10.72 -46.88 16.19
N GLY E 465 10.10 -47.72 17.03
CA GLY E 465 8.69 -47.58 17.32
C GLY E 465 8.53 -47.31 18.80
N PRO E 466 7.94 -48.25 19.55
CA PRO E 466 7.75 -48.06 21.00
C PRO E 466 9.12 -47.91 21.67
N ILE E 467 9.14 -47.47 22.92
CA ILE E 467 10.41 -47.28 23.62
C ILE E 467 11.21 -48.57 23.74
N GLU E 468 10.50 -49.70 23.74
CA GLU E 468 11.16 -51.01 23.83
C GLU E 468 12.25 -51.13 22.78
N GLU E 469 11.85 -51.04 21.51
CA GLU E 469 12.76 -51.13 20.38
C GLU E 469 13.98 -50.21 20.51
N ALA E 470 13.97 -49.33 21.49
CA ALA E 470 15.08 -48.42 21.70
C ALA E 470 16.19 -49.18 22.41
N VAL E 471 15.84 -49.86 23.49
CA VAL E 471 16.80 -50.64 24.27
C VAL E 471 17.26 -51.86 23.50
N ALA E 472 16.31 -52.56 22.86
CA ALA E 472 16.63 -53.74 22.08
C ALA E 472 17.63 -53.39 20.98
N LYS E 473 17.44 -52.21 20.38
CA LYS E 473 18.32 -51.74 19.32
C LYS E 473 19.67 -51.33 19.91
N ALA E 474 19.67 -50.93 21.18
CA ALA E 474 20.88 -50.49 21.86
C ALA E 474 21.88 -51.61 22.13
N ASP E 475 21.40 -52.73 22.66
CA ASP E 475 22.26 -53.88 22.97
C ASP E 475 22.91 -54.43 21.71
N LYS E 476 22.10 -54.67 20.69
CA LYS E 476 22.59 -55.20 19.42
C LYS E 476 23.76 -54.36 18.93
N LEU E 477 23.55 -53.05 18.83
CA LEU E 477 24.62 -52.16 18.39
C LEU E 477 25.61 -51.94 19.53
N ALA E 478 25.40 -52.65 20.64
CA ALA E 478 26.26 -52.56 21.81
C ALA E 478 26.34 -51.14 22.37
N THR F 13 -47.02 23.12 0.19
CA THR F 13 -47.31 21.93 -0.65
C THR F 13 -46.80 20.63 -0.02
N THR F 14 -47.44 19.53 -0.40
CA THR F 14 -47.11 18.22 0.12
C THR F 14 -46.16 17.43 -0.75
N GLY F 15 -45.11 16.91 -0.12
CA GLY F 15 -44.14 16.11 -0.82
C GLY F 15 -44.30 14.69 -0.34
N ARG F 16 -43.92 13.72 -1.17
CA ARG F 16 -44.02 12.32 -0.81
C ARG F 16 -42.71 11.57 -1.01
N ILE F 17 -42.39 10.73 -0.04
CA ILE F 17 -41.18 9.92 -0.10
C ILE F 17 -41.34 8.96 -1.27
N VAL F 18 -40.31 8.87 -2.10
CA VAL F 18 -40.36 7.95 -3.22
C VAL F 18 -39.28 6.87 -3.09
N ALA F 19 -38.37 7.07 -2.14
CA ALA F 19 -37.29 6.11 -1.92
C ALA F 19 -36.53 6.34 -0.63
N VAL F 20 -36.14 5.25 0.02
CA VAL F 20 -35.38 5.34 1.27
C VAL F 20 -34.20 4.36 1.33
N ILE F 21 -33.01 4.88 1.55
CA ILE F 21 -31.82 4.06 1.67
C ILE F 21 -31.04 4.57 2.85
N GLY F 22 -31.18 3.87 3.98
CA GLY F 22 -30.48 4.27 5.17
C GLY F 22 -30.89 5.66 5.59
N ALA F 23 -30.01 6.63 5.41
CA ALA F 23 -30.29 8.00 5.81
C ALA F 23 -30.52 8.95 4.65
N VAL F 24 -30.58 8.42 3.44
CA VAL F 24 -30.87 9.27 2.29
C VAL F 24 -32.32 9.00 1.89
N VAL F 25 -33.11 10.05 1.76
CA VAL F 25 -34.51 9.87 1.40
C VAL F 25 -34.91 10.77 0.25
N ASP F 26 -35.37 10.17 -0.85
CA ASP F 26 -35.80 10.96 -1.99
C ASP F 26 -37.27 11.35 -1.79
N VAL F 27 -37.55 12.64 -1.87
CA VAL F 27 -38.90 13.11 -1.71
C VAL F 27 -39.29 13.78 -3.01
N GLN F 28 -40.43 13.39 -3.54
CA GLN F 28 -40.90 13.96 -4.78
C GLN F 28 -41.97 15.01 -4.48
N PHE F 29 -41.90 16.15 -5.16
CA PHE F 29 -42.88 17.19 -4.94
C PHE F 29 -43.72 17.41 -6.20
N ASP F 30 -45.02 17.63 -6.00
CA ASP F 30 -45.91 17.83 -7.13
C ASP F 30 -46.13 19.30 -7.45
N GLU F 31 -45.85 20.14 -6.45
CA GLU F 31 -45.98 21.58 -6.58
C GLU F 31 -45.06 22.20 -5.54
N GLY F 32 -44.42 23.31 -5.88
CA GLY F 32 -43.53 23.97 -4.96
C GLY F 32 -42.42 23.04 -4.50
N LEU F 33 -41.28 23.09 -5.19
CA LEU F 33 -40.14 22.25 -4.86
C LEU F 33 -39.24 22.95 -3.84
N PRO F 34 -38.98 22.31 -2.69
CA PRO F 34 -38.12 22.89 -1.64
C PRO F 34 -36.68 23.12 -2.05
N PRO F 35 -36.16 24.33 -1.86
CA PRO F 35 -34.78 24.56 -2.24
C PRO F 35 -33.79 23.74 -1.41
N ILE F 36 -32.55 23.70 -1.86
CA ILE F 36 -31.51 22.97 -1.16
C ILE F 36 -31.32 23.56 0.23
N LEU F 37 -31.06 22.68 1.21
CA LEU F 37 -30.85 23.06 2.60
C LEU F 37 -32.16 23.20 3.34
N ASN F 38 -33.24 23.40 2.60
CA ASN F 38 -34.55 23.54 3.22
C ASN F 38 -34.80 22.30 4.06
N ALA F 39 -35.39 22.49 5.24
CA ALA F 39 -35.68 21.39 6.15
C ALA F 39 -37.11 20.89 5.96
N LEU F 40 -37.25 19.61 5.63
CA LEU F 40 -38.56 19.04 5.44
C LEU F 40 -38.86 18.25 6.67
N GLU F 41 -40.13 18.19 7.05
CA GLU F 41 -40.60 17.45 8.21
C GLU F 41 -41.36 16.23 7.72
N VAL F 42 -40.94 15.04 8.14
CA VAL F 42 -41.66 13.85 7.69
C VAL F 42 -42.95 13.71 8.48
N GLN F 43 -44.03 13.48 7.76
CA GLN F 43 -45.32 13.36 8.40
C GLN F 43 -45.60 11.95 8.88
N GLY F 44 -46.59 11.85 9.76
CA GLY F 44 -46.99 10.59 10.31
C GLY F 44 -45.97 9.97 11.21
N ARG F 45 -45.22 10.77 11.95
CA ARG F 45 -44.20 10.19 12.82
C ARG F 45 -44.28 10.56 14.29
N GLU F 46 -43.91 9.63 15.16
CA GLU F 46 -43.98 9.88 16.58
C GLU F 46 -43.14 11.07 16.98
N THR F 47 -41.84 11.04 16.72
CA THR F 47 -41.01 12.20 17.05
C THR F 47 -40.65 12.91 15.75
N ARG F 48 -40.32 14.18 15.87
CA ARG F 48 -39.95 15.00 14.74
C ARG F 48 -38.79 14.43 13.91
N LEU F 49 -39.05 14.14 12.64
CA LEU F 49 -38.00 13.61 11.79
C LEU F 49 -37.72 14.59 10.66
N VAL F 50 -36.58 15.23 10.72
CA VAL F 50 -36.24 16.19 9.71
C VAL F 50 -35.35 15.63 8.62
N LEU F 51 -35.66 16.04 7.40
CA LEU F 51 -34.88 15.65 6.24
C LEU F 51 -34.28 16.95 5.74
N GLU F 52 -33.03 16.93 5.31
CA GLU F 52 -32.43 18.17 4.79
C GLU F 52 -32.23 18.02 3.29
N VAL F 53 -32.80 18.94 2.52
CA VAL F 53 -32.68 18.85 1.07
C VAL F 53 -31.23 19.04 0.64
N ALA F 54 -30.67 18.02 0.02
CA ALA F 54 -29.28 18.06 -0.42
C ALA F 54 -29.11 18.34 -1.91
N GLN F 55 -30.10 18.00 -2.70
CA GLN F 55 -30.00 18.19 -4.15
C GLN F 55 -31.34 18.03 -4.87
N HIS F 56 -31.38 18.56 -6.08
CA HIS F 56 -32.56 18.43 -6.91
C HIS F 56 -32.22 17.41 -7.96
N LEU F 57 -32.81 16.22 -7.83
CA LEU F 57 -32.55 15.13 -8.76
C LEU F 57 -33.18 15.34 -10.12
N GLY F 58 -34.16 16.23 -10.19
CA GLY F 58 -34.87 16.44 -11.44
C GLY F 58 -36.19 15.72 -11.30
N GLU F 59 -37.09 15.85 -12.27
CA GLU F 59 -38.38 15.19 -12.18
C GLU F 59 -39.06 15.51 -10.85
N SER F 60 -38.98 16.78 -10.47
CA SER F 60 -39.58 17.28 -9.23
C SER F 60 -39.26 16.46 -8.00
N THR F 61 -38.11 15.78 -8.01
CA THR F 61 -37.71 14.97 -6.90
C THR F 61 -36.46 15.51 -6.26
N VAL F 62 -36.44 15.55 -4.94
CA VAL F 62 -35.27 16.03 -4.21
C VAL F 62 -34.70 14.89 -3.40
N ARG F 63 -33.38 14.89 -3.27
CA ARG F 63 -32.71 13.89 -2.47
C ARG F 63 -32.35 14.58 -1.18
N THR F 64 -32.74 14.00 -0.06
CA THR F 64 -32.45 14.60 1.23
C THR F 64 -31.67 13.68 2.14
N ILE F 65 -31.37 14.19 3.34
CA ILE F 65 -30.63 13.46 4.34
C ILE F 65 -31.44 13.57 5.62
N ALA F 66 -31.62 12.44 6.30
CA ALA F 66 -32.40 12.39 7.52
C ALA F 66 -31.55 12.79 8.71
N MET F 67 -32.17 13.48 9.66
CA MET F 67 -31.46 13.92 10.84
C MET F 67 -31.70 12.95 11.98
N ASP F 68 -32.36 11.84 11.66
CA ASP F 68 -32.63 10.80 12.64
C ASP F 68 -32.89 9.52 11.86
N GLY F 69 -33.08 8.43 12.58
CA GLY F 69 -33.32 7.15 11.94
C GLY F 69 -34.46 7.22 10.96
N THR F 70 -34.38 6.41 9.90
CA THR F 70 -35.43 6.40 8.89
C THR F 70 -36.24 5.11 8.89
N GLU F 71 -36.14 4.39 9.98
CA GLU F 71 -36.89 3.15 10.16
C GLU F 71 -38.37 3.48 10.15
N GLY F 72 -39.14 2.58 9.56
CA GLY F 72 -40.58 2.79 9.51
C GLY F 72 -41.08 3.62 8.35
N LEU F 73 -40.21 4.39 7.70
CA LEU F 73 -40.71 5.20 6.58
C LEU F 73 -41.31 4.29 5.54
N VAL F 74 -42.31 4.81 4.83
CA VAL F 74 -43.00 4.08 3.79
C VAL F 74 -43.02 4.94 2.54
N ARG F 75 -42.82 4.34 1.37
CA ARG F 75 -42.86 5.14 0.16
C ARG F 75 -44.27 5.69 0.10
N GLY F 76 -44.40 6.93 -0.33
CA GLY F 76 -45.70 7.56 -0.42
C GLY F 76 -45.98 8.37 0.83
N GLN F 77 -45.15 8.23 1.85
CA GLN F 77 -45.34 8.99 3.08
C GLN F 77 -45.17 10.47 2.78
N LYS F 78 -45.99 11.30 3.42
CA LYS F 78 -45.92 12.73 3.15
C LYS F 78 -44.80 13.45 3.88
N VAL F 79 -44.21 14.42 3.19
CA VAL F 79 -43.13 15.21 3.76
C VAL F 79 -43.49 16.66 3.55
N LEU F 80 -43.32 17.45 4.59
CA LEU F 80 -43.66 18.87 4.51
C LEU F 80 -42.41 19.71 4.39
N ASP F 81 -42.56 20.84 3.72
CA ASP F 81 -41.47 21.76 3.51
C ASP F 81 -41.64 22.83 4.56
N SER F 82 -40.66 22.99 5.44
CA SER F 82 -40.76 24.00 6.50
C SER F 82 -40.57 25.38 5.89
N GLY F 83 -39.96 25.41 4.71
CA GLY F 83 -39.73 26.66 4.02
C GLY F 83 -38.44 27.35 4.43
N ALA F 84 -37.64 26.66 5.24
CA ALA F 84 -36.38 27.22 5.71
C ALA F 84 -35.46 26.11 6.21
N PRO F 85 -34.16 26.38 6.25
CA PRO F 85 -33.24 25.34 6.73
C PRO F 85 -33.60 24.94 8.15
N ILE F 86 -32.67 24.22 8.80
CA ILE F 86 -32.84 23.79 10.19
C ILE F 86 -32.51 24.99 11.04
N ARG F 87 -33.52 25.47 11.77
CA ARG F 87 -33.40 26.61 12.65
C ARG F 87 -33.42 26.17 14.10
N ILE F 88 -32.44 26.63 14.87
CA ILE F 88 -32.35 26.26 16.27
C ILE F 88 -32.36 27.49 17.15
N PRO F 89 -32.66 27.32 18.45
CA PRO F 89 -32.70 28.45 19.37
C PRO F 89 -31.32 28.99 19.67
N VAL F 90 -31.16 30.30 19.64
CA VAL F 90 -29.88 30.86 20.00
C VAL F 90 -30.25 31.96 20.96
N GLY F 91 -29.37 32.24 21.90
CA GLY F 91 -29.68 33.27 22.85
C GLY F 91 -29.23 32.79 24.21
N PRO F 92 -29.43 33.61 25.25
CA PRO F 92 -29.01 33.24 26.60
C PRO F 92 -29.76 32.04 27.20
N GLU F 93 -30.98 31.78 26.75
CA GLU F 93 -31.69 30.66 27.34
C GLU F 93 -31.21 29.30 26.87
N THR F 94 -30.20 29.28 25.99
CA THR F 94 -29.65 28.02 25.53
C THR F 94 -28.64 27.60 26.60
N LEU F 95 -27.91 28.58 27.13
CA LEU F 95 -26.92 28.35 28.19
C LEU F 95 -27.43 27.43 29.31
N GLY F 96 -26.68 26.37 29.60
CA GLY F 96 -27.05 25.45 30.64
C GLY F 96 -27.97 24.35 30.14
N ARG F 97 -28.38 24.46 28.88
CA ARG F 97 -29.26 23.48 28.31
C ARG F 97 -28.45 22.56 27.42
N ILE F 98 -29.05 21.45 27.01
CA ILE F 98 -28.38 20.52 26.11
C ILE F 98 -29.35 20.39 24.97
N MET F 99 -28.85 20.56 23.74
CA MET F 99 -29.71 20.46 22.58
C MET F 99 -29.10 19.49 21.55
N ASN F 100 -29.93 18.98 20.66
CA ASN F 100 -29.47 18.06 19.64
C ASN F 100 -29.25 18.75 18.28
N VAL F 101 -29.06 17.99 17.21
CA VAL F 101 -28.83 18.60 15.91
C VAL F 101 -29.81 19.69 15.60
N ILE F 102 -31.07 19.32 15.59
CA ILE F 102 -32.15 20.21 15.27
C ILE F 102 -32.64 21.12 16.40
N GLY F 103 -31.79 21.42 17.36
CA GLY F 103 -32.17 22.32 18.43
C GLY F 103 -33.21 21.91 19.45
N GLU F 104 -33.67 20.66 19.42
CA GLU F 104 -34.66 20.25 20.43
C GLU F 104 -33.90 20.01 21.73
N PRO F 105 -34.49 20.39 22.87
CA PRO F 105 -33.73 20.16 24.10
C PRO F 105 -33.72 18.66 24.44
N ILE F 106 -32.59 18.20 24.96
CA ILE F 106 -32.47 16.79 25.33
C ILE F 106 -31.96 16.65 26.74
N ASP F 107 -32.31 17.60 27.60
CA ASP F 107 -31.86 17.51 28.98
C ASP F 107 -33.05 17.32 29.92
N GLU F 108 -34.20 16.98 29.33
CA GLU F 108 -35.44 16.76 30.06
C GLU F 108 -35.82 17.94 30.94
N ARG F 109 -35.60 19.13 30.41
CA ARG F 109 -35.90 20.34 31.14
C ARG F 109 -36.86 21.26 30.38
N GLY F 110 -37.65 20.66 29.51
CA GLY F 110 -38.63 21.43 28.77
C GLY F 110 -38.18 22.33 27.63
N PRO F 111 -39.14 22.91 26.92
CA PRO F 111 -38.86 23.80 25.80
C PRO F 111 -37.80 24.82 26.12
N ILE F 112 -37.15 25.32 25.09
CA ILE F 112 -36.11 26.32 25.24
C ILE F 112 -36.67 27.60 24.63
N LYS F 113 -37.31 28.37 25.50
CA LYS F 113 -37.96 29.63 25.12
C LYS F 113 -37.02 30.77 24.77
N THR F 114 -36.45 30.73 23.57
CA THR F 114 -35.55 31.81 23.14
C THR F 114 -36.38 32.69 22.26
N LYS F 115 -35.99 33.94 22.16
CA LYS F 115 -36.69 34.85 21.30
C LYS F 115 -36.30 34.39 19.90
N GLN F 116 -35.10 34.78 19.49
CA GLN F 116 -34.59 34.43 18.19
C GLN F 116 -34.25 32.96 17.98
N PHE F 117 -34.30 32.56 16.72
CA PHE F 117 -33.95 31.23 16.27
C PHE F 117 -32.94 31.54 15.17
N ALA F 118 -32.12 30.55 14.82
CA ALA F 118 -31.10 30.74 13.81
C ALA F 118 -30.91 29.50 12.95
N ALA F 119 -30.71 29.72 11.65
CA ALA F 119 -30.49 28.61 10.71
C ALA F 119 -29.11 28.10 11.01
N ILE F 120 -28.95 26.78 10.99
CA ILE F 120 -27.65 26.20 11.29
C ILE F 120 -26.74 26.24 10.07
N HIS F 121 -27.24 26.82 8.99
CA HIS F 121 -26.48 26.98 7.76
C HIS F 121 -26.34 28.47 7.52
N ALA F 122 -25.12 28.94 7.28
CA ALA F 122 -24.91 30.36 7.03
C ALA F 122 -23.60 30.57 6.28
N GLU F 123 -23.45 31.71 5.61
CA GLU F 123 -22.22 31.95 4.89
C GLU F 123 -21.19 32.43 5.88
N ALA F 124 -19.92 32.12 5.62
CA ALA F 124 -18.82 32.51 6.50
C ALA F 124 -18.52 34.00 6.44
N PRO F 125 -17.88 34.55 7.49
CA PRO F 125 -17.58 35.97 7.45
C PRO F 125 -16.80 36.34 6.21
N GLU F 126 -17.03 37.54 5.71
CA GLU F 126 -16.35 38.03 4.52
C GLU F 126 -14.91 38.40 4.81
N PHE F 127 -14.10 38.51 3.77
CA PHE F 127 -12.68 38.86 3.93
C PHE F 127 -12.47 40.15 4.71
N VAL F 128 -13.42 41.08 4.60
CA VAL F 128 -13.35 42.35 5.32
C VAL F 128 -13.74 42.27 6.78
N GLU F 129 -14.20 41.09 7.21
CA GLU F 129 -14.60 40.90 8.61
C GLU F 129 -13.50 40.15 9.33
N MET F 130 -12.43 39.83 8.60
CA MET F 130 -11.34 39.08 9.19
C MET F 130 -10.55 39.82 10.24
N SER F 131 -10.10 39.09 11.26
CA SER F 131 -9.29 39.66 12.33
C SER F 131 -7.83 39.21 12.22
N VAL F 132 -6.91 40.14 12.43
CA VAL F 132 -5.49 39.84 12.34
C VAL F 132 -4.79 39.98 13.70
N GLU F 133 -5.58 40.11 14.76
CA GLU F 133 -5.00 40.26 16.08
C GLU F 133 -4.57 38.92 16.69
N GLN F 134 -3.30 38.85 17.03
CA GLN F 134 -2.70 37.67 17.62
C GLN F 134 -2.31 38.08 19.05
N GLU F 135 -2.77 37.30 20.02
CA GLU F 135 -2.50 37.57 21.42
C GLU F 135 -2.55 36.23 22.15
N ILE F 136 -1.39 35.74 22.58
CA ILE F 136 -1.32 34.46 23.25
C ILE F 136 -2.42 34.20 24.28
N LEU F 137 -2.65 32.92 24.52
CA LEU F 137 -3.63 32.45 25.49
C LEU F 137 -2.88 31.39 26.25
N VAL F 138 -2.27 31.77 27.36
CA VAL F 138 -1.51 30.82 28.18
C VAL F 138 -2.48 29.80 28.76
N THR F 139 -2.06 28.54 28.76
CA THR F 139 -2.91 27.46 29.23
C THR F 139 -2.45 26.71 30.49
N GLY F 140 -1.21 26.91 30.90
CA GLY F 140 -0.72 26.20 32.07
C GLY F 140 -0.10 24.89 31.68
N ILE F 141 -0.13 24.59 30.39
CA ILE F 141 0.46 23.37 29.91
C ILE F 141 1.79 23.73 29.27
N LYS F 142 2.85 23.35 29.95
CA LYS F 142 4.21 23.61 29.52
C LYS F 142 4.49 23.35 28.04
N VAL F 143 4.07 22.20 27.52
CA VAL F 143 4.33 21.86 26.13
C VAL F 143 3.60 22.77 25.15
N VAL F 144 2.35 23.08 25.45
CA VAL F 144 1.57 23.95 24.58
C VAL F 144 2.03 25.38 24.81
N ASP F 145 2.07 25.77 26.07
CA ASP F 145 2.51 27.11 26.42
C ASP F 145 3.85 27.40 25.74
N LEU F 146 4.78 26.46 25.91
CA LEU F 146 6.12 26.60 25.36
C LEU F 146 6.30 26.60 23.85
N LEU F 147 6.15 25.42 23.26
CA LEU F 147 6.36 25.24 21.83
C LEU F 147 5.31 25.75 20.85
N ALA F 148 4.04 25.66 21.22
CA ALA F 148 2.97 26.12 20.33
C ALA F 148 1.81 26.76 21.07
N PRO F 149 2.07 27.89 21.74
CA PRO F 149 1.06 28.62 22.49
C PRO F 149 -0.26 28.73 21.76
N TYR F 150 -1.37 28.70 22.51
CA TYR F 150 -2.68 28.85 21.92
C TYR F 150 -2.92 30.35 21.79
N ALA F 151 -3.81 30.75 20.90
CA ALA F 151 -4.09 32.17 20.70
C ALA F 151 -5.54 32.52 21.03
N LYS F 152 -5.73 33.64 21.72
CA LYS F 152 -7.09 34.07 22.05
C LYS F 152 -7.73 34.42 20.72
N GLY F 153 -8.91 33.88 20.46
CA GLY F 153 -9.59 34.15 19.21
C GLY F 153 -9.07 33.26 18.09
N GLY F 154 -8.17 32.35 18.44
CA GLY F 154 -7.59 31.45 17.45
C GLY F 154 -8.22 30.07 17.31
N LYS F 155 -7.80 29.36 16.27
CA LYS F 155 -8.31 28.04 16.01
C LYS F 155 -7.31 26.97 16.40
N ILE F 156 -7.56 26.37 17.56
CA ILE F 156 -6.73 25.32 18.12
C ILE F 156 -7.26 23.94 17.76
N GLY F 157 -6.40 23.11 17.20
CA GLY F 157 -6.83 21.77 16.85
C GLY F 157 -6.00 20.81 17.66
N LEU F 158 -6.59 19.74 18.13
CA LEU F 158 -5.86 18.75 18.91
C LEU F 158 -5.99 17.40 18.21
N PHE F 159 -4.98 17.01 17.42
CA PHE F 159 -5.02 15.72 16.73
C PHE F 159 -4.57 14.61 17.65
N GLY F 160 -5.21 13.46 17.56
CA GLY F 160 -4.86 12.34 18.41
C GLY F 160 -5.53 11.07 17.92
N GLY F 161 -4.86 9.93 18.10
CA GLY F 161 -5.43 8.68 17.68
C GLY F 161 -6.34 8.10 18.76
N ALA F 162 -7.02 7.02 18.43
CA ALA F 162 -7.91 6.36 19.37
C ALA F 162 -7.22 6.14 20.70
N GLY F 163 -7.74 6.79 21.74
CA GLY F 163 -7.22 6.64 23.09
C GLY F 163 -5.91 7.32 23.44
N VAL F 164 -5.51 8.30 22.65
CA VAL F 164 -4.25 8.95 22.94
C VAL F 164 -4.29 10.13 23.90
N GLY F 165 -5.27 11.02 23.78
CA GLY F 165 -5.30 12.15 24.71
C GLY F 165 -6.17 13.35 24.41
N LYS F 166 -6.87 13.32 23.27
CA LYS F 166 -7.75 14.42 22.87
C LYS F 166 -8.69 14.88 23.97
N THR F 167 -9.61 13.99 24.34
CA THR F 167 -10.60 14.28 25.38
C THR F 167 -9.96 14.86 26.65
N VAL F 168 -9.13 14.09 27.33
CA VAL F 168 -8.51 14.57 28.56
C VAL F 168 -7.96 15.98 28.42
N LEU F 169 -7.40 16.27 27.23
CA LEU F 169 -6.82 17.58 26.96
C LEU F 169 -7.87 18.66 26.86
N ILE F 170 -8.93 18.37 26.10
CA ILE F 170 -10.03 19.30 25.93
C ILE F 170 -10.59 19.57 27.32
N MET F 171 -10.68 18.53 28.15
CA MET F 171 -11.20 18.69 29.50
C MET F 171 -10.33 19.58 30.33
N GLU F 172 -9.02 19.36 30.27
CA GLU F 172 -8.06 20.17 31.03
C GLU F 172 -8.14 21.60 30.54
N LEU F 173 -8.28 21.78 29.24
CA LEU F 173 -8.37 23.11 28.65
C LEU F 173 -9.66 23.81 29.09
N ILE F 174 -10.67 23.03 29.47
CA ILE F 174 -11.92 23.62 29.92
C ILE F 174 -11.74 23.98 31.38
N ASN F 175 -10.85 23.26 32.04
CA ASN F 175 -10.54 23.47 33.45
C ASN F 175 -9.66 24.70 33.63
N ASN F 176 -8.53 24.68 32.95
CA ASN F 176 -7.52 25.73 33.01
C ASN F 176 -7.88 27.02 32.24
N VAL F 177 -8.85 26.94 31.33
CA VAL F 177 -9.23 28.11 30.55
C VAL F 177 -10.67 28.55 30.76
N ALA F 178 -11.61 27.69 30.38
CA ALA F 178 -13.04 28.00 30.49
C ALA F 178 -13.44 28.65 31.80
N LYS F 179 -13.06 28.03 32.92
CA LYS F 179 -13.41 28.55 34.24
C LYS F 179 -12.97 30.01 34.46
N ALA F 180 -11.71 30.30 34.16
CA ALA F 180 -11.18 31.65 34.33
C ALA F 180 -11.54 32.50 33.13
N HIS F 181 -12.68 32.18 32.51
CA HIS F 181 -13.16 32.87 31.32
C HIS F 181 -14.33 33.81 31.64
N GLY F 182 -14.25 35.04 31.16
CA GLY F 182 -15.30 36.01 31.40
C GLY F 182 -16.21 36.13 30.19
N GLY F 183 -17.11 35.14 30.04
CA GLY F 183 -18.03 35.14 28.92
C GLY F 183 -18.77 33.82 28.74
N TYR F 184 -19.30 33.60 27.54
CA TYR F 184 -20.05 32.40 27.25
C TYR F 184 -19.26 31.38 26.46
N SER F 185 -19.47 30.11 26.78
CA SER F 185 -18.80 29.02 26.09
C SER F 185 -19.83 28.12 25.43
N VAL F 186 -19.40 27.39 24.42
CA VAL F 186 -20.28 26.44 23.75
C VAL F 186 -19.49 25.16 23.55
N PHE F 187 -19.98 24.06 24.09
CA PHE F 187 -19.32 22.77 23.93
C PHE F 187 -20.16 21.94 22.97
N ALA F 188 -19.54 21.49 21.89
CA ALA F 188 -20.27 20.67 20.93
C ALA F 188 -19.73 19.25 20.92
N GLY F 189 -20.55 18.31 21.36
CA GLY F 189 -20.16 16.92 21.37
C GLY F 189 -20.55 16.40 19.99
N VAL F 190 -19.59 15.91 19.23
CA VAL F 190 -19.87 15.44 17.90
C VAL F 190 -19.33 14.03 17.62
N GLY F 191 -20.22 13.07 17.58
CA GLY F 191 -19.85 11.69 17.30
C GLY F 191 -18.98 11.01 18.33
N GLU F 192 -18.92 11.55 19.53
CA GLU F 192 -18.12 10.92 20.58
C GLU F 192 -18.93 10.02 21.53
N ARG F 193 -18.45 9.82 22.77
CA ARG F 193 -19.18 8.93 23.70
C ARG F 193 -20.29 9.62 24.47
N THR F 194 -21.51 9.10 24.35
CA THR F 194 -22.61 9.69 25.10
C THR F 194 -22.31 9.74 26.60
N ARG F 195 -21.85 8.66 27.21
CA ARG F 195 -21.60 8.75 28.64
C ARG F 195 -20.62 9.86 28.96
N GLU F 196 -19.96 10.39 27.93
CA GLU F 196 -19.01 11.48 28.16
C GLU F 196 -19.78 12.78 28.32
N GLY F 197 -20.85 12.95 27.55
CA GLY F 197 -21.66 14.14 27.69
C GLY F 197 -22.14 14.06 29.12
N ASN F 198 -22.59 12.86 29.47
CA ASN F 198 -23.07 12.58 30.81
C ASN F 198 -22.04 13.07 31.82
N ASP F 199 -20.80 12.65 31.61
CA ASP F 199 -19.70 13.07 32.47
C ASP F 199 -19.59 14.60 32.49
N LEU F 200 -19.43 15.19 31.30
CA LEU F 200 -19.29 16.62 31.17
C LEU F 200 -20.41 17.36 31.86
N TYR F 201 -21.64 17.03 31.47
CA TYR F 201 -22.82 17.66 32.05
C TYR F 201 -22.72 17.70 33.58
N HIS F 202 -22.53 16.55 34.19
CA HIS F 202 -22.45 16.51 35.63
C HIS F 202 -21.21 17.15 36.23
N GLU F 203 -20.15 17.30 35.44
CA GLU F 203 -18.95 17.92 35.96
C GLU F 203 -19.17 19.43 35.96
N MET F 204 -19.95 19.89 34.98
CA MET F 204 -20.24 21.31 34.87
C MET F 204 -21.25 21.78 35.92
N ILE F 205 -22.27 20.97 36.19
CA ILE F 205 -23.25 21.33 37.19
C ILE F 205 -22.55 21.40 38.56
N GLU F 206 -21.51 20.57 38.72
CA GLU F 206 -20.74 20.53 39.96
C GLU F 206 -19.98 21.83 40.12
N SER F 207 -19.01 22.04 39.24
CA SER F 207 -18.18 23.22 39.24
C SER F 207 -19.06 24.47 39.23
N GLY F 208 -20.27 24.32 38.72
CA GLY F 208 -21.20 25.43 38.69
C GLY F 208 -21.26 26.23 37.41
N VAL F 209 -20.55 25.81 36.36
CA VAL F 209 -20.61 26.56 35.10
C VAL F 209 -21.99 26.37 34.49
N ILE F 210 -22.71 25.40 35.03
CA ILE F 210 -24.09 25.11 34.64
C ILE F 210 -24.90 25.23 35.91
N ASN F 211 -26.00 25.97 35.86
CA ASN F 211 -26.86 26.13 37.02
C ASN F 211 -28.28 25.83 36.60
N LEU F 212 -28.90 24.87 37.29
CA LEU F 212 -30.25 24.47 36.97
C LEU F 212 -31.32 25.28 37.69
N LYS F 213 -30.91 26.12 38.64
CA LYS F 213 -31.86 26.94 39.38
C LYS F 213 -31.77 28.41 39.01
N ASP F 214 -30.68 29.06 39.42
CA ASP F 214 -30.47 30.46 39.08
C ASP F 214 -30.02 30.51 37.63
N ALA F 215 -30.32 31.59 36.93
CA ALA F 215 -29.93 31.71 35.52
C ALA F 215 -28.56 32.37 35.37
N THR F 216 -27.53 31.65 35.82
CA THR F 216 -26.16 32.14 35.80
C THR F 216 -25.23 31.25 34.98
N SER F 217 -25.81 30.22 34.38
CA SER F 217 -25.09 29.27 33.56
C SER F 217 -24.26 30.03 32.50
N LYS F 218 -23.10 29.46 32.13
CA LYS F 218 -22.22 30.07 31.14
C LYS F 218 -21.86 29.14 29.97
N VAL F 219 -22.45 27.95 29.95
CA VAL F 219 -22.14 26.99 28.89
C VAL F 219 -23.36 26.51 28.14
N ALA F 220 -23.27 26.45 26.82
CA ALA F 220 -24.37 25.96 26.00
C ALA F 220 -23.87 24.64 25.45
N LEU F 221 -24.65 23.57 25.59
CA LEU F 221 -24.21 22.27 25.09
C LEU F 221 -25.01 21.71 23.94
N VAL F 222 -24.32 21.41 22.84
CA VAL F 222 -24.97 20.80 21.69
C VAL F 222 -24.37 19.38 21.54
N TYR F 223 -25.23 18.37 21.41
CA TYR F 223 -24.75 17.01 21.28
C TYR F 223 -25.33 16.13 20.18
N GLY F 224 -24.47 15.33 19.56
CA GLY F 224 -24.92 14.41 18.53
C GLY F 224 -23.85 13.35 18.53
N GLN F 225 -23.84 12.52 19.58
CA GLN F 225 -22.85 11.47 19.77
C GLN F 225 -22.79 10.30 18.78
N MET F 226 -21.87 9.36 19.03
CA MET F 226 -21.70 8.26 18.11
C MET F 226 -22.83 7.27 18.03
N ASN F 227 -23.94 7.61 18.66
CA ASN F 227 -25.12 6.78 18.65
C ASN F 227 -26.06 7.31 17.58
N GLU F 228 -25.76 8.50 17.08
CA GLU F 228 -26.62 9.12 16.09
C GLU F 228 -26.38 8.70 14.66
N PRO F 229 -27.41 8.84 13.84
CA PRO F 229 -27.25 8.47 12.43
C PRO F 229 -26.41 9.56 11.72
N PRO F 230 -25.77 9.19 10.59
CA PRO F 230 -24.92 10.05 9.77
C PRO F 230 -25.41 11.47 9.50
N GLY F 231 -26.70 11.63 9.22
CA GLY F 231 -27.20 12.97 8.95
C GLY F 231 -27.02 13.93 10.13
N ALA F 232 -27.21 13.41 11.34
CA ALA F 232 -27.07 14.21 12.55
C ALA F 232 -25.61 14.52 12.79
N ARG F 233 -24.83 13.50 13.07
CA ARG F 233 -23.41 13.67 13.33
C ARG F 233 -22.82 14.57 12.25
N ALA F 234 -23.42 14.59 11.07
CA ALA F 234 -22.94 15.41 9.96
C ALA F 234 -23.31 16.90 10.06
N ARG F 235 -24.26 17.21 10.94
CA ARG F 235 -24.72 18.58 11.10
C ARG F 235 -24.60 19.15 12.53
N VAL F 236 -24.42 18.29 13.52
CA VAL F 236 -24.33 18.75 14.91
C VAL F 236 -23.32 19.88 15.06
N ALA F 237 -22.18 19.74 14.41
CA ALA F 237 -21.14 20.75 14.47
C ALA F 237 -21.69 22.10 14.05
N LEU F 238 -22.48 22.12 12.99
CA LEU F 238 -23.07 23.38 12.52
C LEU F 238 -23.99 23.98 13.58
N THR F 239 -24.65 23.12 14.34
CA THR F 239 -25.56 23.56 15.37
C THR F 239 -24.78 24.20 16.51
N GLY F 240 -23.79 23.49 17.03
CA GLY F 240 -23.01 24.05 18.09
C GLY F 240 -22.37 25.30 17.54
N LEU F 241 -21.99 25.23 16.28
CA LEU F 241 -21.34 26.34 15.59
C LEU F 241 -22.26 27.56 15.56
N THR F 242 -23.51 27.32 15.15
CA THR F 242 -24.52 28.38 15.07
C THR F 242 -24.85 29.02 16.43
N VAL F 243 -24.84 28.21 17.49
CA VAL F 243 -25.09 28.70 18.85
C VAL F 243 -23.93 29.60 19.31
N ALA F 244 -22.74 29.34 18.77
CA ALA F 244 -21.57 30.13 19.11
C ALA F 244 -21.60 31.42 18.33
N GLU F 245 -22.07 31.36 17.08
CA GLU F 245 -22.16 32.56 16.24
C GLU F 245 -23.09 33.61 16.87
N TYR F 246 -24.20 33.21 17.47
CA TYR F 246 -25.10 34.17 18.10
C TYR F 246 -24.36 34.93 19.17
N PHE F 247 -23.75 34.19 20.08
CA PHE F 247 -23.04 34.83 21.15
C PHE F 247 -21.97 35.76 20.64
N ARG F 248 -21.32 35.42 19.54
CA ARG F 248 -20.28 36.27 18.99
C ARG F 248 -20.81 37.54 18.35
N ASP F 249 -21.69 37.38 17.39
CA ASP F 249 -22.22 38.53 16.68
C ASP F 249 -23.34 39.26 17.40
N GLN F 250 -24.49 38.59 17.54
CA GLN F 250 -25.66 39.19 18.18
C GLN F 250 -25.47 39.51 19.65
N GLU F 251 -24.23 39.73 20.08
CA GLU F 251 -23.99 40.07 21.47
C GLU F 251 -22.58 40.59 21.68
N GLY F 252 -21.72 40.39 20.68
CA GLY F 252 -20.35 40.86 20.77
C GLY F 252 -19.68 40.52 22.09
N GLN F 253 -19.35 39.24 22.26
CA GLN F 253 -18.69 38.77 23.47
C GLN F 253 -17.55 37.87 23.04
N ASP F 254 -16.69 37.49 23.98
CA ASP F 254 -15.61 36.58 23.64
C ASP F 254 -16.18 35.19 23.84
N VAL F 255 -16.35 34.47 22.74
CA VAL F 255 -16.92 33.14 22.82
C VAL F 255 -15.94 31.99 22.71
N LEU F 256 -16.04 31.05 23.64
CA LEU F 256 -15.22 29.84 23.62
C LEU F 256 -16.09 28.76 23.01
N LEU F 257 -15.55 28.05 22.02
CA LEU F 257 -16.30 26.97 21.40
C LEU F 257 -15.50 25.70 21.38
N PHE F 258 -15.86 24.77 22.24
CA PHE F 258 -15.15 23.51 22.26
C PHE F 258 -15.95 22.55 21.39
N ILE F 259 -15.26 21.72 20.65
CA ILE F 259 -15.95 20.72 19.85
C ILE F 259 -15.19 19.43 20.02
N ASP F 260 -15.73 18.46 20.76
CA ASP F 260 -14.97 17.23 20.86
C ASP F 260 -15.32 16.41 19.66
N ASN F 261 -14.32 16.42 18.79
CA ASN F 261 -14.20 15.78 17.51
C ASN F 261 -15.06 16.16 16.35
N ILE F 262 -14.43 17.02 15.55
CA ILE F 262 -14.96 17.58 14.34
C ILE F 262 -14.67 16.56 13.21
N PHE F 263 -13.79 15.61 13.48
CA PHE F 263 -13.50 14.57 12.50
C PHE F 263 -14.77 13.77 12.23
N ARG F 264 -15.62 13.65 13.25
CA ARG F 264 -16.87 12.90 13.15
C ARG F 264 -17.78 13.55 12.11
N PHE F 265 -17.68 14.87 11.95
CA PHE F 265 -18.47 15.62 10.99
C PHE F 265 -18.14 15.19 9.57
N THR F 266 -16.88 14.87 9.34
CA THR F 266 -16.40 14.45 8.03
C THR F 266 -16.73 12.99 7.81
N GLN F 267 -16.40 12.17 8.81
CA GLN F 267 -16.66 10.75 8.77
C GLN F 267 -18.12 10.56 8.38
N ALA F 268 -18.99 11.22 9.13
CA ALA F 268 -20.41 11.13 8.87
C ALA F 268 -20.69 11.48 7.41
N GLY F 269 -20.11 12.58 6.96
CA GLY F 269 -20.31 12.98 5.59
C GLY F 269 -20.02 11.86 4.61
N SER F 270 -19.06 11.00 4.95
CA SER F 270 -18.73 9.91 4.04
C SER F 270 -19.83 8.85 3.97
N GLU F 271 -20.42 8.51 5.12
CA GLU F 271 -21.47 7.51 5.13
C GLU F 271 -22.60 7.91 4.15
N VAL F 272 -23.09 9.14 4.25
CA VAL F 272 -24.18 9.61 3.39
C VAL F 272 -23.80 9.90 1.94
N SER F 273 -22.58 10.42 1.73
CA SER F 273 -22.11 10.73 0.37
C SER F 273 -22.30 9.51 -0.49
N ALA F 274 -21.99 8.36 0.10
CA ALA F 274 -22.11 7.09 -0.57
C ALA F 274 -23.51 7.00 -1.20
N LEU F 275 -24.52 7.12 -0.34
CA LEU F 275 -25.91 7.04 -0.72
C LEU F 275 -26.44 8.18 -1.58
N LEU F 276 -25.75 9.30 -1.59
CA LEU F 276 -26.16 10.44 -2.39
C LEU F 276 -25.93 10.30 -3.91
N GLY F 277 -25.14 9.31 -4.32
CA GLY F 277 -24.91 9.13 -5.75
C GLY F 277 -23.64 9.79 -6.24
N ARG F 278 -22.71 10.03 -5.32
CA ARG F 278 -21.45 10.66 -5.62
C ARG F 278 -20.35 9.64 -5.89
N ILE F 279 -19.59 9.81 -6.97
CA ILE F 279 -18.49 8.89 -7.18
C ILE F 279 -17.60 9.24 -6.00
N PRO F 280 -17.00 8.24 -5.33
CA PRO F 280 -16.12 8.43 -4.16
C PRO F 280 -14.74 8.93 -4.53
N SER F 281 -14.16 9.71 -3.63
CA SER F 281 -12.83 10.29 -3.80
C SER F 281 -11.80 9.35 -3.18
N ALA F 282 -10.59 9.85 -2.96
CA ALA F 282 -9.53 9.03 -2.39
C ALA F 282 -9.97 8.47 -1.05
N VAL F 283 -9.52 7.26 -0.78
CA VAL F 283 -9.81 6.54 0.44
C VAL F 283 -11.29 6.37 0.76
N GLY F 284 -12.14 6.44 -0.25
CA GLY F 284 -13.57 6.24 0.00
C GLY F 284 -14.37 7.45 0.43
N TYR F 285 -13.69 8.51 0.82
CA TYR F 285 -14.37 9.72 1.24
C TYR F 285 -15.18 10.30 0.10
N GLN F 286 -15.87 11.37 0.42
CA GLN F 286 -16.68 12.04 -0.54
C GLN F 286 -15.80 13.07 -1.27
N PRO F 287 -16.19 13.46 -2.49
CA PRO F 287 -15.44 14.44 -3.28
C PRO F 287 -15.44 15.78 -2.56
N THR F 288 -16.57 16.10 -1.95
CA THR F 288 -16.75 17.36 -1.27
C THR F 288 -16.13 17.46 0.11
N LEU F 289 -15.23 16.54 0.46
CA LEU F 289 -14.61 16.57 1.78
C LEU F 289 -14.04 17.95 2.12
N ALA F 290 -13.23 18.47 1.22
CA ALA F 290 -12.55 19.76 1.35
C ALA F 290 -13.52 20.91 1.44
N THR F 291 -14.40 21.04 0.45
CA THR F 291 -15.40 22.11 0.47
C THR F 291 -16.33 21.91 1.66
N ASP F 292 -17.07 20.82 1.68
CA ASP F 292 -17.97 20.55 2.78
C ASP F 292 -17.30 21.10 4.05
N MET F 293 -16.06 20.67 4.31
CA MET F 293 -15.35 21.12 5.51
C MET F 293 -15.12 22.63 5.59
N GLY F 294 -14.72 23.22 4.47
CA GLY F 294 -14.47 24.63 4.41
C GLY F 294 -15.68 25.44 4.84
N THR F 295 -16.80 25.26 4.17
CA THR F 295 -18.00 26.00 4.50
C THR F 295 -18.41 25.96 5.99
N MET F 296 -17.75 25.10 6.76
CA MET F 296 -18.03 24.98 8.18
C MET F 296 -16.92 25.60 9.00
N GLN F 297 -15.70 25.14 8.76
CA GLN F 297 -14.57 25.66 9.51
C GLN F 297 -14.51 27.17 9.37
N GLU F 298 -14.82 27.69 8.19
CA GLU F 298 -14.79 29.12 7.94
C GLU F 298 -15.78 29.94 8.80
N ARG F 299 -16.80 29.29 9.31
CA ARG F 299 -17.75 29.97 10.15
C ARG F 299 -17.22 29.96 11.58
N ILE F 300 -16.39 28.98 11.89
CA ILE F 300 -15.79 28.90 13.22
C ILE F 300 -14.66 29.91 13.15
N THR F 301 -14.95 31.16 13.47
CA THR F 301 -13.91 32.17 13.43
C THR F 301 -14.23 33.47 14.14
N THR F 302 -13.17 34.23 14.39
CA THR F 302 -13.27 35.52 15.03
C THR F 302 -13.40 36.54 13.93
N THR F 303 -14.30 37.51 14.15
CA THR F 303 -14.54 38.58 13.21
C THR F 303 -14.21 39.88 13.91
N LYS F 304 -14.59 40.99 13.30
CA LYS F 304 -14.35 42.29 13.92
C LYS F 304 -15.48 42.52 14.90
N LYS F 305 -16.58 41.80 14.67
CA LYS F 305 -17.78 41.92 15.47
C LYS F 305 -17.65 41.17 16.81
N GLY F 306 -16.66 40.28 16.91
CA GLY F 306 -16.46 39.52 18.14
C GLY F 306 -15.43 38.40 18.01
N SER F 307 -15.11 37.74 19.12
CA SER F 307 -14.12 36.66 19.08
C SER F 307 -14.63 35.26 19.39
N ILE F 308 -13.93 34.28 18.84
CA ILE F 308 -14.21 32.88 19.08
C ILE F 308 -12.91 32.07 19.21
N THR F 309 -12.63 31.66 20.43
CA THR F 309 -11.47 30.83 20.71
C THR F 309 -12.04 29.42 20.58
N SER F 310 -11.73 28.75 19.46
CA SER F 310 -12.22 27.40 19.26
C SER F 310 -11.15 26.36 19.50
N VAL F 311 -11.56 25.31 20.19
CA VAL F 311 -10.68 24.19 20.49
C VAL F 311 -11.37 22.96 19.91
N GLN F 312 -10.77 22.37 18.89
CA GLN F 312 -11.38 21.20 18.27
C GLN F 312 -10.57 19.94 18.39
N ALA F 313 -11.17 18.91 18.95
CA ALA F 313 -10.49 17.64 19.09
C ALA F 313 -10.61 17.01 17.70
N ILE F 314 -9.52 16.41 17.21
CA ILE F 314 -9.52 15.80 15.88
C ILE F 314 -9.03 14.35 15.86
N TYR F 315 -9.91 13.42 15.54
CA TYR F 315 -9.57 12.01 15.50
C TYR F 315 -8.79 11.66 14.22
N VAL F 316 -7.74 10.86 14.40
CA VAL F 316 -6.87 10.39 13.32
C VAL F 316 -7.17 8.91 13.12
N PRO F 317 -8.05 8.57 12.17
CA PRO F 317 -8.31 7.13 12.02
C PRO F 317 -7.04 6.36 11.77
N ALA F 318 -7.01 5.12 12.25
CA ALA F 318 -5.86 4.25 12.06
C ALA F 318 -4.53 4.98 12.29
N ASP F 319 -4.55 5.96 13.19
CA ASP F 319 -3.36 6.78 13.51
C ASP F 319 -2.63 7.25 12.26
N ASP F 320 -3.37 7.55 11.20
CA ASP F 320 -2.71 8.03 10.00
C ASP F 320 -2.99 9.50 9.69
N LEU F 321 -2.03 10.35 10.07
CA LEU F 321 -2.13 11.78 9.85
C LEU F 321 -2.25 12.18 8.39
N THR F 322 -1.98 11.26 7.46
CA THR F 322 -2.14 11.64 6.06
C THR F 322 -3.55 11.39 5.57
N ASP F 323 -4.35 10.71 6.38
CA ASP F 323 -5.74 10.42 6.03
C ASP F 323 -6.38 11.74 5.60
N PRO F 324 -7.05 11.74 4.44
CA PRO F 324 -7.71 12.92 3.88
C PRO F 324 -8.39 13.81 4.89
N ALA F 325 -9.02 13.20 5.88
CA ALA F 325 -9.73 13.95 6.90
C ALA F 325 -8.81 14.86 7.69
N PRO F 326 -7.98 14.32 8.60
CA PRO F 326 -7.09 15.18 9.39
C PRO F 326 -6.19 16.03 8.52
N ALA F 327 -5.59 15.40 7.52
CA ALA F 327 -4.72 16.10 6.60
C ALA F 327 -5.38 17.41 6.22
N THR F 328 -6.57 17.32 5.68
CA THR F 328 -7.33 18.46 5.26
C THR F 328 -7.69 19.43 6.38
N THR F 329 -7.48 19.01 7.63
CA THR F 329 -7.85 19.87 8.76
C THR F 329 -6.78 20.86 9.21
N PHE F 330 -5.52 20.50 9.04
CA PHE F 330 -4.43 21.40 9.43
C PHE F 330 -4.53 22.83 8.89
N ALA F 331 -4.73 23.00 7.59
CA ALA F 331 -4.82 24.35 7.02
C ALA F 331 -5.86 25.27 7.66
N HIS F 332 -6.82 24.71 8.37
CA HIS F 332 -7.88 25.46 9.01
C HIS F 332 -7.53 25.86 10.45
N LEU F 333 -6.35 25.46 10.89
CA LEU F 333 -5.94 25.75 12.26
C LEU F 333 -4.90 26.84 12.44
N ASP F 334 -4.96 27.51 13.57
CA ASP F 334 -4.01 28.57 13.88
C ASP F 334 -2.95 27.95 14.78
N ALA F 335 -3.34 26.88 15.44
CA ALA F 335 -2.46 26.16 16.32
C ALA F 335 -2.83 24.67 16.28
N THR F 336 -1.82 23.82 16.27
CA THR F 336 -2.03 22.38 16.23
C THR F 336 -1.26 21.70 17.34
N THR F 337 -1.92 20.79 18.04
CA THR F 337 -1.32 20.02 19.10
C THR F 337 -1.44 18.58 18.68
N VAL F 338 -0.37 18.03 18.11
CA VAL F 338 -0.42 16.66 17.65
C VAL F 338 -0.02 15.66 18.73
N LEU F 339 -0.94 14.74 19.01
CA LEU F 339 -0.73 13.72 20.01
C LEU F 339 -0.22 12.47 19.34
N SER F 340 0.69 11.78 20.02
CA SER F 340 1.28 10.57 19.48
C SER F 340 1.14 9.35 20.40
N ARG F 341 0.77 8.23 19.81
CA ARG F 341 0.60 6.98 20.54
C ARG F 341 1.96 6.47 21.03
N ALA F 342 3.00 6.67 20.21
CA ALA F 342 4.35 6.23 20.55
C ALA F 342 4.82 6.97 21.77
N ILE F 343 4.50 8.27 21.81
CA ILE F 343 4.86 9.09 22.95
C ILE F 343 4.01 8.63 24.15
N ALA F 344 2.70 8.47 23.94
CA ALA F 344 1.80 8.02 25.00
C ALA F 344 2.29 6.68 25.57
N GLU F 345 2.72 5.78 24.69
CA GLU F 345 3.19 4.47 25.09
C GLU F 345 4.48 4.50 25.91
N LEU F 346 5.19 5.63 25.88
CA LEU F 346 6.40 5.76 26.67
C LEU F 346 5.91 6.40 27.97
N GLY F 347 4.60 6.52 28.08
CA GLY F 347 4.01 7.10 29.26
C GLY F 347 4.27 8.59 29.40
N ILE F 348 4.27 9.30 28.27
CA ILE F 348 4.47 10.74 28.29
C ILE F 348 3.10 11.34 28.00
N TYR F 349 2.56 12.07 28.98
CA TYR F 349 1.28 12.73 28.83
C TYR F 349 1.41 14.18 29.29
N PRO F 350 0.84 15.13 28.53
CA PRO F 350 0.11 14.83 27.30
C PRO F 350 1.04 14.37 26.18
N ALA F 351 0.62 13.36 25.43
CA ALA F 351 1.43 12.82 24.35
C ALA F 351 1.56 13.82 23.20
N VAL F 352 2.03 15.01 23.52
CA VAL F 352 2.21 16.04 22.53
C VAL F 352 3.55 15.84 21.78
N ASP F 353 3.50 15.96 20.46
CA ASP F 353 4.68 15.80 19.59
C ASP F 353 5.38 17.14 19.57
N PRO F 354 6.54 17.24 20.22
CA PRO F 354 7.27 18.51 20.25
C PRO F 354 7.69 18.92 18.86
N LEU F 355 7.87 17.94 17.98
CA LEU F 355 8.31 18.20 16.63
C LEU F 355 7.25 18.16 15.54
N ASP F 356 5.98 18.25 15.92
CA ASP F 356 4.92 18.26 14.91
C ASP F 356 3.69 19.04 15.32
N SER F 357 3.87 19.93 16.29
CA SER F 357 2.77 20.76 16.75
C SER F 357 3.18 22.17 16.45
N THR F 358 2.29 22.98 15.88
CA THR F 358 2.65 24.34 15.53
C THR F 358 1.68 25.45 15.91
N SER F 359 2.20 26.67 15.99
CA SER F 359 1.39 27.84 16.34
C SER F 359 1.84 29.06 15.54
N ARG F 360 0.90 29.76 14.90
CA ARG F 360 1.27 30.93 14.13
C ARG F 360 1.78 32.00 15.07
N ILE F 361 1.53 31.80 16.37
CA ILE F 361 1.95 32.71 17.43
C ILE F 361 3.40 32.49 17.87
N MET F 362 4.01 31.39 17.43
CA MET F 362 5.40 31.11 17.75
C MET F 362 6.19 32.02 16.82
N ASP F 363 6.32 33.27 17.25
CA ASP F 363 7.00 34.33 16.52
C ASP F 363 7.65 35.23 17.58
N PRO F 364 8.97 35.46 17.48
CA PRO F 364 9.65 36.30 18.48
C PRO F 364 9.03 37.69 18.66
N ASN F 365 8.56 38.29 17.58
CA ASN F 365 7.94 39.60 17.69
C ASN F 365 6.64 39.52 18.50
N ILE F 366 6.18 38.31 18.77
CA ILE F 366 4.92 38.12 19.49
C ILE F 366 4.98 37.56 20.91
N VAL F 367 5.82 36.57 21.13
CA VAL F 367 5.96 35.93 22.44
C VAL F 367 7.31 36.29 23.05
N GLY F 368 8.05 37.17 22.40
CA GLY F 368 9.35 37.57 22.91
C GLY F 368 10.46 36.69 22.37
N SER F 369 11.68 37.20 22.37
CA SER F 369 12.81 36.42 21.87
C SER F 369 13.31 35.39 22.88
N GLU F 370 13.08 35.64 24.16
CA GLU F 370 13.52 34.70 25.20
C GLU F 370 12.69 33.45 25.11
N HIS F 371 11.39 33.64 24.88
CA HIS F 371 10.45 32.54 24.76
C HIS F 371 10.74 31.77 23.48
N TYR F 372 10.79 32.49 22.37
CA TYR F 372 11.05 31.89 21.06
C TYR F 372 12.43 31.21 20.99
N ASP F 373 13.42 31.79 21.63
CA ASP F 373 14.77 31.23 21.61
C ASP F 373 14.91 29.93 22.40
N VAL F 374 14.08 29.76 23.41
CA VAL F 374 14.10 28.56 24.24
C VAL F 374 13.30 27.49 23.53
N ALA F 375 12.14 27.90 23.02
CA ALA F 375 11.26 27.00 22.29
C ALA F 375 12.09 26.29 21.21
N ARG F 376 12.82 27.08 20.44
CA ARG F 376 13.66 26.54 19.36
C ARG F 376 14.88 25.79 19.90
N GLY F 377 15.23 26.05 21.15
CA GLY F 377 16.35 25.34 21.72
C GLY F 377 15.88 23.92 21.96
N VAL F 378 14.67 23.81 22.51
CA VAL F 378 14.04 22.53 22.82
C VAL F 378 13.73 21.69 21.57
N GLN F 379 13.20 22.33 20.54
CA GLN F 379 12.89 21.60 19.32
C GLN F 379 14.14 21.25 18.53
N LYS F 380 15.29 21.76 18.97
CA LYS F 380 16.55 21.48 18.28
C LYS F 380 17.26 20.29 18.92
N ILE F 381 17.30 20.27 20.24
CA ILE F 381 17.94 19.17 20.95
C ILE F 381 17.11 17.88 20.78
N LEU F 382 15.79 18.01 20.79
CA LEU F 382 14.94 16.84 20.59
C LEU F 382 15.11 16.40 19.15
N GLN F 383 15.11 17.36 18.22
CA GLN F 383 15.31 17.02 16.82
C GLN F 383 16.64 16.28 16.65
N ASP F 384 17.69 16.78 17.28
CA ASP F 384 19.00 16.16 17.18
C ASP F 384 19.08 14.78 17.86
N TYR F 385 18.26 14.58 18.89
CA TYR F 385 18.23 13.30 19.60
C TYR F 385 17.51 12.30 18.72
N LYS F 386 16.48 12.80 18.05
CA LYS F 386 15.65 11.98 17.18
C LYS F 386 16.46 11.44 16.02
N SER F 387 17.39 12.23 15.52
CA SER F 387 18.22 11.80 14.40
C SER F 387 19.28 10.80 14.86
N LEU F 388 19.45 10.66 16.17
CA LEU F 388 20.44 9.73 16.69
C LEU F 388 19.81 8.39 17.03
N GLN F 389 18.49 8.38 17.11
CA GLN F 389 17.76 7.16 17.44
C GLN F 389 18.07 6.01 16.50
N ASP F 390 18.55 6.31 15.31
CA ASP F 390 18.88 5.27 14.34
C ASP F 390 20.11 4.49 14.83
N ILE F 391 21.09 5.25 15.32
CA ILE F 391 22.33 4.68 15.82
C ILE F 391 22.13 3.97 17.16
N ILE F 392 21.33 4.58 18.03
CA ILE F 392 21.04 4.05 19.36
C ILE F 392 20.38 2.66 19.36
N ALA F 393 19.54 2.42 18.37
CA ALA F 393 18.82 1.15 18.29
C ALA F 393 19.67 -0.03 17.84
N ILE F 394 20.77 0.24 17.15
CA ILE F 394 21.65 -0.83 16.67
C ILE F 394 22.95 -0.92 17.46
N LEU F 395 23.67 0.20 17.60
CA LEU F 395 24.95 0.18 18.32
C LEU F 395 24.97 0.74 19.73
N GLY F 396 23.79 0.89 20.35
CA GLY F 396 23.74 1.43 21.70
C GLY F 396 24.36 2.81 21.85
N MET F 397 24.53 3.27 23.09
CA MET F 397 25.09 4.59 23.30
C MET F 397 26.57 4.60 23.62
N ASP F 398 27.25 3.50 23.35
CA ASP F 398 28.68 3.46 23.58
C ASP F 398 29.36 3.91 22.29
N GLU F 399 28.58 3.98 21.21
CA GLU F 399 29.09 4.40 19.91
C GLU F 399 28.82 5.88 19.63
N LEU F 400 28.36 6.62 20.63
CA LEU F 400 28.11 8.03 20.48
C LEU F 400 29.25 8.84 21.08
N SER F 401 29.56 9.98 20.47
CA SER F 401 30.63 10.82 20.97
C SER F 401 30.28 11.21 22.41
N GLU F 402 31.12 12.04 23.00
CA GLU F 402 30.86 12.50 24.36
C GLU F 402 29.81 13.59 24.23
N GLU F 403 29.92 14.34 23.14
CA GLU F 403 29.00 15.43 22.84
C GLU F 403 27.59 14.86 22.69
N ASP F 404 27.45 13.84 21.84
CA ASP F 404 26.15 13.20 21.61
C ASP F 404 25.48 12.81 22.92
N LYS F 405 26.11 11.93 23.68
CA LYS F 405 25.58 11.48 24.96
C LYS F 405 24.97 12.63 25.76
N LEU F 406 25.64 13.79 25.71
CA LEU F 406 25.18 14.97 26.43
C LEU F 406 23.80 15.45 26.00
N THR F 407 23.59 15.53 24.69
CA THR F 407 22.30 15.96 24.14
C THR F 407 21.27 14.87 24.45
N VAL F 408 21.59 13.62 24.13
CA VAL F 408 20.68 12.52 24.43
C VAL F 408 20.13 12.73 25.85
N SER F 409 21.05 12.91 26.80
CA SER F 409 20.71 13.12 28.22
C SER F 409 19.79 14.30 28.45
N ARG F 410 20.14 15.46 27.87
CA ARG F 410 19.32 16.64 28.04
C ARG F 410 17.97 16.50 27.31
N ALA F 411 17.97 15.75 26.21
CA ALA F 411 16.75 15.54 25.47
C ALA F 411 15.79 14.76 26.37
N ARG F 412 16.30 13.68 26.96
CA ARG F 412 15.51 12.83 27.84
C ARG F 412 14.92 13.55 29.06
N LYS F 413 15.62 14.58 29.54
CA LYS F 413 15.12 15.36 30.69
C LYS F 413 14.14 16.40 30.19
N ILE F 414 14.32 16.80 28.93
CA ILE F 414 13.44 17.77 28.32
C ILE F 414 12.15 17.06 27.94
N GLN F 415 12.28 15.86 27.36
CA GLN F 415 11.10 15.08 26.99
C GLN F 415 10.24 14.94 28.23
N ARG F 416 10.82 14.36 29.27
CA ARG F 416 10.09 14.17 30.51
C ARG F 416 9.64 15.49 31.09
N PHE F 417 10.50 16.50 31.08
CA PHE F 417 10.07 17.76 31.65
C PHE F 417 8.91 18.38 30.87
N LEU F 418 8.59 17.78 29.73
CA LEU F 418 7.49 18.24 28.89
C LEU F 418 6.18 17.59 29.37
N SER F 419 6.28 16.42 29.98
CA SER F 419 5.08 15.77 30.49
C SER F 419 4.50 16.72 31.55
N GLN F 420 3.42 16.32 32.18
CA GLN F 420 2.79 17.18 33.17
C GLN F 420 1.54 16.49 33.68
N PRO F 421 1.28 16.58 34.99
CA PRO F 421 0.06 15.92 35.47
C PRO F 421 -1.13 16.88 35.42
N PHE F 422 -2.17 16.47 34.69
CA PHE F 422 -3.39 17.27 34.59
C PHE F 422 -4.34 16.81 35.68
N GLN F 423 -5.16 17.72 36.16
CA GLN F 423 -6.15 17.42 37.18
C GLN F 423 -7.10 16.32 36.67
N VAL F 424 -7.64 16.52 35.48
CA VAL F 424 -8.57 15.57 34.86
C VAL F 424 -8.04 14.16 34.65
N ALA F 425 -6.78 13.92 34.99
CA ALA F 425 -6.21 12.59 34.80
C ALA F 425 -5.52 12.01 36.03
N GLU F 426 -5.69 12.68 37.17
CA GLU F 426 -5.09 12.25 38.43
C GLU F 426 -5.25 10.75 38.69
N VAL F 427 -6.39 10.19 38.32
CA VAL F 427 -6.65 8.77 38.51
C VAL F 427 -5.66 7.87 37.75
N PHE F 428 -5.18 8.31 36.60
CA PHE F 428 -4.24 7.49 35.82
C PHE F 428 -2.78 7.80 36.09
N THR F 429 -2.50 9.02 36.58
CA THR F 429 -1.12 9.40 36.86
C THR F 429 -0.76 9.24 38.34
N GLY F 430 -1.76 9.22 39.20
CA GLY F 430 -1.49 9.08 40.62
C GLY F 430 -0.72 10.27 41.16
N HIS F 431 -0.93 11.42 40.55
CA HIS F 431 -0.26 12.62 41.01
C HIS F 431 -1.28 13.74 41.03
N LEU F 432 -1.13 14.67 41.96
CA LEU F 432 -2.02 15.82 42.07
C LEU F 432 -1.78 16.69 40.85
N GLY F 433 -2.85 17.22 40.27
CA GLY F 433 -2.73 18.06 39.08
C GLY F 433 -1.82 19.26 39.21
N LYS F 434 -1.34 19.76 38.07
CA LYS F 434 -0.43 20.91 38.06
C LYS F 434 -0.71 21.93 36.97
N LEU F 435 -0.68 23.20 37.35
CA LEU F 435 -0.91 24.31 36.43
C LEU F 435 0.35 25.19 36.43
N VAL F 436 1.20 25.00 35.44
CA VAL F 436 2.45 25.75 35.33
C VAL F 436 2.34 27.08 34.60
N PRO F 437 2.94 28.14 35.18
CA PRO F 437 2.87 29.44 34.51
C PRO F 437 3.84 29.48 33.33
N LEU F 438 3.70 30.51 32.50
CA LEU F 438 4.53 30.68 31.31
C LEU F 438 6.00 30.92 31.64
N LYS F 439 6.28 31.95 32.42
CA LYS F 439 7.66 32.27 32.78
C LYS F 439 8.33 31.06 33.41
N GLU F 440 7.59 30.39 34.28
CA GLU F 440 8.09 29.22 34.97
C GLU F 440 8.48 28.13 33.97
N THR F 441 7.75 28.05 32.86
CA THR F 441 8.02 27.04 31.84
C THR F 441 9.21 27.44 30.99
N ILE F 442 9.32 28.72 30.71
CA ILE F 442 10.44 29.23 29.93
C ILE F 442 11.69 28.94 30.75
N LYS F 443 11.67 29.41 31.98
CA LYS F 443 12.76 29.21 32.93
C LYS F 443 13.18 27.74 33.05
N GLY F 444 12.23 26.90 33.48
CA GLY F 444 12.50 25.49 33.64
C GLY F 444 13.34 24.89 32.52
N PHE F 445 13.00 25.24 31.28
CA PHE F 445 13.72 24.72 30.12
C PHE F 445 15.04 25.44 29.83
N GLN F 446 15.05 26.77 29.92
CA GLN F 446 16.29 27.50 29.68
C GLN F 446 17.37 26.82 30.49
N GLN F 447 17.02 26.44 31.71
CA GLN F 447 17.94 25.79 32.63
C GLN F 447 18.39 24.38 32.24
N ILE F 448 17.45 23.51 31.88
CA ILE F 448 17.82 22.16 31.50
C ILE F 448 18.77 22.21 30.30
N LEU F 449 18.50 23.12 29.39
CA LEU F 449 19.35 23.29 28.21
C LEU F 449 20.74 23.77 28.61
N ALA F 450 20.80 24.87 29.37
CA ALA F 450 22.08 25.42 29.82
C ALA F 450 22.88 24.39 30.63
N GLY F 451 22.35 23.18 30.74
CA GLY F 451 23.05 22.14 31.47
C GLY F 451 22.97 22.31 32.98
N GLU F 452 22.19 23.28 33.44
CA GLU F 452 22.06 23.52 34.87
C GLU F 452 21.62 22.31 35.70
N TYR F 453 20.90 21.37 35.10
CA TYR F 453 20.47 20.19 35.84
C TYR F 453 20.99 18.89 35.27
N ASP F 454 22.13 18.95 34.58
CA ASP F 454 22.71 17.75 34.02
C ASP F 454 23.15 16.75 35.08
N HIS F 455 22.95 17.09 36.35
CA HIS F 455 23.34 16.17 37.42
C HIS F 455 22.16 15.38 37.98
N LEU F 456 20.94 15.87 37.75
CA LEU F 456 19.76 15.20 38.23
C LEU F 456 19.40 14.02 37.33
N PRO F 457 18.72 13.01 37.88
CA PRO F 457 18.31 11.83 37.10
C PRO F 457 17.06 12.07 36.27
N GLU F 458 17.00 11.47 35.09
CA GLU F 458 15.85 11.60 34.20
C GLU F 458 14.53 11.60 34.95
N GLN F 459 14.21 10.46 35.55
CA GLN F 459 12.97 10.26 36.31
C GLN F 459 12.56 11.38 37.23
N ALA F 460 13.44 12.35 37.45
CA ALA F 460 13.13 13.47 38.32
C ALA F 460 12.32 14.56 37.65
N PHE F 461 12.43 14.64 36.32
CA PHE F 461 11.70 15.65 35.54
C PHE F 461 10.36 15.15 35.03
N TYR F 462 10.13 13.85 35.18
CA TYR F 462 8.90 13.21 34.73
C TYR F 462 7.69 13.50 35.61
N MET F 463 6.57 13.85 34.97
CA MET F 463 5.35 14.13 35.70
C MET F 463 5.52 15.09 36.86
N VAL F 464 5.84 16.35 36.54
CA VAL F 464 5.99 17.38 37.56
C VAL F 464 5.53 18.72 37.01
N GLY F 465 5.29 19.69 37.89
CA GLY F 465 4.86 20.99 37.45
C GLY F 465 6.08 21.79 37.02
N PRO F 466 6.43 22.84 37.76
CA PRO F 466 7.58 23.68 37.44
C PRO F 466 8.89 22.89 37.51
N ILE F 467 10.02 23.57 37.31
CA ILE F 467 11.30 22.90 37.38
C ILE F 467 11.65 22.59 38.83
N GLU F 468 11.27 23.49 39.73
CA GLU F 468 11.54 23.33 41.17
C GLU F 468 11.12 21.95 41.67
N GLU F 469 10.00 21.46 41.16
CA GLU F 469 9.49 20.15 41.57
C GLU F 469 10.24 19.04 40.86
N ALA F 470 11.19 19.42 40.02
CA ALA F 470 11.99 18.43 39.32
C ALA F 470 13.13 18.12 40.28
N VAL F 471 13.58 19.16 40.98
CA VAL F 471 14.67 19.07 41.95
C VAL F 471 14.21 18.34 43.20
N ALA F 472 13.08 18.77 43.76
CA ALA F 472 12.54 18.14 44.96
C ALA F 472 12.57 16.64 44.78
N LYS F 473 11.88 16.18 43.74
CA LYS F 473 11.80 14.75 43.40
C LYS F 473 13.19 14.09 43.25
N ALA F 474 14.21 14.90 42.96
CA ALA F 474 15.56 14.38 42.79
C ALA F 474 16.14 13.98 44.14
N ASP F 475 15.99 14.85 45.14
CA ASP F 475 16.51 14.56 46.47
C ASP F 475 15.86 13.32 47.03
N LYS F 476 14.53 13.28 46.94
CA LYS F 476 13.76 12.14 47.42
C LYS F 476 14.37 10.86 46.87
N LEU F 477 14.82 10.91 45.61
CA LEU F 477 15.43 9.75 44.96
C LEU F 477 16.81 9.43 45.54
N ALA F 478 17.50 10.46 46.02
CA ALA F 478 18.84 10.31 46.60
C ALA F 478 19.78 9.48 45.72
N ALA G 1 5.18 5.99 5.40
CA ALA G 1 5.48 4.66 4.80
C ALA G 1 5.39 4.63 3.27
N THR G 2 6.25 3.83 2.65
CA THR G 2 6.26 3.67 1.20
C THR G 2 6.95 2.33 0.97
N LEU G 3 6.34 1.46 0.17
CA LEU G 3 6.94 0.16 -0.08
C LEU G 3 8.40 0.29 -0.50
N LYS G 4 8.70 1.29 -1.33
CA LYS G 4 10.06 1.50 -1.80
C LYS G 4 11.01 1.76 -0.64
N ASP G 5 10.58 2.60 0.31
CA ASP G 5 11.43 2.95 1.45
C ASP G 5 11.59 1.82 2.42
N ILE G 6 10.49 1.22 2.81
CA ILE G 6 10.56 0.12 3.74
C ILE G 6 11.50 -0.91 3.14
N THR G 7 11.23 -1.34 1.92
CA THR G 7 12.11 -2.30 1.29
C THR G 7 13.58 -1.86 1.42
N ARG G 8 13.85 -0.57 1.34
CA ARG G 8 15.23 -0.07 1.48
C ARG G 8 15.80 -0.29 2.88
N ARG G 9 15.04 0.08 3.90
CA ARG G 9 15.49 -0.08 5.28
C ARG G 9 15.61 -1.54 5.70
N LEU G 10 14.67 -2.38 5.25
CA LEU G 10 14.72 -3.80 5.56
C LEU G 10 16.04 -4.38 5.02
N LYS G 11 16.27 -4.26 3.71
CA LYS G 11 17.51 -4.77 3.10
C LYS G 11 18.69 -4.27 3.90
N SER G 12 18.77 -2.96 4.04
CA SER G 12 19.84 -2.31 4.78
C SER G 12 20.02 -2.80 6.21
N ILE G 13 18.92 -3.11 6.88
CA ILE G 13 19.04 -3.58 8.25
C ILE G 13 19.26 -5.09 8.28
N LYS G 14 18.83 -5.79 7.24
CA LYS G 14 19.08 -7.22 7.18
C LYS G 14 20.61 -7.37 6.99
N ASN G 15 21.20 -6.50 6.16
CA ASN G 15 22.64 -6.51 5.91
C ASN G 15 23.41 -6.27 7.19
N ILE G 16 23.12 -5.14 7.82
CA ILE G 16 23.74 -4.79 9.10
C ILE G 16 23.67 -5.99 10.03
N GLN G 17 22.47 -6.58 10.09
CA GLN G 17 22.22 -7.71 10.95
C GLN G 17 23.22 -8.83 10.67
N LYS G 18 23.45 -9.12 9.40
CA LYS G 18 24.39 -10.18 9.06
C LYS G 18 25.81 -9.87 9.50
N ILE G 19 26.25 -8.64 9.26
CA ILE G 19 27.61 -8.24 9.61
C ILE G 19 27.89 -8.21 11.10
N THR G 20 26.86 -7.91 11.89
CA THR G 20 27.02 -7.81 13.31
C THR G 20 27.13 -9.17 13.97
N LYS G 21 26.41 -10.14 13.41
CA LYS G 21 26.40 -11.49 13.92
C LYS G 21 27.77 -12.12 13.65
N SER G 22 28.33 -11.77 12.49
CA SER G 22 29.64 -12.27 12.09
C SER G 22 30.69 -11.74 13.05
N MET G 23 30.60 -10.45 13.37
CA MET G 23 31.54 -9.83 14.30
C MET G 23 31.44 -10.44 15.70
N LYS G 24 30.23 -10.82 16.11
CA LYS G 24 30.07 -11.41 17.43
C LYS G 24 30.87 -12.71 17.57
N MET G 25 30.95 -13.47 16.49
CA MET G 25 31.68 -14.73 16.50
C MET G 25 33.19 -14.49 16.51
N VAL G 26 33.67 -13.64 15.59
CA VAL G 26 35.09 -13.31 15.54
C VAL G 26 35.45 -12.95 16.97
N ALA G 27 34.81 -11.93 17.52
CA ALA G 27 35.05 -11.51 18.89
C ALA G 27 35.10 -12.76 19.76
N ALA G 28 34.03 -13.56 19.70
CA ALA G 28 33.96 -14.80 20.47
C ALA G 28 35.26 -15.60 20.37
N ALA G 29 35.72 -15.79 19.14
CA ALA G 29 36.95 -16.53 18.84
C ALA G 29 38.13 -15.90 19.59
N LYS G 30 38.31 -14.60 19.38
CA LYS G 30 39.38 -13.87 20.04
C LYS G 30 39.17 -13.89 21.54
N LEU G 77 34.57 -1.66 17.82
CA LEU G 77 33.73 -1.26 18.95
C LEU G 77 33.62 -2.36 20.00
N CYS G 78 33.94 -1.99 21.24
CA CYS G 78 33.91 -2.93 22.34
C CYS G 78 33.08 -2.42 23.53
N GLY G 79 31.88 -1.92 23.26
CA GLY G 79 31.04 -1.43 24.33
C GLY G 79 31.63 -0.24 25.03
N ALA G 80 31.51 -0.20 26.36
CA ALA G 80 32.05 0.90 27.15
C ALA G 80 33.40 0.54 27.77
N ILE G 81 34.11 -0.36 27.10
CA ILE G 81 35.44 -0.76 27.56
C ILE G 81 36.39 0.44 27.43
N HIS G 82 36.78 0.77 26.19
CA HIS G 82 37.70 1.88 25.95
C HIS G 82 37.12 3.15 26.54
N SER G 83 35.80 3.15 26.67
CA SER G 83 35.05 4.28 27.21
C SER G 83 35.50 4.59 28.63
N SER G 84 35.32 3.61 29.52
CA SER G 84 35.66 3.71 30.94
C SER G 84 37.10 4.13 31.26
N VAL G 85 38.06 3.35 30.78
CA VAL G 85 39.46 3.66 31.05
C VAL G 85 39.89 5.05 30.58
N ALA G 86 39.42 5.46 29.41
CA ALA G 86 39.79 6.78 28.91
C ALA G 86 39.15 7.86 29.77
N LYS G 87 37.84 7.78 29.95
CA LYS G 87 37.14 8.77 30.76
C LYS G 87 37.72 8.85 32.19
N GLN G 88 38.37 7.78 32.64
CA GLN G 88 39.00 7.79 33.96
C GLN G 88 40.51 8.01 33.83
N THR G 221 42.48 -7.65 27.26
CA THR G 221 41.87 -8.49 26.25
C THR G 221 40.61 -9.19 26.73
N THR G 222 40.75 -10.11 27.69
CA THR G 222 39.59 -10.85 28.22
C THR G 222 38.37 -9.96 28.20
N SER G 223 38.49 -8.83 28.88
CA SER G 223 37.41 -7.86 28.95
C SER G 223 37.02 -7.39 27.54
N GLU G 224 38.00 -6.84 26.82
CA GLU G 224 37.79 -6.33 25.48
C GLU G 224 36.93 -7.27 24.63
N GLN G 225 37.35 -8.53 24.53
CA GLN G 225 36.58 -9.48 23.75
C GLN G 225 35.23 -9.74 24.39
N SER G 226 35.21 -9.86 25.70
CA SER G 226 33.95 -10.07 26.40
C SER G 226 32.97 -9.05 25.85
N ALA G 227 33.26 -7.79 26.14
CA ALA G 227 32.42 -6.68 25.70
C ALA G 227 32.04 -6.71 24.22
N ARG G 228 33.01 -6.97 23.35
CA ARG G 228 32.74 -7.02 21.92
C ARG G 228 31.76 -8.15 21.63
N MET G 229 31.95 -9.29 22.27
CA MET G 229 31.03 -10.39 22.06
C MET G 229 29.64 -9.84 22.38
N THR G 230 29.47 -9.42 23.64
CA THR G 230 28.21 -8.87 24.14
C THR G 230 27.63 -7.85 23.17
N ALA G 231 28.37 -6.77 22.92
CA ALA G 231 27.95 -5.69 22.01
C ALA G 231 27.32 -6.17 20.71
N MET G 232 28.08 -6.92 19.90
CA MET G 232 27.56 -7.40 18.63
C MET G 232 26.36 -8.27 18.88
N ASP G 233 26.38 -9.04 19.95
CA ASP G 233 25.24 -9.89 20.23
C ASP G 233 23.99 -9.02 20.27
N ASN G 234 23.94 -8.16 21.28
CA ASN G 234 22.82 -7.28 21.44
C ASN G 234 22.56 -6.59 20.11
N ALA G 235 23.59 -6.00 19.54
CA ALA G 235 23.41 -5.33 18.26
C ALA G 235 22.72 -6.27 17.26
N SER G 236 23.08 -7.55 17.28
CA SER G 236 22.48 -8.51 16.37
C SER G 236 21.00 -8.68 16.67
N LYS G 237 20.66 -8.80 17.94
CA LYS G 237 19.26 -8.95 18.32
C LYS G 237 18.51 -7.67 17.96
N ASN G 238 19.01 -6.54 18.45
CA ASN G 238 18.39 -5.25 18.18
C ASN G 238 18.04 -5.02 16.71
N ALA G 239 18.82 -5.59 15.80
CA ALA G 239 18.56 -5.44 14.37
C ALA G 239 17.43 -6.38 13.95
N SER G 240 17.50 -7.62 14.43
CA SER G 240 16.48 -8.62 14.13
C SER G 240 15.15 -8.17 14.69
N GLU G 241 15.13 -7.63 15.91
CA GLU G 241 13.86 -7.17 16.45
C GLU G 241 13.39 -6.01 15.58
N MET G 242 14.33 -5.30 14.97
CA MET G 242 13.95 -4.19 14.11
C MET G 242 13.43 -4.73 12.79
N ILE G 243 14.13 -5.72 12.24
CA ILE G 243 13.66 -6.29 10.98
C ILE G 243 12.25 -6.89 11.20
N ASP G 244 12.09 -7.65 12.27
CA ASP G 244 10.81 -8.26 12.59
C ASP G 244 9.69 -7.23 12.60
N LYS G 245 9.99 -5.99 12.99
CA LYS G 245 8.98 -4.96 13.02
C LYS G 245 8.82 -4.32 11.63
N LEU G 246 9.90 -4.19 10.88
CA LEU G 246 9.78 -3.59 9.54
C LEU G 246 8.96 -4.51 8.62
N THR G 247 9.22 -5.80 8.69
CA THR G 247 8.51 -6.73 7.86
C THR G 247 6.99 -6.72 8.10
N LEU G 248 6.57 -6.63 9.35
CA LEU G 248 5.13 -6.58 9.58
C LEU G 248 4.67 -5.32 8.84
N THR G 249 5.33 -4.20 9.10
CA THR G 249 4.96 -2.98 8.42
C THR G 249 5.07 -3.20 6.92
N PHE G 250 5.99 -4.06 6.50
CA PHE G 250 6.10 -4.33 5.09
C PHE G 250 4.76 -4.84 4.56
N ASN G 251 4.36 -6.02 5.03
CA ASN G 251 3.11 -6.66 4.60
C ASN G 251 1.85 -5.80 4.81
N ARG G 252 1.63 -5.26 6.02
CA ARG G 252 0.50 -4.35 6.23
C ARG G 252 0.47 -3.41 5.02
N THR G 253 1.56 -2.65 4.87
CA THR G 253 1.68 -1.73 3.76
C THR G 253 1.63 -2.43 2.41
N ARG G 254 2.10 -3.67 2.32
CA ARG G 254 2.01 -4.36 1.02
C ARG G 254 0.54 -4.60 0.71
N GLN G 255 -0.21 -5.06 1.71
CA GLN G 255 -1.62 -5.34 1.51
C GLN G 255 -2.37 -4.08 1.14
N ALA G 256 -2.05 -3.00 1.85
CA ALA G 256 -2.69 -1.72 1.61
C ALA G 256 -2.50 -1.25 0.18
N VAL G 257 -1.27 -1.33 -0.35
CA VAL G 257 -1.07 -0.88 -1.72
C VAL G 257 -1.93 -1.68 -2.67
N ILE G 258 -1.97 -3.00 -2.53
CA ILE G 258 -2.80 -3.77 -3.45
C ILE G 258 -4.24 -3.28 -3.35
N THR G 259 -4.73 -3.21 -2.11
CA THR G 259 -6.09 -2.77 -1.84
C THR G 259 -6.37 -1.40 -2.48
N LYS G 260 -5.42 -0.48 -2.38
CA LYS G 260 -5.57 0.84 -2.96
C LYS G 260 -5.69 0.74 -4.46
N GLU G 261 -4.69 0.14 -5.11
CA GLU G 261 -4.66 -0.02 -6.57
C GLU G 261 -5.97 -0.55 -7.14
N LEU G 262 -6.56 -1.50 -6.42
CA LEU G 262 -7.81 -2.16 -6.81
C LEU G 262 -9.03 -1.23 -6.72
N ILE G 263 -9.17 -0.53 -5.60
CA ILE G 263 -10.30 0.39 -5.41
C ILE G 263 -10.24 1.48 -6.48
N GLU G 264 -9.03 1.90 -6.84
CA GLU G 264 -8.89 2.91 -7.88
C GLU G 264 -9.39 2.31 -9.20
N ILE G 265 -8.94 1.10 -9.49
CA ILE G 265 -9.30 0.37 -10.72
C ILE G 265 -10.82 0.24 -10.89
N ILE G 266 -11.52 -0.03 -9.80
CA ILE G 266 -12.97 -0.19 -9.83
C ILE G 266 -13.76 1.11 -9.86
N SER G 267 -13.31 2.13 -9.13
CA SER G 267 -14.02 3.41 -9.15
C SER G 267 -14.12 3.93 -10.57
N GLY G 268 -13.08 3.68 -11.36
CA GLY G 268 -13.10 4.13 -12.72
C GLY G 268 -14.09 3.32 -13.53
N ALA G 269 -14.14 2.02 -13.26
CA ALA G 269 -15.05 1.16 -13.99
C ALA G 269 -16.50 1.48 -13.65
N ALA G 270 -16.77 1.70 -12.36
CA ALA G 270 -18.11 2.02 -11.89
C ALA G 270 -18.50 3.46 -12.22
N ALA G 271 -17.62 4.18 -12.88
CA ALA G 271 -17.87 5.55 -13.26
C ALA G 271 -18.19 5.64 -14.74
N LEU G 272 -18.13 4.51 -15.43
CA LEU G 272 -18.36 4.48 -16.87
C LEU G 272 -19.81 4.55 -17.37
N SER H 4 20.33 -6.04 -2.98
CA SER H 4 20.81 -6.01 -1.56
C SER H 4 22.30 -5.66 -1.37
N GLY H 5 23.07 -5.67 -2.45
CA GLY H 5 24.47 -5.34 -2.41
C GLY H 5 24.83 -4.21 -1.47
N ASP H 6 24.37 -2.98 -1.75
CA ASP H 6 24.67 -1.86 -0.87
C ASP H 6 23.45 -1.13 -0.35
N ASN H 7 22.57 -1.86 0.33
CA ASN H 7 21.36 -1.29 0.87
C ASN H 7 21.68 -0.25 1.92
N VAL H 8 22.64 -0.54 2.79
CA VAL H 8 22.95 0.45 3.80
C VAL H 8 23.00 1.83 3.17
N ARG H 9 24.02 2.08 2.35
CA ARG H 9 24.25 3.36 1.64
C ARG H 9 23.00 3.93 0.92
N SER H 10 22.12 3.06 0.46
CA SER H 10 20.92 3.51 -0.25
C SER H 10 19.84 4.05 0.70
N SER H 11 20.25 4.56 1.86
CA SER H 11 19.36 5.10 2.90
C SER H 11 19.96 6.35 3.57
N ALA H 12 19.81 6.50 4.89
CA ALA H 12 20.31 7.68 5.59
C ALA H 12 21.20 7.46 6.84
N GLY H 13 20.57 7.43 8.03
CA GLY H 13 21.27 7.24 9.30
C GLY H 13 22.68 6.72 9.19
N ALA H 14 22.81 5.41 8.95
CA ALA H 14 24.15 4.84 8.83
C ALA H 14 24.85 5.14 7.49
N VAL H 15 24.11 5.72 6.54
CA VAL H 15 24.68 6.04 5.22
C VAL H 15 25.57 7.26 5.29
N ARG H 16 25.12 8.28 6.00
CA ARG H 16 25.91 9.48 6.13
C ARG H 16 27.22 9.09 6.80
N ASP H 17 27.14 8.12 7.70
CA ASP H 17 28.31 7.61 8.40
C ASP H 17 29.24 6.99 7.35
N ALA H 18 28.79 5.93 6.69
CA ALA H 18 29.59 5.26 5.66
C ALA H 18 30.10 6.29 4.67
N GLY H 19 29.22 7.23 4.32
CA GLY H 19 29.58 8.29 3.42
C GLY H 19 30.72 9.08 4.06
N GLY H 20 30.54 9.46 5.34
CA GLY H 20 31.52 10.21 6.10
C GLY H 20 32.87 9.51 6.21
N ALA H 21 33.01 8.57 7.16
CA ALA H 21 34.25 7.80 7.32
C ALA H 21 34.90 7.73 5.96
N PHE H 22 34.12 7.26 5.00
CA PHE H 22 34.61 7.12 3.65
C PHE H 22 35.44 8.33 3.20
N GLY H 23 34.72 9.39 2.84
CA GLY H 23 35.37 10.60 2.39
C GLY H 23 36.47 11.05 3.31
N LYS H 24 36.22 11.04 4.61
CA LYS H 24 37.25 11.48 5.55
C LYS H 24 38.55 10.75 5.24
N ARG H 25 38.46 9.42 5.25
CA ARG H 25 39.60 8.56 4.97
C ARG H 25 40.35 9.02 3.73
N GLU H 26 39.75 8.74 2.58
CA GLU H 26 40.34 9.09 1.30
C GLU H 26 40.75 10.57 1.26
N GLN H 27 40.19 11.38 2.17
CA GLN H 27 40.52 12.80 2.20
C GLN H 27 41.96 13.00 2.64
N ALA H 28 42.29 12.49 3.82
CA ALA H 28 43.63 12.59 4.37
C ALA H 28 44.59 11.74 3.55
N GLU H 29 44.19 10.50 3.29
CA GLU H 29 45.00 9.62 2.49
C GLU H 29 45.57 10.38 1.29
N GLU H 30 44.68 10.83 0.43
CA GLU H 30 45.10 11.57 -0.75
C GLU H 30 46.05 12.72 -0.43
N GLU H 31 45.74 13.53 0.59
CA GLU H 31 46.66 14.63 0.94
C GLU H 31 47.96 13.94 1.28
N ARG H 32 47.79 12.80 1.93
CA ARG H 32 48.90 11.98 2.34
C ARG H 32 49.65 11.55 1.08
N TYR H 33 48.91 11.33 0.01
CA TYR H 33 49.54 10.90 -1.22
C TYR H 33 49.94 12.12 -2.00
N PHE H 34 49.27 13.23 -1.72
CA PHE H 34 49.50 14.45 -2.43
C PHE H 34 50.93 15.00 -2.40
N ARG H 35 51.46 15.27 -1.23
CA ARG H 35 52.79 15.81 -1.16
C ARG H 35 53.82 14.84 -1.71
N ALA H 36 53.52 13.55 -1.55
CA ALA H 36 54.36 12.43 -1.98
C ALA H 36 54.60 12.52 -3.48
N ARG H 37 53.58 12.99 -4.18
CA ARG H 37 53.63 13.18 -5.61
C ARG H 37 54.78 14.16 -5.92
N ALA H 38 54.87 15.17 -5.05
CA ALA H 38 55.89 16.20 -5.12
C ALA H 38 57.24 15.49 -5.00
N LYS H 39 57.40 14.71 -3.92
CA LYS H 39 58.63 13.97 -3.71
C LYS H 39 59.03 13.32 -5.02
N GLU H 40 58.24 12.34 -5.46
CA GLU H 40 58.49 11.63 -6.71
C GLU H 40 58.87 12.61 -7.82
PG ANP I . 15.06 -8.63 -21.72
O1G ANP I . 14.53 -7.70 -20.65
O2G ANP I . 14.07 -9.66 -22.06
O3G ANP I . 15.51 -7.86 -22.94
PB ANP I . 16.49 -10.95 -20.74
O1B ANP I . 15.95 -11.30 -19.43
O2B ANP I . 15.79 -11.67 -21.80
N3B ANP I . 16.35 -9.34 -21.04
PA ANP I . 19.05 -11.42 -21.98
O1A ANP I . 19.21 -12.70 -22.69
O2A ANP I . 18.62 -10.37 -23.00
O3A ANP I . 18.01 -11.36 -20.77
O5' ANP I . 20.31 -10.96 -21.17
C5' ANP I . 20.91 -9.69 -21.34
C4' ANP I . 22.32 -9.63 -21.63
O4' ANP I . 23.12 -10.58 -20.87
C3' ANP I . 22.66 -9.83 -23.13
O3' ANP I . 23.54 -8.78 -23.60
C2' ANP I . 23.37 -11.19 -23.16
O2' ANP I . 24.41 -11.28 -24.11
C1' ANP I . 23.96 -11.30 -21.73
N9 ANP I . 24.17 -12.69 -21.28
C8 ANP I . 23.27 -13.68 -21.10
N7 ANP I . 23.80 -14.81 -20.69
C5 ANP I . 25.13 -14.54 -20.60
C6 ANP I . 26.24 -15.34 -20.23
N6 ANP I . 26.14 -16.61 -19.86
N1 ANP I . 27.50 -14.76 -20.25
C2 ANP I . 27.61 -13.44 -20.64
N3 ANP I . 26.65 -12.63 -21.00
C4 ANP I . 25.41 -13.25 -20.97
MG MG J . 14.28 -11.41 -23.23
PG ANP K . -9.47 -17.58 19.69
O1G ANP K . -9.23 -16.75 18.45
O2G ANP K . -10.85 -17.46 20.14
O3G ANP K . -9.10 -19.02 19.40
PB ANP K . -8.70 -16.27 22.21
O1B ANP K . -7.94 -15.01 22.32
O2B ANP K . -10.15 -15.99 22.35
N3B ANP K . -8.40 -17.00 20.75
PA ANP K . -8.92 -18.51 23.99
O1A ANP K . -9.79 -18.24 25.14
O2A ANP K . -9.69 -19.15 22.87
O3A ANP K . -8.17 -17.25 23.37
O5' ANP K . -7.68 -19.35 24.41
C5' ANP K . -7.40 -20.60 23.83
C4' ANP K . -6.46 -21.41 24.63
O4' ANP K . -5.54 -20.70 25.53
C3' ANP K . -7.20 -22.42 25.45
O3' ANP K . -7.21 -23.64 24.77
C2' ANP K . -6.48 -22.50 26.78
O2' ANP K . -5.69 -23.65 26.94
C1' ANP K . -5.58 -21.25 26.83
N9 ANP K . -5.92 -20.32 27.89
C8 ANP K . -6.79 -19.29 27.86
N7 ANP K . -6.88 -18.63 29.02
C5 ANP K . -6.01 -19.30 29.84
C6 ANP K . -5.63 -19.08 31.20
N6 ANP K . -6.15 -18.11 31.96
N1 ANP K . -4.68 -19.95 31.76
C2 ANP K . -4.15 -20.95 30.98
N3 ANP K . -4.43 -21.22 29.72
C4 ANP K . -5.38 -20.33 29.18
MG MG L . -11.81 -15.78 20.94
PG ANP M . 1.33 26.02 5.86
O1G ANP M . 1.11 24.55 5.85
O2G ANP M . 0.94 26.53 4.56
O3G ANP M . 0.60 26.69 6.98
PB ANP M . 4.04 26.80 5.12
O1B ANP M . 4.71 25.74 4.34
O2B ANP M . 3.37 27.78 4.21
N3B ANP M . 2.92 26.17 6.13
PA ANP M . 4.93 29.01 6.70
O1A ANP M . 5.45 30.08 5.86
O2A ANP M . 3.47 29.27 6.96
O3A ANP M . 5.07 27.56 6.07
O5' ANP M . 5.67 28.78 8.06
C5' ANP M . 5.03 28.80 9.34
C4' ANP M . 5.87 29.21 10.45
O4' ANP M . 7.30 29.20 10.17
C3' ANP M . 5.50 30.59 10.90
O3' ANP M . 5.44 30.60 12.30
C2' ANP M . 6.60 31.44 10.31
O2' ANP M . 6.83 32.66 10.96
C1' ANP M . 7.81 30.49 10.45
N9 ANP M . 8.93 30.83 9.56
C8 ANP M . 8.97 30.88 8.21
N7 ANP M . 10.15 31.24 7.73
C5 ANP M . 10.92 31.42 8.85
C6 ANP M . 12.27 31.82 9.03
N6 ANP M . 13.08 32.09 8.01
N1 ANP M . 12.74 31.92 10.33
C2 ANP M . 11.90 31.64 11.36
N3 ANP M . 10.64 31.27 11.31
C4 ANP M . 10.19 31.19 10.00
MG MG N . 1.49 28.02 3.20
PG ANP O . 13.14 16.34 -16.49
O1G ANP O . 12.49 15.17 -15.79
O2G ANP O . 12.98 16.17 -17.90
O3G ANP O . 12.54 17.62 -15.94
PB ANP O . 15.87 15.93 -17.05
O1B ANP O . 16.13 14.51 -16.93
O2B ANP O . 15.59 16.29 -18.50
N3B ANP O . 14.63 16.27 -16.09
PA ANP O . 17.98 17.80 -17.02
O1A ANP O . 18.87 17.34 -18.13
O2A ANP O . 17.04 18.85 -17.50
O3A ANP O . 17.08 16.68 -16.43
O5' ANP O . 18.73 18.20 -15.72
C5' ANP O . 18.58 19.49 -15.13
C4' ANP O . 19.64 19.86 -14.17
O4' ANP O . 20.48 18.82 -13.58
C3' ANP O . 20.53 20.86 -14.80
O3' ANP O . 19.92 22.12 -14.68
C2' ANP O . 21.78 20.70 -14.03
O2' ANP O . 21.81 21.41 -12.84
C1' ANP O . 21.82 19.19 -13.77
N9 ANP O . 22.52 18.42 -14.81
C8 ANP O . 22.06 17.55 -15.77
N7 ANP O . 23.04 17.04 -16.56
C5 ANP O . 24.17 17.63 -16.07
C6 ANP O . 25.54 17.52 -16.44
N6 ANP O . 25.95 16.76 -17.44
N1 ANP O . 26.48 18.26 -15.72
C2 ANP O . 26.05 19.04 -14.69
N3 ANP O . 24.81 19.20 -14.27
C4 ANP O . 23.90 18.47 -14.99
MG MG P . 13.85 17.13 -19.55
PG ANP Q . -10.80 8.55 21.80
O1G ANP Q . -10.54 8.63 20.32
O2G ANP Q . -11.92 9.42 22.14
O3G ANP Q . -11.04 7.11 22.18
PB ANP Q . -9.11 10.36 23.32
O1B ANP Q . -8.22 11.17 22.53
O2B ANP Q . -10.34 11.13 23.62
N3B ANP Q . -9.44 9.02 22.44
PA ANP Q . -8.73 10.03 26.14
O1A ANP Q . -8.78 11.38 26.69
O2A ANP Q . -10.09 9.43 26.28
O3A ANP Q . -8.33 9.92 24.61
O5' ANP Q . -7.61 9.09 26.69
C5' ANP Q . -7.84 7.82 27.29
C4' ANP Q . -6.75 7.31 28.13
O4' ANP Q . -5.38 7.69 27.80
C3' ANP Q . -6.97 7.63 29.59
O3' ANP Q . -7.70 6.60 30.18
C2' ANP Q . -5.61 7.65 30.15
O2' ANP Q . -5.20 6.40 30.61
C1' ANP Q . -4.73 8.13 28.98
N9 ANP Q . -4.48 9.56 29.01
C8 ANP Q . -4.77 10.53 28.11
N7 ANP Q . -4.39 11.76 28.48
C5 ANP Q . -3.81 11.54 29.70
C6 ANP Q . -3.20 12.42 30.61
N6 ANP Q . -3.13 13.73 30.39
N1 ANP Q . -2.69 11.90 31.79
C2 ANP Q . -2.78 10.55 32.00
N3 ANP Q . -3.33 9.64 31.20
C4 ANP Q . -3.83 10.21 30.06
MG MG R . -12.30 11.41 22.76
N ASP A 24 -36.91 30.32 -24.87
CA ASP A 24 -35.72 30.32 -25.77
C ASP A 24 -34.66 29.35 -25.26
N LEU A 25 -34.19 28.46 -26.13
CA LEU A 25 -33.17 27.50 -25.74
C LEU A 25 -31.87 27.68 -26.50
N GLU A 26 -31.83 28.66 -27.41
CA GLU A 26 -30.61 28.93 -28.18
C GLU A 26 -29.59 29.71 -27.38
N GLU A 27 -30.07 30.62 -26.53
CA GLU A 27 -29.17 31.42 -25.70
C GLU A 27 -29.56 31.20 -24.24
N THR A 28 -30.51 30.32 -24.01
CA THR A 28 -31.00 30.06 -22.65
C THR A 28 -31.21 28.58 -22.36
N GLY A 29 -31.40 28.27 -21.08
CA GLY A 29 -31.63 26.91 -20.68
C GLY A 29 -32.04 26.85 -19.21
N ARG A 30 -32.83 25.85 -18.84
CA ARG A 30 -33.23 25.69 -17.46
C ARG A 30 -32.31 24.68 -16.79
N VAL A 31 -32.31 24.68 -15.45
CA VAL A 31 -31.47 23.77 -14.68
C VAL A 31 -32.16 22.44 -14.41
N LEU A 32 -31.71 21.40 -15.09
CA LEU A 32 -32.28 20.06 -14.95
C LEU A 32 -32.02 19.48 -13.57
N SER A 33 -30.76 19.57 -13.12
CA SER A 33 -30.37 19.05 -11.82
C SER A 33 -29.14 19.75 -11.28
N ILE A 34 -29.04 19.86 -9.96
CA ILE A 34 -27.90 20.50 -9.34
C ILE A 34 -27.50 19.67 -8.11
N GLY A 35 -26.24 19.30 -8.07
CA GLY A 35 -25.73 18.48 -6.98
C GLY A 35 -24.52 17.73 -7.48
N ASP A 36 -23.55 17.49 -6.61
CA ASP A 36 -22.31 16.81 -6.96
C ASP A 36 -21.29 17.84 -7.41
N GLY A 37 -21.72 19.10 -7.47
CA GLY A 37 -20.83 20.16 -7.89
C GLY A 37 -21.00 20.60 -9.34
N ILE A 38 -21.71 19.80 -10.12
CA ILE A 38 -21.97 20.10 -11.51
C ILE A 38 -23.46 20.25 -11.82
N ALA A 39 -23.84 21.42 -12.32
CA ALA A 39 -25.23 21.70 -12.65
C ALA A 39 -25.54 21.30 -14.07
N ARG A 40 -26.60 20.52 -14.25
CA ARG A 40 -27.02 20.06 -15.56
C ARG A 40 -28.04 21.02 -16.14
N VAL A 41 -27.68 21.68 -17.23
CA VAL A 41 -28.57 22.64 -17.87
C VAL A 41 -29.17 22.10 -19.16
N HIS A 42 -30.47 22.31 -19.33
CA HIS A 42 -31.16 21.88 -20.54
C HIS A 42 -31.26 23.09 -21.47
N GLY A 43 -30.74 22.95 -22.68
CA GLY A 43 -30.78 24.04 -23.63
C GLY A 43 -29.40 24.57 -23.98
N LEU A 44 -29.26 25.90 -23.97
CA LEU A 44 -28.00 26.53 -24.31
C LEU A 44 -27.43 25.93 -25.60
N ARG A 45 -28.32 25.70 -26.56
CA ARG A 45 -27.92 25.09 -27.83
C ARG A 45 -26.74 25.74 -28.53
N ASN A 46 -26.52 27.02 -28.27
CA ASN A 46 -25.42 27.73 -28.91
C ASN A 46 -24.25 28.07 -28.00
N VAL A 47 -24.22 27.56 -26.76
CA VAL A 47 -23.09 27.87 -25.87
C VAL A 47 -21.79 27.25 -26.34
N GLN A 48 -20.70 27.93 -26.01
CA GLN A 48 -19.38 27.47 -26.38
C GLN A 48 -18.76 26.65 -25.26
N ALA A 49 -17.97 25.66 -25.63
CA ALA A 49 -17.27 24.87 -24.62
C ALA A 49 -16.41 25.88 -23.86
N GLU A 50 -16.49 25.84 -22.54
CA GLU A 50 -15.75 26.73 -21.66
C GLU A 50 -16.25 28.17 -21.69
N GLU A 51 -17.54 28.32 -21.96
CA GLU A 51 -18.17 29.63 -22.02
C GLU A 51 -18.77 29.97 -20.66
N MET A 52 -18.58 31.21 -20.20
CA MET A 52 -19.14 31.62 -18.93
C MET A 52 -20.66 31.75 -19.10
N VAL A 53 -21.41 31.34 -18.08
CA VAL A 53 -22.86 31.45 -18.11
C VAL A 53 -23.33 32.10 -16.84
N GLU A 54 -24.55 32.63 -16.85
CA GLU A 54 -25.10 33.30 -15.69
C GLU A 54 -26.34 32.61 -15.16
N PHE A 55 -26.40 32.45 -13.84
CA PHE A 55 -27.57 31.84 -13.23
C PHE A 55 -28.47 32.95 -12.72
N SER A 56 -29.75 32.62 -12.54
CA SER A 56 -30.74 33.57 -12.04
C SER A 56 -30.12 34.35 -10.88
N SER A 57 -29.76 33.62 -9.83
CA SER A 57 -29.17 34.16 -8.61
C SER A 57 -27.96 35.07 -8.75
N GLY A 58 -27.52 35.32 -9.99
CA GLY A 58 -26.37 36.19 -10.20
C GLY A 58 -25.05 35.41 -10.22
N LEU A 59 -25.10 34.20 -9.68
CA LEU A 59 -23.93 33.34 -9.63
C LEU A 59 -23.44 33.03 -11.05
N LYS A 60 -22.15 32.80 -11.21
CA LYS A 60 -21.63 32.48 -12.55
C LYS A 60 -21.12 31.06 -12.66
N GLY A 61 -21.18 30.51 -13.86
CA GLY A 61 -20.69 29.15 -14.08
C GLY A 61 -19.91 29.04 -15.37
N MET A 62 -19.43 27.83 -15.66
CA MET A 62 -18.67 27.59 -16.88
C MET A 62 -19.19 26.36 -17.59
N SER A 63 -19.19 26.42 -18.91
CA SER A 63 -19.64 25.31 -19.75
C SER A 63 -18.50 24.32 -19.87
N LEU A 64 -18.63 23.17 -19.22
CA LEU A 64 -17.55 22.18 -19.28
C LEU A 64 -17.89 20.97 -20.12
N ASN A 65 -19.13 20.51 -20.05
CA ASN A 65 -19.56 19.33 -20.80
C ASN A 65 -20.66 19.61 -21.79
N LEU A 66 -20.33 19.66 -23.08
CA LEU A 66 -21.39 19.85 -24.03
C LEU A 66 -21.80 18.43 -24.37
N GLU A 67 -23.06 18.09 -24.08
CA GLU A 67 -23.60 16.77 -24.37
C GLU A 67 -24.85 16.90 -25.24
N PRO A 68 -25.25 15.81 -25.89
CA PRO A 68 -26.41 15.77 -26.76
C PRO A 68 -27.65 16.46 -26.22
N ASP A 69 -28.07 16.05 -25.03
CA ASP A 69 -29.27 16.59 -24.42
C ASP A 69 -29.04 17.54 -23.23
N ASN A 70 -27.79 17.89 -22.93
CA ASN A 70 -27.58 18.80 -21.81
C ASN A 70 -26.17 19.34 -21.67
N VAL A 71 -26.02 20.36 -20.82
CA VAL A 71 -24.73 20.97 -20.58
C VAL A 71 -24.37 20.86 -19.12
N GLY A 72 -23.12 20.54 -18.86
CA GLY A 72 -22.63 20.44 -17.50
C GLY A 72 -21.92 21.73 -17.19
N VAL A 73 -22.32 22.39 -16.10
CA VAL A 73 -21.73 23.66 -15.74
C VAL A 73 -21.03 23.68 -14.40
N VAL A 74 -19.74 24.01 -14.43
CA VAL A 74 -18.96 24.12 -13.22
C VAL A 74 -19.39 25.44 -12.63
N VAL A 75 -19.96 25.41 -11.43
CA VAL A 75 -20.42 26.63 -10.79
C VAL A 75 -19.32 27.35 -10.02
N PHE A 76 -19.00 28.57 -10.44
CA PHE A 76 -17.96 29.37 -9.80
C PHE A 76 -18.50 30.02 -8.55
N GLY A 77 -19.00 29.21 -7.62
CA GLY A 77 -19.54 29.73 -6.39
C GLY A 77 -20.31 28.65 -5.63
N ASN A 78 -21.21 29.09 -4.76
CA ASN A 78 -21.99 28.15 -3.98
C ASN A 78 -23.08 27.58 -4.87
N ASP A 79 -22.87 26.37 -5.35
CA ASP A 79 -23.85 25.72 -6.21
C ASP A 79 -25.10 25.28 -5.43
N LYS A 80 -25.14 25.55 -4.13
CA LYS A 80 -26.30 25.17 -3.34
C LYS A 80 -27.39 26.18 -3.63
N LEU A 81 -26.98 27.37 -4.08
CA LEU A 81 -27.88 28.46 -4.41
C LEU A 81 -28.63 28.23 -5.72
N ILE A 82 -28.32 27.12 -6.41
CA ILE A 82 -28.98 26.81 -7.66
C ILE A 82 -30.08 25.80 -7.44
N LYS A 83 -31.17 25.94 -8.19
CA LYS A 83 -32.31 25.03 -8.07
C LYS A 83 -32.76 24.59 -9.45
N GLU A 84 -33.41 23.44 -9.52
CA GLU A 84 -33.92 22.93 -10.79
C GLU A 84 -34.91 23.99 -11.31
N GLY A 85 -34.81 24.30 -12.59
CA GLY A 85 -35.70 25.29 -13.17
C GLY A 85 -35.01 26.64 -13.37
N ASP A 86 -34.00 26.93 -12.58
CA ASP A 86 -33.26 28.17 -12.72
C ASP A 86 -32.95 28.44 -14.18
N ILE A 87 -33.08 29.69 -14.60
CA ILE A 87 -32.81 30.08 -15.97
C ILE A 87 -31.32 30.29 -16.11
N VAL A 88 -30.77 29.80 -17.21
CA VAL A 88 -29.34 29.90 -17.46
C VAL A 88 -29.14 30.65 -18.76
N LYS A 89 -28.36 31.74 -18.70
CA LYS A 89 -28.12 32.57 -19.88
C LYS A 89 -26.67 32.59 -20.31
N ARG A 90 -26.44 32.56 -21.62
CA ARG A 90 -25.08 32.60 -22.14
C ARG A 90 -24.56 34.00 -21.98
N THR A 91 -23.24 34.14 -21.90
CA THR A 91 -22.61 35.45 -21.81
C THR A 91 -21.88 35.61 -23.15
N GLY A 92 -21.82 34.50 -23.89
CA GLY A 92 -21.15 34.48 -25.18
C GLY A 92 -19.64 34.53 -25.07
N ALA A 93 -19.13 34.66 -23.85
CA ALA A 93 -17.69 34.73 -23.62
C ALA A 93 -17.01 33.53 -22.94
N ILE A 94 -15.86 33.13 -23.50
CA ILE A 94 -15.09 32.04 -22.92
C ILE A 94 -14.63 32.66 -21.62
N VAL A 95 -14.57 31.87 -20.56
CA VAL A 95 -14.18 32.39 -19.26
C VAL A 95 -12.95 33.30 -19.27
N ASP A 96 -13.14 34.53 -18.84
CA ASP A 96 -12.08 35.51 -18.77
C ASP A 96 -12.22 36.33 -17.51
N VAL A 97 -11.26 37.21 -17.25
CA VAL A 97 -11.29 38.05 -16.06
C VAL A 97 -10.73 39.44 -16.33
N PRO A 98 -11.10 40.41 -15.50
CA PRO A 98 -10.60 41.77 -15.68
C PRO A 98 -9.09 41.70 -15.66
N VAL A 99 -8.45 42.63 -16.35
CA VAL A 99 -6.98 42.66 -16.41
C VAL A 99 -6.56 44.11 -16.45
N GLY A 100 -5.33 44.40 -16.00
CA GLY A 100 -4.87 45.77 -16.06
C GLY A 100 -4.31 46.40 -14.81
N GLU A 101 -3.59 47.50 -14.98
CA GLU A 101 -2.97 48.20 -13.87
C GLU A 101 -3.95 48.63 -12.80
N GLU A 102 -5.22 48.79 -13.15
CA GLU A 102 -6.18 49.21 -12.13
C GLU A 102 -6.51 48.13 -11.11
N LEU A 103 -5.80 46.99 -11.16
CA LEU A 103 -6.01 45.92 -10.19
C LEU A 103 -4.97 46.00 -9.09
N LEU A 104 -3.86 46.68 -9.36
CA LEU A 104 -2.84 46.82 -8.35
C LEU A 104 -3.48 47.43 -7.11
N GLY A 105 -3.02 47.00 -5.94
CA GLY A 105 -3.55 47.54 -4.70
C GLY A 105 -4.90 46.97 -4.33
N ARG A 106 -5.49 46.18 -5.22
CA ARG A 106 -6.80 45.62 -4.92
C ARG A 106 -6.73 44.16 -4.52
N VAL A 107 -7.82 43.69 -3.92
CA VAL A 107 -7.91 42.31 -3.49
C VAL A 107 -9.20 41.79 -4.06
N VAL A 108 -9.11 40.93 -5.07
CA VAL A 108 -10.31 40.41 -5.69
C VAL A 108 -10.47 38.95 -5.39
N ASP A 109 -11.48 38.34 -6.00
CA ASP A 109 -11.71 36.93 -5.85
C ASP A 109 -11.33 36.33 -7.19
N ALA A 110 -11.41 35.01 -7.31
CA ALA A 110 -11.02 34.35 -8.54
C ALA A 110 -11.68 34.84 -9.81
N LEU A 111 -12.80 35.55 -9.68
CA LEU A 111 -13.49 36.07 -10.84
C LEU A 111 -13.10 37.51 -11.13
N GLY A 112 -12.31 38.08 -10.23
CA GLY A 112 -11.87 39.45 -10.40
C GLY A 112 -12.73 40.49 -9.71
N ASN A 113 -13.73 40.04 -8.95
CA ASN A 113 -14.60 40.94 -8.23
C ASN A 113 -13.82 41.45 -7.05
N ALA A 114 -13.86 42.74 -6.81
CA ALA A 114 -13.13 43.31 -5.69
C ALA A 114 -13.74 42.79 -4.39
N ILE A 115 -12.91 42.42 -3.42
CA ILE A 115 -13.46 41.94 -2.14
C ILE A 115 -12.89 42.71 -0.96
N ASP A 116 -12.20 43.81 -1.26
CA ASP A 116 -11.59 44.67 -0.26
C ASP A 116 -12.58 45.75 0.18
N GLY A 117 -13.69 45.85 -0.54
CA GLY A 117 -14.69 46.86 -0.22
C GLY A 117 -14.30 48.23 -0.74
N LYS A 118 -13.21 48.30 -1.51
CA LYS A 118 -12.76 49.57 -2.05
C LYS A 118 -13.48 49.92 -3.34
N GLY A 119 -14.60 49.25 -3.59
CA GLY A 119 -15.40 49.53 -4.76
C GLY A 119 -15.00 48.90 -6.08
N PRO A 120 -15.55 49.42 -7.19
CA PRO A 120 -15.28 48.93 -8.54
C PRO A 120 -13.81 48.93 -8.94
N ILE A 121 -13.51 48.13 -9.95
CA ILE A 121 -12.17 48.02 -10.50
C ILE A 121 -12.30 48.73 -11.85
N GLY A 122 -11.57 49.84 -12.03
CA GLY A 122 -11.65 50.56 -13.28
C GLY A 122 -10.98 49.84 -14.44
N SER A 123 -11.21 48.53 -14.55
CA SER A 123 -10.62 47.69 -15.60
C SER A 123 -11.24 47.96 -16.96
N LYS A 124 -10.40 48.27 -17.94
CA LYS A 124 -10.88 48.57 -19.28
C LYS A 124 -10.41 47.48 -20.24
N ALA A 125 -9.95 46.37 -19.67
CA ALA A 125 -9.47 45.24 -20.44
C ALA A 125 -9.75 43.91 -19.72
N ARG A 126 -9.88 42.84 -20.50
CA ARG A 126 -10.11 41.50 -19.97
C ARG A 126 -9.18 40.51 -20.67
N ARG A 127 -9.04 39.33 -20.09
CA ARG A 127 -8.15 38.34 -20.70
C ARG A 127 -8.68 37.00 -20.31
N ARG A 128 -8.73 36.08 -21.26
CA ARG A 128 -9.21 34.74 -20.95
C ARG A 128 -8.25 34.09 -19.97
N VAL A 129 -8.78 33.36 -19.01
CA VAL A 129 -7.91 32.70 -18.04
C VAL A 129 -7.16 31.54 -18.67
N GLY A 130 -7.75 30.92 -19.69
CA GLY A 130 -7.09 29.80 -20.33
C GLY A 130 -6.21 30.06 -21.56
N LEU A 131 -5.62 31.24 -21.68
CA LEU A 131 -4.76 31.53 -22.83
C LEU A 131 -3.56 30.62 -22.79
N LYS A 132 -3.10 30.16 -23.95
CA LYS A 132 -1.93 29.28 -23.96
C LYS A 132 -0.66 30.07 -23.81
N ALA A 133 0.35 29.45 -23.22
CA ALA A 133 1.61 30.10 -23.00
C ALA A 133 2.39 30.35 -24.29
N PRO A 134 3.37 31.25 -24.23
CA PRO A 134 4.22 31.62 -25.36
C PRO A 134 4.91 30.36 -25.89
N GLY A 135 5.13 30.35 -27.21
CA GLY A 135 5.78 29.21 -27.84
C GLY A 135 7.27 29.31 -27.71
N ILE A 136 7.99 28.61 -28.57
CA ILE A 136 9.44 28.62 -28.52
C ILE A 136 10.08 29.92 -29.02
N ILE A 137 9.53 30.51 -30.08
CA ILE A 137 10.13 31.71 -30.66
C ILE A 137 10.21 33.00 -29.84
N PRO A 138 9.14 33.35 -29.13
CA PRO A 138 9.15 34.59 -28.34
C PRO A 138 9.95 34.57 -27.03
N ARG A 139 10.71 33.51 -26.81
CA ARG A 139 11.44 33.42 -25.56
C ARG A 139 12.92 33.75 -25.67
N ILE A 140 13.52 33.95 -24.52
CA ILE A 140 14.93 34.26 -24.42
C ILE A 140 15.26 33.81 -23.00
N SER A 141 16.43 33.20 -22.79
CA SER A 141 16.82 32.73 -21.48
C SER A 141 16.70 33.86 -20.45
N VAL A 142 16.30 33.54 -19.22
CA VAL A 142 16.19 34.59 -18.21
C VAL A 142 17.56 35.22 -18.03
N ARG A 143 17.59 36.54 -17.91
CA ARG A 143 18.84 37.27 -17.74
C ARG A 143 18.76 38.39 -16.72
N GLU A 144 17.56 38.87 -16.44
CA GLU A 144 17.43 39.94 -15.46
C GLU A 144 17.29 39.33 -14.09
N PRO A 145 17.77 40.02 -13.05
CA PRO A 145 17.64 39.43 -11.72
C PRO A 145 16.25 39.71 -11.17
N MET A 146 15.76 38.76 -10.38
CA MET A 146 14.47 38.85 -9.71
C MET A 146 14.91 38.87 -8.25
N GLN A 147 15.46 39.99 -7.80
CA GLN A 147 15.97 40.15 -6.44
C GLN A 147 14.96 39.80 -5.34
N THR A 148 15.26 38.79 -4.52
CA THR A 148 14.33 38.42 -3.45
C THR A 148 14.64 39.12 -2.16
N GLY A 149 15.88 39.60 -2.01
CA GLY A 149 16.25 40.24 -0.77
C GLY A 149 16.77 39.20 0.21
N ILE A 150 16.27 37.98 0.08
CA ILE A 150 16.66 36.89 0.95
C ILE A 150 18.10 36.45 0.66
N LYS A 151 19.01 36.81 1.55
CA LYS A 151 20.42 36.46 1.38
C LYS A 151 20.64 35.04 0.89
N ALA A 152 20.10 34.07 1.61
CA ALA A 152 20.29 32.67 1.24
C ALA A 152 19.77 32.34 -0.13
N VAL A 153 18.90 33.19 -0.66
CA VAL A 153 18.31 32.94 -1.97
C VAL A 153 19.02 33.59 -3.14
N ASP A 154 18.99 34.91 -3.20
CA ASP A 154 19.62 35.64 -4.28
C ASP A 154 21.07 35.20 -4.52
N SER A 155 21.58 34.35 -3.64
CA SER A 155 22.96 33.85 -3.74
C SER A 155 23.07 32.38 -4.18
N LEU A 156 22.59 31.49 -3.34
CA LEU A 156 22.67 30.05 -3.61
C LEU A 156 21.65 29.50 -4.59
N VAL A 157 20.61 30.27 -4.88
CA VAL A 157 19.56 29.85 -5.80
C VAL A 157 19.01 31.11 -6.45
N PRO A 158 19.87 31.88 -7.14
CA PRO A 158 19.44 33.12 -7.79
C PRO A 158 18.29 32.90 -8.75
N ILE A 159 17.35 33.85 -8.74
CA ILE A 159 16.18 33.80 -9.60
C ILE A 159 16.21 34.83 -10.71
N GLY A 160 15.91 34.38 -11.93
CA GLY A 160 15.89 35.29 -13.06
C GLY A 160 14.46 35.54 -13.48
N ARG A 161 14.16 36.78 -13.85
CA ARG A 161 12.82 37.13 -14.27
C ARG A 161 12.42 36.28 -15.46
N GLY A 162 11.24 35.67 -15.37
CA GLY A 162 10.72 34.83 -16.43
C GLY A 162 10.78 33.37 -16.02
N GLN A 163 11.53 33.10 -14.96
CA GLN A 163 11.74 31.78 -14.43
C GLN A 163 10.61 31.34 -13.49
N ARG A 164 10.53 30.04 -13.23
CA ARG A 164 9.54 29.48 -12.32
C ARG A 164 10.37 28.76 -11.29
N GLU A 165 10.28 29.22 -10.05
CA GLU A 165 11.05 28.60 -8.98
C GLU A 165 10.07 28.06 -7.96
N LEU A 166 10.04 26.75 -7.81
CA LEU A 166 9.13 26.14 -6.87
C LEU A 166 9.56 26.38 -5.43
N ILE A 167 8.58 26.61 -4.58
CA ILE A 167 8.83 26.82 -3.16
C ILE A 167 8.08 25.65 -2.51
N ILE A 168 8.83 24.63 -2.14
CA ILE A 168 8.23 23.45 -1.54
C ILE A 168 8.74 23.23 -0.14
N GLY A 169 7.87 22.71 0.73
CA GLY A 169 8.25 22.45 2.10
C GLY A 169 7.06 21.90 2.85
N ASP A 170 7.24 21.63 4.13
CA ASP A 170 6.14 21.13 4.93
C ASP A 170 5.43 22.36 5.49
N ARG A 171 4.35 22.15 6.25
CA ARG A 171 3.63 23.26 6.84
C ARG A 171 4.59 24.00 7.78
N GLN A 172 4.37 25.30 7.94
CA GLN A 172 5.20 26.10 8.84
C GLN A 172 6.70 25.88 8.66
N THR A 173 7.20 26.16 7.47
CA THR A 173 8.64 26.01 7.22
C THR A 173 9.18 27.34 6.73
N GLY A 174 8.29 28.24 6.36
CA GLY A 174 8.71 29.55 5.90
C GLY A 174 8.42 29.91 4.46
N LYS A 175 7.72 29.01 3.79
CA LYS A 175 7.34 29.20 2.40
C LYS A 175 6.86 30.63 2.09
N THR A 176 5.63 30.93 2.50
CA THR A 176 5.01 32.23 2.26
C THR A 176 5.95 33.42 2.46
N SER A 177 6.69 33.42 3.56
CA SER A 177 7.61 34.53 3.81
C SER A 177 8.61 34.72 2.67
N ILE A 178 9.12 33.63 2.10
CA ILE A 178 10.06 33.77 0.99
C ILE A 178 9.41 34.66 -0.06
N ALA A 179 8.13 34.40 -0.28
CA ALA A 179 7.36 35.15 -1.26
C ALA A 179 7.11 36.57 -0.79
N ILE A 180 6.55 36.70 0.41
CA ILE A 180 6.24 38.02 0.95
C ILE A 180 7.49 38.90 0.95
N ASP A 181 8.58 38.39 1.52
CA ASP A 181 9.83 39.16 1.53
C ASP A 181 10.15 39.61 0.12
N THR A 182 10.07 38.67 -0.82
CA THR A 182 10.32 38.99 -2.21
C THR A 182 9.44 40.16 -2.65
N ILE A 183 8.13 40.07 -2.38
CA ILE A 183 7.21 41.14 -2.75
C ILE A 183 7.58 42.46 -2.08
N ILE A 184 7.73 42.45 -0.76
CA ILE A 184 8.08 43.67 -0.04
C ILE A 184 9.34 44.27 -0.64
N ASN A 185 10.27 43.39 -1.02
CA ASN A 185 11.54 43.79 -1.60
C ASN A 185 11.39 44.66 -2.83
N GLN A 186 10.53 44.25 -3.75
CA GLN A 186 10.35 45.00 -5.00
C GLN A 186 10.09 46.50 -4.86
N LYS A 187 9.62 46.92 -3.69
CA LYS A 187 9.35 48.34 -3.49
C LYS A 187 10.58 49.20 -3.84
N ARG A 188 11.75 48.76 -3.39
CA ARG A 188 12.97 49.50 -3.64
C ARG A 188 13.25 49.70 -5.13
N PHE A 189 12.54 48.95 -5.96
CA PHE A 189 12.73 49.08 -7.41
C PHE A 189 11.60 49.89 -8.01
N ASN A 190 10.37 49.56 -7.63
CA ASN A 190 9.20 50.25 -8.15
C ASN A 190 9.18 51.75 -7.83
N ASP A 191 9.87 52.14 -6.76
CA ASP A 191 9.93 53.55 -6.40
C ASP A 191 11.06 54.21 -7.16
N GLY A 192 11.46 53.59 -8.26
CA GLY A 192 12.51 54.13 -9.10
C GLY A 192 11.82 54.78 -10.28
N THR A 193 12.57 55.09 -11.34
CA THR A 193 11.98 55.72 -12.50
C THR A 193 11.98 54.83 -13.74
N ASP A 194 13.00 53.98 -13.86
CA ASP A 194 13.11 53.08 -15.00
C ASP A 194 12.20 51.84 -14.87
N GLU A 195 11.01 51.94 -15.46
CA GLU A 195 10.00 50.89 -15.45
C GLU A 195 10.55 49.49 -15.77
N LYS A 196 11.78 49.42 -16.28
CA LYS A 196 12.38 48.16 -16.65
C LYS A 196 12.89 47.33 -15.47
N LYS A 197 13.23 48.00 -14.36
CA LYS A 197 13.73 47.29 -13.19
C LYS A 197 12.61 47.02 -12.18
N LYS A 198 11.44 47.61 -12.41
CA LYS A 198 10.30 47.44 -11.51
C LYS A 198 9.74 46.02 -11.61
N LEU A 199 8.76 45.73 -10.76
CA LEU A 199 8.18 44.41 -10.75
C LEU A 199 6.79 44.43 -10.08
N TYR A 200 5.75 44.26 -10.88
CA TYR A 200 4.39 44.24 -10.37
C TYR A 200 4.19 42.84 -9.81
N CYS A 201 3.59 42.74 -8.62
CA CYS A 201 3.40 41.45 -7.98
C CYS A 201 1.98 40.94 -7.95
N ILE A 202 1.85 39.63 -7.82
CA ILE A 202 0.54 38.99 -7.77
C ILE A 202 0.61 37.83 -6.80
N TYR A 203 -0.17 37.91 -5.73
CA TYR A 203 -0.19 36.85 -4.72
C TYR A 203 -1.54 36.18 -4.78
N VAL A 204 -1.53 34.93 -5.20
CA VAL A 204 -2.75 34.18 -5.31
C VAL A 204 -2.91 33.30 -4.10
N ALA A 205 -3.96 33.52 -3.32
CA ALA A 205 -4.22 32.73 -2.14
C ALA A 205 -5.24 31.67 -2.46
N ILE A 206 -4.83 30.40 -2.40
CA ILE A 206 -5.74 29.31 -2.70
C ILE A 206 -5.89 28.37 -1.49
N GLY A 207 -7.08 28.31 -0.93
CA GLY A 207 -7.32 27.42 0.19
C GLY A 207 -6.82 27.90 1.54
N GLN A 208 -6.29 29.11 1.58
CA GLN A 208 -5.81 29.65 2.84
C GLN A 208 -7.04 30.14 3.59
N LYS A 209 -6.82 30.69 4.77
CA LYS A 209 -7.89 31.20 5.61
C LYS A 209 -7.97 32.71 5.41
N ARG A 210 -9.17 33.24 5.21
CA ARG A 210 -9.33 34.68 5.01
C ARG A 210 -8.55 35.49 6.04
N SER A 211 -8.58 35.07 7.30
CA SER A 211 -7.86 35.84 8.31
C SER A 211 -6.42 35.99 7.86
N THR A 212 -5.84 34.91 7.32
CA THR A 212 -4.46 34.97 6.89
C THR A 212 -4.27 35.92 5.70
N VAL A 213 -5.01 35.67 4.63
CA VAL A 213 -4.92 36.53 3.45
C VAL A 213 -5.08 37.98 3.89
N ALA A 214 -6.07 38.23 4.74
CA ALA A 214 -6.34 39.57 5.23
C ALA A 214 -5.11 40.11 5.93
N GLN A 215 -4.59 39.32 6.87
CA GLN A 215 -3.39 39.67 7.62
C GLN A 215 -2.26 39.97 6.64
N LEU A 216 -2.22 39.16 5.58
CA LEU A 216 -1.22 39.27 4.54
C LEU A 216 -1.19 40.65 3.92
N VAL A 217 -2.33 41.09 3.41
CA VAL A 217 -2.40 42.39 2.76
C VAL A 217 -2.18 43.55 3.72
N LYS A 218 -2.55 43.38 5.00
CA LYS A 218 -2.33 44.48 5.92
C LYS A 218 -0.83 44.62 6.05
N ARG A 219 -0.13 43.48 6.06
CA ARG A 219 1.33 43.46 6.15
C ARG A 219 1.91 44.13 4.91
N LEU A 220 1.38 43.77 3.75
CA LEU A 220 1.86 44.37 2.50
C LEU A 220 1.55 45.86 2.45
N THR A 221 0.48 46.27 3.14
CA THR A 221 0.09 47.69 3.16
C THR A 221 1.00 48.53 4.05
N ASP A 222 1.48 47.96 5.14
CA ASP A 222 2.36 48.70 6.03
C ASP A 222 3.75 48.78 5.46
N ALA A 223 4.06 47.84 4.58
CA ALA A 223 5.36 47.79 3.93
C ALA A 223 5.21 48.61 2.66
N ASP A 224 3.98 49.06 2.42
CA ASP A 224 3.63 49.84 1.24
C ASP A 224 4.01 49.11 -0.06
N ALA A 225 3.62 47.85 -0.13
CA ALA A 225 3.89 47.01 -1.28
C ALA A 225 2.63 46.81 -2.10
N MET A 226 1.50 46.78 -1.41
CA MET A 226 0.20 46.57 -2.04
C MET A 226 -0.03 47.47 -3.26
N LYS A 227 0.61 48.63 -3.30
CA LYS A 227 0.43 49.54 -4.42
C LYS A 227 0.86 48.96 -5.75
N TYR A 228 1.71 47.94 -5.73
CA TYR A 228 2.17 47.28 -6.96
C TYR A 228 1.91 45.79 -6.84
N THR A 229 0.86 45.46 -6.09
CA THR A 229 0.51 44.08 -5.85
C THR A 229 -0.96 43.80 -6.05
N ILE A 230 -1.26 42.65 -6.63
CA ILE A 230 -2.63 42.24 -6.82
C ILE A 230 -2.77 40.99 -6.00
N VAL A 231 -3.85 40.88 -5.26
CA VAL A 231 -4.06 39.68 -4.46
C VAL A 231 -5.35 39.03 -4.88
N VAL A 232 -5.24 37.84 -5.45
CA VAL A 232 -6.39 37.08 -5.90
C VAL A 232 -6.67 36.03 -4.83
N SER A 233 -7.86 36.06 -4.25
CA SER A 233 -8.21 35.13 -3.18
C SER A 233 -9.32 34.12 -3.45
N ALA A 234 -9.01 32.85 -3.17
CA ALA A 234 -9.97 31.76 -3.32
C ALA A 234 -9.65 30.91 -2.11
N THR A 235 -10.12 31.37 -0.98
CA THR A 235 -9.86 30.72 0.29
C THR A 235 -10.62 29.45 0.70
N ALA A 236 -10.24 28.91 1.85
CA ALA A 236 -10.80 27.68 2.39
C ALA A 236 -12.31 27.55 2.31
N SER A 237 -13.03 28.67 2.33
CA SER A 237 -14.48 28.62 2.26
C SER A 237 -15.00 28.69 0.82
N ASP A 238 -14.18 29.21 -0.08
CA ASP A 238 -14.59 29.33 -1.47
C ASP A 238 -14.77 27.97 -2.11
N ALA A 239 -15.76 27.88 -3.01
CA ALA A 239 -16.02 26.64 -3.69
C ALA A 239 -14.76 26.15 -4.40
N ALA A 240 -14.71 24.86 -4.66
CA ALA A 240 -13.54 24.28 -5.30
C ALA A 240 -13.20 24.93 -6.66
N PRO A 241 -14.20 25.11 -7.54
CA PRO A 241 -13.93 25.72 -8.84
C PRO A 241 -13.26 27.10 -8.73
N LEU A 242 -13.61 27.85 -7.69
CA LEU A 242 -13.01 29.16 -7.49
C LEU A 242 -11.56 28.96 -7.14
N GLN A 243 -11.28 28.01 -6.25
CA GLN A 243 -9.91 27.72 -5.85
C GLN A 243 -9.18 27.17 -7.04
N TYR A 244 -9.92 26.46 -7.87
CA TYR A 244 -9.39 25.87 -9.09
C TYR A 244 -9.00 26.99 -10.04
N LEU A 245 -9.93 27.92 -10.23
CA LEU A 245 -9.73 29.05 -11.14
C LEU A 245 -8.70 30.11 -10.72
N ALA A 246 -8.65 30.41 -9.44
CA ALA A 246 -7.78 31.46 -8.94
C ALA A 246 -6.40 31.55 -9.60
N PRO A 247 -5.61 30.48 -9.58
CA PRO A 247 -4.29 30.53 -10.19
C PRO A 247 -4.29 31.08 -11.62
N TYR A 248 -5.11 30.47 -12.49
CA TYR A 248 -5.20 30.90 -13.87
C TYR A 248 -5.60 32.37 -13.96
N SER A 249 -6.69 32.72 -13.27
CA SER A 249 -7.16 34.11 -13.27
C SER A 249 -6.02 35.09 -13.01
N GLY A 250 -5.25 34.82 -11.96
CA GLY A 250 -4.14 35.69 -11.63
C GLY A 250 -3.02 35.68 -12.66
N CYS A 251 -2.75 34.52 -13.25
CA CYS A 251 -1.69 34.41 -14.25
C CYS A 251 -2.04 35.39 -15.36
N SER A 252 -3.30 35.35 -15.79
CA SER A 252 -3.76 36.25 -16.83
C SER A 252 -3.49 37.69 -16.42
N MET A 253 -3.71 38.01 -15.16
CA MET A 253 -3.45 39.35 -14.68
C MET A 253 -1.98 39.65 -14.81
N GLY A 254 -1.16 38.66 -14.52
CA GLY A 254 0.28 38.83 -14.61
C GLY A 254 0.72 38.96 -16.06
N GLU A 255 0.07 38.19 -16.93
CA GLU A 255 0.39 38.22 -18.35
C GLU A 255 0.11 39.59 -18.97
N TYR A 256 -0.82 40.33 -18.39
CA TYR A 256 -1.11 41.65 -18.94
C TYR A 256 0.22 42.41 -18.96
N PHE A 257 0.88 42.44 -17.82
CA PHE A 257 2.14 43.15 -17.73
C PHE A 257 3.21 42.49 -18.61
N ARG A 258 3.38 41.18 -18.46
CA ARG A 258 4.37 40.47 -19.26
C ARG A 258 4.33 40.93 -20.70
N ASP A 259 3.24 40.58 -21.39
CA ASP A 259 3.07 40.91 -22.79
C ASP A 259 3.06 42.40 -23.12
N ASN A 260 3.09 43.25 -22.11
CA ASN A 260 3.11 44.68 -22.38
C ASN A 260 4.41 45.31 -21.96
N GLY A 261 5.50 44.58 -22.16
CA GLY A 261 6.81 45.08 -21.82
C GLY A 261 7.18 45.23 -20.36
N LYS A 262 6.23 45.09 -19.45
CA LYS A 262 6.54 45.21 -18.02
C LYS A 262 6.84 43.83 -17.42
N HIS A 263 7.34 43.80 -16.19
CA HIS A 263 7.68 42.55 -15.52
C HIS A 263 6.74 42.25 -14.35
N ALA A 264 6.36 40.99 -14.21
CA ALA A 264 5.47 40.62 -13.12
C ALA A 264 5.95 39.38 -12.41
N LEU A 265 5.51 39.25 -11.17
CA LEU A 265 5.86 38.11 -10.32
C LEU A 265 4.60 37.55 -9.72
N ILE A 266 4.30 36.29 -10.01
CA ILE A 266 3.10 35.70 -9.47
C ILE A 266 3.38 34.50 -8.55
N ILE A 267 2.85 34.58 -7.34
CA ILE A 267 3.03 33.55 -6.32
C ILE A 267 1.74 32.79 -6.10
N TYR A 268 1.72 31.52 -6.47
CA TYR A 268 0.52 30.73 -6.26
C TYR A 268 0.79 30.08 -4.92
N ASP A 269 0.39 30.74 -3.82
CA ASP A 269 0.66 30.16 -2.51
C ASP A 269 -0.04 28.84 -2.37
N ASP A 270 0.78 27.85 -2.66
CA ASP A 270 0.48 26.43 -2.72
C ASP A 270 -0.68 26.05 -3.63
N LEU A 271 -0.25 25.26 -4.61
CA LEU A 271 -1.05 24.68 -5.66
C LEU A 271 -1.47 23.35 -5.11
N SER A 272 -0.80 22.94 -4.03
CA SER A 272 -1.12 21.70 -3.36
C SER A 272 -2.63 21.79 -3.13
N LYS A 273 -3.06 22.93 -2.59
CA LYS A 273 -4.46 23.14 -2.30
C LYS A 273 -5.29 23.28 -3.57
N GLN A 274 -4.73 23.88 -4.61
CA GLN A 274 -5.47 24.01 -5.85
C GLN A 274 -5.73 22.63 -6.44
N ALA A 275 -4.75 21.74 -6.28
CA ALA A 275 -4.88 20.40 -6.78
C ALA A 275 -5.84 19.53 -5.97
N VAL A 276 -5.87 19.69 -4.64
CA VAL A 276 -6.80 18.87 -3.87
C VAL A 276 -8.19 19.41 -4.18
N ALA A 277 -8.22 20.68 -4.56
CA ALA A 277 -9.45 21.35 -4.91
C ALA A 277 -9.94 20.82 -6.24
N TYR A 278 -9.01 20.61 -7.16
CA TYR A 278 -9.36 20.11 -8.48
C TYR A 278 -9.71 18.63 -8.39
N ARG A 279 -9.04 17.93 -7.47
CA ARG A 279 -9.28 16.50 -7.28
C ARG A 279 -10.73 16.31 -6.85
N GLN A 280 -11.27 17.33 -6.17
CA GLN A 280 -12.64 17.29 -5.69
C GLN A 280 -13.61 17.36 -6.83
N MET A 281 -13.35 18.28 -7.76
CA MET A 281 -14.18 18.44 -8.94
C MET A 281 -14.12 17.16 -9.80
N SER A 282 -12.92 16.62 -9.96
CA SER A 282 -12.72 15.43 -10.77
C SER A 282 -13.46 14.20 -10.23
N LEU A 283 -13.24 13.88 -8.96
CA LEU A 283 -13.92 12.72 -8.39
C LEU A 283 -15.44 12.89 -8.42
N LEU A 284 -15.92 14.11 -8.20
CA LEU A 284 -17.35 14.36 -8.24
C LEU A 284 -17.84 14.20 -9.68
N LEU A 285 -16.93 14.39 -10.64
CA LEU A 285 -17.26 14.26 -12.05
C LEU A 285 -17.04 12.82 -12.46
N ARG A 286 -16.76 12.00 -11.46
CA ARG A 286 -16.56 10.57 -11.61
C ARG A 286 -15.41 10.13 -12.51
N ARG A 287 -14.38 10.96 -12.56
CA ARG A 287 -13.20 10.68 -13.36
C ARG A 287 -12.26 9.68 -12.67
N PRO A 288 -11.76 8.69 -13.42
CA PRO A 288 -10.86 7.66 -12.87
C PRO A 288 -9.76 8.18 -11.96
N PRO A 289 -9.80 7.79 -10.68
CA PRO A 289 -8.79 8.23 -9.72
C PRO A 289 -7.45 7.52 -9.99
N GLY A 290 -6.35 8.23 -9.81
CA GLY A 290 -5.08 7.61 -10.03
C GLY A 290 -4.33 7.66 -8.73
N ARG A 291 -3.01 7.61 -8.83
CA ARG A 291 -2.10 7.68 -7.70
C ARG A 291 -2.58 8.78 -6.75
N GLU A 292 -2.85 8.42 -5.50
CA GLU A 292 -3.35 9.35 -4.49
C GLU A 292 -4.71 9.95 -4.87
N ALA A 293 -5.50 9.17 -5.60
CA ALA A 293 -6.82 9.61 -6.02
C ALA A 293 -6.82 10.83 -6.94
N TYR A 294 -5.66 11.44 -7.12
CA TYR A 294 -5.59 12.61 -7.98
C TYR A 294 -5.94 12.18 -9.39
N PRO A 295 -6.59 13.07 -10.16
CA PRO A 295 -6.95 12.72 -11.54
C PRO A 295 -5.70 12.54 -12.43
N GLY A 296 -5.91 12.22 -13.70
CA GLY A 296 -4.77 12.00 -14.56
C GLY A 296 -4.14 13.26 -15.11
N ASP A 297 -4.90 14.34 -15.01
CA ASP A 297 -4.43 15.61 -15.53
C ASP A 297 -4.00 16.66 -14.48
N VAL A 298 -3.66 16.22 -13.27
CA VAL A 298 -3.19 17.16 -12.23
C VAL A 298 -1.76 17.60 -12.53
N PHE A 299 -1.28 17.15 -13.67
CA PHE A 299 0.04 17.54 -14.14
C PHE A 299 -0.27 18.65 -15.13
N TYR A 300 -1.15 18.34 -16.07
CA TYR A 300 -1.58 19.29 -17.07
C TYR A 300 -2.09 20.52 -16.35
N LEU A 301 -2.84 20.28 -15.28
CA LEU A 301 -3.41 21.35 -14.49
C LEU A 301 -2.32 22.33 -14.08
N HIS A 302 -1.22 21.80 -13.54
CA HIS A 302 -0.13 22.64 -13.11
C HIS A 302 0.90 22.96 -14.19
N SER A 303 0.81 22.31 -15.34
CA SER A 303 1.79 22.56 -16.40
C SER A 303 1.38 23.76 -17.24
N ARG A 304 0.15 23.75 -17.72
CA ARG A 304 -0.33 24.82 -18.55
C ARG A 304 -0.19 26.15 -17.83
N LEU A 305 -0.53 26.15 -16.55
CA LEU A 305 -0.43 27.36 -15.73
C LEU A 305 0.99 27.92 -15.61
N LEU A 306 1.94 27.04 -15.32
CA LEU A 306 3.32 27.42 -15.13
C LEU A 306 4.11 27.68 -16.40
N GLU A 307 3.59 27.22 -17.53
CA GLU A 307 4.25 27.43 -18.81
C GLU A 307 4.00 28.87 -19.25
N ARG A 308 3.05 29.51 -18.60
CA ARG A 308 2.72 30.88 -18.92
C ARG A 308 3.67 31.84 -18.22
N ALA A 309 4.56 31.30 -17.40
CA ALA A 309 5.57 32.11 -16.74
C ALA A 309 6.63 32.13 -17.85
N ALA A 310 7.11 33.29 -18.26
CA ALA A 310 8.07 33.32 -19.35
C ALA A 310 8.86 34.61 -19.49
N LYS A 311 10.03 34.48 -20.10
CA LYS A 311 10.92 35.62 -20.36
C LYS A 311 10.88 35.91 -21.85
N MET A 312 10.22 37.01 -22.21
CA MET A 312 10.08 37.40 -23.61
C MET A 312 11.37 37.99 -24.17
N ASN A 313 11.63 37.73 -25.46
CA ASN A 313 12.82 38.33 -26.08
C ASN A 313 12.46 39.74 -26.48
N ASP A 314 13.45 40.56 -26.80
CA ASP A 314 13.20 41.95 -27.18
C ASP A 314 12.22 42.12 -28.33
N ALA A 315 12.19 41.15 -29.24
CA ALA A 315 11.29 41.20 -30.37
C ALA A 315 9.83 41.23 -29.91
N PHE A 316 9.59 40.77 -28.68
CA PHE A 316 8.23 40.73 -28.14
C PHE A 316 7.94 41.66 -26.97
N GLY A 317 8.85 42.61 -26.71
CA GLY A 317 8.61 43.54 -25.62
C GLY A 317 9.53 43.33 -24.45
N GLY A 318 10.27 42.24 -24.48
CA GLY A 318 11.20 41.92 -23.42
C GLY A 318 10.61 41.90 -22.02
N GLY A 319 9.31 41.67 -21.92
CA GLY A 319 8.68 41.61 -20.60
C GLY A 319 8.74 40.19 -20.07
N SER A 320 8.30 40.01 -18.82
CA SER A 320 8.35 38.68 -18.22
C SER A 320 7.42 38.43 -17.04
N LEU A 321 7.03 37.18 -16.87
CA LEU A 321 6.21 36.78 -15.74
C LEU A 321 7.04 35.70 -15.03
N THR A 322 7.29 35.90 -13.74
CA THR A 322 8.07 34.95 -12.96
C THR A 322 7.13 34.21 -12.01
N ALA A 323 7.16 32.88 -12.08
CA ALA A 323 6.28 32.10 -11.23
C ALA A 323 6.94 31.53 -9.98
N LEU A 324 6.33 31.80 -8.83
CA LEU A 324 6.81 31.27 -7.56
C LEU A 324 5.71 30.38 -6.99
N PRO A 325 5.56 29.17 -7.52
CA PRO A 325 4.53 28.24 -7.03
C PRO A 325 4.89 27.69 -5.64
N VAL A 326 3.88 27.48 -4.80
CA VAL A 326 4.16 26.94 -3.49
C VAL A 326 3.58 25.54 -3.38
N ILE A 327 4.22 24.64 -2.66
CA ILE A 327 3.72 23.27 -2.52
C ILE A 327 3.98 22.66 -1.15
N GLU A 328 2.97 22.03 -0.59
CA GLU A 328 3.06 21.40 0.70
C GLU A 328 3.50 19.97 0.59
N THR A 329 4.48 19.58 1.40
CA THR A 329 4.94 18.20 1.43
C THR A 329 4.52 17.66 2.77
N GLN A 330 4.38 16.34 2.84
CA GLN A 330 4.01 15.66 4.08
C GLN A 330 5.24 14.92 4.62
N ALA A 331 5.76 15.42 5.74
CA ALA A 331 6.93 14.84 6.42
C ALA A 331 8.16 14.81 5.51
N GLY A 332 8.53 15.97 4.98
CA GLY A 332 9.68 16.11 4.08
C GLY A 332 9.65 15.25 2.84
N ASP A 333 8.49 14.69 2.53
CA ASP A 333 8.33 13.81 1.39
C ASP A 333 8.31 14.49 0.03
N VAL A 334 9.49 14.80 -0.48
CA VAL A 334 9.59 15.47 -1.75
C VAL A 334 9.42 14.55 -2.94
N SER A 335 9.18 13.28 -2.65
CA SER A 335 8.96 12.30 -3.69
C SER A 335 7.47 12.11 -3.91
N ALA A 336 6.65 12.60 -3.00
CA ALA A 336 5.23 12.45 -3.16
C ALA A 336 4.84 12.85 -4.60
N TYR A 337 3.64 12.44 -5.01
CA TYR A 337 3.09 12.71 -6.34
C TYR A 337 3.16 14.17 -6.81
N ILE A 338 2.18 14.97 -6.40
CA ILE A 338 2.12 16.38 -6.80
C ILE A 338 3.48 17.04 -6.74
N PRO A 339 4.17 16.88 -5.61
CA PRO A 339 5.50 17.49 -5.43
C PRO A 339 6.46 17.24 -6.60
N THR A 340 6.48 16.01 -7.09
CA THR A 340 7.37 15.67 -8.20
C THR A 340 6.84 16.42 -9.42
N ASN A 341 5.54 16.32 -9.66
CA ASN A 341 4.90 16.99 -10.79
C ASN A 341 5.42 18.40 -10.95
N VAL A 342 5.25 19.21 -9.92
CA VAL A 342 5.70 20.58 -10.04
C VAL A 342 7.21 20.73 -10.18
N ILE A 343 7.99 19.87 -9.53
CA ILE A 343 9.42 20.02 -9.70
C ILE A 343 9.78 19.79 -11.17
N SER A 344 9.05 18.86 -11.78
CA SER A 344 9.27 18.50 -13.18
C SER A 344 8.75 19.58 -14.11
N ILE A 345 8.32 20.69 -13.53
CA ILE A 345 7.80 21.80 -14.31
C ILE A 345 8.69 23.04 -14.13
N THR A 346 8.86 23.47 -12.89
CA THR A 346 9.66 24.64 -12.60
C THR A 346 11.09 24.53 -13.10
N ASP A 347 11.84 25.60 -12.91
CA ASP A 347 13.23 25.65 -13.32
C ASP A 347 14.07 25.56 -12.05
N GLY A 348 13.66 24.69 -11.13
CA GLY A 348 14.36 24.54 -9.87
C GLY A 348 13.41 24.56 -8.69
N GLN A 349 13.93 24.43 -7.48
CA GLN A 349 13.11 24.43 -6.26
C GLN A 349 13.85 24.96 -5.06
N ILE A 350 13.11 25.46 -4.08
CA ILE A 350 13.70 25.96 -2.85
C ILE A 350 13.13 25.11 -1.71
N PHE A 351 13.66 23.90 -1.52
CA PHE A 351 13.16 23.01 -0.46
C PHE A 351 13.38 23.64 0.91
N LEU A 352 12.40 23.51 1.79
CA LEU A 352 12.51 24.06 3.15
C LEU A 352 12.46 22.91 4.13
N GLU A 353 13.50 22.80 4.97
CA GLU A 353 13.62 21.72 5.94
C GLU A 353 13.02 21.97 7.31
N THR A 354 12.08 21.12 7.71
CA THR A 354 11.43 21.22 9.01
C THR A 354 12.49 21.26 10.11
N GLU A 355 13.45 20.34 10.01
CA GLU A 355 14.54 20.25 10.99
C GLU A 355 15.33 21.54 11.06
N LEU A 356 15.67 22.08 9.89
CA LEU A 356 16.41 23.33 9.80
C LEU A 356 15.60 24.42 10.50
N PHE A 357 14.33 24.49 10.14
CA PHE A 357 13.41 25.48 10.69
C PHE A 357 13.39 25.42 12.21
N TYR A 358 12.95 24.29 12.74
CA TYR A 358 12.84 24.13 14.18
C TYR A 358 14.16 24.37 14.91
N LYS A 359 15.23 24.51 14.15
CA LYS A 359 16.55 24.73 14.72
C LYS A 359 17.00 26.19 14.67
N GLY A 360 16.08 27.08 14.29
CA GLY A 360 16.45 28.48 14.19
C GLY A 360 17.14 28.78 12.86
N ILE A 361 17.18 27.78 11.97
CA ILE A 361 17.78 27.94 10.63
C ILE A 361 16.67 28.53 9.77
N ARG A 362 16.34 29.78 10.00
CA ARG A 362 15.28 30.38 9.22
C ARG A 362 15.92 31.43 8.33
N PRO A 363 15.69 31.36 7.00
CA PRO A 363 14.86 30.36 6.35
C PRO A 363 15.48 28.97 6.29
N ALA A 364 14.64 27.97 6.53
CA ALA A 364 15.03 26.56 6.54
C ALA A 364 15.25 26.02 5.15
N ILE A 365 15.97 26.78 4.33
CA ILE A 365 16.26 26.37 2.97
C ILE A 365 17.33 25.30 2.98
N ASN A 366 17.07 24.22 2.22
CA ASN A 366 17.98 23.09 2.10
C ASN A 366 18.82 23.32 0.86
N VAL A 367 20.02 23.82 1.05
CA VAL A 367 20.91 24.13 -0.06
C VAL A 367 21.28 22.96 -0.97
N GLY A 368 21.74 21.86 -0.38
CA GLY A 368 22.09 20.72 -1.19
C GLY A 368 21.01 20.26 -2.14
N LEU A 369 19.77 20.17 -1.66
CA LEU A 369 18.68 19.72 -2.51
C LEU A 369 18.04 20.81 -3.37
N SER A 370 18.01 22.04 -2.87
CA SER A 370 17.44 23.16 -3.61
C SER A 370 18.23 23.49 -4.85
N VAL A 371 17.55 23.97 -5.89
CA VAL A 371 18.24 24.31 -7.13
C VAL A 371 17.61 25.45 -7.91
N SER A 372 18.43 26.12 -8.71
CA SER A 372 17.99 27.20 -9.59
C SER A 372 18.64 26.86 -10.94
N ARG A 373 17.88 26.19 -11.80
CA ARG A 373 18.38 25.75 -13.10
C ARG A 373 18.83 26.75 -14.15
N VAL A 374 18.12 27.87 -14.25
CA VAL A 374 18.39 28.92 -15.23
C VAL A 374 18.77 30.25 -14.58
N GLY A 375 18.72 30.29 -13.25
CA GLY A 375 18.99 31.53 -12.54
C GLY A 375 20.35 32.18 -12.51
N SER A 376 21.42 31.41 -12.62
CA SER A 376 22.76 31.98 -12.58
C SER A 376 23.04 33.06 -13.62
N ALA A 377 22.65 32.82 -14.88
CA ALA A 377 22.88 33.81 -15.93
C ALA A 377 22.22 35.12 -15.53
N ALA A 378 21.22 35.02 -14.67
CA ALA A 378 20.48 36.17 -14.22
C ALA A 378 20.96 36.61 -12.85
N GLN A 379 21.88 35.85 -12.27
CA GLN A 379 22.40 36.22 -10.97
C GLN A 379 23.22 37.48 -11.15
N THR A 380 24.23 37.67 -10.32
CA THR A 380 25.11 38.82 -10.44
C THR A 380 26.53 38.28 -10.37
N ARG A 381 27.42 38.75 -11.23
CA ARG A 381 28.81 38.27 -11.21
C ARG A 381 29.35 38.24 -9.77
N ALA A 382 28.90 39.20 -8.96
CA ALA A 382 29.31 39.31 -7.58
C ALA A 382 28.91 38.06 -6.84
N MET A 383 27.61 37.80 -6.80
CA MET A 383 27.07 36.63 -6.15
C MET A 383 27.81 35.43 -6.73
N LYS A 384 27.68 35.26 -8.04
CA LYS A 384 28.31 34.17 -8.78
C LYS A 384 29.61 33.77 -8.12
N GLN A 385 30.45 34.78 -7.89
CA GLN A 385 31.75 34.57 -7.28
C GLN A 385 31.69 33.84 -5.94
N VAL A 386 31.32 34.57 -4.89
CA VAL A 386 31.23 34.01 -3.55
C VAL A 386 30.31 32.80 -3.43
N ALA A 387 29.09 32.91 -3.92
CA ALA A 387 28.12 31.82 -3.86
C ALA A 387 28.65 30.53 -4.49
N GLY A 388 29.44 30.68 -5.55
CA GLY A 388 30.00 29.51 -6.19
C GLY A 388 30.95 28.85 -5.22
N THR A 389 31.77 29.67 -4.56
CA THR A 389 32.73 29.15 -3.60
C THR A 389 31.98 28.62 -2.39
N MET A 390 30.77 29.13 -2.18
CA MET A 390 29.93 28.71 -1.05
C MET A 390 29.29 27.37 -1.33
N LYS A 391 28.89 27.19 -2.59
CA LYS A 391 28.26 25.96 -3.03
C LYS A 391 29.24 24.79 -2.84
N LEU A 392 30.46 24.94 -3.34
CA LEU A 392 31.44 23.86 -3.22
C LEU A 392 31.83 23.59 -1.78
N GLU A 393 31.99 24.67 -1.02
CA GLU A 393 32.37 24.56 0.38
C GLU A 393 31.33 23.85 1.26
N LEU A 394 30.04 24.00 0.93
CA LEU A 394 29.00 23.32 1.69
C LEU A 394 29.02 21.82 1.35
N ALA A 395 29.18 21.51 0.07
CA ALA A 395 29.22 20.14 -0.41
C ALA A 395 30.39 19.36 0.17
N GLN A 396 31.53 20.04 0.39
CA GLN A 396 32.68 19.37 0.97
C GLN A 396 32.25 18.98 2.38
N TYR A 397 31.57 19.91 3.03
CA TYR A 397 31.05 19.76 4.38
C TYR A 397 29.93 18.73 4.52
N ARG A 398 29.03 18.71 3.55
CA ARG A 398 27.90 17.79 3.56
C ARG A 398 28.37 16.34 3.46
N GLU A 399 29.66 16.16 3.16
CA GLU A 399 30.25 14.84 3.02
C GLU A 399 30.92 14.40 4.31
N VAL A 400 31.55 15.35 5.00
CA VAL A 400 32.24 15.06 6.24
C VAL A 400 31.28 15.01 7.42
N ALA A 401 30.35 15.95 7.45
CA ALA A 401 29.36 16.01 8.51
C ALA A 401 28.37 14.85 8.41
N LEU A 410 38.39 14.38 14.30
CA LEU A 410 39.75 14.90 14.37
C LEU A 410 40.30 15.19 12.98
N ASP A 411 41.63 15.21 12.87
CA ASP A 411 42.29 15.48 11.60
C ASP A 411 42.06 16.93 11.20
N ALA A 412 43.13 17.72 11.21
CA ALA A 412 43.08 19.13 10.87
C ALA A 412 42.32 19.44 9.58
N ALA A 413 42.65 18.72 8.51
CA ALA A 413 41.99 18.93 7.22
C ALA A 413 40.48 18.91 7.37
N THR A 414 39.95 17.76 7.77
CA THR A 414 38.51 17.60 7.95
C THR A 414 37.96 18.58 8.99
N GLN A 415 38.76 18.89 10.00
CA GLN A 415 38.35 19.82 11.06
C GLN A 415 37.94 21.17 10.49
N GLN A 416 38.74 21.66 9.54
CA GLN A 416 38.51 22.95 8.90
C GLN A 416 37.21 22.98 8.09
N LEU A 417 36.93 21.91 7.36
CA LEU A 417 35.73 21.83 6.53
C LEU A 417 34.47 21.93 7.38
N LEU A 418 34.59 21.52 8.63
CA LEU A 418 33.46 21.54 9.54
C LEU A 418 33.18 22.93 10.11
N SER A 419 34.22 23.64 10.55
CA SER A 419 34.02 24.98 11.09
C SER A 419 33.30 25.82 10.05
N ARG A 420 33.79 25.78 8.81
CA ARG A 420 33.17 26.52 7.73
C ARG A 420 31.76 26.00 7.54
N GLY A 421 31.67 24.69 7.30
CA GLY A 421 30.41 24.02 7.09
C GLY A 421 29.28 24.46 7.99
N VAL A 422 29.60 24.98 9.17
CA VAL A 422 28.57 25.45 10.09
C VAL A 422 28.36 26.95 9.95
N ARG A 423 29.45 27.71 9.82
CA ARG A 423 29.35 29.16 9.70
C ARG A 423 28.66 29.55 8.39
N LEU A 424 28.86 28.73 7.37
CA LEU A 424 28.23 28.98 6.08
C LEU A 424 26.76 28.61 6.23
N THR A 425 26.49 27.66 7.11
CA THR A 425 25.13 27.22 7.36
C THR A 425 24.45 28.28 8.23
N GLU A 426 25.26 28.94 9.06
CA GLU A 426 24.74 29.99 9.93
C GLU A 426 24.45 31.23 9.12
N LEU A 427 25.05 31.33 7.94
CA LEU A 427 24.83 32.49 7.08
C LEU A 427 23.62 32.28 6.18
N LEU A 428 23.16 31.03 6.14
CA LEU A 428 22.00 30.65 5.34
C LEU A 428 20.71 30.83 6.11
N LYS A 429 20.85 31.21 7.37
CA LYS A 429 19.71 31.48 8.24
C LYS A 429 19.41 32.96 8.08
N GLN A 430 18.12 33.31 7.97
CA GLN A 430 17.70 34.71 7.81
C GLN A 430 16.45 35.09 8.63
N GLY A 431 16.34 36.37 8.94
CA GLY A 431 15.19 36.82 9.71
C GLY A 431 13.96 36.84 8.83
N GLN A 432 12.80 37.07 9.43
CA GLN A 432 11.57 37.09 8.65
C GLN A 432 11.13 38.46 8.22
N TYR A 433 10.52 38.53 7.05
CA TYR A 433 10.03 39.80 6.54
C TYR A 433 11.21 40.75 6.49
N SER A 434 12.38 40.18 6.19
CA SER A 434 13.60 40.95 6.11
C SER A 434 14.48 40.59 4.92
N PRO A 435 14.00 40.90 3.70
CA PRO A 435 14.74 40.62 2.47
C PRO A 435 15.84 41.67 2.26
N MET A 436 17.05 41.20 1.99
CA MET A 436 18.23 42.02 1.80
C MET A 436 18.68 42.28 0.37
N ALA A 437 19.14 43.49 0.11
CA ALA A 437 19.63 43.81 -1.21
C ALA A 437 20.69 42.74 -1.51
N ILE A 438 20.82 42.37 -2.79
CA ILE A 438 21.78 41.35 -3.15
C ILE A 438 23.19 41.73 -2.70
N GLU A 439 23.54 43.00 -2.83
CA GLU A 439 24.87 43.48 -2.43
C GLU A 439 25.19 43.12 -0.99
N GLU A 440 24.27 43.45 -0.09
CA GLU A 440 24.43 43.15 1.33
C GLU A 440 24.69 41.68 1.48
N GLN A 441 24.03 40.89 0.63
CA GLN A 441 24.16 39.43 0.60
C GLN A 441 25.59 38.98 0.29
N VAL A 442 26.07 39.28 -0.91
CA VAL A 442 27.40 38.91 -1.34
C VAL A 442 28.43 39.34 -0.30
N ALA A 443 28.22 40.52 0.29
CA ALA A 443 29.14 41.03 1.29
C ALA A 443 29.26 40.10 2.50
N VAL A 444 28.12 39.67 3.05
CA VAL A 444 28.14 38.78 4.22
C VAL A 444 28.59 37.36 3.90
N ILE A 445 28.17 36.83 2.75
CA ILE A 445 28.60 35.48 2.36
C ILE A 445 30.12 35.55 2.23
N TYR A 446 30.58 36.60 1.54
CA TYR A 446 32.00 36.84 1.31
C TYR A 446 32.77 36.49 2.57
N ALA A 447 32.37 37.12 3.67
CA ALA A 447 32.99 36.91 4.97
C ALA A 447 33.15 35.44 5.30
N GLY A 448 32.13 34.65 4.98
CA GLY A 448 32.19 33.24 5.27
C GLY A 448 33.05 32.45 4.31
N VAL A 449 32.93 32.76 3.02
CA VAL A 449 33.69 32.06 2.01
C VAL A 449 35.19 32.36 2.13
N ARG A 450 35.54 33.62 2.40
CA ARG A 450 36.94 33.98 2.54
C ARG A 450 37.58 33.38 3.79
N GLY A 451 37.03 33.72 4.96
CA GLY A 451 37.57 33.18 6.20
C GLY A 451 37.50 34.08 7.43
N TYR A 452 37.21 35.36 7.23
CA TYR A 452 37.15 36.28 8.36
C TYR A 452 36.24 35.84 9.51
N LEU A 453 35.63 34.66 9.39
CA LEU A 453 34.73 34.19 10.43
C LEU A 453 35.08 32.81 10.98
N ASP A 454 36.31 32.38 10.79
CA ASP A 454 36.75 31.08 11.28
C ASP A 454 37.18 31.16 12.74
N LYS A 455 37.45 32.38 13.21
CA LYS A 455 37.87 32.60 14.58
C LYS A 455 36.65 32.89 15.46
N LEU A 456 35.65 33.55 14.87
CA LEU A 456 34.43 33.90 15.57
C LEU A 456 33.63 32.65 15.90
N GLU A 457 32.88 32.69 16.99
CA GLU A 457 32.07 31.54 17.40
C GLU A 457 30.64 31.61 16.90
N PRO A 458 30.13 30.50 16.38
CA PRO A 458 28.77 30.38 15.83
C PRO A 458 27.77 31.23 16.59
N SER A 459 27.72 31.05 17.91
CA SER A 459 26.81 31.80 18.76
C SER A 459 26.67 33.27 18.39
N LYS A 460 27.75 33.86 17.88
CA LYS A 460 27.73 35.27 17.50
C LYS A 460 27.66 35.49 15.99
N ILE A 461 27.95 34.44 15.22
CA ILE A 461 27.91 34.54 13.77
C ILE A 461 26.69 35.35 13.38
N THR A 462 25.64 35.21 14.18
CA THR A 462 24.40 35.92 13.94
C THR A 462 24.53 37.38 14.34
N LYS A 463 24.60 37.63 15.64
CA LYS A 463 24.70 38.99 16.16
C LYS A 463 25.69 39.84 15.37
N PHE A 464 26.73 39.20 14.84
CA PHE A 464 27.75 39.88 14.05
C PHE A 464 27.19 40.26 12.69
N GLU A 465 26.61 39.28 12.02
CA GLU A 465 26.02 39.46 10.70
C GLU A 465 25.17 40.71 10.67
N ASN A 466 24.27 40.83 11.63
CA ASN A 466 23.38 41.99 11.68
C ASN A 466 24.09 43.26 12.12
N ALA A 467 25.13 43.11 12.93
CA ALA A 467 25.90 44.26 13.41
C ALA A 467 26.75 44.81 12.27
N PHE A 468 27.48 43.90 11.62
CA PHE A 468 28.35 44.23 10.51
C PHE A 468 27.58 44.73 9.31
N LEU A 469 26.36 44.23 9.17
CA LEU A 469 25.51 44.59 8.07
C LEU A 469 25.08 46.04 8.14
N SER A 470 24.38 46.39 9.22
CA SER A 470 23.91 47.75 9.41
C SER A 470 25.06 48.74 9.26
N HIS A 471 26.22 48.37 9.81
CA HIS A 471 27.38 49.24 9.71
C HIS A 471 27.71 49.55 8.27
N VAL A 472 28.02 48.51 7.49
CA VAL A 472 28.35 48.70 6.08
C VAL A 472 27.23 49.45 5.37
N ILE A 473 26.02 49.37 5.91
CA ILE A 473 24.88 50.06 5.31
C ILE A 473 24.82 51.53 5.71
N SER A 474 25.42 51.86 6.85
CA SER A 474 25.40 53.24 7.32
C SER A 474 26.65 54.04 6.99
N GLN A 475 27.81 53.40 7.04
CA GLN A 475 29.05 54.12 6.75
C GLN A 475 29.74 53.71 5.45
N HIS A 476 29.05 52.96 4.60
CA HIS A 476 29.65 52.53 3.33
C HIS A 476 28.67 52.33 2.17
N GLN A 477 27.92 53.37 1.86
CA GLN A 477 26.97 53.32 0.76
C GLN A 477 27.73 53.14 -0.54
N ALA A 478 28.67 54.06 -0.79
CA ALA A 478 29.48 54.03 -1.99
C ALA A 478 30.04 52.65 -2.35
N LEU A 479 30.48 51.89 -1.35
CA LEU A 479 31.02 50.56 -1.60
C LEU A 479 29.95 49.58 -2.06
N LEU A 480 28.91 49.38 -1.25
CA LEU A 480 27.84 48.48 -1.64
C LEU A 480 27.27 49.03 -2.95
N GLY A 481 27.24 50.36 -3.05
CA GLY A 481 26.73 50.98 -4.24
C GLY A 481 27.52 50.60 -5.47
N LYS A 482 28.81 50.32 -5.30
CA LYS A 482 29.67 49.95 -6.40
C LYS A 482 29.55 48.47 -6.77
N ILE A 483 29.04 47.67 -5.86
CA ILE A 483 28.85 46.24 -6.12
C ILE A 483 27.47 46.02 -6.73
N ARG A 484 26.51 46.85 -6.32
CA ARG A 484 25.15 46.78 -6.81
C ARG A 484 25.18 47.18 -8.28
N THR A 485 25.94 48.23 -8.56
CA THR A 485 26.10 48.79 -9.91
C THR A 485 26.86 47.91 -10.88
N ASP A 486 28.06 47.48 -10.48
CA ASP A 486 28.92 46.64 -11.31
C ASP A 486 28.54 45.18 -11.24
N GLY A 487 27.51 44.87 -10.45
CA GLY A 487 27.07 43.50 -10.29
C GLY A 487 28.27 42.56 -10.13
N LYS A 488 29.36 43.12 -9.63
CA LYS A 488 30.60 42.36 -9.45
C LYS A 488 31.48 43.02 -8.40
N ILE A 489 32.23 42.20 -7.67
CA ILE A 489 33.12 42.70 -6.63
C ILE A 489 34.47 42.99 -7.26
N SER A 490 34.74 44.26 -7.53
CA SER A 490 36.01 44.63 -8.13
C SER A 490 37.14 44.40 -7.15
N GLU A 491 38.34 44.20 -7.67
CA GLU A 491 39.52 43.99 -6.85
C GLU A 491 39.71 45.28 -6.05
N GLU A 492 39.25 46.39 -6.62
CA GLU A 492 39.34 47.69 -5.97
C GLU A 492 38.35 47.67 -4.80
N SER A 493 37.17 47.11 -5.05
CA SER A 493 36.11 47.02 -4.04
C SER A 493 36.51 45.96 -3.01
N ASP A 494 36.75 44.74 -3.50
CA ASP A 494 37.14 43.63 -2.65
C ASP A 494 38.20 44.06 -1.67
N ALA A 495 39.15 44.88 -2.14
CA ALA A 495 40.22 45.37 -1.29
C ALA A 495 39.65 46.15 -0.11
N LYS A 496 39.05 47.30 -0.41
CA LYS A 496 38.45 48.16 0.61
C LYS A 496 37.47 47.42 1.50
N LEU A 497 36.91 46.34 0.98
CA LEU A 497 35.95 45.55 1.77
C LEU A 497 36.70 44.83 2.89
N LYS A 498 37.61 43.93 2.52
CA LYS A 498 38.41 43.16 3.48
C LYS A 498 38.83 44.00 4.68
N GLU A 499 39.14 45.26 4.43
CA GLU A 499 39.57 46.19 5.45
C GLU A 499 38.39 46.72 6.28
N ILE A 500 37.23 46.85 5.65
CA ILE A 500 36.03 47.33 6.35
C ILE A 500 35.59 46.33 7.39
N VAL A 501 35.82 45.05 7.12
CA VAL A 501 35.42 44.01 8.08
C VAL A 501 36.50 43.76 9.12
N THR A 502 37.74 43.61 8.66
CA THR A 502 38.85 43.35 9.54
C THR A 502 38.91 44.32 10.72
N ASN A 503 38.98 45.60 10.41
CA ASN A 503 39.02 46.61 11.46
C ASN A 503 37.68 46.60 12.19
N PHE A 504 36.77 45.72 11.77
CA PHE A 504 35.47 45.62 12.41
C PHE A 504 35.33 44.40 13.31
N LEU A 505 36.01 43.32 12.98
CA LEU A 505 35.93 42.13 13.81
C LEU A 505 36.41 42.49 15.20
N ALA A 506 37.69 42.84 15.31
CA ALA A 506 38.31 43.20 16.57
C ALA A 506 37.50 44.19 17.41
N GLY A 507 36.88 45.17 16.76
CA GLY A 507 36.08 46.14 17.50
C GLY A 507 34.79 45.54 18.04
N PHE A 508 34.25 44.57 17.31
CA PHE A 508 33.02 43.88 17.71
C PHE A 508 33.17 43.37 19.13
N GLU A 509 32.14 43.57 19.95
CA GLU A 509 32.19 43.15 21.34
C GLU A 509 31.63 41.74 21.57
N ALA A 510 32.50 40.86 22.04
CA ALA A 510 32.15 39.46 22.32
C ALA A 510 30.73 39.33 22.85
N ASP B 24 -53.18 -6.54 -5.60
CA ASP B 24 -53.00 -5.42 -4.62
C ASP B 24 -51.53 -5.14 -4.35
N LEU B 25 -50.92 -4.39 -5.27
CA LEU B 25 -49.51 -4.02 -5.18
C LEU B 25 -49.23 -3.11 -3.99
N GLU B 26 -50.26 -2.84 -3.22
CA GLU B 26 -50.16 -1.98 -2.05
C GLU B 26 -49.68 -2.74 -0.81
N GLU B 27 -50.14 -3.98 -0.63
CA GLU B 27 -49.73 -4.76 0.53
C GLU B 27 -48.88 -5.96 0.15
N THR B 28 -48.86 -6.28 -1.14
CA THR B 28 -48.09 -7.44 -1.59
C THR B 28 -47.26 -7.09 -2.83
N GLY B 29 -46.35 -7.98 -3.22
CA GLY B 29 -45.53 -7.71 -4.38
C GLY B 29 -44.92 -8.94 -5.02
N ARG B 30 -44.56 -8.82 -6.29
CA ARG B 30 -43.95 -9.93 -7.02
C ARG B 30 -42.44 -9.70 -7.10
N VAL B 31 -41.67 -10.78 -7.04
CA VAL B 31 -40.22 -10.69 -7.14
C VAL B 31 -39.80 -10.48 -8.61
N LEU B 32 -39.07 -9.40 -8.86
CA LEU B 32 -38.61 -9.08 -10.20
C LEU B 32 -37.31 -9.83 -10.46
N SER B 33 -36.44 -9.83 -9.46
CA SER B 33 -35.16 -10.53 -9.54
C SER B 33 -34.73 -11.01 -8.15
N ILE B 34 -33.79 -11.95 -8.13
CA ILE B 34 -33.28 -12.49 -6.87
C ILE B 34 -31.87 -13.06 -7.10
N GLY B 35 -31.00 -12.95 -6.10
CA GLY B 35 -29.67 -13.47 -6.25
C GLY B 35 -28.74 -13.10 -5.11
N ASP B 36 -28.02 -14.10 -4.60
CA ASP B 36 -27.08 -13.86 -3.52
C ASP B 36 -27.77 -13.20 -2.33
N GLY B 37 -29.04 -13.53 -2.15
CA GLY B 37 -29.80 -13.00 -1.02
C GLY B 37 -30.32 -11.59 -1.19
N ILE B 38 -30.55 -11.18 -2.43
CA ILE B 38 -31.06 -9.86 -2.71
C ILE B 38 -32.25 -9.99 -3.65
N ALA B 39 -33.46 -9.79 -3.15
CA ALA B 39 -34.63 -9.91 -4.00
C ALA B 39 -35.23 -8.54 -4.28
N ARG B 40 -35.30 -8.20 -5.57
CA ARG B 40 -35.87 -6.94 -6.01
C ARG B 40 -37.39 -7.08 -6.19
N VAL B 41 -38.14 -6.85 -5.13
CA VAL B 41 -39.60 -6.96 -5.15
C VAL B 41 -40.34 -5.78 -5.76
N HIS B 42 -41.28 -6.10 -6.67
CA HIS B 42 -42.12 -5.10 -7.34
C HIS B 42 -43.39 -4.94 -6.50
N GLY B 43 -44.05 -3.80 -6.62
CA GLY B 43 -45.26 -3.59 -5.82
C GLY B 43 -44.91 -3.36 -4.37
N LEU B 44 -45.72 -3.87 -3.44
CA LEU B 44 -45.43 -3.68 -2.01
C LEU B 44 -45.36 -2.18 -1.74
N ARG B 45 -46.07 -1.42 -2.54
CA ARG B 45 -46.02 0.03 -2.44
C ARG B 45 -46.33 0.66 -1.10
N ASN B 46 -46.55 -0.15 -0.07
CA ASN B 46 -46.85 0.40 1.24
C ASN B 46 -45.95 -0.13 2.35
N VAL B 47 -44.85 -0.78 1.98
CA VAL B 47 -43.90 -1.30 2.98
C VAL B 47 -43.08 -0.17 3.59
N GLN B 48 -42.57 -0.43 4.78
CA GLN B 48 -41.74 0.53 5.49
C GLN B 48 -40.30 0.03 5.42
N ALA B 49 -39.35 0.95 5.57
CA ALA B 49 -37.95 0.58 5.56
C ALA B 49 -37.69 -0.12 6.88
N GLU B 50 -36.93 -1.20 6.82
CA GLU B 50 -36.60 -1.96 8.01
C GLU B 50 -37.76 -2.84 8.44
N GLU B 51 -38.68 -3.13 7.52
CA GLU B 51 -39.85 -3.98 7.84
C GLU B 51 -39.64 -5.40 7.37
N MET B 52 -40.18 -6.34 8.16
CA MET B 52 -40.09 -7.76 7.85
C MET B 52 -41.11 -8.08 6.76
N VAL B 53 -40.75 -9.01 5.88
CA VAL B 53 -41.63 -9.40 4.79
C VAL B 53 -41.62 -10.91 4.68
N GLU B 54 -42.50 -11.47 3.85
CA GLU B 54 -42.56 -12.92 3.66
C GLU B 54 -42.77 -13.29 2.20
N PHE B 55 -42.29 -14.46 1.81
CA PHE B 55 -42.44 -14.96 0.45
C PHE B 55 -43.32 -16.20 0.45
N SER B 56 -43.88 -16.55 -0.70
CA SER B 56 -44.75 -17.73 -0.83
C SER B 56 -44.22 -18.84 0.07
N SER B 57 -42.93 -19.14 -0.08
CA SER B 57 -42.24 -20.17 0.68
C SER B 57 -42.21 -19.96 2.20
N GLY B 58 -42.78 -18.85 2.66
CA GLY B 58 -42.80 -18.58 4.09
C GLY B 58 -41.52 -17.95 4.61
N LEU B 59 -40.52 -17.85 3.74
CA LEU B 59 -39.22 -17.27 4.09
C LEU B 59 -39.33 -15.79 4.53
N LYS B 60 -38.48 -15.41 5.48
CA LYS B 60 -38.48 -14.05 5.99
C LYS B 60 -37.53 -13.13 5.22
N GLY B 61 -37.81 -11.84 5.28
CA GLY B 61 -36.97 -10.87 4.60
C GLY B 61 -37.01 -9.49 5.23
N MET B 62 -36.05 -8.66 4.84
CA MET B 62 -35.98 -7.30 5.35
C MET B 62 -35.89 -6.33 4.18
N SER B 63 -36.78 -5.34 4.17
CA SER B 63 -36.77 -4.33 3.12
C SER B 63 -35.86 -3.21 3.54
N LEU B 64 -34.62 -3.24 3.07
CA LEU B 64 -33.66 -2.20 3.42
C LEU B 64 -33.63 -1.15 2.33
N ASN B 65 -34.12 -1.53 1.16
CA ASN B 65 -34.14 -0.66 0.00
C ASN B 65 -35.55 -0.29 -0.47
N LEU B 66 -36.01 0.89 -0.12
CA LEU B 66 -37.32 1.29 -0.59
C LEU B 66 -37.06 2.21 -1.76
N GLU B 67 -36.93 1.61 -2.94
CA GLU B 67 -36.67 2.35 -4.15
C GLU B 67 -37.96 2.64 -4.92
N PRO B 68 -37.90 3.58 -5.85
CA PRO B 68 -39.06 3.97 -6.66
C PRO B 68 -39.77 2.82 -7.38
N ASP B 69 -39.00 2.09 -8.18
CA ASP B 69 -39.53 0.99 -8.98
C ASP B 69 -39.45 -0.39 -8.35
N ASN B 70 -38.78 -0.51 -7.22
CA ASN B 70 -38.61 -1.81 -6.58
C ASN B 70 -38.33 -1.66 -5.11
N VAL B 71 -38.28 -2.78 -4.41
CA VAL B 71 -37.98 -2.77 -3.00
C VAL B 71 -36.93 -3.82 -2.75
N GLY B 72 -35.66 -3.43 -2.78
CA GLY B 72 -34.59 -4.36 -2.53
C GLY B 72 -34.84 -5.06 -1.22
N VAL B 73 -35.04 -6.37 -1.26
CA VAL B 73 -35.30 -7.11 -0.04
C VAL B 73 -34.22 -8.12 0.25
N VAL B 74 -33.64 -8.00 1.43
CA VAL B 74 -32.60 -8.89 1.93
C VAL B 74 -33.26 -10.17 2.47
N VAL B 75 -32.74 -11.32 2.06
CA VAL B 75 -33.28 -12.61 2.44
C VAL B 75 -32.68 -13.37 3.62
N PHE B 76 -33.56 -13.82 4.53
CA PHE B 76 -33.15 -14.56 5.71
C PHE B 76 -33.18 -16.06 5.41
N GLY B 77 -32.16 -16.56 4.72
CA GLY B 77 -32.15 -17.98 4.42
C GLY B 77 -31.61 -18.35 3.04
N ASN B 78 -32.09 -19.46 2.49
CA ASN B 78 -31.67 -19.96 1.19
C ASN B 78 -32.54 -19.46 0.04
N ASP B 79 -32.03 -18.46 -0.65
CA ASP B 79 -32.74 -17.85 -1.77
C ASP B 79 -33.21 -18.86 -2.83
N LYS B 80 -32.75 -20.11 -2.72
CA LYS B 80 -33.15 -21.13 -3.67
C LYS B 80 -34.66 -21.15 -3.89
N LEU B 81 -35.39 -21.23 -2.79
CA LEU B 81 -36.85 -21.28 -2.83
C LEU B 81 -37.53 -19.97 -3.21
N ILE B 82 -36.78 -19.03 -3.78
CA ILE B 82 -37.34 -17.75 -4.18
C ILE B 82 -37.14 -17.47 -5.65
N LYS B 83 -38.23 -17.57 -6.42
CA LYS B 83 -38.17 -17.34 -7.86
C LYS B 83 -38.82 -16.05 -8.34
N GLU B 84 -38.56 -15.76 -9.62
CA GLU B 84 -39.13 -14.58 -10.26
C GLU B 84 -40.61 -14.82 -10.47
N GLY B 85 -41.43 -13.90 -9.98
CA GLY B 85 -42.87 -14.04 -10.10
C GLY B 85 -43.50 -14.33 -8.76
N ASP B 86 -42.69 -14.84 -7.84
CA ASP B 86 -43.14 -15.16 -6.48
C ASP B 86 -43.74 -13.93 -5.80
N ILE B 87 -44.84 -14.14 -5.09
CA ILE B 87 -45.50 -13.04 -4.41
C ILE B 87 -44.87 -12.84 -3.03
N VAL B 88 -44.83 -11.58 -2.59
CA VAL B 88 -44.26 -11.22 -1.31
C VAL B 88 -45.24 -10.33 -0.55
N LYS B 89 -45.64 -10.78 0.64
CA LYS B 89 -46.59 -10.02 1.44
C LYS B 89 -45.90 -9.30 2.59
N ARG B 90 -46.49 -8.21 3.04
CA ARG B 90 -45.94 -7.45 4.16
C ARG B 90 -46.35 -8.18 5.40
N THR B 91 -45.75 -7.80 6.53
CA THR B 91 -46.10 -8.43 7.78
C THR B 91 -46.54 -7.31 8.70
N GLY B 92 -46.10 -6.09 8.38
CA GLY B 92 -46.45 -4.94 9.20
C GLY B 92 -45.61 -4.98 10.45
N ALA B 93 -45.69 -6.11 11.15
CA ALA B 93 -44.92 -6.34 12.37
C ALA B 93 -43.46 -6.25 11.94
N ILE B 94 -42.74 -5.28 12.51
CA ILE B 94 -41.34 -5.04 12.17
C ILE B 94 -40.37 -6.12 12.66
N VAL B 95 -39.07 -5.87 12.49
CA VAL B 95 -38.01 -6.80 12.91
C VAL B 95 -37.89 -6.84 14.43
N ASP B 96 -38.73 -7.64 15.05
CA ASP B 96 -38.70 -7.74 16.51
C ASP B 96 -38.18 -9.10 16.92
N VAL B 97 -37.60 -9.15 18.11
CA VAL B 97 -37.08 -10.40 18.63
C VAL B 97 -37.61 -10.62 20.02
N PRO B 98 -38.09 -11.84 20.31
CA PRO B 98 -38.63 -12.13 21.63
C PRO B 98 -37.64 -11.67 22.67
N VAL B 99 -38.14 -11.17 23.79
CA VAL B 99 -37.28 -10.70 24.84
C VAL B 99 -37.88 -11.23 26.13
N GLY B 100 -37.06 -11.44 27.16
CA GLY B 100 -37.61 -11.93 28.40
C GLY B 100 -36.98 -13.18 28.97
N GLU B 101 -37.00 -13.28 30.30
CA GLU B 101 -36.43 -14.41 31.01
C GLU B 101 -36.71 -15.77 30.41
N GLU B 102 -37.85 -15.94 29.74
CA GLU B 102 -38.10 -17.25 29.14
C GLU B 102 -37.12 -17.54 28.00
N LEU B 103 -36.08 -16.73 27.90
CA LEU B 103 -35.06 -16.92 26.87
C LEU B 103 -33.83 -17.56 27.49
N LEU B 104 -33.58 -17.25 28.77
CA LEU B 104 -32.44 -17.79 29.50
C LEU B 104 -32.30 -19.29 29.28
N GLY B 105 -31.06 -19.77 29.34
CA GLY B 105 -30.81 -21.18 29.14
C GLY B 105 -31.16 -21.68 27.75
N ARG B 106 -31.59 -20.78 26.88
CA ARG B 106 -31.96 -21.20 25.54
C ARG B 106 -30.96 -20.78 24.47
N VAL B 107 -30.96 -21.50 23.34
CA VAL B 107 -30.08 -21.17 22.23
C VAL B 107 -30.97 -20.96 21.00
N VAL B 108 -31.06 -19.71 20.57
CA VAL B 108 -31.88 -19.34 19.43
C VAL B 108 -31.03 -18.79 18.31
N ASP B 109 -31.66 -18.50 17.17
CA ASP B 109 -30.94 -17.92 16.05
C ASP B 109 -30.90 -16.41 16.25
N ALA B 110 -30.73 -15.66 15.17
CA ALA B 110 -30.66 -14.21 15.23
C ALA B 110 -32.01 -13.54 15.25
N LEU B 111 -33.07 -14.34 15.31
CA LEU B 111 -34.42 -13.79 15.33
C LEU B 111 -35.28 -14.35 16.48
N GLY B 112 -34.63 -14.92 17.49
CA GLY B 112 -35.39 -15.45 18.61
C GLY B 112 -35.95 -16.86 18.43
N ASN B 113 -35.84 -17.43 17.24
CA ASN B 113 -36.33 -18.78 17.01
C ASN B 113 -35.45 -19.81 17.71
N ALA B 114 -36.05 -20.63 18.58
CA ALA B 114 -35.31 -21.66 19.28
C ALA B 114 -34.67 -22.60 18.26
N ILE B 115 -33.40 -22.93 18.47
CA ILE B 115 -32.67 -23.85 17.58
C ILE B 115 -32.01 -24.95 18.41
N ASP B 116 -32.21 -24.88 19.72
CA ASP B 116 -31.62 -25.86 20.61
C ASP B 116 -32.52 -27.09 20.68
N GLY B 117 -33.54 -27.12 19.83
CA GLY B 117 -34.47 -28.23 19.81
C GLY B 117 -35.36 -28.32 21.04
N LYS B 118 -35.00 -27.64 22.11
CA LYS B 118 -35.76 -27.66 23.36
C LYS B 118 -37.13 -27.00 23.29
N GLY B 119 -37.77 -27.09 22.13
CA GLY B 119 -39.10 -26.53 21.98
C GLY B 119 -39.23 -25.03 21.84
N PRO B 120 -40.47 -24.52 21.80
CA PRO B 120 -40.74 -23.09 21.68
C PRO B 120 -40.44 -22.30 22.95
N ILE B 121 -40.03 -21.06 22.74
CA ILE B 121 -39.72 -20.15 23.84
C ILE B 121 -41.04 -19.45 24.16
N GLY B 122 -41.41 -19.41 25.44
CA GLY B 122 -42.65 -18.76 25.81
C GLY B 122 -42.51 -17.27 25.76
N SER B 123 -42.03 -16.77 24.63
CA SER B 123 -41.82 -15.33 24.45
C SER B 123 -42.99 -14.50 24.93
N LYS B 124 -42.86 -13.93 26.11
CA LYS B 124 -43.92 -13.09 26.66
C LYS B 124 -44.01 -11.81 25.83
N ALA B 125 -42.93 -11.03 25.83
CA ALA B 125 -42.88 -9.78 25.08
C ALA B 125 -41.98 -9.87 23.86
N ARG B 126 -41.85 -8.76 23.15
CA ARG B 126 -41.00 -8.68 21.98
C ARG B 126 -40.39 -7.29 21.95
N ARG B 127 -39.26 -7.13 21.26
CA ARG B 127 -38.60 -5.85 21.22
C ARG B 127 -37.87 -5.68 19.88
N ARG B 128 -37.75 -4.44 19.43
CA ARG B 128 -37.09 -4.14 18.15
C ARG B 128 -35.59 -4.21 18.23
N VAL B 129 -34.99 -4.80 17.21
CA VAL B 129 -33.55 -4.96 17.14
C VAL B 129 -32.93 -3.59 16.90
N GLY B 130 -33.65 -2.72 16.21
CA GLY B 130 -33.16 -1.39 15.94
C GLY B 130 -33.77 -0.34 16.85
N LEU B 131 -33.34 -0.34 18.11
CA LEU B 131 -33.85 0.59 19.11
C LEU B 131 -32.85 1.66 19.51
N LYS B 132 -33.35 2.88 19.70
CA LYS B 132 -32.50 3.99 20.08
C LYS B 132 -31.78 3.67 21.38
N ALA B 133 -30.59 4.23 21.55
CA ALA B 133 -29.76 4.01 22.74
C ALA B 133 -30.06 5.04 23.83
N PRO B 134 -29.99 4.63 25.10
CA PRO B 134 -30.25 5.59 26.17
C PRO B 134 -29.50 6.90 25.99
N GLY B 135 -30.19 8.01 26.22
CA GLY B 135 -29.57 9.31 26.06
C GLY B 135 -28.67 9.75 27.22
N ILE B 136 -28.15 10.97 27.10
CA ILE B 136 -27.27 11.52 28.11
C ILE B 136 -27.85 11.50 29.52
N ILE B 137 -29.04 12.08 29.70
CA ILE B 137 -29.69 12.20 30.99
C ILE B 137 -30.01 10.92 31.77
N PRO B 138 -30.56 9.89 31.10
CA PRO B 138 -30.92 8.61 31.74
C PRO B 138 -29.77 7.76 32.29
N ARG B 139 -28.53 8.18 32.07
CA ARG B 139 -27.40 7.40 32.54
C ARG B 139 -26.72 7.97 33.77
N ILE B 140 -25.65 7.32 34.15
CA ILE B 140 -24.86 7.73 35.30
C ILE B 140 -23.53 6.95 35.24
N SER B 141 -22.50 7.52 35.85
CA SER B 141 -21.17 6.91 35.87
C SER B 141 -21.21 5.45 36.28
N VAL B 142 -20.39 4.62 35.65
CA VAL B 142 -20.32 3.20 35.98
C VAL B 142 -19.80 3.08 37.41
N ARG B 143 -20.53 2.36 38.26
CA ARG B 143 -20.15 2.23 39.67
C ARG B 143 -20.16 0.84 40.29
N GLU B 144 -20.68 -0.14 39.56
CA GLU B 144 -20.72 -1.47 40.10
C GLU B 144 -19.87 -2.39 39.26
N PRO B 145 -18.89 -3.07 39.89
CA PRO B 145 -17.99 -3.99 39.19
C PRO B 145 -18.75 -5.03 38.42
N MET B 146 -18.15 -5.45 37.31
CA MET B 146 -18.72 -6.50 36.48
C MET B 146 -17.60 -7.52 36.57
N GLN B 147 -17.62 -8.32 37.64
CA GLN B 147 -16.60 -9.34 37.93
C GLN B 147 -16.46 -10.44 36.89
N THR B 148 -15.28 -10.59 36.34
CA THR B 148 -15.04 -11.62 35.34
C THR B 148 -14.57 -12.90 36.01
N GLY B 149 -13.86 -12.75 37.13
CA GLY B 149 -13.34 -13.90 37.86
C GLY B 149 -11.91 -14.19 37.43
N ILE B 150 -11.42 -13.40 36.47
CA ILE B 150 -10.07 -13.52 35.94
C ILE B 150 -9.20 -12.52 36.65
N LYS B 151 -8.13 -13.00 37.28
CA LYS B 151 -7.24 -12.14 38.04
C LYS B 151 -6.69 -10.94 37.28
N ALA B 152 -6.07 -11.18 36.12
CA ALA B 152 -5.51 -10.09 35.33
C ALA B 152 -6.52 -8.97 35.14
N VAL B 153 -7.69 -9.32 34.65
CA VAL B 153 -8.73 -8.34 34.40
C VAL B 153 -9.26 -7.68 35.67
N ASP B 154 -9.91 -8.48 36.52
CA ASP B 154 -10.49 -7.94 37.74
C ASP B 154 -9.53 -7.08 38.54
N SER B 155 -8.25 -7.42 38.49
CA SER B 155 -7.27 -6.65 39.24
C SER B 155 -6.69 -5.44 38.49
N LEU B 156 -6.17 -5.66 37.28
CA LEU B 156 -5.55 -4.59 36.51
C LEU B 156 -6.42 -3.92 35.43
N VAL B 157 -7.43 -4.63 34.95
CA VAL B 157 -8.30 -4.10 33.92
C VAL B 157 -9.74 -4.23 34.39
N PRO B 158 -10.09 -3.54 35.49
CA PRO B 158 -11.43 -3.56 36.07
C PRO B 158 -12.55 -3.16 35.12
N ILE B 159 -13.69 -3.82 35.23
CA ILE B 159 -14.84 -3.54 34.38
C ILE B 159 -16.03 -3.11 35.22
N GLY B 160 -16.82 -2.19 34.67
CA GLY B 160 -17.99 -1.71 35.37
C GLY B 160 -19.23 -2.13 34.61
N ARG B 161 -20.30 -2.38 35.35
CA ARG B 161 -21.56 -2.78 34.72
C ARG B 161 -22.03 -1.57 33.94
N GLY B 162 -22.33 -1.78 32.66
CA GLY B 162 -22.77 -0.67 31.82
C GLY B 162 -21.65 -0.23 30.87
N GLN B 163 -20.43 -0.56 31.27
CA GLN B 163 -19.25 -0.25 30.52
C GLN B 163 -19.19 -1.10 29.25
N ARG B 164 -18.43 -0.65 28.26
CA ARG B 164 -18.23 -1.40 27.03
C ARG B 164 -16.74 -1.67 26.90
N GLU B 165 -16.33 -2.87 27.29
CA GLU B 165 -14.91 -3.25 27.21
C GLU B 165 -14.69 -4.13 26.00
N LEU B 166 -13.62 -3.86 25.25
CA LEU B 166 -13.31 -4.64 24.05
C LEU B 166 -12.34 -5.77 24.32
N ILE B 167 -12.56 -6.89 23.64
CA ILE B 167 -11.63 -8.00 23.77
C ILE B 167 -11.02 -8.06 22.38
N ILE B 168 -9.75 -7.69 22.29
CA ILE B 168 -9.05 -7.63 21.02
C ILE B 168 -7.76 -8.47 21.02
N GLY B 169 -7.50 -9.13 19.90
CA GLY B 169 -6.31 -9.99 19.78
C GLY B 169 -6.34 -10.85 18.52
N ASP B 170 -5.24 -11.51 18.20
CA ASP B 170 -5.19 -12.33 16.98
C ASP B 170 -5.83 -13.69 17.08
N ARG B 171 -6.08 -14.30 15.92
CA ARG B 171 -6.69 -15.61 15.88
C ARG B 171 -5.97 -16.51 16.88
N GLN B 172 -6.76 -17.25 17.65
CA GLN B 172 -6.27 -18.16 18.67
C GLN B 172 -5.43 -17.54 19.80
N THR B 173 -5.89 -16.42 20.35
CA THR B 173 -5.16 -15.76 21.44
C THR B 173 -5.78 -15.88 22.83
N GLY B 174 -7.05 -16.29 22.90
CA GLY B 174 -7.73 -16.47 24.17
C GLY B 174 -8.97 -15.63 24.38
N LYS B 175 -9.30 -14.80 23.38
CA LYS B 175 -10.46 -13.91 23.44
C LYS B 175 -11.74 -14.53 24.01
N THR B 176 -12.28 -15.51 23.29
CA THR B 176 -13.51 -16.17 23.72
C THR B 176 -13.45 -16.57 25.20
N SER B 177 -12.30 -17.07 25.63
CA SER B 177 -12.12 -17.52 27.01
C SER B 177 -12.20 -16.42 28.04
N ILE B 178 -12.11 -15.18 27.61
CA ILE B 178 -12.24 -14.07 28.54
C ILE B 178 -13.75 -13.99 28.79
N ALA B 179 -14.52 -14.29 27.74
CA ALA B 179 -15.98 -14.26 27.78
C ALA B 179 -16.61 -15.43 28.51
N ILE B 180 -16.20 -16.65 28.20
CA ILE B 180 -16.76 -17.82 28.85
C ILE B 180 -16.47 -17.83 30.33
N ASP B 181 -15.20 -17.78 30.70
CA ASP B 181 -14.86 -17.80 32.11
C ASP B 181 -15.64 -16.71 32.85
N THR B 182 -15.69 -15.51 32.27
CA THR B 182 -16.44 -14.41 32.87
C THR B 182 -17.93 -14.80 33.03
N ILE B 183 -18.51 -15.42 32.00
CA ILE B 183 -19.92 -15.87 32.04
C ILE B 183 -20.09 -16.90 33.16
N ILE B 184 -19.15 -17.85 33.18
CA ILE B 184 -19.14 -18.90 34.18
C ILE B 184 -19.10 -18.30 35.57
N ASN B 185 -18.11 -17.44 35.80
CA ASN B 185 -17.96 -16.82 37.11
C ASN B 185 -19.23 -16.32 37.72
N GLN B 186 -20.07 -15.68 36.92
CA GLN B 186 -21.34 -15.11 37.39
C GLN B 186 -22.20 -15.98 38.33
N LYS B 187 -22.13 -17.30 38.16
CA LYS B 187 -22.88 -18.24 38.97
C LYS B 187 -22.86 -17.94 40.47
N ARG B 188 -21.71 -17.53 40.99
CA ARG B 188 -21.61 -17.19 42.41
C ARG B 188 -22.78 -16.30 42.79
N PHE B 189 -22.82 -15.11 42.19
CA PHE B 189 -23.88 -14.15 42.45
C PHE B 189 -25.24 -14.70 42.09
N ASN B 190 -25.40 -15.08 40.84
CA ASN B 190 -26.66 -15.61 40.37
C ASN B 190 -27.26 -16.71 41.28
N ASP B 191 -26.47 -17.27 42.19
CA ASP B 191 -27.00 -18.28 43.12
C ASP B 191 -27.16 -17.66 44.50
N GLY B 192 -26.19 -16.81 44.89
CA GLY B 192 -26.23 -16.13 46.18
C GLY B 192 -27.56 -15.42 46.47
N THR B 193 -27.62 -14.66 47.56
CA THR B 193 -28.86 -13.97 47.93
C THR B 193 -28.87 -12.47 47.68
N ASP B 194 -27.76 -11.93 47.21
CA ASP B 194 -27.70 -10.49 46.93
C ASP B 194 -28.11 -10.39 45.47
N GLU B 195 -29.32 -9.91 45.22
CA GLU B 195 -29.82 -9.80 43.85
C GLU B 195 -29.27 -8.58 43.13
N LYS B 196 -28.88 -7.57 43.91
CA LYS B 196 -28.32 -6.34 43.33
C LYS B 196 -27.03 -6.72 42.61
N LYS B 197 -26.47 -7.86 42.99
CA LYS B 197 -25.22 -8.37 42.42
C LYS B 197 -25.38 -9.36 41.28
N LYS B 198 -26.56 -9.93 41.09
CA LYS B 198 -26.75 -10.91 40.02
C LYS B 198 -26.48 -10.33 38.65
N LEU B 199 -26.11 -11.19 37.70
CA LEU B 199 -25.82 -10.72 36.35
C LEU B 199 -26.27 -11.68 35.26
N TYR B 200 -27.16 -11.24 34.40
CA TYR B 200 -27.61 -12.11 33.32
C TYR B 200 -26.68 -12.03 32.11
N CYS B 201 -26.46 -13.17 31.46
CA CYS B 201 -25.55 -13.24 30.31
C CYS B 201 -26.14 -13.53 28.95
N ILE B 202 -25.56 -12.91 27.95
CA ILE B 202 -25.99 -13.08 26.58
C ILE B 202 -24.77 -13.20 25.69
N TYR B 203 -24.52 -14.42 25.20
CA TYR B 203 -23.39 -14.66 24.31
C TYR B 203 -23.88 -14.68 22.87
N VAL B 204 -23.48 -13.68 22.10
CA VAL B 204 -23.89 -13.63 20.70
C VAL B 204 -22.76 -14.22 19.90
N ALA B 205 -23.09 -15.24 19.12
CA ALA B 205 -22.09 -15.91 18.27
C ALA B 205 -22.32 -15.51 16.82
N ILE B 206 -21.37 -14.78 16.24
CA ILE B 206 -21.52 -14.35 14.86
C ILE B 206 -20.49 -14.95 13.92
N GLY B 207 -20.96 -15.58 12.86
CA GLY B 207 -20.07 -16.16 11.87
C GLY B 207 -19.30 -17.41 12.26
N GLN B 208 -19.47 -17.86 13.50
CA GLN B 208 -18.78 -19.07 13.97
C GLN B 208 -19.38 -20.28 13.29
N LYS B 209 -18.85 -21.46 13.60
CA LYS B 209 -19.39 -22.70 13.04
C LYS B 209 -20.16 -23.42 14.15
N ARG B 210 -21.35 -23.92 13.82
CA ARG B 210 -22.21 -24.59 14.80
C ARG B 210 -21.46 -25.47 15.80
N SER B 211 -20.51 -26.26 15.28
CA SER B 211 -19.70 -27.15 16.11
C SER B 211 -19.02 -26.40 17.26
N THR B 212 -18.62 -25.15 17.01
CA THR B 212 -17.94 -24.35 18.02
C THR B 212 -18.92 -23.78 19.02
N VAL B 213 -20.14 -23.55 18.56
CA VAL B 213 -21.17 -23.03 19.44
C VAL B 213 -21.58 -24.21 20.30
N ALA B 214 -21.68 -25.37 19.66
CA ALA B 214 -22.07 -26.59 20.34
C ALA B 214 -21.22 -26.78 21.59
N GLN B 215 -19.90 -26.74 21.40
CA GLN B 215 -18.96 -26.93 22.50
C GLN B 215 -19.10 -25.80 23.50
N LEU B 216 -19.47 -24.64 22.99
CA LEU B 216 -19.63 -23.46 23.82
C LEU B 216 -20.77 -23.64 24.82
N VAL B 217 -21.92 -24.05 24.30
CA VAL B 217 -23.09 -24.25 25.13
C VAL B 217 -22.91 -25.44 26.08
N LYS B 218 -22.00 -26.35 25.72
CA LYS B 218 -21.72 -27.51 26.55
C LYS B 218 -20.94 -27.04 27.76
N ARG B 219 -19.83 -26.34 27.49
CA ARG B 219 -18.98 -25.83 28.57
C ARG B 219 -19.85 -25.10 29.56
N LEU B 220 -20.74 -24.27 29.02
CA LEU B 220 -21.66 -23.52 29.86
C LEU B 220 -22.64 -24.44 30.58
N THR B 221 -23.12 -25.47 29.88
CA THR B 221 -24.04 -26.44 30.45
C THR B 221 -23.40 -27.06 31.70
N ASP B 222 -22.20 -27.60 31.52
CA ASP B 222 -21.49 -28.25 32.60
C ASP B 222 -21.09 -27.31 33.73
N ALA B 223 -21.07 -26.01 33.47
CA ALA B 223 -20.73 -25.06 34.52
C ALA B 223 -22.05 -24.65 35.15
N ASP B 224 -23.13 -25.08 34.49
CA ASP B 224 -24.49 -24.77 34.90
C ASP B 224 -24.77 -23.28 34.68
N ALA B 225 -23.97 -22.64 33.82
CA ALA B 225 -24.11 -21.22 33.51
C ALA B 225 -25.30 -20.96 32.58
N MET B 226 -25.59 -21.92 31.72
CA MET B 226 -26.70 -21.83 30.79
C MET B 226 -28.03 -21.31 31.37
N LYS B 227 -28.35 -21.69 32.60
CA LYS B 227 -29.61 -21.24 33.18
C LYS B 227 -29.78 -19.73 32.99
N TYR B 228 -28.74 -18.95 33.26
CA TYR B 228 -28.81 -17.50 33.12
C TYR B 228 -28.17 -16.95 31.86
N THR B 229 -27.96 -17.80 30.87
CA THR B 229 -27.33 -17.36 29.63
C THR B 229 -28.20 -17.51 28.39
N ILE B 230 -28.08 -16.56 27.48
CA ILE B 230 -28.81 -16.58 26.23
C ILE B 230 -27.77 -16.68 25.12
N VAL B 231 -27.78 -17.78 24.39
CA VAL B 231 -26.82 -17.93 23.33
C VAL B 231 -27.50 -17.61 22.00
N VAL B 232 -27.15 -16.46 21.44
CA VAL B 232 -27.71 -16.02 20.17
C VAL B 232 -26.69 -16.52 19.16
N SER B 233 -27.13 -17.36 18.23
CA SER B 233 -26.22 -17.94 17.26
C SER B 233 -26.53 -17.69 15.79
N ALA B 234 -25.61 -16.98 15.15
CA ALA B 234 -25.68 -16.67 13.72
C ALA B 234 -24.40 -17.31 13.20
N THR B 235 -24.52 -18.51 12.63
CA THR B 235 -23.35 -19.22 12.15
C THR B 235 -22.95 -18.94 10.69
N ALA B 236 -21.78 -19.42 10.31
CA ALA B 236 -21.24 -19.24 8.97
C ALA B 236 -22.19 -19.62 7.82
N SER B 237 -23.16 -20.48 8.12
CA SER B 237 -24.11 -20.93 7.11
C SER B 237 -25.42 -20.15 7.11
N ASP B 238 -25.68 -19.41 8.19
CA ASP B 238 -26.87 -18.58 8.27
C ASP B 238 -26.56 -17.39 7.36
N ALA B 239 -27.56 -16.91 6.62
CA ALA B 239 -27.36 -15.77 5.70
C ALA B 239 -26.80 -14.48 6.32
N ALA B 240 -25.98 -13.75 5.56
CA ALA B 240 -25.37 -12.50 6.01
C ALA B 240 -26.30 -11.66 6.90
N PRO B 241 -27.49 -11.28 6.40
CA PRO B 241 -28.47 -10.49 7.15
C PRO B 241 -28.81 -11.01 8.54
N LEU B 242 -28.76 -12.33 8.70
CA LEU B 242 -29.05 -12.94 10.00
C LEU B 242 -27.91 -12.62 10.98
N GLN B 243 -26.69 -12.73 10.50
CA GLN B 243 -25.51 -12.47 11.30
C GLN B 243 -25.45 -11.01 11.68
N TYR B 244 -25.70 -10.14 10.69
CA TYR B 244 -25.71 -8.70 10.92
C TYR B 244 -26.65 -8.39 12.07
N LEU B 245 -27.89 -8.89 11.98
CA LEU B 245 -28.89 -8.65 13.00
C LEU B 245 -28.54 -9.19 14.38
N ALA B 246 -27.97 -10.40 14.40
CA ALA B 246 -27.60 -11.09 15.63
C ALA B 246 -27.19 -10.19 16.78
N PRO B 247 -26.18 -9.34 16.57
CA PRO B 247 -25.77 -8.45 17.66
C PRO B 247 -26.91 -7.53 18.11
N TYR B 248 -27.65 -6.97 17.17
CA TYR B 248 -28.73 -6.09 17.55
C TYR B 248 -29.85 -6.82 18.30
N SER B 249 -30.14 -8.04 17.87
CA SER B 249 -31.18 -8.84 18.50
C SER B 249 -30.73 -9.23 19.91
N GLY B 250 -29.44 -9.53 20.06
CA GLY B 250 -28.92 -9.87 21.37
C GLY B 250 -29.05 -8.64 22.29
N CYS B 251 -28.64 -7.48 21.77
CA CYS B 251 -28.70 -6.23 22.52
C CYS B 251 -30.11 -5.97 23.07
N SER B 252 -31.11 -6.09 22.21
CA SER B 252 -32.49 -5.89 22.62
C SER B 252 -32.83 -6.86 23.74
N MET B 253 -32.40 -8.11 23.60
CA MET B 253 -32.66 -9.12 24.62
C MET B 253 -32.03 -8.77 25.96
N GLY B 254 -30.90 -8.08 25.93
CA GLY B 254 -30.25 -7.71 27.16
C GLY B 254 -30.74 -6.37 27.68
N GLU B 255 -31.35 -5.56 26.80
CA GLU B 255 -31.86 -4.27 27.23
C GLU B 255 -33.13 -4.43 28.07
N TYR B 256 -33.82 -5.54 27.86
CA TYR B 256 -35.04 -5.85 28.60
C TYR B 256 -34.66 -5.91 30.06
N PHE B 257 -33.53 -6.52 30.36
CA PHE B 257 -33.09 -6.60 31.74
C PHE B 257 -32.72 -5.22 32.20
N ARG B 258 -32.10 -4.44 31.32
CA ARG B 258 -31.69 -3.10 31.67
C ARG B 258 -32.90 -2.24 32.02
N ASP B 259 -33.98 -2.42 31.27
CA ASP B 259 -35.20 -1.67 31.48
C ASP B 259 -36.09 -2.20 32.59
N ASN B 260 -35.51 -2.97 33.51
CA ASN B 260 -36.27 -3.54 34.63
C ASN B 260 -35.44 -3.60 35.90
N GLY B 261 -34.33 -2.85 35.94
CA GLY B 261 -33.51 -2.84 37.13
C GLY B 261 -32.57 -4.03 37.29
N LYS B 262 -32.35 -4.74 36.20
CA LYS B 262 -31.44 -5.89 36.24
C LYS B 262 -30.16 -5.51 35.51
N HIS B 263 -29.15 -6.36 35.63
CA HIS B 263 -27.87 -6.13 34.99
C HIS B 263 -27.58 -7.28 34.04
N ALA B 264 -27.33 -6.95 32.77
CA ALA B 264 -27.05 -7.98 31.79
C ALA B 264 -25.66 -7.76 31.22
N LEU B 265 -25.06 -8.87 30.83
CA LEU B 265 -23.74 -8.86 30.24
C LEU B 265 -23.90 -9.37 28.84
N ILE B 266 -23.26 -8.71 27.89
CA ILE B 266 -23.36 -9.19 26.53
C ILE B 266 -22.00 -9.23 25.86
N ILE B 267 -21.77 -10.34 25.17
CA ILE B 267 -20.53 -10.56 24.46
C ILE B 267 -20.81 -10.62 22.96
N TYR B 268 -19.96 -9.98 22.18
CA TYR B 268 -20.13 -9.97 20.73
C TYR B 268 -18.92 -10.59 20.07
N ASP B 269 -18.98 -11.90 19.80
CA ASP B 269 -17.86 -12.56 19.18
C ASP B 269 -17.51 -11.94 17.86
N ASP B 270 -16.31 -11.37 17.81
CA ASP B 270 -15.83 -10.67 16.63
C ASP B 270 -16.93 -9.92 15.86
N LEU B 271 -17.11 -8.66 16.22
CA LEU B 271 -18.08 -7.80 15.54
C LEU B 271 -17.54 -7.78 14.13
N SER B 272 -16.23 -7.96 14.05
CA SER B 272 -15.53 -8.00 12.78
C SER B 272 -16.29 -8.85 11.76
N LYS B 273 -16.70 -10.06 12.17
CA LYS B 273 -17.44 -10.92 11.26
C LYS B 273 -18.77 -10.28 10.96
N GLN B 274 -19.38 -9.65 11.95
CA GLN B 274 -20.64 -8.95 11.72
C GLN B 274 -20.35 -7.91 10.65
N ALA B 275 -19.25 -7.20 10.84
CA ALA B 275 -18.85 -6.18 9.89
C ALA B 275 -18.80 -6.82 8.51
N VAL B 276 -18.15 -7.96 8.40
CA VAL B 276 -18.04 -8.64 7.11
C VAL B 276 -19.41 -8.96 6.51
N ALA B 277 -20.34 -9.38 7.36
CA ALA B 277 -21.68 -9.71 6.90
C ALA B 277 -22.44 -8.48 6.40
N TYR B 278 -22.28 -7.36 7.09
CA TYR B 278 -22.96 -6.14 6.68
C TYR B 278 -22.45 -5.69 5.32
N ARG B 279 -21.13 -5.82 5.10
CA ARG B 279 -20.51 -5.43 3.85
C ARG B 279 -21.07 -6.19 2.67
N GLN B 280 -21.64 -7.34 2.95
CA GLN B 280 -22.19 -8.16 1.89
C GLN B 280 -23.59 -7.67 1.50
N MET B 281 -24.52 -7.64 2.46
CA MET B 281 -25.86 -7.17 2.14
C MET B 281 -25.71 -5.89 1.33
N SER B 282 -25.10 -4.89 1.97
CA SER B 282 -24.88 -3.59 1.38
C SER B 282 -24.31 -3.61 -0.03
N LEU B 283 -23.18 -4.31 -0.21
CA LEU B 283 -22.54 -4.41 -1.51
C LEU B 283 -23.48 -5.06 -2.52
N LEU B 284 -24.23 -6.05 -2.05
CA LEU B 284 -25.18 -6.76 -2.91
C LEU B 284 -26.40 -5.91 -3.25
N LEU B 285 -26.68 -4.91 -2.41
CA LEU B 285 -27.79 -3.99 -2.61
C LEU B 285 -27.30 -2.85 -3.47
N ARG B 286 -26.06 -2.98 -3.90
CA ARG B 286 -25.38 -2.02 -4.76
C ARG B 286 -25.30 -0.61 -4.18
N ARG B 287 -24.87 -0.57 -2.92
CA ARG B 287 -24.67 0.68 -2.19
C ARG B 287 -23.19 0.96 -2.26
N PRO B 288 -22.81 2.20 -2.55
CA PRO B 288 -21.39 2.55 -2.64
C PRO B 288 -20.51 2.04 -1.49
N PRO B 289 -19.45 1.28 -1.79
CA PRO B 289 -18.57 0.76 -0.75
C PRO B 289 -17.51 1.80 -0.36
N GLY B 290 -16.54 1.39 0.46
CA GLY B 290 -15.49 2.30 0.88
C GLY B 290 -14.25 1.56 1.33
N ARG B 291 -13.47 2.18 2.23
CA ARG B 291 -12.26 1.56 2.73
C ARG B 291 -12.58 0.09 3.04
N GLU B 292 -11.78 -0.81 2.47
CA GLU B 292 -11.96 -2.25 2.66
C GLU B 292 -13.38 -2.71 2.32
N ALA B 293 -14.00 -2.05 1.34
CA ALA B 293 -15.35 -2.36 0.86
C ALA B 293 -16.54 -2.34 1.84
N TYR B 294 -16.34 -1.89 3.08
CA TYR B 294 -17.45 -1.80 4.01
C TYR B 294 -18.31 -0.58 3.62
N PRO B 295 -19.60 -0.59 3.99
CA PRO B 295 -20.46 0.56 3.64
C PRO B 295 -19.97 1.81 4.31
N GLY B 296 -20.45 2.96 3.85
CA GLY B 296 -20.00 4.20 4.44
C GLY B 296 -20.26 4.26 5.93
N ASP B 297 -21.34 3.63 6.37
CA ASP B 297 -21.73 3.66 7.78
C ASP B 297 -21.38 2.41 8.60
N VAL B 298 -20.20 1.84 8.38
CA VAL B 298 -19.85 0.66 9.16
C VAL B 298 -19.43 1.07 10.57
N PHE B 299 -18.79 2.22 10.68
CA PHE B 299 -18.40 2.72 11.99
C PHE B 299 -19.71 2.82 12.75
N TYR B 300 -20.69 3.45 12.10
CA TYR B 300 -22.02 3.64 12.67
C TYR B 300 -22.63 2.27 12.98
N LEU B 301 -22.30 1.27 12.18
CA LEU B 301 -22.81 -0.07 12.40
C LEU B 301 -22.51 -0.47 13.84
N HIS B 302 -21.25 -0.40 14.22
CA HIS B 302 -20.86 -0.76 15.57
C HIS B 302 -21.14 0.32 16.60
N SER B 303 -21.08 1.59 16.18
CA SER B 303 -21.31 2.67 17.13
C SER B 303 -22.71 2.66 17.72
N ARG B 304 -23.71 2.47 16.86
CA ARG B 304 -25.07 2.47 17.35
C ARG B 304 -25.41 1.20 18.10
N LEU B 305 -24.46 0.28 18.15
CA LEU B 305 -24.66 -0.97 18.85
C LEU B 305 -24.13 -0.87 20.25
N LEU B 306 -22.86 -0.50 20.34
CA LEU B 306 -22.21 -0.39 21.63
C LEU B 306 -22.68 0.77 22.47
N GLU B 307 -23.32 1.76 21.85
CA GLU B 307 -23.80 2.89 22.62
C GLU B 307 -25.06 2.51 23.39
N ARG B 308 -25.59 1.33 23.09
CA ARG B 308 -26.80 0.85 23.74
C ARG B 308 -26.48 0.28 25.10
N ALA B 309 -25.31 -0.32 25.23
CA ALA B 309 -24.89 -0.85 26.52
C ALA B 309 -24.79 0.44 27.32
N ALA B 310 -25.18 0.41 28.60
CA ALA B 310 -25.12 1.62 29.38
C ALA B 310 -25.53 1.44 30.83
N LYS B 311 -25.09 2.36 31.68
CA LYS B 311 -25.49 2.31 33.07
C LYS B 311 -26.65 3.30 33.30
N MET B 312 -27.77 2.78 33.77
CA MET B 312 -28.95 3.60 34.03
C MET B 312 -28.86 4.13 35.45
N ASN B 313 -29.33 5.36 35.65
CA ASN B 313 -29.31 5.94 36.98
C ASN B 313 -30.53 5.43 37.76
N ASP B 314 -30.52 5.60 39.07
CA ASP B 314 -31.61 5.13 39.91
C ASP B 314 -33.00 5.46 39.39
N ALA B 315 -33.16 6.67 38.86
CA ALA B 315 -34.45 7.11 38.32
C ALA B 315 -34.95 6.20 37.19
N PHE B 316 -34.03 5.46 36.57
CA PHE B 316 -34.40 4.55 35.49
C PHE B 316 -34.16 3.09 35.88
N GLY B 317 -34.38 2.78 37.15
CA GLY B 317 -34.22 1.42 37.63
C GLY B 317 -32.81 1.01 38.02
N GLY B 318 -31.83 1.81 37.61
CA GLY B 318 -30.44 1.49 37.92
C GLY B 318 -29.99 0.26 37.16
N GLY B 319 -30.73 -0.09 36.12
CA GLY B 319 -30.37 -1.26 35.34
C GLY B 319 -29.12 -1.02 34.49
N SER B 320 -28.47 -2.09 34.05
CA SER B 320 -27.29 -1.94 33.24
C SER B 320 -27.06 -3.05 32.26
N LEU B 321 -26.54 -2.68 31.10
CA LEU B 321 -26.20 -3.63 30.06
C LEU B 321 -24.71 -3.38 29.89
N THR B 322 -23.91 -4.45 29.89
CA THR B 322 -22.47 -4.29 29.71
C THR B 322 -22.11 -4.96 28.40
N ALA B 323 -21.04 -4.48 27.75
CA ALA B 323 -20.67 -5.06 26.48
C ALA B 323 -19.23 -5.49 26.40
N LEU B 324 -19.05 -6.72 25.94
CA LEU B 324 -17.74 -7.29 25.74
C LEU B 324 -17.65 -7.60 24.26
N PRO B 325 -17.46 -6.57 23.44
CA PRO B 325 -17.35 -6.87 22.01
C PRO B 325 -16.01 -7.56 21.81
N VAL B 326 -15.85 -8.20 20.67
CA VAL B 326 -14.60 -8.88 20.38
C VAL B 326 -14.17 -8.43 19.00
N ILE B 327 -12.86 -8.32 18.81
CA ILE B 327 -12.27 -7.91 17.52
C ILE B 327 -11.04 -8.78 17.20
N GLU B 328 -11.08 -9.43 16.03
CA GLU B 328 -10.00 -10.29 15.58
C GLU B 328 -8.95 -9.54 14.75
N THR B 329 -7.95 -9.00 15.45
CA THR B 329 -6.88 -8.27 14.81
C THR B 329 -6.05 -9.25 13.99
N GLN B 330 -5.76 -8.89 12.75
CA GLN B 330 -4.96 -9.72 11.86
C GLN B 330 -3.51 -9.29 12.07
N ALA B 331 -2.75 -10.12 12.77
CA ALA B 331 -1.35 -9.80 13.06
C ALA B 331 -1.29 -8.48 13.82
N GLY B 332 -1.71 -8.52 15.09
CA GLY B 332 -1.71 -7.36 15.96
C GLY B 332 -1.89 -6.02 15.26
N ASP B 333 -2.52 -6.04 14.09
CA ASP B 333 -2.76 -4.85 13.31
C ASP B 333 -3.96 -4.13 13.90
N VAL B 334 -3.74 -3.51 15.06
CA VAL B 334 -4.79 -2.80 15.76
C VAL B 334 -5.16 -1.48 15.11
N SER B 335 -4.54 -1.15 13.98
CA SER B 335 -4.87 0.10 13.31
C SER B 335 -5.87 -0.12 12.18
N ALA B 336 -6.06 -1.38 11.78
CA ALA B 336 -7.01 -1.73 10.73
C ALA B 336 -8.34 -1.01 10.97
N TYR B 337 -9.03 -0.67 9.88
CA TYR B 337 -10.30 0.04 9.93
C TYR B 337 -11.20 -0.39 11.12
N ILE B 338 -11.98 -1.46 10.93
CA ILE B 338 -12.89 -1.95 11.96
C ILE B 338 -12.27 -1.97 13.36
N PRO B 339 -11.07 -2.54 13.51
CA PRO B 339 -10.48 -2.55 14.86
C PRO B 339 -10.31 -1.13 15.37
N THR B 340 -9.97 -0.22 14.46
CA THR B 340 -9.79 1.17 14.82
C THR B 340 -11.18 1.74 15.09
N ASN B 341 -12.16 1.35 14.28
CA ASN B 341 -13.52 1.83 14.47
C ASN B 341 -13.98 1.49 15.87
N VAL B 342 -13.61 0.31 16.34
CA VAL B 342 -14.05 -0.13 17.65
C VAL B 342 -13.28 0.38 18.87
N ILE B 343 -11.97 0.55 18.75
CA ILE B 343 -11.19 1.03 19.88
C ILE B 343 -11.65 2.43 20.27
N SER B 344 -12.24 3.14 19.33
CA SER B 344 -12.69 4.49 19.58
C SER B 344 -14.11 4.51 20.14
N ILE B 345 -14.88 3.49 19.81
CA ILE B 345 -16.25 3.39 20.28
C ILE B 345 -16.34 2.95 21.75
N THR B 346 -15.62 1.90 22.11
CA THR B 346 -15.65 1.36 23.47
C THR B 346 -15.03 2.21 24.58
N ASP B 347 -15.04 1.68 25.81
CA ASP B 347 -14.52 2.42 26.97
C ASP B 347 -13.18 1.88 27.48
N GLY B 348 -12.56 0.98 26.71
CA GLY B 348 -11.30 0.42 27.13
C GLY B 348 -11.10 -0.91 26.43
N GLN B 349 -9.91 -1.47 26.54
CA GLN B 349 -9.66 -2.74 25.89
C GLN B 349 -8.80 -3.71 26.69
N ILE B 350 -8.91 -4.97 26.31
CA ILE B 350 -8.15 -6.06 26.88
C ILE B 350 -7.40 -6.55 25.63
N PHE B 351 -6.08 -6.48 25.67
CA PHE B 351 -5.24 -6.92 24.56
C PHE B 351 -4.55 -8.25 24.84
N LEU B 352 -4.66 -9.16 23.88
CA LEU B 352 -4.05 -10.47 23.97
C LEU B 352 -3.08 -10.66 22.80
N GLU B 353 -1.90 -11.21 23.08
CA GLU B 353 -0.90 -11.41 22.06
C GLU B 353 -0.36 -12.83 22.15
N THR B 354 -0.27 -13.49 21.01
CA THR B 354 0.22 -14.86 20.98
C THR B 354 1.55 -14.96 21.69
N GLU B 355 2.41 -13.96 21.53
CA GLU B 355 3.71 -13.97 22.17
C GLU B 355 3.59 -14.38 23.63
N LEU B 356 2.86 -13.58 24.39
CA LEU B 356 2.66 -13.84 25.80
C LEU B 356 2.07 -15.23 26.01
N PHE B 357 1.05 -15.54 25.22
CA PHE B 357 0.38 -16.82 25.31
C PHE B 357 1.42 -17.93 25.44
N TYR B 358 2.36 -17.96 24.49
CA TYR B 358 3.40 -18.98 24.49
C TYR B 358 4.55 -18.78 25.47
N LYS B 359 4.88 -17.55 25.83
CA LYS B 359 5.94 -17.38 26.83
C LYS B 359 5.36 -17.99 28.08
N GLY B 360 4.16 -18.54 27.94
CA GLY B 360 3.44 -19.15 29.05
C GLY B 360 2.39 -18.22 29.63
N ILE B 361 2.50 -16.93 29.36
CA ILE B 361 1.54 -15.98 29.89
C ILE B 361 0.13 -16.39 29.44
N ARG B 362 -0.74 -16.68 30.38
CA ARG B 362 -2.09 -17.10 30.03
C ARG B 362 -3.10 -16.81 31.13
N PRO B 363 -4.20 -16.12 30.81
CA PRO B 363 -4.57 -15.61 29.48
C PRO B 363 -3.54 -14.57 29.04
N ALA B 364 -3.25 -14.56 27.74
CA ALA B 364 -2.24 -13.66 27.21
C ALA B 364 -2.57 -12.18 27.31
N ILE B 365 -2.96 -11.72 28.49
CA ILE B 365 -3.30 -10.33 28.64
C ILE B 365 -2.05 -9.46 28.84
N ASN B 366 -1.90 -8.45 27.98
CA ASN B 366 -0.79 -7.52 28.03
C ASN B 366 -1.11 -6.38 28.97
N VAL B 367 -0.65 -6.50 30.21
CA VAL B 367 -0.87 -5.48 31.22
C VAL B 367 -0.30 -4.15 30.75
N GLY B 368 0.49 -4.19 29.68
CA GLY B 368 1.07 -2.97 29.17
C GLY B 368 0.13 -2.13 28.32
N LEU B 369 -0.46 -2.73 27.29
CA LEU B 369 -1.37 -2.02 26.41
C LEU B 369 -2.79 -1.95 26.96
N SER B 370 -3.18 -2.97 27.71
CA SER B 370 -4.54 -3.05 28.26
C SER B 370 -4.90 -1.93 29.22
N VAL B 371 -6.13 -1.42 29.08
CA VAL B 371 -6.61 -0.33 29.92
C VAL B 371 -8.14 -0.31 30.03
N SER B 372 -8.64 0.42 31.03
CA SER B 372 -10.06 0.56 31.29
C SER B 372 -10.33 2.01 31.72
N ARG B 373 -10.76 2.85 30.78
CA ARG B 373 -11.03 4.25 31.10
C ARG B 373 -11.76 4.43 32.42
N VAL B 374 -12.64 3.49 32.72
CA VAL B 374 -13.43 3.50 33.95
C VAL B 374 -12.61 3.51 35.25
N GLY B 375 -11.40 2.96 35.19
CA GLY B 375 -10.55 2.95 36.37
C GLY B 375 -11.11 2.31 37.65
N SER B 376 -10.55 2.74 38.77
CA SER B 376 -10.95 2.26 40.08
C SER B 376 -12.42 2.49 40.37
N ALA B 377 -13.10 3.21 39.49
CA ALA B 377 -14.51 3.48 39.71
C ALA B 377 -15.25 2.19 40.07
N ALA B 378 -15.25 1.22 39.17
CA ALA B 378 -15.93 -0.06 39.37
C ALA B 378 -15.01 -1.14 39.93
N GLN B 379 -14.55 -0.94 41.15
CA GLN B 379 -13.65 -1.90 41.78
C GLN B 379 -13.72 -1.77 43.30
N THR B 380 -14.08 -2.87 43.95
CA THR B 380 -14.22 -2.93 45.41
C THR B 380 -12.99 -2.39 46.11
N ARG B 381 -13.21 -1.66 47.20
CA ARG B 381 -12.11 -1.08 47.96
C ARG B 381 -11.05 -2.14 48.30
N ALA B 382 -11.51 -3.33 48.69
CA ALA B 382 -10.63 -4.43 49.05
C ALA B 382 -9.60 -4.75 47.96
N MET B 383 -10.05 -4.84 46.71
CA MET B 383 -9.12 -5.14 45.61
C MET B 383 -8.24 -3.93 45.30
N LYS B 384 -8.82 -2.74 45.35
CA LYS B 384 -8.07 -1.52 45.08
C LYS B 384 -6.77 -1.44 45.87
N GLN B 385 -6.83 -1.77 47.15
CA GLN B 385 -5.65 -1.71 47.99
C GLN B 385 -4.51 -2.51 47.37
N VAL B 386 -4.61 -3.83 47.44
CA VAL B 386 -3.58 -4.72 46.91
C VAL B 386 -3.27 -4.56 45.41
N ALA B 387 -4.31 -4.41 44.58
CA ALA B 387 -4.12 -4.25 43.14
C ALA B 387 -3.36 -2.98 42.79
N GLY B 388 -3.73 -1.87 43.44
CA GLY B 388 -3.07 -0.61 43.18
C GLY B 388 -1.56 -0.75 43.28
N THR B 389 -1.12 -1.38 44.37
CA THR B 389 0.30 -1.62 44.61
C THR B 389 0.90 -2.52 43.53
N MET B 390 0.12 -3.51 43.08
CA MET B 390 0.58 -4.42 42.04
C MET B 390 0.73 -3.69 40.72
N LYS B 391 -0.33 -2.98 40.31
CA LYS B 391 -0.35 -2.24 39.06
C LYS B 391 0.95 -1.46 38.84
N LEU B 392 1.45 -0.84 39.91
CA LEU B 392 2.68 -0.06 39.86
C LEU B 392 3.89 -0.98 39.75
N GLU B 393 4.03 -1.89 40.73
CA GLU B 393 5.14 -2.82 40.76
C GLU B 393 5.37 -3.48 39.42
N LEU B 394 4.30 -3.68 38.65
CA LEU B 394 4.45 -4.28 37.33
C LEU B 394 4.81 -3.19 36.32
N ALA B 395 4.34 -1.98 36.57
CA ALA B 395 4.65 -0.86 35.68
C ALA B 395 6.16 -0.68 35.66
N GLN B 396 6.77 -0.82 36.83
CA GLN B 396 8.21 -0.71 36.96
C GLN B 396 8.80 -1.91 36.23
N TYR B 397 8.73 -3.06 36.87
CA TYR B 397 9.23 -4.31 36.32
C TYR B 397 9.40 -4.30 34.81
N ARG B 398 8.34 -4.00 34.08
CA ARG B 398 8.40 -3.95 32.62
C ARG B 398 9.59 -3.12 32.13
N GLU B 399 9.75 -1.95 32.74
CA GLU B 399 10.82 -1.01 32.41
C GLU B 399 12.22 -1.60 32.53
N VAL B 400 12.39 -2.56 33.43
CA VAL B 400 13.68 -3.20 33.66
C VAL B 400 13.73 -4.64 33.14
N ALA B 401 12.55 -5.19 32.82
CA ALA B 401 12.45 -6.56 32.34
C ALA B 401 13.45 -6.87 31.23
N ALA B 402 13.79 -5.86 30.44
CA ALA B 402 14.74 -6.03 29.35
C ALA B 402 16.15 -6.28 29.87
N PHE B 403 16.59 -5.44 30.79
CA PHE B 403 17.93 -5.56 31.36
C PHE B 403 18.14 -6.93 32.00
N ALA B 404 17.06 -7.56 32.41
CA ALA B 404 17.10 -8.87 33.05
C ALA B 404 18.11 -9.85 32.46
N GLN B 405 17.86 -10.29 31.23
CA GLN B 405 18.74 -11.25 30.57
C GLN B 405 20.18 -10.85 30.34
N PHE B 406 20.45 -9.55 30.16
CA PHE B 406 21.82 -9.12 29.94
C PHE B 406 22.38 -8.41 31.17
N GLY B 407 21.63 -8.46 32.27
CA GLY B 407 22.04 -7.81 33.51
C GLY B 407 23.04 -8.57 34.36
N SER B 408 24.27 -8.66 33.90
CA SER B 408 25.33 -9.35 34.64
C SER B 408 25.97 -8.40 35.64
N ASP B 409 25.19 -7.41 36.07
CA ASP B 409 25.64 -6.42 37.03
C ASP B 409 24.52 -5.41 37.26
N LEU B 410 23.39 -5.91 37.75
CA LEU B 410 22.23 -5.08 38.03
C LEU B 410 22.12 -4.87 39.55
N ASP B 411 22.13 -3.61 39.96
CA ASP B 411 22.05 -3.25 41.37
C ASP B 411 20.93 -3.94 42.13
N ALA B 412 20.93 -3.78 43.45
CA ALA B 412 19.91 -4.39 44.32
C ALA B 412 18.51 -3.91 43.97
N ALA B 413 18.31 -2.59 43.97
CA ALA B 413 17.01 -2.01 43.66
C ALA B 413 16.41 -2.66 42.42
N THR B 414 17.07 -2.43 41.27
CA THR B 414 16.59 -3.01 40.03
C THR B 414 16.50 -4.54 40.09
N GLN B 415 17.28 -5.18 40.95
CA GLN B 415 17.23 -6.64 41.07
C GLN B 415 16.09 -7.07 41.98
N GLN B 416 15.56 -6.11 42.73
CA GLN B 416 14.44 -6.39 43.62
C GLN B 416 13.21 -6.32 42.73
N LEU B 417 13.06 -5.20 42.04
CA LEU B 417 11.94 -5.01 41.12
C LEU B 417 11.77 -6.29 40.33
N LEU B 418 12.84 -6.75 39.70
CA LEU B 418 12.76 -7.97 38.92
C LEU B 418 12.12 -9.10 39.72
N SER B 419 12.66 -9.36 40.91
CA SER B 419 12.13 -10.43 41.76
C SER B 419 10.62 -10.30 41.93
N ARG B 420 10.14 -9.08 42.17
CA ARG B 420 8.72 -8.84 42.32
C ARG B 420 8.05 -9.15 40.99
N GLY B 421 8.53 -8.48 39.95
CA GLY B 421 7.99 -8.65 38.61
C GLY B 421 7.57 -10.03 38.17
N VAL B 422 8.54 -10.92 37.97
CA VAL B 422 8.23 -12.28 37.54
C VAL B 422 7.23 -12.91 38.50
N ARG B 423 7.48 -12.77 39.81
CA ARG B 423 6.59 -13.31 40.84
C ARG B 423 5.18 -12.76 40.60
N LEU B 424 5.06 -11.44 40.54
CA LEU B 424 3.78 -10.83 40.30
C LEU B 424 3.23 -11.30 38.96
N THR B 425 4.13 -11.61 38.03
CA THR B 425 3.69 -12.08 36.72
C THR B 425 3.25 -13.53 36.82
N GLU B 426 3.79 -14.25 37.82
CA GLU B 426 3.42 -15.65 38.03
C GLU B 426 2.04 -15.75 38.67
N LEU B 427 1.66 -14.71 39.42
CA LEU B 427 0.35 -14.70 40.06
C LEU B 427 -0.75 -14.37 39.06
N LEU B 428 -0.41 -13.67 37.98
CA LEU B 428 -1.42 -13.32 37.00
C LEU B 428 -1.78 -14.45 36.06
N LYS B 429 -1.14 -15.61 36.25
CA LYS B 429 -1.45 -16.76 35.41
C LYS B 429 -2.71 -17.37 35.99
N GLN B 430 -3.39 -18.17 35.20
CA GLN B 430 -4.62 -18.78 35.68
C GLN B 430 -5.12 -19.75 34.61
N GLY B 431 -5.60 -20.91 35.06
CA GLY B 431 -6.12 -21.89 34.13
C GLY B 431 -7.44 -21.41 33.55
N GLN B 432 -7.90 -22.11 32.52
CA GLN B 432 -9.15 -21.79 31.83
C GLN B 432 -10.36 -22.42 32.56
N TYR B 433 -11.52 -21.78 32.44
CA TYR B 433 -12.75 -22.26 33.08
C TYR B 433 -12.65 -22.28 34.60
N SER B 434 -11.70 -21.54 35.15
CA SER B 434 -11.53 -21.50 36.60
C SER B 434 -11.54 -20.09 37.19
N PRO B 435 -12.66 -19.37 37.08
CA PRO B 435 -12.76 -18.01 37.61
C PRO B 435 -12.78 -17.96 39.14
N MET B 436 -11.86 -17.21 39.72
CA MET B 436 -11.77 -17.06 41.17
C MET B 436 -12.64 -15.92 41.65
N ALA B 437 -13.23 -16.09 42.82
CA ALA B 437 -14.06 -15.04 43.43
C ALA B 437 -13.11 -13.89 43.67
N ILE B 438 -13.65 -12.72 43.97
CA ILE B 438 -12.79 -11.56 44.19
C ILE B 438 -12.07 -11.58 45.53
N GLU B 439 -12.70 -12.13 46.56
CA GLU B 439 -12.06 -12.17 47.87
C GLU B 439 -10.86 -13.11 47.81
N GLU B 440 -11.03 -14.23 47.10
CA GLU B 440 -9.96 -15.20 46.91
C GLU B 440 -8.84 -14.51 46.15
N GLN B 441 -9.23 -13.63 45.23
CA GLN B 441 -8.29 -12.87 44.42
C GLN B 441 -7.46 -11.88 45.23
N VAL B 442 -8.08 -11.19 46.18
CA VAL B 442 -7.34 -10.23 47.00
C VAL B 442 -6.34 -10.93 47.92
N ALA B 443 -6.55 -12.22 48.16
CA ALA B 443 -5.65 -12.97 49.02
C ALA B 443 -4.30 -13.29 48.37
N VAL B 444 -4.30 -13.96 47.21
CA VAL B 444 -3.02 -14.27 46.58
C VAL B 444 -2.29 -12.99 46.25
N ILE B 445 -3.02 -11.99 45.76
CA ILE B 445 -2.40 -10.71 45.44
C ILE B 445 -1.73 -10.26 46.73
N TYR B 446 -2.47 -10.32 47.83
CA TYR B 446 -1.93 -9.93 49.13
C TYR B 446 -0.60 -10.61 49.33
N ALA B 447 -0.61 -11.94 49.40
CA ALA B 447 0.61 -12.71 49.59
C ALA B 447 1.74 -12.14 48.72
N GLY B 448 1.46 -11.98 47.43
CA GLY B 448 2.46 -11.46 46.52
C GLY B 448 2.85 -10.01 46.73
N VAL B 449 1.86 -9.13 46.63
CA VAL B 449 2.07 -7.71 46.78
C VAL B 449 2.54 -7.30 48.18
N ARG B 450 2.87 -8.27 49.02
CA ARG B 450 3.31 -8.00 50.37
C ARG B 450 4.75 -8.44 50.64
N GLY B 451 5.24 -9.36 49.83
CA GLY B 451 6.61 -9.85 50.01
C GLY B 451 6.69 -11.32 50.33
N TYR B 452 5.60 -11.91 50.80
CA TYR B 452 5.59 -13.31 51.13
C TYR B 452 5.94 -14.18 49.94
N LEU B 453 6.00 -13.59 48.75
CA LEU B 453 6.32 -14.36 47.55
C LEU B 453 7.64 -13.99 46.91
N ASP B 454 8.49 -13.30 47.65
CA ASP B 454 9.79 -12.89 47.13
C ASP B 454 10.88 -13.97 47.23
N LYS B 455 10.98 -14.60 48.39
CA LYS B 455 11.99 -15.62 48.61
C LYS B 455 11.58 -17.02 48.15
N LEU B 456 10.49 -17.08 47.41
CA LEU B 456 9.98 -18.34 46.86
C LEU B 456 10.53 -18.38 45.44
N GLU B 457 10.79 -19.56 44.89
CA GLU B 457 11.34 -19.61 43.54
C GLU B 457 10.24 -19.42 42.49
N PRO B 458 10.55 -18.66 41.42
CA PRO B 458 9.63 -18.37 40.32
C PRO B 458 8.75 -19.53 39.84
N SER B 459 9.38 -20.65 39.50
CA SER B 459 8.64 -21.80 39.00
C SER B 459 7.76 -22.49 40.04
N LYS B 460 7.70 -21.94 41.24
CA LYS B 460 6.88 -22.53 42.29
C LYS B 460 5.78 -21.61 42.80
N ILE B 461 5.72 -20.40 42.26
CA ILE B 461 4.70 -19.45 42.69
C ILE B 461 3.32 -20.00 42.33
N THR B 462 3.24 -20.71 41.22
CA THR B 462 1.98 -21.30 40.77
C THR B 462 1.55 -22.41 41.73
N LYS B 463 2.50 -23.23 42.16
CA LYS B 463 2.20 -24.32 43.07
C LYS B 463 1.91 -23.77 44.47
N PHE B 464 2.42 -22.57 44.74
CA PHE B 464 2.16 -21.92 46.02
C PHE B 464 0.70 -21.49 45.96
N GLU B 465 0.44 -20.56 45.05
CA GLU B 465 -0.89 -20.02 44.81
C GLU B 465 -1.93 -21.11 44.99
N ASN B 466 -1.84 -22.16 44.18
CA ASN B 466 -2.80 -23.27 44.22
C ASN B 466 -2.97 -23.90 45.60
N ALA B 467 -1.87 -24.09 46.31
CA ALA B 467 -1.91 -24.68 47.64
C ALA B 467 -2.40 -23.64 48.64
N PHE B 468 -1.92 -22.40 48.49
CA PHE B 468 -2.32 -21.33 49.38
C PHE B 468 -3.80 -20.98 49.26
N LEU B 469 -4.33 -21.12 48.05
CA LEU B 469 -5.74 -20.82 47.81
C LEU B 469 -6.64 -21.95 48.33
N SER B 470 -6.17 -23.18 48.17
CA SER B 470 -6.94 -24.33 48.63
C SER B 470 -7.08 -24.21 50.14
N HIS B 471 -5.98 -23.83 50.77
CA HIS B 471 -5.92 -23.69 52.22
C HIS B 471 -6.81 -22.60 52.81
N VAL B 472 -6.61 -21.34 52.41
CA VAL B 472 -7.42 -20.24 52.95
C VAL B 472 -8.92 -20.46 52.73
N ILE B 473 -9.25 -21.09 51.62
CA ILE B 473 -10.65 -21.37 51.32
C ILE B 473 -11.16 -22.45 52.26
N SER B 474 -10.26 -23.36 52.62
CA SER B 474 -10.59 -24.45 53.50
C SER B 474 -10.62 -24.03 54.97
N GLN B 475 -9.53 -23.43 55.44
CA GLN B 475 -9.43 -23.00 56.83
C GLN B 475 -9.79 -21.55 57.12
N HIS B 476 -10.04 -20.75 56.09
CA HIS B 476 -10.35 -19.36 56.34
C HIS B 476 -11.51 -18.73 55.57
N GLN B 477 -12.72 -19.17 55.89
CA GLN B 477 -13.92 -18.64 55.26
C GLN B 477 -14.32 -17.40 56.03
N ALA B 478 -13.99 -17.40 57.31
CA ALA B 478 -14.30 -16.29 58.20
C ALA B 478 -13.66 -15.03 57.68
N LEU B 479 -12.35 -15.12 57.43
CA LEU B 479 -11.59 -13.98 56.93
C LEU B 479 -12.07 -13.55 55.54
N LEU B 480 -12.26 -14.52 54.63
CA LEU B 480 -12.73 -14.22 53.28
C LEU B 480 -14.09 -13.54 53.36
N GLY B 481 -14.78 -13.75 54.47
CA GLY B 481 -16.07 -13.13 54.69
C GLY B 481 -15.86 -11.73 55.27
N LYS B 482 -14.81 -11.58 56.08
CA LYS B 482 -14.49 -10.31 56.69
C LYS B 482 -14.03 -9.38 55.57
N ILE B 483 -13.21 -9.94 54.68
CA ILE B 483 -12.66 -9.22 53.55
C ILE B 483 -13.74 -8.51 52.74
N ARG B 484 -14.92 -9.13 52.66
CA ARG B 484 -16.02 -8.57 51.90
C ARG B 484 -16.77 -7.47 52.64
N THR B 485 -17.13 -7.74 53.89
CA THR B 485 -17.87 -6.78 54.70
C THR B 485 -17.15 -5.44 54.87
N ASP B 486 -15.95 -5.46 55.43
CA ASP B 486 -15.17 -4.24 55.64
C ASP B 486 -14.93 -3.47 54.34
N GLY B 487 -15.37 -4.06 53.22
CA GLY B 487 -15.17 -3.42 51.93
C GLY B 487 -13.71 -3.51 51.54
N LYS B 488 -12.84 -3.35 52.53
CA LYS B 488 -11.39 -3.41 52.33
C LYS B 488 -10.75 -4.42 53.28
N ILE B 489 -9.46 -4.19 53.55
CA ILE B 489 -8.70 -5.02 54.46
C ILE B 489 -8.60 -4.24 55.77
N SER B 490 -9.58 -4.42 56.64
CA SER B 490 -9.59 -3.74 57.93
C SER B 490 -8.30 -4.12 58.64
N GLU B 491 -7.88 -3.29 59.60
CA GLU B 491 -6.66 -3.60 60.32
C GLU B 491 -6.76 -5.00 60.87
N GLU B 492 -7.95 -5.40 61.29
CA GLU B 492 -8.17 -6.72 61.82
C GLU B 492 -7.91 -7.80 60.77
N SER B 493 -8.31 -7.53 59.53
CA SER B 493 -8.12 -8.49 58.43
C SER B 493 -6.72 -8.49 57.82
N ASP B 494 -5.91 -7.50 58.19
CA ASP B 494 -4.56 -7.40 57.68
C ASP B 494 -3.63 -8.24 58.59
N ALA B 495 -3.86 -8.12 59.89
CA ALA B 495 -3.07 -8.86 60.87
C ALA B 495 -3.29 -10.35 60.73
N LYS B 496 -4.54 -10.74 60.48
CA LYS B 496 -4.89 -12.15 60.31
C LYS B 496 -4.13 -12.67 59.09
N LEU B 497 -4.27 -11.92 57.99
CA LEU B 497 -3.61 -12.27 56.72
C LEU B 497 -2.11 -12.46 56.87
N LYS B 498 -1.45 -11.48 57.47
CA LYS B 498 -0.01 -11.58 57.65
C LYS B 498 0.27 -12.90 58.32
N GLU B 499 -0.44 -13.15 59.42
CA GLU B 499 -0.26 -14.38 60.16
C GLU B 499 -0.61 -15.62 59.36
N ILE B 500 -1.70 -15.58 58.59
CA ILE B 500 -2.12 -16.74 57.79
C ILE B 500 -1.08 -17.19 56.75
N VAL B 501 -0.34 -16.23 56.18
CA VAL B 501 0.67 -16.55 55.17
C VAL B 501 2.08 -16.84 55.71
N THR B 502 2.52 -16.12 56.74
CA THR B 502 3.86 -16.38 57.29
C THR B 502 3.96 -17.83 57.75
N ASN B 503 2.90 -18.30 58.40
CA ASN B 503 2.88 -19.67 58.89
C ASN B 503 2.64 -20.62 57.74
N PHE B 504 1.74 -20.24 56.84
CA PHE B 504 1.45 -21.09 55.70
C PHE B 504 2.66 -21.17 54.79
N LEU B 505 3.48 -20.13 54.83
CA LEU B 505 4.68 -20.10 54.00
C LEU B 505 5.74 -20.96 54.66
N ALA B 506 5.97 -20.70 55.94
CA ALA B 506 6.96 -21.41 56.73
C ALA B 506 6.90 -22.92 56.48
N GLY B 507 5.68 -23.42 56.34
CA GLY B 507 5.47 -24.84 56.11
C GLY B 507 5.45 -25.28 54.66
N PHE B 508 5.47 -24.34 53.72
CA PHE B 508 5.45 -24.69 52.30
C PHE B 508 6.82 -25.10 51.80
N GLU B 509 7.84 -24.33 52.17
CA GLU B 509 9.21 -24.62 51.76
C GLU B 509 9.96 -25.39 52.86
N ALA B 510 9.20 -26.13 53.66
CA ALA B 510 9.77 -26.92 54.76
C ALA B 510 10.46 -28.17 54.22
N ALA C 19 -33.19 -12.59 -55.34
CA ALA C 19 -33.36 -12.57 -53.86
C ALA C 19 -32.01 -12.72 -53.13
N ASP C 20 -31.17 -11.68 -53.23
CA ASP C 20 -29.86 -11.66 -52.59
C ASP C 20 -30.00 -11.97 -51.11
N THR C 21 -29.90 -13.24 -50.76
CA THR C 21 -30.04 -13.67 -49.37
C THR C 21 -28.68 -13.93 -48.73
N SER C 22 -27.61 -13.72 -49.50
CA SER C 22 -26.25 -13.96 -49.01
C SER C 22 -25.93 -13.24 -47.69
N VAL C 23 -26.62 -12.13 -47.44
CA VAL C 23 -26.38 -11.36 -46.22
C VAL C 23 -27.55 -11.42 -45.24
N ASP C 24 -27.68 -12.56 -44.58
CA ASP C 24 -28.72 -12.77 -43.58
C ASP C 24 -28.03 -12.52 -42.24
N LEU C 25 -28.73 -11.92 -41.30
CA LEU C 25 -28.14 -11.60 -40.00
C LEU C 25 -27.84 -12.81 -39.12
N GLU C 26 -27.97 -14.00 -39.68
CA GLU C 26 -27.69 -15.22 -38.91
C GLU C 26 -26.30 -15.78 -39.19
N GLU C 27 -25.77 -15.45 -40.37
CA GLU C 27 -24.45 -15.90 -40.78
C GLU C 27 -23.55 -14.68 -40.95
N THR C 28 -24.16 -13.50 -40.93
CA THR C 28 -23.41 -12.26 -41.06
C THR C 28 -23.85 -11.22 -40.05
N GLY C 29 -23.11 -10.13 -40.00
CA GLY C 29 -23.43 -9.06 -39.08
C GLY C 29 -22.90 -7.75 -39.63
N ARG C 30 -23.29 -6.66 -38.99
CA ARG C 30 -22.86 -5.32 -39.39
C ARG C 30 -22.27 -4.57 -38.18
N VAL C 31 -21.24 -3.78 -38.45
CA VAL C 31 -20.57 -3.00 -37.42
C VAL C 31 -21.37 -1.86 -36.81
N LEU C 32 -21.82 -2.05 -35.57
CA LEU C 32 -22.58 -1.02 -34.84
C LEU C 32 -21.62 0.06 -34.34
N SER C 33 -20.51 -0.39 -33.76
CA SER C 33 -19.50 0.52 -33.23
C SER C 33 -18.12 -0.13 -33.26
N ILE C 34 -17.13 0.61 -33.76
CA ILE C 34 -15.77 0.10 -33.85
C ILE C 34 -14.85 1.08 -33.15
N GLY C 35 -14.27 0.64 -32.04
CA GLY C 35 -13.36 1.48 -31.29
C GLY C 35 -12.32 0.69 -30.51
N ASP C 36 -11.16 1.29 -30.33
CA ASP C 36 -10.07 0.67 -29.60
C ASP C 36 -9.98 -0.85 -29.86
N GLY C 37 -9.96 -1.22 -31.14
CA GLY C 37 -9.85 -2.62 -31.49
C GLY C 37 -10.99 -3.51 -31.05
N ILE C 38 -12.19 -2.94 -30.94
CA ILE C 38 -13.35 -3.74 -30.58
C ILE C 38 -14.51 -3.35 -31.47
N ALA C 39 -15.13 -4.35 -32.10
CA ALA C 39 -16.27 -4.08 -32.96
C ALA C 39 -17.51 -4.69 -32.31
N ARG C 40 -18.57 -3.90 -32.23
CA ARG C 40 -19.83 -4.39 -31.70
C ARG C 40 -20.69 -4.68 -32.93
N VAL C 41 -20.81 -5.96 -33.27
CA VAL C 41 -21.56 -6.35 -34.45
C VAL C 41 -23.01 -6.74 -34.22
N HIS C 42 -23.87 -6.23 -35.09
CA HIS C 42 -25.30 -6.50 -35.08
C HIS C 42 -25.48 -7.76 -35.92
N GLY C 43 -26.28 -8.71 -35.45
CA GLY C 43 -26.48 -9.92 -36.22
C GLY C 43 -25.63 -11.10 -35.80
N LEU C 44 -25.10 -11.82 -36.78
CA LEU C 44 -24.28 -13.00 -36.54
C LEU C 44 -25.02 -13.94 -35.61
N ARG C 45 -26.35 -13.89 -35.67
CA ARG C 45 -27.16 -14.72 -34.81
C ARG C 45 -26.67 -16.12 -34.59
N ASN C 46 -25.87 -16.63 -35.52
CA ASN C 46 -25.37 -17.99 -35.37
C ASN C 46 -23.93 -18.16 -34.93
N VAL C 47 -23.16 -17.08 -34.86
CA VAL C 47 -21.77 -17.19 -34.45
C VAL C 47 -21.65 -17.81 -33.08
N GLN C 48 -20.72 -18.75 -32.96
CA GLN C 48 -20.49 -19.43 -31.71
C GLN C 48 -19.61 -18.53 -30.87
N ALA C 49 -19.31 -18.96 -29.66
CA ALA C 49 -18.44 -18.20 -28.79
C ALA C 49 -17.02 -18.58 -29.22
N GLU C 50 -16.16 -17.60 -29.42
CA GLU C 50 -14.78 -17.86 -29.83
C GLU C 50 -14.61 -18.16 -31.32
N GLU C 51 -15.69 -18.01 -32.08
CA GLU C 51 -15.64 -18.26 -33.52
C GLU C 51 -15.01 -17.10 -34.29
N MET C 52 -14.04 -17.44 -35.12
CA MET C 52 -13.36 -16.46 -35.95
C MET C 52 -14.37 -15.87 -36.93
N VAL C 53 -14.23 -14.58 -37.25
CA VAL C 53 -15.14 -13.94 -38.20
C VAL C 53 -14.34 -13.02 -39.11
N GLU C 54 -14.81 -12.82 -40.33
CA GLU C 54 -14.10 -11.99 -41.29
C GLU C 54 -14.78 -10.65 -41.57
N PHE C 55 -13.97 -9.60 -41.65
CA PHE C 55 -14.46 -8.26 -41.93
C PHE C 55 -14.40 -7.91 -43.43
N SER C 56 -14.87 -6.71 -43.78
CA SER C 56 -14.86 -6.23 -45.16
C SER C 56 -13.46 -6.11 -45.76
N SER C 57 -12.51 -5.63 -44.95
CA SER C 57 -11.14 -5.46 -45.41
C SER C 57 -10.40 -6.79 -45.55
N GLY C 58 -11.03 -7.86 -45.09
CA GLY C 58 -10.39 -9.16 -45.15
C GLY C 58 -9.68 -9.36 -43.83
N LEU C 59 -10.07 -8.54 -42.87
CA LEU C 59 -9.50 -8.58 -41.53
C LEU C 59 -10.24 -9.63 -40.71
N LYS C 60 -9.56 -10.23 -39.74
CA LYS C 60 -10.21 -11.23 -38.93
C LYS C 60 -10.39 -10.81 -37.48
N GLY C 61 -11.29 -11.49 -36.79
CA GLY C 61 -11.52 -11.16 -35.39
C GLY C 61 -11.95 -12.39 -34.61
N MET C 62 -12.44 -12.16 -33.40
CA MET C 62 -12.91 -13.28 -32.61
C MET C 62 -14.10 -12.80 -31.81
N SER C 63 -15.14 -13.64 -31.78
CA SER C 63 -16.36 -13.33 -31.08
C SER C 63 -16.24 -13.77 -29.63
N LEU C 64 -15.90 -12.83 -28.75
CA LEU C 64 -15.76 -13.12 -27.34
C LEU C 64 -17.00 -12.75 -26.52
N ASN C 65 -17.73 -11.71 -26.92
CA ASN C 65 -18.93 -11.32 -26.18
C ASN C 65 -20.18 -11.64 -26.97
N LEU C 66 -21.04 -12.50 -26.42
CA LEU C 66 -22.28 -12.83 -27.09
C LEU C 66 -23.39 -12.15 -26.31
N GLU C 67 -23.74 -10.93 -26.71
CA GLU C 67 -24.77 -10.20 -25.99
C GLU C 67 -26.11 -10.18 -26.72
N PRO C 68 -27.22 -10.16 -25.97
CA PRO C 68 -28.57 -10.14 -26.54
C PRO C 68 -28.75 -9.31 -27.83
N ASP C 69 -28.27 -8.06 -27.82
CA ASP C 69 -28.40 -7.21 -29.02
C ASP C 69 -27.10 -6.98 -29.80
N ASN C 70 -26.04 -7.72 -29.47
CA ASN C 70 -24.79 -7.54 -30.18
C ASN C 70 -23.72 -8.59 -29.84
N VAL C 71 -22.62 -8.50 -30.56
CA VAL C 71 -21.50 -9.41 -30.36
C VAL C 71 -20.25 -8.56 -30.24
N GLY C 72 -19.41 -8.90 -29.27
CA GLY C 72 -18.17 -8.18 -29.08
C GLY C 72 -17.08 -8.89 -29.87
N VAL C 73 -16.65 -8.28 -30.97
CA VAL C 73 -15.62 -8.87 -31.80
C VAL C 73 -14.29 -8.15 -31.58
N VAL C 74 -13.25 -8.91 -31.24
CA VAL C 74 -11.92 -8.33 -31.03
C VAL C 74 -11.03 -8.52 -32.25
N VAL C 75 -10.86 -7.44 -33.01
CA VAL C 75 -10.05 -7.38 -34.23
C VAL C 75 -8.56 -7.71 -34.13
N PHE C 76 -8.16 -8.85 -34.73
CA PHE C 76 -6.74 -9.26 -34.75
C PHE C 76 -5.97 -8.40 -35.76
N GLY C 77 -6.06 -7.08 -35.63
CA GLY C 77 -5.36 -6.23 -36.57
C GLY C 77 -5.65 -4.76 -36.41
N ASN C 78 -5.27 -3.97 -37.40
CA ASN C 78 -5.49 -2.54 -37.35
C ASN C 78 -6.93 -2.19 -37.74
N ASP C 79 -7.78 -2.08 -36.73
CA ASP C 79 -9.18 -1.76 -36.96
C ASP C 79 -9.37 -0.33 -37.45
N LYS C 80 -8.37 0.19 -38.13
CA LYS C 80 -8.43 1.55 -38.68
C LYS C 80 -9.26 1.45 -39.95
N LEU C 81 -9.30 0.25 -40.51
CA LEU C 81 -10.02 -0.01 -41.76
C LEU C 81 -11.48 -0.29 -41.54
N ILE C 82 -11.82 -0.75 -40.34
CA ILE C 82 -13.21 -1.04 -40.00
C ILE C 82 -14.03 0.23 -39.75
N LYS C 83 -15.28 0.19 -40.18
CA LYS C 83 -16.19 1.32 -40.05
C LYS C 83 -17.56 0.84 -39.59
N GLU C 84 -18.45 1.79 -39.31
CA GLU C 84 -19.81 1.47 -38.90
C GLU C 84 -20.54 0.97 -40.15
N GLY C 85 -21.28 -0.13 -40.04
CA GLY C 85 -21.99 -0.65 -41.18
C GLY C 85 -21.24 -1.64 -42.05
N ASP C 86 -19.98 -1.90 -41.73
CA ASP C 86 -19.21 -2.87 -42.49
C ASP C 86 -19.75 -4.27 -42.18
N ILE C 87 -19.88 -5.10 -43.21
CA ILE C 87 -20.39 -6.46 -43.01
C ILE C 87 -19.38 -7.40 -42.38
N VAL C 88 -19.87 -8.29 -41.54
CA VAL C 88 -19.04 -9.26 -40.84
C VAL C 88 -19.54 -10.65 -41.21
N LYS C 89 -18.63 -11.51 -41.64
CA LYS C 89 -18.96 -12.87 -42.06
C LYS C 89 -18.46 -13.86 -41.05
N ARG C 90 -19.17 -14.98 -40.90
CA ARG C 90 -18.77 -16.04 -39.98
C ARG C 90 -17.72 -16.98 -40.60
N THR C 91 -17.01 -17.70 -39.75
CA THR C 91 -16.03 -18.68 -40.20
C THR C 91 -16.51 -20.05 -39.68
N GLY C 92 -17.51 -20.01 -38.79
CA GLY C 92 -18.06 -21.22 -38.23
C GLY C 92 -17.02 -22.07 -37.51
N ALA C 93 -15.85 -21.49 -37.26
CA ALA C 93 -14.76 -22.22 -36.61
C ALA C 93 -14.15 -21.63 -35.32
N ILE C 94 -14.02 -22.48 -34.30
CA ILE C 94 -13.41 -22.08 -33.03
C ILE C 94 -11.91 -22.00 -33.28
N VAL C 95 -11.29 -20.87 -32.96
CA VAL C 95 -9.86 -20.67 -33.20
C VAL C 95 -8.95 -21.90 -33.14
N ASP C 96 -8.29 -22.16 -34.25
CA ASP C 96 -7.36 -23.28 -34.38
C ASP C 96 -6.15 -22.81 -35.17
N VAL C 97 -5.06 -23.54 -35.07
CA VAL C 97 -3.84 -23.17 -35.80
C VAL C 97 -3.16 -24.38 -36.43
N PRO C 98 -2.30 -24.13 -37.43
CA PRO C 98 -1.56 -25.20 -38.11
C PRO C 98 -0.68 -25.94 -37.11
N VAL C 99 -0.31 -27.16 -37.48
CA VAL C 99 0.50 -28.02 -36.63
C VAL C 99 1.33 -28.91 -37.54
N GLY C 100 2.30 -29.62 -36.97
CA GLY C 100 3.13 -30.50 -37.77
C GLY C 100 4.62 -30.22 -37.62
N GLU C 101 5.43 -31.12 -38.15
CA GLU C 101 6.89 -30.98 -38.10
C GLU C 101 7.32 -30.06 -39.22
N GLU C 102 6.36 -29.67 -40.06
CA GLU C 102 6.61 -28.79 -41.19
C GLU C 102 6.80 -27.35 -40.74
N LEU C 103 6.81 -27.14 -39.44
CA LEU C 103 7.00 -25.82 -38.85
C LEU C 103 8.42 -25.65 -38.38
N LEU C 104 9.05 -26.77 -38.07
CA LEU C 104 10.43 -26.76 -37.59
C LEU C 104 11.33 -25.82 -38.38
N GLY C 105 12.04 -24.98 -37.61
CA GLY C 105 12.97 -24.02 -38.17
C GLY C 105 12.34 -22.85 -38.87
N ARG C 106 11.16 -22.44 -38.41
CA ARG C 106 10.50 -21.32 -39.05
C ARG C 106 9.78 -20.40 -38.08
N VAL C 107 9.68 -19.12 -38.42
CA VAL C 107 9.01 -18.15 -37.56
C VAL C 107 7.57 -17.87 -37.97
N VAL C 108 6.65 -18.05 -37.03
CA VAL C 108 5.24 -17.83 -37.31
C VAL C 108 4.59 -16.97 -36.23
N ASP C 109 3.52 -16.26 -36.60
CA ASP C 109 2.83 -15.41 -35.64
C ASP C 109 1.86 -16.21 -34.77
N ALA C 110 1.06 -15.50 -33.99
CA ALA C 110 0.08 -16.12 -33.10
C ALA C 110 -0.86 -17.07 -33.81
N LEU C 111 -1.26 -16.70 -35.03
CA LEU C 111 -2.18 -17.53 -35.82
C LEU C 111 -1.45 -18.58 -36.65
N GLY C 112 -0.14 -18.70 -36.48
CA GLY C 112 0.60 -19.69 -37.22
C GLY C 112 1.07 -19.30 -38.61
N ASN C 113 0.86 -18.05 -39.02
CA ASN C 113 1.31 -17.62 -40.33
C ASN C 113 2.82 -17.44 -40.40
N ALA C 114 3.43 -17.78 -41.53
CA ALA C 114 4.87 -17.65 -41.71
C ALA C 114 5.20 -16.17 -41.82
N ILE C 115 6.14 -15.70 -41.01
CA ILE C 115 6.50 -14.29 -41.03
C ILE C 115 7.99 -14.07 -41.22
N ASP C 116 8.69 -15.15 -41.60
CA ASP C 116 10.13 -15.14 -41.82
C ASP C 116 10.52 -14.94 -43.29
N GLY C 117 9.52 -14.80 -44.16
CA GLY C 117 9.78 -14.58 -45.57
C GLY C 117 10.45 -15.73 -46.31
N LYS C 118 10.14 -16.95 -45.90
CA LYS C 118 10.70 -18.13 -46.52
C LYS C 118 9.61 -18.97 -47.10
N GLY C 119 8.43 -18.38 -47.27
CA GLY C 119 7.30 -19.08 -47.88
C GLY C 119 6.30 -19.86 -47.05
N PRO C 120 5.30 -20.48 -47.70
CA PRO C 120 4.23 -21.28 -47.10
C PRO C 120 4.69 -22.51 -46.32
N ILE C 121 4.02 -22.74 -45.20
CA ILE C 121 4.31 -23.89 -44.35
C ILE C 121 3.49 -25.02 -44.95
N GLY C 122 4.06 -26.21 -45.03
CA GLY C 122 3.32 -27.33 -45.59
C GLY C 122 2.44 -28.01 -44.56
N SER C 123 2.12 -27.32 -43.47
CA SER C 123 1.29 -27.88 -42.41
C SER C 123 0.14 -28.71 -42.97
N LYS C 124 0.21 -30.01 -42.73
CA LYS C 124 -0.81 -30.95 -43.22
C LYS C 124 -1.96 -31.06 -42.22
N ALA C 125 -1.64 -30.90 -40.94
CA ALA C 125 -2.66 -30.98 -39.90
C ALA C 125 -2.88 -29.63 -39.23
N ARG C 126 -3.99 -29.52 -38.51
CA ARG C 126 -4.33 -28.31 -37.78
C ARG C 126 -4.86 -28.74 -36.42
N ARG C 127 -4.84 -27.86 -35.43
CA ARG C 127 -5.33 -28.21 -34.11
C ARG C 127 -5.88 -26.99 -33.40
N ARG C 128 -6.70 -27.22 -32.38
CA ARG C 128 -7.30 -26.15 -31.61
C ARG C 128 -6.32 -25.63 -30.56
N VAL C 129 -6.55 -24.41 -30.09
CA VAL C 129 -5.72 -23.80 -29.07
C VAL C 129 -6.35 -24.09 -27.71
N GLY C 130 -7.67 -24.02 -27.66
CA GLY C 130 -8.39 -24.25 -26.42
C GLY C 130 -8.51 -25.70 -25.95
N LEU C 131 -7.70 -26.59 -26.52
CA LEU C 131 -7.78 -27.98 -26.10
C LEU C 131 -7.61 -28.11 -24.60
N LYS C 132 -7.99 -29.27 -24.07
CA LYS C 132 -7.90 -29.51 -22.65
C LYS C 132 -6.64 -30.28 -22.34
N ALA C 133 -6.11 -30.07 -21.15
CA ALA C 133 -4.90 -30.75 -20.73
C ALA C 133 -5.20 -32.19 -20.37
N PRO C 134 -4.29 -33.09 -20.73
CA PRO C 134 -4.42 -34.52 -20.44
C PRO C 134 -4.96 -34.73 -19.03
N GLY C 135 -5.96 -35.61 -18.92
CA GLY C 135 -6.58 -35.90 -17.64
C GLY C 135 -5.61 -36.61 -16.75
N ILE C 136 -6.14 -37.26 -15.72
CA ILE C 136 -5.32 -37.98 -14.76
C ILE C 136 -4.75 -39.30 -15.31
N ILE C 137 -5.61 -40.12 -15.89
CA ILE C 137 -5.19 -41.43 -16.40
C ILE C 137 -3.96 -41.51 -17.34
N PRO C 138 -3.97 -40.75 -18.45
CA PRO C 138 -2.93 -40.67 -19.50
C PRO C 138 -1.48 -40.38 -19.14
N ARG C 139 -1.22 -39.71 -18.03
CA ARG C 139 0.15 -39.38 -17.69
C ARG C 139 0.88 -40.49 -16.96
N ILE C 140 2.12 -40.21 -16.59
CA ILE C 140 2.94 -41.16 -15.85
C ILE C 140 4.14 -40.43 -15.27
N SER C 141 4.41 -40.72 -14.00
CA SER C 141 5.50 -40.12 -13.24
C SER C 141 6.67 -39.62 -14.07
N VAL C 142 6.78 -38.32 -14.27
CA VAL C 142 7.87 -37.72 -15.04
C VAL C 142 9.21 -38.27 -14.53
N ARG C 143 9.97 -38.90 -15.41
CA ARG C 143 11.26 -39.47 -15.01
C ARG C 143 12.39 -39.15 -15.98
N GLU C 144 12.07 -39.08 -17.27
CA GLU C 144 13.06 -38.81 -18.31
C GLU C 144 13.60 -37.39 -18.21
N PRO C 145 14.92 -37.24 -18.01
CA PRO C 145 15.66 -35.98 -17.87
C PRO C 145 15.51 -34.97 -19.00
N MET C 146 15.94 -33.74 -18.74
CA MET C 146 15.88 -32.63 -19.69
C MET C 146 16.99 -31.66 -19.28
N GLN C 147 18.21 -31.92 -19.76
CA GLN C 147 19.37 -31.11 -19.40
C GLN C 147 19.41 -29.76 -20.15
N THR C 148 19.76 -28.70 -19.41
CA THR C 148 19.81 -27.36 -20.00
C THR C 148 21.18 -27.06 -20.61
N GLY C 149 22.22 -27.70 -20.08
CA GLY C 149 23.57 -27.46 -20.54
C GLY C 149 24.15 -26.49 -19.54
N ILE C 150 23.30 -26.13 -18.58
CA ILE C 150 23.66 -25.20 -17.52
C ILE C 150 23.85 -25.96 -16.22
N LYS C 151 25.11 -26.04 -15.77
CA LYS C 151 25.47 -26.76 -14.55
C LYS C 151 24.55 -26.61 -13.34
N ALA C 152 24.44 -25.39 -12.84
CA ALA C 152 23.60 -25.09 -11.69
C ALA C 152 22.20 -25.70 -11.83
N VAL C 153 21.57 -25.44 -12.98
CA VAL C 153 20.22 -25.95 -13.22
C VAL C 153 20.19 -27.47 -13.15
N ASP C 154 20.97 -28.11 -14.00
CA ASP C 154 21.03 -29.56 -14.06
C ASP C 154 21.51 -30.24 -12.79
N SER C 155 22.41 -29.59 -12.06
CA SER C 155 22.90 -30.19 -10.83
C SER C 155 21.96 -30.00 -9.64
N LEU C 156 21.58 -28.76 -9.36
CA LEU C 156 20.73 -28.44 -8.22
C LEU C 156 19.26 -28.13 -8.51
N VAL C 157 18.88 -28.11 -9.79
CA VAL C 157 17.49 -27.83 -10.16
C VAL C 157 17.16 -28.57 -11.45
N PRO C 158 17.35 -29.90 -11.45
CA PRO C 158 17.09 -30.78 -12.60
C PRO C 158 15.69 -30.73 -13.20
N ILE C 159 15.63 -30.53 -14.51
CA ILE C 159 14.34 -30.47 -15.20
C ILE C 159 14.02 -31.85 -15.77
N GLY C 160 12.75 -32.23 -15.72
CA GLY C 160 12.34 -33.52 -16.24
C GLY C 160 11.31 -33.37 -17.34
N ARG C 161 11.51 -34.10 -18.44
CA ARG C 161 10.60 -34.02 -19.56
C ARG C 161 9.16 -34.20 -19.08
N GLY C 162 8.33 -33.24 -19.47
CA GLY C 162 6.92 -33.26 -19.08
C GLY C 162 6.63 -32.35 -17.89
N GLN C 163 7.70 -31.84 -17.30
CA GLN C 163 7.61 -30.95 -16.14
C GLN C 163 7.35 -29.50 -16.60
N ARG C 164 7.21 -28.61 -15.63
CA ARG C 164 7.02 -27.19 -15.89
C ARG C 164 7.89 -26.47 -14.87
N GLU C 165 9.03 -25.96 -15.33
CA GLU C 165 9.93 -25.25 -14.45
C GLU C 165 9.87 -23.77 -14.81
N LEU C 166 9.41 -22.98 -13.85
CA LEU C 166 9.29 -21.54 -14.01
C LEU C 166 10.62 -20.82 -13.83
N ILE C 167 10.90 -19.89 -14.73
CA ILE C 167 12.09 -19.06 -14.69
C ILE C 167 11.54 -17.71 -14.19
N ILE C 168 12.01 -17.27 -13.03
CA ILE C 168 11.48 -16.01 -12.51
C ILE C 168 12.52 -15.07 -11.93
N GLY C 169 12.34 -13.78 -12.18
CA GLY C 169 13.26 -12.77 -11.68
C GLY C 169 12.97 -11.40 -12.24
N ASP C 170 13.73 -10.39 -11.78
CA ASP C 170 13.54 -9.02 -12.26
C ASP C 170 14.00 -8.88 -13.70
N ARG C 171 13.78 -7.71 -14.28
CA ARG C 171 14.20 -7.47 -15.67
C ARG C 171 15.71 -7.62 -15.82
N GLN C 172 16.15 -7.95 -17.02
CA GLN C 172 17.57 -8.09 -17.32
C GLN C 172 18.40 -8.97 -16.36
N THR C 173 17.82 -10.06 -15.86
CA THR C 173 18.56 -10.92 -14.93
C THR C 173 19.03 -12.20 -15.59
N GLY C 174 18.82 -12.30 -16.90
CA GLY C 174 19.22 -13.46 -17.63
C GLY C 174 18.22 -14.58 -17.61
N LYS C 175 16.95 -14.23 -17.80
CA LYS C 175 15.90 -15.24 -17.81
C LYS C 175 15.81 -15.91 -19.17
N THR C 176 15.81 -15.13 -20.24
CA THR C 176 15.72 -15.70 -21.58
C THR C 176 16.94 -16.54 -21.92
N SER C 177 18.09 -16.18 -21.35
CA SER C 177 19.33 -16.91 -21.62
C SER C 177 19.14 -18.36 -21.21
N ILE C 178 18.90 -18.59 -19.92
CA ILE C 178 18.64 -19.92 -19.41
C ILE C 178 17.88 -20.65 -20.52
N ALA C 179 16.77 -20.05 -20.94
CA ALA C 179 15.94 -20.61 -21.99
C ALA C 179 16.70 -20.97 -23.26
N ILE C 180 17.41 -20.00 -23.82
CA ILE C 180 18.17 -20.19 -25.04
C ILE C 180 19.18 -21.32 -24.92
N ASP C 181 20.26 -21.08 -24.17
CA ASP C 181 21.29 -22.10 -24.02
C ASP C 181 20.59 -23.48 -23.95
N THR C 182 19.51 -23.62 -23.17
CA THR C 182 18.80 -24.90 -23.11
C THR C 182 18.48 -25.34 -24.52
N ILE C 183 17.68 -24.56 -25.24
CA ILE C 183 17.31 -24.88 -26.63
C ILE C 183 18.53 -25.31 -27.42
N ILE C 184 19.58 -24.49 -27.39
CA ILE C 184 20.81 -24.76 -28.11
C ILE C 184 21.42 -26.09 -27.67
N ASN C 185 21.24 -26.41 -26.39
CA ASN C 185 21.79 -27.62 -25.82
C ASN C 185 21.22 -28.92 -26.39
N GLN C 186 19.95 -28.93 -26.76
CA GLN C 186 19.36 -30.15 -27.31
C GLN C 186 20.02 -30.60 -28.60
N LYS C 187 20.86 -29.75 -29.16
CA LYS C 187 21.58 -30.06 -30.39
C LYS C 187 22.23 -31.43 -30.24
N ARG C 188 23.00 -31.59 -29.18
CA ARG C 188 23.67 -32.84 -28.87
C ARG C 188 22.77 -34.02 -29.24
N PHE C 189 21.59 -34.05 -28.62
CA PHE C 189 20.63 -35.11 -28.82
C PHE C 189 20.01 -35.14 -30.21
N ASN C 190 19.44 -34.02 -30.62
CA ASN C 190 18.80 -33.93 -31.94
C ASN C 190 19.74 -34.34 -33.09
N ASP C 191 21.00 -34.56 -32.76
CA ASP C 191 21.99 -34.98 -33.77
C ASP C 191 22.55 -36.37 -33.41
N GLY C 192 21.83 -37.10 -32.56
CA GLY C 192 22.29 -38.41 -32.14
C GLY C 192 21.67 -39.60 -32.83
N THR C 193 21.90 -40.78 -32.26
CA THR C 193 21.40 -42.04 -32.80
C THR C 193 20.14 -42.53 -32.08
N ASP C 194 19.92 -42.01 -30.87
CA ASP C 194 18.78 -42.37 -30.02
C ASP C 194 17.57 -41.48 -30.26
N GLU C 195 16.73 -41.86 -31.22
CA GLU C 195 15.54 -41.08 -31.57
C GLU C 195 14.63 -40.71 -30.38
N LYS C 196 14.88 -41.30 -29.21
CA LYS C 196 14.08 -41.03 -28.01
C LYS C 196 14.54 -39.79 -27.26
N LYS C 197 15.85 -39.62 -27.11
CA LYS C 197 16.38 -38.47 -26.37
C LYS C 197 16.46 -37.17 -27.18
N LYS C 198 15.77 -37.13 -28.31
CA LYS C 198 15.76 -35.93 -29.15
C LYS C 198 14.70 -34.99 -28.59
N LEU C 199 15.02 -33.70 -28.50
CA LEU C 199 14.06 -32.74 -27.98
C LEU C 199 13.79 -31.57 -28.93
N TYR C 200 12.57 -31.52 -29.48
CA TYR C 200 12.22 -30.42 -30.38
C TYR C 200 11.85 -29.21 -29.52
N CYS C 201 12.07 -28.00 -30.04
CA CYS C 201 11.78 -26.82 -29.25
C CYS C 201 10.88 -25.76 -29.86
N ILE C 202 10.18 -25.05 -28.98
CA ILE C 202 9.26 -24.01 -29.38
C ILE C 202 9.41 -22.78 -28.50
N TYR C 203 9.91 -21.70 -29.08
CA TYR C 203 10.07 -20.48 -28.33
C TYR C 203 8.89 -19.59 -28.65
N VAL C 204 8.19 -19.13 -27.62
CA VAL C 204 7.05 -18.25 -27.81
C VAL C 204 7.42 -16.84 -27.32
N ALA C 205 7.42 -15.86 -28.22
CA ALA C 205 7.74 -14.49 -27.83
C ALA C 205 6.46 -13.70 -27.54
N ILE C 206 6.39 -13.09 -26.37
CA ILE C 206 5.19 -12.33 -26.01
C ILE C 206 5.46 -10.91 -25.51
N GLY C 207 4.94 -9.93 -26.24
CA GLY C 207 5.14 -8.54 -25.85
C GLY C 207 6.56 -8.09 -26.03
N GLN C 208 7.38 -9.03 -26.50
CA GLN C 208 8.79 -8.77 -26.73
C GLN C 208 8.92 -7.82 -27.93
N LYS C 209 10.14 -7.39 -28.20
CA LYS C 209 10.40 -6.45 -29.29
C LYS C 209 11.01 -7.16 -30.50
N ARG C 210 10.29 -7.20 -31.62
CA ARG C 210 10.79 -7.89 -32.82
C ARG C 210 12.32 -7.96 -32.94
N SER C 211 12.99 -6.82 -32.83
CA SER C 211 14.45 -6.77 -32.92
C SER C 211 15.06 -7.76 -31.90
N THR C 212 14.38 -7.90 -30.76
CA THR C 212 14.84 -8.81 -29.72
C THR C 212 14.66 -10.20 -30.27
N VAL C 213 13.49 -10.43 -30.85
CA VAL C 213 13.15 -11.72 -31.41
C VAL C 213 14.07 -12.01 -32.61
N ALA C 214 14.50 -10.94 -33.29
CA ALA C 214 15.39 -11.02 -34.47
C ALA C 214 16.76 -11.50 -34.05
N GLN C 215 17.35 -10.79 -33.10
CA GLN C 215 18.63 -11.17 -32.59
C GLN C 215 18.45 -12.60 -32.06
N LEU C 216 17.20 -12.91 -31.70
CA LEU C 216 16.81 -14.19 -31.15
C LEU C 216 17.08 -15.31 -32.15
N VAL C 217 16.45 -15.23 -33.30
CA VAL C 217 16.61 -16.30 -34.28
C VAL C 217 17.97 -16.35 -34.95
N LYS C 218 18.51 -15.19 -35.30
CA LYS C 218 19.79 -15.11 -35.95
C LYS C 218 20.79 -15.88 -35.10
N ARG C 219 20.64 -15.67 -33.79
CA ARG C 219 21.50 -16.31 -32.81
C ARG C 219 21.35 -17.81 -32.80
N LEU C 220 20.14 -18.30 -33.02
CA LEU C 220 19.91 -19.73 -33.04
C LEU C 220 20.45 -20.24 -34.37
N THR C 221 20.26 -19.40 -35.40
CA THR C 221 20.73 -19.69 -36.73
C THR C 221 22.26 -19.83 -36.67
N ASP C 222 22.87 -19.15 -35.70
CA ASP C 222 24.31 -19.21 -35.50
C ASP C 222 24.71 -20.56 -34.80
N ALA C 223 23.98 -21.01 -33.76
CA ALA C 223 24.29 -22.25 -33.04
C ALA C 223 23.75 -23.52 -33.71
N ASP C 224 23.02 -23.31 -34.82
CA ASP C 224 22.42 -24.39 -35.57
C ASP C 224 21.37 -25.02 -34.68
N ALA C 225 20.57 -24.17 -34.03
CA ALA C 225 19.51 -24.62 -33.15
C ALA C 225 18.17 -24.51 -33.85
N MET C 226 18.06 -23.55 -34.76
CA MET C 226 16.81 -23.34 -35.48
C MET C 226 16.31 -24.56 -36.23
N LYS C 227 17.20 -25.48 -36.57
CA LYS C 227 16.79 -26.67 -37.31
C LYS C 227 15.90 -27.61 -36.50
N TYR C 228 15.69 -27.31 -35.22
CA TYR C 228 14.84 -28.14 -34.38
C TYR C 228 13.94 -27.30 -33.48
N THR C 229 13.78 -26.03 -33.84
CA THR C 229 12.97 -25.13 -33.04
C THR C 229 11.85 -24.49 -33.84
N ILE C 230 10.86 -23.97 -33.12
CA ILE C 230 9.72 -23.31 -33.72
C ILE C 230 9.49 -22.04 -32.93
N VAL C 231 9.57 -20.90 -33.60
CA VAL C 231 9.35 -19.64 -32.91
C VAL C 231 7.95 -19.10 -33.21
N VAL C 232 7.14 -18.97 -32.16
CA VAL C 232 5.80 -18.42 -32.29
C VAL C 232 5.90 -17.04 -31.62
N SER C 233 5.93 -16.01 -32.44
CA SER C 233 6.08 -14.64 -31.97
C SER C 233 4.81 -13.79 -31.96
N ALA C 234 4.73 -12.92 -30.95
CA ALA C 234 3.61 -11.98 -30.77
C ALA C 234 4.19 -10.76 -30.04
N THR C 235 4.93 -9.94 -30.80
CA THR C 235 5.60 -8.75 -30.27
C THR C 235 4.73 -7.52 -29.95
N ALA C 236 5.21 -6.73 -28.99
CA ALA C 236 4.52 -5.52 -28.52
C ALA C 236 3.55 -4.86 -29.49
N SER C 237 3.93 -4.77 -30.77
CA SER C 237 3.10 -4.13 -31.79
C SER C 237 1.95 -4.99 -32.32
N ASP C 238 1.89 -6.25 -31.90
CA ASP C 238 0.79 -7.13 -32.32
C ASP C 238 -0.40 -6.85 -31.40
N ALA C 239 -1.62 -7.01 -31.89
CA ALA C 239 -2.82 -6.77 -31.08
C ALA C 239 -2.95 -7.75 -29.92
N ALA C 240 -3.48 -7.26 -28.79
CA ALA C 240 -3.67 -8.05 -27.57
C ALA C 240 -4.19 -9.48 -27.71
N PRO C 241 -5.16 -9.70 -28.62
CA PRO C 241 -5.68 -11.07 -28.79
C PRO C 241 -4.58 -12.04 -29.17
N LEU C 242 -3.72 -11.62 -30.09
CA LEU C 242 -2.61 -12.44 -30.56
C LEU C 242 -1.71 -12.78 -29.39
N GLN C 243 -1.16 -11.74 -28.74
CA GLN C 243 -0.28 -11.93 -27.58
C GLN C 243 -1.00 -12.81 -26.58
N TYR C 244 -2.31 -12.64 -26.50
CA TYR C 244 -3.13 -13.42 -25.59
C TYR C 244 -3.16 -14.87 -26.05
N LEU C 245 -3.19 -15.04 -27.37
CA LEU C 245 -3.26 -16.36 -27.99
C LEU C 245 -1.93 -17.07 -28.03
N ALA C 246 -0.96 -16.43 -28.67
CA ALA C 246 0.39 -16.94 -28.87
C ALA C 246 0.78 -18.17 -28.04
N PRO C 247 0.86 -18.03 -26.71
CA PRO C 247 1.25 -19.19 -25.89
C PRO C 247 0.41 -20.44 -26.15
N TYR C 248 -0.88 -20.24 -26.38
CA TYR C 248 -1.76 -21.37 -26.63
C TYR C 248 -1.52 -21.91 -28.03
N SER C 249 -1.18 -21.02 -28.96
CA SER C 249 -0.91 -21.44 -30.34
C SER C 249 0.30 -22.36 -30.35
N GLY C 250 1.37 -21.91 -29.72
CA GLY C 250 2.58 -22.70 -29.66
C GLY C 250 2.39 -23.92 -28.80
N CYS C 251 1.50 -23.84 -27.80
CA CYS C 251 1.25 -24.97 -26.92
C CYS C 251 0.77 -26.11 -27.81
N SER C 252 -0.35 -25.89 -28.51
CA SER C 252 -0.92 -26.88 -29.41
C SER C 252 0.18 -27.47 -30.29
N MET C 253 0.87 -26.60 -31.01
CA MET C 253 1.97 -27.03 -31.88
C MET C 253 2.91 -27.96 -31.10
N GLY C 254 3.02 -27.70 -29.80
CA GLY C 254 3.87 -28.50 -28.95
C GLY C 254 3.19 -29.76 -28.48
N GLU C 255 1.87 -29.81 -28.59
CA GLU C 255 1.14 -31.00 -28.20
C GLU C 255 1.19 -32.04 -29.30
N TYR C 256 1.50 -31.62 -30.52
CA TYR C 256 1.61 -32.52 -31.67
C TYR C 256 2.67 -33.58 -31.40
N PHE C 257 3.88 -33.14 -31.06
CA PHE C 257 4.97 -34.06 -30.79
C PHE C 257 4.63 -34.90 -29.57
N ARG C 258 4.12 -34.23 -28.53
CA ARG C 258 3.77 -34.87 -27.29
C ARG C 258 2.91 -36.13 -27.50
N ASP C 259 1.77 -35.96 -28.16
CA ASP C 259 0.86 -37.06 -28.41
C ASP C 259 1.39 -38.11 -29.39
N ASN C 260 2.54 -37.85 -29.99
CA ASN C 260 3.13 -38.79 -30.93
C ASN C 260 4.50 -39.25 -30.46
N GLY C 261 4.57 -39.65 -29.19
CA GLY C 261 5.81 -40.14 -28.64
C GLY C 261 7.06 -39.38 -29.05
N LYS C 262 6.93 -38.07 -29.15
CA LYS C 262 8.04 -37.19 -29.50
C LYS C 262 8.15 -36.17 -28.37
N HIS C 263 9.38 -35.81 -27.99
CA HIS C 263 9.58 -34.86 -26.90
C HIS C 263 9.89 -33.43 -27.34
N ALA C 264 9.14 -32.49 -26.80
CA ALA C 264 9.36 -31.09 -27.12
C ALA C 264 9.46 -30.29 -25.83
N LEU C 265 10.06 -29.11 -25.94
CA LEU C 265 10.21 -28.21 -24.81
C LEU C 265 9.72 -26.83 -25.21
N ILE C 266 8.57 -26.42 -24.68
CA ILE C 266 8.00 -25.13 -24.99
C ILE C 266 8.51 -24.05 -24.03
N ILE C 267 8.68 -22.84 -24.55
CA ILE C 267 9.16 -21.74 -23.71
C ILE C 267 8.36 -20.47 -23.85
N TYR C 268 7.47 -20.23 -22.90
CA TYR C 268 6.65 -19.04 -22.93
C TYR C 268 7.50 -17.89 -22.37
N ASP C 269 8.40 -17.34 -23.19
CA ASP C 269 9.23 -16.27 -22.69
C ASP C 269 8.37 -15.07 -22.39
N ASP C 270 7.94 -15.03 -21.13
CA ASP C 270 7.13 -13.97 -20.60
C ASP C 270 5.63 -14.22 -20.74
N LEU C 271 5.03 -14.49 -19.58
CA LEU C 271 3.61 -14.72 -19.40
C LEU C 271 3.06 -13.51 -18.65
N SER C 272 3.96 -12.80 -18.00
CA SER C 272 3.57 -11.62 -17.26
C SER C 272 3.06 -10.61 -18.26
N LYS C 273 3.69 -10.61 -19.43
CA LYS C 273 3.30 -9.72 -20.51
C LYS C 273 2.00 -10.22 -21.12
N GLN C 274 1.89 -11.55 -21.26
CA GLN C 274 0.67 -12.13 -21.82
C GLN C 274 -0.55 -11.92 -20.92
N ALA C 275 -0.35 -11.91 -19.61
CA ALA C 275 -1.49 -11.68 -18.73
C ALA C 275 -1.87 -10.22 -18.90
N VAL C 276 -0.86 -9.38 -19.12
CA VAL C 276 -1.08 -7.96 -19.31
C VAL C 276 -1.95 -7.83 -20.56
N ALA C 277 -1.63 -8.61 -21.58
CA ALA C 277 -2.39 -8.54 -22.81
C ALA C 277 -3.80 -9.00 -22.50
N TYR C 278 -3.92 -10.16 -21.86
CA TYR C 278 -5.23 -10.66 -21.51
C TYR C 278 -6.01 -9.61 -20.72
N ARG C 279 -5.29 -8.91 -19.83
CA ARG C 279 -5.90 -7.89 -19.02
C ARG C 279 -6.39 -6.70 -19.84
N GLN C 280 -5.90 -6.56 -21.06
CA GLN C 280 -6.34 -5.45 -21.90
C GLN C 280 -7.60 -5.89 -22.57
N MET C 281 -7.47 -6.99 -23.29
CA MET C 281 -8.56 -7.57 -24.02
C MET C 281 -9.79 -7.58 -23.11
N SER C 282 -9.64 -8.23 -21.96
CA SER C 282 -10.75 -8.36 -21.01
C SER C 282 -11.31 -7.03 -20.54
N LEU C 283 -10.45 -6.15 -20.03
CA LEU C 283 -10.91 -4.85 -19.58
C LEU C 283 -11.69 -4.18 -20.70
N LEU C 284 -11.10 -4.12 -21.89
CA LEU C 284 -11.78 -3.51 -23.02
C LEU C 284 -13.08 -4.23 -23.36
N LEU C 285 -13.27 -5.42 -22.82
CA LEU C 285 -14.49 -6.19 -23.03
C LEU C 285 -15.47 -5.90 -21.91
N ARG C 286 -15.17 -4.85 -21.16
CA ARG C 286 -15.99 -4.40 -20.05
C ARG C 286 -16.18 -5.45 -18.99
N ARG C 287 -15.30 -6.42 -18.93
CA ARG C 287 -15.41 -7.44 -17.91
C ARG C 287 -14.73 -6.86 -16.68
N PRO C 288 -15.50 -6.15 -15.82
CA PRO C 288 -15.01 -5.50 -14.60
C PRO C 288 -13.68 -6.03 -14.07
N PRO C 289 -12.73 -5.12 -13.82
CA PRO C 289 -11.39 -5.42 -13.33
C PRO C 289 -11.39 -6.09 -11.97
N GLY C 290 -10.22 -6.59 -11.60
CA GLY C 290 -10.06 -7.24 -10.31
C GLY C 290 -8.73 -6.80 -9.69
N ARG C 291 -8.15 -7.65 -8.84
CA ARG C 291 -6.89 -7.34 -8.18
C ARG C 291 -5.94 -6.76 -9.24
N GLU C 292 -5.26 -5.67 -8.91
CA GLU C 292 -4.33 -5.03 -9.85
C GLU C 292 -4.86 -4.97 -11.30
N ALA C 293 -6.18 -4.86 -11.44
CA ALA C 293 -6.83 -4.73 -12.74
C ALA C 293 -6.88 -6.00 -13.56
N TYR C 294 -6.17 -7.03 -13.15
CA TYR C 294 -6.22 -8.26 -13.92
C TYR C 294 -7.58 -8.92 -13.67
N PRO C 295 -8.21 -9.49 -14.71
CA PRO C 295 -9.52 -10.15 -14.54
C PRO C 295 -9.48 -11.17 -13.43
N GLY C 296 -10.60 -11.83 -13.18
CA GLY C 296 -10.64 -12.83 -12.12
C GLY C 296 -10.04 -14.16 -12.50
N ASP C 297 -10.17 -14.52 -13.77
CA ASP C 297 -9.62 -15.78 -14.22
C ASP C 297 -8.17 -15.66 -14.69
N VAL C 298 -7.42 -14.74 -14.11
CA VAL C 298 -6.01 -14.59 -14.49
C VAL C 298 -5.19 -15.81 -14.09
N PHE C 299 -5.59 -16.48 -13.02
CA PHE C 299 -4.88 -17.67 -12.55
C PHE C 299 -5.13 -18.78 -13.55
N TYR C 300 -6.38 -18.90 -13.95
CA TYR C 300 -6.81 -19.92 -14.89
C TYR C 300 -6.14 -19.75 -16.26
N LEU C 301 -5.93 -18.49 -16.63
CA LEU C 301 -5.30 -18.16 -17.91
C LEU C 301 -4.01 -18.93 -18.05
N HIS C 302 -3.26 -19.04 -16.96
CA HIS C 302 -1.96 -19.70 -16.92
C HIS C 302 -1.98 -21.15 -16.45
N SER C 303 -2.93 -21.48 -15.58
CA SER C 303 -3.05 -22.84 -15.10
C SER C 303 -3.39 -23.69 -16.32
N ARG C 304 -4.50 -23.34 -16.95
CA ARG C 304 -4.98 -24.05 -18.14
C ARG C 304 -3.79 -24.36 -19.07
N LEU C 305 -3.17 -23.31 -19.59
CA LEU C 305 -2.03 -23.45 -20.49
C LEU C 305 -0.96 -24.43 -20.02
N LEU C 306 -0.46 -24.19 -18.81
CA LEU C 306 0.59 -25.01 -18.25
C LEU C 306 0.19 -26.44 -17.89
N GLU C 307 -1.10 -26.65 -17.62
CA GLU C 307 -1.59 -27.98 -17.28
C GLU C 307 -1.30 -28.90 -18.46
N ARG C 308 -1.39 -28.32 -19.65
CA ARG C 308 -1.16 -29.03 -20.89
C ARG C 308 0.24 -29.62 -20.98
N ALA C 309 1.17 -29.08 -20.21
CA ALA C 309 2.53 -29.62 -20.20
C ALA C 309 2.54 -30.83 -19.24
N ALA C 310 2.90 -31.99 -19.75
CA ALA C 310 2.92 -33.21 -18.92
C ALA C 310 3.62 -34.38 -19.58
N LYS C 311 3.82 -35.44 -18.81
CA LYS C 311 4.43 -36.65 -19.36
C LYS C 311 3.31 -37.62 -19.76
N MET C 312 3.57 -38.46 -20.76
CA MET C 312 2.60 -39.44 -21.22
C MET C 312 3.09 -40.87 -20.98
N ASN C 313 2.20 -41.75 -20.55
CA ASN C 313 2.60 -43.15 -20.33
C ASN C 313 2.71 -43.87 -21.67
N ASP C 314 3.34 -45.04 -21.66
CA ASP C 314 3.53 -45.81 -22.87
C ASP C 314 2.23 -46.00 -23.66
N ALA C 315 1.12 -46.20 -22.99
CA ALA C 315 -0.13 -46.38 -23.72
C ALA C 315 -0.46 -45.21 -24.65
N PHE C 316 -0.06 -44.00 -24.26
CA PHE C 316 -0.39 -42.82 -25.06
C PHE C 316 0.69 -42.27 -25.99
N GLY C 317 1.76 -43.03 -26.15
CA GLY C 317 2.82 -42.60 -27.04
C GLY C 317 4.13 -42.52 -26.31
N GLY C 318 4.08 -42.11 -25.06
CA GLY C 318 5.29 -42.00 -24.27
C GLY C 318 6.02 -40.68 -24.42
N GLY C 319 5.49 -39.83 -25.30
CA GLY C 319 6.10 -38.53 -25.53
C GLY C 319 6.01 -37.63 -24.31
N SER C 320 6.24 -36.33 -24.51
CA SER C 320 6.17 -35.40 -23.40
C SER C 320 6.36 -33.97 -23.86
N LEU C 321 5.68 -33.06 -23.17
CA LEU C 321 5.77 -31.64 -23.46
C LEU C 321 6.30 -30.94 -22.21
N THR C 322 7.50 -30.39 -22.31
CA THR C 322 8.08 -29.68 -21.17
C THR C 322 7.97 -28.16 -21.34
N ALA C 323 7.47 -27.49 -20.31
CA ALA C 323 7.28 -26.05 -20.36
C ALA C 323 8.15 -25.22 -19.43
N LEU C 324 8.77 -24.19 -20.00
CA LEU C 324 9.59 -23.28 -19.23
C LEU C 324 8.92 -21.92 -19.21
N PRO C 325 7.86 -21.77 -18.41
CA PRO C 325 7.15 -20.49 -18.34
C PRO C 325 8.08 -19.39 -17.82
N VAL C 326 7.73 -18.14 -18.06
CA VAL C 326 8.57 -17.06 -17.60
C VAL C 326 7.81 -15.93 -16.95
N ILE C 327 8.34 -15.49 -15.81
CA ILE C 327 7.75 -14.41 -15.06
C ILE C 327 8.82 -13.39 -14.70
N GLU C 328 8.48 -12.13 -14.88
CA GLU C 328 9.37 -11.03 -14.56
C GLU C 328 8.85 -10.37 -13.31
N THR C 329 9.71 -10.20 -12.32
CA THR C 329 9.29 -9.57 -11.07
C THR C 329 9.73 -8.11 -11.01
N GLN C 330 9.08 -7.37 -10.12
CA GLN C 330 9.39 -5.96 -9.90
C GLN C 330 9.93 -5.80 -8.49
N ALA C 331 11.22 -5.50 -8.38
CA ALA C 331 11.84 -5.32 -7.07
C ALA C 331 12.09 -6.65 -6.36
N GLY C 332 11.93 -7.76 -7.10
CA GLY C 332 12.16 -9.06 -6.51
C GLY C 332 11.07 -9.59 -5.59
N ASP C 333 9.94 -8.90 -5.53
CA ASP C 333 8.83 -9.35 -4.70
C ASP C 333 8.11 -10.45 -5.47
N VAL C 334 8.57 -11.68 -5.31
CA VAL C 334 7.96 -12.82 -5.98
C VAL C 334 6.69 -13.20 -5.23
N SER C 335 6.44 -12.46 -4.16
CA SER C 335 5.25 -12.66 -3.32
C SER C 335 4.19 -11.71 -3.87
N ALA C 336 4.26 -11.48 -5.17
CA ALA C 336 3.31 -10.59 -5.83
C ALA C 336 2.26 -11.43 -6.54
N TYR C 337 1.21 -10.77 -7.00
CA TYR C 337 0.11 -11.46 -7.67
C TYR C 337 0.52 -12.47 -8.75
N ILE C 338 0.43 -12.06 -10.01
CA ILE C 338 0.77 -12.92 -11.14
C ILE C 338 1.84 -13.94 -10.76
N PRO C 339 2.96 -13.46 -10.19
CA PRO C 339 4.02 -14.38 -9.80
C PRO C 339 3.60 -15.46 -8.81
N THR C 340 2.93 -15.10 -7.74
CA THR C 340 2.51 -16.12 -6.77
C THR C 340 1.54 -17.08 -7.45
N ASN C 341 0.83 -16.56 -8.46
CA ASN C 341 -0.13 -17.34 -9.24
C ASN C 341 0.61 -18.39 -10.04
N VAL C 342 1.49 -17.93 -10.93
CA VAL C 342 2.26 -18.85 -11.76
C VAL C 342 3.02 -19.84 -10.88
N ILE C 343 3.73 -19.34 -9.88
CA ILE C 343 4.48 -20.20 -8.98
C ILE C 343 3.69 -21.36 -8.39
N SER C 344 2.38 -21.19 -8.21
CA SER C 344 1.55 -22.27 -7.67
C SER C 344 0.94 -23.16 -8.79
N ILE C 345 1.35 -22.89 -10.02
CA ILE C 345 0.90 -23.66 -11.17
C ILE C 345 2.03 -24.65 -11.52
N THR C 346 3.20 -24.07 -11.77
CA THR C 346 4.42 -24.78 -12.15
C THR C 346 4.95 -25.74 -11.10
N ASP C 347 5.90 -26.58 -11.52
CA ASP C 347 6.52 -27.59 -10.64
C ASP C 347 7.80 -27.05 -10.02
N GLY C 348 7.70 -25.98 -9.27
CA GLY C 348 8.88 -25.41 -8.67
C GLY C 348 9.23 -24.16 -9.42
N GLN C 349 10.38 -23.55 -9.10
CA GLN C 349 10.80 -22.32 -9.74
C GLN C 349 12.30 -22.10 -9.77
N ILE C 350 12.71 -21.25 -10.70
CA ILE C 350 14.09 -20.85 -10.83
C ILE C 350 14.00 -19.34 -10.60
N PHE C 351 14.47 -18.90 -9.45
CA PHE C 351 14.41 -17.48 -9.12
C PHE C 351 15.76 -16.84 -9.29
N LEU C 352 15.87 -16.03 -10.33
CA LEU C 352 17.11 -15.34 -10.57
C LEU C 352 17.10 -14.13 -9.63
N GLU C 353 18.30 -13.67 -9.27
CA GLU C 353 18.42 -12.51 -8.39
C GLU C 353 19.40 -11.52 -8.98
N THR C 354 19.06 -10.24 -8.92
CA THR C 354 19.93 -9.20 -9.42
C THR C 354 21.14 -9.15 -8.49
N GLU C 355 20.88 -9.10 -7.18
CA GLU C 355 21.94 -9.06 -6.19
C GLU C 355 23.05 -10.03 -6.57
N LEU C 356 22.67 -11.28 -6.78
CA LEU C 356 23.61 -12.33 -7.15
C LEU C 356 24.28 -12.04 -8.49
N PHE C 357 23.48 -11.63 -9.49
CA PHE C 357 24.05 -11.35 -10.80
C PHE C 357 25.26 -10.46 -10.68
N TYR C 358 25.03 -9.21 -10.30
CA TYR C 358 26.11 -8.24 -10.15
C TYR C 358 27.30 -8.82 -9.39
N LYS C 359 27.03 -9.46 -8.26
CA LYS C 359 28.10 -10.06 -7.47
C LYS C 359 28.92 -11.03 -8.32
N GLY C 360 28.29 -11.61 -9.33
CA GLY C 360 28.99 -12.54 -10.20
C GLY C 360 28.23 -13.82 -10.50
N ILE C 361 27.60 -14.38 -9.47
CA ILE C 361 26.83 -15.59 -9.62
C ILE C 361 26.03 -15.51 -10.91
N ARG C 362 26.53 -16.17 -11.95
CA ARG C 362 25.88 -16.19 -13.25
C ARG C 362 25.87 -17.62 -13.80
N PRO C 363 24.68 -18.12 -14.21
CA PRO C 363 23.36 -17.48 -14.22
C PRO C 363 22.86 -17.19 -12.82
N ALA C 364 22.58 -15.92 -12.52
CA ALA C 364 22.12 -15.49 -11.20
C ALA C 364 20.98 -16.33 -10.62
N ILE C 365 21.30 -17.54 -10.18
CA ILE C 365 20.31 -18.45 -9.61
C ILE C 365 20.38 -18.54 -8.10
N ASN C 366 19.23 -18.42 -7.45
CA ASN C 366 19.15 -18.49 -6.01
C ASN C 366 18.91 -19.91 -5.51
N VAL C 367 20.00 -20.62 -5.22
CA VAL C 367 19.94 -21.98 -4.73
C VAL C 367 19.08 -22.07 -3.46
N GLY C 368 18.78 -20.92 -2.86
CA GLY C 368 17.97 -20.90 -1.67
C GLY C 368 16.48 -21.00 -1.92
N LEU C 369 15.96 -20.15 -2.80
CA LEU C 369 14.54 -20.18 -3.12
C LEU C 369 14.27 -21.09 -4.32
N SER C 370 15.31 -21.45 -5.06
CA SER C 370 15.15 -22.32 -6.24
C SER C 370 14.97 -23.78 -5.91
N VAL C 371 13.84 -24.35 -6.32
CA VAL C 371 13.53 -25.75 -6.07
C VAL C 371 13.06 -26.41 -7.36
N SER C 372 12.92 -27.73 -7.31
CA SER C 372 12.45 -28.51 -8.44
C SER C 372 11.71 -29.71 -7.87
N ARG C 373 10.40 -29.60 -7.83
CA ARG C 373 9.53 -30.63 -7.28
C ARG C 373 9.56 -31.96 -8.03
N VAL C 374 10.68 -32.23 -8.69
CA VAL C 374 10.88 -33.47 -9.44
C VAL C 374 12.09 -34.16 -8.79
N GLY C 375 12.92 -33.37 -8.13
CA GLY C 375 14.08 -33.88 -7.42
C GLY C 375 15.05 -34.75 -8.18
N SER C 376 15.78 -35.58 -7.43
CA SER C 376 16.78 -36.49 -7.99
C SER C 376 16.30 -37.33 -9.16
N ALA C 377 15.03 -37.69 -9.19
CA ALA C 377 14.48 -38.52 -10.24
C ALA C 377 14.50 -37.84 -11.62
N ALA C 378 15.51 -37.03 -11.87
CA ALA C 378 15.65 -36.32 -13.13
C ALA C 378 17.12 -36.21 -13.56
N GLN C 379 18.04 -36.60 -12.69
CA GLN C 379 19.49 -36.51 -12.97
C GLN C 379 20.13 -37.83 -13.47
N THR C 380 21.32 -37.74 -14.09
CA THR C 380 22.03 -38.93 -14.53
C THR C 380 22.87 -39.31 -13.30
N ARG C 381 22.87 -40.59 -12.96
CA ARG C 381 23.60 -41.09 -11.79
C ARG C 381 24.90 -40.35 -11.59
N ALA C 382 25.71 -40.25 -12.64
CA ALA C 382 26.99 -39.57 -12.55
C ALA C 382 26.81 -38.20 -11.90
N MET C 383 26.08 -37.32 -12.56
CA MET C 383 25.85 -35.98 -12.04
C MET C 383 25.41 -36.05 -10.60
N LYS C 384 24.41 -36.88 -10.35
CA LYS C 384 23.86 -37.05 -9.01
C LYS C 384 24.94 -37.53 -8.03
N GLN C 385 25.92 -38.27 -8.55
CA GLN C 385 27.00 -38.78 -7.71
C GLN C 385 27.73 -37.60 -7.07
N VAL C 386 28.07 -36.59 -7.86
CA VAL C 386 28.76 -35.40 -7.37
C VAL C 386 27.87 -34.33 -6.72
N ALA C 387 26.97 -33.74 -7.51
CA ALA C 387 26.07 -32.70 -7.01
C ALA C 387 25.18 -33.20 -5.88
N GLY C 388 25.30 -34.49 -5.55
CA GLY C 388 24.51 -35.11 -4.51
C GLY C 388 23.83 -34.20 -3.48
N THR C 389 24.63 -33.57 -2.63
CA THR C 389 24.10 -32.68 -1.59
C THR C 389 24.83 -31.34 -1.56
N MET C 390 25.27 -30.91 -2.75
CA MET C 390 25.98 -29.64 -2.93
C MET C 390 25.07 -28.43 -2.69
N LYS C 391 23.82 -28.53 -3.14
CA LYS C 391 22.85 -27.44 -2.98
C LYS C 391 22.67 -26.96 -1.54
N LEU C 392 22.12 -27.82 -0.68
CA LEU C 392 21.92 -27.46 0.72
C LEU C 392 23.24 -27.02 1.34
N GLU C 393 24.32 -27.68 0.91
CA GLU C 393 25.67 -27.36 1.41
C GLU C 393 25.98 -25.91 1.10
N LEU C 394 25.81 -25.56 -0.17
CA LEU C 394 26.03 -24.19 -0.61
C LEU C 394 25.07 -23.28 0.16
N ALA C 395 23.76 -23.51 -0.01
CA ALA C 395 22.75 -22.71 0.69
C ALA C 395 23.18 -22.54 2.15
N GLN C 396 23.45 -23.65 2.83
CA GLN C 396 23.87 -23.61 4.22
C GLN C 396 25.16 -22.79 4.36
N TYR C 397 26.18 -23.19 3.62
CA TYR C 397 27.46 -22.51 3.62
C TYR C 397 27.20 -21.00 3.62
N ARG C 398 26.32 -20.57 2.72
CA ARG C 398 25.97 -19.17 2.60
C ARG C 398 25.46 -18.67 3.96
N GLU C 399 24.62 -19.47 4.62
CA GLU C 399 24.10 -19.09 5.93
C GLU C 399 25.27 -19.01 6.90
N ALA C 412 37.21 -25.25 12.65
CA ALA C 412 37.67 -25.95 11.45
C ALA C 412 36.50 -26.32 10.54
N ALA C 413 35.46 -26.92 11.12
CA ALA C 413 34.28 -27.36 10.37
C ALA C 413 33.83 -26.18 9.50
N THR C 414 33.26 -25.13 10.09
CA THR C 414 32.82 -23.95 9.32
C THR C 414 33.94 -23.36 8.45
N GLN C 415 35.18 -23.47 8.90
CA GLN C 415 36.32 -22.95 8.14
C GLN C 415 36.50 -23.75 6.84
N GLN C 416 36.50 -25.07 6.98
CA GLN C 416 36.65 -25.97 5.85
C GLN C 416 35.47 -25.68 4.92
N LEU C 417 34.28 -25.59 5.51
CA LEU C 417 33.04 -25.31 4.79
C LEU C 417 33.09 -24.06 3.90
N LEU C 418 33.53 -22.92 4.44
CA LEU C 418 33.60 -21.68 3.69
C LEU C 418 34.57 -21.64 2.52
N SER C 419 35.31 -22.72 2.33
CA SER C 419 36.26 -22.80 1.23
C SER C 419 35.55 -23.49 0.07
N ARG C 420 34.81 -24.55 0.38
CA ARG C 420 34.08 -25.28 -0.65
C ARG C 420 33.13 -24.36 -1.38
N GLY C 421 32.27 -23.71 -0.59
CA GLY C 421 31.27 -22.79 -1.12
C GLY C 421 31.72 -21.88 -2.24
N VAL C 422 32.80 -21.14 -1.99
CA VAL C 422 33.32 -20.21 -2.98
C VAL C 422 33.70 -20.95 -4.26
N ARG C 423 34.60 -21.91 -4.11
CA ARG C 423 35.08 -22.70 -5.23
C ARG C 423 33.92 -23.24 -6.05
N LEU C 424 33.03 -23.97 -5.38
CA LEU C 424 31.88 -24.53 -6.06
C LEU C 424 31.06 -23.41 -6.70
N THR C 425 30.91 -22.32 -5.97
CA THR C 425 30.16 -21.18 -6.49
C THR C 425 30.84 -20.67 -7.77
N GLU C 426 32.16 -20.52 -7.75
CA GLU C 426 32.87 -20.04 -8.93
C GLU C 426 32.76 -21.09 -10.05
N LEU C 427 32.51 -22.33 -9.67
CA LEU C 427 32.39 -23.43 -10.63
C LEU C 427 31.07 -23.40 -11.36
N LEU C 428 30.06 -22.82 -10.72
CA LEU C 428 28.73 -22.70 -11.29
C LEU C 428 28.61 -21.50 -12.22
N LYS C 429 29.70 -20.77 -12.38
CA LYS C 429 29.67 -19.61 -13.27
C LYS C 429 29.78 -20.18 -14.68
N GLN C 430 29.56 -19.38 -15.72
CA GLN C 430 29.65 -19.91 -17.11
C GLN C 430 29.45 -18.91 -18.27
N GLY C 431 30.32 -18.92 -19.30
CA GLY C 431 30.20 -18.02 -20.46
C GLY C 431 28.84 -18.08 -21.17
N GLN C 432 28.71 -17.61 -22.42
CA GLN C 432 27.40 -17.63 -23.07
C GLN C 432 27.44 -18.28 -24.45
N TYR C 433 26.35 -18.95 -24.80
CA TYR C 433 26.23 -19.62 -26.09
C TYR C 433 27.24 -20.76 -26.19
N SER C 434 27.42 -21.45 -25.06
CA SER C 434 28.32 -22.59 -24.95
C SER C 434 27.88 -23.49 -23.78
N PRO C 435 26.70 -24.13 -23.92
CA PRO C 435 26.10 -25.04 -22.93
C PRO C 435 27.03 -26.22 -22.73
N MET C 436 27.19 -26.66 -21.49
CA MET C 436 28.08 -27.77 -21.23
C MET C 436 27.40 -29.11 -21.36
N ALA C 437 28.16 -30.09 -21.82
CA ALA C 437 27.65 -31.44 -22.00
C ALA C 437 27.69 -32.13 -20.62
N ILE C 438 26.54 -32.63 -20.21
CA ILE C 438 26.37 -33.29 -18.93
C ILE C 438 27.56 -34.12 -18.42
N GLU C 439 28.28 -34.77 -19.31
CA GLU C 439 29.45 -35.55 -18.88
C GLU C 439 30.49 -34.55 -18.44
N GLU C 440 30.82 -33.63 -19.32
CA GLU C 440 31.78 -32.58 -19.05
C GLU C 440 31.39 -31.82 -17.78
N GLN C 441 30.08 -31.63 -17.60
CA GLN C 441 29.58 -30.93 -16.42
C GLN C 441 30.03 -31.68 -15.17
N VAL C 442 29.83 -32.99 -15.16
CA VAL C 442 30.24 -33.80 -14.03
C VAL C 442 31.76 -33.71 -13.90
N ALA C 443 32.44 -33.78 -15.04
CA ALA C 443 33.90 -33.70 -15.10
C ALA C 443 34.44 -32.56 -14.25
N VAL C 444 33.94 -31.35 -14.47
CA VAL C 444 34.41 -30.21 -13.71
C VAL C 444 33.88 -30.24 -12.27
N ILE C 445 32.57 -30.38 -12.10
CA ILE C 445 31.98 -30.44 -10.77
C ILE C 445 32.82 -31.38 -9.91
N TYR C 446 33.21 -32.50 -10.50
CA TYR C 446 34.04 -33.52 -9.85
C TYR C 446 35.26 -32.84 -9.25
N ALA C 447 35.98 -32.10 -10.09
CA ALA C 447 37.18 -31.39 -9.66
C ALA C 447 36.85 -30.42 -8.52
N GLY C 448 35.57 -30.09 -8.38
CA GLY C 448 35.18 -29.18 -7.32
C GLY C 448 34.71 -29.85 -6.04
N VAL C 449 33.84 -30.85 -6.18
CA VAL C 449 33.30 -31.53 -5.01
C VAL C 449 34.25 -32.51 -4.30
N ARG C 450 35.18 -33.11 -5.03
CA ARG C 450 36.10 -34.04 -4.38
C ARG C 450 37.18 -33.32 -3.56
N GLY C 451 37.20 -31.99 -3.67
CA GLY C 451 38.17 -31.20 -2.91
C GLY C 451 39.49 -30.87 -3.60
N TYR C 452 39.68 -31.35 -4.82
CA TYR C 452 40.93 -31.11 -5.53
C TYR C 452 41.23 -29.64 -5.84
N LEU C 453 40.39 -28.73 -5.38
CA LEU C 453 40.63 -27.30 -5.62
C LEU C 453 40.58 -26.49 -4.34
N ASP C 454 40.34 -27.18 -3.22
CA ASP C 454 40.24 -26.56 -1.91
C ASP C 454 41.50 -25.78 -1.53
N LYS C 455 42.51 -25.84 -2.41
CA LYS C 455 43.77 -25.15 -2.19
C LYS C 455 44.17 -24.31 -3.39
N LEU C 456 43.19 -23.90 -4.19
CA LEU C 456 43.41 -23.06 -5.36
C LEU C 456 42.63 -21.76 -5.20
N GLU C 457 43.20 -20.64 -5.67
CA GLU C 457 42.55 -19.35 -5.51
C GLU C 457 41.40 -19.03 -6.45
N PRO C 458 40.23 -18.74 -5.87
CA PRO C 458 38.95 -18.40 -6.51
C PRO C 458 39.02 -17.52 -7.75
N SER C 459 40.17 -16.87 -7.96
CA SER C 459 40.33 -15.99 -9.11
C SER C 459 40.76 -16.77 -10.36
N LYS C 460 41.29 -17.98 -10.15
CA LYS C 460 41.75 -18.82 -11.25
C LYS C 460 40.72 -19.88 -11.65
N ILE C 461 39.90 -20.31 -10.69
CA ILE C 461 38.90 -21.33 -10.95
C ILE C 461 38.33 -21.35 -12.35
N THR C 462 37.90 -20.20 -12.85
CA THR C 462 37.36 -20.16 -14.21
C THR C 462 38.43 -20.38 -15.25
N LYS C 463 39.54 -19.65 -15.17
CA LYS C 463 40.60 -19.85 -16.14
C LYS C 463 40.94 -21.34 -16.11
N PHE C 464 40.61 -21.98 -14.99
CA PHE C 464 40.86 -23.40 -14.80
C PHE C 464 39.89 -24.22 -15.64
N GLU C 465 38.60 -24.12 -15.30
CA GLU C 465 37.56 -24.85 -15.99
C GLU C 465 37.76 -24.83 -17.50
N ASN C 466 37.98 -23.64 -18.05
CA ASN C 466 38.20 -23.46 -19.47
C ASN C 466 39.29 -24.37 -19.99
N ALA C 467 40.39 -24.46 -19.26
CA ALA C 467 41.51 -25.30 -19.67
C ALA C 467 41.15 -26.77 -19.47
N PHE C 468 40.83 -27.12 -18.23
CA PHE C 468 40.47 -28.48 -17.89
C PHE C 468 39.44 -29.09 -18.83
N LEU C 469 38.47 -28.28 -19.23
CA LEU C 469 37.41 -28.76 -20.10
C LEU C 469 37.95 -29.07 -21.48
N SER C 470 38.58 -28.09 -22.10
CA SER C 470 39.16 -28.27 -23.44
C SER C 470 40.01 -29.54 -23.49
N HIS C 471 40.69 -29.80 -22.37
CA HIS C 471 41.57 -30.94 -22.22
C HIS C 471 40.80 -32.25 -22.22
N VAL C 472 39.88 -32.40 -21.27
CA VAL C 472 39.10 -33.62 -21.17
C VAL C 472 38.21 -33.78 -22.40
N ILE C 473 38.40 -32.90 -23.38
CA ILE C 473 37.62 -32.96 -24.61
C ILE C 473 38.48 -33.41 -25.78
N SER C 474 39.66 -32.79 -25.92
CA SER C 474 40.58 -33.14 -26.99
C SER C 474 41.17 -34.53 -26.80
N GLN C 475 41.78 -34.73 -25.63
CA GLN C 475 42.43 -36.00 -25.30
C GLN C 475 41.56 -37.10 -24.72
N HIS C 476 40.93 -36.82 -23.57
CA HIS C 476 40.10 -37.82 -22.94
C HIS C 476 38.71 -37.99 -23.54
N GLN C 477 38.70 -37.97 -24.87
CA GLN C 477 37.48 -38.14 -25.67
C GLN C 477 36.73 -39.41 -25.23
N ALA C 478 37.49 -40.46 -24.90
CA ALA C 478 36.91 -41.72 -24.50
C ALA C 478 36.18 -41.67 -23.15
N LEU C 479 36.87 -41.21 -22.11
CA LEU C 479 36.29 -41.14 -20.77
C LEU C 479 34.87 -40.60 -20.82
N LEU C 480 34.75 -39.35 -21.26
CA LEU C 480 33.43 -38.74 -21.36
C LEU C 480 32.59 -39.68 -22.21
N GLY C 481 33.16 -40.10 -23.33
CA GLY C 481 32.46 -41.01 -24.23
C GLY C 481 31.81 -42.18 -23.51
N LYS C 482 32.43 -42.65 -22.44
CA LYS C 482 31.88 -43.77 -21.69
C LYS C 482 30.94 -43.26 -20.61
N ILE C 483 31.28 -42.14 -20.00
CA ILE C 483 30.41 -41.57 -18.98
C ILE C 483 29.12 -41.16 -19.65
N ARG C 484 29.20 -40.74 -20.91
CA ARG C 484 27.98 -40.37 -21.62
C ARG C 484 27.14 -41.63 -21.77
N THR C 485 27.70 -42.63 -22.44
CA THR C 485 27.00 -43.90 -22.67
C THR C 485 26.37 -44.49 -21.41
N ASP C 486 27.21 -44.82 -20.45
CA ASP C 486 26.76 -45.40 -19.18
C ASP C 486 26.10 -44.33 -18.31
N GLY C 487 26.15 -43.08 -18.77
CA GLY C 487 25.55 -41.97 -18.02
C GLY C 487 25.96 -42.02 -16.56
N LYS C 488 27.03 -42.76 -16.29
CA LYS C 488 27.53 -42.91 -14.94
C LYS C 488 29.04 -42.88 -14.97
N ILE C 489 29.63 -42.61 -13.80
CA ILE C 489 31.07 -42.57 -13.67
C ILE C 489 31.44 -43.88 -12.99
N SER C 490 31.96 -44.82 -13.78
CA SER C 490 32.34 -46.13 -13.26
C SER C 490 33.64 -46.08 -12.46
N GLU C 491 33.68 -46.88 -11.40
CA GLU C 491 34.84 -46.97 -10.51
C GLU C 491 36.14 -46.81 -11.32
N GLU C 492 36.11 -47.31 -12.55
CA GLU C 492 37.25 -47.23 -13.45
C GLU C 492 37.49 -45.78 -13.82
N SER C 493 36.48 -45.19 -14.46
CA SER C 493 36.52 -43.79 -14.91
C SER C 493 36.83 -42.79 -13.81
N ASP C 494 36.29 -43.03 -12.61
CA ASP C 494 36.56 -42.12 -11.51
C ASP C 494 38.06 -42.04 -11.40
N ALA C 495 38.67 -43.16 -11.03
CA ALA C 495 40.12 -43.26 -10.88
C ALA C 495 40.89 -42.66 -12.05
N LYS C 496 40.30 -42.68 -13.24
CA LYS C 496 40.95 -42.12 -14.41
C LYS C 496 40.83 -40.59 -14.40
N LEU C 497 40.02 -40.06 -13.48
CA LEU C 497 39.82 -38.61 -13.34
C LEU C 497 40.68 -38.07 -12.22
N LYS C 498 40.90 -38.90 -11.20
CA LYS C 498 41.73 -38.54 -10.05
C LYS C 498 43.13 -38.38 -10.59
N GLU C 499 43.39 -39.11 -11.67
CA GLU C 499 44.68 -39.08 -12.32
C GLU C 499 44.74 -37.79 -13.11
N ILE C 500 43.69 -37.55 -13.88
CA ILE C 500 43.57 -36.37 -14.71
C ILE C 500 43.75 -35.04 -13.99
N VAL C 501 42.89 -34.74 -13.03
CA VAL C 501 43.00 -33.47 -12.31
C VAL C 501 44.31 -33.28 -11.51
N THR C 502 44.54 -34.09 -10.47
CA THR C 502 45.75 -33.95 -9.63
C THR C 502 46.97 -33.53 -10.44
N ASN C 503 47.18 -34.19 -11.58
CA ASN C 503 48.32 -33.91 -12.44
C ASN C 503 48.13 -32.68 -13.31
N PHE C 504 46.94 -32.55 -13.89
CA PHE C 504 46.66 -31.40 -14.73
C PHE C 504 46.75 -30.17 -13.86
N LEU C 505 46.24 -30.30 -12.64
CA LEU C 505 46.24 -29.23 -11.67
C LEU C 505 47.65 -28.88 -11.21
N ALA C 506 48.42 -29.90 -10.85
CA ALA C 506 49.79 -29.68 -10.42
C ALA C 506 50.57 -29.01 -11.56
N GLY C 507 50.21 -29.35 -12.79
CA GLY C 507 50.88 -28.77 -13.94
C GLY C 507 50.44 -27.34 -14.14
N PHE C 508 49.27 -27.03 -13.60
CA PHE C 508 48.71 -25.69 -13.70
C PHE C 508 49.43 -24.76 -12.71
N GLU C 509 49.55 -25.23 -11.48
CA GLU C 509 50.20 -24.46 -10.42
C GLU C 509 51.72 -24.63 -10.47
N ALA C 510 52.24 -24.88 -11.67
CA ALA C 510 53.68 -25.06 -11.86
C ALA C 510 54.47 -23.93 -11.20
N THR D 13 -17.53 15.12 -47.25
CA THR D 13 -18.88 15.52 -46.73
C THR D 13 -18.71 16.35 -45.46
N THR D 14 -19.83 16.76 -44.86
CA THR D 14 -19.76 17.58 -43.66
C THR D 14 -20.34 16.94 -42.41
N GLY D 15 -19.56 16.99 -41.34
CA GLY D 15 -19.99 16.44 -40.07
C GLY D 15 -20.29 17.55 -39.08
N ARG D 16 -21.02 17.22 -38.02
CA ARG D 16 -21.35 18.21 -37.02
C ARG D 16 -21.02 17.79 -35.61
N ILE D 17 -20.42 18.71 -34.86
CA ILE D 17 -20.03 18.45 -33.47
C ILE D 17 -21.29 18.21 -32.64
N VAL D 18 -21.31 17.13 -31.86
CA VAL D 18 -22.48 16.87 -31.06
C VAL D 18 -22.19 16.80 -29.56
N ALA D 19 -20.91 16.75 -29.22
CA ALA D 19 -20.49 16.70 -27.83
C ALA D 19 -19.07 17.22 -27.71
N VAL D 20 -18.79 17.91 -26.61
CA VAL D 20 -17.46 18.45 -26.39
C VAL D 20 -17.09 18.31 -24.92
N ILE D 21 -16.21 17.37 -24.60
CA ILE D 21 -15.76 17.21 -23.22
C ILE D 21 -14.24 17.26 -23.21
N GLY D 22 -13.71 18.42 -22.84
CA GLY D 22 -12.28 18.59 -22.79
C GLY D 22 -11.64 18.49 -24.17
N ALA D 23 -10.76 17.52 -24.33
CA ALA D 23 -10.07 17.32 -25.58
C ALA D 23 -10.73 16.27 -26.46
N VAL D 24 -11.81 15.66 -25.97
CA VAL D 24 -12.53 14.65 -26.75
C VAL D 24 -13.73 15.31 -27.38
N VAL D 25 -13.96 15.04 -28.67
CA VAL D 25 -15.05 15.68 -29.40
C VAL D 25 -15.80 14.71 -30.30
N ASP D 26 -17.11 14.58 -30.06
CA ASP D 26 -17.92 13.69 -30.88
C ASP D 26 -18.57 14.44 -32.04
N VAL D 27 -18.17 14.07 -33.25
CA VAL D 27 -18.74 14.67 -34.45
C VAL D 27 -19.69 13.66 -35.07
N GLN D 28 -20.83 14.11 -35.55
CA GLN D 28 -21.76 13.19 -36.19
C GLN D 28 -21.75 13.46 -37.69
N PHE D 29 -21.73 12.40 -38.49
CA PHE D 29 -21.74 12.57 -39.93
C PHE D 29 -23.03 11.99 -40.49
N ASP D 30 -23.62 12.69 -41.45
CA ASP D 30 -24.86 12.22 -42.06
C ASP D 30 -24.53 11.34 -43.27
N GLU D 31 -23.31 11.50 -43.79
CA GLU D 31 -22.83 10.74 -44.94
C GLU D 31 -21.30 10.67 -44.89
N GLY D 32 -20.74 9.64 -45.54
CA GLY D 32 -19.29 9.47 -45.60
C GLY D 32 -18.50 9.48 -44.31
N LEU D 33 -18.88 8.60 -43.38
CA LEU D 33 -18.23 8.48 -42.09
C LEU D 33 -16.71 8.29 -42.20
N PRO D 34 -15.92 9.19 -41.56
CA PRO D 34 -14.46 9.14 -41.57
C PRO D 34 -13.91 7.97 -40.77
N PRO D 35 -12.97 7.21 -41.35
CA PRO D 35 -12.43 6.09 -40.58
C PRO D 35 -11.47 6.51 -39.47
N ILE D 36 -11.20 5.58 -38.56
CA ILE D 36 -10.32 5.83 -37.44
C ILE D 36 -8.97 6.30 -37.94
N LEU D 37 -8.38 7.22 -37.20
CA LEU D 37 -7.07 7.80 -37.50
C LEU D 37 -7.17 8.99 -38.43
N ASN D 38 -8.28 9.11 -39.14
CA ASN D 38 -8.47 10.21 -40.06
C ASN D 38 -8.40 11.52 -39.34
N ALA D 39 -8.04 12.58 -40.06
CA ALA D 39 -7.91 13.90 -39.48
C ALA D 39 -9.04 14.83 -39.91
N LEU D 40 -9.86 15.26 -38.97
CA LEU D 40 -10.94 16.17 -39.28
C LEU D 40 -10.46 17.59 -39.02
N GLU D 41 -10.96 18.53 -39.80
CA GLU D 41 -10.60 19.93 -39.66
C GLU D 41 -11.86 20.63 -39.20
N VAL D 42 -11.87 21.11 -37.96
CA VAL D 42 -13.03 21.82 -37.44
C VAL D 42 -13.12 23.12 -38.22
N GLN D 43 -14.34 23.54 -38.52
CA GLN D 43 -14.53 24.76 -39.28
C GLN D 43 -14.91 25.94 -38.39
N GLY D 44 -14.84 27.13 -38.96
CA GLY D 44 -15.19 28.33 -38.23
C GLY D 44 -14.21 28.65 -37.12
N ARG D 45 -12.92 28.46 -37.37
CA ARG D 45 -11.92 28.73 -36.36
C ARG D 45 -10.69 29.50 -36.83
N GLU D 46 -10.17 30.35 -35.96
CA GLU D 46 -9.01 31.16 -36.26
C GLU D 46 -7.79 30.33 -36.70
N THR D 47 -7.26 29.49 -35.83
CA THR D 47 -6.12 28.65 -36.19
C THR D 47 -6.67 27.28 -36.58
N ARG D 48 -5.92 26.54 -37.39
CA ARG D 48 -6.37 25.22 -37.83
C ARG D 48 -6.52 24.30 -36.62
N LEU D 49 -7.72 23.78 -36.40
CA LEU D 49 -8.00 22.87 -35.28
C LEU D 49 -8.36 21.48 -35.78
N VAL D 50 -7.42 20.55 -35.66
CA VAL D 50 -7.66 19.20 -36.14
C VAL D 50 -8.14 18.20 -35.12
N LEU D 51 -9.08 17.37 -35.55
CA LEU D 51 -9.64 16.32 -34.70
C LEU D 51 -9.15 14.99 -35.27
N GLU D 52 -8.70 14.09 -34.42
CA GLU D 52 -8.24 12.80 -34.90
C GLU D 52 -9.31 11.78 -34.56
N VAL D 53 -9.92 11.17 -35.57
CA VAL D 53 -10.94 10.19 -35.28
C VAL D 53 -10.34 9.07 -34.46
N ALA D 54 -11.01 8.71 -33.37
CA ALA D 54 -10.51 7.67 -32.50
C ALA D 54 -11.41 6.47 -32.47
N GLN D 55 -12.70 6.69 -32.61
CA GLN D 55 -13.61 5.56 -32.56
C GLN D 55 -14.96 5.85 -33.15
N HIS D 56 -15.53 4.85 -33.79
CA HIS D 56 -16.85 4.98 -34.35
C HIS D 56 -17.79 4.59 -33.22
N LEU D 57 -18.60 5.54 -32.77
CA LEU D 57 -19.53 5.27 -31.68
C LEU D 57 -20.75 4.57 -32.24
N GLY D 58 -21.06 4.89 -33.48
CA GLY D 58 -22.24 4.33 -34.12
C GLY D 58 -23.23 5.48 -34.25
N GLU D 59 -24.34 5.24 -34.92
CA GLU D 59 -25.33 6.28 -35.11
C GLU D 59 -24.69 7.42 -35.87
N SER D 60 -23.66 7.06 -36.65
CA SER D 60 -22.91 7.97 -37.49
C SER D 60 -22.20 9.06 -36.74
N THR D 61 -21.73 8.72 -35.56
CA THR D 61 -21.00 9.66 -34.74
C THR D 61 -19.63 9.07 -34.47
N VAL D 62 -18.63 9.92 -34.54
CA VAL D 62 -17.28 9.47 -34.28
C VAL D 62 -16.75 10.23 -33.09
N ARG D 63 -15.89 9.58 -32.33
CA ARG D 63 -15.30 10.23 -31.18
C ARG D 63 -13.88 10.58 -31.56
N THR D 64 -13.55 11.86 -31.51
CA THR D 64 -12.21 12.29 -31.88
C THR D 64 -11.44 12.85 -30.70
N ILE D 65 -10.17 13.14 -30.94
CA ILE D 65 -9.31 13.71 -29.92
C ILE D 65 -8.70 14.96 -30.58
N ALA D 66 -8.99 16.13 -30.01
CA ALA D 66 -8.51 17.38 -30.58
C ALA D 66 -7.00 17.52 -30.54
N MET D 67 -6.43 18.22 -31.52
CA MET D 67 -4.98 18.42 -31.55
C MET D 67 -4.61 19.76 -30.95
N ASP D 68 -5.61 20.46 -30.44
CA ASP D 68 -5.38 21.76 -29.83
C ASP D 68 -6.64 22.17 -29.07
N GLY D 69 -6.59 23.32 -28.41
CA GLY D 69 -7.72 23.79 -27.64
C GLY D 69 -9.07 23.59 -28.29
N THR D 70 -10.02 23.08 -27.51
CA THR D 70 -11.38 22.82 -27.98
C THR D 70 -12.36 23.89 -27.52
N GLU D 71 -11.82 24.95 -26.92
CA GLU D 71 -12.65 26.04 -26.46
C GLU D 71 -13.33 26.70 -27.66
N GLY D 72 -14.47 27.30 -27.42
CA GLY D 72 -15.20 27.98 -28.47
C GLY D 72 -15.99 27.05 -29.35
N LEU D 73 -15.82 25.75 -29.16
CA LEU D 73 -16.58 24.82 -29.98
C LEU D 73 -18.00 24.81 -29.51
N VAL D 74 -18.91 24.98 -30.44
CA VAL D 74 -20.33 24.93 -30.13
C VAL D 74 -20.87 23.70 -30.82
N ARG D 75 -21.86 23.07 -30.20
CA ARG D 75 -22.47 21.89 -30.79
C ARG D 75 -23.17 22.39 -32.05
N GLY D 76 -22.98 21.65 -33.14
CA GLY D 76 -23.58 22.05 -34.40
C GLY D 76 -22.53 22.66 -35.30
N GLN D 77 -21.32 22.81 -34.79
CA GLN D 77 -20.22 23.39 -35.56
C GLN D 77 -19.78 22.39 -36.60
N LYS D 78 -19.50 22.88 -37.81
CA LYS D 78 -19.11 22.01 -38.90
C LYS D 78 -17.69 21.44 -38.85
N VAL D 79 -17.61 20.14 -39.09
CA VAL D 79 -16.33 19.48 -39.12
C VAL D 79 -16.14 18.87 -40.50
N LEU D 80 -14.96 19.04 -41.05
CA LEU D 80 -14.65 18.51 -42.37
C LEU D 80 -13.76 17.30 -42.19
N ASP D 81 -13.80 16.40 -43.16
CA ASP D 81 -12.95 15.23 -43.14
C ASP D 81 -11.89 15.51 -44.20
N SER D 82 -10.61 15.32 -43.84
CA SER D 82 -9.51 15.58 -44.75
C SER D 82 -9.26 14.36 -45.63
N GLY D 83 -9.89 13.25 -45.25
CA GLY D 83 -9.75 12.02 -46.00
C GLY D 83 -8.49 11.25 -45.72
N ALA D 84 -7.72 11.68 -44.72
CA ALA D 84 -6.48 11.00 -44.36
C ALA D 84 -5.99 11.39 -42.98
N PRO D 85 -5.15 10.54 -42.36
CA PRO D 85 -4.58 10.77 -41.02
C PRO D 85 -3.79 12.07 -41.03
N ILE D 86 -3.30 12.51 -39.88
CA ILE D 86 -2.53 13.73 -39.85
C ILE D 86 -1.27 13.55 -40.74
N ARG D 87 -1.18 14.34 -41.81
CA ARG D 87 -0.04 14.28 -42.72
C ARG D 87 0.84 15.52 -42.55
N ILE D 88 2.12 15.28 -42.28
CA ILE D 88 3.09 16.34 -42.04
C ILE D 88 4.20 16.31 -43.09
N PRO D 89 4.92 17.44 -43.26
CA PRO D 89 6.01 17.54 -44.23
C PRO D 89 7.25 16.77 -43.82
N VAL D 90 7.82 16.03 -44.76
CA VAL D 90 9.03 15.29 -44.48
C VAL D 90 10.00 15.61 -45.58
N GLY D 91 11.29 15.58 -45.25
CA GLY D 91 12.29 15.87 -46.25
C GLY D 91 13.36 16.77 -45.69
N PRO D 92 14.34 17.15 -46.52
CA PRO D 92 15.45 18.02 -46.11
C PRO D 92 15.07 19.43 -45.68
N GLU D 93 13.98 19.98 -46.19
CA GLU D 93 13.58 21.34 -45.83
C GLU D 93 13.01 21.50 -44.42
N THR D 94 12.75 20.38 -43.74
CA THR D 94 12.25 20.42 -42.39
C THR D 94 13.47 20.73 -41.54
N LEU D 95 14.59 20.14 -41.93
CA LEU D 95 15.85 20.34 -41.23
C LEU D 95 16.03 21.81 -40.92
N GLY D 96 16.26 22.12 -39.65
CA GLY D 96 16.44 23.50 -39.24
C GLY D 96 15.15 24.20 -38.89
N ARG D 97 14.03 23.53 -39.14
CA ARG D 97 12.73 24.11 -38.82
C ARG D 97 12.10 23.46 -37.57
N ILE D 98 11.19 24.18 -36.93
CA ILE D 98 10.51 23.68 -35.74
C ILE D 98 9.05 23.47 -36.12
N MET D 99 8.54 22.26 -35.96
CA MET D 99 7.15 22.00 -36.31
C MET D 99 6.29 21.50 -35.12
N ASN D 100 4.98 21.76 -35.20
CA ASN D 100 4.05 21.36 -34.14
C ASN D 100 3.53 19.97 -34.43
N VAL D 101 2.67 19.47 -33.56
CA VAL D 101 2.10 18.14 -33.72
C VAL D 101 1.69 17.86 -35.17
N ILE D 102 0.92 18.77 -35.72
CA ILE D 102 0.40 18.64 -37.06
C ILE D 102 1.29 19.18 -38.17
N GLY D 103 2.59 19.21 -37.93
CA GLY D 103 3.51 19.69 -38.95
C GLY D 103 3.53 21.15 -39.34
N GLU D 104 2.78 22.00 -38.64
CA GLU D 104 2.78 23.42 -38.96
C GLU D 104 4.04 24.07 -38.41
N PRO D 105 4.70 24.91 -39.23
CA PRO D 105 5.92 25.59 -38.77
C PRO D 105 5.58 26.50 -37.59
N ILE D 106 6.42 26.51 -36.57
CA ILE D 106 6.18 27.37 -35.42
C ILE D 106 7.42 28.20 -35.12
N ASP D 107 8.35 28.22 -36.07
CA ASP D 107 9.57 29.01 -35.92
C ASP D 107 9.48 30.37 -36.63
N GLU D 108 8.24 30.78 -36.91
CA GLU D 108 7.96 32.06 -37.58
C GLU D 108 8.78 32.30 -38.85
N ARG D 109 9.19 31.22 -39.49
CA ARG D 109 9.98 31.31 -40.70
C ARG D 109 9.20 30.86 -41.93
N GLY D 110 7.89 31.06 -41.91
CA GLY D 110 7.07 30.71 -43.05
C GLY D 110 6.85 29.24 -43.31
N PRO D 111 6.05 28.92 -44.35
CA PRO D 111 5.68 27.58 -44.80
C PRO D 111 6.86 26.67 -45.08
N ILE D 112 6.65 25.37 -44.87
CA ILE D 112 7.68 24.37 -45.09
C ILE D 112 7.42 23.68 -46.42
N LYS D 113 7.94 24.31 -47.47
CA LYS D 113 7.80 23.83 -48.84
C LYS D 113 8.52 22.50 -49.05
N THR D 114 7.86 21.40 -48.71
CA THR D 114 8.45 20.08 -48.91
C THR D 114 7.70 19.51 -50.07
N LYS D 115 8.27 18.47 -50.67
CA LYS D 115 7.62 17.82 -51.79
C LYS D 115 6.64 16.83 -51.17
N GLN D 116 7.17 15.81 -50.51
CA GLN D 116 6.33 14.79 -49.90
C GLN D 116 5.72 15.17 -48.56
N PHE D 117 4.63 14.47 -48.22
CA PHE D 117 3.92 14.64 -46.97
C PHE D 117 3.67 13.22 -46.49
N ALA D 118 3.83 12.99 -45.20
CA ALA D 118 3.62 11.66 -44.64
C ALA D 118 2.63 11.69 -43.48
N ALA D 119 1.86 10.63 -43.36
CA ALA D 119 0.88 10.50 -42.27
C ALA D 119 1.68 10.19 -41.01
N ILE D 120 1.30 10.81 -39.88
CA ILE D 120 2.03 10.56 -38.64
C ILE D 120 1.69 9.19 -38.10
N HIS D 121 0.87 8.46 -38.83
CA HIS D 121 0.51 7.08 -38.44
C HIS D 121 1.03 6.12 -39.47
N ALA D 122 1.49 4.96 -39.00
CA ALA D 122 2.03 3.95 -39.91
C ALA D 122 2.41 2.70 -39.15
N GLU D 123 2.43 1.58 -39.86
CA GLU D 123 2.79 0.31 -39.25
C GLU D 123 4.30 0.21 -39.03
N ALA D 124 4.69 -0.60 -38.04
CA ALA D 124 6.09 -0.81 -37.70
C ALA D 124 6.77 -1.78 -38.66
N PRO D 125 8.06 -1.57 -38.93
CA PRO D 125 8.78 -2.47 -39.83
C PRO D 125 8.51 -3.92 -39.45
N GLU D 126 8.42 -4.78 -40.46
CA GLU D 126 8.17 -6.20 -40.27
C GLU D 126 9.33 -6.97 -39.66
N PHE D 127 9.11 -8.26 -39.44
CA PHE D 127 10.15 -9.09 -38.84
C PHE D 127 11.38 -9.29 -39.73
N VAL D 128 11.18 -9.27 -41.05
CA VAL D 128 12.30 -9.45 -41.98
C VAL D 128 13.08 -8.17 -42.23
N GLU D 129 12.59 -7.04 -41.73
CA GLU D 129 13.27 -5.76 -41.91
C GLU D 129 14.16 -5.47 -40.70
N MET D 130 14.15 -6.39 -39.74
CA MET D 130 14.93 -6.24 -38.52
C MET D 130 16.44 -6.36 -38.66
N SER D 131 17.15 -5.47 -37.99
CA SER D 131 18.61 -5.48 -38.03
C SER D 131 19.15 -6.22 -36.81
N VAL D 132 20.28 -6.92 -36.98
CA VAL D 132 20.84 -7.67 -35.86
C VAL D 132 22.30 -7.32 -35.68
N GLU D 133 22.64 -6.05 -35.86
CA GLU D 133 24.02 -5.63 -35.75
C GLU D 133 24.35 -4.73 -34.58
N GLN D 134 25.01 -5.33 -33.60
CA GLN D 134 25.42 -4.65 -32.39
C GLN D 134 26.80 -4.02 -32.58
N GLU D 135 26.89 -2.71 -32.42
CA GLU D 135 28.15 -1.99 -32.56
C GLU D 135 28.19 -0.84 -31.57
N ILE D 136 29.02 -0.97 -30.54
CA ILE D 136 29.14 0.03 -29.50
C ILE D 136 29.31 1.48 -29.95
N LEU D 137 28.56 2.36 -29.30
CA LEU D 137 28.62 3.78 -29.58
C LEU D 137 29.17 4.47 -28.35
N VAL D 138 30.48 4.71 -28.34
CA VAL D 138 31.15 5.35 -27.21
C VAL D 138 30.66 6.77 -27.05
N THR D 139 30.26 7.10 -25.83
CA THR D 139 29.72 8.43 -25.53
C THR D 139 30.62 9.38 -24.74
N GLY D 140 31.72 8.88 -24.18
CA GLY D 140 32.60 9.76 -23.44
C GLY D 140 32.20 9.96 -21.99
N ILE D 141 31.24 9.15 -21.54
CA ILE D 141 30.78 9.25 -20.19
C ILE D 141 31.07 7.93 -19.52
N LYS D 142 32.04 7.96 -18.63
CA LYS D 142 32.49 6.78 -17.90
C LYS D 142 31.45 5.74 -17.50
N VAL D 143 30.53 6.10 -16.60
CA VAL D 143 29.51 5.16 -16.16
C VAL D 143 28.85 4.43 -17.33
N VAL D 144 28.53 5.19 -18.37
CA VAL D 144 27.85 4.60 -19.53
C VAL D 144 28.72 3.73 -20.41
N ASP D 145 29.75 4.31 -21.02
CA ASP D 145 30.63 3.53 -21.87
C ASP D 145 31.00 2.22 -21.18
N LEU D 146 31.25 2.32 -19.88
CA LEU D 146 31.64 1.17 -19.08
C LEU D 146 30.49 0.21 -18.81
N LEU D 147 29.73 0.48 -17.77
CA LEU D 147 28.61 -0.36 -17.35
C LEU D 147 27.55 -0.70 -18.39
N ALA D 148 27.04 0.31 -19.07
CA ALA D 148 26.01 0.09 -20.08
C ALA D 148 26.28 0.85 -21.38
N PRO D 149 27.33 0.46 -22.10
CA PRO D 149 27.66 1.14 -23.36
C PRO D 149 26.45 1.19 -24.31
N TYR D 150 26.26 2.35 -24.95
CA TYR D 150 25.17 2.52 -25.89
C TYR D 150 25.59 1.81 -27.15
N ALA D 151 24.70 1.74 -28.12
CA ALA D 151 25.00 1.06 -29.36
C ALA D 151 24.36 1.77 -30.54
N LYS D 152 25.17 2.09 -31.54
CA LYS D 152 24.67 2.75 -32.73
C LYS D 152 23.51 1.92 -33.27
N GLY D 153 22.42 2.60 -33.62
CA GLY D 153 21.24 1.94 -34.14
C GLY D 153 20.39 1.31 -33.06
N GLY D 154 20.82 1.47 -31.82
CA GLY D 154 20.10 0.91 -30.70
C GLY D 154 19.14 1.88 -30.04
N LYS D 155 18.28 1.34 -29.17
CA LYS D 155 17.32 2.16 -28.46
C LYS D 155 17.81 2.47 -27.06
N ILE D 156 18.15 3.73 -26.82
CA ILE D 156 18.66 4.17 -25.52
C ILE D 156 17.61 4.86 -24.63
N GLY D 157 17.57 4.43 -23.38
CA GLY D 157 16.65 5.01 -22.42
C GLY D 157 17.36 5.75 -21.28
N LEU D 158 16.71 6.78 -20.76
CA LEU D 158 17.26 7.55 -19.66
C LEU D 158 16.13 7.71 -18.66
N PHE D 159 16.04 6.78 -17.72
CA PHE D 159 15.00 6.86 -16.71
C PHE D 159 15.47 7.82 -15.65
N GLY D 160 14.59 8.68 -15.18
CA GLY D 160 14.97 9.63 -14.15
C GLY D 160 13.77 10.38 -13.64
N GLY D 161 13.80 10.75 -12.36
CA GLY D 161 12.68 11.47 -11.78
C GLY D 161 12.85 12.98 -11.86
N ALA D 162 11.87 13.71 -11.36
CA ALA D 162 11.92 15.17 -11.36
C ALA D 162 13.27 15.74 -10.92
N GLY D 163 13.86 16.58 -11.78
CA GLY D 163 15.13 17.20 -11.49
C GLY D 163 16.33 16.30 -11.23
N VAL D 164 16.21 15.05 -11.64
CA VAL D 164 17.28 14.10 -11.42
C VAL D 164 18.43 14.21 -12.44
N GLY D 165 18.11 14.65 -13.66
CA GLY D 165 19.18 14.80 -14.63
C GLY D 165 19.02 14.22 -16.03
N LYS D 166 17.79 13.92 -16.44
CA LYS D 166 17.55 13.35 -17.75
C LYS D 166 17.95 14.31 -18.85
N THR D 167 17.42 15.52 -18.79
CA THR D 167 17.73 16.52 -19.79
C THR D 167 19.22 16.84 -19.88
N VAL D 168 19.83 17.14 -18.75
CA VAL D 168 21.26 17.46 -18.70
C VAL D 168 22.09 16.41 -19.40
N LEU D 169 21.72 15.15 -19.21
CA LEU D 169 22.42 14.05 -19.85
C LEU D 169 22.10 14.05 -21.34
N ILE D 170 20.83 14.25 -21.68
CA ILE D 170 20.37 14.29 -23.08
C ILE D 170 21.26 15.28 -23.81
N MET D 171 21.32 16.49 -23.29
CA MET D 171 22.12 17.57 -23.87
C MET D 171 23.53 17.08 -24.09
N GLU D 172 24.17 16.63 -23.02
CA GLU D 172 25.54 16.12 -23.06
C GLU D 172 25.72 15.09 -24.20
N LEU D 173 24.70 14.27 -24.42
CA LEU D 173 24.75 13.27 -25.47
C LEU D 173 24.75 13.98 -26.80
N ILE D 174 23.84 14.93 -26.96
CA ILE D 174 23.75 15.69 -28.19
C ILE D 174 25.08 16.42 -28.41
N ASN D 175 25.80 16.63 -27.31
CA ASN D 175 27.09 17.32 -27.36
C ASN D 175 28.23 16.37 -27.80
N ASN D 176 28.44 15.32 -27.02
CA ASN D 176 29.49 14.34 -27.26
C ASN D 176 29.18 13.28 -28.31
N VAL D 177 28.12 13.48 -29.08
CA VAL D 177 27.76 12.51 -30.10
C VAL D 177 27.15 13.14 -31.34
N ALA D 178 26.13 13.98 -31.15
CA ALA D 178 25.46 14.62 -32.27
C ALA D 178 26.45 15.38 -33.15
N LYS D 179 27.21 16.28 -32.53
CA LYS D 179 28.19 17.09 -33.26
C LYS D 179 29.22 16.29 -34.08
N ALA D 180 29.60 15.11 -33.59
CA ALA D 180 30.54 14.25 -34.29
C ALA D 180 29.74 13.10 -34.92
N HIS D 181 28.66 13.47 -35.61
CA HIS D 181 27.78 12.51 -36.28
C HIS D 181 27.71 12.78 -37.78
N GLY D 182 27.69 11.72 -38.57
CA GLY D 182 27.63 11.88 -40.01
C GLY D 182 26.23 11.70 -40.58
N GLY D 183 25.34 12.65 -40.32
CA GLY D 183 23.99 12.54 -40.83
C GLY D 183 22.98 13.52 -40.25
N TYR D 184 21.71 13.18 -40.39
CA TYR D 184 20.63 14.03 -39.89
C TYR D 184 20.13 13.61 -38.53
N SER D 185 19.65 14.59 -37.77
CA SER D 185 19.11 14.36 -36.44
C SER D 185 17.77 15.05 -36.26
N VAL D 186 16.84 14.31 -35.65
CA VAL D 186 15.51 14.84 -35.36
C VAL D 186 15.35 14.86 -33.85
N PHE D 187 15.13 16.04 -33.28
CA PHE D 187 14.91 16.15 -31.85
C PHE D 187 13.42 16.30 -31.69
N ALA D 188 12.83 15.49 -30.84
CA ALA D 188 11.39 15.55 -30.61
C ALA D 188 11.10 15.98 -29.21
N GLY D 189 10.62 17.21 -29.06
CA GLY D 189 10.28 17.73 -27.76
C GLY D 189 8.86 17.31 -27.44
N VAL D 190 8.72 16.30 -26.58
CA VAL D 190 7.39 15.80 -26.23
C VAL D 190 7.02 16.07 -24.77
N GLY D 191 6.13 17.04 -24.56
CA GLY D 191 5.65 17.35 -23.23
C GLY D 191 6.60 17.88 -22.18
N GLU D 192 7.62 18.63 -22.58
CA GLU D 192 8.52 19.19 -21.57
C GLU D 192 8.44 20.70 -21.53
N ARG D 193 9.47 21.35 -21.00
CA ARG D 193 9.48 22.80 -20.87
C ARG D 193 9.64 23.52 -22.21
N THR D 194 8.81 24.53 -22.46
CA THR D 194 8.93 25.27 -23.71
C THR D 194 10.26 26.01 -23.76
N ARG D 195 10.58 26.74 -22.70
CA ARG D 195 11.83 27.48 -22.66
C ARG D 195 13.05 26.57 -22.90
N GLU D 196 12.90 25.27 -22.71
CA GLU D 196 14.02 24.39 -22.96
C GLU D 196 14.20 24.29 -24.47
N GLY D 197 13.09 24.05 -25.17
CA GLY D 197 13.13 23.98 -26.62
C GLY D 197 13.78 25.27 -27.09
N ASN D 198 13.25 26.40 -26.59
CA ASN D 198 13.80 27.70 -26.91
C ASN D 198 15.30 27.73 -26.59
N ASP D 199 15.68 27.02 -25.53
CA ASP D 199 17.08 26.96 -25.14
C ASP D 199 17.85 26.14 -26.14
N LEU D 200 17.28 25.00 -26.50
CA LEU D 200 17.91 24.13 -27.47
C LEU D 200 17.99 24.85 -28.81
N TYR D 201 16.86 25.34 -29.29
CA TYR D 201 16.81 26.06 -30.55
C TYR D 201 18.01 26.99 -30.72
N HIS D 202 18.23 27.87 -29.74
CA HIS D 202 19.33 28.79 -29.84
C HIS D 202 20.70 28.18 -29.60
N GLU D 203 20.76 27.08 -28.86
CA GLU D 203 22.06 26.44 -28.62
C GLU D 203 22.57 25.96 -29.95
N MET D 204 21.71 25.25 -30.67
CA MET D 204 22.04 24.71 -31.97
C MET D 204 22.32 25.80 -33.00
N ILE D 205 21.54 26.88 -32.93
CA ILE D 205 21.77 27.97 -33.87
C ILE D 205 23.19 28.50 -33.70
N GLU D 206 23.61 28.68 -32.45
CA GLU D 206 24.95 29.19 -32.14
C GLU D 206 25.99 28.16 -32.60
N SER D 207 25.79 26.90 -32.20
CA SER D 207 26.70 25.82 -32.57
C SER D 207 26.74 25.63 -34.08
N GLY D 208 25.64 25.97 -34.75
CA GLY D 208 25.60 25.84 -36.20
C GLY D 208 24.95 24.59 -36.77
N VAL D 209 24.43 23.71 -35.93
CA VAL D 209 23.78 22.50 -36.45
C VAL D 209 22.50 22.99 -37.11
N ILE D 210 22.14 24.22 -36.77
CA ILE D 210 20.97 24.88 -37.32
C ILE D 210 21.44 26.13 -38.04
N ASN D 211 20.98 26.30 -39.27
CA ASN D 211 21.37 27.48 -40.04
C ASN D 211 20.14 28.11 -40.66
N LEU D 212 19.93 29.38 -40.32
CA LEU D 212 18.78 30.12 -40.80
C LEU D 212 19.05 30.82 -42.13
N LYS D 213 20.23 30.58 -42.70
CA LYS D 213 20.62 31.18 -43.97
C LYS D 213 21.10 30.12 -44.95
N ASP D 214 22.31 29.61 -44.74
CA ASP D 214 22.89 28.55 -45.58
C ASP D 214 22.18 27.25 -45.23
N ALA D 215 21.56 26.62 -46.22
CA ALA D 215 20.84 25.37 -46.00
C ALA D 215 21.69 24.20 -45.47
N THR D 216 22.57 24.49 -44.51
CA THR D 216 23.43 23.47 -43.92
C THR D 216 22.85 22.85 -42.64
N SER D 217 21.52 22.90 -42.50
CA SER D 217 20.88 22.36 -41.30
C SER D 217 20.94 20.84 -41.26
N LYS D 218 21.19 20.31 -40.06
CA LYS D 218 21.30 18.88 -39.87
C LYS D 218 20.27 18.37 -38.86
N VAL D 219 19.62 19.30 -38.15
CA VAL D 219 18.64 18.93 -37.14
C VAL D 219 17.23 19.37 -37.48
N ALA D 220 16.28 18.45 -37.33
CA ALA D 220 14.87 18.74 -37.58
C ALA D 220 14.17 18.64 -36.22
N LEU D 221 13.58 19.74 -35.79
CA LEU D 221 12.90 19.81 -34.49
C LEU D 221 11.38 19.78 -34.56
N VAL D 222 10.79 18.96 -33.69
CA VAL D 222 9.33 18.84 -33.61
C VAL D 222 8.94 19.05 -32.13
N TYR D 223 8.09 20.03 -31.86
CA TYR D 223 7.74 20.29 -30.47
C TYR D 223 6.28 20.28 -30.03
N GLY D 224 6.02 19.54 -28.95
CA GLY D 224 4.68 19.45 -28.36
C GLY D 224 4.86 19.51 -26.85
N GLN D 225 5.09 20.71 -26.31
CA GLN D 225 5.34 20.86 -24.89
C GLN D 225 4.17 20.66 -23.91
N MET D 226 4.52 20.66 -22.62
CA MET D 226 3.57 20.45 -21.53
C MET D 226 2.54 21.57 -21.45
N ASN D 227 2.63 22.54 -22.35
CA ASN D 227 1.69 23.64 -22.35
C ASN D 227 0.59 23.33 -23.36
N GLU D 228 0.69 22.16 -24.00
CA GLU D 228 -0.27 21.75 -25.03
C GLU D 228 -1.33 20.79 -24.50
N PRO D 229 -2.49 20.75 -25.14
CA PRO D 229 -3.57 19.84 -24.71
C PRO D 229 -3.10 18.39 -24.92
N PRO D 230 -3.71 17.43 -24.20
CA PRO D 230 -3.34 16.01 -24.29
C PRO D 230 -3.28 15.45 -25.69
N GLY D 231 -4.26 15.76 -26.52
CA GLY D 231 -4.23 15.26 -27.88
C GLY D 231 -2.87 15.47 -28.52
N ALA D 232 -2.45 16.73 -28.57
CA ALA D 232 -1.18 17.12 -29.16
C ALA D 232 -0.03 16.36 -28.52
N ARG D 233 0.06 16.44 -27.19
CA ARG D 233 1.14 15.76 -26.47
C ARG D 233 1.16 14.27 -26.66
N ALA D 234 0.03 13.69 -27.04
CA ALA D 234 -0.06 12.26 -27.22
C ALA D 234 0.30 11.86 -28.64
N ARG D 235 0.60 12.86 -29.45
CA ARG D 235 0.94 12.60 -30.84
C ARG D 235 2.29 13.15 -31.31
N VAL D 236 2.73 14.29 -30.78
CA VAL D 236 4.00 14.87 -31.22
C VAL D 236 5.10 13.83 -31.41
N ALA D 237 5.19 12.86 -30.51
CA ALA D 237 6.20 11.82 -30.61
C ALA D 237 6.14 11.16 -31.98
N LEU D 238 4.93 10.83 -32.42
CA LEU D 238 4.74 10.20 -33.72
C LEU D 238 5.16 11.20 -34.78
N THR D 239 4.77 12.45 -34.62
CA THR D 239 5.16 13.45 -35.61
C THR D 239 6.67 13.40 -35.77
N GLY D 240 7.38 13.56 -34.65
CA GLY D 240 8.83 13.54 -34.69
C GLY D 240 9.39 12.21 -35.15
N LEU D 241 8.66 11.15 -34.84
CA LEU D 241 9.03 9.78 -35.19
C LEU D 241 9.00 9.68 -36.71
N THR D 242 7.89 10.12 -37.30
CA THR D 242 7.68 10.12 -38.74
C THR D 242 8.83 10.84 -39.44
N VAL D 243 9.05 12.09 -39.05
CA VAL D 243 10.12 12.90 -39.61
C VAL D 243 11.45 12.14 -39.55
N ALA D 244 11.52 11.14 -38.69
CA ALA D 244 12.73 10.35 -38.55
C ALA D 244 12.71 9.11 -39.45
N GLU D 245 11.50 8.61 -39.72
CA GLU D 245 11.35 7.45 -40.61
C GLU D 245 11.71 7.87 -42.02
N TYR D 246 11.25 9.04 -42.45
CA TYR D 246 11.56 9.52 -43.79
C TYR D 246 13.06 9.48 -44.01
N PHE D 247 13.78 10.27 -43.21
CA PHE D 247 15.22 10.34 -43.28
C PHE D 247 15.85 8.96 -43.30
N ARG D 248 15.25 8.03 -42.58
CA ARG D 248 15.79 6.69 -42.52
C ARG D 248 15.60 5.93 -43.81
N ASP D 249 14.35 5.75 -44.20
CA ASP D 249 14.04 5.00 -45.39
C ASP D 249 14.11 5.78 -46.70
N GLN D 250 13.45 6.92 -46.75
CA GLN D 250 13.46 7.70 -47.98
C GLN D 250 14.78 8.45 -48.18
N GLU D 251 15.88 7.83 -47.72
CA GLU D 251 17.19 8.44 -47.87
C GLU D 251 18.33 7.52 -47.43
N GLY D 252 17.96 6.44 -46.75
CA GLY D 252 18.92 5.46 -46.26
C GLY D 252 20.10 6.04 -45.49
N GLN D 253 19.80 6.72 -44.38
CA GLN D 253 20.84 7.35 -43.57
C GLN D 253 20.79 6.92 -42.11
N ASP D 254 21.89 7.13 -41.39
CA ASP D 254 21.95 6.83 -39.96
C ASP D 254 21.30 8.04 -39.33
N VAL D 255 20.11 7.89 -38.76
CA VAL D 255 19.44 9.04 -38.16
C VAL D 255 19.41 9.01 -36.65
N LEU D 256 19.69 10.16 -36.04
CA LEU D 256 19.66 10.27 -34.58
C LEU D 256 18.35 10.90 -34.16
N LEU D 257 17.60 10.20 -33.31
CA LEU D 257 16.32 10.70 -32.84
C LEU D 257 16.33 10.87 -31.32
N PHE D 258 16.27 12.12 -30.89
CA PHE D 258 16.24 12.39 -29.46
C PHE D 258 14.85 12.85 -29.10
N ILE D 259 14.29 12.24 -28.08
CA ILE D 259 12.97 12.60 -27.61
C ILE D 259 13.10 12.85 -26.11
N ASP D 260 12.99 14.09 -25.66
CA ASP D 260 13.08 14.32 -24.22
C ASP D 260 11.72 14.01 -23.60
N ASN D 261 11.73 13.01 -22.73
CA ASN D 261 10.56 12.49 -22.06
C ASN D 261 9.44 12.03 -22.99
N ILE D 262 9.46 10.72 -23.25
CA ILE D 262 8.51 10.02 -24.09
C ILE D 262 7.41 9.48 -23.17
N PHE D 263 7.62 9.61 -21.87
CA PHE D 263 6.61 9.19 -20.88
C PHE D 263 5.40 10.10 -21.10
N ARG D 264 5.68 11.35 -21.43
CA ARG D 264 4.67 12.37 -21.67
C ARG D 264 3.62 11.91 -22.66
N PHE D 265 3.98 10.93 -23.48
CA PHE D 265 3.09 10.36 -24.51
C PHE D 265 2.08 9.47 -23.81
N THR D 266 2.57 8.67 -22.90
CA THR D 266 1.74 7.77 -22.13
C THR D 266 0.81 8.55 -21.21
N GLN D 267 1.38 9.57 -20.56
CA GLN D 267 0.66 10.44 -19.66
C GLN D 267 -0.46 11.07 -20.45
N ALA D 268 -0.13 11.61 -21.62
CA ALA D 268 -1.14 12.24 -22.45
C ALA D 268 -2.23 11.24 -22.75
N GLY D 269 -1.83 10.07 -23.23
CA GLY D 269 -2.77 9.04 -23.55
C GLY D 269 -3.75 8.80 -22.42
N SER D 270 -3.28 8.76 -21.18
CA SER D 270 -4.17 8.54 -20.05
C SER D 270 -5.20 9.65 -19.88
N GLU D 271 -4.77 10.89 -20.17
CA GLU D 271 -5.67 12.03 -20.03
C GLU D 271 -6.87 11.92 -20.95
N VAL D 272 -6.68 11.36 -22.13
CA VAL D 272 -7.80 11.24 -23.05
C VAL D 272 -8.54 9.95 -22.81
N SER D 273 -7.80 8.92 -22.40
CA SER D 273 -8.41 7.62 -22.15
C SER D 273 -9.57 7.87 -21.24
N ALA D 274 -9.36 8.81 -20.34
CA ALA D 274 -10.33 9.22 -19.36
C ALA D 274 -11.67 9.51 -20.04
N LEU D 275 -11.65 10.48 -20.94
CA LEU D 275 -12.83 10.92 -21.68
C LEU D 275 -13.31 9.98 -22.78
N LEU D 276 -12.44 9.11 -23.27
CA LEU D 276 -12.85 8.20 -24.34
C LEU D 276 -13.91 7.18 -23.90
N GLY D 277 -13.94 6.91 -22.60
CA GLY D 277 -14.92 5.97 -22.10
C GLY D 277 -14.40 4.58 -21.82
N ARG D 278 -13.10 4.47 -21.63
CA ARG D 278 -12.51 3.17 -21.37
C ARG D 278 -12.40 2.93 -19.88
N ILE D 279 -12.74 1.72 -19.45
CA ILE D 279 -12.62 1.39 -18.03
C ILE D 279 -11.15 1.62 -17.81
N PRO D 280 -10.77 2.19 -16.66
CA PRO D 280 -9.35 2.45 -16.39
C PRO D 280 -8.58 1.26 -15.87
N SER D 281 -7.34 1.12 -16.31
CA SER D 281 -6.49 0.03 -15.87
C SER D 281 -5.76 0.43 -14.59
N ALA D 282 -4.75 -0.34 -14.20
CA ALA D 282 -3.99 -0.07 -12.98
C ALA D 282 -3.43 1.37 -12.85
N VAL D 283 -3.55 1.93 -11.65
CA VAL D 283 -3.09 3.27 -11.33
C VAL D 283 -3.75 4.33 -12.20
N GLY D 284 -4.95 4.04 -12.67
CA GLY D 284 -5.70 4.99 -13.48
C GLY D 284 -5.28 5.08 -14.94
N TYR D 285 -4.26 4.31 -15.32
CA TYR D 285 -3.78 4.32 -16.69
C TYR D 285 -4.73 3.67 -17.67
N GLN D 286 -4.60 4.05 -18.94
CA GLN D 286 -5.44 3.53 -20.00
C GLN D 286 -5.13 2.05 -20.25
N PRO D 287 -6.16 1.24 -20.56
CA PRO D 287 -6.05 -0.20 -20.83
C PRO D 287 -5.12 -0.48 -22.02
N THR D 288 -5.08 0.45 -22.96
CA THR D 288 -4.26 0.32 -24.15
C THR D 288 -2.81 0.76 -23.94
N LEU D 289 -2.42 1.05 -22.70
CA LEU D 289 -1.07 1.50 -22.42
C LEU D 289 0.01 0.75 -23.18
N ALA D 290 0.05 -0.57 -22.99
CA ALA D 290 1.07 -1.42 -23.62
C ALA D 290 1.09 -1.39 -25.14
N THR D 291 -0.06 -1.64 -25.77
CA THR D 291 -0.12 -1.64 -27.21
C THR D 291 0.09 -0.23 -27.77
N ASP D 292 -0.44 0.77 -27.07
CA ASP D 292 -0.27 2.16 -27.52
C ASP D 292 1.22 2.38 -27.63
N MET D 293 1.94 1.96 -26.59
CA MET D 293 3.38 2.12 -26.53
C MET D 293 4.07 1.26 -27.60
N GLY D 294 3.65 0.00 -27.70
CA GLY D 294 4.24 -0.91 -28.67
C GLY D 294 4.10 -0.41 -30.08
N THR D 295 2.90 0.03 -30.44
CA THR D 295 2.68 0.52 -31.79
C THR D 295 3.59 1.69 -32.13
N MET D 296 4.08 2.39 -31.11
CA MET D 296 4.95 3.54 -31.32
C MET D 296 6.43 3.23 -31.26
N GLN D 297 6.86 2.58 -30.19
CA GLN D 297 8.25 2.24 -30.01
C GLN D 297 8.75 1.38 -31.16
N GLU D 298 7.93 0.43 -31.58
CA GLU D 298 8.34 -0.44 -32.67
C GLU D 298 8.78 0.34 -33.90
N ARG D 299 8.19 1.52 -34.08
CA ARG D 299 8.55 2.34 -35.22
C ARG D 299 9.87 3.04 -35.03
N ILE D 300 10.32 3.13 -33.79
CA ILE D 300 11.59 3.76 -33.45
C ILE D 300 12.56 2.59 -33.42
N THR D 301 13.12 2.24 -34.58
CA THR D 301 14.02 1.10 -34.65
C THR D 301 14.96 1.18 -35.84
N THR D 302 15.92 0.28 -35.88
CA THR D 302 16.89 0.20 -36.96
C THR D 302 16.48 -0.90 -37.92
N THR D 303 16.26 -0.52 -39.18
CA THR D 303 15.84 -1.45 -40.22
C THR D 303 16.98 -1.79 -41.17
N LYS D 304 16.68 -2.64 -42.15
CA LYS D 304 17.66 -3.06 -43.14
C LYS D 304 17.85 -1.96 -44.18
N LYS D 305 16.96 -0.98 -44.14
CA LYS D 305 16.99 0.11 -45.10
C LYS D 305 17.56 1.40 -44.51
N GLY D 306 17.76 1.42 -43.20
CA GLY D 306 18.30 2.61 -42.54
C GLY D 306 18.47 2.38 -41.04
N SER D 307 19.19 3.27 -40.38
CA SER D 307 19.43 3.14 -38.94
C SER D 307 19.05 4.37 -38.11
N ILE D 308 18.51 4.12 -36.93
CA ILE D 308 18.13 5.20 -36.03
C ILE D 308 18.58 4.94 -34.59
N THR D 309 19.60 5.68 -34.16
CA THR D 309 20.08 5.55 -32.81
C THR D 309 19.13 6.45 -32.00
N SER D 310 18.35 5.87 -31.08
CA SER D 310 17.42 6.68 -30.32
C SER D 310 17.77 6.86 -28.86
N VAL D 311 17.60 8.08 -28.39
CA VAL D 311 17.87 8.47 -27.00
C VAL D 311 16.56 8.96 -26.40
N GLN D 312 15.89 8.11 -25.62
CA GLN D 312 14.62 8.52 -25.05
C GLN D 312 14.67 8.93 -23.58
N ALA D 313 14.25 10.15 -23.28
CA ALA D 313 14.22 10.61 -21.91
C ALA D 313 12.93 10.02 -21.31
N ILE D 314 13.02 9.37 -20.16
CA ILE D 314 11.86 8.76 -19.54
C ILE D 314 11.58 9.22 -18.12
N TYR D 315 10.55 10.04 -17.96
CA TYR D 315 10.19 10.54 -16.65
C TYR D 315 9.64 9.41 -15.80
N VAL D 316 9.89 9.50 -14.50
CA VAL D 316 9.43 8.52 -13.53
C VAL D 316 8.52 9.27 -12.55
N PRO D 317 7.21 9.03 -12.62
CA PRO D 317 6.35 9.74 -11.68
C PRO D 317 6.52 9.26 -10.25
N ALA D 318 6.75 10.20 -9.34
CA ALA D 318 6.93 9.93 -7.91
C ALA D 318 8.13 9.03 -7.63
N ASP D 319 9.08 9.02 -8.56
CA ASP D 319 10.30 8.21 -8.47
C ASP D 319 9.94 6.73 -8.32
N ASP D 320 8.83 6.34 -8.91
CA ASP D 320 8.35 4.97 -8.83
C ASP D 320 8.62 4.19 -10.11
N LEU D 321 9.68 3.40 -10.11
CA LEU D 321 10.02 2.61 -11.29
C LEU D 321 8.96 1.56 -11.60
N THR D 322 8.19 1.12 -10.60
CA THR D 322 7.17 0.12 -10.86
C THR D 322 5.89 0.72 -11.45
N ASP D 323 5.89 2.03 -11.69
CA ASP D 323 4.73 2.71 -12.28
C ASP D 323 4.59 2.19 -13.72
N PRO D 324 3.35 1.91 -14.17
CA PRO D 324 3.07 1.40 -15.51
C PRO D 324 3.84 2.02 -16.66
N ALA D 325 3.87 3.35 -16.71
CA ALA D 325 4.53 4.06 -17.78
C ALA D 325 6.00 3.63 -17.91
N PRO D 326 6.84 4.01 -16.94
CA PRO D 326 8.24 3.60 -17.05
C PRO D 326 8.35 2.09 -17.25
N ALA D 327 8.00 1.33 -16.22
CA ALA D 327 8.04 -0.14 -16.22
C ALA D 327 7.90 -0.75 -17.60
N THR D 328 6.77 -0.49 -18.23
CA THR D 328 6.45 -1.02 -19.56
C THR D 328 7.48 -0.68 -20.65
N THR D 329 8.20 0.43 -20.47
CA THR D 329 9.17 0.91 -21.44
C THR D 329 10.51 0.16 -21.56
N PHE D 330 11.04 -0.35 -20.45
CA PHE D 330 12.33 -1.05 -20.47
C PHE D 330 12.37 -2.10 -21.58
N ALA D 331 11.32 -2.92 -21.61
CA ALA D 331 11.21 -3.97 -22.61
C ALA D 331 11.57 -3.43 -23.98
N HIS D 332 11.30 -2.14 -24.21
CA HIS D 332 11.56 -1.49 -25.50
C HIS D 332 12.96 -0.87 -25.64
N LEU D 333 13.85 -1.13 -24.68
CA LEU D 333 15.18 -0.55 -24.74
C LEU D 333 16.32 -1.56 -24.88
N ASP D 334 17.37 -1.13 -25.58
CA ASP D 334 18.58 -1.94 -25.77
C ASP D 334 19.56 -1.56 -24.67
N ALA D 335 19.46 -0.30 -24.24
CA ALA D 335 20.30 0.23 -23.19
C ALA D 335 19.43 1.14 -22.32
N THR D 336 19.45 0.89 -21.02
CA THR D 336 18.68 1.68 -20.08
C THR D 336 19.61 2.34 -19.08
N THR D 337 19.60 3.67 -19.05
CA THR D 337 20.45 4.41 -18.11
C THR D 337 19.55 4.95 -17.02
N VAL D 338 19.64 4.36 -15.84
CA VAL D 338 18.80 4.78 -14.74
C VAL D 338 19.40 5.90 -13.90
N LEU D 339 18.56 6.84 -13.52
CA LEU D 339 18.98 7.96 -12.70
C LEU D 339 18.21 7.94 -11.38
N SER D 340 18.97 7.90 -10.29
CA SER D 340 18.43 7.86 -8.94
C SER D 340 18.54 9.22 -8.24
N ARG D 341 17.50 9.56 -7.48
CA ARG D 341 17.41 10.80 -6.74
C ARG D 341 18.34 10.71 -5.54
N ALA D 342 18.45 9.51 -4.99
CA ALA D 342 19.29 9.29 -3.83
C ALA D 342 20.77 9.44 -4.21
N ILE D 343 21.10 9.06 -5.45
CA ILE D 343 22.46 9.16 -5.95
C ILE D 343 22.80 10.64 -6.22
N ALA D 344 21.86 11.35 -6.82
CA ALA D 344 22.06 12.77 -7.12
C ALA D 344 22.24 13.53 -5.83
N GLU D 345 21.38 13.28 -4.86
CA GLU D 345 21.44 13.96 -3.58
C GLU D 345 22.76 13.69 -2.85
N LEU D 346 23.55 12.77 -3.40
CA LEU D 346 24.84 12.43 -2.84
C LEU D 346 25.91 13.26 -3.54
N GLY D 347 25.50 14.05 -4.51
CA GLY D 347 26.43 14.89 -5.24
C GLY D 347 26.96 14.18 -6.46
N ILE D 348 26.64 12.90 -6.57
CA ILE D 348 27.10 12.12 -7.71
C ILE D 348 26.31 12.44 -8.97
N TYR D 349 27.00 13.01 -9.96
CA TYR D 349 26.40 13.33 -11.25
C TYR D 349 27.37 12.90 -12.35
N PRO D 350 26.85 12.29 -13.44
CA PRO D 350 25.43 11.99 -13.67
C PRO D 350 24.94 10.91 -12.71
N ALA D 351 23.89 11.23 -11.97
CA ALA D 351 23.34 10.31 -10.99
C ALA D 351 22.91 8.97 -11.58
N VAL D 352 23.84 8.28 -12.24
CA VAL D 352 23.53 6.98 -12.84
C VAL D 352 23.70 5.84 -11.85
N ASP D 353 22.65 5.06 -11.66
CA ASP D 353 22.72 3.91 -10.74
C ASP D 353 23.56 2.82 -11.40
N PRO D 354 24.63 2.37 -10.72
CA PRO D 354 25.52 1.33 -11.22
C PRO D 354 24.88 -0.05 -11.21
N LEU D 355 23.89 -0.22 -10.35
CA LEU D 355 23.20 -1.49 -10.22
C LEU D 355 21.82 -1.55 -10.86
N ASP D 356 21.44 -0.53 -11.63
CA ASP D 356 20.13 -0.57 -12.27
C ASP D 356 20.21 -0.23 -13.75
N SER D 357 21.43 0.01 -14.25
CA SER D 357 21.59 0.32 -15.66
C SER D 357 22.05 -0.93 -16.37
N THR D 358 21.62 -1.09 -17.62
CA THR D 358 21.98 -2.27 -18.38
C THR D 358 22.08 -1.99 -19.88
N SER D 359 22.77 -2.88 -20.58
CA SER D 359 22.97 -2.78 -22.01
C SER D 359 23.04 -4.20 -22.56
N ARG D 360 22.53 -4.41 -23.77
CA ARG D 360 22.56 -5.73 -24.38
C ARG D 360 23.90 -5.91 -25.08
N ILE D 361 24.66 -4.81 -25.18
CA ILE D 361 25.99 -4.81 -25.78
C ILE D 361 27.00 -5.25 -24.73
N MET D 362 26.56 -5.30 -23.48
CA MET D 362 27.41 -5.69 -22.37
C MET D 362 27.65 -7.20 -22.45
N ASP D 363 28.39 -7.60 -23.47
CA ASP D 363 28.72 -9.00 -23.68
C ASP D 363 30.18 -9.09 -24.12
N PRO D 364 30.97 -9.92 -23.42
CA PRO D 364 32.39 -10.09 -23.74
C PRO D 364 32.66 -10.28 -25.22
N ASN D 365 31.87 -11.13 -25.88
CA ASN D 365 32.06 -11.38 -27.30
C ASN D 365 31.84 -10.11 -28.12
N ILE D 366 31.51 -9.00 -27.45
CA ILE D 366 31.28 -7.73 -28.15
C ILE D 366 32.19 -6.58 -27.76
N VAL D 367 32.25 -6.28 -26.46
CA VAL D 367 33.03 -5.16 -25.96
C VAL D 367 34.44 -5.50 -25.48
N GLY D 368 34.84 -6.76 -25.63
CA GLY D 368 36.16 -7.19 -25.19
C GLY D 368 36.04 -7.71 -23.76
N SER D 369 36.61 -8.89 -23.51
CA SER D 369 36.53 -9.49 -22.18
C SER D 369 37.21 -8.64 -21.10
N GLU D 370 38.17 -7.81 -21.51
CA GLU D 370 38.89 -6.95 -20.56
C GLU D 370 37.92 -5.96 -19.95
N HIS D 371 37.15 -5.36 -20.83
CA HIS D 371 36.15 -4.37 -20.51
C HIS D 371 35.09 -5.00 -19.61
N TYR D 372 34.42 -6.03 -20.12
CA TYR D 372 33.37 -6.71 -19.37
C TYR D 372 33.76 -6.97 -17.91
N ASP D 373 34.82 -7.75 -17.73
CA ASP D 373 35.30 -8.11 -16.41
C ASP D 373 35.44 -6.93 -15.47
N VAL D 374 35.82 -5.78 -16.00
CA VAL D 374 35.97 -4.57 -15.20
C VAL D 374 34.58 -4.18 -14.70
N ALA D 375 33.68 -3.92 -15.64
CA ALA D 375 32.30 -3.53 -15.33
C ALA D 375 31.79 -4.42 -14.21
N ARG D 376 31.80 -5.73 -14.46
CA ARG D 376 31.31 -6.70 -13.49
C ARG D 376 32.02 -6.62 -12.15
N GLY D 377 33.26 -6.15 -12.19
CA GLY D 377 34.05 -6.00 -10.99
C GLY D 377 33.62 -4.75 -10.27
N VAL D 378 33.34 -3.70 -11.05
CA VAL D 378 32.88 -2.43 -10.51
C VAL D 378 31.47 -2.60 -9.98
N GLN D 379 30.75 -3.57 -10.52
CA GLN D 379 29.39 -3.83 -10.10
C GLN D 379 29.40 -4.80 -8.93
N LYS D 380 30.36 -5.73 -8.95
CA LYS D 380 30.46 -6.70 -7.87
C LYS D 380 30.83 -5.99 -6.57
N ILE D 381 31.79 -5.06 -6.65
CA ILE D 381 32.25 -4.34 -5.48
C ILE D 381 31.23 -3.31 -5.00
N LEU D 382 30.55 -2.65 -5.94
CA LEU D 382 29.53 -1.67 -5.54
C LEU D 382 28.38 -2.40 -4.84
N GLN D 383 28.00 -3.56 -5.38
CA GLN D 383 26.90 -4.37 -4.81
C GLN D 383 27.30 -5.04 -3.49
N ASP D 384 28.59 -5.25 -3.30
CA ASP D 384 29.05 -5.86 -2.06
C ASP D 384 29.21 -4.77 -1.01
N TYR D 385 29.22 -3.53 -1.46
CA TYR D 385 29.31 -2.40 -0.56
C TYR D 385 27.87 -2.21 -0.07
N LYS D 386 26.95 -2.31 -1.04
CA LYS D 386 25.53 -2.13 -0.79
C LYS D 386 25.09 -3.02 0.37
N SER D 387 25.37 -4.32 0.25
CA SER D 387 25.03 -5.29 1.28
C SER D 387 25.50 -4.90 2.67
N LEU D 388 26.62 -4.18 2.74
CA LEU D 388 27.16 -3.78 4.04
C LEU D 388 26.47 -2.54 4.62
N GLN D 389 25.78 -1.78 3.77
CA GLN D 389 25.12 -0.56 4.21
C GLN D 389 24.16 -0.75 5.37
N ASP D 390 23.62 -1.96 5.48
CA ASP D 390 22.69 -2.29 6.55
C ASP D 390 23.47 -2.43 7.86
N ILE D 391 24.71 -2.93 7.75
CA ILE D 391 25.59 -3.15 8.90
C ILE D 391 26.30 -1.86 9.30
N ILE D 392 26.52 -0.98 8.34
CA ILE D 392 27.20 0.28 8.59
C ILE D 392 26.28 1.27 9.31
N ALA D 393 25.04 1.38 8.86
CA ALA D 393 24.08 2.32 9.43
C ALA D 393 23.81 2.19 10.92
N ILE D 394 23.91 0.99 11.46
CA ILE D 394 23.66 0.78 12.88
C ILE D 394 24.94 0.78 13.71
N LEU D 395 25.86 -0.12 13.38
CA LEU D 395 27.10 -0.24 14.14
C LEU D 395 28.30 0.53 13.60
N GLY D 396 28.17 1.17 12.44
CA GLY D 396 29.29 1.91 11.89
C GLY D 396 30.29 0.98 11.23
N MET D 397 31.49 1.49 10.94
CA MET D 397 32.49 0.65 10.28
C MET D 397 33.52 0.00 11.19
N ASP D 398 33.37 0.16 12.50
CA ASP D 398 34.29 -0.45 13.46
C ASP D 398 34.06 -1.95 13.53
N GLU D 399 32.85 -2.38 13.20
CA GLU D 399 32.49 -3.79 13.24
C GLU D 399 32.62 -4.50 11.90
N LEU D 400 33.30 -3.85 10.95
CA LEU D 400 33.52 -4.45 9.63
C LEU D 400 34.90 -5.08 9.63
N SER D 401 35.03 -6.25 8.99
CA SER D 401 36.32 -6.94 8.94
C SER D 401 37.31 -6.09 8.17
N GLU D 402 38.58 -6.44 8.27
CA GLU D 402 39.61 -5.71 7.56
C GLU D 402 39.41 -5.92 6.06
N GLU D 403 38.80 -7.03 5.70
CA GLU D 403 38.53 -7.32 4.30
C GLU D 403 37.40 -6.41 3.86
N ASP D 404 36.38 -6.27 4.71
CA ASP D 404 35.25 -5.42 4.39
C ASP D 404 35.71 -3.98 4.17
N LYS D 405 36.34 -3.40 5.18
CA LYS D 405 36.83 -2.02 5.10
C LYS D 405 37.49 -1.72 3.77
N LEU D 406 38.15 -2.70 3.18
CA LEU D 406 38.84 -2.47 1.90
C LEU D 406 37.88 -2.22 0.75
N THR D 407 36.90 -3.10 0.60
CA THR D 407 35.91 -2.95 -0.47
C THR D 407 35.25 -1.60 -0.24
N VAL D 408 34.56 -1.49 0.90
CA VAL D 408 33.89 -0.26 1.26
C VAL D 408 34.64 0.97 0.77
N SER D 409 35.95 1.00 1.02
CA SER D 409 36.80 2.12 0.63
C SER D 409 36.99 2.23 -0.87
N ARG D 410 37.21 1.10 -1.52
CA ARG D 410 37.41 1.06 -2.96
C ARG D 410 36.09 1.31 -3.69
N ALA D 411 35.00 0.96 -3.01
CA ALA D 411 33.67 1.11 -3.57
C ALA D 411 33.30 2.58 -3.55
N ARG D 412 33.69 3.27 -2.49
CA ARG D 412 33.38 4.69 -2.38
C ARG D 412 34.25 5.53 -3.32
N LYS D 413 35.43 5.02 -3.66
CA LYS D 413 36.34 5.70 -4.59
C LYS D 413 35.89 5.49 -6.04
N ILE D 414 35.31 4.33 -6.30
CA ILE D 414 34.79 3.99 -7.63
C ILE D 414 33.54 4.83 -7.90
N GLN D 415 32.60 4.82 -6.95
CA GLN D 415 31.37 5.60 -7.12
C GLN D 415 31.75 7.00 -7.50
N ARG D 416 32.55 7.63 -6.65
CA ARG D 416 32.97 8.99 -6.90
C ARG D 416 33.68 9.10 -8.23
N PHE D 417 34.42 8.06 -8.63
CA PHE D 417 35.10 8.12 -9.91
C PHE D 417 34.09 7.92 -11.03
N LEU D 418 32.92 7.40 -10.67
CA LEU D 418 31.84 7.19 -11.64
C LEU D 418 31.22 8.54 -11.99
N SER D 419 31.29 9.49 -11.07
CA SER D 419 30.76 10.82 -11.38
C SER D 419 31.61 11.37 -12.53
N GLN D 420 31.37 12.62 -12.91
CA GLN D 420 32.11 13.23 -14.00
C GLN D 420 31.44 14.54 -14.38
N PRO D 421 32.23 15.61 -14.51
CA PRO D 421 31.65 16.90 -14.88
C PRO D 421 31.32 16.94 -16.36
N PHE D 422 30.12 17.42 -16.69
CA PHE D 422 29.72 17.52 -18.08
C PHE D 422 29.89 18.98 -18.46
N GLN D 423 29.87 19.26 -19.75
CA GLN D 423 30.00 20.63 -20.24
C GLN D 423 28.69 21.38 -19.95
N VAL D 424 27.61 20.90 -20.56
CA VAL D 424 26.29 21.48 -20.41
C VAL D 424 25.90 21.71 -18.93
N ALA D 425 26.73 21.27 -17.99
CA ALA D 425 26.41 21.46 -16.58
C ALA D 425 27.48 22.22 -15.79
N GLU D 426 28.40 22.88 -16.51
CA GLU D 426 29.48 23.61 -15.84
C GLU D 426 29.04 24.62 -14.78
N VAL D 427 27.79 25.08 -14.88
CA VAL D 427 27.25 26.04 -13.94
C VAL D 427 26.89 25.45 -12.57
N PHE D 428 26.82 24.12 -12.46
CA PHE D 428 26.47 23.51 -11.17
C PHE D 428 27.59 22.71 -10.50
N THR D 429 28.60 22.34 -11.29
CA THR D 429 29.73 21.58 -10.75
C THR D 429 30.93 22.51 -10.51
N GLY D 430 30.91 23.66 -11.17
CA GLY D 430 32.02 24.59 -11.03
C GLY D 430 33.27 23.92 -11.56
N HIS D 431 33.11 23.15 -12.64
CA HIS D 431 34.21 22.43 -13.25
C HIS D 431 34.09 22.41 -14.77
N LEU D 432 35.24 22.51 -15.43
CA LEU D 432 35.28 22.45 -16.88
C LEU D 432 34.80 21.05 -17.27
N GLY D 433 34.01 20.96 -18.34
CA GLY D 433 33.49 19.67 -18.77
C GLY D 433 34.58 18.69 -19.19
N LYS D 434 34.26 17.39 -19.14
CA LYS D 434 35.22 16.36 -19.51
C LYS D 434 34.67 15.28 -20.45
N LEU D 435 35.52 14.81 -21.34
CA LEU D 435 35.17 13.77 -22.29
C LEU D 435 36.20 12.65 -22.16
N VAL D 436 35.82 11.57 -21.45
CA VAL D 436 36.71 10.46 -21.19
C VAL D 436 36.60 9.30 -22.19
N PRO D 437 37.74 8.91 -22.81
CA PRO D 437 37.79 7.81 -23.78
C PRO D 437 37.61 6.43 -23.16
N LEU D 438 37.00 5.53 -23.93
CA LEU D 438 36.73 4.17 -23.48
C LEU D 438 37.89 3.49 -22.76
N LYS D 439 39.01 3.29 -23.45
CA LYS D 439 40.17 2.64 -22.84
C LYS D 439 40.58 3.39 -21.57
N GLU D 440 40.56 4.71 -21.66
CA GLU D 440 40.91 5.56 -20.53
C GLU D 440 39.99 5.22 -19.36
N THR D 441 38.73 4.92 -19.66
CA THR D 441 37.75 4.56 -18.65
C THR D 441 38.04 3.16 -18.10
N ILE D 442 38.30 2.23 -19.00
CA ILE D 442 38.61 0.84 -18.65
C ILE D 442 39.78 0.81 -17.68
N LYS D 443 40.87 1.44 -18.09
CA LYS D 443 42.08 1.53 -17.27
C LYS D 443 41.73 2.07 -15.89
N GLY D 444 41.35 3.34 -15.86
CA GLY D 444 41.00 4.02 -14.63
C GLY D 444 40.39 3.14 -13.58
N PHE D 445 39.42 2.32 -13.97
CA PHE D 445 38.77 1.43 -13.02
C PHE D 445 39.52 0.12 -12.75
N GLN D 446 40.25 -0.40 -13.74
CA GLN D 446 41.00 -1.63 -13.50
C GLN D 446 41.89 -1.27 -12.32
N GLN D 447 42.55 -0.13 -12.44
CA GLN D 447 43.47 0.34 -11.41
C GLN D 447 42.88 0.50 -10.01
N ILE D 448 41.72 1.15 -9.90
CA ILE D 448 41.09 1.34 -8.58
C ILE D 448 40.69 -0.01 -7.99
N LEU D 449 40.37 -0.95 -8.87
CA LEU D 449 39.97 -2.28 -8.43
C LEU D 449 41.19 -3.09 -8.00
N ALA D 450 42.28 -2.91 -8.72
CA ALA D 450 43.51 -3.61 -8.40
C ALA D 450 43.97 -3.19 -7.00
N GLY D 451 43.66 -1.95 -6.63
CA GLY D 451 44.06 -1.46 -5.33
C GLY D 451 45.10 -0.38 -5.50
N GLU D 452 45.63 -0.29 -6.72
CA GLU D 452 46.66 0.67 -7.08
C GLU D 452 46.51 2.05 -6.43
N TYR D 453 45.28 2.53 -6.27
CA TYR D 453 45.07 3.84 -5.68
C TYR D 453 44.43 3.81 -4.30
N ASP D 454 44.57 2.69 -3.60
CA ASP D 454 43.99 2.57 -2.26
C ASP D 454 44.65 3.53 -1.26
N HIS D 455 45.50 4.42 -1.74
CA HIS D 455 46.16 5.36 -0.85
C HIS D 455 45.55 6.75 -1.01
N LEU D 456 44.88 6.98 -2.13
CA LEU D 456 44.27 8.27 -2.40
C LEU D 456 42.90 8.47 -1.76
N PRO D 457 42.64 9.69 -1.27
CA PRO D 457 41.39 10.07 -0.62
C PRO D 457 40.21 10.04 -1.59
N GLU D 458 39.08 9.51 -1.15
CA GLU D 458 37.87 9.45 -1.98
C GLU D 458 37.74 10.72 -2.80
N GLN D 459 37.67 11.83 -2.08
CA GLN D 459 37.51 13.15 -2.67
C GLN D 459 38.38 13.41 -3.89
N ALA D 460 39.43 12.62 -4.05
CA ALA D 460 40.33 12.77 -5.18
C ALA D 460 39.70 12.27 -6.48
N PHE D 461 38.82 11.27 -6.35
CA PHE D 461 38.14 10.67 -7.50
C PHE D 461 36.81 11.31 -7.90
N TYR D 462 36.30 12.19 -7.05
CA TYR D 462 35.03 12.87 -7.27
C TYR D 462 35.13 14.07 -8.23
N MET D 463 34.38 14.01 -9.33
CA MET D 463 34.33 15.05 -10.37
C MET D 463 35.64 15.28 -11.13
N VAL D 464 36.02 14.29 -11.93
CA VAL D 464 37.22 14.34 -12.75
C VAL D 464 36.97 13.51 -13.99
N GLY D 465 37.79 13.68 -15.02
CA GLY D 465 37.62 12.90 -16.22
C GLY D 465 38.35 11.59 -16.04
N PRO D 466 39.53 11.42 -16.67
CA PRO D 466 40.36 10.21 -16.59
C PRO D 466 40.99 10.05 -15.21
N ILE D 467 41.40 8.82 -14.89
CA ILE D 467 42.00 8.52 -13.60
C ILE D 467 43.20 9.42 -13.28
N GLU D 468 43.84 9.93 -14.34
CA GLU D 468 45.00 10.80 -14.18
C GLU D 468 44.72 12.02 -13.31
N GLU D 469 43.62 12.71 -13.62
CA GLU D 469 43.23 13.92 -12.89
C GLU D 469 42.85 13.62 -11.45
N ALA D 470 42.68 12.33 -11.14
CA ALA D 470 42.34 11.91 -9.79
C ALA D 470 43.58 12.01 -8.93
N VAL D 471 44.71 11.62 -9.51
CA VAL D 471 46.00 11.67 -8.82
C VAL D 471 46.41 13.12 -8.60
N ALA D 472 46.33 13.90 -9.67
CA ALA D 472 46.67 15.32 -9.62
C ALA D 472 45.96 15.97 -8.43
N LYS D 473 44.67 15.71 -8.32
CA LYS D 473 43.81 16.24 -7.27
C LYS D 473 44.16 15.69 -5.88
N ALA D 474 44.82 14.55 -5.85
CA ALA D 474 45.21 13.95 -4.58
C ALA D 474 46.48 14.64 -4.07
N ASP D 475 47.27 15.21 -4.98
CA ASP D 475 48.49 15.91 -4.60
C ASP D 475 48.13 17.33 -4.22
N LYS D 476 47.10 17.87 -4.86
CA LYS D 476 46.63 19.22 -4.56
C LYS D 476 46.05 19.29 -3.14
N LEU D 477 45.55 18.16 -2.66
CA LEU D 477 44.98 18.06 -1.31
C LEU D 477 46.10 17.80 -0.31
N ALA D 478 47.09 17.04 -0.74
CA ALA D 478 48.25 16.69 0.09
C ALA D 478 47.80 16.08 1.41
N THR E 13 -38.82 -28.54 -19.29
CA THR E 13 -38.93 -27.29 -20.10
C THR E 13 -37.59 -26.88 -20.72
N THR E 14 -37.67 -26.19 -21.85
CA THR E 14 -36.49 -25.73 -22.56
C THR E 14 -36.23 -24.24 -22.41
N GLY E 15 -34.97 -23.86 -22.57
CA GLY E 15 -34.58 -22.48 -22.49
C GLY E 15 -33.60 -22.20 -23.60
N ARG E 16 -33.50 -20.93 -24.00
CA ARG E 16 -32.58 -20.55 -25.04
C ARG E 16 -31.50 -19.66 -24.45
N ILE E 17 -30.31 -19.71 -25.05
CA ILE E 17 -29.17 -18.89 -24.63
C ILE E 17 -29.36 -17.49 -25.19
N VAL E 18 -29.22 -16.47 -24.34
CA VAL E 18 -29.37 -15.10 -24.81
C VAL E 18 -28.04 -14.33 -24.82
N ALA E 19 -27.07 -14.84 -24.07
CA ALA E 19 -25.75 -14.23 -24.00
C ALA E 19 -24.69 -15.13 -23.35
N VAL E 20 -23.46 -15.00 -23.85
CA VAL E 20 -22.32 -15.78 -23.37
C VAL E 20 -21.12 -14.86 -23.15
N ILE E 21 -20.58 -14.88 -21.94
CA ILE E 21 -19.42 -14.07 -21.58
C ILE E 21 -18.62 -14.87 -20.54
N GLY E 22 -17.62 -15.59 -21.02
CA GLY E 22 -16.80 -16.40 -20.13
C GLY E 22 -17.59 -17.58 -19.60
N ALA E 23 -17.56 -17.77 -18.29
CA ALA E 23 -18.28 -18.87 -17.67
C ALA E 23 -19.70 -18.47 -17.27
N VAL E 24 -20.09 -17.25 -17.62
CA VAL E 24 -21.42 -16.78 -17.27
C VAL E 24 -22.33 -16.71 -18.49
N VAL E 25 -23.25 -17.65 -18.56
CA VAL E 25 -24.19 -17.75 -19.68
C VAL E 25 -25.62 -17.35 -19.29
N ASP E 26 -26.24 -16.50 -20.09
CA ASP E 26 -27.61 -16.05 -19.80
C ASP E 26 -28.58 -16.93 -20.60
N VAL E 27 -29.51 -17.55 -19.89
CA VAL E 27 -30.49 -18.42 -20.52
C VAL E 27 -31.90 -17.94 -20.21
N GLN E 28 -32.68 -17.73 -21.26
CA GLN E 28 -34.04 -17.25 -21.14
C GLN E 28 -35.09 -18.33 -21.34
N PHE E 29 -36.05 -18.40 -20.43
CA PHE E 29 -37.10 -19.38 -20.55
C PHE E 29 -38.41 -18.64 -20.81
N ASP E 30 -39.31 -19.30 -21.52
CA ASP E 30 -40.62 -18.73 -21.83
C ASP E 30 -41.63 -19.58 -21.07
N GLU E 31 -41.29 -20.86 -20.98
CA GLU E 31 -42.11 -21.86 -20.31
C GLU E 31 -42.02 -21.68 -18.79
N GLY E 32 -41.27 -22.58 -18.15
CA GLY E 32 -41.12 -22.52 -16.71
C GLY E 32 -39.71 -22.20 -16.29
N LEU E 33 -39.54 -21.06 -15.62
CA LEU E 33 -38.24 -20.58 -15.15
C LEU E 33 -37.68 -21.48 -14.04
N PRO E 34 -36.52 -22.11 -14.27
CA PRO E 34 -35.91 -23.00 -13.28
C PRO E 34 -35.44 -22.31 -12.01
N PRO E 35 -35.44 -23.03 -10.88
CA PRO E 35 -35.00 -22.44 -9.62
C PRO E 35 -33.47 -22.42 -9.46
N ILE E 36 -32.99 -21.45 -8.68
CA ILE E 36 -31.58 -21.26 -8.43
C ILE E 36 -30.91 -22.49 -7.80
N LEU E 37 -29.81 -22.92 -8.43
CA LEU E 37 -29.02 -24.07 -8.02
C LEU E 37 -29.25 -25.28 -8.92
N ASN E 38 -30.35 -25.24 -9.67
CA ASN E 38 -30.70 -26.30 -10.60
C ASN E 38 -29.69 -26.36 -11.76
N ALA E 39 -29.33 -27.58 -12.17
CA ALA E 39 -28.38 -27.78 -13.25
C ALA E 39 -29.10 -27.87 -14.59
N LEU E 40 -28.69 -27.04 -15.55
CA LEU E 40 -29.31 -27.01 -16.85
C LEU E 40 -28.44 -27.71 -17.88
N GLU E 41 -29.09 -28.49 -18.75
CA GLU E 41 -28.38 -29.22 -19.79
C GLU E 41 -28.37 -28.46 -21.11
N VAL E 42 -27.20 -28.36 -21.74
CA VAL E 42 -27.10 -27.67 -23.02
C VAL E 42 -27.20 -28.69 -24.15
N GLN E 43 -28.30 -28.62 -24.90
CA GLN E 43 -28.58 -29.51 -26.02
C GLN E 43 -27.82 -29.08 -27.27
N GLY E 44 -27.20 -30.06 -27.94
CA GLY E 44 -26.46 -29.76 -29.16
C GLY E 44 -24.95 -29.80 -28.98
N ARG E 45 -24.48 -30.55 -27.99
CA ARG E 45 -23.04 -30.61 -27.75
C ARG E 45 -22.53 -32.03 -27.59
N GLU E 46 -21.33 -32.26 -28.09
CA GLU E 46 -20.71 -33.58 -28.03
C GLU E 46 -20.22 -33.96 -26.64
N THR E 47 -20.47 -33.08 -25.68
CA THR E 47 -20.10 -33.32 -24.29
C THR E 47 -21.05 -32.58 -23.37
N ARG E 48 -21.80 -33.35 -22.58
CA ARG E 48 -22.76 -32.82 -21.62
C ARG E 48 -22.26 -31.54 -20.96
N LEU E 49 -22.91 -30.42 -21.26
CA LEU E 49 -22.51 -29.13 -20.69
C LEU E 49 -23.52 -28.67 -19.64
N VAL E 50 -23.07 -28.53 -18.40
CA VAL E 50 -23.94 -28.09 -17.32
C VAL E 50 -23.85 -26.61 -16.96
N LEU E 51 -25.02 -26.01 -16.77
CA LEU E 51 -25.14 -24.60 -16.40
C LEU E 51 -25.99 -24.59 -15.14
N GLU E 52 -25.38 -24.22 -14.02
CA GLU E 52 -26.11 -24.14 -12.75
C GLU E 52 -26.71 -22.75 -12.68
N VAL E 53 -27.98 -22.65 -12.28
CA VAL E 53 -28.61 -21.33 -12.19
C VAL E 53 -28.08 -20.53 -11.01
N ALA E 54 -27.57 -19.35 -11.32
CA ALA E 54 -27.02 -18.48 -10.29
C ALA E 54 -28.03 -17.45 -9.81
N GLN E 55 -28.81 -16.89 -10.74
CA GLN E 55 -29.78 -15.88 -10.38
C GLN E 55 -30.92 -15.69 -11.37
N HIS E 56 -31.90 -14.88 -10.97
CA HIS E 56 -33.05 -14.56 -11.83
C HIS E 56 -32.95 -13.08 -12.18
N LEU E 57 -32.39 -12.80 -13.35
CA LEU E 57 -32.21 -11.43 -13.82
C LEU E 57 -33.52 -10.68 -14.12
N GLY E 58 -34.62 -11.43 -14.17
CA GLY E 58 -35.92 -10.84 -14.45
C GLY E 58 -36.30 -11.03 -15.91
N GLU E 59 -37.55 -10.73 -16.25
CA GLU E 59 -38.06 -10.89 -17.62
C GLU E 59 -37.78 -12.26 -18.21
N SER E 60 -38.12 -13.29 -17.43
CA SER E 60 -37.95 -14.69 -17.81
C SER E 60 -36.55 -15.13 -18.27
N THR E 61 -35.52 -14.47 -17.76
CA THR E 61 -34.16 -14.84 -18.10
C THR E 61 -33.42 -15.13 -16.80
N VAL E 62 -32.55 -16.14 -16.81
CA VAL E 62 -31.78 -16.50 -15.63
C VAL E 62 -30.30 -16.37 -15.97
N ARG E 63 -29.47 -16.26 -14.95
CA ARG E 63 -28.02 -16.14 -15.15
C ARG E 63 -27.37 -17.43 -14.66
N THR E 64 -26.39 -17.92 -15.40
CA THR E 64 -25.76 -19.18 -15.02
C THR E 64 -24.25 -19.30 -15.18
N ILE E 65 -23.71 -20.25 -14.42
CA ILE E 65 -22.29 -20.56 -14.42
C ILE E 65 -22.11 -21.95 -15.01
N ALA E 66 -21.38 -22.03 -16.11
CA ALA E 66 -21.15 -23.30 -16.79
C ALA E 66 -20.13 -24.12 -16.01
N MET E 67 -20.27 -25.44 -16.07
CA MET E 67 -19.34 -26.34 -15.38
C MET E 67 -18.34 -26.88 -16.41
N ASP E 68 -18.01 -26.06 -17.39
CA ASP E 68 -17.07 -26.45 -18.44
C ASP E 68 -16.98 -25.32 -19.44
N GLY E 69 -15.97 -25.37 -20.29
CA GLY E 69 -15.79 -24.33 -21.30
C GLY E 69 -17.06 -24.01 -22.07
N THR E 70 -17.23 -22.73 -22.43
CA THR E 70 -18.40 -22.29 -23.16
C THR E 70 -17.99 -21.99 -24.59
N GLU E 71 -16.83 -22.52 -24.97
CA GLU E 71 -16.31 -22.35 -26.31
C GLU E 71 -17.32 -22.95 -27.29
N GLY E 72 -17.73 -22.18 -28.29
CA GLY E 72 -18.66 -22.70 -29.26
C GLY E 72 -20.15 -22.47 -29.07
N LEU E 73 -20.58 -22.07 -27.88
CA LEU E 73 -22.00 -21.85 -27.65
C LEU E 73 -22.57 -20.78 -28.58
N VAL E 74 -23.88 -20.85 -28.81
CA VAL E 74 -24.56 -19.90 -29.68
C VAL E 74 -25.83 -19.33 -29.02
N ARG E 75 -26.12 -18.07 -29.34
CA ARG E 75 -27.30 -17.41 -28.79
C ARG E 75 -28.56 -18.00 -29.45
N GLY E 76 -29.39 -18.66 -28.64
CA GLY E 76 -30.60 -19.29 -29.15
C GLY E 76 -30.51 -20.80 -29.02
N GLN E 77 -29.34 -21.28 -28.63
CA GLN E 77 -29.07 -22.71 -28.45
C GLN E 77 -29.83 -23.23 -27.24
N LYS E 78 -30.60 -24.30 -27.44
CA LYS E 78 -31.42 -24.85 -26.37
C LYS E 78 -30.74 -25.34 -25.10
N VAL E 79 -31.47 -25.21 -23.99
CA VAL E 79 -31.01 -25.64 -22.68
C VAL E 79 -32.20 -26.21 -21.90
N LEU E 80 -32.14 -27.50 -21.56
CA LEU E 80 -33.20 -28.18 -20.82
C LEU E 80 -33.00 -28.11 -19.31
N ASP E 81 -34.09 -28.00 -18.57
CA ASP E 81 -34.02 -27.94 -17.12
C ASP E 81 -34.20 -29.31 -16.48
N SER E 82 -33.08 -29.90 -16.05
CA SER E 82 -33.06 -31.20 -15.40
C SER E 82 -34.11 -31.33 -14.28
N GLY E 83 -34.54 -30.19 -13.75
CA GLY E 83 -35.53 -30.21 -12.69
C GLY E 83 -34.95 -30.29 -11.29
N ALA E 84 -33.61 -30.25 -11.18
CA ALA E 84 -32.94 -30.31 -9.89
C ALA E 84 -31.47 -29.94 -10.00
N PRO E 85 -30.81 -29.72 -8.85
CA PRO E 85 -29.39 -29.35 -8.79
C PRO E 85 -28.51 -30.43 -9.43
N ILE E 86 -27.21 -30.15 -9.50
CA ILE E 86 -26.29 -31.13 -10.08
C ILE E 86 -26.31 -32.40 -9.24
N ARG E 87 -26.79 -33.50 -9.82
CA ARG E 87 -26.85 -34.78 -9.11
C ARG E 87 -25.67 -35.67 -9.52
N ILE E 88 -24.94 -36.19 -8.53
CA ILE E 88 -23.80 -37.07 -8.80
C ILE E 88 -24.03 -38.45 -8.20
N PRO E 89 -23.38 -39.46 -8.77
CA PRO E 89 -23.52 -40.84 -8.28
C PRO E 89 -22.81 -40.97 -6.94
N VAL E 90 -23.51 -41.53 -5.96
CA VAL E 90 -22.91 -41.74 -4.66
C VAL E 90 -23.06 -43.23 -4.31
N GLY E 91 -22.50 -43.65 -3.20
CA GLY E 91 -22.61 -45.05 -2.84
C GLY E 91 -21.29 -45.77 -2.97
N PRO E 92 -21.22 -47.03 -2.51
CA PRO E 92 -20.00 -47.85 -2.54
C PRO E 92 -19.40 -48.10 -3.93
N GLU E 93 -20.24 -48.07 -4.96
CA GLU E 93 -19.79 -48.30 -6.32
C GLU E 93 -18.91 -47.19 -6.90
N THR E 94 -18.71 -46.12 -6.13
CA THR E 94 -17.88 -45.00 -6.57
C THR E 94 -16.44 -45.20 -6.09
N LEU E 95 -16.27 -46.02 -5.06
CA LEU E 95 -14.95 -46.33 -4.50
C LEU E 95 -14.00 -46.83 -5.58
N GLY E 96 -12.84 -46.20 -5.71
CA GLY E 96 -11.87 -46.61 -6.71
C GLY E 96 -12.09 -45.93 -8.05
N ARG E 97 -13.17 -45.15 -8.16
CA ARG E 97 -13.48 -44.44 -9.40
C ARG E 97 -13.15 -42.94 -9.30
N ILE E 98 -12.65 -42.38 -10.39
CA ILE E 98 -12.31 -40.96 -10.45
C ILE E 98 -13.51 -40.24 -11.05
N MET E 99 -14.20 -39.46 -10.23
CA MET E 99 -15.39 -38.77 -10.67
C MET E 99 -15.18 -37.29 -11.04
N ASN E 100 -16.00 -36.83 -11.98
CA ASN E 100 -15.97 -35.47 -12.49
C ASN E 100 -16.52 -34.50 -11.45
N VAL E 101 -17.10 -33.39 -11.92
CA VAL E 101 -17.68 -32.40 -11.02
C VAL E 101 -19.18 -32.62 -11.04
N ILE E 102 -19.66 -33.02 -12.21
CA ILE E 102 -21.08 -33.27 -12.41
C ILE E 102 -21.43 -34.75 -12.22
N GLY E 103 -20.45 -35.55 -11.84
CA GLY E 103 -20.68 -36.96 -11.62
C GLY E 103 -20.17 -37.87 -12.72
N GLU E 104 -19.69 -37.27 -13.81
CA GLU E 104 -19.18 -38.03 -14.93
C GLU E 104 -17.92 -38.81 -14.62
N PRO E 105 -17.81 -40.04 -15.12
CA PRO E 105 -16.61 -40.86 -14.88
C PRO E 105 -15.48 -40.39 -15.79
N ILE E 106 -14.32 -40.09 -15.20
CA ILE E 106 -13.15 -39.63 -15.95
C ILE E 106 -11.93 -40.51 -15.79
N ASP E 107 -12.14 -41.82 -15.69
CA ASP E 107 -11.05 -42.77 -15.55
C ASP E 107 -11.10 -43.72 -16.75
N GLU E 108 -12.10 -43.51 -17.61
CA GLU E 108 -12.28 -44.32 -18.81
C GLU E 108 -12.68 -45.75 -18.49
N ARG E 109 -13.00 -45.98 -17.23
CA ARG E 109 -13.43 -47.30 -16.78
C ARG E 109 -14.96 -47.37 -16.92
N GLY E 110 -15.47 -46.85 -18.03
CA GLY E 110 -16.91 -46.87 -18.27
C GLY E 110 -17.77 -46.04 -17.34
N PRO E 111 -19.06 -46.42 -17.19
CA PRO E 111 -20.04 -45.73 -16.33
C PRO E 111 -19.96 -46.11 -14.84
N ILE E 112 -20.62 -45.32 -13.99
CA ILE E 112 -20.64 -45.58 -12.55
C ILE E 112 -22.05 -45.99 -12.14
N LYS E 113 -22.39 -47.23 -12.46
CA LYS E 113 -23.70 -47.82 -12.19
C LYS E 113 -24.14 -47.70 -10.73
N THR E 114 -24.70 -46.54 -10.40
CA THR E 114 -25.19 -46.25 -9.07
C THR E 114 -26.71 -46.31 -9.07
N LYS E 115 -27.27 -46.65 -7.92
CA LYS E 115 -28.72 -46.76 -7.81
C LYS E 115 -29.34 -45.53 -7.14
N GLN E 116 -28.51 -44.58 -6.72
CA GLN E 116 -29.01 -43.37 -6.08
C GLN E 116 -28.16 -42.16 -6.46
N PHE E 117 -28.80 -41.01 -6.61
CA PHE E 117 -28.09 -39.79 -6.98
C PHE E 117 -28.34 -38.66 -5.97
N ALA E 118 -27.26 -38.09 -5.45
CA ALA E 118 -27.36 -37.00 -4.49
C ALA E 118 -26.96 -35.65 -5.09
N ALA E 119 -27.68 -34.61 -4.71
CA ALA E 119 -27.42 -33.26 -5.22
C ALA E 119 -26.19 -32.74 -4.49
N ILE E 120 -25.29 -32.10 -5.21
CA ILE E 120 -24.09 -31.54 -4.60
C ILE E 120 -24.44 -30.37 -3.69
N HIS E 121 -25.70 -29.94 -3.76
CA HIS E 121 -26.24 -28.84 -2.97
C HIS E 121 -27.29 -29.37 -1.98
N ALA E 122 -27.18 -28.94 -0.73
CA ALA E 122 -28.10 -29.37 0.31
C ALA E 122 -27.88 -28.50 1.53
N GLU E 123 -28.77 -28.59 2.50
CA GLU E 123 -28.65 -27.78 3.71
C GLU E 123 -27.65 -28.41 4.64
N ALA E 124 -27.16 -27.62 5.59
CA ALA E 124 -26.18 -28.07 6.56
C ALA E 124 -26.88 -28.70 7.76
N PRO E 125 -26.32 -29.82 8.27
CA PRO E 125 -26.93 -30.48 9.42
C PRO E 125 -27.16 -29.43 10.50
N GLU E 126 -28.36 -29.43 11.08
CA GLU E 126 -28.73 -28.47 12.11
C GLU E 126 -27.73 -28.41 13.27
N PHE E 127 -28.02 -27.55 14.23
CA PHE E 127 -27.18 -27.39 15.41
C PHE E 127 -27.43 -28.57 16.35
N VAL E 128 -28.65 -29.12 16.30
CA VAL E 128 -29.04 -30.26 17.12
C VAL E 128 -28.38 -31.54 16.65
N GLU E 129 -27.83 -31.49 15.43
CA GLU E 129 -27.18 -32.63 14.85
C GLU E 129 -25.67 -32.56 15.11
N MET E 130 -25.25 -31.57 15.89
CA MET E 130 -23.83 -31.41 16.17
C MET E 130 -23.38 -32.27 17.34
N SER E 131 -22.21 -32.88 17.18
CA SER E 131 -21.63 -33.73 18.21
C SER E 131 -20.56 -32.96 19.00
N VAL E 132 -20.24 -33.42 20.20
CA VAL E 132 -19.25 -32.75 21.03
C VAL E 132 -18.18 -33.72 21.54
N GLU E 133 -18.05 -34.86 20.88
CA GLU E 133 -17.07 -35.88 21.25
C GLU E 133 -15.73 -35.59 20.59
N GLN E 134 -14.67 -35.70 21.39
CA GLN E 134 -13.33 -35.42 20.91
C GLN E 134 -12.30 -36.44 21.40
N GLU E 135 -11.92 -37.34 20.52
CA GLU E 135 -10.93 -38.35 20.83
C GLU E 135 -9.74 -37.98 19.95
N ILE E 136 -8.60 -37.72 20.58
CA ILE E 136 -7.40 -37.38 19.84
C ILE E 136 -7.21 -38.38 18.70
N LEU E 137 -6.61 -37.93 17.61
CA LEU E 137 -6.33 -38.81 16.50
C LEU E 137 -4.82 -38.81 16.27
N VAL E 138 -4.16 -39.88 16.70
CA VAL E 138 -2.72 -40.02 16.53
C VAL E 138 -2.33 -40.21 15.08
N THR E 139 -1.22 -39.58 14.69
CA THR E 139 -0.74 -39.64 13.32
C THR E 139 0.71 -40.12 13.13
N GLY E 140 1.49 -40.11 14.21
CA GLY E 140 2.88 -40.52 14.09
C GLY E 140 3.78 -39.31 13.95
N ILE E 141 3.22 -38.26 13.35
CA ILE E 141 3.92 -37.00 13.15
C ILE E 141 4.12 -36.36 14.52
N LYS E 142 5.36 -36.28 14.98
CA LYS E 142 5.65 -35.70 16.30
C LYS E 142 5.10 -34.31 16.59
N VAL E 143 5.34 -33.36 15.69
CA VAL E 143 4.89 -31.98 15.87
C VAL E 143 3.38 -31.87 15.97
N VAL E 144 2.68 -32.53 15.05
CA VAL E 144 1.22 -32.51 15.04
C VAL E 144 0.67 -33.19 16.29
N ASP E 145 1.19 -34.38 16.59
CA ASP E 145 0.75 -35.14 17.77
C ASP E 145 1.24 -34.58 19.11
N LEU E 146 2.12 -33.60 19.07
CA LEU E 146 2.61 -33.02 20.30
C LEU E 146 2.02 -31.63 20.58
N LEU E 147 2.10 -30.74 19.58
CA LEU E 147 1.64 -29.38 19.76
C LEU E 147 0.20 -29.08 19.34
N ALA E 148 -0.31 -29.82 18.37
CA ALA E 148 -1.67 -29.60 17.88
C ALA E 148 -2.25 -30.91 17.36
N PRO E 149 -2.55 -31.84 18.26
CA PRO E 149 -3.12 -33.13 17.89
C PRO E 149 -4.43 -33.09 17.13
N TYR E 150 -4.55 -33.90 16.08
CA TYR E 150 -5.79 -33.92 15.33
C TYR E 150 -6.90 -34.52 16.20
N ALA E 151 -8.10 -34.67 15.64
CA ALA E 151 -9.22 -35.23 16.38
C ALA E 151 -10.12 -36.07 15.47
N LYS E 152 -10.49 -37.24 15.97
CA LYS E 152 -11.32 -38.20 15.28
C LYS E 152 -12.63 -37.60 14.78
N GLY E 153 -12.83 -37.63 13.48
CA GLY E 153 -14.04 -37.07 12.91
C GLY E 153 -14.05 -35.56 13.01
N GLY E 154 -12.91 -34.99 13.38
CA GLY E 154 -12.80 -33.55 13.49
C GLY E 154 -12.33 -33.03 12.15
N LYS E 155 -12.32 -31.71 11.97
CA LYS E 155 -11.88 -31.13 10.71
C LYS E 155 -10.44 -30.66 10.85
N ILE E 156 -9.58 -31.17 9.98
CA ILE E 156 -8.17 -30.80 10.02
C ILE E 156 -7.83 -29.74 8.99
N GLY E 157 -7.02 -28.78 9.41
CA GLY E 157 -6.58 -27.71 8.56
C GLY E 157 -5.06 -27.70 8.44
N LEU E 158 -4.59 -27.54 7.20
CA LEU E 158 -3.17 -27.49 6.89
C LEU E 158 -2.96 -26.26 6.03
N PHE E 159 -2.38 -25.21 6.60
CA PHE E 159 -2.13 -23.99 5.85
C PHE E 159 -0.70 -23.98 5.39
N GLY E 160 -0.44 -23.31 4.25
CA GLY E 160 0.92 -23.24 3.74
C GLY E 160 1.08 -22.41 2.47
N GLY E 161 2.25 -21.81 2.31
CA GLY E 161 2.51 -21.01 1.13
C GLY E 161 2.88 -21.92 -0.03
N ALA E 162 3.03 -21.35 -1.21
CA ALA E 162 3.41 -22.14 -2.37
C ALA E 162 4.61 -23.04 -2.10
N GLY E 163 4.50 -24.28 -2.56
CA GLY E 163 5.57 -25.25 -2.39
C GLY E 163 6.23 -25.28 -1.04
N VAL E 164 5.44 -25.36 0.03
CA VAL E 164 6.00 -25.42 1.38
C VAL E 164 5.75 -26.79 2.03
N GLY E 165 4.90 -27.60 1.38
CA GLY E 165 4.63 -28.93 1.90
C GLY E 165 3.21 -29.36 2.21
N LYS E 166 2.22 -28.56 1.83
CA LYS E 166 0.83 -28.91 2.10
C LYS E 166 0.50 -30.26 1.48
N THR E 167 0.68 -30.37 0.17
CA THR E 167 0.39 -31.59 -0.58
C THR E 167 1.11 -32.84 -0.07
N VAL E 168 2.39 -32.70 0.31
CA VAL E 168 3.16 -33.83 0.83
C VAL E 168 2.60 -34.24 2.18
N LEU E 169 2.41 -33.25 3.04
CA LEU E 169 1.87 -33.49 4.38
C LEU E 169 0.52 -34.17 4.35
N ILE E 170 -0.34 -33.79 3.42
CA ILE E 170 -1.65 -34.43 3.37
C ILE E 170 -1.43 -35.89 3.04
N MET E 171 -0.68 -36.13 1.96
CA MET E 171 -0.36 -37.47 1.51
C MET E 171 0.18 -38.34 2.63
N GLU E 172 0.97 -37.74 3.53
CA GLU E 172 1.51 -38.52 4.63
C GLU E 172 0.36 -39.04 5.47
N LEU E 173 -0.55 -38.14 5.81
CA LEU E 173 -1.71 -38.50 6.63
C LEU E 173 -2.48 -39.67 6.03
N ILE E 174 -2.61 -39.68 4.71
CA ILE E 174 -3.31 -40.76 4.03
C ILE E 174 -2.50 -42.05 4.17
N ASN E 175 -1.19 -41.95 3.94
CA ASN E 175 -0.26 -43.07 4.04
C ASN E 175 -0.24 -43.67 5.44
N ASN E 176 -0.61 -42.86 6.42
CA ASN E 176 -0.62 -43.31 7.81
C ASN E 176 -2.01 -43.65 8.34
N VAL E 177 -2.87 -42.63 8.36
CA VAL E 177 -4.23 -42.79 8.87
C VAL E 177 -5.22 -43.47 7.93
N ALA E 178 -5.13 -43.15 6.64
CA ALA E 178 -6.03 -43.72 5.64
C ALA E 178 -5.75 -45.19 5.30
N LYS E 179 -4.47 -45.54 5.22
CA LYS E 179 -4.10 -46.92 4.90
C LYS E 179 -4.49 -47.93 5.98
N ALA E 180 -4.53 -47.48 7.24
CA ALA E 180 -4.90 -48.35 8.35
C ALA E 180 -6.30 -47.97 8.83
N HIS E 181 -7.09 -47.40 7.92
CA HIS E 181 -8.45 -46.97 8.21
C HIS E 181 -9.46 -48.06 7.89
N GLY E 182 -10.18 -48.53 8.91
CA GLY E 182 -11.18 -49.56 8.69
C GLY E 182 -12.46 -48.97 8.17
N GLY E 183 -12.39 -48.33 7.02
CA GLY E 183 -13.58 -47.72 6.44
C GLY E 183 -13.28 -47.05 5.12
N TYR E 184 -14.20 -46.22 4.65
CA TYR E 184 -14.05 -45.52 3.38
C TYR E 184 -13.39 -44.14 3.54
N SER E 185 -12.72 -43.67 2.49
CA SER E 185 -12.04 -42.37 2.51
C SER E 185 -12.16 -41.62 1.19
N VAL E 186 -12.76 -40.43 1.22
CA VAL E 186 -12.92 -39.64 0.01
C VAL E 186 -11.80 -38.62 -0.15
N PHE E 187 -11.48 -38.31 -1.40
CA PHE E 187 -10.44 -37.35 -1.71
C PHE E 187 -10.96 -36.47 -2.82
N ALA E 188 -10.71 -35.17 -2.69
CA ALA E 188 -11.16 -34.21 -3.68
C ALA E 188 -10.02 -33.34 -4.17
N GLY E 189 -9.63 -33.55 -5.43
CA GLY E 189 -8.59 -32.73 -6.02
C GLY E 189 -9.27 -31.45 -6.48
N VAL E 190 -9.09 -30.38 -5.71
CA VAL E 190 -9.72 -29.11 -6.05
C VAL E 190 -8.79 -28.08 -6.67
N GLY E 191 -9.08 -27.76 -7.92
CA GLY E 191 -8.30 -26.78 -8.63
C GLY E 191 -6.80 -26.87 -8.43
N GLU E 192 -6.29 -28.09 -8.27
CA GLU E 192 -4.86 -28.26 -8.10
C GLU E 192 -4.27 -28.71 -9.42
N ARG E 193 -3.15 -29.43 -9.33
CA ARG E 193 -2.45 -29.94 -10.50
C ARG E 193 -2.98 -31.32 -10.87
N THR E 194 -3.24 -31.54 -12.16
CA THR E 194 -3.73 -32.83 -12.61
C THR E 194 -2.64 -33.88 -12.39
N ARG E 195 -1.45 -33.61 -12.89
CA ARG E 195 -0.32 -34.51 -12.71
C ARG E 195 -0.29 -35.03 -11.28
N GLU E 196 -0.74 -34.21 -10.33
CA GLU E 196 -0.76 -34.62 -8.94
C GLU E 196 -1.79 -35.73 -8.74
N GLY E 197 -2.93 -35.59 -9.38
CA GLY E 197 -3.96 -36.60 -9.29
C GLY E 197 -3.47 -37.90 -9.88
N ASN E 198 -2.75 -37.81 -11.00
CA ASN E 198 -2.21 -38.99 -11.68
C ASN E 198 -1.33 -39.74 -10.69
N ASP E 199 -0.43 -39.01 -10.03
CA ASP E 199 0.43 -39.60 -9.03
C ASP E 199 -0.39 -40.28 -7.96
N LEU E 200 -1.24 -39.52 -7.27
CA LEU E 200 -2.08 -40.11 -6.24
C LEU E 200 -2.75 -41.38 -6.76
N TYR E 201 -3.55 -41.23 -7.82
CA TYR E 201 -4.26 -42.36 -8.40
C TYR E 201 -3.39 -43.61 -8.40
N HIS E 202 -2.41 -43.65 -9.29
CA HIS E 202 -1.52 -44.78 -9.43
C HIS E 202 -0.87 -45.18 -8.11
N GLU E 203 -0.51 -44.21 -7.29
CA GLU E 203 0.11 -44.54 -6.03
C GLU E 203 -0.85 -45.29 -5.11
N MET E 204 -2.13 -44.96 -5.20
CA MET E 204 -3.12 -45.66 -4.38
C MET E 204 -3.48 -47.00 -5.03
N ILE E 205 -3.12 -47.14 -6.30
CA ILE E 205 -3.38 -48.36 -7.04
C ILE E 205 -2.36 -49.40 -6.55
N GLU E 206 -1.12 -48.95 -6.42
CA GLU E 206 -0.04 -49.80 -5.94
C GLU E 206 -0.37 -50.18 -4.50
N SER E 207 -0.49 -49.15 -3.66
CA SER E 207 -0.79 -49.32 -2.25
C SER E 207 -1.99 -50.22 -2.00
N GLY E 208 -2.74 -50.54 -3.06
CA GLY E 208 -3.89 -51.42 -2.90
C GLY E 208 -5.13 -50.76 -2.39
N VAL E 209 -5.00 -49.56 -1.85
CA VAL E 209 -6.14 -48.80 -1.33
C VAL E 209 -7.23 -48.74 -2.39
N ILE E 210 -6.82 -48.90 -3.65
CA ILE E 210 -7.72 -48.89 -4.79
C ILE E 210 -7.52 -50.21 -5.55
N ASN E 211 -8.61 -50.89 -5.87
CA ASN E 211 -8.54 -52.17 -6.59
C ASN E 211 -9.28 -52.05 -7.92
N LEU E 212 -8.56 -52.30 -9.01
CA LEU E 212 -9.12 -52.20 -10.35
C LEU E 212 -9.80 -53.47 -10.85
N LYS E 213 -9.57 -54.59 -10.18
CA LYS E 213 -10.15 -55.84 -10.62
C LYS E 213 -11.37 -56.29 -9.83
N ASP E 214 -11.53 -55.76 -8.62
CA ASP E 214 -12.67 -56.16 -7.80
C ASP E 214 -13.29 -55.00 -7.02
N ALA E 215 -13.90 -55.31 -5.88
CA ALA E 215 -14.56 -54.30 -5.06
C ALA E 215 -13.98 -54.10 -3.66
N THR E 216 -12.66 -53.95 -3.54
CA THR E 216 -12.07 -53.73 -2.23
C THR E 216 -11.62 -52.28 -2.10
N SER E 217 -11.66 -51.53 -3.20
CA SER E 217 -11.28 -50.13 -3.21
C SER E 217 -11.95 -49.46 -2.00
N LYS E 218 -11.21 -48.61 -1.30
CA LYS E 218 -11.75 -47.94 -0.13
C LYS E 218 -11.56 -46.42 -0.17
N VAL E 219 -11.42 -45.87 -1.38
CA VAL E 219 -11.24 -44.43 -1.56
C VAL E 219 -11.87 -43.92 -2.85
N ALA E 220 -12.68 -42.89 -2.71
CA ALA E 220 -13.37 -42.27 -3.84
C ALA E 220 -12.55 -41.10 -4.37
N LEU E 221 -12.65 -40.84 -5.67
CA LEU E 221 -11.89 -39.73 -6.24
C LEU E 221 -12.77 -38.74 -7.00
N VAL E 222 -12.62 -37.47 -6.65
CA VAL E 222 -13.35 -36.38 -7.28
C VAL E 222 -12.33 -35.35 -7.74
N TYR E 223 -12.36 -35.00 -9.02
CA TYR E 223 -11.41 -34.03 -9.54
C TYR E 223 -11.90 -32.99 -10.54
N GLY E 224 -11.41 -31.76 -10.33
CA GLY E 224 -11.70 -30.62 -11.18
C GLY E 224 -10.51 -29.72 -10.98
N GLN E 225 -9.37 -30.15 -11.50
CA GLN E 225 -8.14 -29.39 -11.31
C GLN E 225 -7.99 -28.09 -12.13
N MET E 226 -6.77 -27.54 -12.12
CA MET E 226 -6.44 -26.30 -12.81
C MET E 226 -6.93 -26.06 -14.21
N ASN E 227 -6.78 -27.04 -15.08
CA ASN E 227 -7.21 -26.90 -16.47
C ASN E 227 -8.71 -26.65 -16.55
N GLU E 228 -9.39 -26.81 -15.42
CA GLU E 228 -10.84 -26.63 -15.37
C GLU E 228 -11.28 -25.19 -15.15
N PRO E 229 -12.33 -24.75 -15.86
CA PRO E 229 -12.83 -23.40 -15.72
C PRO E 229 -13.27 -23.20 -14.28
N PRO E 230 -13.30 -21.94 -13.82
CA PRO E 230 -13.70 -21.60 -12.43
C PRO E 230 -15.04 -22.20 -12.05
N GLY E 231 -16.00 -22.15 -12.95
CA GLY E 231 -17.31 -22.72 -12.64
C GLY E 231 -17.18 -24.05 -11.93
N ALA E 232 -16.48 -24.99 -12.55
CA ALA E 232 -16.28 -26.31 -11.97
C ALA E 232 -15.53 -26.28 -10.65
N ARG E 233 -14.27 -25.83 -10.68
CA ARG E 233 -13.47 -25.78 -9.46
C ARG E 233 -14.29 -25.20 -8.31
N ALA E 234 -15.20 -24.30 -8.66
CA ALA E 234 -16.05 -23.67 -7.67
C ALA E 234 -17.04 -24.64 -7.04
N ARG E 235 -17.23 -25.79 -7.68
CA ARG E 235 -18.19 -26.76 -7.17
C ARG E 235 -17.66 -28.14 -6.75
N VAL E 236 -16.75 -28.72 -7.54
CA VAL E 236 -16.23 -30.04 -7.18
C VAL E 236 -16.07 -30.25 -5.68
N ALA E 237 -15.68 -29.19 -4.97
CA ALA E 237 -15.49 -29.27 -3.52
C ALA E 237 -16.76 -29.81 -2.86
N LEU E 238 -17.92 -29.44 -3.42
CA LEU E 238 -19.21 -29.89 -2.90
C LEU E 238 -19.44 -31.32 -3.35
N THR E 239 -19.04 -31.59 -4.59
CA THR E 239 -19.17 -32.93 -5.15
C THR E 239 -18.43 -33.86 -4.21
N GLY E 240 -17.13 -33.64 -4.07
CA GLY E 240 -16.32 -34.47 -3.19
C GLY E 240 -16.89 -34.54 -1.78
N LEU E 241 -17.64 -33.51 -1.39
CA LEU E 241 -18.24 -33.44 -0.07
C LEU E 241 -19.56 -34.21 -0.04
N THR E 242 -20.30 -34.13 -1.14
CA THR E 242 -21.58 -34.82 -1.26
C THR E 242 -21.36 -36.32 -1.10
N VAL E 243 -20.37 -36.82 -1.84
CA VAL E 243 -20.00 -38.22 -1.82
C VAL E 243 -19.62 -38.67 -0.42
N ALA E 244 -18.72 -37.93 0.22
CA ALA E 244 -18.29 -38.24 1.57
C ALA E 244 -19.47 -38.16 2.56
N GLU E 245 -20.56 -37.51 2.17
CA GLU E 245 -21.75 -37.41 3.03
C GLU E 245 -22.47 -38.73 3.07
N TYR E 246 -22.73 -39.28 1.89
CA TYR E 246 -23.41 -40.56 1.77
C TYR E 246 -22.68 -41.54 2.69
N PHE E 247 -21.36 -41.51 2.65
CA PHE E 247 -20.57 -42.38 3.50
C PHE E 247 -20.62 -41.97 4.96
N ARG E 248 -21.35 -40.89 5.25
CA ARG E 248 -21.50 -40.41 6.63
C ARG E 248 -22.88 -40.72 7.19
N ASP E 249 -23.91 -40.60 6.37
CA ASP E 249 -25.28 -40.85 6.81
C ASP E 249 -25.79 -42.25 6.55
N GLN E 250 -26.01 -42.57 5.27
CA GLN E 250 -26.53 -43.87 4.84
C GLN E 250 -25.69 -45.04 5.33
N GLU E 251 -24.89 -44.79 6.35
CA GLU E 251 -24.03 -45.80 6.94
C GLU E 251 -23.69 -45.46 8.40
N GLY E 252 -23.24 -44.23 8.63
CA GLY E 252 -22.86 -43.83 9.97
C GLY E 252 -21.42 -44.25 10.18
N GLN E 253 -20.93 -45.06 9.25
CA GLN E 253 -19.56 -45.57 9.29
C GLN E 253 -18.60 -44.38 9.23
N ASP E 254 -17.42 -44.54 9.82
CA ASP E 254 -16.42 -43.48 9.83
C ASP E 254 -15.97 -43.16 8.41
N VAL E 255 -15.76 -41.87 8.13
CA VAL E 255 -15.33 -41.44 6.81
C VAL E 255 -14.23 -40.39 6.89
N LEU E 256 -13.28 -40.48 5.96
CA LEU E 256 -12.17 -39.55 5.89
C LEU E 256 -12.29 -38.72 4.62
N LEU E 257 -12.29 -37.40 4.78
CA LEU E 257 -12.40 -36.50 3.65
C LEU E 257 -11.10 -35.73 3.48
N PHE E 258 -10.44 -35.94 2.35
CA PHE E 258 -9.20 -35.26 2.02
C PHE E 258 -9.50 -34.40 0.82
N ILE E 259 -9.34 -33.10 0.98
CA ILE E 259 -9.60 -32.15 -0.10
C ILE E 259 -8.32 -31.34 -0.30
N ASP E 260 -7.64 -31.60 -1.40
CA ASP E 260 -6.42 -30.83 -1.62
C ASP E 260 -6.71 -29.41 -2.06
N ASN E 261 -6.60 -28.53 -1.08
CA ASN E 261 -6.82 -27.11 -1.26
C ASN E 261 -8.22 -26.70 -1.61
N ILE E 262 -8.90 -26.23 -0.56
CA ILE E 262 -10.27 -25.78 -0.62
C ILE E 262 -10.23 -24.34 -1.13
N PHE E 263 -9.09 -23.69 -0.94
CA PHE E 263 -8.87 -22.33 -1.37
C PHE E 263 -9.35 -22.15 -2.81
N ARG E 264 -9.18 -23.18 -3.63
CA ARG E 264 -9.60 -23.10 -5.02
C ARG E 264 -11.12 -23.05 -5.17
N PHE E 265 -11.83 -23.37 -4.09
CA PHE E 265 -13.28 -23.28 -4.11
C PHE E 265 -13.52 -21.79 -4.18
N THR E 266 -12.94 -21.10 -3.19
CA THR E 266 -13.02 -19.66 -3.03
C THR E 266 -12.40 -18.85 -4.15
N GLN E 267 -11.30 -19.32 -4.72
CA GLN E 267 -10.66 -18.58 -5.80
C GLN E 267 -11.54 -18.63 -7.04
N ALA E 268 -12.19 -19.77 -7.24
CA ALA E 268 -13.06 -19.95 -8.38
C ALA E 268 -14.16 -18.90 -8.28
N GLY E 269 -14.80 -18.84 -7.12
CA GLY E 269 -15.85 -17.87 -6.89
C GLY E 269 -15.41 -16.47 -7.21
N SER E 270 -14.13 -16.19 -7.00
CA SER E 270 -13.63 -14.85 -7.28
C SER E 270 -13.52 -14.64 -8.78
N GLU E 271 -13.15 -15.69 -9.51
CA GLU E 271 -12.98 -15.58 -10.97
C GLU E 271 -14.27 -15.34 -11.76
N VAL E 272 -15.40 -15.50 -11.13
CA VAL E 272 -16.66 -15.30 -11.84
C VAL E 272 -17.55 -14.24 -11.19
N SER E 273 -17.25 -13.91 -9.94
CA SER E 273 -18.01 -12.91 -9.18
C SER E 273 -18.36 -11.66 -9.99
N ALA E 274 -17.36 -10.99 -10.56
CA ALA E 274 -17.63 -9.79 -11.35
C ALA E 274 -18.68 -10.01 -12.45
N LEU E 275 -18.43 -10.99 -13.31
CA LEU E 275 -19.34 -11.29 -14.40
C LEU E 275 -20.69 -11.73 -13.92
N LEU E 276 -20.82 -11.90 -12.61
CA LEU E 276 -22.11 -12.26 -12.01
C LEU E 276 -22.84 -11.01 -11.55
N GLY E 277 -22.24 -9.85 -11.82
CA GLY E 277 -22.83 -8.57 -11.41
C GLY E 277 -22.72 -8.40 -9.92
N ARG E 278 -21.49 -8.30 -9.44
CA ARG E 278 -21.29 -8.12 -8.01
C ARG E 278 -20.22 -7.08 -7.77
N ILE E 279 -20.44 -6.21 -6.79
CA ILE E 279 -19.44 -5.22 -6.48
C ILE E 279 -18.35 -6.02 -5.79
N PRO E 280 -17.10 -5.84 -6.22
CA PRO E 280 -15.99 -6.57 -5.63
C PRO E 280 -15.83 -6.18 -4.16
N SER E 281 -14.94 -6.86 -3.46
CA SER E 281 -14.70 -6.60 -2.04
C SER E 281 -13.21 -6.54 -1.76
N ALA E 282 -12.88 -6.43 -0.48
CA ALA E 282 -11.50 -6.34 -0.04
C ALA E 282 -10.60 -7.35 -0.73
N VAL E 283 -9.40 -6.89 -1.08
CA VAL E 283 -8.39 -7.71 -1.75
C VAL E 283 -8.87 -8.44 -3.00
N GLY E 284 -10.00 -7.99 -3.56
CA GLY E 284 -10.53 -8.60 -4.77
C GLY E 284 -11.38 -9.87 -4.67
N TYR E 285 -11.76 -10.27 -3.46
CA TYR E 285 -12.58 -11.45 -3.30
C TYR E 285 -14.05 -11.09 -3.40
N GLN E 286 -14.90 -12.09 -3.56
CA GLN E 286 -16.32 -11.82 -3.63
C GLN E 286 -16.82 -11.29 -2.29
N PRO E 287 -17.97 -10.58 -2.31
CA PRO E 287 -18.48 -10.06 -1.05
C PRO E 287 -18.96 -11.28 -0.28
N THR E 288 -19.47 -12.24 -1.04
CA THR E 288 -19.99 -13.49 -0.53
C THR E 288 -18.96 -14.47 0.07
N LEU E 289 -17.67 -14.21 -0.17
CA LEU E 289 -16.58 -15.06 0.29
C LEU E 289 -16.78 -15.80 1.62
N ALA E 290 -17.16 -15.09 2.69
CA ALA E 290 -17.35 -15.72 4.01
C ALA E 290 -18.65 -16.53 4.18
N THR E 291 -19.73 -16.13 3.53
CA THR E 291 -20.98 -16.87 3.63
C THR E 291 -20.93 -18.01 2.62
N ASP E 292 -20.25 -17.77 1.50
CA ASP E 292 -20.09 -18.79 0.47
C ASP E 292 -19.43 -19.97 1.16
N MET E 293 -18.35 -19.68 1.89
CA MET E 293 -17.58 -20.72 2.59
C MET E 293 -18.32 -21.41 3.74
N GLY E 294 -19.19 -20.68 4.41
CA GLY E 294 -19.93 -21.25 5.51
C GLY E 294 -20.89 -22.33 5.07
N THR E 295 -21.62 -22.09 3.99
CA THR E 295 -22.60 -23.05 3.48
C THR E 295 -21.92 -24.27 2.89
N MET E 296 -20.62 -24.14 2.62
CA MET E 296 -19.83 -25.21 2.06
C MET E 296 -19.14 -25.96 3.19
N GLN E 297 -18.57 -25.23 4.14
CA GLN E 297 -17.89 -25.83 5.29
C GLN E 297 -18.83 -26.50 6.29
N GLU E 298 -19.88 -25.78 6.72
CA GLU E 298 -20.86 -26.29 7.68
C GLU E 298 -21.46 -27.64 7.25
N ARG E 299 -21.19 -28.06 6.02
CA ARG E 299 -21.68 -29.36 5.54
C ARG E 299 -20.65 -30.42 5.86
N ILE E 300 -19.38 -30.04 5.80
CA ILE E 300 -18.23 -30.91 6.10
C ILE E 300 -18.04 -31.00 7.62
N THR E 301 -18.78 -31.90 8.27
CA THR E 301 -18.67 -32.05 9.72
C THR E 301 -19.31 -33.33 10.21
N THR E 302 -18.91 -33.74 11.40
CA THR E 302 -19.47 -34.91 12.03
C THR E 302 -20.78 -34.55 12.73
N THR E 303 -21.87 -35.22 12.35
CA THR E 303 -23.16 -34.99 13.00
C THR E 303 -23.33 -36.08 14.04
N LYS E 304 -24.57 -36.41 14.37
CA LYS E 304 -24.84 -37.44 15.34
C LYS E 304 -25.15 -38.77 14.68
N LYS E 305 -25.21 -38.77 13.36
CA LYS E 305 -25.50 -39.96 12.57
C LYS E 305 -24.22 -40.73 12.18
N GLY E 306 -23.19 -39.97 11.84
CA GLY E 306 -21.92 -40.54 11.43
C GLY E 306 -20.81 -39.50 11.53
N SER E 307 -19.56 -39.95 11.51
CA SER E 307 -18.45 -39.02 11.63
C SER E 307 -17.68 -38.79 10.34
N ILE E 308 -17.06 -37.62 10.25
CA ILE E 308 -16.25 -37.23 9.10
C ILE E 308 -14.93 -36.64 9.57
N THR E 309 -13.86 -37.34 9.30
CA THR E 309 -12.52 -36.89 9.67
C THR E 309 -11.90 -36.30 8.40
N SER E 310 -12.17 -35.01 8.17
CA SER E 310 -11.65 -34.33 7.02
C SER E 310 -10.27 -33.74 7.28
N VAL E 311 -9.56 -33.44 6.20
CA VAL E 311 -8.22 -32.89 6.28
C VAL E 311 -8.01 -31.98 5.07
N GLN E 312 -8.49 -30.74 5.18
CA GLN E 312 -8.38 -29.79 4.07
C GLN E 312 -7.01 -29.14 4.01
N ALA E 313 -6.52 -28.94 2.79
CA ALA E 313 -5.25 -28.26 2.58
C ALA E 313 -5.69 -26.81 2.24
N ILE E 314 -5.05 -25.83 2.83
CA ILE E 314 -5.45 -24.45 2.60
C ILE E 314 -4.34 -23.52 2.11
N TYR E 315 -4.37 -23.20 0.82
CA TYR E 315 -3.34 -22.31 0.29
C TYR E 315 -3.36 -21.00 1.09
N VAL E 316 -2.35 -20.18 0.85
CA VAL E 316 -2.20 -18.89 1.51
C VAL E 316 -1.40 -18.01 0.54
N PRO E 317 -2.10 -17.18 -0.26
CA PRO E 317 -1.51 -16.29 -1.25
C PRO E 317 -0.30 -15.50 -0.75
N ALA E 318 0.77 -15.52 -1.54
CA ALA E 318 2.00 -14.81 -1.22
C ALA E 318 2.42 -15.02 0.23
N ASP E 319 2.06 -16.18 0.79
CA ASP E 319 2.41 -16.55 2.17
C ASP E 319 1.72 -15.74 3.26
N ASP E 320 0.85 -14.82 2.88
CA ASP E 320 0.16 -14.00 3.84
C ASP E 320 -1.06 -14.69 4.44
N LEU E 321 -1.00 -14.99 5.73
CA LEU E 321 -2.10 -15.65 6.41
C LEU E 321 -3.28 -14.73 6.64
N THR E 322 -3.00 -13.43 6.61
CA THR E 322 -4.02 -12.41 6.84
C THR E 322 -4.92 -12.24 5.61
N ASP E 323 -4.63 -12.98 4.55
CA ASP E 323 -5.41 -12.88 3.33
C ASP E 323 -6.84 -13.30 3.65
N PRO E 324 -7.83 -12.59 3.09
CA PRO E 324 -9.24 -12.90 3.32
C PRO E 324 -9.55 -14.40 3.29
N ALA E 325 -9.10 -15.07 2.23
CA ALA E 325 -9.36 -16.49 2.08
C ALA E 325 -8.95 -17.33 3.30
N PRO E 326 -7.64 -17.51 3.55
CA PRO E 326 -7.23 -18.31 4.71
C PRO E 326 -7.79 -17.89 6.07
N ALA E 327 -7.77 -16.59 6.33
CA ALA E 327 -8.26 -16.04 7.59
C ALA E 327 -9.69 -16.42 7.90
N THR E 328 -10.53 -16.48 6.88
CA THR E 328 -11.93 -16.81 7.07
C THR E 328 -12.12 -18.31 7.33
N THR E 329 -11.16 -19.11 6.86
CA THR E 329 -11.19 -20.55 7.00
C THR E 329 -10.92 -21.07 8.42
N PHE E 330 -9.89 -20.52 9.05
CA PHE E 330 -9.51 -20.93 10.41
C PHE E 330 -10.63 -21.40 11.33
N ALA E 331 -11.51 -20.48 11.70
CA ALA E 331 -12.61 -20.80 12.60
C ALA E 331 -13.43 -22.02 12.19
N HIS E 332 -13.34 -22.40 10.91
CA HIS E 332 -14.08 -23.56 10.41
C HIS E 332 -13.47 -24.89 10.80
N LEU E 333 -12.29 -24.84 11.43
CA LEU E 333 -11.55 -26.03 11.82
C LEU E 333 -11.39 -26.21 13.34
N ASP E 334 -11.22 -27.46 13.77
CA ASP E 334 -11.04 -27.74 15.20
C ASP E 334 -9.55 -27.89 15.51
N ALA E 335 -8.76 -28.26 14.49
CA ALA E 335 -7.32 -28.41 14.67
C ALA E 335 -6.60 -27.82 13.47
N THR E 336 -5.56 -27.02 13.71
CA THR E 336 -4.80 -26.41 12.60
C THR E 336 -3.31 -26.74 12.58
N THR E 337 -2.83 -27.06 11.38
CA THR E 337 -1.43 -27.37 11.16
C THR E 337 -0.95 -26.34 10.17
N VAL E 338 -0.16 -25.37 10.65
CA VAL E 338 0.36 -24.30 9.80
C VAL E 338 1.76 -24.54 9.28
N LEU E 339 1.96 -24.31 7.98
CA LEU E 339 3.26 -24.49 7.37
C LEU E 339 4.02 -23.17 7.26
N SER E 340 5.34 -23.25 7.33
CA SER E 340 6.18 -22.07 7.29
C SER E 340 7.31 -22.17 6.29
N ARG E 341 7.33 -21.27 5.31
CA ARG E 341 8.39 -21.26 4.32
C ARG E 341 9.70 -21.04 5.06
N ALA E 342 9.67 -20.20 6.09
CA ALA E 342 10.87 -19.93 6.86
C ALA E 342 11.46 -21.23 7.36
N ILE E 343 10.68 -21.99 8.13
CA ILE E 343 11.13 -23.26 8.67
C ILE E 343 11.59 -24.20 7.56
N ALA E 344 10.68 -24.58 6.67
CA ALA E 344 11.03 -25.47 5.55
C ALA E 344 12.35 -25.02 4.95
N GLU E 345 12.50 -23.71 4.80
CA GLU E 345 13.68 -23.10 4.24
C GLU E 345 14.92 -23.53 5.03
N LEU E 346 14.71 -23.82 6.31
CA LEU E 346 15.79 -24.25 7.19
C LEU E 346 15.98 -25.76 7.14
N GLY E 347 15.49 -26.40 6.10
CA GLY E 347 15.65 -27.83 6.00
C GLY E 347 14.89 -28.61 7.06
N ILE E 348 13.84 -28.01 7.60
CA ILE E 348 13.01 -28.67 8.61
C ILE E 348 11.71 -29.09 7.91
N TYR E 349 11.27 -30.31 8.17
CA TYR E 349 10.05 -30.85 7.58
C TYR E 349 9.45 -31.91 8.52
N PRO E 350 8.11 -31.97 8.63
CA PRO E 350 7.18 -31.11 7.91
C PRO E 350 7.28 -29.67 8.43
N ALA E 351 7.29 -28.71 7.51
CA ALA E 351 7.42 -27.29 7.85
C ALA E 351 6.22 -26.80 8.66
N VAL E 352 6.13 -27.28 9.89
CA VAL E 352 5.06 -26.92 10.81
C VAL E 352 5.56 -25.91 11.82
N ASP E 353 4.86 -24.78 11.89
CA ASP E 353 5.19 -23.67 12.78
C ASP E 353 4.76 -24.00 14.21
N PRO E 354 5.72 -24.37 15.06
CA PRO E 354 5.46 -24.73 16.47
C PRO E 354 4.81 -23.63 17.27
N LEU E 355 4.82 -22.40 16.74
CA LEU E 355 4.23 -21.29 17.46
C LEU E 355 2.98 -20.69 16.84
N ASP E 356 2.50 -21.28 15.73
CA ASP E 356 1.30 -20.78 15.08
C ASP E 356 0.33 -21.91 14.74
N SER E 357 0.61 -23.11 15.24
CA SER E 357 -0.25 -24.27 15.01
C SER E 357 -1.08 -24.58 16.25
N THR E 358 -2.37 -24.82 16.08
CA THR E 358 -3.21 -25.11 17.23
C THR E 358 -4.20 -26.25 17.07
N SER E 359 -4.76 -26.70 18.20
CA SER E 359 -5.74 -27.76 18.18
C SER E 359 -6.72 -27.54 19.32
N ARG E 360 -8.00 -27.76 19.04
CA ARG E 360 -9.06 -27.57 20.02
C ARG E 360 -8.93 -28.53 21.20
N ILE E 361 -8.37 -29.71 20.94
CA ILE E 361 -8.20 -30.72 21.98
C ILE E 361 -6.92 -30.62 22.81
N MET E 362 -6.07 -29.66 22.48
CA MET E 362 -4.83 -29.48 23.23
C MET E 362 -5.15 -28.91 24.62
N ASP E 363 -5.85 -29.71 25.41
CA ASP E 363 -6.25 -29.35 26.76
C ASP E 363 -5.73 -30.47 27.68
N PRO E 364 -5.24 -30.10 28.88
CA PRO E 364 -4.73 -31.15 29.76
C PRO E 364 -5.78 -32.22 30.09
N ASN E 365 -7.01 -31.79 30.34
CA ASN E 365 -8.08 -32.72 30.68
C ASN E 365 -8.62 -33.53 29.51
N ILE E 366 -7.78 -33.78 28.51
CA ILE E 366 -8.19 -34.58 27.34
C ILE E 366 -7.00 -35.35 26.76
N VAL E 367 -5.80 -34.79 26.91
CA VAL E 367 -4.60 -35.44 26.41
C VAL E 367 -3.74 -35.82 27.60
N GLY E 368 -4.12 -35.26 28.73
CA GLY E 368 -3.39 -35.53 29.95
C GLY E 368 -2.50 -34.38 30.35
N SER E 369 -2.25 -34.29 31.64
CA SER E 369 -1.42 -33.25 32.18
C SER E 369 0.02 -33.32 31.65
N GLU E 370 0.64 -34.50 31.64
CA GLU E 370 2.01 -34.65 31.13
C GLU E 370 2.06 -34.18 29.67
N HIS E 371 1.29 -34.83 28.81
CA HIS E 371 1.26 -34.47 27.40
C HIS E 371 1.12 -32.97 27.26
N TYR E 372 0.19 -32.37 28.00
CA TYR E 372 -0.03 -30.93 27.92
C TYR E 372 1.20 -30.11 28.32
N ASP E 373 1.74 -30.37 29.50
CA ASP E 373 2.88 -29.62 29.97
C ASP E 373 4.09 -29.64 29.04
N VAL E 374 4.42 -30.83 28.55
CA VAL E 374 5.54 -31.03 27.66
C VAL E 374 5.33 -30.24 26.39
N ALA E 375 4.08 -30.21 25.92
CA ALA E 375 3.72 -29.48 24.70
C ALA E 375 3.95 -27.97 24.83
N ARG E 376 3.42 -27.36 25.89
CA ARG E 376 3.61 -25.92 26.09
C ARG E 376 5.07 -25.63 26.40
N GLY E 377 5.68 -26.50 27.23
CA GLY E 377 7.07 -26.34 27.60
C GLY E 377 7.87 -26.22 26.32
N VAL E 378 7.45 -26.95 25.29
CA VAL E 378 8.11 -26.91 23.99
C VAL E 378 7.92 -25.52 23.37
N GLN E 379 6.67 -25.11 23.24
CA GLN E 379 6.36 -23.82 22.66
C GLN E 379 6.94 -22.68 23.49
N LYS E 380 7.21 -22.95 24.77
CA LYS E 380 7.77 -21.93 25.64
C LYS E 380 9.24 -21.65 25.32
N ILE E 381 10.07 -22.69 25.31
CA ILE E 381 11.49 -22.52 25.02
C ILE E 381 11.66 -21.94 23.62
N LEU E 382 10.84 -22.45 22.69
CA LEU E 382 10.88 -22.02 21.31
C LEU E 382 10.56 -20.54 21.21
N GLN E 383 9.57 -20.12 21.97
CA GLN E 383 9.19 -18.72 21.98
C GLN E 383 10.34 -17.93 22.60
N ASP E 384 10.91 -18.44 23.69
CA ASP E 384 12.02 -17.75 24.36
C ASP E 384 13.23 -17.70 23.45
N TYR E 385 13.35 -18.74 22.64
CA TYR E 385 14.44 -18.89 21.70
C TYR E 385 14.42 -17.75 20.66
N LYS E 386 13.22 -17.29 20.34
CA LYS E 386 13.05 -16.18 19.39
C LYS E 386 13.65 -14.91 20.00
N SER E 387 13.26 -14.65 21.25
CA SER E 387 13.72 -13.48 22.02
C SER E 387 15.24 -13.32 22.02
N LEU E 388 15.97 -14.43 22.03
CA LEU E 388 17.41 -14.34 22.03
C LEU E 388 17.95 -14.30 20.60
N GLN E 389 17.10 -14.64 19.63
CA GLN E 389 17.51 -14.61 18.23
C GLN E 389 17.90 -13.16 17.96
N ASP E 390 17.13 -12.26 18.55
CA ASP E 390 17.37 -10.86 18.38
C ASP E 390 18.57 -10.41 19.20
N ILE E 391 18.61 -10.76 20.48
CA ILE E 391 19.73 -10.35 21.28
C ILE E 391 21.06 -10.88 20.79
N ILE E 392 21.03 -12.00 20.09
CA ILE E 392 22.28 -12.52 19.61
C ILE E 392 22.48 -12.28 18.13
N ALA E 393 21.69 -11.39 17.56
CA ALA E 393 21.78 -11.05 16.15
C ALA E 393 22.75 -9.87 15.98
N ILE E 394 23.18 -9.34 17.12
CA ILE E 394 24.07 -8.19 17.17
C ILE E 394 25.24 -8.44 18.12
N LEU E 395 24.95 -9.14 19.21
CA LEU E 395 25.97 -9.44 20.20
C LEU E 395 26.72 -10.71 19.88
N GLY E 396 25.98 -11.73 19.43
CA GLY E 396 26.61 -12.98 19.09
C GLY E 396 26.33 -14.09 20.08
N MET E 397 26.95 -15.23 19.88
CA MET E 397 26.70 -16.32 20.79
C MET E 397 27.43 -16.22 22.15
N ASP E 398 28.29 -15.23 22.35
CA ASP E 398 29.04 -15.14 23.60
C ASP E 398 28.71 -14.11 24.67
N GLU E 399 27.49 -13.58 24.67
CA GLU E 399 27.16 -12.63 25.72
C GLU E 399 26.12 -13.27 26.61
N LEU E 400 25.42 -14.24 26.06
CA LEU E 400 24.38 -14.88 26.83
C LEU E 400 24.93 -15.63 28.05
N SER E 401 24.24 -15.46 29.18
CA SER E 401 24.64 -16.14 30.40
C SER E 401 24.54 -17.61 30.07
N GLU E 402 25.36 -18.42 30.72
CA GLU E 402 25.34 -19.84 30.43
C GLU E 402 23.90 -20.37 30.46
N GLU E 403 23.08 -19.76 31.29
CA GLU E 403 21.68 -20.15 31.45
C GLU E 403 20.89 -19.95 30.15
N ASP E 404 21.07 -18.80 29.51
CA ASP E 404 20.36 -18.48 28.26
C ASP E 404 20.82 -19.26 27.05
N LYS E 405 22.11 -19.21 26.77
CA LYS E 405 22.62 -19.95 25.62
C LYS E 405 22.36 -21.44 25.85
N LEU E 406 21.93 -21.78 27.06
CA LEU E 406 21.61 -23.17 27.37
C LEU E 406 20.27 -23.43 26.72
N THR E 407 19.31 -22.59 27.08
CA THR E 407 17.98 -22.69 26.55
C THR E 407 18.06 -22.51 25.05
N VAL E 408 19.10 -21.82 24.58
CA VAL E 408 19.28 -21.66 23.15
C VAL E 408 19.68 -23.04 22.59
N SER E 409 20.52 -23.77 23.32
CA SER E 409 20.98 -25.09 22.90
C SER E 409 19.90 -26.17 22.87
N ARG E 410 18.96 -26.11 23.81
CA ARG E 410 17.90 -27.11 23.85
C ARG E 410 16.82 -26.80 22.81
N ALA E 411 16.72 -25.53 22.44
CA ALA E 411 15.73 -25.11 21.46
C ALA E 411 16.09 -25.61 20.07
N ARG E 412 17.37 -25.52 19.70
CA ARG E 412 17.79 -25.96 18.38
C ARG E 412 17.68 -27.47 18.22
N LYS E 413 17.67 -28.17 19.35
CA LYS E 413 17.58 -29.64 19.36
C LYS E 413 16.12 -29.99 19.25
N ILE E 414 15.34 -29.35 20.10
CA ILE E 414 13.90 -29.55 20.12
C ILE E 414 13.32 -29.14 18.78
N GLN E 415 13.81 -28.02 18.26
CA GLN E 415 13.32 -27.52 16.99
C GLN E 415 13.56 -28.58 15.94
N ARG E 416 14.77 -29.13 15.94
CA ARG E 416 15.16 -30.17 15.00
C ARG E 416 14.39 -31.45 15.22
N PHE E 417 14.21 -31.84 16.47
CA PHE E 417 13.50 -33.07 16.74
C PHE E 417 12.07 -33.04 16.17
N LEU E 418 11.53 -31.84 15.96
CA LEU E 418 10.18 -31.67 15.39
C LEU E 418 10.17 -32.06 13.91
N SER E 419 11.36 -32.27 13.35
CA SER E 419 11.47 -32.68 11.96
C SER E 419 11.24 -34.18 11.93
N GLN E 420 10.93 -34.71 10.75
CA GLN E 420 10.66 -36.13 10.66
C GLN E 420 10.43 -36.61 9.23
N PRO E 421 11.20 -37.63 8.81
CA PRO E 421 11.09 -38.21 7.46
C PRO E 421 9.72 -38.83 7.26
N PHE E 422 9.20 -38.69 6.05
CA PHE E 422 7.90 -39.23 5.72
C PHE E 422 8.08 -40.38 4.75
N GLN E 423 7.23 -41.40 4.89
CA GLN E 423 7.28 -42.55 3.99
C GLN E 423 6.96 -42.01 2.61
N VAL E 424 6.10 -40.99 2.59
CA VAL E 424 5.65 -40.32 1.37
C VAL E 424 6.74 -39.45 0.71
N ALA E 425 7.73 -39.02 1.50
CA ALA E 425 8.78 -38.17 0.95
C ALA E 425 10.16 -38.82 0.87
N GLU E 426 10.20 -40.14 0.73
CA GLU E 426 11.47 -40.85 0.62
C GLU E 426 12.21 -40.31 -0.60
N VAL E 427 11.51 -40.33 -1.72
CA VAL E 427 12.03 -39.85 -2.99
C VAL E 427 12.72 -38.49 -2.83
N PHE E 428 12.23 -37.68 -1.89
CA PHE E 428 12.76 -36.35 -1.63
C PHE E 428 14.00 -36.39 -0.72
N THR E 429 13.78 -36.65 0.56
CA THR E 429 14.86 -36.69 1.54
C THR E 429 15.90 -37.78 1.30
N GLY E 430 15.48 -38.90 0.70
CA GLY E 430 16.40 -39.99 0.44
C GLY E 430 16.51 -40.96 1.61
N HIS E 431 15.87 -40.62 2.72
CA HIS E 431 15.88 -41.47 3.91
C HIS E 431 14.65 -42.34 4.02
N LEU E 432 14.59 -43.13 5.08
CA LEU E 432 13.48 -44.05 5.32
C LEU E 432 12.38 -43.43 6.18
N GLY E 433 11.20 -43.25 5.61
CA GLY E 433 10.10 -42.66 6.35
C GLY E 433 9.78 -43.38 7.66
N LYS E 434 9.88 -42.65 8.76
CA LYS E 434 9.60 -43.20 10.09
C LYS E 434 8.21 -42.81 10.59
N LEU E 435 7.79 -43.44 11.68
CA LEU E 435 6.49 -43.19 12.29
C LEU E 435 6.75 -43.17 13.80
N VAL E 436 6.17 -42.22 14.52
CA VAL E 436 6.42 -42.15 15.96
C VAL E 436 5.16 -42.15 16.83
N PRO E 437 5.04 -43.16 17.72
CA PRO E 437 3.89 -43.27 18.62
C PRO E 437 3.82 -42.04 19.52
N LEU E 438 2.61 -41.67 19.92
CA LEU E 438 2.43 -40.51 20.77
C LEU E 438 3.35 -40.52 22.00
N LYS E 439 3.32 -41.60 22.76
CA LYS E 439 4.12 -41.73 23.96
C LYS E 439 5.63 -41.63 23.73
N GLU E 440 6.12 -42.25 22.67
CA GLU E 440 7.55 -42.19 22.39
C GLU E 440 7.90 -40.74 22.08
N THR E 441 6.94 -40.02 21.51
CA THR E 441 7.13 -38.62 21.15
C THR E 441 7.24 -37.76 22.41
N ILE E 442 6.24 -37.86 23.28
CA ILE E 442 6.25 -37.10 24.52
C ILE E 442 7.51 -37.40 25.32
N LYS E 443 7.83 -38.68 25.45
CA LYS E 443 9.02 -39.09 26.19
C LYS E 443 10.22 -38.43 25.51
N GLY E 444 10.19 -38.43 24.19
CA GLY E 444 11.27 -37.82 23.44
C GLY E 444 11.52 -36.41 23.92
N PHE E 445 10.51 -35.55 23.81
CA PHE E 445 10.64 -34.16 24.23
C PHE E 445 10.81 -33.98 25.72
N GLN E 446 10.00 -34.67 26.52
CA GLN E 446 10.09 -34.50 27.97
C GLN E 446 11.55 -34.66 28.38
N GLN E 447 12.23 -35.62 27.77
CA GLN E 447 13.63 -35.85 28.08
C GLN E 447 14.43 -34.62 27.73
N ILE E 448 14.47 -34.31 26.43
CA ILE E 448 15.21 -33.15 25.93
C ILE E 448 15.05 -31.91 26.79
N LEU E 449 13.82 -31.65 27.25
CA LEU E 449 13.57 -30.48 28.09
C LEU E 449 14.23 -30.62 29.45
N ALA E 450 14.27 -31.85 29.96
CA ALA E 450 14.87 -32.14 31.25
C ALA E 450 16.35 -31.72 31.27
N GLY E 451 16.99 -31.81 30.12
CA GLY E 451 18.39 -31.46 30.01
C GLY E 451 19.22 -32.72 29.90
N GLU E 452 18.54 -33.84 29.67
CA GLU E 452 19.21 -35.12 29.54
C GLU E 452 20.16 -35.20 28.36
N TYR E 453 19.69 -34.83 27.18
CA TYR E 453 20.53 -34.91 26.00
C TYR E 453 21.34 -33.66 25.68
N ASP E 454 21.78 -32.96 26.73
CA ASP E 454 22.57 -31.75 26.54
C ASP E 454 24.00 -32.03 26.10
N HIS E 455 24.39 -33.29 26.09
CA HIS E 455 25.74 -33.69 25.69
C HIS E 455 25.79 -34.14 24.23
N LEU E 456 24.63 -34.46 23.67
CA LEU E 456 24.54 -34.89 22.29
C LEU E 456 24.46 -33.71 21.33
N PRO E 457 25.05 -33.85 20.12
CA PRO E 457 25.03 -32.79 19.11
C PRO E 457 23.67 -32.71 18.42
N GLU E 458 23.13 -31.49 18.33
CA GLU E 458 21.84 -31.24 17.70
C GLU E 458 21.59 -32.10 16.46
N GLN E 459 22.59 -32.20 15.58
CA GLN E 459 22.43 -32.98 14.36
C GLN E 459 21.90 -34.38 14.60
N ALA E 460 22.06 -34.87 15.82
CA ALA E 460 21.60 -36.19 16.20
C ALA E 460 20.08 -36.29 16.13
N PHE E 461 19.41 -35.20 16.52
CA PHE E 461 17.94 -35.15 16.52
C PHE E 461 17.31 -34.82 15.18
N TYR E 462 18.11 -34.33 14.23
CA TYR E 462 17.60 -33.96 12.92
C TYR E 462 17.14 -35.12 12.06
N MET E 463 15.87 -35.08 11.65
CA MET E 463 15.27 -36.12 10.80
C MET E 463 15.34 -37.52 11.38
N VAL E 464 14.50 -37.78 12.39
CA VAL E 464 14.47 -39.08 13.04
C VAL E 464 13.07 -39.48 13.47
N GLY E 465 12.96 -40.70 13.99
CA GLY E 465 11.69 -41.19 14.48
C GLY E 465 11.69 -40.90 15.96
N PRO E 466 11.85 -41.93 16.81
CA PRO E 466 11.87 -41.77 18.27
C PRO E 466 13.16 -41.11 18.76
N ILE E 467 13.17 -40.75 20.04
CA ILE E 467 14.30 -40.09 20.68
C ILE E 467 15.52 -41.00 20.75
N GLU E 468 15.29 -42.30 20.53
CA GLU E 468 16.38 -43.28 20.55
C GLU E 468 17.29 -43.05 19.36
N GLU E 469 16.74 -43.16 18.15
CA GLU E 469 17.51 -42.96 16.94
C GLU E 469 18.36 -41.69 17.01
N ALA E 470 18.04 -40.81 17.95
CA ALA E 470 18.76 -39.56 18.12
C ALA E 470 20.10 -39.83 18.77
N VAL E 471 20.11 -40.75 19.74
CA VAL E 471 21.36 -41.09 20.43
C VAL E 471 22.13 -41.99 19.48
N ALA E 472 21.45 -43.01 18.97
CA ALA E 472 22.07 -43.91 18.03
C ALA E 472 22.82 -43.03 17.02
N LYS E 473 22.08 -42.27 16.23
CA LYS E 473 22.67 -41.39 15.22
C LYS E 473 23.84 -40.57 15.77
N ALA E 474 23.74 -40.16 17.03
CA ALA E 474 24.79 -39.37 17.66
C ALA E 474 26.10 -40.13 17.68
N ASP E 475 26.04 -41.45 17.83
CA ASP E 475 27.27 -42.25 17.88
C ASP E 475 27.97 -42.35 16.52
N LYS E 476 27.25 -42.90 15.53
CA LYS E 476 27.72 -43.05 14.16
C LYS E 476 28.29 -41.70 13.69
N LEU E 477 27.92 -40.60 14.39
CA LEU E 477 28.45 -39.23 14.10
C LEU E 477 29.83 -38.95 14.65
N ALA E 478 30.58 -39.99 15.05
CA ALA E 478 31.99 -39.93 15.54
C ALA E 478 32.89 -39.73 14.31
N GLU E 479 32.59 -40.47 13.25
CA GLU E 479 33.36 -40.39 12.01
C GLU E 479 32.88 -41.40 10.97
N THR F 13 -44.99 24.30 1.00
CA THR F 13 -45.16 23.17 0.03
C THR F 13 -44.90 21.80 0.65
N THR F 14 -45.63 20.81 0.16
CA THR F 14 -45.55 19.44 0.66
C THR F 14 -45.05 18.45 -0.39
N GLY F 15 -44.30 17.45 0.08
CA GLY F 15 -43.77 16.44 -0.82
C GLY F 15 -44.10 15.05 -0.36
N ARG F 16 -43.66 14.05 -1.12
CA ARG F 16 -43.91 12.64 -0.79
C ARG F 16 -42.64 11.82 -0.95
N ILE F 17 -42.31 11.04 0.08
CA ILE F 17 -41.15 10.17 0.04
C ILE F 17 -41.30 9.19 -1.11
N VAL F 18 -40.30 9.15 -2.00
CA VAL F 18 -40.37 8.22 -3.11
C VAL F 18 -39.16 7.28 -3.09
N ALA F 19 -38.37 7.35 -2.02
CA ALA F 19 -37.19 6.49 -1.93
C ALA F 19 -36.42 6.63 -0.63
N VAL F 20 -36.18 5.51 0.04
CA VAL F 20 -35.42 5.50 1.27
C VAL F 20 -34.38 4.37 1.28
N ILE F 21 -33.10 4.75 1.35
CA ILE F 21 -32.03 3.77 1.38
C ILE F 21 -31.18 4.17 2.55
N GLY F 22 -31.59 3.73 3.73
CA GLY F 22 -30.88 4.10 4.94
C GLY F 22 -31.04 5.59 5.10
N ALA F 23 -30.12 6.22 5.82
CA ALA F 23 -30.15 7.66 6.06
C ALA F 23 -30.37 8.55 4.84
N VAL F 24 -30.43 7.98 3.64
CA VAL F 24 -30.67 8.84 2.48
C VAL F 24 -32.14 8.71 2.05
N VAL F 25 -32.81 9.84 1.89
CA VAL F 25 -34.21 9.85 1.48
C VAL F 25 -34.42 10.77 0.29
N ASP F 26 -35.11 10.27 -0.73
CA ASP F 26 -35.41 11.05 -1.92
C ASP F 26 -36.89 11.41 -1.89
N VAL F 27 -37.19 12.70 -1.82
CA VAL F 27 -38.56 13.16 -1.76
C VAL F 27 -38.92 13.90 -3.03
N GLN F 28 -40.19 13.82 -3.41
CA GLN F 28 -40.65 14.50 -4.62
C GLN F 28 -41.62 15.65 -4.30
N PHE F 29 -41.32 16.82 -4.83
CA PHE F 29 -42.14 18.02 -4.63
C PHE F 29 -42.77 18.49 -5.95
N ASP F 30 -44.07 18.25 -6.10
CA ASP F 30 -44.78 18.63 -7.32
C ASP F 30 -44.57 20.05 -7.82
N GLU F 31 -44.94 21.03 -7.00
CA GLU F 31 -44.76 22.42 -7.40
C GLU F 31 -43.43 22.95 -6.92
N GLY F 32 -43.45 23.69 -5.81
CA GLY F 32 -42.23 24.27 -5.26
C GLY F 32 -41.23 23.25 -4.75
N LEU F 33 -39.98 23.38 -5.21
CA LEU F 33 -38.91 22.49 -4.80
C LEU F 33 -38.01 23.18 -3.77
N PRO F 34 -37.74 22.51 -2.64
CA PRO F 34 -36.88 23.11 -1.61
C PRO F 34 -35.42 23.19 -2.03
N PRO F 35 -34.75 24.30 -1.75
CA PRO F 35 -33.34 24.42 -2.13
C PRO F 35 -32.38 23.51 -1.36
N ILE F 36 -31.17 23.35 -1.89
CA ILE F 36 -30.15 22.52 -1.26
C ILE F 36 -29.73 23.03 0.12
N LEU F 37 -29.80 22.15 1.10
CA LEU F 37 -29.46 22.39 2.49
C LEU F 37 -30.69 22.81 3.29
N ASN F 38 -31.82 22.95 2.60
CA ASN F 38 -33.06 23.30 3.28
C ASN F 38 -33.49 22.10 4.13
N ALA F 39 -34.23 22.37 5.19
CA ALA F 39 -34.69 21.31 6.09
C ALA F 39 -36.16 20.97 5.96
N LEU F 40 -36.44 19.71 5.66
CA LEU F 40 -37.81 19.22 5.51
C LEU F 40 -38.20 18.49 6.77
N GLU F 41 -39.51 18.43 7.04
CA GLU F 41 -40.06 17.76 8.22
C GLU F 41 -40.98 16.59 7.82
N VAL F 42 -40.62 15.38 8.24
CA VAL F 42 -41.45 14.23 7.91
C VAL F 42 -42.71 14.25 8.76
N GLN F 43 -43.85 14.02 8.12
CA GLN F 43 -45.13 14.04 8.82
C GLN F 43 -45.53 12.61 9.16
N GLY F 44 -46.07 12.43 10.36
CA GLY F 44 -46.53 11.12 10.76
C GLY F 44 -45.62 10.31 11.65
N ARG F 45 -44.76 10.96 12.43
CA ARG F 45 -43.86 10.22 13.32
C ARG F 45 -43.98 10.66 14.77
N GLU F 46 -43.62 9.79 15.71
CA GLU F 46 -43.72 10.13 17.12
C GLU F 46 -42.76 11.27 17.42
N THR F 47 -41.51 11.07 17.04
CA THR F 47 -40.48 12.07 17.26
C THR F 47 -40.23 12.85 15.98
N ARG F 48 -39.59 14.00 16.12
CA ARG F 48 -39.29 14.85 14.98
C ARG F 48 -38.21 14.20 14.12
N LEU F 49 -38.45 14.14 12.82
CA LEU F 49 -37.49 13.56 11.89
C LEU F 49 -37.15 14.58 10.82
N VAL F 50 -35.95 15.14 10.90
CA VAL F 50 -35.53 16.14 9.93
C VAL F 50 -34.69 15.59 8.79
N LEU F 51 -35.02 16.02 7.58
CA LEU F 51 -34.28 15.60 6.40
C LEU F 51 -33.63 16.84 5.79
N GLU F 52 -32.32 16.81 5.62
CA GLU F 52 -31.64 17.96 5.03
C GLU F 52 -31.40 17.76 3.54
N VAL F 53 -31.86 18.70 2.72
CA VAL F 53 -31.67 18.56 1.28
C VAL F 53 -30.18 18.51 0.93
N ALA F 54 -29.84 17.71 -0.08
CA ALA F 54 -28.44 17.57 -0.48
C ALA F 54 -28.20 17.59 -1.99
N GLN F 55 -29.26 17.43 -2.76
CA GLN F 55 -29.17 17.40 -4.22
C GLN F 55 -30.52 17.66 -4.88
N HIS F 56 -30.47 18.05 -6.14
CA HIS F 56 -31.68 18.26 -6.93
C HIS F 56 -31.53 17.30 -8.09
N LEU F 57 -32.04 16.09 -7.87
CA LEU F 57 -31.97 15.02 -8.85
C LEU F 57 -32.65 15.26 -10.17
N GLY F 58 -33.57 16.24 -10.21
CA GLY F 58 -34.31 16.52 -11.42
C GLY F 58 -35.69 15.91 -11.30
N GLU F 59 -36.62 16.31 -12.15
CA GLU F 59 -37.97 15.78 -12.08
C GLU F 59 -38.67 16.06 -10.74
N SER F 60 -38.49 17.28 -10.23
CA SER F 60 -39.11 17.70 -8.98
C SER F 60 -38.83 16.72 -7.85
N THR F 61 -37.64 16.14 -7.88
CA THR F 61 -37.25 15.17 -6.87
C THR F 61 -35.96 15.64 -6.21
N VAL F 62 -35.98 15.66 -4.88
CA VAL F 62 -34.81 16.08 -4.13
C VAL F 62 -34.27 14.95 -3.26
N ARG F 63 -32.95 14.86 -3.17
CA ARG F 63 -32.31 13.85 -2.35
C ARG F 63 -31.90 14.48 -1.04
N THR F 64 -31.96 13.70 0.04
CA THR F 64 -31.60 14.25 1.34
C THR F 64 -30.91 13.26 2.27
N ILE F 65 -30.50 13.75 3.43
CA ILE F 65 -29.87 12.92 4.43
C ILE F 65 -30.69 13.10 5.70
N ALA F 66 -31.05 11.99 6.34
CA ALA F 66 -31.88 12.03 7.54
C ALA F 66 -31.07 12.41 8.76
N MET F 67 -31.68 13.23 9.63
CA MET F 67 -31.00 13.65 10.84
C MET F 67 -31.35 12.74 12.01
N ASP F 68 -32.00 11.63 11.68
CA ASP F 68 -32.38 10.64 12.67
C ASP F 68 -32.83 9.38 11.95
N GLY F 69 -32.95 8.29 12.70
CA GLY F 69 -33.35 7.02 12.12
C GLY F 69 -34.42 7.13 11.08
N THR F 70 -34.41 6.22 10.11
CA THR F 70 -35.39 6.23 9.04
C THR F 70 -36.32 5.01 8.97
N GLU F 71 -36.31 4.17 10.00
CA GLU F 71 -37.21 3.03 10.00
C GLU F 71 -38.63 3.54 10.03
N GLY F 72 -39.54 2.75 9.49
CA GLY F 72 -40.94 3.12 9.49
C GLY F 72 -41.34 4.02 8.33
N LEU F 73 -40.37 4.64 7.67
CA LEU F 73 -40.72 5.52 6.56
C LEU F 73 -41.38 4.71 5.45
N VAL F 74 -42.20 5.36 4.64
CA VAL F 74 -42.90 4.69 3.56
C VAL F 74 -42.97 5.54 2.30
N ARG F 75 -42.87 4.90 1.14
CA ARG F 75 -42.94 5.64 -0.12
C ARG F 75 -44.35 6.21 -0.21
N GLY F 76 -44.45 7.53 -0.08
CA GLY F 76 -45.73 8.18 -0.13
C GLY F 76 -45.93 9.05 1.09
N GLN F 77 -45.24 8.74 2.19
CA GLN F 77 -45.37 9.51 3.42
C GLN F 77 -45.12 11.00 3.12
N LYS F 78 -45.95 11.86 3.70
CA LYS F 78 -45.84 13.30 3.48
C LYS F 78 -44.60 13.97 4.09
N VAL F 79 -44.13 15.02 3.46
CA VAL F 79 -42.97 15.76 3.95
C VAL F 79 -43.20 17.25 3.72
N LEU F 80 -42.95 18.05 4.75
CA LEU F 80 -43.15 19.49 4.64
C LEU F 80 -41.83 20.23 4.56
N ASP F 81 -41.78 21.22 3.68
CA ASP F 81 -40.60 22.05 3.49
C ASP F 81 -40.65 23.12 4.56
N SER F 82 -39.65 23.19 5.43
CA SER F 82 -39.69 24.21 6.48
C SER F 82 -39.30 25.58 5.96
N GLY F 83 -39.00 25.68 4.66
CA GLY F 83 -38.64 26.95 4.06
C GLY F 83 -37.17 27.35 4.15
N ALA F 84 -36.51 26.91 5.21
CA ALA F 84 -35.10 27.22 5.41
C ALA F 84 -34.33 25.98 5.88
N PRO F 85 -33.02 26.12 6.10
CA PRO F 85 -32.27 24.94 6.56
C PRO F 85 -32.64 24.71 8.02
N ILE F 86 -31.85 23.90 8.72
CA ILE F 86 -32.10 23.61 10.12
C ILE F 86 -31.90 24.82 11.03
N ARG F 87 -32.97 25.22 11.71
CA ARG F 87 -32.94 26.35 12.64
C ARG F 87 -33.04 25.92 14.10
N ILE F 88 -32.17 26.45 14.93
CA ILE F 88 -32.14 26.10 16.34
C ILE F 88 -32.27 27.33 17.22
N PRO F 89 -32.54 27.13 18.51
CA PRO F 89 -32.69 28.28 19.42
C PRO F 89 -31.31 28.86 19.71
N VAL F 90 -31.20 30.17 19.69
CA VAL F 90 -29.95 30.82 19.99
C VAL F 90 -30.31 31.88 21.01
N GLY F 91 -29.36 32.28 21.84
CA GLY F 91 -29.66 33.27 22.84
C GLY F 91 -29.26 32.78 24.22
N PRO F 92 -29.17 33.68 25.21
CA PRO F 92 -28.79 33.34 26.59
C PRO F 92 -29.41 32.08 27.18
N GLU F 93 -30.67 31.80 26.87
CA GLU F 93 -31.33 30.64 27.42
C GLU F 93 -30.89 29.29 26.87
N THR F 94 -29.83 29.28 26.06
CA THR F 94 -29.31 28.02 25.54
C THR F 94 -28.23 27.61 26.51
N LEU F 95 -27.71 28.59 27.24
CA LEU F 95 -26.66 28.37 28.24
C LEU F 95 -27.18 27.47 29.37
N GLY F 96 -26.42 26.43 29.71
CA GLY F 96 -26.83 25.52 30.77
C GLY F 96 -27.77 24.45 30.27
N ARG F 97 -28.10 24.50 29.00
CA ARG F 97 -29.00 23.53 28.40
C ARG F 97 -28.27 22.63 27.43
N ILE F 98 -28.72 21.38 27.34
CA ILE F 98 -28.10 20.45 26.42
C ILE F 98 -29.00 20.46 25.20
N MET F 99 -28.45 20.79 24.05
CA MET F 99 -29.21 20.88 22.83
C MET F 99 -28.93 19.73 21.86
N ASN F 100 -29.97 19.31 21.15
CA ASN F 100 -29.88 18.24 20.18
C ASN F 100 -29.61 18.79 18.79
N VAL F 101 -28.98 17.98 17.95
CA VAL F 101 -28.63 18.35 16.59
C VAL F 101 -29.58 19.35 15.93
N ILE F 102 -30.88 19.10 16.01
CA ILE F 102 -31.85 20.01 15.41
C ILE F 102 -32.43 21.05 16.36
N GLY F 103 -31.73 21.31 17.47
CA GLY F 103 -32.20 22.33 18.39
C GLY F 103 -33.20 21.92 19.46
N GLU F 104 -33.49 20.63 19.59
CA GLU F 104 -34.43 20.20 20.62
C GLU F 104 -33.66 20.00 21.91
N PRO F 105 -34.25 20.34 23.05
CA PRO F 105 -33.49 20.13 24.28
C PRO F 105 -33.44 18.64 24.59
N ILE F 106 -32.30 18.17 25.07
CA ILE F 106 -32.15 16.76 25.41
C ILE F 106 -31.72 16.59 26.85
N ASP F 107 -31.83 17.65 27.64
CA ASP F 107 -31.46 17.55 29.04
C ASP F 107 -32.73 17.46 29.87
N GLU F 108 -33.84 17.20 29.16
CA GLU F 108 -35.16 17.04 29.75
C GLU F 108 -35.59 18.13 30.73
N ARG F 109 -35.07 19.34 30.54
CA ARG F 109 -35.44 20.45 31.40
C ARG F 109 -36.46 21.31 30.68
N GLY F 110 -37.25 20.66 29.82
CA GLY F 110 -38.28 21.37 29.10
C GLY F 110 -37.87 22.23 27.91
N PRO F 111 -38.82 22.99 27.38
CA PRO F 111 -38.59 23.87 26.23
C PRO F 111 -37.45 24.81 26.47
N ILE F 112 -36.85 25.27 25.38
CA ILE F 112 -35.74 26.23 25.41
C ILE F 112 -36.33 27.53 24.90
N LYS F 113 -36.97 28.24 25.82
CA LYS F 113 -37.67 29.50 25.55
C LYS F 113 -36.82 30.66 25.04
N THR F 114 -36.57 30.69 23.74
CA THR F 114 -35.80 31.77 23.14
C THR F 114 -36.69 32.52 22.18
N LYS F 115 -36.34 33.77 21.93
CA LYS F 115 -37.09 34.59 21.00
C LYS F 115 -36.29 34.55 19.70
N GLN F 116 -35.06 34.03 19.80
CA GLN F 116 -34.20 33.94 18.64
C GLN F 116 -34.03 32.50 18.15
N PHE F 117 -33.92 32.39 16.83
CA PHE F 117 -33.69 31.12 16.15
C PHE F 117 -32.66 31.45 15.09
N ALA F 118 -31.98 30.44 14.57
CA ALA F 118 -30.96 30.67 13.56
C ALA F 118 -30.70 29.42 12.74
N ALA F 119 -30.38 29.61 11.47
CA ALA F 119 -30.08 28.51 10.56
C ALA F 119 -28.70 28.04 10.94
N ILE F 120 -28.43 26.74 10.76
CA ILE F 120 -27.12 26.22 11.13
C ILE F 120 -26.16 26.30 9.95
N HIS F 121 -26.66 26.80 8.83
CA HIS F 121 -25.84 26.97 7.64
C HIS F 121 -25.74 28.47 7.41
N ALA F 122 -24.53 29.01 7.51
CA ALA F 122 -24.31 30.43 7.31
C ALA F 122 -22.96 30.59 6.62
N GLU F 123 -22.84 31.54 5.70
CA GLU F 123 -21.57 31.73 5.01
C GLU F 123 -20.62 32.37 6.00
N ALA F 124 -19.32 32.13 5.82
CA ALA F 124 -18.33 32.69 6.74
C ALA F 124 -18.16 34.19 6.57
N PRO F 125 -17.61 34.87 7.58
CA PRO F 125 -17.42 36.31 7.47
C PRO F 125 -16.72 36.67 6.17
N GLU F 126 -17.27 37.64 5.44
CA GLU F 126 -16.67 38.08 4.19
C GLU F 126 -15.27 38.60 4.48
N PHE F 127 -14.44 38.73 3.45
CA PHE F 127 -13.06 39.21 3.64
C PHE F 127 -12.92 40.55 4.36
N VAL F 128 -13.89 41.44 4.18
CA VAL F 128 -13.86 42.75 4.83
C VAL F 128 -14.21 42.70 6.31
N GLU F 129 -14.90 41.65 6.72
CA GLU F 129 -15.29 41.48 8.13
C GLU F 129 -14.13 40.92 8.94
N MET F 130 -13.04 40.57 8.26
CA MET F 130 -11.86 40.01 8.92
C MET F 130 -11.05 41.03 9.69
N SER F 131 -10.68 40.70 10.91
CA SER F 131 -9.86 41.58 11.72
C SER F 131 -8.43 41.41 11.19
N VAL F 132 -7.69 42.50 11.04
CA VAL F 132 -6.32 42.38 10.54
C VAL F 132 -5.31 42.33 11.66
N GLU F 133 -5.78 42.48 12.89
CA GLU F 133 -4.89 42.45 14.04
C GLU F 133 -4.75 41.07 14.72
N GLN F 134 -3.53 40.76 15.16
CA GLN F 134 -3.23 39.49 15.82
C GLN F 134 -3.21 39.69 17.33
N GLU F 135 -4.34 39.40 17.98
CA GLU F 135 -4.48 39.53 19.42
C GLU F 135 -4.37 38.18 20.08
N ILE F 136 -3.83 38.19 21.29
CA ILE F 136 -3.69 36.96 22.07
C ILE F 136 -4.86 36.86 23.06
N LEU F 137 -5.51 35.71 23.11
CA LEU F 137 -6.61 35.51 24.05
C LEU F 137 -5.94 34.96 25.30
N VAL F 138 -5.94 35.73 26.38
CA VAL F 138 -5.31 35.28 27.62
C VAL F 138 -6.25 34.32 28.34
N THR F 139 -5.71 33.16 28.69
CA THR F 139 -6.47 32.14 29.38
C THR F 139 -6.24 32.27 30.88
N GLY F 140 -5.10 32.84 31.25
CA GLY F 140 -4.79 33.00 32.65
C GLY F 140 -4.02 31.80 33.14
N ILE F 141 -3.88 30.82 32.25
CA ILE F 141 -3.14 29.61 32.59
C ILE F 141 -1.74 29.84 32.10
N LYS F 142 -0.77 29.84 33.02
CA LYS F 142 0.62 30.09 32.69
C LYS F 142 1.23 29.38 31.46
N VAL F 143 1.42 28.07 31.50
CA VAL F 143 2.01 27.39 30.34
C VAL F 143 1.40 27.74 28.99
N VAL F 144 0.08 27.94 28.98
CA VAL F 144 -0.62 28.27 27.74
C VAL F 144 -0.36 29.68 27.23
N ASP F 145 -0.59 30.68 28.07
CA ASP F 145 -0.37 32.09 27.69
C ASP F 145 1.12 32.35 27.41
N LEU F 146 1.99 31.58 28.05
CA LEU F 146 3.43 31.75 27.90
C LEU F 146 4.06 31.03 26.70
N LEU F 147 4.05 29.70 26.73
CA LEU F 147 4.66 28.88 25.70
C LEU F 147 3.86 28.58 24.44
N ALA F 148 2.55 28.56 24.55
CA ALA F 148 1.70 28.29 23.41
C ALA F 148 0.37 29.02 23.52
N PRO F 149 0.42 30.36 23.46
CA PRO F 149 -0.76 31.24 23.56
C PRO F 149 -1.89 30.86 22.61
N TYR F 150 -3.11 31.26 22.97
CA TYR F 150 -4.28 30.99 22.16
C TYR F 150 -4.63 32.24 21.36
N ALA F 151 -4.32 32.23 20.06
CA ALA F 151 -4.63 33.38 19.22
C ALA F 151 -6.14 33.66 19.22
N LYS F 152 -6.50 34.93 19.33
CA LYS F 152 -7.93 35.30 19.32
C LYS F 152 -8.61 35.02 17.97
N GLY F 153 -9.74 34.31 18.05
CA GLY F 153 -10.50 33.98 16.85
C GLY F 153 -9.91 32.85 16.06
N GLY F 154 -8.95 32.15 16.67
CA GLY F 154 -8.29 31.04 16.02
C GLY F 154 -8.67 29.67 16.57
N LYS F 155 -7.99 28.63 16.07
CA LYS F 155 -8.27 27.27 16.52
C LYS F 155 -7.09 26.65 17.23
N ILE F 156 -7.37 25.94 18.32
CA ILE F 156 -6.35 25.30 19.11
C ILE F 156 -6.52 23.80 19.06
N GLY F 157 -5.49 23.09 18.64
CA GLY F 157 -5.59 21.64 18.59
C GLY F 157 -5.34 21.06 19.98
N LEU F 158 -6.34 20.42 20.57
CA LEU F 158 -6.17 19.83 21.89
C LEU F 158 -5.75 18.37 21.78
N PHE F 159 -4.46 18.10 21.95
CA PHE F 159 -3.96 16.73 21.88
C PHE F 159 -3.92 16.11 23.28
N GLY F 160 -4.15 14.80 23.34
CA GLY F 160 -4.15 14.11 24.61
C GLY F 160 -5.43 13.32 24.75
N GLY F 161 -5.32 12.05 25.12
CA GLY F 161 -6.50 11.22 25.25
C GLY F 161 -7.27 11.49 26.53
N ALA F 162 -7.52 10.42 27.30
CA ALA F 162 -8.25 10.52 28.55
C ALA F 162 -7.37 10.27 29.77
N GLY F 163 -7.71 10.92 30.88
CA GLY F 163 -6.96 10.78 32.12
C GLY F 163 -5.75 11.68 32.26
N VAL F 164 -5.76 12.83 31.57
CA VAL F 164 -4.63 13.76 31.63
C VAL F 164 -5.07 15.19 31.99
N GLY F 165 -6.26 15.30 32.57
CA GLY F 165 -6.79 16.59 32.98
C GLY F 165 -7.60 17.34 31.95
N LYS F 166 -8.05 16.64 30.91
CA LYS F 166 -8.82 17.26 29.85
C LYS F 166 -10.09 17.98 30.33
N THR F 167 -11.04 17.23 30.88
CA THR F 167 -12.30 17.80 31.33
C THR F 167 -12.16 18.92 32.35
N VAL F 168 -10.97 19.10 32.90
CA VAL F 168 -10.77 20.19 33.88
C VAL F 168 -10.20 21.41 33.17
N LEU F 169 -9.29 21.19 32.23
CA LEU F 169 -8.69 22.28 31.45
C LEU F 169 -9.83 23.05 30.78
N ILE F 170 -10.68 22.30 30.09
CA ILE F 170 -11.81 22.87 29.40
C ILE F 170 -12.61 23.72 30.37
N MET F 171 -13.11 23.10 31.43
CA MET F 171 -13.91 23.85 32.38
C MET F 171 -13.18 25.08 32.90
N GLU F 172 -11.87 24.98 33.04
CA GLU F 172 -11.07 26.10 33.52
C GLU F 172 -11.07 27.19 32.47
N LEU F 173 -10.91 26.78 31.21
CA LEU F 173 -10.91 27.74 30.12
C LEU F 173 -12.25 28.45 30.04
N ILE F 174 -13.31 27.71 30.37
CA ILE F 174 -14.68 28.23 30.34
C ILE F 174 -14.92 29.25 31.44
N ASN F 175 -14.30 29.00 32.59
CA ASN F 175 -14.42 29.87 33.75
C ASN F 175 -13.58 31.14 33.51
N ASN F 176 -12.28 30.94 33.34
CA ASN F 176 -11.36 32.04 33.10
C ASN F 176 -11.91 32.98 32.03
N VAL F 177 -12.05 32.46 30.81
CA VAL F 177 -12.54 33.26 29.69
C VAL F 177 -13.77 34.11 30.02
N ALA F 178 -14.64 33.59 30.89
CA ALA F 178 -15.84 34.32 31.32
C ALA F 178 -15.41 35.35 32.37
N LYS F 179 -14.67 34.91 33.38
CA LYS F 179 -14.20 35.78 34.43
C LYS F 179 -13.44 36.99 33.91
N ALA F 180 -12.61 36.77 32.89
CA ALA F 180 -11.78 37.85 32.38
C ALA F 180 -12.09 38.45 31.02
N HIS F 181 -13.13 37.96 30.35
CA HIS F 181 -13.46 38.49 29.04
C HIS F 181 -14.94 38.65 28.79
N GLY F 182 -15.75 38.37 29.81
CA GLY F 182 -17.19 38.50 29.71
C GLY F 182 -17.92 37.66 28.66
N GLY F 183 -17.21 36.77 27.97
CA GLY F 183 -17.85 35.94 26.94
C GLY F 183 -18.14 34.48 27.31
N TYR F 184 -19.22 33.94 26.76
CA TYR F 184 -19.62 32.56 27.05
C TYR F 184 -18.92 31.44 26.28
N SER F 185 -19.25 30.19 26.66
CA SER F 185 -18.70 29.02 26.02
C SER F 185 -19.78 28.15 25.39
N VAL F 186 -19.38 27.33 24.44
CA VAL F 186 -20.29 26.40 23.78
C VAL F 186 -19.49 25.13 23.60
N PHE F 187 -20.07 24.01 24.03
CA PHE F 187 -19.40 22.74 23.87
C PHE F 187 -20.19 21.89 22.91
N ALA F 188 -19.59 21.59 21.76
CA ALA F 188 -20.27 20.77 20.78
C ALA F 188 -19.63 19.39 20.76
N GLY F 189 -20.32 18.43 21.37
CA GLY F 189 -19.83 17.07 21.40
C GLY F 189 -20.19 16.44 20.06
N VAL F 190 -19.19 16.16 19.26
CA VAL F 190 -19.40 15.56 17.96
C VAL F 190 -18.96 14.12 18.13
N GLY F 191 -19.81 13.19 17.75
CA GLY F 191 -19.45 11.80 17.90
C GLY F 191 -19.06 11.45 19.32
N GLU F 192 -19.64 12.15 20.30
CA GLU F 192 -19.33 11.86 21.70
C GLU F 192 -19.96 10.52 22.08
N ARG F 193 -19.54 9.97 23.22
CA ARG F 193 -20.11 8.74 23.72
C ARG F 193 -21.13 9.25 24.71
N THR F 194 -22.41 8.94 24.50
CA THR F 194 -23.44 9.39 25.42
C THR F 194 -22.89 9.31 26.85
N ARG F 195 -22.14 8.25 27.14
CA ARG F 195 -21.57 8.09 28.48
C ARG F 195 -20.71 9.27 28.91
N GLU F 196 -19.68 9.59 28.14
CA GLU F 196 -18.81 10.70 28.49
C GLU F 196 -19.58 12.00 28.37
N GLY F 197 -20.66 11.97 27.59
CA GLY F 197 -21.48 13.15 27.43
C GLY F 197 -22.22 13.44 28.72
N ASN F 198 -22.66 12.38 29.38
CA ASN F 198 -23.38 12.53 30.64
C ASN F 198 -22.39 12.83 31.75
N ASP F 199 -21.21 12.24 31.62
CA ASP F 199 -20.15 12.39 32.60
C ASP F 199 -19.64 13.85 32.63
N LEU F 200 -19.64 14.49 31.46
CA LEU F 200 -19.17 15.86 31.36
C LEU F 200 -20.23 16.82 31.90
N TYR F 201 -21.49 16.50 31.63
CA TYR F 201 -22.60 17.33 32.10
C TYR F 201 -22.52 17.51 33.62
N HIS F 202 -22.50 16.42 34.36
CA HIS F 202 -22.44 16.51 35.81
C HIS F 202 -21.12 16.99 36.36
N GLU F 203 -20.08 16.96 35.53
CA GLU F 203 -18.77 17.40 35.97
C GLU F 203 -18.73 18.92 35.87
N MET F 204 -19.61 19.46 35.03
CA MET F 204 -19.70 20.90 34.85
C MET F 204 -20.66 21.45 35.91
N ILE F 205 -21.67 20.66 36.25
CA ILE F 205 -22.62 21.11 37.26
C ILE F 205 -21.96 21.24 38.63
N GLU F 206 -21.02 20.35 38.95
CA GLU F 206 -20.36 20.41 40.24
C GLU F 206 -19.19 21.39 40.22
N SER F 207 -18.70 21.69 39.03
CA SER F 207 -17.60 22.63 38.90
C SER F 207 -18.23 24.02 38.94
N GLY F 208 -19.51 24.09 38.57
CA GLY F 208 -20.20 25.35 38.58
C GLY F 208 -20.40 26.01 37.23
N VAL F 209 -19.65 25.59 36.22
CA VAL F 209 -19.81 26.20 34.91
C VAL F 209 -21.26 26.10 34.42
N ILE F 210 -21.99 25.14 34.95
CA ILE F 210 -23.41 25.00 34.62
C ILE F 210 -24.20 25.06 35.91
N ASN F 211 -25.28 25.83 35.92
CA ASN F 211 -26.10 25.93 37.10
C ASN F 211 -27.56 25.68 36.80
N LEU F 212 -28.09 24.63 37.41
CA LEU F 212 -29.46 24.24 37.20
C LEU F 212 -30.43 25.10 37.98
N LYS F 213 -29.93 26.13 38.63
CA LYS F 213 -30.81 26.99 39.42
C LYS F 213 -30.76 28.47 38.99
N ASP F 214 -29.65 29.14 39.24
CA ASP F 214 -29.51 30.55 38.84
C ASP F 214 -28.87 30.59 37.47
N ALA F 215 -29.28 31.55 36.65
CA ALA F 215 -28.77 31.71 35.29
C ALA F 215 -27.26 31.97 35.15
N THR F 216 -26.45 31.46 36.08
CA THR F 216 -25.02 31.67 35.99
C THR F 216 -24.26 30.66 35.13
N SER F 217 -24.96 29.91 34.29
CA SER F 217 -24.30 28.94 33.43
C SER F 217 -23.43 29.70 32.43
N LYS F 218 -22.22 29.21 32.20
CA LYS F 218 -21.27 29.84 31.30
C LYS F 218 -21.14 29.09 29.96
N VAL F 219 -21.85 27.99 29.83
CA VAL F 219 -21.75 27.19 28.61
C VAL F 219 -23.06 26.60 28.14
N ALA F 220 -23.16 26.42 26.83
CA ALA F 220 -24.33 25.82 26.22
C ALA F 220 -23.81 24.50 25.70
N LEU F 221 -24.59 23.44 25.78
CA LEU F 221 -24.09 22.16 25.29
C LEU F 221 -24.86 21.66 24.08
N VAL F 222 -24.15 21.16 23.09
CA VAL F 222 -24.77 20.61 21.89
C VAL F 222 -24.16 19.22 21.70
N TYR F 223 -24.99 18.19 21.56
CA TYR F 223 -24.47 16.83 21.40
C TYR F 223 -24.86 16.03 20.16
N GLY F 224 -23.86 15.35 19.60
CA GLY F 224 -24.07 14.53 18.43
C GLY F 224 -23.45 13.19 18.78
N GLN F 225 -24.15 12.43 19.60
CA GLN F 225 -23.65 11.13 20.04
C GLN F 225 -23.45 10.14 18.89
N MET F 226 -22.62 9.14 19.12
CA MET F 226 -22.33 8.11 18.12
C MET F 226 -23.57 7.40 17.58
N ASN F 227 -24.42 6.92 18.49
CA ASN F 227 -25.63 6.21 18.10
C ASN F 227 -26.46 6.95 17.07
N GLU F 228 -26.24 8.26 16.98
CA GLU F 228 -26.98 9.05 16.01
C GLU F 228 -26.25 8.89 14.70
N PRO F 229 -27.00 8.75 13.59
CA PRO F 229 -26.44 8.57 12.25
C PRO F 229 -25.49 9.65 11.73
N PRO F 230 -24.63 9.28 10.77
CA PRO F 230 -23.66 10.21 10.18
C PRO F 230 -24.25 11.56 9.79
N GLY F 231 -25.50 11.58 9.35
CA GLY F 231 -26.10 12.85 8.97
C GLY F 231 -26.07 13.84 10.13
N ALA F 232 -26.59 13.42 11.28
CA ALA F 232 -26.64 14.25 12.47
C ALA F 232 -25.28 14.50 13.07
N ARG F 233 -24.43 13.48 13.11
CA ARG F 233 -23.12 13.67 13.70
C ARG F 233 -22.36 14.69 12.84
N ALA F 234 -22.68 14.72 11.55
CA ALA F 234 -22.02 15.65 10.64
C ALA F 234 -22.34 17.10 11.00
N ARG F 235 -23.63 17.38 11.14
CA ARG F 235 -24.11 18.73 11.46
C ARG F 235 -23.94 19.24 12.90
N VAL F 236 -23.72 18.37 13.87
CA VAL F 236 -23.60 18.86 15.24
C VAL F 236 -22.51 19.91 15.46
N ALA F 237 -21.45 19.87 14.65
CA ALA F 237 -20.39 20.85 14.80
C ALA F 237 -20.97 22.21 14.39
N LEU F 238 -21.92 22.20 13.47
CA LEU F 238 -22.55 23.44 13.02
C LEU F 238 -23.50 23.98 14.09
N THR F 239 -24.47 23.17 14.47
CA THR F 239 -25.42 23.58 15.47
C THR F 239 -24.66 24.19 16.65
N GLY F 240 -23.54 23.61 17.00
CA GLY F 240 -22.76 24.14 18.10
C GLY F 240 -22.26 25.51 17.66
N LEU F 241 -21.75 25.55 16.44
CA LEU F 241 -21.20 26.75 15.84
C LEU F 241 -22.26 27.86 15.76
N THR F 242 -23.42 27.52 15.21
CA THR F 242 -24.54 28.47 15.08
C THR F 242 -24.86 29.13 16.42
N VAL F 243 -24.86 28.34 17.50
CA VAL F 243 -25.11 28.88 18.83
C VAL F 243 -23.99 29.88 19.12
N ALA F 244 -22.78 29.38 19.34
CA ALA F 244 -21.63 30.22 19.60
C ALA F 244 -21.64 31.50 18.78
N GLU F 245 -21.98 31.40 17.50
CA GLU F 245 -22.03 32.57 16.63
C GLU F 245 -22.99 33.66 17.13
N TYR F 246 -24.06 33.27 17.83
CA TYR F 246 -25.02 34.25 18.35
C TYR F 246 -24.28 35.14 19.33
N PHE F 247 -23.55 34.52 20.24
CA PHE F 247 -22.82 35.27 21.23
C PHE F 247 -21.75 36.15 20.65
N ARG F 248 -21.51 36.01 19.35
CA ARG F 248 -20.49 36.83 18.69
C ARG F 248 -21.09 37.94 17.83
N ASP F 249 -22.09 37.61 17.03
CA ASP F 249 -22.69 38.60 16.16
C ASP F 249 -23.81 39.42 16.79
N GLN F 250 -24.26 39.02 17.98
CA GLN F 250 -25.34 39.73 18.63
C GLN F 250 -24.93 40.37 19.93
N GLU F 251 -24.08 39.69 20.68
CA GLU F 251 -23.65 40.23 21.94
C GLU F 251 -22.18 40.65 21.90
N GLY F 252 -21.63 40.63 20.69
CA GLY F 252 -20.24 41.03 20.46
C GLY F 252 -19.20 40.48 21.39
N GLN F 253 -19.51 39.36 22.04
CA GLN F 253 -18.59 38.74 22.99
C GLN F 253 -17.45 38.04 22.29
N ASP F 254 -16.51 37.58 23.08
CA ASP F 254 -15.40 36.82 22.56
C ASP F 254 -15.64 35.43 23.13
N VAL F 255 -16.45 34.67 22.40
CA VAL F 255 -16.86 33.31 22.74
C VAL F 255 -15.78 32.26 22.62
N LEU F 256 -15.98 31.18 23.38
CA LEU F 256 -15.09 30.03 23.37
C LEU F 256 -15.94 28.86 22.89
N LEU F 257 -15.47 28.19 21.84
CA LEU F 257 -16.21 27.06 21.30
C LEU F 257 -15.38 25.79 21.36
N PHE F 258 -15.88 24.79 22.07
CA PHE F 258 -15.17 23.54 22.15
C PHE F 258 -15.78 22.50 21.23
N ILE F 259 -14.96 21.94 20.35
CA ILE F 259 -15.42 20.88 19.47
C ILE F 259 -14.70 19.62 19.91
N ASP F 260 -15.41 18.71 20.57
CA ASP F 260 -14.76 17.51 21.07
C ASP F 260 -14.68 16.46 19.99
N ASN F 261 -13.49 16.37 19.41
CA ASN F 261 -13.16 15.42 18.35
C ASN F 261 -13.56 15.85 16.94
N ILE F 262 -12.91 16.91 16.48
CA ILE F 262 -13.12 17.45 15.14
C ILE F 262 -12.89 16.30 14.15
N PHE F 263 -12.19 15.27 14.60
CA PHE F 263 -11.93 14.14 13.74
C PHE F 263 -13.22 13.47 13.35
N ARG F 264 -14.06 13.22 14.36
CA ARG F 264 -15.33 12.55 14.12
C ARG F 264 -16.26 13.39 13.30
N PHE F 265 -15.92 14.67 13.17
CA PHE F 265 -16.68 15.59 12.33
C PHE F 265 -16.28 15.18 10.91
N THR F 266 -14.97 15.05 10.73
CA THR F 266 -14.39 14.67 9.46
C THR F 266 -14.91 13.30 9.02
N GLN F 267 -14.94 12.34 9.95
CA GLN F 267 -15.40 10.99 9.62
C GLN F 267 -16.88 11.01 9.34
N ALA F 268 -17.64 11.74 10.14
CA ALA F 268 -19.07 11.83 9.91
C ALA F 268 -19.25 12.31 8.47
N GLY F 269 -18.36 13.21 8.05
CA GLY F 269 -18.41 13.73 6.70
C GLY F 269 -18.16 12.64 5.70
N SER F 270 -17.13 11.83 5.97
CA SER F 270 -16.78 10.71 5.11
C SER F 270 -17.96 9.79 4.85
N GLU F 271 -18.62 9.37 5.93
CA GLU F 271 -19.74 8.46 5.85
C GLU F 271 -20.87 9.10 5.07
N VAL F 272 -21.18 10.35 5.40
CA VAL F 272 -22.22 11.08 4.67
C VAL F 272 -21.88 10.97 3.18
N SER F 273 -20.70 11.45 2.83
CA SER F 273 -20.23 11.44 1.46
C SER F 273 -20.42 10.06 0.79
N ALA F 274 -19.98 8.99 1.43
CA ALA F 274 -20.13 7.66 0.84
C ALA F 274 -21.58 7.22 0.65
N LEU F 275 -22.45 7.53 1.60
CA LEU F 275 -23.87 7.14 1.46
C LEU F 275 -24.43 7.84 0.21
N LEU F 276 -23.95 9.04 -0.06
CA LEU F 276 -24.39 9.78 -1.23
C LEU F 276 -23.71 9.18 -2.47
N GLY F 277 -22.81 8.23 -2.25
CA GLY F 277 -22.14 7.57 -3.34
C GLY F 277 -21.17 8.39 -4.15
N ARG F 278 -20.44 9.27 -3.47
CA ARG F 278 -19.44 10.10 -4.12
C ARG F 278 -18.08 9.43 -3.97
N ILE F 279 -17.43 9.18 -5.10
CA ILE F 279 -16.13 8.53 -5.14
C ILE F 279 -15.13 9.07 -4.13
N PRO F 280 -14.72 8.22 -3.18
CA PRO F 280 -13.75 8.62 -2.14
C PRO F 280 -12.41 9.08 -2.73
N SER F 281 -11.68 9.89 -1.96
CA SER F 281 -10.37 10.34 -2.44
C SER F 281 -9.32 9.53 -1.71
N ALA F 282 -8.13 10.09 -1.55
CA ALA F 282 -7.05 9.37 -0.88
C ALA F 282 -7.41 8.87 0.52
N VAL F 283 -6.92 7.67 0.82
CA VAL F 283 -7.12 7.04 2.12
C VAL F 283 -8.58 6.91 2.53
N GLY F 284 -9.46 6.89 1.53
CA GLY F 284 -10.87 6.73 1.80
C GLY F 284 -11.69 7.94 2.20
N TYR F 285 -11.11 9.12 2.41
CA TYR F 285 -11.94 10.26 2.80
C TYR F 285 -12.70 10.89 1.63
N GLN F 286 -13.61 11.79 1.97
CA GLN F 286 -14.43 12.45 0.97
C GLN F 286 -13.63 13.40 0.07
N PRO F 287 -14.08 13.58 -1.17
CA PRO F 287 -13.37 14.46 -2.09
C PRO F 287 -13.42 15.89 -1.54
N THR F 288 -14.60 16.24 -1.05
CA THR F 288 -14.91 17.54 -0.48
C THR F 288 -14.30 17.77 0.90
N LEU F 289 -13.51 16.82 1.37
CA LEU F 289 -12.85 16.94 2.65
C LEU F 289 -12.37 18.36 3.04
N ALA F 290 -11.65 19.02 2.14
CA ALA F 290 -11.07 20.32 2.43
C ALA F 290 -12.03 21.50 2.41
N THR F 291 -13.08 21.40 1.60
CA THR F 291 -14.07 22.46 1.54
C THR F 291 -15.01 22.21 2.71
N ASP F 292 -15.30 20.95 2.98
CA ASP F 292 -16.15 20.57 4.11
C ASP F 292 -15.59 21.18 5.40
N MET F 293 -14.31 20.96 5.67
CA MET F 293 -13.70 21.52 6.87
C MET F 293 -13.65 23.04 6.77
N GLY F 294 -13.29 23.52 5.58
CA GLY F 294 -13.17 24.94 5.31
C GLY F 294 -14.41 25.76 5.55
N THR F 295 -15.54 25.33 5.00
CA THR F 295 -16.76 26.07 5.20
C THR F 295 -17.04 26.25 6.67
N MET F 296 -16.79 25.21 7.44
CA MET F 296 -17.06 25.26 8.86
C MET F 296 -15.99 26.03 9.64
N GLN F 297 -14.75 25.63 9.47
CA GLN F 297 -13.63 26.26 10.17
C GLN F 297 -13.53 27.77 9.96
N GLU F 298 -13.85 28.25 8.76
CA GLU F 298 -13.75 29.67 8.49
C GLU F 298 -14.70 30.57 9.26
N ARG F 299 -15.82 29.99 9.71
CA ARG F 299 -16.80 30.72 10.49
C ARG F 299 -16.26 31.10 11.88
N ILE F 300 -15.20 30.42 12.30
CA ILE F 300 -14.58 30.69 13.59
C ILE F 300 -13.45 31.73 13.49
N THR F 301 -13.78 33.01 13.64
CA THR F 301 -12.77 34.06 13.56
C THR F 301 -13.16 35.25 14.38
N THR F 302 -12.42 36.32 14.13
CA THR F 302 -12.65 37.59 14.79
C THR F 302 -13.29 38.52 13.76
N THR F 303 -14.50 38.97 14.05
CA THR F 303 -15.23 39.88 13.19
C THR F 303 -15.11 41.27 13.84
N LYS F 304 -15.81 42.26 13.30
CA LYS F 304 -15.76 43.60 13.87
C LYS F 304 -16.59 43.68 15.15
N LYS F 305 -17.48 42.71 15.34
CA LYS F 305 -18.32 42.71 16.52
C LYS F 305 -17.70 41.91 17.67
N GLY F 306 -17.04 40.82 17.33
CA GLY F 306 -16.42 40.01 18.37
C GLY F 306 -15.56 38.93 17.76
N SER F 307 -15.46 37.80 18.44
CA SER F 307 -14.66 36.69 17.94
C SER F 307 -15.06 35.37 18.60
N ILE F 308 -14.63 34.28 17.97
CA ILE F 308 -14.91 32.95 18.47
C ILE F 308 -13.59 32.21 18.43
N THR F 309 -13.14 31.73 19.58
CA THR F 309 -11.90 30.98 19.65
C THR F 309 -12.30 29.53 19.88
N SER F 310 -11.72 28.61 19.12
CA SER F 310 -12.08 27.23 19.27
C SER F 310 -10.96 26.29 19.64
N VAL F 311 -11.25 25.45 20.61
CA VAL F 311 -10.32 24.43 21.05
C VAL F 311 -10.94 23.15 20.52
N GLN F 312 -10.26 22.53 19.57
CA GLN F 312 -10.81 21.33 18.97
C GLN F 312 -9.97 20.11 19.31
N ALA F 313 -10.64 19.08 19.80
CA ALA F 313 -9.96 17.83 20.16
C ALA F 313 -9.59 17.16 18.86
N ILE F 314 -8.34 16.77 18.76
CA ILE F 314 -7.83 16.14 17.56
C ILE F 314 -7.40 14.68 17.76
N TYR F 315 -8.02 13.78 17.01
CA TYR F 315 -7.63 12.38 17.06
C TYR F 315 -6.74 12.14 15.83
N VAL F 316 -5.53 11.66 16.06
CA VAL F 316 -4.64 11.40 14.94
C VAL F 316 -4.69 9.93 14.53
N PRO F 317 -5.31 9.63 13.36
CA PRO F 317 -5.44 8.28 12.83
C PRO F 317 -4.11 7.57 12.59
N ALA F 318 -3.88 6.48 13.33
CA ALA F 318 -2.66 5.69 13.19
C ALA F 318 -1.39 6.44 13.56
N ASP F 319 -1.52 7.52 14.32
CA ASP F 319 -0.36 8.32 14.74
C ASP F 319 0.33 8.93 13.51
N ASP F 320 -0.43 9.05 12.42
CA ASP F 320 0.12 9.60 11.20
C ASP F 320 -0.44 11.00 10.95
N LEU F 321 0.31 12.01 11.38
CA LEU F 321 -0.10 13.38 11.20
C LEU F 321 -0.33 13.72 9.73
N THR F 322 0.32 12.98 8.84
CA THR F 322 0.15 13.25 7.42
C THR F 322 -1.14 12.69 6.86
N ASP F 323 -1.82 11.81 7.61
CA ASP F 323 -3.09 11.23 7.18
C ASP F 323 -4.08 12.37 6.88
N PRO F 324 -4.86 12.21 5.80
CA PRO F 324 -5.85 13.19 5.34
C PRO F 324 -6.58 14.02 6.39
N ALA F 325 -7.32 13.38 7.30
CA ALA F 325 -8.07 14.11 8.31
C ALA F 325 -7.30 15.19 9.11
N PRO F 326 -6.39 14.77 10.00
CA PRO F 326 -5.65 15.77 10.77
C PRO F 326 -4.84 16.76 9.91
N ALA F 327 -4.16 16.26 8.89
CA ALA F 327 -3.38 17.15 8.04
C ALA F 327 -4.25 18.32 7.64
N THR F 328 -5.43 18.01 7.12
CA THR F 328 -6.40 19.02 6.69
C THR F 328 -6.85 19.92 7.83
N THR F 329 -6.93 19.36 9.04
CA THR F 329 -7.36 20.12 10.21
C THR F 329 -6.29 21.11 10.63
N PHE F 330 -5.04 20.66 10.54
CA PHE F 330 -3.88 21.45 10.91
C PHE F 330 -3.72 22.78 10.20
N ALA F 331 -4.25 22.88 8.98
CA ALA F 331 -4.15 24.11 8.24
C ALA F 331 -4.83 25.22 9.02
N HIS F 332 -5.97 24.87 9.62
CA HIS F 332 -6.78 25.81 10.38
C HIS F 332 -6.37 26.07 11.81
N LEU F 333 -5.38 25.34 12.30
CA LEU F 333 -4.95 25.56 13.68
C LEU F 333 -3.97 26.71 13.81
N ASP F 334 -3.97 27.32 14.99
CA ASP F 334 -3.09 28.43 15.26
C ASP F 334 -2.26 28.07 16.47
N ALA F 335 -2.49 26.88 16.98
CA ALA F 335 -1.77 26.40 18.15
C ALA F 335 -2.17 24.98 18.44
N THR F 336 -1.53 24.40 19.44
CA THR F 336 -1.83 23.04 19.86
C THR F 336 -1.47 22.88 21.32
N THR F 337 -2.41 22.38 22.12
CA THR F 337 -2.16 22.14 23.52
C THR F 337 -1.96 20.64 23.66
N VAL F 338 -0.77 20.22 24.08
CA VAL F 338 -0.50 18.79 24.23
C VAL F 338 -0.46 18.32 25.67
N LEU F 339 -1.44 17.51 26.06
CA LEU F 339 -1.48 16.99 27.42
C LEU F 339 -0.70 15.67 27.43
N SER F 340 0.22 15.51 28.39
CA SER F 340 1.03 14.29 28.45
C SER F 340 0.94 13.53 29.77
N ARG F 341 0.67 12.22 29.70
CA ARG F 341 0.59 11.43 30.91
C ARG F 341 1.90 11.50 31.67
N ALA F 342 2.99 11.51 30.92
CA ALA F 342 4.34 11.59 31.50
C ALA F 342 4.43 12.78 32.45
N ILE F 343 3.83 13.90 32.04
CA ILE F 343 3.81 15.12 32.82
C ILE F 343 2.81 15.00 33.96
N ALA F 344 1.63 14.48 33.63
CA ALA F 344 0.58 14.30 34.60
C ALA F 344 1.09 13.55 35.82
N GLU F 345 1.72 12.40 35.58
CA GLU F 345 2.25 11.57 36.65
C GLU F 345 3.23 12.31 37.56
N LEU F 346 3.94 13.28 37.00
CA LEU F 346 4.90 14.05 37.81
C LEU F 346 4.11 14.94 38.77
N GLY F 347 2.80 14.77 38.78
CA GLY F 347 1.96 15.58 39.64
C GLY F 347 1.82 16.99 39.11
N ILE F 348 2.45 17.25 37.97
CA ILE F 348 2.41 18.56 37.34
C ILE F 348 1.11 18.73 36.53
N TYR F 349 0.30 19.68 36.95
CA TYR F 349 -0.95 20.00 36.29
C TYR F 349 -1.05 21.50 36.13
N PRO F 350 -1.63 21.97 35.00
CA PRO F 350 -2.16 21.10 33.94
C PRO F 350 -1.07 20.30 33.22
N ALA F 351 -1.38 19.03 32.92
CA ALA F 351 -0.43 18.11 32.27
C ALA F 351 0.02 18.53 30.87
N VAL F 352 0.14 19.85 30.67
CA VAL F 352 0.53 20.42 29.39
C VAL F 352 2.02 20.24 29.11
N ASP F 353 2.33 19.59 27.99
CA ASP F 353 3.72 19.42 27.63
C ASP F 353 4.16 20.81 27.18
N PRO F 354 5.16 21.39 27.86
CA PRO F 354 5.67 22.72 27.53
C PRO F 354 6.65 22.74 26.37
N LEU F 355 6.95 21.57 25.82
CA LEU F 355 7.87 21.47 24.70
C LEU F 355 7.26 20.90 23.41
N ASP F 356 5.96 20.58 23.46
CA ASP F 356 5.28 20.03 22.29
C ASP F 356 4.11 20.93 21.91
N SER F 357 3.65 21.70 22.89
CA SER F 357 2.56 22.63 22.69
C SER F 357 3.17 23.87 22.04
N THR F 358 2.63 24.26 20.90
CA THR F 358 3.14 25.42 20.17
C THR F 358 2.07 26.46 19.86
N SER F 359 2.45 27.46 19.07
CA SER F 359 1.53 28.50 18.68
C SER F 359 2.17 29.31 17.56
N ARG F 360 1.47 29.46 16.44
CA ARG F 360 2.02 30.25 15.34
C ARG F 360 2.26 31.70 15.78
N ILE F 361 1.45 32.19 16.71
CA ILE F 361 1.63 33.57 17.16
C ILE F 361 2.82 33.76 18.10
N MET F 362 3.55 32.68 18.38
CA MET F 362 4.71 32.81 19.25
C MET F 362 5.82 33.43 18.41
N ASP F 363 5.57 34.67 18.01
CA ASP F 363 6.48 35.45 17.18
C ASP F 363 6.57 36.86 17.79
N PRO F 364 7.74 37.49 17.74
CA PRO F 364 7.94 38.83 18.28
C PRO F 364 6.92 39.81 17.71
N ASN F 365 6.76 39.78 16.39
CA ASN F 365 5.84 40.67 15.70
C ASN F 365 4.40 40.60 16.18
N ILE F 366 4.09 39.72 17.13
CA ILE F 366 2.71 39.59 17.61
C ILE F 366 2.54 39.64 19.13
N VAL F 367 3.42 38.95 19.87
CA VAL F 367 3.33 38.92 21.33
C VAL F 367 4.33 39.85 21.99
N GLY F 368 4.93 40.73 21.20
CA GLY F 368 5.92 41.64 21.73
C GLY F 368 7.23 40.91 21.70
N SER F 369 8.34 41.62 21.92
CA SER F 369 9.64 40.96 21.90
C SER F 369 10.04 40.49 23.28
N GLU F 370 9.50 41.11 24.32
CA GLU F 370 9.82 40.73 25.69
C GLU F 370 9.31 39.31 25.90
N HIS F 371 7.99 39.19 25.80
CA HIS F 371 7.28 37.92 25.96
C HIS F 371 7.93 36.80 25.14
N TYR F 372 8.24 37.08 23.88
CA TYR F 372 8.86 36.09 22.99
C TYR F 372 10.16 35.54 23.55
N ASP F 373 11.02 36.43 24.00
CA ASP F 373 12.31 36.04 24.56
C ASP F 373 12.16 35.25 25.85
N VAL F 374 11.14 35.60 26.64
CA VAL F 374 10.91 34.89 27.90
C VAL F 374 10.53 33.44 27.64
N ALA F 375 9.57 33.24 26.76
CA ALA F 375 9.11 31.90 26.41
C ALA F 375 10.23 31.10 25.76
N ARG F 376 11.02 31.73 24.90
CA ARG F 376 12.12 31.03 24.26
C ARG F 376 13.11 30.56 25.31
N GLY F 377 13.36 31.41 26.30
CA GLY F 377 14.28 31.06 27.37
C GLY F 377 13.84 29.83 28.12
N VAL F 378 12.57 29.83 28.49
CA VAL F 378 11.96 28.72 29.21
C VAL F 378 11.90 27.46 28.35
N GLN F 379 11.82 27.63 27.02
CA GLN F 379 11.76 26.48 26.15
C GLN F 379 13.17 25.91 26.02
N LYS F 380 14.15 26.79 25.98
CA LYS F 380 15.53 26.36 25.86
C LYS F 380 16.02 25.69 27.15
N ILE F 381 15.66 26.26 28.30
CA ILE F 381 16.10 25.70 29.56
C ILE F 381 15.49 24.32 29.82
N LEU F 382 14.30 24.08 29.25
CA LEU F 382 13.62 22.79 29.39
C LEU F 382 14.20 21.76 28.43
N GLN F 383 14.53 22.22 27.22
CA GLN F 383 15.12 21.36 26.20
C GLN F 383 16.54 20.97 26.61
N ASP F 384 17.21 21.87 27.33
CA ASP F 384 18.57 21.61 27.78
C ASP F 384 18.58 20.72 29.02
N TYR F 385 17.61 20.92 29.89
CA TYR F 385 17.50 20.12 31.11
C TYR F 385 17.05 18.70 30.75
N LYS F 386 16.33 18.59 29.63
CA LYS F 386 15.83 17.29 29.17
C LYS F 386 16.95 16.40 28.66
N SER F 387 18.03 17.01 28.16
CA SER F 387 19.18 16.26 27.65
C SER F 387 20.04 15.76 28.79
N LEU F 388 20.47 16.67 29.64
CA LEU F 388 21.31 16.35 30.78
C LEU F 388 20.89 15.06 31.46
N GLN F 389 19.59 14.77 31.46
CA GLN F 389 19.03 13.58 32.08
C GLN F 389 19.96 12.38 32.03
N ASP F 390 20.44 12.06 30.82
CA ASP F 390 21.35 10.93 30.65
C ASP F 390 22.54 11.06 31.60
N ILE F 391 23.36 12.08 31.37
CA ILE F 391 24.54 12.34 32.19
C ILE F 391 24.22 12.29 33.68
N ILE F 392 23.19 13.03 34.08
CA ILE F 392 22.78 13.07 35.48
C ILE F 392 22.71 11.67 36.09
N ALA F 393 21.91 10.81 35.48
CA ALA F 393 21.75 9.43 35.95
C ALA F 393 23.07 8.67 35.87
N ILE F 394 23.54 8.44 34.66
CA ILE F 394 24.78 7.71 34.43
C ILE F 394 26.00 8.42 35.01
N LEU F 395 26.61 9.30 34.21
CA LEU F 395 27.81 10.05 34.60
C LEU F 395 27.75 10.70 35.99
N GLY F 396 26.68 10.43 36.73
CA GLY F 396 26.55 10.98 38.07
C GLY F 396 26.41 12.48 38.11
N MET F 397 25.35 12.93 38.77
CA MET F 397 25.05 14.35 38.91
C MET F 397 25.97 14.97 39.98
N ASP F 398 27.27 14.83 39.78
CA ASP F 398 28.24 15.38 40.71
C ASP F 398 29.29 16.24 40.01
N GLU F 399 29.53 15.96 38.73
CA GLU F 399 30.52 16.72 37.96
C GLU F 399 29.87 17.75 37.06
N LEU F 400 28.85 18.44 37.58
CA LEU F 400 28.16 19.45 36.80
C LEU F 400 28.74 20.82 37.09
N SER F 401 29.30 21.45 36.06
CA SER F 401 29.89 22.78 36.22
C SER F 401 28.86 23.74 36.77
N GLU F 402 29.31 24.91 37.20
CA GLU F 402 28.41 25.91 37.74
C GLU F 402 27.23 26.08 36.81
N GLU F 403 27.53 26.33 35.54
CA GLU F 403 26.51 26.52 34.52
C GLU F 403 25.64 25.28 34.33
N ASP F 404 26.19 24.11 34.69
CA ASP F 404 25.44 22.86 34.54
C ASP F 404 24.55 22.54 35.74
N LYS F 405 24.85 23.14 36.89
CA LYS F 405 24.07 22.89 38.10
C LYS F 405 22.93 23.89 38.23
N LEU F 406 23.13 25.11 37.73
CA LEU F 406 22.07 26.11 37.80
C LEU F 406 20.95 25.75 36.85
N THR F 407 21.30 25.26 35.66
CA THR F 407 20.31 24.89 34.67
C THR F 407 19.29 23.91 35.24
N VAL F 408 19.78 22.78 35.76
CA VAL F 408 18.90 21.76 36.31
C VAL F 408 18.02 22.27 37.44
N SER F 409 18.56 23.10 38.34
CA SER F 409 17.79 23.63 39.45
C SER F 409 16.72 24.59 38.96
N ARG F 410 17.12 25.51 38.09
CA ARG F 410 16.20 26.49 37.53
C ARG F 410 15.11 25.80 36.72
N ALA F 411 15.54 24.90 35.82
CA ALA F 411 14.61 24.18 34.97
C ALA F 411 13.47 23.55 35.77
N ARG F 412 13.81 22.93 36.89
CA ARG F 412 12.79 22.29 37.72
C ARG F 412 11.89 23.32 38.37
N LYS F 413 12.44 24.48 38.72
CA LYS F 413 11.64 25.54 39.34
C LYS F 413 10.63 26.00 38.30
N ILE F 414 11.13 26.28 37.09
CA ILE F 414 10.27 26.70 36.00
C ILE F 414 9.22 25.60 35.82
N GLN F 415 9.69 24.42 35.47
CA GLN F 415 8.84 23.25 35.25
C GLN F 415 7.70 23.09 36.25
N ARG F 416 7.95 23.45 37.50
CA ARG F 416 6.92 23.35 38.54
C ARG F 416 6.13 24.64 38.66
N PHE F 417 6.71 25.76 38.23
CA PHE F 417 5.99 27.01 38.27
C PHE F 417 5.00 26.97 37.10
N LEU F 418 5.19 25.97 36.24
CA LEU F 418 4.32 25.78 35.08
C LEU F 418 3.04 25.12 35.55
N SER F 419 3.06 24.65 36.79
CA SER F 419 1.88 24.02 37.38
C SER F 419 1.02 25.16 37.88
N GLN F 420 -0.28 24.92 38.00
CA GLN F 420 -1.19 25.95 38.44
C GLN F 420 -2.47 25.27 38.95
N PRO F 421 -3.01 25.76 40.08
CA PRO F 421 -4.23 25.19 40.65
C PRO F 421 -5.47 25.85 40.01
N PHE F 422 -6.38 25.05 39.48
CA PHE F 422 -7.58 25.56 38.81
C PHE F 422 -8.80 25.78 39.72
N GLN F 423 -9.43 26.95 39.56
CA GLN F 423 -10.61 27.32 40.33
C GLN F 423 -11.66 26.21 40.30
N VAL F 424 -11.72 25.50 39.18
CA VAL F 424 -12.67 24.41 38.99
C VAL F 424 -12.28 23.16 39.78
N ALA F 425 -11.07 23.17 40.31
CA ALA F 425 -10.58 22.02 41.08
C ALA F 425 -10.77 22.22 42.59
N GLU F 426 -11.21 23.42 42.99
CA GLU F 426 -11.43 23.72 44.41
C GLU F 426 -12.37 22.72 45.09
N VAL F 427 -13.42 22.34 44.37
CA VAL F 427 -14.40 21.39 44.87
C VAL F 427 -13.78 20.08 45.37
N PHE F 428 -12.60 19.74 44.86
CA PHE F 428 -11.93 18.50 45.28
C PHE F 428 -10.53 18.74 45.84
N THR F 429 -9.80 19.68 45.25
CA THR F 429 -8.44 19.97 45.68
C THR F 429 -8.35 20.74 46.99
N GLY F 430 -9.45 21.38 47.38
CA GLY F 430 -9.44 22.14 48.61
C GLY F 430 -8.44 23.28 48.57
N HIS F 431 -8.19 23.79 47.38
CA HIS F 431 -7.25 24.89 47.20
C HIS F 431 -7.78 25.95 46.24
N LEU F 432 -7.69 27.20 46.65
CA LEU F 432 -8.17 28.31 45.85
C LEU F 432 -7.49 28.37 44.48
N GLY F 433 -8.27 28.14 43.43
CA GLY F 433 -7.72 28.19 42.09
C GLY F 433 -7.20 29.58 41.80
N LYS F 434 -6.33 29.72 40.81
CA LYS F 434 -5.75 31.00 40.47
C LYS F 434 -5.82 31.34 38.99
N LEU F 435 -6.14 32.60 38.70
CA LEU F 435 -6.19 33.07 37.33
C LEU F 435 -5.13 34.15 37.16
N VAL F 436 -3.95 33.76 36.68
CA VAL F 436 -2.82 34.68 36.49
C VAL F 436 -2.88 35.50 35.22
N PRO F 437 -2.62 36.82 35.32
CA PRO F 437 -2.65 37.70 34.15
C PRO F 437 -1.36 37.48 33.34
N LEU F 438 -1.34 37.86 32.06
CA LEU F 438 -0.15 37.66 31.23
C LEU F 438 1.10 38.37 31.74
N LYS F 439 0.93 39.57 32.29
CA LYS F 439 2.06 40.34 32.82
C LYS F 439 2.77 39.56 33.90
N GLU F 440 2.00 39.04 34.85
CA GLU F 440 2.56 38.25 35.94
C GLU F 440 3.33 37.04 35.41
N THR F 441 2.71 36.26 34.52
CA THR F 441 3.35 35.08 33.95
C THR F 441 4.65 35.39 33.25
N ILE F 442 4.68 36.49 32.49
CA ILE F 442 5.91 36.89 31.79
C ILE F 442 7.04 37.16 32.77
N LYS F 443 6.79 38.08 33.70
CA LYS F 443 7.76 38.48 34.71
C LYS F 443 8.21 37.32 35.61
N GLY F 444 7.25 36.58 36.16
CA GLY F 444 7.58 35.47 37.02
C GLY F 444 8.61 34.51 36.45
N PHE F 445 8.50 34.21 35.16
CA PHE F 445 9.45 33.29 34.53
C PHE F 445 10.69 34.05 34.09
N GLN F 446 10.52 35.32 33.76
CA GLN F 446 11.65 36.13 33.33
C GLN F 446 12.70 36.11 34.44
N GLN F 447 12.25 36.37 35.66
CA GLN F 447 13.13 36.40 36.83
C GLN F 447 13.75 35.05 37.14
N ILE F 448 12.93 34.00 37.24
CA ILE F 448 13.45 32.65 37.52
C ILE F 448 14.61 32.39 36.57
N LEU F 449 14.47 32.84 35.32
CA LEU F 449 15.52 32.66 34.33
C LEU F 449 16.72 33.49 34.72
N ALA F 450 16.44 34.66 35.29
CA ALA F 450 17.50 35.55 35.74
C ALA F 450 18.24 34.87 36.89
N GLY F 451 17.49 34.18 37.73
CA GLY F 451 18.08 33.50 38.86
C GLY F 451 17.74 34.20 40.15
N GLU F 452 16.99 35.30 40.02
CA GLU F 452 16.57 36.11 41.16
C GLU F 452 15.98 35.29 42.28
N TYR F 453 15.35 34.18 41.94
CA TYR F 453 14.73 33.32 42.95
C TYR F 453 15.40 31.95 43.06
N ASP F 454 16.73 31.90 42.96
CA ASP F 454 17.45 30.64 43.07
C ASP F 454 17.62 30.23 44.53
N HIS F 455 17.56 31.22 45.42
CA HIS F 455 17.69 30.96 46.86
C HIS F 455 16.34 30.52 47.39
N LEU F 456 15.61 29.71 46.61
CA LEU F 456 14.30 29.21 47.01
C LEU F 456 14.12 27.74 46.70
N PRO F 457 13.43 27.01 47.59
CA PRO F 457 13.19 25.57 47.40
C PRO F 457 12.17 25.30 46.32
N GLU F 458 12.41 24.29 45.50
CA GLU F 458 11.48 24.03 44.44
C GLU F 458 9.99 24.13 44.78
N GLN F 459 9.58 23.43 45.83
CA GLN F 459 8.18 23.40 46.19
C GLN F 459 7.56 24.77 46.42
N ALA F 460 8.31 25.84 46.23
CA ALA F 460 7.79 27.19 46.41
C ALA F 460 7.14 27.69 45.12
N PHE F 461 7.34 26.95 44.03
CA PHE F 461 6.76 27.33 42.75
C PHE F 461 5.77 26.30 42.25
N TYR F 462 5.65 25.19 43.00
CA TYR F 462 4.75 24.11 42.66
C TYR F 462 3.33 24.49 43.07
N MET F 463 2.41 24.42 42.12
CA MET F 463 1.00 24.73 42.37
C MET F 463 0.75 26.06 43.07
N VAL F 464 1.04 27.15 42.36
CA VAL F 464 0.85 28.49 42.89
C VAL F 464 0.40 29.40 41.73
N GLY F 465 -0.02 30.62 42.07
CA GLY F 465 -0.47 31.56 41.06
C GLY F 465 0.66 32.47 40.60
N PRO F 466 0.57 33.78 40.90
CA PRO F 466 1.59 34.77 40.52
C PRO F 466 2.93 34.43 41.18
N ILE F 467 3.97 35.20 40.87
CA ILE F 467 5.29 34.92 41.44
C ILE F 467 5.42 35.26 42.93
N GLU F 468 4.58 36.14 43.42
CA GLU F 468 4.60 36.50 44.83
C GLU F 468 4.30 35.25 45.64
N GLU F 469 3.22 34.57 45.30
CA GLU F 469 2.81 33.36 45.99
C GLU F 469 3.90 32.30 46.03
N ALA F 470 4.95 32.52 45.24
CA ALA F 470 6.05 31.57 45.21
C ALA F 470 6.95 31.83 46.43
N VAL F 471 7.25 33.09 46.67
CA VAL F 471 8.09 33.48 47.80
C VAL F 471 7.35 33.23 49.10
N ALA F 472 6.05 33.54 49.10
CA ALA F 472 5.21 33.36 50.26
C ALA F 472 5.21 31.91 50.74
N LYS F 473 5.04 30.97 49.81
CA LYS F 473 5.02 29.56 50.14
C LYS F 473 6.39 29.07 50.58
N ALA F 474 7.43 29.73 50.08
CA ALA F 474 8.81 29.37 50.41
C ALA F 474 9.19 29.59 51.87
N ASP F 475 8.91 30.78 52.39
CA ASP F 475 9.22 31.12 53.77
C ASP F 475 8.49 30.17 54.71
N LYS F 476 7.20 30.02 54.47
CA LYS F 476 6.33 29.16 55.28
C LYS F 476 6.86 27.73 55.45
N LEU F 477 7.26 27.11 54.34
CA LEU F 477 7.80 25.77 54.39
C LEU F 477 9.26 25.89 54.83
N ALA F 478 9.72 27.12 54.98
CA ALA F 478 11.10 27.42 55.39
C ALA F 478 12.09 27.00 54.31
N ALA G 1 8.95 -2.46 -2.40
CA ALA G 1 8.33 -2.17 -1.07
C ALA G 1 7.06 -2.99 -0.86
N THR G 2 6.76 -3.30 0.39
CA THR G 2 5.58 -4.08 0.72
C THR G 2 5.28 -3.88 2.20
N LEU G 3 4.07 -3.41 2.51
CA LEU G 3 3.72 -3.20 3.90
C LEU G 3 4.25 -4.38 4.73
N LYS G 4 3.80 -5.59 4.42
CA LYS G 4 4.28 -6.77 5.15
C LYS G 4 5.77 -6.66 5.40
N ASP G 5 6.52 -6.40 4.33
CA ASP G 5 7.97 -6.30 4.44
C ASP G 5 8.34 -5.14 5.37
N ILE G 6 8.03 -3.92 4.94
CA ILE G 6 8.35 -2.73 5.73
C ILE G 6 8.03 -2.89 7.21
N THR G 7 6.93 -3.55 7.52
CA THR G 7 6.57 -3.75 8.93
C THR G 7 7.63 -4.65 9.57
N ARG G 8 7.86 -5.83 9.00
CA ARG G 8 8.87 -6.74 9.51
C ARG G 8 10.19 -6.04 9.83
N ARG G 9 10.66 -5.23 8.89
CA ARG G 9 11.91 -4.52 9.09
C ARG G 9 11.74 -3.45 10.17
N LEU G 10 10.59 -2.78 10.21
CA LEU G 10 10.35 -1.77 11.25
C LEU G 10 10.42 -2.49 12.60
N LYS G 11 9.91 -3.73 12.65
CA LYS G 11 9.90 -4.54 13.86
C LYS G 11 11.30 -5.00 14.29
N SER G 12 12.12 -5.46 13.36
CA SER G 12 13.47 -5.87 13.75
C SER G 12 14.26 -4.66 14.20
N ILE G 13 14.44 -3.72 13.28
CA ILE G 13 15.20 -2.53 13.57
C ILE G 13 14.70 -1.85 14.84
N LYS G 14 13.40 -1.98 15.17
CA LYS G 14 12.90 -1.40 16.41
C LYS G 14 13.36 -2.20 17.62
N ASN G 15 13.62 -3.49 17.45
CA ASN G 15 14.11 -4.28 18.56
C ASN G 15 15.53 -3.86 18.87
N ILE G 16 16.37 -3.91 17.83
CA ILE G 16 17.77 -3.55 17.91
C ILE G 16 17.90 -2.22 18.65
N GLN G 17 16.95 -1.33 18.41
CA GLN G 17 16.93 -0.03 19.07
C GLN G 17 16.84 -0.24 20.56
N LYS G 18 16.01 -1.18 20.99
CA LYS G 18 15.84 -1.43 22.43
C LYS G 18 16.98 -2.23 23.05
N ILE G 19 17.48 -3.22 22.33
CA ILE G 19 18.57 -4.03 22.84
C ILE G 19 19.81 -3.14 22.95
N THR G 20 20.16 -2.49 21.83
CA THR G 20 21.31 -1.60 21.82
C THR G 20 21.19 -0.58 22.94
N LYS G 21 19.97 -0.11 23.18
CA LYS G 21 19.72 0.86 24.26
C LYS G 21 19.84 0.19 25.63
N SER G 22 19.62 -1.11 25.69
CA SER G 22 19.73 -1.82 26.94
C SER G 22 21.21 -1.99 27.21
N MET G 23 21.94 -2.37 26.16
CA MET G 23 23.37 -2.55 26.28
C MET G 23 24.08 -1.28 26.67
N LYS G 24 23.64 -0.14 26.14
CA LYS G 24 24.25 1.14 26.47
C LYS G 24 24.23 1.36 27.99
N MET G 25 23.17 0.92 28.67
CA MET G 25 23.04 1.10 30.11
C MET G 25 23.94 0.20 30.95
N VAL G 26 23.97 -1.09 30.63
CA VAL G 26 24.83 -2.01 31.35
C VAL G 26 26.23 -1.41 31.27
N ALA G 27 26.75 -1.27 30.05
CA ALA G 27 28.08 -0.69 29.85
C ALA G 27 28.26 0.55 30.71
N ALA G 28 27.29 1.45 30.68
CA ALA G 28 27.36 2.69 31.46
C ALA G 28 27.53 2.37 32.96
N ALA G 29 26.92 1.28 33.39
CA ALA G 29 27.01 0.85 34.79
C ALA G 29 28.44 0.39 35.06
N LYS G 30 28.87 -0.57 34.26
CA LYS G 30 30.23 -1.08 34.39
C LYS G 30 31.26 0.05 34.35
N LEU G 77 32.20 -5.52 21.37
CA LEU G 77 32.20 -4.37 20.47
C LEU G 77 32.36 -3.07 21.23
N CYS G 78 33.62 -2.79 21.58
CA CYS G 78 33.98 -1.60 22.33
C CYS G 78 34.75 -0.65 21.44
N GLY G 79 34.16 -0.30 20.31
CA GLY G 79 34.84 0.61 19.39
C GLY G 79 35.99 -0.08 18.66
N ALA G 80 36.99 0.69 18.30
CA ALA G 80 38.14 0.17 17.58
C ALA G 80 39.31 -0.23 18.48
N ILE G 81 39.09 -0.20 19.80
CA ILE G 81 40.14 -0.59 20.74
C ILE G 81 40.77 -1.89 20.26
N HIS G 82 40.08 -2.99 20.51
CA HIS G 82 40.54 -4.31 20.09
C HIS G 82 41.18 -4.23 18.71
N TYR G 215 48.75 -0.56 35.14
CA TYR G 215 48.53 0.67 34.42
C TYR G 215 47.88 0.41 33.06
N SER G 216 48.52 -0.46 32.26
CA SER G 216 48.01 -0.80 30.94
C SER G 216 46.55 -1.22 30.99
N LEU G 217 46.26 -2.22 31.83
CA LEU G 217 44.92 -2.73 31.96
C LEU G 217 43.95 -1.73 32.59
N LYS G 218 44.49 -0.72 33.28
CA LYS G 218 43.65 0.30 33.89
C LYS G 218 43.26 1.27 32.80
N GLU G 219 44.22 1.62 31.94
CA GLU G 219 43.96 2.52 30.84
C GLU G 219 43.07 1.83 29.81
N SER G 220 43.30 0.54 29.62
CA SER G 220 42.54 -0.28 28.68
C SER G 220 41.04 -0.32 29.04
N THR G 221 40.68 -0.58 30.29
CA THR G 221 39.26 -0.64 30.69
C THR G 221 38.53 0.70 30.62
N THR G 222 39.20 1.78 31.00
CA THR G 222 38.58 3.10 30.92
C THR G 222 38.23 3.30 29.46
N SER G 223 39.26 3.24 28.62
CA SER G 223 39.12 3.42 27.17
C SER G 223 38.10 2.47 26.54
N GLU G 224 38.15 1.21 26.97
CA GLU G 224 37.24 0.19 26.43
C GLU G 224 35.78 0.49 26.72
N GLN G 225 35.46 0.91 27.95
CA GLN G 225 34.07 1.23 28.28
C GLN G 225 33.67 2.57 27.68
N SER G 226 34.68 3.42 27.45
CA SER G 226 34.47 4.73 26.85
C SER G 226 33.90 4.52 25.44
N ALA G 227 34.64 3.78 24.62
CA ALA G 227 34.21 3.50 23.26
C ALA G 227 32.90 2.73 23.22
N ARG G 228 32.73 1.75 24.10
CA ARG G 228 31.49 0.97 24.12
C ARG G 228 30.29 1.85 24.43
N MET G 229 30.39 2.70 25.45
CA MET G 229 29.29 3.60 25.77
C MET G 229 28.94 4.36 24.49
N THR G 230 29.95 5.05 23.96
CA THR G 230 29.83 5.81 22.72
C THR G 230 29.20 4.93 21.65
N ALA G 231 29.87 3.84 21.32
CA ALA G 231 29.39 2.90 20.31
C ALA G 231 27.90 2.58 20.41
N MET G 232 27.47 2.02 21.52
CA MET G 232 26.06 1.68 21.70
C MET G 232 25.22 2.93 21.74
N ASP G 233 25.83 4.03 22.13
CA ASP G 233 25.12 5.30 22.15
C ASP G 233 24.69 5.55 20.72
N ASN G 234 25.69 5.73 19.87
CA ASN G 234 25.47 6.03 18.47
C ASN G 234 24.53 5.02 17.80
N ALA G 235 24.71 3.74 18.09
CA ALA G 235 23.87 2.72 17.47
C ALA G 235 22.38 2.85 17.79
N SER G 236 22.06 3.23 19.02
CA SER G 236 20.66 3.39 19.40
C SER G 236 20.11 4.60 18.66
N LYS G 237 20.89 5.66 18.64
CA LYS G 237 20.48 6.88 17.97
C LYS G 237 20.33 6.58 16.50
N ASN G 238 21.24 5.76 16.00
CA ASN G 238 21.16 5.41 14.60
C ASN G 238 19.92 4.58 14.38
N ALA G 239 19.67 3.67 15.32
CA ALA G 239 18.51 2.82 15.23
C ALA G 239 17.21 3.65 15.24
N SER G 240 17.11 4.62 16.16
CA SER G 240 15.90 5.44 16.27
C SER G 240 15.66 6.31 15.05
N GLU G 241 16.72 6.91 14.51
CA GLU G 241 16.57 7.71 13.31
C GLU G 241 15.99 6.75 12.28
N MET G 242 16.71 5.66 12.02
CA MET G 242 16.30 4.67 11.05
C MET G 242 14.81 4.38 11.19
N ILE G 243 14.33 4.22 12.43
CA ILE G 243 12.92 3.95 12.67
C ILE G 243 12.02 5.12 12.27
N ASP G 244 12.48 6.34 12.49
CA ASP G 244 11.72 7.53 12.14
C ASP G 244 11.46 7.65 10.64
N LYS G 245 12.47 7.34 9.84
CA LYS G 245 12.29 7.40 8.39
C LYS G 245 11.39 6.26 7.89
N LEU G 246 11.65 5.03 8.35
CA LEU G 246 10.82 3.88 7.96
C LEU G 246 9.35 4.02 8.38
N THR G 247 9.10 4.77 9.45
CA THR G 247 7.74 5.00 9.91
C THR G 247 7.11 5.97 8.93
N LEU G 248 7.92 6.87 8.37
CA LEU G 248 7.39 7.82 7.40
C LEU G 248 7.15 7.08 6.10
N THR G 249 7.98 6.10 5.79
CA THR G 249 7.75 5.36 4.57
C THR G 249 6.67 4.33 4.81
N PHE G 250 6.43 4.03 6.09
CA PHE G 250 5.40 3.08 6.45
C PHE G 250 4.03 3.71 6.20
N ASN G 251 3.83 4.88 6.79
CA ASN G 251 2.57 5.59 6.66
C ASN G 251 2.14 6.02 5.26
N ARG G 252 3.10 6.45 4.44
CA ARG G 252 2.77 6.84 3.06
C ARG G 252 2.33 5.58 2.35
N THR G 253 2.94 4.46 2.70
CA THR G 253 2.58 3.22 2.04
C THR G 253 1.23 2.68 2.50
N ARG G 254 0.98 2.71 3.79
CA ARG G 254 -0.30 2.22 4.29
C ARG G 254 -1.38 3.11 3.67
N GLN G 255 -1.11 4.42 3.65
CA GLN G 255 -2.02 5.40 3.09
C GLN G 255 -2.27 5.02 1.64
N ALA G 256 -1.21 4.61 0.96
CA ALA G 256 -1.36 4.24 -0.41
C ALA G 256 -2.12 2.94 -0.62
N VAL G 257 -1.93 1.94 0.23
CA VAL G 257 -2.66 0.67 0.07
C VAL G 257 -4.18 0.89 0.09
N ILE G 258 -4.63 1.67 1.07
CA ILE G 258 -6.03 2.02 1.21
C ILE G 258 -6.60 2.65 -0.06
N THR G 259 -5.91 3.67 -0.58
CA THR G 259 -6.34 4.34 -1.80
C THR G 259 -6.39 3.42 -3.01
N LYS G 260 -5.46 2.46 -3.10
CA LYS G 260 -5.39 1.55 -4.24
C LYS G 260 -6.46 0.51 -4.22
N GLU G 261 -6.60 -0.12 -3.07
CA GLU G 261 -7.62 -1.14 -2.91
C GLU G 261 -8.97 -0.49 -3.25
N LEU G 262 -9.30 0.59 -2.55
CA LEU G 262 -10.56 1.29 -2.78
C LEU G 262 -10.76 1.65 -4.24
N ILE G 263 -9.69 2.10 -4.91
CA ILE G 263 -9.80 2.47 -6.32
C ILE G 263 -10.24 1.28 -7.16
N GLU G 264 -9.73 0.10 -6.83
CA GLU G 264 -10.11 -1.09 -7.56
C GLU G 264 -11.58 -1.33 -7.28
N ILE G 265 -11.90 -1.48 -5.99
CA ILE G 265 -13.25 -1.73 -5.54
C ILE G 265 -14.22 -0.80 -6.25
N ILE G 266 -13.80 0.43 -6.49
CA ILE G 266 -14.67 1.40 -7.15
C ILE G 266 -14.80 1.19 -8.64
N SER G 267 -13.70 0.86 -9.33
CA SER G 267 -13.78 0.65 -10.77
C SER G 267 -14.72 -0.50 -11.12
N GLY G 268 -14.59 -1.62 -10.40
CA GLY G 268 -15.46 -2.73 -10.67
C GLY G 268 -16.90 -2.31 -10.50
N ALA G 269 -17.23 -1.83 -9.31
CA ALA G 269 -18.59 -1.40 -8.99
C ALA G 269 -19.18 -0.51 -10.08
N ALA G 270 -18.31 0.20 -10.80
CA ALA G 270 -18.73 1.09 -11.87
C ALA G 270 -18.69 0.42 -13.24
N ALA G 271 -17.99 -0.71 -13.34
CA ALA G 271 -17.87 -1.46 -14.59
C ALA G 271 -19.17 -2.18 -14.89
N LEU G 272 -20.10 -2.11 -13.96
CA LEU G 272 -21.42 -2.72 -14.16
C LEU G 272 -22.31 -1.61 -14.70
N SER H 4 6.57 -9.61 17.69
CA SER H 4 7.79 -8.83 18.02
C SER H 4 8.94 -9.68 18.62
N GLY H 5 8.62 -10.87 19.14
CA GLY H 5 9.59 -11.76 19.71
C GLY H 5 10.92 -11.81 18.98
N ASP H 6 10.92 -12.26 17.73
CA ASP H 6 12.16 -12.31 16.94
C ASP H 6 12.01 -11.66 15.56
N ASN H 7 11.70 -10.37 15.55
CA ASN H 7 11.54 -9.68 14.28
C ASN H 7 12.89 -9.62 13.55
N VAL H 8 13.99 -9.60 14.30
CA VAL H 8 15.29 -9.51 13.67
C VAL H 8 15.63 -10.61 12.66
N ARG H 9 15.25 -11.85 12.93
CA ARG H 9 15.53 -12.99 12.06
C ARG H 9 14.48 -13.13 10.95
N SER H 10 13.39 -12.40 11.11
CA SER H 10 12.28 -12.44 10.18
C SER H 10 12.57 -11.71 8.87
N SER H 11 13.85 -11.45 8.61
CA SER H 11 14.32 -10.74 7.41
C SER H 11 15.68 -11.24 6.90
N ALA H 12 16.65 -10.34 6.72
CA ALA H 12 17.95 -10.73 6.19
C ALA H 12 19.17 -10.05 6.88
N GLY H 13 19.66 -8.94 6.29
CA GLY H 13 20.79 -8.18 6.81
C GLY H 13 21.41 -8.70 8.09
N ALA H 14 20.77 -8.44 9.21
CA ALA H 14 21.28 -8.94 10.49
C ALA H 14 20.97 -10.42 10.65
N VAL H 15 19.82 -10.86 10.12
CA VAL H 15 19.39 -12.25 10.17
C VAL H 15 20.54 -13.18 9.76
N ARG H 16 20.92 -13.06 8.50
CA ARG H 16 21.98 -13.91 7.99
C ARG H 16 23.12 -13.98 9.00
N ASP H 17 23.37 -12.88 9.72
CA ASP H 17 24.40 -12.83 10.75
C ASP H 17 23.99 -13.66 11.95
N ALA H 18 22.83 -13.33 12.52
CA ALA H 18 22.31 -14.05 13.69
C ALA H 18 22.22 -15.55 13.37
N GLY H 19 22.00 -15.84 12.08
CA GLY H 19 21.94 -17.20 11.57
C GLY H 19 23.38 -17.71 11.50
N GLY H 20 24.28 -16.86 11.01
CA GLY H 20 25.68 -17.22 10.92
C GLY H 20 26.28 -17.53 12.28
N ALA H 21 26.58 -16.51 13.08
CA ALA H 21 27.15 -16.70 14.41
C ALA H 21 26.42 -17.81 15.15
N PHE H 22 25.28 -18.20 14.59
CA PHE H 22 24.48 -19.26 15.18
C PHE H 22 24.93 -20.65 14.73
N GLY H 23 24.95 -20.86 13.42
CA GLY H 23 25.36 -22.15 12.87
C GLY H 23 26.82 -22.47 13.12
N LYS H 24 27.68 -21.48 12.98
CA LYS H 24 29.11 -21.68 13.18
C LYS H 24 29.40 -22.16 14.60
N ARG H 25 28.93 -21.40 15.59
CA ARG H 25 29.12 -21.71 17.00
C ARG H 25 28.70 -23.13 17.35
N GLU H 26 27.43 -23.44 17.08
CA GLU H 26 26.90 -24.78 17.38
C GLU H 26 27.66 -25.82 16.55
N GLN H 27 28.24 -25.39 15.43
CA GLN H 27 29.01 -26.30 14.56
C GLN H 27 30.29 -26.70 15.25
N ALA H 28 31.09 -25.71 15.64
CA ALA H 28 32.36 -25.97 16.31
C ALA H 28 32.12 -26.68 17.65
N GLU H 29 31.13 -26.21 18.39
CA GLU H 29 30.80 -26.80 19.68
C GLU H 29 30.47 -28.28 19.54
N GLU H 30 29.54 -28.57 18.64
CA GLU H 30 29.14 -29.94 18.42
C GLU H 30 30.30 -30.86 18.08
N GLU H 31 31.27 -30.39 17.30
CA GLU H 31 32.40 -31.26 16.95
C GLU H 31 33.23 -31.34 18.24
N ARG H 32 33.12 -30.27 19.01
CA ARG H 32 33.83 -30.14 20.27
C ARG H 32 33.30 -31.24 21.17
N TYR H 33 31.99 -31.37 21.18
CA TYR H 33 31.33 -32.38 21.98
C TYR H 33 31.41 -33.72 21.26
N PHE H 34 31.63 -33.66 19.94
CA PHE H 34 31.65 -34.85 19.10
C PHE H 34 32.73 -35.88 19.47
N ARG H 35 34.00 -35.47 19.41
CA ARG H 35 35.05 -36.41 19.70
C ARG H 35 34.92 -36.88 21.12
N ALA H 36 34.27 -36.03 21.93
CA ALA H 36 34.03 -36.24 23.36
C ALA H 36 33.10 -37.41 23.60
N ARG H 37 32.31 -37.66 22.58
CA ARG H 37 31.36 -38.74 22.54
C ARG H 37 32.24 -39.99 22.46
N ALA H 38 33.33 -39.87 21.72
CA ALA H 38 34.30 -40.96 21.57
C ALA H 38 34.84 -41.41 22.94
N LYS H 39 35.39 -40.45 23.68
CA LYS H 39 36.03 -40.68 24.98
C LYS H 39 35.20 -41.47 25.92
N GLU H 40 34.12 -40.83 26.30
CA GLU H 40 33.22 -41.44 27.22
C GLU H 40 32.94 -42.91 26.94
N GLN H 41 32.61 -43.25 25.69
CA GLN H 41 32.31 -44.63 25.35
C GLN H 41 33.61 -45.44 25.38
N LEU H 42 34.63 -44.92 24.70
CA LEU H 42 35.94 -45.57 24.65
C LEU H 42 36.44 -45.78 26.07
N ALA H 43 36.42 -44.71 26.86
CA ALA H 43 36.87 -44.76 28.25
C ALA H 43 36.06 -45.80 29.04
N ALA H 44 34.75 -45.85 28.79
CA ALA H 44 33.89 -46.82 29.46
C ALA H 44 34.31 -48.24 29.08
N LEU H 45 34.44 -48.49 27.79
CA LEU H 45 34.85 -49.81 27.30
C LEU H 45 36.12 -50.22 28.04
N LYS H 46 37.14 -49.36 27.93
CA LYS H 46 38.42 -49.59 28.58
C LYS H 46 38.24 -49.82 30.08
N LYS H 47 37.80 -48.77 30.78
CA LYS H 47 37.58 -48.82 32.21
C LYS H 47 37.06 -50.19 32.67
PG ANP I . 1.91 27.75 6.06
O1G ANP I . 1.79 26.25 5.98
O2G ANP I . 1.60 28.33 4.78
O3G ANP I . 1.02 28.31 7.16
PB ANP I . 4.59 28.72 5.68
O1B ANP I . 5.42 27.74 4.99
O2B ANP I . 3.94 29.61 4.72
N3B ANP I . 3.44 27.99 6.53
PA ANP I . 5.34 31.03 7.25
O1A ANP I . 5.85 32.14 6.45
O2A ANP I . 3.88 31.26 7.42
O3A ANP I . 5.52 29.55 6.69
O5' ANP I . 6.08 30.84 8.60
C5' ANP I . 5.36 30.85 9.80
C4' ANP I . 6.10 31.28 10.97
O4' ANP I . 7.51 31.03 10.93
C3' ANP I . 5.88 32.76 11.22
O3' ANP I . 5.04 32.91 12.35
C2' ANP I . 7.24 33.36 11.45
O2' ANP I . 7.46 33.89 12.74
C1' ANP I . 8.23 32.20 11.16
N9 ANP I . 9.16 32.50 10.09
C8 ANP I . 9.05 32.25 8.77
N7 ANP I . 10.12 32.66 8.06
C5 ANP I . 10.95 33.19 9.02
C6 ANP I . 12.25 33.82 8.98
N6 ANP I . 12.97 34.00 7.87
N1 ANP I . 12.79 34.25 10.18
C2 ANP I . 12.09 34.08 11.34
N3 ANP I . 10.91 33.53 11.49
C4 ANP I . 10.38 33.11 10.28
MG MG J . 1.94 30.24 4.22
PG ANP K . -10.28 -17.87 18.10
O1G ANP K . -9.52 -17.49 16.89
O2G ANP K . -11.54 -17.15 18.24
O3G ANP K . -10.54 -19.36 18.12
PB ANP K . -9.65 -16.71 20.71
O1B ANP K . -9.03 -15.39 20.72
O2B ANP K . -11.16 -16.63 20.83
N3B ANP K . -9.33 -17.60 19.40
PA ANP K . -9.49 -18.89 22.62
O1A ANP K . -10.24 -18.75 23.85
O2A ANP K . -10.36 -19.60 21.63
O3A ANP K . -9.00 -17.54 21.92
O5' ANP K . -8.10 -19.57 22.79
C5' ANP K . -7.69 -20.73 22.10
C4' ANP K . -6.93 -21.67 22.92
O4' ANP K . -6.24 -21.04 24.06
C3' ANP K . -7.81 -22.78 23.50
O3' ANP K . -7.14 -24.04 23.43
C2' ANP K . -7.99 -22.34 24.94
O2' ANP K . -8.20 -23.35 25.89
C1' ANP K . -6.64 -21.72 25.24
N9 ANP K . -6.63 -20.89 26.44
C8 ANP K . -7.32 -19.75 26.69
N7 ANP K . -7.09 -19.26 27.90
C5 ANP K . -6.19 -20.12 28.45
C6 ANP K . -5.55 -20.14 29.72
N6 ANP K . -5.74 -19.21 30.66
N1 ANP K . -4.66 -21.17 29.99
C2 ANP K . -4.46 -22.13 29.02
N3 ANP K . -5.00 -22.20 27.82
C4 ANP K . -5.88 -21.15 27.59
MG MG L . -12.99 -17.16 19.77
PG ANP M . 14.72 -8.93 -20.22
O1G ANP M . 13.75 -8.35 -19.20
O2G ANP M . 14.01 -9.88 -21.08
O3G ANP M . 15.37 -7.82 -20.99
PB ANP M . 16.27 -11.17 -19.14
O1B ANP M . 15.90 -11.57 -17.80
O2B ANP M . 15.59 -12.02 -20.15
N3B ANP M . 15.87 -9.57 -19.30
PA ANP M . 18.75 -11.67 -20.48
O1A ANP M . 18.74 -13.06 -20.93
O2A ANP M . 18.25 -10.79 -21.61
O3A ANP M . 17.85 -11.32 -19.24
O5' ANP M . 20.11 -11.16 -19.97
C5' ANP M . 20.74 -10.01 -20.54
C4' ANP M . 22.18 -9.90 -20.29
O4' ANP M . 22.69 -10.78 -19.22
C3' ANP M . 22.92 -10.24 -21.55
O3' ANP M . 23.88 -9.23 -21.81
C2' ANP M . 23.57 -11.58 -21.28
O2' ANP M . 24.83 -11.77 -21.87
C1' ANP M . 23.70 -11.62 -19.74
N9 ANP M . 23.57 -12.98 -19.19
C8 ANP M . 22.46 -13.74 -19.01
N7 ANP M . 22.69 -14.95 -18.49
C5 ANP M . 24.07 -14.97 -18.33
C6 ANP M . 24.97 -15.96 -17.85
N6 ANP M . 24.55 -17.15 -17.40
N1 ANP M . 26.32 -15.64 -17.83
C2 ANP M . 26.73 -14.41 -18.29
N3 ANP M . 25.98 -13.43 -18.75
C4 ANP M . 24.65 -13.78 -18.78
MG MG N . 13.95 -11.95 -21.58
PG ANP O . 12.90 17.42 -15.06
O1G ANP O . 11.97 16.32 -14.68
O2G ANP O . 12.75 17.72 -16.48
O3G ANP O . 12.61 18.60 -14.18
PB ANP O . 15.55 16.37 -15.61
O1B ANP O . 15.59 14.92 -15.57
O2B ANP O . 15.35 16.83 -17.03
N3B ANP O . 14.31 16.81 -14.65
PA ANP O . 17.77 18.21 -15.35
O1A ANP O . 18.67 18.03 -16.49
O2A ANP O . 16.82 19.30 -15.67
O3A ANP O . 16.89 16.94 -14.97
O5' ANP O . 18.48 18.45 -13.98
C5' ANP O . 18.25 19.61 -13.17
C4' ANP O . 19.28 19.91 -12.17
O4' ANP O . 19.93 18.81 -11.48
C3' ANP O . 20.37 20.79 -12.70
O3' ANP O . 19.94 22.09 -12.65
C2' ANP O . 21.48 20.54 -11.74
O2' ANP O . 21.40 21.24 -10.55
C1' ANP O . 21.33 19.03 -11.49
N9 ANP O . 22.06 18.20 -12.45
C8 ANP O . 21.59 17.28 -13.31
N7 ANP O . 22.56 16.71 -14.07
C5 ANP O . 23.69 17.30 -13.63
C6 ANP O . 25.01 17.14 -14.02
N6 ANP O . 25.35 16.28 -14.96
N1 ANP O . 25.98 17.89 -13.38
C2 ANP O . 25.59 18.78 -12.39
N3 ANP O . 24.37 19.00 -11.95
C4 ANP O . 23.44 18.23 -12.64
MG MG P . 13.84 17.86 -18.27
PG ANP Q . 1.68 -26.12 -3.66
O1G ANP Q . 1.04 -24.80 -3.33
O2G ANP Q . 0.69 -27.14 -3.74
O3G ANP Q . 2.44 -26.04 -4.94
PB ANP Q . 2.66 -27.43 -1.33
O1B ANP Q . 2.52 -26.75 -0.06
O2B ANP Q . 1.54 -28.41 -1.51
N3B ANP Q . 2.68 -26.31 -2.48
PA ANP Q . 4.45 -29.62 -1.84
O1A ANP Q . 3.88 -30.68 -1.03
O2A ANP Q . 3.98 -29.80 -3.27
O3A ANP Q . 4.06 -28.14 -1.40
O5' ANP Q . 6.01 -29.47 -1.77
C5' ANP Q . 6.91 -29.58 -2.89
C4' ANP Q . 8.37 -29.48 -2.52
O4' ANP Q . 8.66 -29.06 -1.14
C3' ANP Q . 9.03 -30.81 -2.72
O3' ANP Q . 9.61 -30.86 -4.01
C2' ANP Q . 10.06 -30.89 -1.64
O2' ANP Q . 11.31 -30.44 -2.04
C1' ANP Q . 9.49 -30.02 -0.51
N9 ANP Q . 8.79 -30.81 0.54
C8 ANP Q . 7.48 -30.84 0.90
N7 ANP Q . 7.20 -31.69 1.89
C5 ANP Q . 8.43 -32.25 2.17
C6 ANP Q . 8.81 -33.23 3.11
N6 ANP Q . 7.95 -33.81 3.94
N1 ANP Q . 10.15 -33.59 3.16
C2 ANP Q . 11.04 -32.98 2.30
N3 ANP Q . 10.77 -32.06 1.39
C4 ANP Q . 9.43 -31.73 1.36
MG MG R . -0.38 -28.39 -2.52
#